data_6R70
#
_entry.id   6R70
#
_cell.length_a   1.0
_cell.length_b   1.0
_cell.length_c   1.0
_cell.angle_alpha   90.00
_cell.angle_beta   90.00
_cell.angle_gamma   90.00
#
_symmetry.space_group_name_H-M   'P 1'
#
loop_
_entity.id
_entity.type
_entity.pdbx_description
1 polymer 'Proteasome subunit beta type-4'
2 polymer 'Proteasome subunit alpha type-2'
3 polymer 'Proteasome subunit alpha type-4'
4 polymer 'Proteasome subunit alpha type-7'
5 polymer 'Proteasome subunit alpha type-5'
6 polymer 'Proteasome subunit alpha type-1'
7 polymer 'Proteasome subunit alpha type-3'
8 polymer 'Proteasome subunit alpha type-6'
9 polymer 'Proteasome subunit beta type-7'
10 polymer 'Proteasome subunit beta type-3'
11 polymer 'Proteasome subunit beta type-2'
12 polymer 'Proteasome subunit beta type-5'
13 polymer 'Proteasome subunit beta type-1'
14 polymer 'Proteasome subunit beta type-6'
#
loop_
_entity_poly.entity_id
_entity_poly.type
_entity_poly.pdbx_seq_one_letter_code
_entity_poly.pdbx_strand_id
1 'polypeptide(L)'
;TQNPMVTGTSVLGVKFEGGVVIAADMLGSYGSLARFRNISRIMRVNNSTMLGASGDYADFQYLKQVLGQMVIDEELLGDG
HSYSPRAIHSWLTRAMYSRRSKMNPLWNTMVIGGYADGESFLGYVDMLGVAYEAPSLATGYGAYLAQPLLREVLEKQPVL
SQTEARDLVERCMRVLYYRDARSYNRFQIATVTEKGVEIEGPLSTETNWDIAHMIS
;
M,a
2 'polypeptide(L)'
;RGYSFSLTTFSPSGKLVQIEYALAAVAGGAPSVGIKAANGVVLATEKKQKSILYDERSVHKVEPITKHIGLVYSGMGPDY
RVLVHRARKLAQQYYLVYQEPIPTAQLVQRVASVMQEYTQSGGVRPFGVSLLICGWNEGRPYLFQSDPSGAYFAWKATAM
GKNYVNGKTFLEKRYNEDLELEDAIHTAILTLKESFEGQMTEDNIEVGICNEAGFRRLTPTEVKDYLAAI
;
A,O
3 'polypeptide(L)'
;SRRYDSRTTIFSPEGRLYQVEYAMEAIGHAGTCLGILANDGVLLAAERRNIHKLLDEVFFSEKIYKLNEDMACSVAGITS
DANVLTNELRLIAQRYLLQYQEPIPCEQLVTALCDIKQAYTQFGGKRPFGVSLLYIGWDKHYGFQLYQSDPSGNYGGWKA
TCIGNNSAAAVSMLKQDYKEGEMTLKSALALAIKVLNKTMDVSKLSAEKVEIATLTRENGKTVIRVLKQKEVEQLIKKHE
EEEAKAER
;
B,P
4 'polypeptide(L)'
;SYDRAITVFSPDGHLFQVEYAQEAVKKGSTAVGVRGRDIVVLGVEKKSVAKLQDERTVRKICALDDNVCMAFAGLTADAR
IVINRARVECQSHRLTVEDPVTVEYITRYIASLKQRYTQSNGRRPFGISALIVGFDFDGTPRLYQTDPSGTYHAWKANAI
GRGAKSVREFLEKNYTDEAIETDDLTIKLVIKALLEVVQSGGKNIELAVMRRDQSLKILNPEEIEKYVAEIEKEKEE
;
C,Q
5 'polypeptide(L)'
;DRGVNTFSPEGRLFQVEYAIEAIKLGSTAIGIQTSEGVCLAVEKRITSPLMEPSSIEKIVEIDAHIGCAMSGLIADAKTL
IDKARVETQNHWFTYNETMTVESVTQAVSNLALQFGEEDADPGAMSRPFGVALLFGGVDEKGPQLFHMDPSGTFVQCDAR
AIGSASEGAQSSLQEVYHKSMTLKEAIKSSLIILKQVMEEKLNATNIELATVQPGQNFHMFTKEELEEVIKDI
;
D,R
6 'polypeptide(L)'
;FRNQYDNDVTVWSPQGRIHQIEYAMEAVKQGSATVGLKSKTHAVLVALKRAQSELAAHQKKILHVDNHIGISIAGLTADA
RLLCNFMRQECLDSRFVFDRPLPVSRLVSLIGSKTQIPTQRYGRRPYGVGLLIAGYDDMGPHIFQTCPSANYFDCRAMSI
GARSQSARTYLERHMSEFMECNLNELVKHGLRALRETLPAEQDLTTKNVSIGIVGKDLEFTIYDDDDVSPFLEGLEER
;
E,S
7 'polypeptide(L)'
;TGYDLSASTFSPDGRVFQVEYAMKAVENSSTAIGIRCKDGVVFGVEKLVLSKLYEEGSNKRLFNVDRHVGMAVAGLLADA
RSLADIAREEASNFRSNFGYNIPLKHLADRVAMYVHAYTLYSAVRPFGCSFMLGSYSVNDGAQLYMIDPSGVSYGYWGCA
IGKARQAAKTEIEKLQMKEMTCRDIVKEVAKIIYIVHDEVKDKAFELELSWVGELTNGRHEIVPKDIREEAEKYAKESLK
;
F,T
8 'polypeptide(L)'
;SRGSSAGFDRHITIFSPEGRLYQVEYAFKAINQGGLTSVAVRGKDCAVIVTQKKVPDKLLDSSTVTHLFKITENIGCVMT
GMTADSRSQVQRARYEAANWKYKYGYEIPVDMLCKRIADISQVYTQNAEMRPLGCCMILIGIDEEQGPQVYKCDPAGYYC
GFKATAAGVKQTESTSFLEKKVKKKFDWTFEQTVETAITCLSTVLSIDFKPSEIEVGVVTVENPKFRILTEAEIDAHLVA
LAER
;
G,U
9 'polypeptide(L)'
;TTIAGVVYKDGIVLGADTRATEGMVVADKNCSKIHFISPNIYCCGAGTAADTDMTTQLISSNLELHSLSTGRLPRVVTAN
RMLKQMLFRYQGYIGAALVLGGVDVTGPHLYSIYPHGSTDKLPYVTMGSGSLAAMAVFEDKFRPDMEEEEAKNLVSEAIA
AGIFNDLGSGSNIDLCVISKNKLDFLRPYTVPNKKGTRLGRYRCEKGTTAVLTEKITPLE
;
H,V
10 'polypeptide(L)'
;SIMSYNGGAVMAMKGKNCVAIAADRRFGIQAQMVTTDFQKIFPMGDRLYIGLAGLATDVQTVAQRLKFRLNLYELKEGRQ
IKPYTLMSMVANLLYEKRFGPYYTEPVIAGLDPKTFKPFICSLDLIGCPMVTDDFVVSGTCAEQMYGMCESLWEPNMDPD
HLFETISQAMLNAVDRDAVSGMGVIVHIIEKDKITTRTLKARMD
;
I,W
11 'polypeptide(L)'
;MEYLIGIQGPDYVLVASDRVAASNIVQMKDDHDKMFKMSEKILLLCVGEAGDTVQFAEYIQKNVQLYKMRNGYELSPTAA
ANFTRRNLADCLRSRTPYHVNLLLAGYDEHEGPALYYMDYLAALAKAPFAAHGYGAFLTLSILDRYYTPTISRERAVELL
RKCLEELQKRFILNLPTFSVRIIDKNGIHDLDNISF
;
J,X
12 'polypeptide(L)'
;TTTLAFKFRHGVIVAADSRATAGAYIASQTVKKVIEINPYLLGTMAGGAADCSFWERLLARQCRIYELRNKERISVAAAS
KLLANMVYQYKGMGLSMGTMICGWDKRGPGLYYVDSEGNRISGATFSVGSGSVYAYGVMDRGYSYDLEVEQAYDLARRAI
YQATYRDAYSGGAVNLYHVREDGWIRVSSDNVADLHEKYSG
;
K,Y
13 'polypeptide(L)'
;RFSPYVFNGGTILAIAGEDFAIVASDTRLSEGFSIHTRDSPKCYKLTDKTVIGCSGFHGDCLTLTKIIEARLKMYKHSNN
KAMTTGAIAAMLSTILYSRRFFPYYVYNIIGGLDEEGKGAVYSFDPVGSYQRDSFKAGGSASAMLQPLLDNQVGFKNMQN
VEHVPLSLDRAMRLVKDVFISAAERDVYTGDALRICIVTKEGIREETVSLRKD
;
L,Z
14 'polypeptide(L)'
;TTIMAVQFDGGVVLGADSRTTTGSYIANRVTDKLTPIHDRIFCCRSGSAADTQAVADAVTYQLGFHSIELNEPPLVHTAA
SLFKEMCYRYREDLMAGIIIAGWDPQEGGQVYSVPMGGMMVRQSFAIGGSGSSYIYGYVDATYREGMTKEECLQFTANAL
ALAMERDGSSGGVIRLAAIAESGVERQVLLGDQIPKFAVATLP
;
N,b
#
# COMPACT_ATOMS: atom_id res chain seq x y z
N THR A 1 -5.50 -5.11 23.41
CA THR A 1 -6.18 -3.88 23.04
C THR A 1 -5.34 -3.10 22.03
N GLN A 2 -5.94 -2.77 20.88
CA GLN A 2 -5.25 -2.05 19.83
C GLN A 2 -5.44 -0.53 19.92
N ASN A 3 -6.59 -0.07 20.42
CA ASN A 3 -6.93 1.35 20.45
C ASN A 3 -7.19 1.81 21.89
N PRO A 4 -6.31 2.63 22.46
CA PRO A 4 -6.70 3.38 23.66
C PRO A 4 -7.57 4.57 23.29
N MET A 5 -8.67 4.73 24.02
CA MET A 5 -9.55 5.87 23.80
C MET A 5 -9.55 6.80 25.01
N VAL A 6 -9.88 6.31 26.19
CA VAL A 6 -9.91 7.17 27.36
C VAL A 6 -8.58 7.02 28.07
N THR A 7 -7.77 8.07 28.01
CA THR A 7 -6.37 8.00 28.40
C THR A 7 -6.09 8.91 29.59
N GLY A 8 -5.06 8.59 30.33
CA GLY A 8 -4.56 9.44 31.39
C GLY A 8 -3.10 9.81 31.16
N THR A 9 -2.77 11.05 31.42
CA THR A 9 -1.42 11.56 31.21
C THR A 9 -0.59 11.38 32.48
N SER A 10 0.50 12.15 32.59
CA SER A 10 1.65 11.92 33.47
C SER A 10 1.31 11.63 34.92
N VAL A 11 2.09 10.73 35.51
CA VAL A 11 2.05 10.38 36.92
C VAL A 11 3.48 10.51 37.45
N LEU A 12 3.64 11.21 38.57
CA LEU A 12 4.95 11.46 39.12
C LEU A 12 5.20 10.55 40.31
N GLY A 13 6.42 10.59 40.81
CA GLY A 13 6.73 9.87 42.04
C GLY A 13 8.14 10.16 42.46
N VAL A 14 8.34 10.29 43.78
CA VAL A 14 9.65 10.60 44.32
C VAL A 14 9.76 10.04 45.73
N LYS A 15 10.90 9.41 46.04
CA LYS A 15 11.16 8.92 47.38
C LYS A 15 11.57 10.06 48.29
N PHE A 16 11.10 10.00 49.53
CA PHE A 16 11.57 10.94 50.55
C PHE A 16 11.93 10.15 51.80
N GLU A 17 12.48 10.86 52.79
CA GLU A 17 13.02 10.19 53.96
C GLU A 17 11.88 9.68 54.83
N GLY A 18 11.50 8.43 54.59
CA GLY A 18 10.42 7.78 55.32
C GLY A 18 9.24 7.37 54.48
N GLY A 19 9.26 7.58 53.18
CA GLY A 19 8.14 7.16 52.37
C GLY A 19 8.26 7.59 50.93
N VAL A 20 7.15 7.46 50.20
CA VAL A 20 7.04 7.73 48.78
C VAL A 20 5.80 8.60 48.58
N VAL A 21 5.90 9.63 47.74
CA VAL A 21 4.76 10.43 47.33
C VAL A 21 4.63 10.36 45.82
N ILE A 22 3.45 9.98 45.34
CA ILE A 22 3.14 9.98 43.92
C ILE A 22 1.96 10.93 43.70
N ALA A 23 1.83 11.42 42.47
CA ALA A 23 0.80 12.38 42.14
C ALA A 23 0.33 12.19 40.72
N ALA A 24 -0.88 12.67 40.45
CA ALA A 24 -1.53 12.48 39.15
C ALA A 24 -2.71 13.42 39.07
N ASP A 25 -3.03 13.86 37.86
CA ASP A 25 -4.21 14.69 37.69
C ASP A 25 -5.46 13.82 37.71
N MET A 26 -6.61 14.45 37.55
CA MET A 26 -7.89 13.75 37.63
C MET A 26 -8.66 13.82 36.32
N LEU A 27 -7.97 13.76 35.20
CA LEU A 27 -8.57 13.93 33.89
C LEU A 27 -8.54 12.63 33.09
N GLY A 28 -9.64 12.33 32.42
CA GLY A 28 -9.60 11.30 31.40
C GLY A 28 -9.89 11.91 30.05
N SER A 29 -8.88 12.00 29.20
CA SER A 29 -9.07 12.61 27.91
C SER A 29 -9.64 11.59 26.95
N TYR A 30 -10.30 12.08 25.92
CA TYR A 30 -10.83 11.24 24.86
C TYR A 30 -10.35 11.91 23.58
N GLY A 31 -9.14 11.58 23.17
CA GLY A 31 -8.54 12.33 22.08
C GLY A 31 -8.05 13.66 22.56
N SER A 32 -8.69 14.74 22.12
CA SER A 32 -8.40 16.07 22.64
C SER A 32 -9.42 16.52 23.68
N LEU A 33 -10.59 15.90 23.72
CA LEU A 33 -11.67 16.35 24.59
C LEU A 33 -11.37 16.02 26.04
N ALA A 34 -11.64 16.96 26.94
CA ALA A 34 -11.57 16.71 28.37
C ALA A 34 -12.92 16.10 28.78
N ARG A 35 -13.04 14.80 28.55
CA ARG A 35 -14.35 14.17 28.64
C ARG A 35 -14.74 13.89 30.08
N PHE A 36 -13.84 13.29 30.85
CA PHE A 36 -14.07 12.97 32.25
C PHE A 36 -13.10 13.80 33.08
N ARG A 37 -13.62 14.56 34.03
CA ARG A 37 -12.80 15.50 34.76
C ARG A 37 -12.67 15.19 36.24
N ASN A 38 -13.26 14.11 36.73
CA ASN A 38 -13.21 13.78 38.15
C ASN A 38 -13.04 12.29 38.34
N ILE A 39 -12.08 11.70 37.63
CA ILE A 39 -11.71 10.31 37.82
C ILE A 39 -10.45 10.27 38.66
N SER A 40 -10.27 9.19 39.40
CA SER A 40 -9.06 9.00 40.19
C SER A 40 -8.19 7.98 39.50
N ARG A 41 -6.91 8.32 39.31
CA ARG A 41 -5.96 7.44 38.67
C ARG A 41 -4.96 6.88 39.66
N ILE A 42 -5.29 6.87 40.94
CA ILE A 42 -4.41 6.39 41.99
C ILE A 42 -5.16 5.32 42.76
N MET A 43 -4.54 4.15 42.92
CA MET A 43 -5.14 3.02 43.60
C MET A 43 -4.39 2.78 44.89
N ARG A 44 -5.11 2.57 45.98
CA ARG A 44 -4.52 2.14 47.24
C ARG A 44 -4.64 0.62 47.31
N VAL A 45 -3.51 -0.07 47.19
CA VAL A 45 -3.53 -1.53 47.07
C VAL A 45 -3.63 -2.20 48.43
N ASN A 46 -2.78 -1.83 49.38
CA ASN A 46 -2.99 -2.19 50.78
C ASN A 46 -2.41 -1.07 51.63
N ASN A 47 -2.11 -1.36 52.89
CA ASN A 47 -1.60 -0.33 53.80
C ASN A 47 -0.17 0.10 53.50
N SER A 48 0.52 -0.56 52.58
CA SER A 48 1.90 -0.18 52.28
C SER A 48 2.21 -0.22 50.79
N THR A 49 1.22 -0.04 49.92
CA THR A 49 1.46 -0.01 48.48
C THR A 49 0.38 0.84 47.83
N MET A 50 0.78 1.82 47.04
CA MET A 50 -0.13 2.60 46.22
C MET A 50 0.33 2.54 44.79
N LEU A 51 -0.56 2.85 43.87
CA LEU A 51 -0.30 2.56 42.46
C LEU A 51 -0.96 3.61 41.59
N GLY A 52 -0.19 4.22 40.72
CA GLY A 52 -0.72 5.23 39.81
C GLY A 52 -0.37 4.88 38.38
N ALA A 53 -1.31 5.12 37.47
CA ALA A 53 -1.23 4.61 36.12
C ALA A 53 -1.49 5.68 35.09
N SER A 54 -0.62 5.76 34.10
CA SER A 54 -0.84 6.57 32.92
C SER A 54 -1.32 5.71 31.75
N GLY A 55 -1.73 6.37 30.68
CA GLY A 55 -2.15 5.65 29.51
C GLY A 55 -3.63 5.29 29.55
N ASP A 56 -3.97 4.15 28.94
CA ASP A 56 -5.36 3.70 28.83
C ASP A 56 -5.94 3.45 30.21
N TYR A 57 -7.15 3.96 30.44
CA TYR A 57 -7.74 3.95 31.76
C TYR A 57 -8.56 2.69 32.03
N ALA A 58 -9.08 2.04 31.00
CA ALA A 58 -9.84 0.81 31.20
C ALA A 58 -8.94 -0.30 31.69
N ASP A 59 -7.71 -0.36 31.19
CA ASP A 59 -6.77 -1.37 31.65
C ASP A 59 -6.33 -1.11 33.07
N PHE A 60 -6.24 0.15 33.48
CA PHE A 60 -6.00 0.46 34.88
C PHE A 60 -7.15 -0.01 35.75
N GLN A 61 -8.39 0.11 35.27
CA GLN A 61 -9.47 -0.41 36.10
C GLN A 61 -9.52 -1.94 36.13
N TYR A 62 -9.06 -2.59 35.07
CA TYR A 62 -8.92 -4.04 35.09
C TYR A 62 -7.85 -4.48 36.08
N LEU A 63 -6.75 -3.74 36.16
CA LEU A 63 -5.72 -4.07 37.13
C LEU A 63 -6.17 -3.74 38.54
N LYS A 64 -7.02 -2.72 38.72
CA LYS A 64 -7.60 -2.47 40.04
C LYS A 64 -8.44 -3.64 40.49
N GLN A 65 -9.23 -4.21 39.57
CA GLN A 65 -10.05 -5.37 39.89
C GLN A 65 -9.21 -6.58 40.26
N VAL A 66 -8.22 -6.90 39.42
CA VAL A 66 -7.43 -8.12 39.61
C VAL A 66 -6.57 -8.00 40.86
N LEU A 67 -5.90 -6.86 41.03
CA LEU A 67 -4.99 -6.72 42.15
C LEU A 67 -5.72 -6.50 43.47
N GLY A 68 -6.91 -5.91 43.46
CA GLY A 68 -7.71 -5.89 44.67
C GLY A 68 -8.23 -7.25 45.05
N GLN A 69 -8.57 -8.07 44.04
CA GLN A 69 -9.01 -9.43 44.38
C GLN A 69 -7.85 -10.28 44.90
N MET A 70 -6.64 -10.03 44.40
CA MET A 70 -5.46 -10.69 44.96
C MET A 70 -5.20 -10.27 46.41
N VAL A 71 -5.32 -8.98 46.71
CA VAL A 71 -5.07 -8.52 48.08
C VAL A 71 -6.13 -9.06 49.02
N ILE A 72 -7.39 -9.06 48.60
CA ILE A 72 -8.45 -9.60 49.46
C ILE A 72 -8.29 -11.09 49.66
N ASP A 73 -7.95 -11.84 48.60
CA ASP A 73 -7.73 -13.27 48.75
C ASP A 73 -6.49 -13.59 49.56
N GLU A 74 -5.53 -12.67 49.64
CA GLU A 74 -4.43 -12.88 50.58
C GLU A 74 -4.89 -12.60 52.00
N GLU A 75 -5.71 -11.56 52.20
CA GLU A 75 -6.12 -11.21 53.55
C GLU A 75 -7.12 -12.18 54.13
N LEU A 76 -7.76 -13.00 53.29
CA LEU A 76 -8.69 -14.02 53.79
C LEU A 76 -7.98 -15.10 54.58
N LEU A 77 -6.72 -15.37 54.29
CA LEU A 77 -6.01 -16.40 55.04
C LEU A 77 -5.71 -15.92 56.45
N GLY A 78 -5.35 -14.65 56.60
CA GLY A 78 -5.08 -14.07 57.90
C GLY A 78 -3.89 -14.67 58.61
N ASP A 79 -2.80 -14.94 57.89
CA ASP A 79 -1.63 -15.57 58.48
C ASP A 79 -0.57 -14.58 58.91
N GLY A 80 -0.79 -13.29 58.66
CA GLY A 80 0.18 -12.28 59.02
C GLY A 80 1.11 -11.86 57.90
N HIS A 81 1.02 -12.46 56.72
CA HIS A 81 1.81 -12.04 55.58
C HIS A 81 1.03 -11.06 54.72
N SER A 82 1.70 -10.03 54.27
CA SER A 82 1.15 -9.02 53.38
C SER A 82 2.13 -8.86 52.24
N TYR A 83 1.62 -8.54 51.05
CA TYR A 83 2.48 -8.36 49.91
C TYR A 83 3.32 -7.11 50.05
N SER A 84 4.63 -7.31 50.09
CA SER A 84 5.56 -6.21 50.01
C SER A 84 5.45 -5.55 48.64
N PRO A 85 5.79 -4.27 48.51
CA PRO A 85 5.65 -3.60 47.21
C PRO A 85 6.54 -4.17 46.14
N ARG A 86 7.65 -4.81 46.51
CA ARG A 86 8.46 -5.50 45.52
C ARG A 86 7.73 -6.72 44.97
N ALA A 87 6.90 -7.36 45.79
CA ALA A 87 6.13 -8.50 45.31
C ALA A 87 5.05 -8.07 44.33
N ILE A 88 4.36 -6.96 44.62
CA ILE A 88 3.34 -6.45 43.72
C ILE A 88 3.98 -5.97 42.42
N HIS A 89 5.16 -5.36 42.52
CA HIS A 89 5.86 -4.89 41.33
C HIS A 89 6.30 -6.05 40.45
N SER A 90 6.78 -7.15 41.05
CA SER A 90 7.17 -8.31 40.25
C SER A 90 5.96 -8.99 39.63
N TRP A 91 4.85 -9.08 40.37
CA TRP A 91 3.62 -9.63 39.82
C TRP A 91 3.13 -8.79 38.66
N LEU A 92 3.21 -7.48 38.79
CA LEU A 92 2.66 -6.63 37.77
C LEU A 92 3.53 -6.62 36.53
N THR A 93 4.86 -6.74 36.70
CA THR A 93 5.74 -6.91 35.56
C THR A 93 5.41 -8.19 34.80
N ARG A 94 5.17 -9.28 35.54
CA ARG A 94 4.81 -10.53 34.89
C ARG A 94 3.45 -10.46 34.20
N ALA A 95 2.48 -9.74 34.77
CA ALA A 95 1.18 -9.64 34.12
C ALA A 95 1.24 -8.78 32.87
N MET A 96 1.96 -7.65 32.92
CA MET A 96 2.06 -6.79 31.75
C MET A 96 2.85 -7.47 30.63
N TYR A 97 3.92 -8.19 30.98
CA TYR A 97 4.69 -8.88 29.95
C TYR A 97 3.92 -10.07 29.38
N SER A 98 3.17 -10.78 30.22
CA SER A 98 2.37 -11.89 29.71
C SER A 98 1.23 -11.41 28.83
N ARG A 99 0.72 -10.20 29.09
CA ARG A 99 -0.26 -9.63 28.18
C ARG A 99 0.40 -9.15 26.89
N ARG A 100 1.65 -8.70 26.97
CA ARG A 100 2.37 -8.30 25.76
C ARG A 100 2.69 -9.50 24.87
N SER A 101 2.97 -10.66 25.48
CA SER A 101 3.43 -11.82 24.73
C SER A 101 2.35 -12.41 23.83
N LYS A 102 1.08 -12.12 24.10
CA LYS A 102 -0.01 -12.59 23.26
C LYS A 102 -0.35 -11.61 22.16
N MET A 103 0.49 -10.59 21.94
CA MET A 103 0.23 -9.44 21.07
C MET A 103 -1.07 -8.73 21.45
N ASN A 104 -1.31 -8.62 22.77
CA ASN A 104 -2.55 -8.07 23.28
C ASN A 104 -2.26 -7.28 24.55
N PRO A 105 -1.57 -6.14 24.43
CA PRO A 105 -1.00 -5.50 25.61
C PRO A 105 -2.02 -4.73 26.42
N LEU A 106 -1.67 -4.49 27.67
CA LEU A 106 -2.39 -3.56 28.53
C LEU A 106 -1.73 -2.21 28.40
N TRP A 107 -2.40 -1.26 27.74
CA TRP A 107 -1.74 -0.03 27.30
C TRP A 107 -1.56 0.95 28.46
N ASN A 108 -0.69 0.58 29.39
CA ASN A 108 -0.47 1.36 30.60
C ASN A 108 1.01 1.58 30.82
N THR A 109 1.30 2.50 31.75
CA THR A 109 2.66 2.83 32.16
C THR A 109 2.59 3.22 33.64
N MET A 110 2.91 2.30 34.53
CA MET A 110 2.48 2.40 35.91
C MET A 110 3.63 2.63 36.87
N VAL A 111 3.30 3.23 38.01
CA VAL A 111 4.27 3.57 39.05
C VAL A 111 3.75 2.99 40.36
N ILE A 112 4.49 2.04 40.92
CA ILE A 112 4.14 1.43 42.20
C ILE A 112 5.00 2.08 43.27
N GLY A 113 4.37 2.62 44.30
CA GLY A 113 5.07 3.17 45.43
C GLY A 113 4.66 2.44 46.69
N GLY A 114 5.60 2.29 47.61
CA GLY A 114 5.27 1.63 48.86
C GLY A 114 6.32 1.92 49.91
N TYR A 115 6.07 1.38 51.10
CA TYR A 115 6.98 1.58 52.22
C TYR A 115 6.89 0.37 53.12
N ALA A 116 7.91 -0.48 53.09
CA ALA A 116 7.90 -1.70 53.87
C ALA A 116 9.28 -1.93 54.45
N ASP A 117 9.31 -2.43 55.70
CA ASP A 117 10.53 -2.65 56.49
C ASP A 117 11.37 -1.38 56.60
N GLY A 118 10.69 -0.23 56.68
CA GLY A 118 11.37 1.03 56.75
C GLY A 118 12.04 1.49 55.48
N GLU A 119 11.88 0.77 54.38
CA GLU A 119 12.55 1.07 53.11
C GLU A 119 11.53 1.44 52.05
N SER A 120 11.73 2.60 51.42
CA SER A 120 10.81 3.08 50.40
C SER A 120 11.05 2.36 49.08
N PHE A 121 9.97 2.00 48.39
CA PHE A 121 10.04 1.37 47.08
C PHE A 121 9.33 2.24 46.06
N LEU A 122 9.92 2.34 44.87
CA LEU A 122 9.35 3.18 43.81
C LEU A 122 9.71 2.57 42.48
N GLY A 123 8.76 1.91 41.83
CA GLY A 123 9.06 1.07 40.69
C GLY A 123 8.13 1.34 39.52
N TYR A 124 8.67 1.16 38.34
CA TYR A 124 8.05 1.55 37.08
C TYR A 124 7.75 0.30 36.28
N VAL A 125 6.56 0.23 35.69
CA VAL A 125 6.22 -0.83 34.74
C VAL A 125 5.52 -0.15 33.58
N ASP A 126 5.91 -0.48 32.35
CA ASP A 126 5.19 -0.01 31.18
C ASP A 126 4.53 -1.18 30.45
N MET A 127 3.94 -0.89 29.30
CA MET A 127 3.12 -1.89 28.61
C MET A 127 3.91 -3.00 27.96
N LEU A 128 5.23 -2.89 27.91
CA LEU A 128 6.09 -3.91 27.35
C LEU A 128 6.72 -4.80 28.42
N GLY A 129 6.78 -4.33 29.66
CA GLY A 129 7.50 -5.04 30.68
C GLY A 129 8.85 -4.48 31.03
N VAL A 130 9.22 -3.32 30.49
CA VAL A 130 10.44 -2.65 30.89
C VAL A 130 10.24 -2.16 32.32
N ALA A 131 10.90 -2.81 33.26
CA ALA A 131 10.65 -2.56 34.67
C ALA A 131 11.94 -2.26 35.38
N TYR A 132 11.91 -1.24 36.23
CA TYR A 132 13.06 -0.86 37.03
C TYR A 132 12.55 -0.06 38.21
N GLU A 133 13.45 0.23 39.14
CA GLU A 133 13.16 1.15 40.22
C GLU A 133 14.09 2.34 40.11
N ALA A 134 13.72 3.46 40.73
CA ALA A 134 14.48 4.68 40.60
C ALA A 134 14.23 5.52 41.84
N PRO A 135 15.09 6.50 42.12
CA PRO A 135 14.77 7.46 43.19
C PRO A 135 13.66 8.42 42.83
N SER A 136 13.35 8.58 41.54
CA SER A 136 12.20 9.37 41.13
C SER A 136 11.73 8.85 39.78
N LEU A 137 10.42 8.91 39.56
CA LEU A 137 9.84 8.37 38.34
C LEU A 137 8.85 9.36 37.75
N ALA A 138 8.65 9.25 36.45
CA ALA A 138 7.73 10.12 35.74
C ALA A 138 7.36 9.46 34.42
N THR A 139 6.07 9.31 34.17
CA THR A 139 5.57 8.67 32.97
C THR A 139 5.00 9.71 32.01
N GLY A 140 4.99 9.37 30.72
CA GLY A 140 4.42 10.28 29.73
C GLY A 140 5.29 11.50 29.49
N TYR A 141 4.64 12.67 29.40
CA TYR A 141 5.36 13.91 29.21
C TYR A 141 6.04 14.40 30.48
N GLY A 142 5.70 13.82 31.63
CA GLY A 142 6.47 14.06 32.84
C GLY A 142 7.90 13.57 32.73
N ALA A 143 8.13 12.58 31.87
CA ALA A 143 9.48 12.06 31.66
C ALA A 143 10.38 13.07 30.97
N TYR A 144 9.80 14.02 30.24
CA TYR A 144 10.57 15.08 29.62
C TYR A 144 10.51 16.39 30.38
N LEU A 145 9.40 16.67 31.05
CA LEU A 145 9.23 17.94 31.72
C LEU A 145 9.44 17.87 33.22
N ALA A 146 8.80 16.95 33.91
CA ALA A 146 8.92 16.95 35.36
C ALA A 146 10.06 16.09 35.87
N GLN A 147 10.47 15.08 35.11
CA GLN A 147 11.67 14.29 35.42
C GLN A 147 12.97 15.10 35.53
N PRO A 148 13.28 16.08 34.65
CA PRO A 148 14.54 16.81 34.85
C PRO A 148 14.60 17.63 36.11
N LEU A 149 13.48 18.18 36.57
CA LEU A 149 13.47 18.89 37.84
C LEU A 149 13.71 17.93 39.00
N LEU A 150 13.11 16.75 38.94
CA LEU A 150 13.27 15.77 40.01
C LEU A 150 14.70 15.27 40.08
N ARG A 151 15.32 14.99 38.94
CA ARG A 151 16.69 14.52 38.99
C ARG A 151 17.68 15.65 39.26
N GLU A 152 17.35 16.89 38.91
CA GLU A 152 18.21 18.01 39.26
C GLU A 152 18.20 18.27 40.77
N VAL A 153 17.05 18.11 41.41
CA VAL A 153 17.01 18.27 42.86
C VAL A 153 17.68 17.08 43.54
N LEU A 154 17.41 15.87 43.05
CA LEU A 154 17.96 14.67 43.69
C LEU A 154 19.47 14.56 43.52
N GLU A 155 20.02 15.14 42.45
CA GLU A 155 21.47 15.10 42.25
C GLU A 155 22.21 15.93 43.28
N LYS A 156 21.66 17.09 43.65
CA LYS A 156 22.28 17.90 44.69
C LYS A 156 22.07 17.31 46.08
N GLN A 157 20.93 16.67 46.29
CA GLN A 157 20.47 16.32 47.64
C GLN A 157 19.71 15.01 47.56
N PRO A 158 20.36 13.88 47.87
CA PRO A 158 19.71 12.58 47.65
C PRO A 158 18.63 12.26 48.66
N VAL A 159 18.64 12.90 49.83
CA VAL A 159 17.68 12.62 50.88
C VAL A 159 16.75 13.81 51.01
N LEU A 160 15.45 13.55 50.92
CA LEU A 160 14.43 14.59 50.94
C LEU A 160 13.56 14.47 52.18
N SER A 161 13.26 15.60 52.81
CA SER A 161 12.23 15.61 53.82
C SER A 161 10.85 15.57 53.16
N GLN A 162 9.82 15.34 53.97
CA GLN A 162 8.48 15.08 53.46
C GLN A 162 7.87 16.32 52.81
N THR A 163 7.97 17.47 53.49
CA THR A 163 7.41 18.69 52.93
C THR A 163 8.23 19.19 51.75
N GLU A 164 9.53 18.91 51.76
CA GLU A 164 10.38 19.23 50.62
C GLU A 164 9.96 18.46 49.39
N ALA A 165 9.73 17.15 49.52
CA ALA A 165 9.28 16.34 48.40
C ALA A 165 7.87 16.72 47.96
N ARG A 166 7.04 17.13 48.92
CA ARG A 166 5.68 17.58 48.59
C ARG A 166 5.70 18.86 47.77
N ASP A 167 6.54 19.82 48.15
CA ASP A 167 6.62 21.05 47.36
C ASP A 167 7.32 20.82 46.03
N LEU A 168 8.26 19.86 45.96
CA LEU A 168 8.87 19.53 44.67
C LEU A 168 7.85 18.92 43.72
N VAL A 169 6.95 18.10 44.23
CA VAL A 169 5.91 17.50 43.41
C VAL A 169 4.91 18.57 42.94
N GLU A 170 4.53 19.49 43.84
CA GLU A 170 3.66 20.59 43.44
C GLU A 170 4.31 21.47 42.38
N ARG A 171 5.62 21.69 42.50
CA ARG A 171 6.32 22.57 41.55
C ARG A 171 6.52 21.87 40.22
N CYS A 172 6.58 20.55 40.20
CA CYS A 172 6.62 19.83 38.92
C CYS A 172 5.26 19.76 38.26
N MET A 173 4.19 19.60 39.04
CA MET A 173 2.84 19.57 38.47
C MET A 173 2.43 20.91 37.90
N ARG A 174 2.92 22.00 38.48
CA ARG A 174 2.72 23.32 37.88
C ARG A 174 3.38 23.42 36.51
N VAL A 175 4.54 22.80 36.36
CA VAL A 175 5.26 22.81 35.07
C VAL A 175 4.49 22.02 34.04
N LEU A 176 4.02 20.83 34.42
CA LEU A 176 3.21 20.02 33.50
C LEU A 176 1.92 20.70 33.10
N TYR A 177 1.29 21.41 34.03
CA TYR A 177 0.08 22.15 33.67
C TYR A 177 0.41 23.30 32.72
N TYR A 178 1.57 23.91 32.87
CA TYR A 178 1.97 24.96 31.94
C TYR A 178 2.30 24.41 30.56
N ARG A 179 2.83 23.19 30.46
CA ARG A 179 3.43 22.75 29.21
C ARG A 179 2.97 21.39 28.68
N ASP A 180 1.89 20.82 29.18
CA ASP A 180 1.30 19.62 28.59
C ASP A 180 -0.10 19.96 28.14
N ALA A 181 -0.44 19.57 26.91
CA ALA A 181 -1.74 19.91 26.38
C ALA A 181 -2.85 19.02 26.90
N ARG A 182 -2.53 17.85 27.44
CA ARG A 182 -3.55 16.92 27.90
C ARG A 182 -3.69 16.90 29.41
N SER A 183 -3.10 17.87 30.10
CA SER A 183 -3.19 17.91 31.55
C SER A 183 -4.34 18.79 32.00
N TYR A 184 -4.58 18.78 33.31
CA TYR A 184 -5.75 19.43 33.87
C TYR A 184 -5.42 19.90 35.27
N ASN A 185 -5.90 21.08 35.65
CA ASN A 185 -5.53 21.70 36.92
C ASN A 185 -6.42 21.21 38.05
N ARG A 186 -6.42 19.89 38.25
CA ARG A 186 -7.19 19.27 39.32
C ARG A 186 -6.51 17.94 39.59
N PHE A 187 -5.68 17.88 40.62
CA PHE A 187 -4.78 16.75 40.77
C PHE A 187 -4.77 16.20 42.18
N GLN A 188 -4.35 14.94 42.30
CA GLN A 188 -4.30 14.20 43.54
C GLN A 188 -2.86 13.96 43.96
N ILE A 189 -2.66 13.82 45.26
CA ILE A 189 -1.35 13.44 45.81
C ILE A 189 -1.58 12.32 46.81
N ALA A 190 -0.89 11.20 46.61
CA ALA A 190 -1.00 10.05 47.49
C ALA A 190 0.35 9.78 48.11
N THR A 191 0.40 9.68 49.44
CA THR A 191 1.65 9.54 50.17
C THR A 191 1.58 8.36 51.09
N VAL A 192 2.52 7.43 50.97
CA VAL A 192 2.61 6.28 51.87
C VAL A 192 3.77 6.50 52.82
N THR A 193 3.54 6.22 54.09
CA THR A 193 4.52 6.41 55.16
C THR A 193 4.42 5.21 56.07
N GLU A 194 4.99 5.34 57.27
CA GLU A 194 4.80 4.35 58.33
C GLU A 194 3.33 4.21 58.72
N LYS A 195 2.56 5.29 58.63
CA LYS A 195 1.16 5.29 59.02
C LYS A 195 0.25 4.66 57.98
N GLY A 196 0.65 4.62 56.72
CA GLY A 196 -0.16 4.01 55.68
C GLY A 196 -0.47 5.00 54.57
N VAL A 197 -1.38 4.58 53.70
CA VAL A 197 -1.66 5.30 52.46
C VAL A 197 -2.71 6.36 52.72
N GLU A 198 -2.36 7.60 52.41
CA GLU A 198 -3.28 8.73 52.44
C GLU A 198 -3.47 9.19 51.00
N ILE A 199 -4.65 9.72 50.69
CA ILE A 199 -4.89 10.37 49.41
C ILE A 199 -5.46 11.75 49.69
N GLU A 200 -4.76 12.78 49.24
CA GLU A 200 -5.22 14.15 49.35
C GLU A 200 -5.61 14.65 47.98
N GLY A 201 -6.75 15.32 47.89
CA GLY A 201 -7.20 15.84 46.63
C GLY A 201 -8.70 15.92 46.56
N PRO A 202 -9.23 16.66 45.57
CA PRO A 202 -8.57 17.42 44.50
C PRO A 202 -7.90 18.71 44.92
N LEU A 203 -6.72 18.93 44.39
CA LEU A 203 -5.94 20.14 44.61
C LEU A 203 -5.91 20.97 43.34
N SER A 204 -5.36 22.16 43.45
CA SER A 204 -5.22 23.04 42.30
C SER A 204 -3.93 23.82 42.42
N THR A 205 -3.41 24.24 41.28
CA THR A 205 -2.15 24.98 41.20
C THR A 205 -2.41 26.43 40.86
N GLU A 206 -1.82 27.33 41.62
CA GLU A 206 -1.89 28.75 41.29
C GLU A 206 -1.06 29.03 40.04
N THR A 207 -1.58 29.87 39.17
CA THR A 207 -0.98 30.14 37.87
C THR A 207 -0.35 31.52 37.87
N ASN A 208 0.62 31.71 36.99
CA ASN A 208 1.29 32.99 36.84
C ASN A 208 1.36 33.33 35.35
N TRP A 209 0.58 34.31 34.94
CA TRP A 209 0.49 34.70 33.54
C TRP A 209 1.01 36.11 33.35
N ASP A 210 2.08 36.45 34.07
CA ASP A 210 2.67 37.77 33.93
C ASP A 210 3.46 37.90 32.64
N ILE A 211 3.85 36.78 32.03
CA ILE A 211 4.50 36.84 30.72
C ILE A 211 3.52 37.21 29.61
N ALA A 212 2.21 37.11 29.87
CA ALA A 212 1.22 37.48 28.87
C ALA A 212 1.21 38.99 28.62
N HIS A 213 1.68 39.77 29.58
CA HIS A 213 1.85 41.21 29.39
C HIS A 213 3.20 41.56 28.77
N MET A 214 3.95 40.58 28.29
CA MET A 214 5.29 40.80 27.77
C MET A 214 5.39 40.60 26.27
N ILE A 215 4.38 41.09 25.53
CA ILE A 215 4.36 41.03 24.08
C ILE A 215 3.88 42.38 23.55
N SER A 216 4.63 42.96 22.62
CA SER A 216 4.20 44.15 21.91
C SER A 216 4.14 43.89 20.41
N ARG B 1 -19.66 -37.98 34.40
CA ARG B 1 -18.66 -38.84 33.80
C ARG B 1 -19.34 -39.75 32.77
N GLY B 2 -20.31 -40.54 33.24
CA GLY B 2 -21.05 -41.43 32.36
C GLY B 2 -20.35 -42.76 32.19
N TYR B 3 -21.08 -43.86 32.31
CA TYR B 3 -20.46 -45.17 32.13
C TYR B 3 -20.13 -45.39 30.67
N SER B 4 -19.22 -46.32 30.40
CA SER B 4 -18.82 -46.60 29.04
C SER B 4 -19.07 -48.02 28.60
N PHE B 5 -19.60 -48.86 29.48
CA PHE B 5 -19.84 -50.27 29.18
C PHE B 5 -21.33 -50.50 28.95
N SER B 6 -21.64 -51.47 28.11
CA SER B 6 -23.03 -51.74 27.79
C SER B 6 -23.70 -52.55 28.89
N LEU B 7 -25.00 -52.34 29.03
CA LEU B 7 -25.82 -53.06 29.99
C LEU B 7 -26.68 -54.12 29.33
N THR B 8 -26.76 -54.13 28.00
CA THR B 8 -27.50 -55.13 27.24
C THR B 8 -26.51 -56.18 26.77
N THR B 9 -26.52 -57.34 27.42
CA THR B 9 -25.51 -58.34 27.16
C THR B 9 -26.15 -59.65 26.79
N PHE B 10 -25.39 -60.47 26.06
CA PHE B 10 -25.91 -61.71 25.52
C PHE B 10 -26.05 -62.77 26.61
N SER B 11 -27.24 -63.34 26.70
CA SER B 11 -27.49 -64.51 27.51
C SER B 11 -26.93 -65.74 26.80
N PRO B 12 -26.73 -66.87 27.50
CA PRO B 12 -26.18 -68.06 26.83
C PRO B 12 -27.05 -68.66 25.74
N SER B 13 -28.33 -68.32 25.66
CA SER B 13 -29.14 -68.73 24.52
C SER B 13 -29.08 -67.73 23.38
N GLY B 14 -28.21 -66.73 23.47
CA GLY B 14 -28.08 -65.74 22.42
C GLY B 14 -29.06 -64.59 22.47
N LYS B 15 -29.84 -64.46 23.54
CA LYS B 15 -30.87 -63.45 23.62
C LYS B 15 -30.35 -62.23 24.36
N LEU B 16 -30.53 -61.05 23.76
CA LEU B 16 -30.25 -59.80 24.43
C LEU B 16 -31.38 -59.60 25.42
N VAL B 17 -31.11 -59.93 26.68
CA VAL B 17 -32.21 -60.13 27.62
C VAL B 17 -32.83 -58.80 28.04
N GLN B 18 -32.11 -57.69 27.91
CA GLN B 18 -32.72 -56.39 28.17
C GLN B 18 -33.73 -56.01 27.12
N ILE B 19 -33.51 -56.37 25.86
CA ILE B 19 -34.49 -56.09 24.82
C ILE B 19 -35.73 -56.93 25.04
N GLU B 20 -35.55 -58.19 25.42
CA GLU B 20 -36.70 -59.05 25.66
C GLU B 20 -37.40 -58.71 26.96
N TYR B 21 -36.78 -57.92 27.83
CA TYR B 21 -37.53 -57.35 28.95
C TYR B 21 -38.25 -56.06 28.56
N ALA B 22 -37.64 -55.26 27.69
CA ALA B 22 -38.28 -54.03 27.24
C ALA B 22 -39.49 -54.32 26.35
N LEU B 23 -39.49 -55.45 25.66
CA LEU B 23 -40.69 -55.83 24.91
C LEU B 23 -41.83 -56.25 25.83
N ALA B 24 -41.51 -56.74 27.04
CA ALA B 24 -42.56 -56.94 28.02
C ALA B 24 -43.01 -55.63 28.62
N ALA B 25 -42.12 -54.64 28.66
CA ALA B 25 -42.55 -53.28 29.04
C ALA B 25 -43.46 -52.68 27.99
N VAL B 26 -43.26 -53.03 26.72
CA VAL B 26 -44.18 -52.64 25.66
C VAL B 26 -45.52 -53.33 25.85
N ALA B 27 -45.50 -54.64 26.15
CA ALA B 27 -46.74 -55.43 26.24
C ALA B 27 -47.64 -54.97 27.38
N GLY B 28 -47.09 -54.30 28.39
CA GLY B 28 -47.91 -53.76 29.44
C GLY B 28 -48.47 -52.39 29.18
N GLY B 29 -48.10 -51.77 28.06
CA GLY B 29 -48.51 -50.41 27.79
C GLY B 29 -49.95 -50.31 27.33
N ALA B 30 -50.36 -49.07 27.06
CA ALA B 30 -51.72 -48.85 26.59
C ALA B 30 -51.84 -49.34 25.14
N PRO B 31 -52.95 -49.99 24.80
CA PRO B 31 -53.06 -50.62 23.46
C PRO B 31 -53.16 -49.59 22.35
N SER B 32 -52.55 -49.92 21.22
CA SER B 32 -52.55 -49.06 20.04
C SER B 32 -52.69 -49.92 18.81
N VAL B 33 -53.44 -49.41 17.82
CA VAL B 33 -53.78 -50.14 16.61
C VAL B 33 -53.61 -49.21 15.42
N GLY B 34 -52.91 -49.67 14.39
CA GLY B 34 -52.84 -48.93 13.13
C GLY B 34 -53.19 -49.82 11.97
N ILE B 35 -53.97 -49.27 11.04
CA ILE B 35 -54.43 -50.00 9.85
C ILE B 35 -54.11 -49.16 8.63
N LYS B 36 -53.48 -49.77 7.63
CA LYS B 36 -53.28 -49.11 6.35
C LYS B 36 -54.50 -49.35 5.48
N ALA B 37 -55.23 -48.29 5.17
CA ALA B 37 -56.35 -48.39 4.25
C ALA B 37 -55.85 -48.26 2.81
N ALA B 38 -56.78 -48.29 1.87
CA ALA B 38 -56.39 -48.14 0.46
C ALA B 38 -56.04 -46.70 0.14
N ASN B 39 -56.79 -45.74 0.68
CA ASN B 39 -56.62 -44.34 0.34
C ASN B 39 -55.91 -43.55 1.43
N GLY B 40 -55.29 -44.22 2.39
CA GLY B 40 -54.67 -43.55 3.52
C GLY B 40 -54.39 -44.54 4.63
N VAL B 41 -54.06 -44.00 5.80
CA VAL B 41 -53.78 -44.79 7.00
C VAL B 41 -54.51 -44.20 8.19
N VAL B 42 -54.91 -45.06 9.12
CA VAL B 42 -55.55 -44.64 10.35
C VAL B 42 -54.70 -45.12 11.52
N LEU B 43 -54.54 -44.26 12.52
CA LEU B 43 -53.92 -44.63 13.78
C LEU B 43 -54.90 -44.31 14.89
N ALA B 44 -55.03 -45.23 15.85
CA ALA B 44 -55.95 -45.02 16.96
C ALA B 44 -55.37 -45.69 18.19
N THR B 45 -55.63 -45.11 19.36
CA THR B 45 -55.02 -45.60 20.57
C THR B 45 -55.91 -45.33 21.78
N GLU B 46 -55.80 -46.18 22.78
CA GLU B 46 -56.52 -45.99 24.02
C GLU B 46 -55.79 -45.00 24.92
N LYS B 47 -56.52 -44.05 25.46
CA LYS B 47 -55.97 -43.17 26.48
C LYS B 47 -56.21 -43.80 27.85
N LYS B 48 -55.12 -44.04 28.57
CA LYS B 48 -55.14 -44.73 29.87
C LYS B 48 -55.57 -43.75 30.97
N GLN B 49 -56.80 -43.26 30.86
CA GLN B 49 -57.21 -42.08 31.61
C GLN B 49 -58.24 -42.43 32.68
N LYS B 50 -57.76 -42.57 33.91
CA LYS B 50 -58.57 -42.45 35.10
C LYS B 50 -58.74 -40.98 35.43
N SER B 51 -59.26 -40.71 36.64
CA SER B 51 -59.04 -39.44 37.34
C SER B 51 -59.47 -38.19 36.60
N ILE B 52 -60.78 -37.90 36.56
CA ILE B 52 -61.45 -36.80 35.85
C ILE B 52 -60.76 -35.44 36.00
N LEU B 53 -59.98 -35.28 37.09
CA LEU B 53 -59.07 -34.16 37.29
C LEU B 53 -58.07 -33.93 36.15
N TYR B 54 -57.73 -34.97 35.38
CA TYR B 54 -56.88 -34.78 34.20
C TYR B 54 -57.53 -33.87 33.17
N ASP B 55 -56.76 -32.91 32.68
CA ASP B 55 -57.17 -32.10 31.56
C ASP B 55 -56.63 -32.77 30.30
N GLU B 56 -57.52 -33.35 29.49
CA GLU B 56 -57.12 -34.24 28.41
C GLU B 56 -56.46 -33.51 27.25
N ARG B 57 -56.56 -32.18 27.19
CA ARG B 57 -55.94 -31.44 26.10
C ARG B 57 -54.46 -31.16 26.35
N SER B 58 -53.89 -31.64 27.45
CA SER B 58 -52.51 -31.33 27.76
C SER B 58 -51.54 -32.33 27.15
N VAL B 59 -51.94 -33.58 26.96
CA VAL B 59 -51.06 -34.58 26.36
C VAL B 59 -51.75 -35.19 25.14
N HIS B 60 -50.93 -35.56 24.16
CA HIS B 60 -51.39 -36.22 22.96
C HIS B 60 -50.52 -37.46 22.74
N LYS B 61 -51.15 -38.59 22.46
CA LYS B 61 -50.38 -39.78 22.14
C LYS B 61 -50.07 -39.90 20.67
N VAL B 62 -50.93 -39.40 19.80
CA VAL B 62 -50.69 -39.38 18.36
C VAL B 62 -50.07 -38.04 18.02
N GLU B 63 -48.79 -38.03 17.70
CA GLU B 63 -48.03 -36.80 17.61
C GLU B 63 -47.38 -36.70 16.24
N PRO B 64 -47.61 -35.62 15.48
CA PRO B 64 -47.12 -35.58 14.11
C PRO B 64 -45.67 -35.17 14.01
N ILE B 65 -45.03 -35.63 12.95
CA ILE B 65 -43.63 -35.31 12.68
C ILE B 65 -43.49 -34.31 11.55
N THR B 66 -44.11 -34.60 10.41
CA THR B 66 -44.15 -33.68 9.28
C THR B 66 -45.60 -33.48 8.89
N LYS B 67 -45.81 -32.90 7.72
CA LYS B 67 -47.18 -32.64 7.27
C LYS B 67 -47.91 -33.90 6.86
N HIS B 68 -47.23 -35.04 6.70
CA HIS B 68 -47.90 -36.29 6.38
C HIS B 68 -47.33 -37.49 7.12
N ILE B 69 -46.48 -37.29 8.12
CA ILE B 69 -45.90 -38.38 8.90
C ILE B 69 -46.22 -38.14 10.36
N GLY B 70 -46.85 -39.12 11.00
CA GLY B 70 -47.10 -39.06 12.42
C GLY B 70 -46.83 -40.42 13.02
N LEU B 71 -46.94 -40.50 14.34
CA LEU B 71 -46.60 -41.76 14.99
C LEU B 71 -47.35 -41.89 16.31
N VAL B 72 -47.46 -43.13 16.78
CA VAL B 72 -48.14 -43.48 18.01
C VAL B 72 -47.28 -44.56 18.67
N TYR B 73 -47.55 -44.87 19.93
CA TYR B 73 -46.67 -45.76 20.66
C TYR B 73 -47.48 -46.68 21.55
N SER B 74 -46.76 -47.61 22.17
CA SER B 74 -47.24 -48.33 23.34
C SER B 74 -46.03 -48.60 24.22
N GLY B 75 -46.14 -48.25 25.50
CA GLY B 75 -45.03 -48.32 26.42
C GLY B 75 -44.87 -47.02 27.19
N MET B 76 -43.63 -46.67 27.49
CA MET B 76 -43.37 -45.58 28.42
C MET B 76 -43.45 -44.25 27.70
N GLY B 77 -44.35 -43.39 28.15
CA GLY B 77 -44.46 -42.02 27.70
C GLY B 77 -43.20 -41.17 27.58
N PRO B 78 -42.41 -41.03 28.65
CA PRO B 78 -41.26 -40.13 28.58
C PRO B 78 -40.16 -40.59 27.66
N ASP B 79 -40.14 -41.85 27.25
CA ASP B 79 -39.25 -42.26 26.18
C ASP B 79 -39.84 -41.94 24.82
N TYR B 80 -41.17 -41.97 24.73
CA TYR B 80 -41.84 -41.65 23.48
C TYR B 80 -41.65 -40.18 23.12
N ARG B 81 -41.68 -39.30 24.10
CA ARG B 81 -41.43 -37.90 23.76
C ARG B 81 -39.98 -37.63 23.38
N VAL B 82 -39.05 -38.44 23.88
CA VAL B 82 -37.67 -38.37 23.42
C VAL B 82 -37.57 -38.78 21.97
N LEU B 83 -38.27 -39.85 21.60
CA LEU B 83 -38.26 -40.29 20.21
C LEU B 83 -38.96 -39.30 19.28
N VAL B 84 -40.01 -38.62 19.76
CA VAL B 84 -40.67 -37.63 18.92
C VAL B 84 -39.77 -36.41 18.69
N HIS B 85 -39.11 -35.92 19.74
CA HIS B 85 -38.21 -34.78 19.56
C HIS B 85 -37.04 -35.15 18.66
N ARG B 86 -36.54 -36.37 18.78
CA ARG B 86 -35.42 -36.79 17.93
CA ARG B 86 -35.42 -36.78 17.94
C ARG B 86 -35.87 -37.01 16.50
N ALA B 87 -37.06 -37.58 16.30
CA ALA B 87 -37.56 -37.83 14.95
C ALA B 87 -37.83 -36.52 14.21
N ARG B 88 -38.37 -35.52 14.91
CA ARG B 88 -38.51 -34.20 14.32
C ARG B 88 -37.16 -33.59 13.99
N LYS B 89 -36.17 -33.79 14.86
CA LYS B 89 -34.84 -33.25 14.61
C LYS B 89 -34.17 -33.92 13.43
N LEU B 90 -34.50 -35.18 13.14
CA LEU B 90 -33.95 -35.85 11.97
C LEU B 90 -34.68 -35.44 10.69
N ALA B 91 -36.00 -35.33 10.76
CA ALA B 91 -36.77 -34.95 9.58
C ALA B 91 -36.48 -33.53 9.13
N GLN B 92 -36.16 -32.64 10.06
CA GLN B 92 -35.85 -31.29 9.63
C GLN B 92 -34.43 -31.17 9.13
N GLN B 93 -33.50 -32.02 9.57
CA GLN B 93 -32.20 -32.06 8.91
C GLN B 93 -32.31 -32.63 7.50
N TYR B 94 -33.23 -33.57 7.29
CA TYR B 94 -33.51 -34.02 5.93
C TYR B 94 -34.08 -32.89 5.09
N TYR B 95 -34.96 -32.09 5.66
CA TYR B 95 -35.56 -31.00 4.90
C TYR B 95 -34.56 -29.87 4.65
N LEU B 96 -33.55 -29.73 5.51
CA LEU B 96 -32.47 -28.79 5.21
C LEU B 96 -31.59 -29.29 4.07
N VAL B 97 -31.25 -30.58 4.08
CA VAL B 97 -30.33 -31.08 3.05
C VAL B 97 -31.01 -31.16 1.69
N TYR B 98 -32.17 -31.80 1.62
CA TYR B 98 -32.75 -32.11 0.32
C TYR B 98 -33.92 -31.24 -0.09
N GLN B 99 -34.42 -30.36 0.79
CA GLN B 99 -35.60 -29.51 0.55
C GLN B 99 -36.82 -30.32 0.11
N GLU B 100 -37.08 -31.41 0.83
CA GLU B 100 -38.18 -32.30 0.51
C GLU B 100 -38.71 -32.85 1.82
N PRO B 101 -40.02 -33.08 1.92
CA PRO B 101 -40.52 -33.87 3.04
C PRO B 101 -39.92 -35.26 3.00
N ILE B 102 -39.51 -35.73 4.17
CA ILE B 102 -38.69 -36.94 4.27
C ILE B 102 -39.54 -38.16 3.90
N PRO B 103 -39.01 -39.11 3.15
CA PRO B 103 -39.71 -40.38 2.97
C PRO B 103 -39.86 -41.08 4.30
N THR B 104 -41.03 -41.73 4.48
CA THR B 104 -41.34 -42.40 5.73
C THR B 104 -40.37 -43.52 6.02
N ALA B 105 -39.94 -44.24 4.98
CA ALA B 105 -38.90 -45.24 5.14
C ALA B 105 -37.58 -44.61 5.56
N GLN B 106 -37.30 -43.39 5.09
CA GLN B 106 -36.07 -42.71 5.48
C GLN B 106 -36.14 -42.07 6.85
N LEU B 107 -37.33 -41.92 7.43
CA LEU B 107 -37.38 -41.53 8.83
C LEU B 107 -37.36 -42.75 9.73
N VAL B 108 -37.93 -43.87 9.29
CA VAL B 108 -37.89 -45.08 10.11
C VAL B 108 -36.47 -45.62 10.19
N GLN B 109 -35.73 -45.59 9.07
CA GLN B 109 -34.37 -46.10 9.10
C GLN B 109 -33.41 -45.25 9.92
N ARG B 110 -33.80 -44.03 10.27
CA ARG B 110 -33.00 -43.22 11.19
C ARG B 110 -33.47 -43.32 12.64
N VAL B 111 -34.78 -43.33 12.86
CA VAL B 111 -35.31 -43.50 14.22
C VAL B 111 -34.98 -44.89 14.75
N ALA B 112 -34.96 -45.89 13.89
CA ALA B 112 -34.58 -47.23 14.32
C ALA B 112 -33.11 -47.30 14.66
N SER B 113 -32.27 -46.51 14.01
CA SER B 113 -30.86 -46.48 14.38
C SER B 113 -30.66 -45.79 15.72
N VAL B 114 -31.42 -44.74 15.97
CA VAL B 114 -31.36 -44.05 17.26
C VAL B 114 -31.83 -44.96 18.38
N MET B 115 -32.84 -45.79 18.11
CA MET B 115 -33.23 -46.80 19.09
C MET B 115 -32.22 -47.92 19.20
N GLN B 116 -31.43 -48.16 18.15
CA GLN B 116 -30.43 -49.23 18.21
C GLN B 116 -29.25 -48.84 19.07
N GLU B 117 -28.83 -47.58 18.99
CA GLU B 117 -27.63 -47.11 19.68
C GLU B 117 -27.70 -47.34 21.18
N TYR B 118 -28.89 -47.30 21.75
CA TYR B 118 -29.02 -47.46 23.19
C TYR B 118 -29.05 -48.90 23.63
N THR B 119 -29.07 -49.86 22.70
CA THR B 119 -28.92 -51.26 23.08
C THR B 119 -27.48 -51.70 23.02
N GLN B 120 -26.57 -50.79 22.69
CA GLN B 120 -25.15 -51.12 22.60
C GLN B 120 -24.24 -50.09 23.23
N SER B 121 -24.67 -48.84 23.41
CA SER B 121 -23.81 -47.81 23.98
C SER B 121 -23.57 -48.05 25.47
N GLY B 122 -22.83 -47.13 26.08
CA GLY B 122 -22.36 -47.33 27.43
C GLY B 122 -23.28 -46.75 28.49
N GLY B 123 -23.77 -47.62 29.36
CA GLY B 123 -24.48 -47.17 30.54
C GLY B 123 -25.89 -46.70 30.33
N VAL B 124 -26.54 -47.10 29.23
CA VAL B 124 -27.92 -46.74 28.99
C VAL B 124 -28.76 -48.00 28.88
N ARG B 125 -30.03 -47.87 29.18
CA ARG B 125 -30.98 -48.94 28.97
C ARG B 125 -31.65 -48.76 27.62
N PRO B 126 -32.20 -49.82 27.03
CA PRO B 126 -32.94 -49.65 25.79
C PRO B 126 -34.23 -48.88 26.02
N PHE B 127 -34.81 -48.37 24.95
CA PHE B 127 -36.08 -47.69 25.08
C PHE B 127 -37.18 -48.69 25.41
N GLY B 128 -38.25 -48.20 26.02
CA GLY B 128 -39.35 -49.05 26.36
C GLY B 128 -40.57 -48.74 25.51
N VAL B 129 -40.35 -48.50 24.22
CA VAL B 129 -41.38 -47.94 23.36
C VAL B 129 -41.38 -48.69 22.05
N SER B 130 -42.53 -49.19 21.62
CA SER B 130 -42.69 -49.70 20.27
C SER B 130 -43.57 -48.73 19.49
N LEU B 131 -43.10 -48.33 18.32
CA LEU B 131 -43.69 -47.22 17.59
C LEU B 131 -44.51 -47.73 16.41
N LEU B 132 -45.43 -46.90 15.94
CA LEU B 132 -46.12 -47.11 14.68
C LEU B 132 -46.06 -45.84 13.88
N ILE B 133 -45.30 -45.83 12.80
CA ILE B 133 -45.07 -44.63 12.02
C ILE B 133 -45.77 -44.79 10.68
N CYS B 134 -46.61 -43.82 10.34
CA CYS B 134 -47.41 -43.88 9.13
C CYS B 134 -47.05 -42.73 8.19
N GLY B 135 -47.26 -42.95 6.91
CA GLY B 135 -46.88 -41.95 5.94
C GLY B 135 -47.57 -42.14 4.61
N TRP B 136 -47.80 -41.05 3.91
CA TRP B 136 -48.37 -41.04 2.57
C TRP B 136 -47.40 -40.32 1.65
N ASN B 137 -46.73 -41.08 0.80
CA ASN B 137 -45.86 -40.48 -0.20
C ASN B 137 -45.76 -41.42 -1.38
N GLU B 138 -45.55 -40.82 -2.57
CA GLU B 138 -45.52 -41.48 -3.86
C GLU B 138 -46.92 -42.00 -4.15
N GLY B 139 -47.91 -41.23 -3.71
CA GLY B 139 -49.33 -41.58 -3.77
C GLY B 139 -49.69 -42.95 -3.21
N ARG B 140 -48.97 -43.40 -2.20
CA ARG B 140 -49.06 -44.73 -1.66
C ARG B 140 -48.89 -44.59 -0.15
N PRO B 141 -49.71 -45.25 0.65
CA PRO B 141 -49.59 -45.12 2.10
C PRO B 141 -48.62 -46.13 2.69
N TYR B 142 -48.07 -45.79 3.84
CA TYR B 142 -47.15 -46.66 4.53
C TYR B 142 -47.57 -46.84 5.98
N LEU B 143 -47.26 -48.01 6.52
CA LEU B 143 -47.34 -48.23 7.95
C LEU B 143 -46.11 -49.01 8.36
N PHE B 144 -45.43 -48.53 9.38
CA PHE B 144 -44.19 -49.13 9.88
C PHE B 144 -44.34 -49.39 11.36
N GLN B 145 -43.59 -50.36 11.87
CA GLN B 145 -43.54 -50.62 13.30
C GLN B 145 -42.10 -50.78 13.73
N SER B 146 -41.65 -49.96 14.66
CA SER B 146 -40.31 -50.05 15.21
C SER B 146 -40.37 -50.65 16.60
N ASP B 147 -39.35 -51.37 17.00
CA ASP B 147 -39.28 -52.06 18.27
CA ASP B 147 -39.35 -51.97 18.31
C ASP B 147 -38.12 -51.52 19.11
N PRO B 148 -38.08 -51.80 20.42
CA PRO B 148 -36.89 -51.44 21.20
C PRO B 148 -35.59 -52.08 20.77
N SER B 149 -35.61 -53.17 20.00
CA SER B 149 -34.37 -53.70 19.46
C SER B 149 -33.80 -52.81 18.37
N GLY B 150 -34.63 -51.98 17.76
CA GLY B 150 -34.22 -51.20 16.63
C GLY B 150 -34.58 -51.80 15.31
N ALA B 151 -35.26 -52.93 15.30
CA ALA B 151 -35.72 -53.52 14.05
C ALA B 151 -37.02 -52.87 13.62
N TYR B 152 -37.29 -52.92 12.33
CA TYR B 152 -38.52 -52.34 11.84
C TYR B 152 -39.16 -53.24 10.79
N PHE B 153 -40.50 -53.20 10.76
CA PHE B 153 -41.28 -54.03 9.87
C PHE B 153 -42.26 -53.14 9.13
N ALA B 154 -42.77 -53.63 8.01
CA ALA B 154 -43.81 -52.94 7.27
C ALA B 154 -45.10 -53.74 7.37
N TRP B 155 -46.16 -53.10 7.87
CA TRP B 155 -47.41 -53.79 8.13
C TRP B 155 -48.53 -53.25 7.27
N LYS B 156 -49.60 -54.03 7.15
CA LYS B 156 -50.87 -53.56 6.64
C LYS B 156 -51.86 -53.27 7.76
N ALA B 157 -51.83 -54.05 8.82
CA ALA B 157 -52.61 -53.79 10.03
C ALA B 157 -51.95 -54.54 11.17
N THR B 158 -51.86 -53.89 12.32
CA THR B 158 -51.14 -54.47 13.45
C THR B 158 -51.66 -53.88 14.74
N ALA B 159 -51.23 -54.47 15.85
CA ALA B 159 -51.66 -54.01 17.16
C ALA B 159 -50.54 -54.25 18.17
N MET B 160 -50.43 -53.35 19.13
CA MET B 160 -49.39 -53.41 20.13
C MET B 160 -49.93 -52.92 21.45
N GLY B 161 -49.24 -53.26 22.52
CA GLY B 161 -49.73 -52.96 23.85
C GLY B 161 -50.40 -54.16 24.50
N LYS B 162 -51.31 -53.84 25.43
CA LYS B 162 -52.07 -54.87 26.11
C LYS B 162 -52.95 -55.65 25.14
N ASN B 163 -52.86 -56.98 25.24
CA ASN B 163 -53.70 -57.93 24.51
C ASN B 163 -53.54 -57.78 23.01
N TYR B 164 -52.29 -57.62 22.57
CA TYR B 164 -52.03 -57.39 21.16
C TYR B 164 -52.16 -58.65 20.32
N VAL B 165 -52.06 -59.84 20.91
CA VAL B 165 -52.26 -61.07 20.15
C VAL B 165 -53.71 -61.19 19.69
N ASN B 166 -54.66 -60.87 20.58
CA ASN B 166 -56.07 -60.87 20.18
C ASN B 166 -56.39 -59.71 19.27
N GLY B 167 -55.68 -58.59 19.39
CA GLY B 167 -55.83 -57.52 18.44
C GLY B 167 -55.39 -57.92 17.04
N LYS B 168 -54.30 -58.68 16.94
CA LYS B 168 -53.84 -59.14 15.63
C LYS B 168 -54.79 -60.19 15.05
N THR B 169 -55.38 -61.04 15.90
CA THR B 169 -56.39 -61.95 15.39
C THR B 169 -57.64 -61.23 14.91
N PHE B 170 -58.06 -60.18 15.62
CA PHE B 170 -59.22 -59.42 15.17
C PHE B 170 -58.93 -58.64 13.90
N LEU B 171 -57.69 -58.18 13.73
CA LEU B 171 -57.35 -57.50 12.49
C LEU B 171 -57.25 -58.46 11.31
N GLU B 172 -56.70 -59.66 11.51
CA GLU B 172 -56.64 -60.58 10.39
C GLU B 172 -58.03 -61.12 10.04
N LYS B 173 -58.96 -61.11 10.99
CA LYS B 173 -60.34 -61.40 10.64
C LYS B 173 -60.97 -60.26 9.84
N ARG B 174 -60.75 -59.01 10.25
CA ARG B 174 -61.53 -57.90 9.72
C ARG B 174 -60.86 -57.12 8.60
N TYR B 175 -59.69 -57.51 8.13
CA TYR B 175 -58.98 -56.73 7.13
C TYR B 175 -59.37 -57.16 5.72
N ASN B 176 -59.58 -56.19 4.84
CA ASN B 176 -59.61 -56.40 3.41
C ASN B 176 -58.93 -55.22 2.75
N GLU B 177 -58.39 -55.44 1.55
CA GLU B 177 -57.51 -54.45 0.95
C GLU B 177 -58.26 -53.22 0.41
N ASP B 178 -59.52 -53.38 0.03
CA ASP B 178 -60.25 -52.27 -0.60
C ASP B 178 -60.85 -51.30 0.40
N LEU B 179 -60.42 -51.32 1.66
CA LEU B 179 -61.09 -50.54 2.70
C LEU B 179 -60.91 -49.04 2.49
N GLU B 180 -62.02 -48.32 2.55
CA GLU B 180 -61.99 -46.87 2.55
C GLU B 180 -61.65 -46.39 3.95
N LEU B 181 -61.12 -45.17 4.03
CA LEU B 181 -60.55 -44.66 5.28
C LEU B 181 -61.62 -44.49 6.35
N GLU B 182 -62.85 -44.09 5.97
CA GLU B 182 -63.93 -43.96 6.94
C GLU B 182 -64.34 -45.31 7.51
N ASP B 183 -64.20 -46.37 6.72
CA ASP B 183 -64.38 -47.70 7.30
C ASP B 183 -63.14 -48.16 8.04
N ALA B 184 -61.97 -47.65 7.66
CA ALA B 184 -60.73 -48.03 8.34
C ALA B 184 -60.68 -47.48 9.76
N ILE B 185 -61.25 -46.29 10.00
CA ILE B 185 -61.39 -45.82 11.38
C ILE B 185 -62.35 -46.72 12.15
N HIS B 186 -63.43 -47.14 11.49
CA HIS B 186 -64.48 -47.91 12.18
C HIS B 186 -63.95 -49.28 12.61
N THR B 187 -63.17 -49.92 11.76
CA THR B 187 -62.56 -51.20 12.13
C THR B 187 -61.53 -51.04 13.23
N ALA B 188 -60.82 -49.90 13.25
CA ALA B 188 -59.84 -49.67 14.30
C ALA B 188 -60.49 -49.44 15.66
N ILE B 189 -61.63 -48.73 15.68
CA ILE B 189 -62.34 -48.56 16.95
C ILE B 189 -62.94 -49.87 17.42
N LEU B 190 -63.43 -50.69 16.48
CA LEU B 190 -63.89 -52.02 16.86
C LEU B 190 -62.75 -52.91 17.35
N THR B 191 -61.53 -52.66 16.88
CA THR B 191 -60.39 -53.41 17.41
C THR B 191 -60.03 -52.96 18.81
N LEU B 192 -60.02 -51.65 19.06
CA LEU B 192 -59.71 -51.16 20.41
C LEU B 192 -60.82 -51.43 21.40
N LYS B 193 -62.04 -51.69 20.94
CA LYS B 193 -63.16 -51.98 21.83
C LYS B 193 -63.02 -53.34 22.52
N GLU B 194 -62.12 -54.20 22.03
CA GLU B 194 -61.97 -55.55 22.57
C GLU B 194 -61.47 -55.55 24.00
N SER B 195 -60.62 -54.59 24.36
CA SER B 195 -60.00 -54.59 25.68
C SER B 195 -60.06 -53.21 26.30
N PHE B 196 -61.15 -52.48 26.08
CA PHE B 196 -61.20 -51.13 26.62
C PHE B 196 -61.60 -51.14 28.09
N GLU B 197 -62.71 -51.81 28.41
CA GLU B 197 -63.21 -52.04 29.77
C GLU B 197 -63.48 -50.72 30.50
N GLY B 198 -64.65 -50.15 30.24
CA GLY B 198 -64.94 -48.86 30.85
C GLY B 198 -65.42 -47.68 30.04
N GLN B 199 -66.35 -47.91 29.09
CA GLN B 199 -67.24 -46.88 28.54
C GLN B 199 -66.48 -45.80 27.77
N MET B 200 -66.04 -46.15 26.56
CA MET B 200 -65.26 -45.25 25.72
C MET B 200 -65.99 -43.96 25.40
N THR B 201 -65.24 -42.86 25.45
CA THR B 201 -65.74 -41.50 25.25
C THR B 201 -64.90 -40.83 24.18
N GLU B 202 -65.21 -39.56 23.92
CA GLU B 202 -64.34 -38.76 23.07
C GLU B 202 -63.05 -38.37 23.77
N ASP B 203 -62.97 -38.53 25.09
CA ASP B 203 -61.79 -38.08 25.83
C ASP B 203 -60.81 -39.19 26.16
N ASN B 204 -61.17 -40.46 25.92
CA ASN B 204 -60.30 -41.57 26.34
C ASN B 204 -59.83 -42.43 25.18
N ILE B 205 -59.96 -41.96 23.94
CA ILE B 205 -59.23 -42.49 22.81
C ILE B 205 -58.65 -41.31 22.03
N GLU B 206 -57.74 -41.63 21.11
CA GLU B 206 -57.14 -40.61 20.27
C GLU B 206 -56.91 -41.23 18.90
N VAL B 207 -57.49 -40.63 17.87
CA VAL B 207 -57.46 -41.20 16.53
C VAL B 207 -56.81 -40.20 15.60
N GLY B 208 -55.81 -40.64 14.85
CA GLY B 208 -55.19 -39.82 13.83
C GLY B 208 -55.25 -40.52 12.49
N ILE B 209 -55.39 -39.73 11.42
CA ILE B 209 -55.41 -40.26 10.07
C ILE B 209 -54.40 -39.49 9.23
N CYS B 210 -53.95 -40.13 8.16
CA CYS B 210 -53.15 -39.47 7.13
C CYS B 210 -53.69 -39.87 5.77
N ASN B 211 -53.83 -38.89 4.88
CA ASN B 211 -54.36 -39.12 3.55
C ASN B 211 -53.69 -38.11 2.61
N GLU B 212 -54.34 -37.84 1.48
CA GLU B 212 -53.81 -36.83 0.56
C GLU B 212 -53.82 -35.45 1.18
N ALA B 213 -54.74 -35.19 2.11
CA ALA B 213 -54.81 -33.87 2.74
C ALA B 213 -53.66 -33.61 3.70
N GLY B 214 -53.08 -34.65 4.27
CA GLY B 214 -52.01 -34.51 5.23
C GLY B 214 -52.29 -35.33 6.45
N PHE B 215 -51.52 -35.09 7.51
CA PHE B 215 -51.73 -35.76 8.78
C PHE B 215 -52.42 -34.80 9.74
N ARG B 216 -53.40 -35.32 10.46
CA ARG B 216 -54.07 -34.52 11.49
C ARG B 216 -54.69 -35.44 12.53
N ARG B 217 -54.70 -34.97 13.77
CA ARG B 217 -55.53 -35.59 14.78
C ARG B 217 -56.98 -35.21 14.54
N LEU B 218 -57.88 -36.09 14.93
CA LEU B 218 -59.30 -35.79 14.85
C LEU B 218 -59.72 -35.10 16.14
N THR B 219 -60.46 -33.99 15.99
CA THR B 219 -60.96 -33.25 17.13
C THR B 219 -62.00 -34.09 17.87
N PRO B 220 -62.12 -33.92 19.20
CA PRO B 220 -63.02 -34.78 19.99
C PRO B 220 -64.48 -34.76 19.57
N THR B 221 -64.97 -33.70 18.93
CA THR B 221 -66.32 -33.76 18.37
C THR B 221 -66.39 -34.72 17.17
N GLU B 222 -65.32 -34.76 16.35
CA GLU B 222 -65.27 -35.75 15.27
C GLU B 222 -65.03 -37.15 15.81
N VAL B 223 -64.38 -37.28 16.96
CA VAL B 223 -64.28 -38.56 17.64
C VAL B 223 -65.64 -39.03 18.10
N LYS B 224 -66.41 -38.13 18.72
CA LYS B 224 -67.76 -38.44 19.18
C LYS B 224 -68.70 -38.74 18.02
N ASP B 225 -68.42 -38.20 16.83
CA ASP B 225 -69.22 -38.52 15.65
C ASP B 225 -69.12 -39.99 15.28
N TYR B 226 -67.91 -40.55 15.28
CA TYR B 226 -67.77 -41.97 15.01
C TYR B 226 -68.18 -42.82 16.21
N LEU B 227 -67.88 -42.37 17.43
CA LEU B 227 -68.17 -43.17 18.60
C LEU B 227 -69.64 -43.15 18.98
N ALA B 228 -70.43 -42.24 18.42
CA ALA B 228 -71.88 -42.34 18.57
C ALA B 228 -72.42 -43.58 17.85
N ALA B 229 -71.78 -43.95 16.74
CA ALA B 229 -72.11 -45.21 16.08
C ALA B 229 -71.58 -46.42 16.83
N ILE B 230 -70.64 -46.22 17.77
CA ILE B 230 -70.10 -47.30 18.58
C ILE B 230 -70.30 -47.03 20.07
N SER C 1 -18.81 -47.55 37.33
CA SER C 1 -18.64 -48.28 38.56
C SER C 1 -18.28 -49.70 38.21
N ARG C 2 -17.92 -50.49 39.22
CA ARG C 2 -17.34 -51.80 39.00
C ARG C 2 -18.24 -52.95 39.38
N ARG C 3 -19.31 -52.71 40.14
CA ARG C 3 -20.25 -53.78 40.40
C ARG C 3 -21.02 -54.16 39.15
N TYR C 4 -21.28 -53.21 38.25
CA TYR C 4 -22.20 -53.42 37.15
C TYR C 4 -21.52 -53.80 35.85
N ASP C 5 -20.20 -53.63 35.77
CA ASP C 5 -19.44 -53.86 34.55
C ASP C 5 -19.45 -55.35 34.25
N SER C 6 -20.09 -55.74 33.15
CA SER C 6 -20.23 -57.16 32.84
C SER C 6 -19.00 -57.75 32.18
N ARG C 7 -18.08 -56.90 31.71
CA ARG C 7 -16.79 -57.29 31.13
C ARG C 7 -17.00 -58.21 29.93
N THR C 8 -17.60 -57.63 28.90
CA THR C 8 -17.84 -58.32 27.65
C THR C 8 -16.57 -58.53 26.84
N THR C 9 -15.48 -57.84 27.17
CA THR C 9 -14.26 -57.87 26.37
C THR C 9 -13.09 -58.52 27.11
N ILE C 10 -13.37 -59.51 27.97
CA ILE C 10 -12.30 -60.22 28.65
C ILE C 10 -12.31 -61.67 28.21
N PHE C 11 -11.21 -62.35 28.50
CA PHE C 11 -11.08 -63.78 28.20
C PHE C 11 -11.80 -64.64 29.22
N SER C 12 -12.04 -65.88 28.81
CA SER C 12 -12.61 -66.94 29.62
C SER C 12 -11.56 -67.52 30.54
N PRO C 13 -11.89 -68.49 31.39
CA PRO C 13 -10.84 -69.36 31.96
C PRO C 13 -10.14 -70.27 30.95
N GLU C 14 -10.60 -70.34 29.70
CA GLU C 14 -9.98 -71.20 28.69
C GLU C 14 -9.45 -70.44 27.49
N GLY C 15 -9.50 -69.11 27.51
CA GLY C 15 -9.10 -68.36 26.35
C GLY C 15 -10.19 -68.15 25.33
N ARG C 16 -11.43 -68.01 25.79
CA ARG C 16 -12.59 -67.78 24.94
C ARG C 16 -13.18 -66.41 25.25
N LEU C 17 -13.98 -65.90 24.34
CA LEU C 17 -14.72 -64.68 24.55
C LEU C 17 -16.19 -65.05 24.53
N TYR C 18 -16.83 -65.06 25.71
CA TYR C 18 -18.17 -65.62 25.86
C TYR C 18 -19.21 -64.86 25.06
N GLN C 19 -19.06 -63.55 24.95
CA GLN C 19 -20.02 -62.80 24.14
C GLN C 19 -19.87 -63.10 22.66
N VAL C 20 -18.65 -63.39 22.20
CA VAL C 20 -18.46 -63.74 20.79
C VAL C 20 -19.04 -65.13 20.51
N GLU C 21 -19.00 -66.03 21.50
CA GLU C 21 -19.61 -67.34 21.32
C GLU C 21 -21.13 -67.25 21.41
N TYR C 22 -21.63 -66.39 22.28
CA TYR C 22 -23.07 -66.28 22.44
C TYR C 22 -23.69 -65.57 21.24
N ALA C 23 -22.92 -64.70 20.58
CA ALA C 23 -23.35 -64.14 19.31
C ALA C 23 -23.55 -65.24 18.28
N MET C 24 -22.63 -66.21 18.22
CA MET C 24 -22.78 -67.30 17.28
CA MET C 24 -22.77 -67.33 17.29
C MET C 24 -23.94 -68.21 17.64
N GLU C 25 -24.23 -68.36 18.94
CA GLU C 25 -25.44 -69.08 19.33
C GLU C 25 -26.70 -68.34 18.90
N ALA C 26 -26.66 -67.01 18.89
CA ALA C 26 -27.78 -66.23 18.36
C ALA C 26 -27.90 -66.38 16.85
N ILE C 27 -26.76 -66.55 16.16
CA ILE C 27 -26.77 -66.74 14.72
C ILE C 27 -27.35 -68.09 14.35
N GLY C 28 -27.10 -69.11 15.18
CA GLY C 28 -27.59 -70.46 14.94
C GLY C 28 -29.11 -70.60 14.84
N HIS C 29 -29.86 -69.63 15.36
CA HIS C 29 -31.31 -69.61 15.22
C HIS C 29 -31.79 -68.73 14.09
N ALA C 30 -30.89 -67.99 13.44
CA ALA C 30 -31.28 -67.08 12.37
C ALA C 30 -31.69 -67.84 11.12
N GLY C 31 -32.14 -67.08 10.11
CA GLY C 31 -32.72 -67.69 8.93
C GLY C 31 -31.68 -68.41 8.09
N THR C 32 -32.09 -69.56 7.54
CA THR C 32 -31.25 -70.33 6.63
C THR C 32 -30.98 -69.52 5.38
N CYS C 33 -29.70 -69.30 5.07
CA CYS C 33 -29.30 -68.41 3.99
C CYS C 33 -28.09 -69.02 3.31
N LEU C 34 -28.24 -69.43 2.05
CA LEU C 34 -27.12 -70.01 1.32
C LEU C 34 -26.89 -69.28 0.02
N GLY C 35 -25.65 -69.35 -0.44
CA GLY C 35 -25.23 -68.74 -1.68
C GLY C 35 -24.26 -69.64 -2.41
N ILE C 36 -24.44 -69.76 -3.72
CA ILE C 36 -23.70 -70.71 -4.54
C ILE C 36 -23.01 -69.96 -5.66
N LEU C 37 -21.69 -70.14 -5.77
CA LEU C 37 -20.91 -69.51 -6.81
C LEU C 37 -20.88 -70.39 -8.05
N ALA C 38 -21.21 -69.81 -9.19
CA ALA C 38 -21.28 -70.53 -10.45
C ALA C 38 -20.33 -69.87 -11.45
N ASN C 39 -20.38 -70.33 -12.69
CA ASN C 39 -19.48 -69.80 -13.71
C ASN C 39 -19.89 -68.39 -14.13
N ASP C 40 -21.15 -68.22 -14.50
CA ASP C 40 -21.64 -66.97 -15.05
C ASP C 40 -22.39 -66.12 -14.03
N GLY C 41 -22.30 -66.45 -12.76
CA GLY C 41 -22.91 -65.61 -11.75
C GLY C 41 -22.89 -66.26 -10.38
N VAL C 42 -23.46 -65.53 -9.42
CA VAL C 42 -23.62 -66.00 -8.06
C VAL C 42 -25.08 -65.79 -7.68
N LEU C 43 -25.63 -66.70 -6.90
CA LEU C 43 -26.93 -66.47 -6.33
C LEU C 43 -26.83 -66.38 -4.82
N LEU C 44 -27.95 -65.95 -4.23
CA LEU C 44 -28.20 -66.11 -2.81
C LEU C 44 -29.61 -66.64 -2.65
N ALA C 45 -29.78 -67.58 -1.72
CA ALA C 45 -31.08 -68.19 -1.48
C ALA C 45 -31.28 -68.25 0.03
N ALA C 46 -32.30 -67.55 0.51
CA ALA C 46 -32.48 -67.35 1.93
C ALA C 46 -33.92 -67.67 2.30
N GLU C 47 -34.12 -68.02 3.57
CA GLU C 47 -35.46 -68.10 4.13
C GLU C 47 -35.91 -66.74 4.65
N ARG C 48 -37.08 -66.29 4.21
CA ARG C 48 -37.68 -65.09 4.78
C ARG C 48 -38.32 -65.43 6.13
N ARG C 49 -38.14 -64.53 7.08
CA ARG C 49 -38.84 -64.62 8.37
C ARG C 49 -40.14 -63.84 8.37
N ASN C 50 -40.30 -62.89 7.46
CA ASN C 50 -41.53 -62.11 7.33
C ASN C 50 -42.57 -62.99 6.66
N ILE C 51 -43.25 -63.82 7.47
CA ILE C 51 -44.12 -64.87 6.95
C ILE C 51 -45.53 -64.78 7.52
N HIS C 52 -45.80 -63.76 8.32
CA HIS C 52 -47.17 -63.56 8.75
C HIS C 52 -47.97 -62.96 7.59
N LYS C 53 -49.29 -63.13 7.66
CA LYS C 53 -50.25 -62.63 6.67
C LYS C 53 -50.16 -61.13 6.46
N LEU C 54 -50.31 -60.36 7.54
CA LEU C 54 -50.61 -58.92 7.46
C LEU C 54 -49.47 -58.02 7.03
N LEU C 55 -48.35 -58.56 6.54
CA LEU C 55 -47.22 -57.74 6.19
C LEU C 55 -47.45 -57.02 4.86
N ASP C 56 -46.64 -55.99 4.63
CA ASP C 56 -46.95 -55.01 3.59
C ASP C 56 -46.21 -55.29 2.29
N GLU C 57 -45.00 -55.87 2.37
CA GLU C 57 -44.08 -56.08 1.25
C GLU C 57 -43.74 -54.74 0.57
N VAL C 58 -43.07 -53.88 1.35
CA VAL C 58 -42.78 -52.52 0.92
C VAL C 58 -41.52 -52.45 0.08
N PHE C 59 -40.46 -53.07 0.53
CA PHE C 59 -39.18 -52.94 -0.14
C PHE C 59 -39.06 -53.99 -1.22
N PHE C 60 -38.05 -53.84 -2.08
CA PHE C 60 -37.77 -54.90 -3.03
C PHE C 60 -37.03 -56.05 -2.38
N SER C 61 -36.50 -55.85 -1.18
CA SER C 61 -35.74 -56.88 -0.51
C SER C 61 -36.00 -56.82 0.99
N GLU C 62 -35.76 -57.95 1.65
CA GLU C 62 -35.82 -58.01 3.11
C GLU C 62 -34.45 -58.12 3.73
N LYS C 63 -33.62 -59.03 3.22
CA LYS C 63 -32.31 -59.30 3.79
C LYS C 63 -31.19 -59.14 2.78
N ILE C 64 -31.51 -58.83 1.54
CA ILE C 64 -30.51 -58.58 0.50
C ILE C 64 -30.25 -57.09 0.47
N TYR C 65 -28.99 -56.70 0.55
CA TYR C 65 -28.59 -55.30 0.62
C TYR C 65 -27.58 -55.00 -0.47
N LYS C 66 -27.94 -54.11 -1.38
CA LYS C 66 -26.97 -53.65 -2.36
C LYS C 66 -25.95 -52.75 -1.66
N LEU C 67 -24.67 -53.01 -1.89
CA LEU C 67 -23.63 -52.24 -1.23
C LEU C 67 -22.96 -51.22 -2.13
N ASN C 68 -22.83 -51.52 -3.41
CA ASN C 68 -22.48 -50.56 -4.44
C ASN C 68 -23.06 -51.10 -5.74
N GLU C 69 -22.56 -50.61 -6.88
CA GLU C 69 -23.07 -51.09 -8.15
C GLU C 69 -22.63 -52.52 -8.43
N ASP C 70 -21.58 -53.01 -7.77
CA ASP C 70 -20.99 -54.30 -8.11
C ASP C 70 -21.17 -55.38 -7.05
N MET C 71 -21.76 -55.09 -5.90
CA MET C 71 -21.80 -56.06 -4.82
C MET C 71 -23.17 -56.07 -4.16
N ALA C 72 -23.49 -57.18 -3.51
CA ALA C 72 -24.68 -57.31 -2.70
C ALA C 72 -24.31 -58.10 -1.46
N CYS C 73 -25.17 -58.09 -0.46
CA CYS C 73 -24.89 -58.88 0.72
C CYS C 73 -26.18 -59.35 1.35
N SER C 74 -26.07 -60.46 2.06
CA SER C 74 -27.14 -60.98 2.89
C SER C 74 -26.70 -60.89 4.33
N VAL C 75 -27.64 -61.02 5.26
CA VAL C 75 -27.35 -60.97 6.69
C VAL C 75 -28.14 -62.07 7.37
N ALA C 76 -27.75 -62.35 8.62
CA ALA C 76 -28.49 -63.25 9.49
C ALA C 76 -28.03 -63.00 10.92
N GLY C 77 -28.97 -62.85 11.83
CA GLY C 77 -28.65 -62.48 13.18
C GLY C 77 -29.65 -61.46 13.68
N ILE C 78 -29.20 -60.48 14.43
CA ILE C 78 -30.08 -59.39 14.82
C ILE C 78 -30.29 -58.50 13.60
N THR C 79 -31.52 -58.02 13.41
CA THR C 79 -31.80 -57.19 12.24
C THR C 79 -31.12 -55.82 12.36
N SER C 80 -31.08 -55.27 13.57
CA SER C 80 -30.62 -53.89 13.75
C SER C 80 -29.10 -53.78 13.63
N ASP C 81 -28.38 -54.76 14.21
CA ASP C 81 -26.92 -54.82 14.05
C ASP C 81 -26.55 -54.95 12.59
N ALA C 82 -27.34 -55.74 11.85
CA ALA C 82 -27.14 -55.88 10.41
C ALA C 82 -27.35 -54.56 9.69
N ASN C 83 -28.35 -53.77 10.11
CA ASN C 83 -28.59 -52.48 9.47
C ASN C 83 -27.42 -51.52 9.70
N VAL C 84 -26.87 -51.54 10.92
CA VAL C 84 -25.76 -50.65 11.25
C VAL C 84 -24.51 -51.04 10.45
N LEU C 85 -24.24 -52.34 10.37
CA LEU C 85 -23.05 -52.78 9.66
C LEU C 85 -23.16 -52.57 8.16
N THR C 86 -24.35 -52.76 7.58
CA THR C 86 -24.43 -52.51 6.15
C THR C 86 -24.42 -51.02 5.82
N ASN C 87 -24.82 -50.16 6.77
CA ASN C 87 -24.59 -48.74 6.55
C ASN C 87 -23.10 -48.42 6.57
N GLU C 88 -22.35 -49.09 7.46
CA GLU C 88 -20.90 -48.93 7.45
C GLU C 88 -20.27 -49.48 6.17
N LEU C 89 -20.82 -50.59 5.66
CA LEU C 89 -20.33 -51.18 4.42
C LEU C 89 -20.50 -50.23 3.24
N ARG C 90 -21.66 -49.57 3.17
CA ARG C 90 -21.88 -48.61 2.11
C ARG C 90 -20.97 -47.40 2.25
N LEU C 91 -20.71 -46.95 3.48
CA LEU C 91 -19.78 -45.83 3.66
C LEU C 91 -18.36 -46.19 3.25
N ILE C 92 -17.91 -47.40 3.55
CA ILE C 92 -16.55 -47.83 3.15
C ILE C 92 -16.44 -47.91 1.63
N ALA C 93 -17.42 -48.54 0.99
CA ALA C 93 -17.37 -48.71 -0.46
C ALA C 93 -17.44 -47.38 -1.19
N GLN C 94 -18.21 -46.43 -0.66
CA GLN C 94 -18.23 -45.13 -1.31
C GLN C 94 -17.06 -44.24 -0.94
N ARG C 95 -16.39 -44.47 0.20
CA ARG C 95 -15.13 -43.78 0.44
C ARG C 95 -14.06 -44.24 -0.53
N TYR C 96 -14.06 -45.54 -0.86
CA TYR C 96 -13.09 -46.04 -1.83
C TYR C 96 -13.38 -45.51 -3.22
N LEU C 97 -14.65 -45.57 -3.64
CA LEU C 97 -15.01 -45.08 -4.96
C LEU C 97 -14.84 -43.57 -5.07
N LEU C 98 -14.97 -42.85 -3.94
CA LEU C 98 -14.55 -41.45 -3.89
C LEU C 98 -13.06 -41.30 -4.16
N GLN C 99 -12.25 -42.10 -3.46
CA GLN C 99 -10.82 -41.81 -3.41
C GLN C 99 -10.07 -42.28 -4.66
N TYR C 100 -10.50 -43.35 -5.31
CA TYR C 100 -9.75 -43.89 -6.43
C TYR C 100 -10.47 -43.85 -7.77
N GLN C 101 -11.75 -43.44 -7.80
CA GLN C 101 -12.58 -43.37 -9.03
C GLN C 101 -12.66 -44.71 -9.75
N GLU C 102 -12.63 -45.80 -9.00
CA GLU C 102 -12.93 -47.13 -9.52
C GLU C 102 -13.60 -47.91 -8.41
N PRO C 103 -14.47 -48.86 -8.75
CA PRO C 103 -15.19 -49.59 -7.70
C PRO C 103 -14.27 -50.51 -6.90
N ILE C 104 -14.66 -50.74 -5.66
CA ILE C 104 -13.77 -51.36 -4.67
C ILE C 104 -13.64 -52.86 -4.96
N PRO C 105 -12.45 -53.44 -4.80
CA PRO C 105 -12.34 -54.90 -4.86
C PRO C 105 -13.07 -55.54 -3.69
N CYS C 106 -13.61 -56.73 -3.94
CA CYS C 106 -14.63 -57.30 -3.08
C CYS C 106 -14.08 -57.75 -1.75
N GLU C 107 -12.77 -57.95 -1.64
CA GLU C 107 -12.22 -58.45 -0.39
C GLU C 107 -11.88 -57.33 0.58
N GLN C 108 -11.59 -56.14 0.06
CA GLN C 108 -11.22 -55.01 0.91
C GLN C 108 -12.39 -54.57 1.79
N LEU C 109 -13.60 -54.65 1.25
CA LEU C 109 -14.80 -54.32 2.00
C LEU C 109 -15.01 -55.31 3.14
N VAL C 110 -14.77 -56.58 2.88
CA VAL C 110 -15.00 -57.61 3.90
C VAL C 110 -13.95 -57.54 5.00
N THR C 111 -12.69 -57.31 4.63
CA THR C 111 -11.68 -57.19 5.68
C THR C 111 -11.82 -55.88 6.46
N ALA C 112 -12.35 -54.82 5.83
CA ALA C 112 -12.61 -53.60 6.57
C ALA C 112 -13.73 -53.79 7.59
N LEU C 113 -14.80 -54.49 7.20
CA LEU C 113 -15.88 -54.71 8.16
C LEU C 113 -15.45 -55.70 9.23
N CYS C 114 -14.60 -56.66 8.89
CA CYS C 114 -14.09 -57.52 9.94
C CYS C 114 -13.08 -56.82 10.83
N ASP C 115 -12.45 -55.75 10.36
CA ASP C 115 -11.68 -54.88 11.26
C ASP C 115 -12.62 -54.20 12.25
N ILE C 116 -13.75 -53.70 11.76
CA ILE C 116 -14.70 -53.01 12.63
C ILE C 116 -15.33 -53.98 13.65
N LYS C 117 -15.69 -55.17 13.19
CA LYS C 117 -16.23 -56.18 14.10
C LYS C 117 -15.17 -56.73 15.04
N GLN C 118 -13.90 -56.71 14.65
CA GLN C 118 -12.85 -57.20 15.53
C GLN C 118 -12.53 -56.20 16.61
N ALA C 119 -12.65 -54.91 16.30
CA ALA C 119 -12.34 -53.88 17.28
C ALA C 119 -13.30 -53.92 18.47
N TYR C 120 -14.56 -54.25 18.24
CA TYR C 120 -15.49 -54.23 19.36
C TYR C 120 -15.41 -55.49 20.22
N THR C 121 -14.70 -56.52 19.77
CA THR C 121 -14.52 -57.69 20.60
C THR C 121 -13.36 -57.55 21.57
N GLN C 122 -12.52 -56.55 21.38
CA GLN C 122 -11.29 -56.42 22.15
C GLN C 122 -11.36 -55.32 23.19
N PHE C 123 -11.85 -54.15 22.82
CA PHE C 123 -11.85 -53.00 23.72
C PHE C 123 -13.14 -52.23 23.56
N GLY C 124 -13.26 -51.18 24.36
CA GLY C 124 -14.43 -50.33 24.36
C GLY C 124 -15.51 -50.77 25.31
N GLY C 125 -15.56 -52.05 25.66
CA GLY C 125 -16.51 -52.55 26.63
C GLY C 125 -17.94 -52.59 26.15
N LYS C 126 -18.17 -52.60 24.86
CA LYS C 126 -19.52 -52.74 24.34
C LYS C 126 -19.87 -54.22 24.19
N ARG C 127 -21.10 -54.48 23.76
CA ARG C 127 -21.41 -55.82 23.28
C ARG C 127 -21.00 -55.94 21.81
N PRO C 128 -20.67 -57.14 21.35
CA PRO C 128 -20.32 -57.30 19.94
C PRO C 128 -21.56 -57.51 19.08
N PHE C 129 -21.42 -57.16 17.80
CA PHE C 129 -22.50 -57.38 16.84
C PHE C 129 -22.71 -58.87 16.65
N GLY C 130 -23.96 -59.32 16.77
CA GLY C 130 -24.25 -60.72 16.56
C GLY C 130 -24.79 -61.12 15.19
N VAL C 131 -24.07 -60.85 14.10
CA VAL C 131 -24.58 -61.12 12.76
C VAL C 131 -23.55 -61.83 11.89
N SER C 132 -24.01 -62.75 11.05
CA SER C 132 -23.24 -63.24 9.92
C SER C 132 -23.65 -62.50 8.66
N LEU C 133 -22.73 -62.36 7.74
CA LEU C 133 -23.01 -61.71 6.47
C LEU C 133 -22.43 -62.55 5.35
N LEU C 134 -23.24 -62.82 4.35
CA LEU C 134 -22.76 -63.46 3.13
C LEU C 134 -22.57 -62.39 2.08
N TYR C 135 -21.51 -62.51 1.31
CA TYR C 135 -21.00 -61.44 0.47
C TYR C 135 -20.88 -61.94 -0.95
N ILE C 136 -21.66 -61.39 -1.85
CA ILE C 136 -21.47 -61.67 -3.26
C ILE C 136 -21.03 -60.38 -3.93
N GLY C 137 -20.35 -60.52 -5.06
CA GLY C 137 -19.92 -59.35 -5.76
C GLY C 137 -19.00 -59.69 -6.91
N TRP C 138 -19.02 -58.83 -7.90
CA TRP C 138 -18.20 -58.96 -9.09
C TRP C 138 -17.17 -57.83 -9.11
N ASP C 139 -15.98 -58.15 -9.60
CA ASP C 139 -14.99 -57.13 -9.92
C ASP C 139 -14.21 -57.58 -11.14
N LYS C 140 -13.33 -56.72 -11.63
CA LYS C 140 -12.54 -57.07 -12.80
C LYS C 140 -11.30 -57.88 -12.45
N HIS C 141 -11.00 -58.08 -11.18
CA HIS C 141 -9.81 -58.85 -10.80
C HIS C 141 -10.07 -60.35 -10.76
N TYR C 142 -11.11 -60.78 -10.05
CA TYR C 142 -11.36 -62.20 -9.92
C TYR C 142 -12.78 -62.57 -10.31
N GLY C 143 -13.56 -61.62 -10.79
CA GLY C 143 -14.89 -61.93 -11.25
C GLY C 143 -15.83 -62.22 -10.10
N PHE C 144 -16.68 -63.22 -10.30
CA PHE C 144 -17.71 -63.56 -9.34
C PHE C 144 -17.10 -64.25 -8.12
N GLN C 145 -17.47 -63.78 -6.93
CA GLN C 145 -16.87 -64.26 -5.69
C GLN C 145 -17.95 -64.56 -4.67
N LEU C 146 -17.51 -65.09 -3.54
CA LEU C 146 -18.37 -65.33 -2.39
C LEU C 146 -17.54 -65.22 -1.12
N TYR C 147 -18.11 -64.62 -0.07
CA TYR C 147 -17.48 -64.61 1.25
C TYR C 147 -18.51 -64.92 2.33
N GLN C 148 -17.99 -65.24 3.51
CA GLN C 148 -18.79 -65.42 4.72
C GLN C 148 -18.04 -64.80 5.89
N SER C 149 -18.72 -63.98 6.69
CA SER C 149 -18.13 -63.34 7.85
C SER C 149 -18.92 -63.70 9.10
N ASP C 150 -18.28 -63.52 10.24
CA ASP C 150 -18.84 -63.92 11.53
C ASP C 150 -18.61 -62.78 12.53
N PRO C 151 -19.12 -62.84 13.78
CA PRO C 151 -18.81 -61.76 14.73
C PRO C 151 -17.36 -61.71 15.19
N SER C 152 -16.58 -62.77 15.01
CA SER C 152 -15.20 -62.73 15.47
C SER C 152 -14.29 -61.95 14.52
N GLY C 153 -14.72 -61.72 13.29
CA GLY C 153 -13.89 -61.03 12.32
C GLY C 153 -13.17 -61.93 11.35
N ASN C 154 -13.64 -63.15 11.15
CA ASN C 154 -13.05 -64.09 10.21
C ASN C 154 -13.75 -63.96 8.86
N TYR C 155 -13.04 -64.34 7.80
CA TYR C 155 -13.65 -64.39 6.49
C TYR C 155 -12.95 -65.45 5.66
N GLY C 156 -13.67 -65.97 4.67
CA GLY C 156 -13.09 -66.94 3.76
C GLY C 156 -13.85 -66.90 2.44
N GLY C 157 -13.18 -67.37 1.39
CA GLY C 157 -13.78 -67.46 0.07
C GLY C 157 -14.34 -68.86 -0.15
N TRP C 158 -15.52 -68.92 -0.74
CA TRP C 158 -16.28 -70.15 -0.83
C TRP C 158 -16.87 -70.24 -2.22
N LYS C 159 -17.23 -71.46 -2.62
CA LYS C 159 -18.02 -71.61 -3.84
C LYS C 159 -19.47 -71.97 -3.56
N ALA C 160 -19.74 -72.55 -2.39
CA ALA C 160 -21.08 -72.67 -1.87
C ALA C 160 -20.99 -72.88 -0.37
N THR C 161 -21.87 -72.21 0.36
CA THR C 161 -21.89 -72.31 1.81
C THR C 161 -23.29 -71.91 2.29
N CYS C 162 -23.57 -72.18 3.57
CA CYS C 162 -24.88 -71.89 4.13
C CYS C 162 -24.74 -71.52 5.60
N ILE C 163 -25.44 -70.47 6.00
CA ILE C 163 -25.44 -69.98 7.37
C ILE C 163 -26.85 -70.10 7.93
N GLY C 164 -27.00 -69.70 9.19
CA GLY C 164 -28.32 -69.64 9.79
C GLY C 164 -28.79 -70.97 10.31
N ASN C 165 -30.11 -71.17 10.31
CA ASN C 165 -30.70 -72.41 10.79
C ASN C 165 -30.34 -73.55 9.86
N ASN C 166 -30.04 -74.72 10.46
CA ASN C 166 -29.74 -75.97 9.76
C ASN C 166 -28.55 -75.81 8.81
N SER C 167 -27.51 -75.14 9.31
CA SER C 167 -26.38 -74.76 8.47
C SER C 167 -25.61 -75.99 7.99
N ALA C 168 -25.24 -76.88 8.91
CA ALA C 168 -24.36 -78.00 8.60
C ALA C 168 -25.04 -79.02 7.69
N ALA C 169 -26.35 -79.22 7.86
CA ALA C 169 -27.08 -80.16 7.00
C ALA C 169 -27.21 -79.64 5.58
N ALA C 170 -27.30 -78.31 5.41
CA ALA C 170 -27.34 -77.74 4.07
C ALA C 170 -25.97 -77.81 3.39
N VAL C 171 -24.92 -77.44 4.13
CA VAL C 171 -23.55 -77.53 3.59
C VAL C 171 -23.15 -78.98 3.32
N SER C 172 -23.76 -79.95 4.03
CA SER C 172 -23.50 -81.35 3.73
C SER C 172 -24.04 -81.76 2.37
N MET C 173 -25.22 -81.27 2.00
CA MET C 173 -25.74 -81.50 0.66
C MET C 173 -24.95 -80.72 -0.39
N LEU C 174 -24.49 -79.52 -0.01
CA LEU C 174 -23.74 -78.69 -0.96
C LEU C 174 -22.38 -79.29 -1.28
N LYS C 175 -21.77 -79.96 -0.31
CA LYS C 175 -20.57 -80.76 -0.58
C LYS C 175 -20.87 -81.88 -1.56
N GLN C 176 -22.07 -82.44 -1.48
CA GLN C 176 -22.42 -83.59 -2.30
C GLN C 176 -22.63 -83.19 -3.75
N ASP C 177 -23.42 -82.15 -4.00
CA ASP C 177 -24.01 -81.95 -5.31
C ASP C 177 -23.33 -80.86 -6.13
N TYR C 178 -22.30 -80.19 -5.59
CA TYR C 178 -21.72 -79.06 -6.30
C TYR C 178 -20.82 -79.53 -7.43
N LYS C 179 -21.16 -79.15 -8.66
CA LYS C 179 -20.37 -79.48 -9.85
C LYS C 179 -19.37 -78.34 -10.06
N GLU C 180 -18.14 -78.56 -9.60
CA GLU C 180 -17.15 -77.51 -9.53
C GLU C 180 -16.69 -77.05 -10.91
N GLY C 181 -17.05 -75.81 -11.27
CA GLY C 181 -16.68 -75.25 -12.55
C GLY C 181 -17.67 -75.45 -13.67
N GLU C 182 -18.79 -76.10 -13.41
CA GLU C 182 -19.77 -76.39 -14.46
C GLU C 182 -21.15 -75.82 -14.19
N MET C 183 -21.36 -75.19 -13.04
CA MET C 183 -22.70 -74.75 -12.66
C MET C 183 -23.08 -73.50 -13.45
N THR C 184 -24.30 -73.50 -13.97
CA THR C 184 -24.85 -72.34 -14.65
C THR C 184 -25.62 -71.50 -13.64
N LEU C 185 -26.33 -70.50 -14.13
CA LEU C 185 -27.36 -69.91 -13.29
C LEU C 185 -28.50 -70.88 -13.05
N LYS C 186 -28.98 -71.56 -14.11
CA LYS C 186 -30.19 -72.37 -13.99
C LYS C 186 -29.98 -73.62 -13.15
N SER C 187 -28.83 -74.28 -13.28
CA SER C 187 -28.55 -75.45 -12.47
C SER C 187 -28.30 -75.08 -11.01
N ALA C 188 -27.73 -73.89 -10.78
CA ALA C 188 -27.56 -73.43 -9.42
C ALA C 188 -28.89 -73.05 -8.78
N LEU C 189 -29.80 -72.42 -9.55
CA LEU C 189 -31.14 -72.15 -9.05
C LEU C 189 -31.90 -73.44 -8.75
N ALA C 190 -31.66 -74.49 -9.55
CA ALA C 190 -32.25 -75.79 -9.25
C ALA C 190 -31.69 -76.36 -7.95
N LEU C 191 -30.36 -76.26 -7.78
CA LEU C 191 -29.70 -76.86 -6.63
C LEU C 191 -30.05 -76.14 -5.33
N ALA C 192 -30.14 -74.81 -5.38
CA ALA C 192 -30.40 -74.05 -4.16
C ALA C 192 -31.79 -74.33 -3.63
N ILE C 193 -32.80 -74.36 -4.49
CA ILE C 193 -34.15 -74.68 -4.02
C ILE C 193 -34.29 -76.17 -3.74
N LYS C 194 -33.46 -77.01 -4.37
CA LYS C 194 -33.36 -78.41 -3.96
C LYS C 194 -32.96 -78.54 -2.50
N VAL C 195 -32.00 -77.73 -2.06
CA VAL C 195 -31.58 -77.78 -0.66
C VAL C 195 -32.59 -77.06 0.24
N LEU C 196 -33.16 -75.94 -0.23
CA LEU C 196 -34.11 -75.19 0.58
C LEU C 196 -35.43 -75.92 0.78
N ASN C 197 -35.79 -76.84 -0.12
CA ASN C 197 -36.91 -77.73 0.16
C ASN C 197 -36.55 -78.74 1.25
N LYS C 198 -35.26 -78.96 1.50
CA LYS C 198 -34.81 -79.91 2.50
C LYS C 198 -34.53 -79.26 3.84
N THR C 199 -34.41 -77.93 3.90
CA THR C 199 -34.14 -77.29 5.19
C THR C 199 -35.31 -76.49 5.77
N MET C 200 -36.32 -76.15 4.98
CA MET C 200 -37.45 -75.35 5.50
C MET C 200 -38.50 -76.34 6.01
N ASP C 201 -38.29 -76.80 7.25
CA ASP C 201 -39.20 -77.78 7.84
C ASP C 201 -40.37 -77.14 8.57
N VAL C 202 -40.38 -75.82 8.74
CA VAL C 202 -41.54 -75.12 9.29
C VAL C 202 -42.40 -74.64 8.11
N SER C 203 -43.67 -75.06 8.11
CA SER C 203 -44.73 -74.70 7.15
C SER C 203 -44.35 -75.05 5.72
N LYS C 204 -44.32 -76.35 5.41
CA LYS C 204 -43.82 -76.91 4.14
C LYS C 204 -44.28 -76.17 2.90
N LEU C 205 -43.30 -75.87 2.05
CA LEU C 205 -43.11 -74.63 1.31
C LEU C 205 -44.37 -74.06 0.66
N SER C 206 -44.65 -72.77 0.93
CA SER C 206 -45.71 -72.00 0.26
C SER C 206 -45.21 -70.63 -0.19
N ALA C 207 -46.03 -69.98 -1.01
CA ALA C 207 -45.60 -69.35 -2.26
C ALA C 207 -44.60 -68.20 -2.11
N GLU C 208 -44.51 -67.56 -0.94
CA GLU C 208 -43.79 -66.29 -0.86
C GLU C 208 -42.43 -66.29 -0.13
N LYS C 209 -42.06 -67.28 0.69
CA LYS C 209 -41.40 -68.58 0.44
C LYS C 209 -39.91 -68.48 0.62
N VAL C 210 -39.33 -67.37 0.21
CA VAL C 210 -37.90 -67.19 -0.01
C VAL C 210 -37.63 -65.73 -0.35
N GLU C 211 -36.39 -65.31 -0.22
CA GLU C 211 -35.89 -64.33 -1.16
C GLU C 211 -34.70 -64.92 -1.88
N ILE C 212 -34.71 -64.86 -3.21
CA ILE C 212 -33.64 -65.40 -4.02
C ILE C 212 -33.23 -64.37 -5.06
N ALA C 213 -31.95 -63.99 -5.07
CA ALA C 213 -31.43 -63.00 -5.98
C ALA C 213 -30.14 -63.48 -6.62
N THR C 214 -29.93 -63.10 -7.88
CA THR C 214 -28.76 -63.51 -8.64
C THR C 214 -27.95 -62.28 -9.04
N LEU C 215 -26.66 -62.49 -9.28
CA LEU C 215 -25.76 -61.42 -9.69
C LEU C 215 -25.13 -61.85 -11.01
N THR C 216 -25.37 -61.09 -12.06
CA THR C 216 -24.92 -61.50 -13.39
C THR C 216 -24.25 -60.28 -14.05
N ARG C 217 -23.56 -60.52 -15.17
CA ARG C 217 -22.97 -59.48 -16.00
C ARG C 217 -23.69 -59.44 -17.34
N GLU C 218 -24.21 -58.27 -17.70
CA GLU C 218 -24.85 -58.06 -19.00
C GLU C 218 -24.27 -56.81 -19.63
N ASN C 219 -23.75 -56.95 -20.86
CA ASN C 219 -23.24 -55.87 -21.72
C ASN C 219 -22.24 -54.95 -21.03
N GLY C 220 -21.41 -55.52 -20.16
CA GLY C 220 -20.46 -54.73 -19.42
C GLY C 220 -21.02 -54.00 -18.23
N LYS C 221 -22.16 -54.44 -17.71
CA LYS C 221 -22.78 -53.83 -16.55
C LYS C 221 -23.27 -54.93 -15.62
N THR C 222 -23.05 -54.73 -14.32
CA THR C 222 -23.43 -55.73 -13.33
C THR C 222 -24.88 -55.49 -12.92
N VAL C 223 -25.68 -56.56 -12.95
CA VAL C 223 -27.06 -56.47 -12.51
C VAL C 223 -27.24 -57.40 -11.32
N ILE C 224 -27.92 -56.91 -10.29
CA ILE C 224 -28.34 -57.70 -9.14
C ILE C 224 -29.85 -57.66 -9.14
N ARG C 225 -30.48 -58.82 -9.27
CA ARG C 225 -31.91 -58.86 -9.49
C ARG C 225 -32.55 -59.86 -8.54
N VAL C 226 -33.57 -59.43 -7.83
CA VAL C 226 -34.38 -60.29 -6.99
C VAL C 226 -35.46 -60.89 -7.89
N LEU C 227 -35.59 -62.21 -7.87
CA LEU C 227 -36.57 -62.88 -8.71
C LEU C 227 -37.99 -62.54 -8.27
N LYS C 228 -38.85 -62.26 -9.26
CA LYS C 228 -40.24 -61.93 -8.98
C LYS C 228 -41.00 -63.15 -8.46
N GLN C 229 -42.22 -62.88 -7.99
CA GLN C 229 -43.09 -63.93 -7.47
C GLN C 229 -43.43 -64.95 -8.54
N LYS C 230 -43.72 -64.49 -9.75
CA LYS C 230 -44.04 -65.39 -10.86
C LYS C 230 -42.85 -66.27 -11.23
N GLU C 231 -41.63 -65.70 -11.17
CA GLU C 231 -40.46 -66.47 -11.54
C GLU C 231 -40.18 -67.55 -10.50
N VAL C 232 -40.34 -67.22 -9.21
CA VAL C 232 -40.05 -68.21 -8.17
C VAL C 232 -41.14 -69.29 -8.14
N GLU C 233 -42.40 -68.93 -8.41
CA GLU C 233 -43.42 -69.98 -8.37
C GLU C 233 -43.25 -70.92 -9.54
N GLN C 234 -42.86 -70.42 -10.72
CA GLN C 234 -42.56 -71.31 -11.83
C GLN C 234 -41.35 -72.20 -11.54
N LEU C 235 -40.32 -71.64 -10.89
CA LEU C 235 -39.13 -72.42 -10.58
C LEU C 235 -39.42 -73.49 -9.52
N ILE C 236 -40.32 -73.22 -8.57
CA ILE C 236 -40.65 -74.22 -7.57
C ILE C 236 -41.63 -75.27 -8.11
N LYS C 237 -42.51 -74.91 -9.07
CA LYS C 237 -43.22 -75.97 -9.78
C LYS C 237 -42.26 -76.85 -10.57
N LYS C 238 -41.21 -76.26 -11.17
CA LYS C 238 -40.19 -77.06 -11.86
C LYS C 238 -39.45 -77.98 -10.89
N HIS C 239 -39.21 -77.51 -9.66
CA HIS C 239 -38.57 -78.37 -8.66
C HIS C 239 -39.47 -79.50 -8.19
N GLU C 240 -40.76 -79.23 -7.99
CA GLU C 240 -41.66 -80.29 -7.58
C GLU C 240 -41.91 -81.28 -8.72
N GLU C 241 -41.84 -80.81 -9.97
CA GLU C 241 -41.79 -81.71 -11.12
C GLU C 241 -40.57 -82.61 -11.07
N GLU C 242 -39.40 -82.03 -10.75
CA GLU C 242 -38.18 -82.83 -10.66
C GLU C 242 -38.24 -83.81 -9.48
N GLU C 243 -38.91 -83.43 -8.40
CA GLU C 243 -39.13 -84.37 -7.29
C GLU C 243 -40.11 -85.45 -7.68
N ALA C 244 -41.04 -85.16 -8.58
CA ALA C 244 -41.94 -86.21 -9.06
C ALA C 244 -41.20 -87.20 -9.96
N LYS C 245 -40.34 -86.69 -10.84
CA LYS C 245 -39.61 -87.57 -11.75
C LYS C 245 -38.44 -88.30 -11.09
N ALA C 246 -38.15 -88.02 -9.81
CA ALA C 246 -36.93 -88.53 -9.16
C ALA C 246 -36.97 -90.05 -9.00
N GLU C 247 -38.14 -90.62 -8.76
CA GLU C 247 -38.22 -92.07 -8.55
C GLU C 247 -38.06 -92.83 -9.86
N ARG C 248 -39.00 -92.63 -10.78
CA ARG C 248 -38.98 -93.36 -12.05
C ARG C 248 -39.04 -92.39 -13.23
N SER D 1 -14.35 -42.20 27.54
CA SER D 1 -14.28 -43.51 26.90
C SER D 1 -14.27 -44.61 27.94
N TYR D 2 -13.80 -45.79 27.55
CA TYR D 2 -13.74 -46.94 28.44
C TYR D 2 -12.32 -47.15 28.89
N ASP D 3 -12.09 -47.00 30.20
CA ASP D 3 -10.75 -47.03 30.77
C ASP D 3 -10.72 -47.82 32.07
N ARG D 4 -11.41 -48.95 32.14
CA ARG D 4 -11.14 -49.85 33.25
C ARG D 4 -9.88 -50.65 32.97
N ALA D 5 -9.28 -51.18 34.02
CA ALA D 5 -8.11 -52.03 33.88
C ALA D 5 -8.56 -53.47 33.76
N ILE D 6 -8.21 -54.12 32.65
CA ILE D 6 -8.57 -55.50 32.41
C ILE D 6 -7.45 -56.45 32.85
N THR D 7 -6.22 -56.18 32.43
CA THR D 7 -5.08 -57.04 32.73
C THR D 7 -4.44 -56.57 34.03
N VAL D 8 -4.76 -57.22 35.13
CA VAL D 8 -4.27 -56.82 36.44
C VAL D 8 -3.54 -57.99 37.07
N PHE D 9 -2.68 -57.67 38.03
CA PHE D 9 -1.87 -58.68 38.69
C PHE D 9 -2.74 -59.51 39.62
N SER D 10 -2.91 -60.77 39.27
CA SER D 10 -3.43 -61.76 40.20
C SER D 10 -2.30 -62.15 41.14
N PRO D 11 -2.61 -62.72 42.31
CA PRO D 11 -1.54 -63.20 43.19
C PRO D 11 -0.71 -64.28 42.54
N ASP D 12 0.53 -64.42 43.04
CA ASP D 12 1.65 -65.12 42.43
C ASP D 12 2.06 -64.51 41.10
N GLY D 13 1.75 -63.22 40.90
CA GLY D 13 2.31 -62.45 39.81
C GLY D 13 1.88 -62.86 38.43
N HIS D 14 0.80 -63.62 38.30
CA HIS D 14 0.34 -64.10 37.01
C HIS D 14 -0.68 -63.12 36.44
N LEU D 15 -0.36 -62.55 35.29
CA LEU D 15 -1.32 -61.72 34.59
C LEU D 15 -2.25 -62.69 33.91
N PHE D 16 -3.48 -62.80 34.45
CA PHE D 16 -4.45 -63.80 34.02
C PHE D 16 -4.75 -63.72 32.53
N GLN D 17 -4.97 -62.51 32.02
CA GLN D 17 -5.26 -62.37 30.61
C GLN D 17 -4.04 -62.65 29.74
N VAL D 18 -2.83 -62.55 30.29
CA VAL D 18 -1.65 -62.95 29.52
C VAL D 18 -1.52 -64.46 29.48
N GLU D 19 -1.98 -65.15 30.53
CA GLU D 19 -2.08 -66.60 30.44
C GLU D 19 -3.12 -67.04 29.42
N TYR D 20 -4.29 -66.39 29.44
CA TYR D 20 -5.36 -66.77 28.55
C TYR D 20 -5.09 -66.38 27.10
N ALA D 21 -4.27 -65.35 26.87
CA ALA D 21 -3.88 -65.01 25.50
C ALA D 21 -3.01 -66.11 24.91
N GLN D 22 -2.12 -66.68 25.71
CA GLN D 22 -1.35 -67.82 25.25
C GLN D 22 -2.19 -69.09 25.15
N GLU D 23 -3.27 -69.18 25.93
CA GLU D 23 -4.28 -70.22 25.66
C GLU D 23 -4.91 -70.06 24.30
N ALA D 24 -5.24 -68.80 23.92
CA ALA D 24 -5.80 -68.53 22.60
C ALA D 24 -4.78 -68.83 21.51
N VAL D 25 -3.49 -68.68 21.81
CA VAL D 25 -2.46 -69.21 20.93
C VAL D 25 -2.56 -70.73 20.83
N LYS D 26 -2.82 -71.38 21.98
CA LYS D 26 -2.65 -72.83 22.06
C LYS D 26 -3.68 -73.61 21.26
N LYS D 27 -4.79 -73.00 20.86
CA LYS D 27 -5.74 -73.71 20.01
C LYS D 27 -5.71 -73.26 18.55
N GLY D 28 -4.76 -72.40 18.16
CA GLY D 28 -4.67 -71.93 16.80
C GLY D 28 -4.08 -72.96 15.83
N SER D 29 -3.87 -72.50 14.60
CA SER D 29 -3.21 -73.34 13.61
C SER D 29 -1.71 -73.38 13.86
N THR D 30 -1.14 -74.59 13.80
CA THR D 30 0.30 -74.74 13.98
C THR D 30 1.07 -74.21 12.76
N ALA D 31 2.13 -73.45 13.03
CA ALA D 31 2.99 -72.91 11.99
C ALA D 31 4.44 -73.30 12.28
N VAL D 32 5.20 -73.55 11.21
CA VAL D 32 6.61 -73.93 11.27
C VAL D 32 7.38 -73.15 10.21
N GLY D 33 8.48 -72.52 10.60
CA GLY D 33 9.43 -71.95 9.64
C GLY D 33 10.86 -72.37 9.94
N VAL D 34 11.66 -72.55 8.89
CA VAL D 34 13.08 -72.85 9.05
C VAL D 34 13.90 -71.81 8.30
N ARG D 35 15.18 -71.74 8.66
CA ARG D 35 16.16 -70.94 7.93
C ARG D 35 17.02 -71.84 7.05
N GLY D 36 16.93 -71.64 5.73
CA GLY D 36 17.94 -72.13 4.82
C GLY D 36 19.03 -71.07 4.62
N ARG D 37 20.10 -71.47 3.95
CA ARG D 37 21.28 -70.61 3.88
C ARG D 37 21.08 -69.44 2.92
N ASP D 38 20.38 -69.68 1.80
CA ASP D 38 20.10 -68.63 0.82
C ASP D 38 18.61 -68.51 0.54
N ILE D 39 17.78 -68.96 1.49
CA ILE D 39 16.36 -69.14 1.28
C ILE D 39 15.70 -69.21 2.65
N VAL D 40 14.42 -68.85 2.72
CA VAL D 40 13.57 -69.18 3.87
C VAL D 40 12.34 -69.90 3.35
N VAL D 41 12.05 -71.06 3.93
CA VAL D 41 10.97 -71.93 3.48
C VAL D 41 10.02 -72.17 4.65
N LEU D 42 8.72 -71.95 4.41
CA LEU D 42 7.72 -71.89 5.45
C LEU D 42 6.74 -73.05 5.32
N GLY D 43 6.13 -73.41 6.45
CA GLY D 43 5.17 -74.50 6.48
C GLY D 43 4.17 -74.44 7.62
N VAL D 44 2.88 -74.34 7.32
CA VAL D 44 1.89 -74.18 8.37
C VAL D 44 0.95 -75.37 8.34
N GLU D 45 -0.06 -75.33 9.18
CA GLU D 45 -1.03 -76.42 9.26
C GLU D 45 -2.40 -75.78 9.15
N LYS D 46 -3.33 -76.53 8.55
CA LYS D 46 -4.51 -75.90 7.98
C LYS D 46 -5.78 -76.34 8.67
N LYS D 47 -6.75 -75.42 8.68
CA LYS D 47 -7.94 -75.42 9.51
C LYS D 47 -9.01 -76.46 9.16
N SER D 48 -9.48 -76.51 7.92
CA SER D 48 -10.62 -77.36 7.57
C SER D 48 -10.30 -78.17 6.31
N VAL D 49 -11.06 -79.26 6.14
CA VAL D 49 -11.00 -80.03 4.90
C VAL D 49 -11.36 -79.15 3.70
N ALA D 50 -12.39 -78.31 3.85
CA ALA D 50 -12.72 -77.18 2.98
C ALA D 50 -12.86 -77.54 1.49
N LYS D 51 -13.76 -78.46 1.17
CA LYS D 51 -13.89 -78.99 -0.18
C LYS D 51 -14.40 -77.93 -1.16
N LEU D 52 -15.23 -76.97 -0.69
CA LEU D 52 -15.71 -75.89 -1.55
C LEU D 52 -15.02 -74.56 -1.30
N GLN D 53 -13.87 -74.54 -0.63
CA GLN D 53 -13.17 -73.29 -0.38
C GLN D 53 -12.55 -72.76 -1.66
N ASP D 54 -12.60 -71.45 -1.82
CA ASP D 54 -11.72 -70.77 -2.76
C ASP D 54 -10.41 -70.53 -2.03
N GLU D 55 -9.36 -71.24 -2.44
CA GLU D 55 -8.12 -71.32 -1.67
C GLU D 55 -7.37 -69.99 -1.62
N ARG D 56 -7.69 -69.07 -2.52
CA ARG D 56 -6.96 -67.80 -2.63
C ARG D 56 -7.13 -66.93 -1.38
N THR D 57 -8.32 -66.92 -0.79
CA THR D 57 -8.60 -66.00 0.30
C THR D 57 -8.25 -66.56 1.68
N VAL D 58 -7.82 -67.82 1.76
CA VAL D 58 -7.52 -68.43 3.04
C VAL D 58 -6.02 -68.61 3.22
N ARG D 59 -5.22 -67.88 2.44
CA ARG D 59 -3.77 -67.98 2.52
C ARG D 59 -3.26 -67.42 3.84
N LYS D 60 -2.61 -68.26 4.64
CA LYS D 60 -2.00 -67.84 5.89
C LYS D 60 -0.59 -67.30 5.71
N ILE D 61 -0.17 -67.08 4.47
CA ILE D 61 1.14 -66.54 4.16
C ILE D 61 1.00 -65.42 3.13
N ALA D 63 3.11 -61.05 1.92
CA ALA D 63 4.29 -60.19 1.86
C ALA D 63 4.06 -58.89 2.63
N LEU D 64 4.87 -58.67 3.66
CA LEU D 64 4.81 -57.42 4.41
C LEU D 64 5.50 -56.30 3.65
N ASP D 65 6.57 -56.64 2.96
CA ASP D 65 7.26 -55.75 2.05
C ASP D 65 7.63 -56.59 0.83
N ASP D 66 8.54 -56.10 0.01
CA ASP D 66 9.08 -56.96 -1.04
C ASP D 66 9.98 -58.04 -0.47
N ASN D 67 10.47 -57.89 0.76
CA ASN D 67 11.50 -58.77 1.31
C ASN D 67 11.12 -59.52 2.58
N VAL D 68 9.92 -59.32 3.13
CA VAL D 68 9.59 -59.85 4.46
C VAL D 68 8.18 -60.46 4.43
N CYS D 69 8.06 -61.69 4.94
CA CYS D 69 6.76 -62.29 5.26
C CYS D 69 6.87 -62.93 6.64
N MET D 70 5.77 -63.51 7.13
CA MET D 70 5.78 -64.04 8.49
C MET D 70 4.69 -65.09 8.68
N ALA D 71 4.84 -65.87 9.74
CA ALA D 71 3.89 -66.90 10.12
C ALA D 71 3.33 -66.62 11.51
N PHE D 72 2.08 -67.05 11.75
CA PHE D 72 1.35 -66.73 12.96
C PHE D 72 0.69 -67.99 13.51
N ALA D 73 0.00 -67.85 14.64
CA ALA D 73 -0.80 -68.92 15.22
C ALA D 73 -1.82 -68.29 16.16
N GLY D 74 -3.08 -68.75 16.09
CA GLY D 74 -4.12 -68.31 17.00
C GLY D 74 -5.29 -67.70 16.26
N LEU D 75 -5.84 -66.62 16.84
CA LEU D 75 -7.04 -65.98 16.32
C LEU D 75 -6.72 -65.21 15.05
N THR D 76 -7.42 -65.55 13.96
CA THR D 76 -7.01 -65.12 12.62
C THR D 76 -7.19 -63.62 12.39
N ALA D 77 -8.23 -63.03 12.97
CA ALA D 77 -8.48 -61.61 12.78
C ALA D 77 -7.41 -60.76 13.44
N ASP D 78 -6.94 -61.18 14.62
CA ASP D 78 -5.82 -60.52 15.29
C ASP D 78 -4.57 -60.57 14.44
N ALA D 79 -4.35 -61.71 13.78
CA ALA D 79 -3.20 -61.88 12.91
C ALA D 79 -3.26 -60.92 11.73
N ARG D 80 -4.43 -60.81 11.11
CA ARG D 80 -4.60 -59.91 9.97
C ARG D 80 -4.46 -58.45 10.39
N ILE D 81 -4.89 -58.13 11.61
CA ILE D 81 -4.68 -56.81 12.18
C ILE D 81 -3.19 -56.49 12.30
N VAL D 82 -2.43 -57.42 12.90
CA VAL D 82 -1.01 -57.21 13.15
C VAL D 82 -0.23 -57.09 11.83
N ILE D 83 -0.63 -57.87 10.82
CA ILE D 83 -0.01 -57.75 9.50
C ILE D 83 -0.32 -56.39 8.87
N ASN D 84 -1.55 -55.90 9.05
CA ASN D 84 -1.87 -54.57 8.52
C ASN D 84 -1.21 -53.44 9.31
N ARG D 85 -0.83 -53.67 10.56
CA ARG D 85 -0.02 -52.69 11.27
C ARG D 85 1.42 -52.70 10.75
N ALA D 86 1.98 -53.90 10.59
CA ALA D 86 3.37 -54.06 10.19
C ALA D 86 3.61 -53.55 8.77
N ARG D 87 2.65 -53.72 7.87
CA ARG D 87 2.84 -53.28 6.49
C ARG D 87 2.92 -51.75 6.39
N VAL D 88 2.07 -51.04 7.13
CA VAL D 88 2.12 -49.58 7.07
C VAL D 88 3.35 -49.05 7.80
N GLU D 89 3.82 -49.77 8.83
CA GLU D 89 5.09 -49.37 9.43
C GLU D 89 6.27 -49.60 8.49
N CYS D 90 6.22 -50.68 7.71
CA CYS D 90 7.26 -50.93 6.70
C CYS D 90 7.28 -49.86 5.62
N GLN D 91 6.09 -49.40 5.21
CA GLN D 91 6.07 -48.36 4.17
C GLN D 91 6.48 -47.00 4.72
N SER D 92 6.18 -46.71 6.00
CA SER D 92 6.70 -45.48 6.59
C SER D 92 8.21 -45.54 6.77
N HIS D 93 8.76 -46.73 7.04
CA HIS D 93 10.21 -46.89 7.07
C HIS D 93 10.82 -46.69 5.68
N ARG D 94 10.16 -47.20 4.64
CA ARG D 94 10.59 -46.94 3.27
C ARG D 94 10.49 -45.47 2.90
N LEU D 95 9.54 -44.74 3.53
CA LEU D 95 9.45 -43.30 3.32
C LEU D 95 10.65 -42.59 3.93
N THR D 96 10.94 -42.85 5.21
CA THR D 96 11.91 -42.02 5.92
C THR D 96 13.35 -42.49 5.78
N VAL D 97 13.60 -43.73 5.36
CA VAL D 97 14.97 -44.24 5.36
C VAL D 97 15.54 -44.26 3.94
N GLU D 98 14.65 -44.37 2.94
CA GLU D 98 15.00 -44.65 1.54
C GLU D 98 15.85 -45.91 1.45
N ASP D 99 15.44 -46.93 2.20
CA ASP D 99 16.01 -48.26 2.20
C ASP D 99 14.89 -49.19 2.67
N PRO D 100 14.80 -50.39 2.11
CA PRO D 100 13.82 -51.35 2.64
C PRO D 100 14.20 -51.82 4.02
N VAL D 101 13.20 -52.37 4.73
CA VAL D 101 13.30 -52.56 6.16
C VAL D 101 14.22 -53.74 6.48
N THR D 102 14.75 -53.73 7.69
CA THR D 102 15.29 -54.96 8.24
C THR D 102 14.17 -55.73 8.94
N VAL D 103 14.46 -56.99 9.22
CA VAL D 103 13.47 -57.85 9.88
C VAL D 103 13.36 -57.52 11.36
N GLU D 104 14.43 -56.98 11.94
CA GLU D 104 14.46 -56.72 13.38
C GLU D 104 13.60 -55.53 13.76
N TYR D 105 13.54 -54.52 12.87
CA TYR D 105 12.71 -53.33 13.10
C TYR D 105 11.24 -53.69 13.24
N ILE D 106 10.73 -54.46 12.28
CA ILE D 106 9.32 -54.82 12.31
C ILE D 106 9.05 -55.89 13.36
N THR D 107 10.05 -56.67 13.75
CA THR D 107 9.83 -57.67 14.79
C THR D 107 9.80 -57.02 16.18
N ARG D 108 10.67 -56.05 16.44
CA ARG D 108 10.60 -55.29 17.67
C ARG D 108 9.30 -54.48 17.74
N TYR D 109 8.83 -53.98 16.59
CA TYR D 109 7.57 -53.25 16.58
C TYR D 109 6.39 -54.16 16.91
N ILE D 110 6.35 -55.36 16.35
CA ILE D 110 5.27 -56.29 16.64
C ILE D 110 5.38 -56.87 18.06
N ALA D 111 6.61 -57.02 18.56
CA ALA D 111 6.82 -57.48 19.92
C ALA D 111 6.39 -56.45 20.94
N SER D 112 6.57 -55.16 20.65
CA SER D 112 6.09 -54.14 21.57
C SER D 112 4.58 -53.93 21.43
N LEU D 113 4.04 -54.15 20.23
CA LEU D 113 2.60 -54.03 20.00
C LEU D 113 1.83 -55.10 20.74
N LYS D 114 2.41 -56.29 20.91
CA LYS D 114 1.68 -57.30 21.68
C LYS D 114 1.72 -57.02 23.18
N GLN D 115 2.70 -56.26 23.65
CA GLN D 115 2.75 -55.98 25.09
C GLN D 115 1.98 -54.73 25.48
N ARG D 116 1.98 -53.70 24.62
CA ARG D 116 1.26 -52.46 24.94
C ARG D 116 -0.22 -52.67 25.13
N TYR D 117 -0.77 -53.72 24.54
CA TYR D 117 -2.16 -54.08 24.77
C TYR D 117 -2.31 -55.11 25.87
N THR D 118 -1.27 -55.35 26.66
CA THR D 118 -1.38 -56.07 27.93
C THR D 118 -1.29 -55.14 29.12
N GLN D 119 -1.15 -53.84 28.87
CA GLN D 119 -0.99 -52.89 29.96
C GLN D 119 -1.84 -51.64 29.73
N SER D 120 -2.61 -51.59 28.67
CA SER D 120 -3.45 -50.44 28.40
C SER D 120 -4.80 -50.62 29.08
N ASN D 121 -5.49 -49.51 29.28
CA ASN D 121 -6.79 -49.54 29.92
C ASN D 121 -7.85 -50.08 28.97
N GLY D 122 -8.55 -51.13 29.39
CA GLY D 122 -9.70 -51.58 28.66
C GLY D 122 -9.43 -52.43 27.44
N ARG D 123 -8.17 -52.73 27.16
CA ARG D 123 -7.82 -53.57 26.02
C ARG D 123 -7.38 -54.93 26.54
N ARG D 124 -7.86 -55.97 25.91
CA ARG D 124 -7.40 -57.32 26.23
C ARG D 124 -6.17 -57.64 25.38
N PRO D 125 -5.33 -58.58 25.81
CA PRO D 125 -4.15 -58.91 25.01
C PRO D 125 -4.52 -59.59 23.70
N PHE D 126 -3.67 -59.41 22.70
CA PHE D 126 -3.79 -60.20 21.48
C PHE D 126 -3.59 -61.67 21.82
N GLY D 127 -4.27 -62.53 21.10
CA GLY D 127 -4.12 -63.95 21.39
C GLY D 127 -3.31 -64.69 20.35
N ILE D 128 -2.24 -64.08 19.86
CA ILE D 128 -1.49 -64.65 18.75
C ILE D 128 0.00 -64.65 19.07
N SER D 129 0.70 -65.63 18.49
CA SER D 129 2.15 -65.68 18.40
C SER D 129 2.57 -65.39 16.97
N ALA D 130 3.87 -65.21 16.76
CA ALA D 130 4.36 -64.89 15.43
C ALA D 130 5.73 -65.50 15.20
N LEU D 131 5.96 -65.94 13.97
CA LEU D 131 7.27 -66.33 13.46
C LEU D 131 7.53 -65.49 12.23
N ILE D 132 8.69 -64.84 12.17
CA ILE D 132 8.96 -63.84 11.16
C ILE D 132 10.13 -64.29 10.30
N VAL D 133 10.02 -64.15 8.98
CA VAL D 133 11.14 -64.39 8.07
C VAL D 133 11.42 -63.12 7.27
N GLY D 134 12.60 -63.09 6.66
CA GLY D 134 12.93 -62.02 5.76
C GLY D 134 14.40 -62.02 5.42
N PHE D 135 14.75 -61.12 4.50
CA PHE D 135 16.12 -60.96 4.03
C PHE D 135 16.57 -59.52 4.21
N ASP D 136 17.76 -59.35 4.75
CA ASP D 136 18.34 -58.03 4.92
C ASP D 136 18.92 -57.52 3.61
N PHE D 137 19.36 -56.26 3.64
CA PHE D 137 20.10 -55.66 2.53
C PHE D 137 21.39 -56.45 2.24
N ASP D 138 22.00 -57.01 3.28
CA ASP D 138 23.23 -57.78 3.16
C ASP D 138 23.01 -59.27 2.85
N GLY D 139 21.76 -59.72 2.75
CA GLY D 139 21.49 -61.08 2.34
C GLY D 139 21.56 -62.14 3.42
N THR D 140 21.61 -61.74 4.69
CA THR D 140 21.67 -62.71 5.79
C THR D 140 20.27 -63.28 6.03
N PRO D 141 20.10 -64.61 6.05
CA PRO D 141 18.78 -65.18 6.31
C PRO D 141 18.41 -65.11 7.79
N ARG D 142 17.11 -64.97 8.07
CA ARG D 142 16.62 -64.64 9.41
C ARG D 142 15.32 -65.38 9.72
N LEU D 143 15.19 -65.87 10.96
CA LEU D 143 13.92 -66.31 11.51
C LEU D 143 13.81 -65.87 12.96
N TYR D 144 12.72 -65.18 13.31
CA TYR D 144 12.48 -64.62 14.64
C TYR D 144 11.19 -65.21 15.23
N GLN D 145 10.97 -64.98 16.53
CA GLN D 145 9.71 -65.33 17.20
C GLN D 145 9.28 -64.20 18.12
N THR D 146 7.95 -63.95 18.21
CA THR D 146 7.34 -63.17 19.28
C THR D 146 6.13 -63.92 19.85
N ASP D 147 5.80 -63.64 21.11
CA ASP D 147 4.72 -64.31 21.84
C ASP D 147 3.87 -63.26 22.57
N PRO D 148 2.64 -63.63 23.02
CA PRO D 148 1.73 -62.61 23.62
C PRO D 148 2.23 -61.83 24.82
N SER D 149 3.27 -62.29 25.50
CA SER D 149 3.87 -61.44 26.52
C SER D 149 4.67 -60.30 25.91
N GLY D 150 5.10 -60.44 24.66
CA GLY D 150 5.93 -59.43 24.03
C GLY D 150 7.41 -59.72 24.06
N THR D 151 7.82 -60.96 24.33
CA THR D 151 9.22 -61.33 24.47
C THR D 151 9.72 -61.98 23.20
N TYR D 152 10.78 -61.44 22.61
CA TYR D 152 11.14 -61.87 21.27
C TYR D 152 12.53 -62.48 21.23
N HIS D 153 12.66 -63.54 20.43
CA HIS D 153 13.90 -64.26 20.24
C HIS D 153 14.10 -64.53 18.76
N ALA D 154 15.35 -64.79 18.38
CA ALA D 154 15.68 -65.24 17.05
C ALA D 154 15.94 -66.74 17.06
N TRP D 155 15.61 -67.41 15.97
CA TRP D 155 15.65 -68.87 15.94
C TRP D 155 16.17 -69.34 14.59
N LYS D 156 16.75 -70.55 14.58
CA LYS D 156 17.16 -71.19 13.34
C LYS D 156 16.03 -71.99 12.70
N ALA D 157 15.18 -72.60 13.52
CA ALA D 157 13.88 -73.14 13.15
C ALA D 157 13.05 -73.19 14.42
N ASN D 158 11.72 -73.26 14.27
CA ASN D 158 10.81 -73.31 15.42
C ASN D 158 9.43 -73.73 14.94
N ALA D 159 8.53 -73.94 15.89
CA ALA D 159 7.11 -74.16 15.64
C ALA D 159 6.30 -73.58 16.79
N ILE D 160 5.15 -72.98 16.45
CA ILE D 160 4.26 -72.36 17.42
C ILE D 160 2.86 -72.94 17.23
N GLY D 161 2.06 -72.88 18.28
CA GLY D 161 0.67 -73.33 18.21
C GLY D 161 0.41 -74.62 18.96
N ARG D 162 -0.55 -75.38 18.44
CA ARG D 162 -0.90 -76.68 19.01
C ARG D 162 -0.03 -77.76 18.37
N GLY D 163 0.61 -78.58 19.20
CA GLY D 163 1.62 -79.48 18.72
C GLY D 163 2.98 -78.84 18.52
N ALA D 164 3.18 -77.62 19.03
CA ALA D 164 4.45 -76.93 18.88
C ALA D 164 5.56 -77.62 19.64
N LYS D 165 5.22 -78.29 20.74
CA LYS D 165 6.18 -79.02 21.55
C LYS D 165 6.85 -80.15 20.78
N SER D 166 6.04 -80.97 20.11
CA SER D 166 6.59 -82.13 19.40
C SER D 166 7.29 -81.73 18.11
N VAL D 167 6.77 -80.73 17.40
CA VAL D 167 7.42 -80.31 16.16
C VAL D 167 8.72 -79.58 16.49
N ARG D 168 8.74 -78.82 17.60
CA ARG D 168 9.97 -78.19 18.05
C ARG D 168 11.00 -79.23 18.48
N GLU D 169 10.55 -80.29 19.18
CA GLU D 169 11.33 -81.48 19.47
C GLU D 169 11.99 -82.09 18.23
N PHE D 170 11.17 -82.46 17.24
CA PHE D 170 11.63 -82.92 15.92
C PHE D 170 12.66 -81.99 15.27
N LEU D 171 12.40 -80.68 15.30
CA LEU D 171 13.32 -79.72 14.68
C LEU D 171 14.62 -79.60 15.46
N GLU D 172 14.58 -79.82 16.77
CA GLU D 172 15.82 -79.82 17.56
C GLU D 172 16.72 -80.99 17.20
N LYS D 173 16.14 -82.12 16.77
CA LYS D 173 16.95 -83.28 16.43
C LYS D 173 17.36 -83.33 14.97
N ASN D 174 16.58 -82.77 14.05
CA ASN D 174 16.89 -82.94 12.63
C ASN D 174 17.52 -81.73 11.96
N TYR D 175 17.65 -80.60 12.65
CA TYR D 175 18.21 -79.39 12.04
C TYR D 175 19.71 -79.56 11.85
N THR D 176 20.11 -80.12 10.71
CA THR D 176 21.52 -80.39 10.44
C THR D 176 21.99 -79.52 9.28
N ASP D 177 23.32 -79.38 9.19
CA ASP D 177 23.92 -78.63 8.10
C ASP D 177 23.71 -79.32 6.77
N GLU D 178 23.58 -80.65 6.79
CA GLU D 178 23.17 -81.37 5.59
C GLU D 178 21.76 -80.99 5.16
N ALA D 179 20.86 -80.85 6.14
CA ALA D 179 19.43 -80.72 5.85
C ALA D 179 19.05 -79.34 5.30
N ILE D 180 19.87 -78.32 5.53
CA ILE D 180 19.63 -77.01 4.98
C ILE D 180 20.76 -76.56 4.05
N GLU D 181 21.45 -77.53 3.44
CA GLU D 181 22.54 -77.20 2.52
C GLU D 181 22.01 -76.67 1.19
N THR D 182 20.82 -77.11 0.76
CA THR D 182 20.29 -76.73 -0.54
C THR D 182 18.82 -76.34 -0.39
N ASP D 183 18.27 -75.78 -1.46
CA ASP D 183 16.88 -75.32 -1.45
C ASP D 183 15.92 -76.50 -1.34
N ASP D 184 16.21 -77.58 -2.09
CA ASP D 184 15.32 -78.73 -2.12
C ASP D 184 15.31 -79.46 -0.79
N LEU D 185 16.46 -79.62 -0.15
CA LEU D 185 16.49 -80.24 1.17
C LEU D 185 15.91 -79.33 2.23
N THR D 186 15.93 -78.02 2.00
CA THR D 186 15.24 -77.10 2.89
C THR D 186 13.72 -77.26 2.83
N ILE D 187 13.17 -77.45 1.61
CA ILE D 187 11.72 -77.67 1.50
C ILE D 187 11.37 -79.05 2.05
N LYS D 188 12.34 -79.99 1.94
CA LYS D 188 12.19 -81.36 2.42
C LYS D 188 12.11 -81.40 3.93
N LEU D 189 12.93 -80.61 4.62
CA LEU D 189 12.93 -80.60 6.08
C LEU D 189 11.66 -79.97 6.64
N VAL D 190 11.15 -78.93 5.97
CA VAL D 190 9.88 -78.32 6.35
C VAL D 190 8.76 -79.34 6.27
N ILE D 191 8.68 -80.08 5.16
CA ILE D 191 7.53 -80.98 5.08
C ILE D 191 7.75 -82.21 5.97
N LYS D 192 9.03 -82.60 6.17
CA LYS D 192 9.40 -83.68 7.08
C LYS D 192 9.06 -83.36 8.53
N ALA D 193 9.09 -82.08 8.89
CA ALA D 193 8.68 -81.68 10.23
C ALA D 193 7.17 -81.50 10.36
N LEU D 194 6.54 -80.95 9.31
CA LEU D 194 5.09 -80.76 9.29
C LEU D 194 4.33 -82.08 9.39
N LEU D 195 4.78 -83.13 8.67
CA LEU D 195 4.07 -84.42 8.59
C LEU D 195 3.86 -85.18 9.90
N GLU D 196 4.41 -84.68 11.01
CA GLU D 196 4.25 -85.32 12.31
C GLU D 196 2.80 -85.25 12.81
N VAL D 197 2.08 -84.19 12.46
CA VAL D 197 0.82 -83.90 13.12
C VAL D 197 -0.36 -83.76 12.15
N VAL D 198 -0.15 -83.31 10.90
CA VAL D 198 -1.20 -82.65 10.11
C VAL D 198 -2.19 -83.63 9.47
N GLN D 199 -3.35 -83.77 10.11
CA GLN D 199 -4.69 -83.83 9.52
C GLN D 199 -4.78 -84.49 8.14
N SER D 200 -4.48 -85.79 8.09
CA SER D 200 -4.55 -86.67 6.92
C SER D 200 -3.47 -86.29 5.90
N GLY D 201 -2.35 -85.76 6.37
CA GLY D 201 -1.14 -85.78 5.56
C GLY D 201 -1.04 -84.92 4.32
N GLY D 202 -0.37 -83.76 4.45
CA GLY D 202 -0.11 -82.64 3.56
C GLY D 202 -0.17 -82.89 2.06
N LYS D 203 -1.28 -83.42 1.56
CA LYS D 203 -2.59 -82.75 1.33
C LYS D 203 -3.12 -81.42 1.98
N ASN D 204 -2.91 -81.19 3.28
CA ASN D 204 -3.58 -80.19 4.10
C ASN D 204 -2.56 -79.23 4.71
N ILE D 205 -1.58 -78.83 3.91
CA ILE D 205 -0.54 -77.88 4.31
C ILE D 205 -0.47 -76.74 3.28
N GLU D 206 0.18 -75.64 3.69
CA GLU D 206 0.51 -74.53 2.81
C GLU D 206 2.02 -74.43 2.64
N LEU D 207 2.46 -73.71 1.61
CA LEU D 207 3.88 -73.41 1.43
C LEU D 207 4.06 -72.15 0.58
N ALA D 208 5.12 -71.41 0.88
CA ALA D 208 5.66 -70.38 0.00
C ALA D 208 7.18 -70.38 0.11
N VAL D 209 7.84 -69.82 -0.90
CA VAL D 209 9.29 -69.82 -1.00
C VAL D 209 9.78 -68.39 -1.21
N MET D 210 10.74 -67.96 -0.38
CA MET D 210 11.35 -66.65 -0.49
C MET D 210 12.84 -66.82 -0.71
N ARG D 211 13.35 -66.30 -1.83
CA ARG D 211 14.76 -66.32 -2.14
C ARG D 211 15.28 -64.88 -2.28
N ARG D 212 16.60 -64.79 -2.46
CA ARG D 212 17.31 -63.52 -2.38
C ARG D 212 16.97 -62.64 -3.58
N ASP D 213 16.31 -61.51 -3.30
CA ASP D 213 15.78 -60.54 -4.26
C ASP D 213 14.73 -61.13 -5.18
N GLN D 214 14.08 -62.22 -4.79
CA GLN D 214 13.20 -62.96 -5.69
C GLN D 214 11.71 -62.71 -5.48
N SER D 215 11.34 -61.82 -4.54
CA SER D 215 9.98 -61.27 -4.43
C SER D 215 8.89 -62.31 -4.18
N LEU D 216 8.78 -62.78 -2.93
CA LEU D 216 8.24 -64.06 -2.46
C LEU D 216 7.20 -64.78 -3.31
N LYS D 217 7.46 -66.05 -3.61
CA LYS D 217 6.63 -66.84 -4.49
C LYS D 217 5.84 -67.85 -3.66
N ILE D 218 4.55 -67.85 -3.84
CA ILE D 218 3.62 -68.71 -3.11
C ILE D 218 3.35 -69.99 -3.92
N LEU D 219 3.17 -71.10 -3.22
CA LEU D 219 3.01 -72.41 -3.86
C LEU D 219 1.56 -72.87 -3.96
N ASN D 220 1.32 -73.70 -5.00
CA ASN D 220 0.18 -74.49 -5.45
C ASN D 220 0.24 -75.93 -4.93
N PRO D 221 -0.90 -76.64 -4.84
CA PRO D 221 -0.88 -78.02 -4.29
C PRO D 221 -0.21 -79.10 -5.16
N GLU D 222 -0.07 -78.89 -6.47
CA GLU D 222 0.47 -79.86 -7.42
C GLU D 222 1.94 -80.20 -7.16
N GLU D 223 2.80 -79.18 -7.25
CA GLU D 223 4.19 -79.28 -6.81
C GLU D 223 4.33 -79.89 -5.42
N ILE D 224 3.50 -79.43 -4.46
CA ILE D 224 3.51 -79.97 -3.10
C ILE D 224 3.24 -81.48 -3.11
N GLU D 225 2.26 -81.94 -3.90
CA GLU D 225 1.96 -83.38 -4.00
C GLU D 225 3.11 -84.16 -4.61
N LYS D 226 3.84 -83.55 -5.55
CA LYS D 226 5.09 -84.17 -6.00
C LYS D 226 6.14 -84.16 -4.90
N TYR D 227 6.10 -83.15 -4.04
CA TYR D 227 7.01 -83.11 -2.89
C TYR D 227 6.61 -84.10 -1.80
N VAL D 228 5.32 -84.46 -1.69
CA VAL D 228 4.88 -85.60 -0.88
C VAL D 228 5.51 -86.88 -1.41
N ALA D 229 5.30 -87.10 -2.71
CA ALA D 229 5.78 -88.27 -3.43
C ALA D 229 7.29 -88.23 -3.61
N GLU D 230 7.95 -87.16 -3.18
CA GLU D 230 9.34 -87.28 -2.79
C GLU D 230 9.46 -87.61 -1.28
N ILE D 231 8.66 -86.93 -0.42
CA ILE D 231 8.56 -86.94 1.06
C ILE D 231 8.33 -88.31 1.74
N GLU D 232 8.19 -89.42 1.01
CA GLU D 232 7.13 -90.43 1.13
C GLU D 232 6.89 -91.00 -0.26
N LYS D 233 7.90 -90.82 -1.13
CA LYS D 233 8.56 -92.00 -1.68
C LYS D 233 9.83 -92.39 -0.92
N GLU D 234 10.52 -91.46 -0.25
CA GLU D 234 11.81 -91.85 0.31
C GLU D 234 11.67 -92.57 1.63
N LYS D 235 10.53 -92.38 2.32
CA LYS D 235 10.31 -92.84 3.69
C LYS D 235 9.97 -94.33 3.74
N GLU D 236 10.87 -95.13 3.14
CA GLU D 236 10.68 -96.57 2.97
C GLU D 236 11.94 -97.38 3.19
N GLU D 237 13.13 -96.78 3.10
CA GLU D 237 14.38 -97.52 3.23
C GLU D 237 14.76 -97.66 4.70
N ASP E 1 -14.13 -58.29 42.58
CA ASP E 1 -13.12 -57.59 41.80
C ASP E 1 -12.94 -56.19 42.38
N ARG E 2 -11.72 -55.65 42.31
CA ARG E 2 -11.42 -54.38 42.95
C ARG E 2 -10.41 -53.63 42.12
N GLY E 3 -10.16 -52.39 42.52
CA GLY E 3 -9.35 -51.50 41.72
C GLY E 3 -7.86 -51.80 41.81
N VAL E 4 -7.12 -51.17 40.90
CA VAL E 4 -5.66 -51.24 40.96
C VAL E 4 -5.09 -50.31 42.00
N ASN E 5 -5.90 -49.45 42.60
CA ASN E 5 -5.46 -48.51 43.60
C ASN E 5 -6.14 -48.79 44.93
N THR E 6 -6.22 -50.04 45.35
CA THR E 6 -6.94 -50.41 46.57
C THR E 6 -5.94 -50.69 47.67
N PHE E 7 -6.08 -49.99 48.80
CA PHE E 7 -5.23 -50.24 49.96
C PHE E 7 -5.71 -51.47 50.72
N SER E 8 -4.76 -52.32 51.09
CA SER E 8 -4.98 -53.38 52.06
C SER E 8 -5.07 -52.76 53.45
N PRO E 9 -5.53 -53.50 54.46
CA PRO E 9 -5.36 -53.02 55.83
C PRO E 9 -3.90 -52.92 56.29
N GLU E 10 -2.98 -53.60 55.61
CA GLU E 10 -1.55 -53.41 55.80
C GLU E 10 -1.04 -52.08 55.25
N GLY E 11 -1.87 -51.30 54.58
CA GLY E 11 -1.40 -50.08 53.96
C GLY E 11 -0.62 -50.28 52.68
N ARG E 12 -0.62 -51.48 52.14
CA ARG E 12 0.06 -51.78 50.88
C ARG E 12 -0.97 -51.93 49.77
N LEU E 13 -0.66 -51.34 48.63
CA LEU E 13 -1.46 -51.59 47.43
C LEU E 13 -1.26 -53.03 47.02
N PHE E 14 -2.35 -53.71 46.72
CA PHE E 14 -2.28 -55.12 46.32
C PHE E 14 -1.46 -55.32 45.06
N GLN E 15 -1.64 -54.42 44.09
CA GLN E 15 -0.92 -54.53 42.83
C GLN E 15 0.56 -54.27 43.00
N VAL E 16 0.93 -53.47 44.00
CA VAL E 16 2.34 -53.23 44.28
C VAL E 16 2.99 -54.47 44.86
N GLU E 17 2.28 -55.21 45.72
CA GLU E 17 2.85 -56.43 46.27
C GLU E 17 2.93 -57.55 45.23
N TYR E 18 1.95 -57.60 44.34
CA TYR E 18 1.91 -58.74 43.43
C TYR E 18 2.96 -58.61 42.33
N ALA E 19 3.29 -57.39 41.91
CA ALA E 19 4.39 -57.24 40.96
C ALA E 19 5.73 -57.55 41.62
N ILE E 20 5.85 -57.29 42.92
CA ILE E 20 7.05 -57.68 43.66
C ILE E 20 7.14 -59.19 43.74
N GLU E 21 6.00 -59.89 43.81
CA GLU E 21 6.10 -61.34 43.70
C GLU E 21 6.29 -61.82 42.26
N ALA E 22 5.94 -61.01 41.27
CA ALA E 22 6.25 -61.36 39.88
C ALA E 22 7.70 -61.08 39.51
N ILE E 23 8.43 -60.36 40.37
CA ILE E 23 9.89 -60.27 40.23
C ILE E 23 10.52 -61.66 40.25
N LYS E 24 10.00 -62.56 41.09
CA LYS E 24 10.62 -63.85 41.35
C LYS E 24 10.58 -64.83 40.17
N LEU E 25 9.94 -64.48 39.06
CA LEU E 25 10.02 -65.30 37.86
C LEU E 25 11.24 -64.97 37.00
N GLY E 26 12.06 -64.02 37.41
CA GLY E 26 13.02 -63.41 36.50
C GLY E 26 14.38 -64.07 36.44
N SER E 27 15.05 -63.81 35.32
CA SER E 27 16.45 -64.19 35.17
C SER E 27 17.29 -63.35 36.12
N THR E 28 18.09 -64.02 36.95
CA THR E 28 18.72 -63.37 38.09
C THR E 28 19.90 -62.49 37.66
N ALA E 29 19.92 -61.27 38.17
CA ALA E 29 20.92 -60.27 37.80
C ALA E 29 21.94 -60.12 38.91
N ILE E 30 23.20 -59.91 38.50
CA ILE E 30 24.31 -59.72 39.44
C ILE E 30 25.12 -58.51 38.99
N GLY E 31 25.17 -57.49 39.83
CA GLY E 31 26.03 -56.34 39.59
C GLY E 31 26.76 -55.94 40.86
N ILE E 32 28.04 -55.58 40.71
CA ILE E 32 28.93 -55.26 41.82
C ILE E 32 29.61 -53.94 41.53
N GLN E 33 29.69 -53.06 42.52
CA GLN E 33 30.44 -51.82 42.37
C GLN E 33 31.88 -52.00 42.83
N THR E 34 32.82 -51.59 41.98
CA THR E 34 34.22 -51.48 42.35
C THR E 34 34.71 -50.09 41.99
N SER E 35 35.91 -49.75 42.47
CA SER E 35 36.46 -48.42 42.21
C SER E 35 36.94 -48.27 40.77
N GLU E 36 37.30 -49.36 40.11
CA GLU E 36 37.71 -49.32 38.71
C GLU E 36 36.54 -49.50 37.76
N GLY E 37 35.32 -49.50 38.26
CA GLY E 37 34.14 -49.63 37.45
C GLY E 37 33.17 -50.63 38.04
N VAL E 38 32.09 -50.84 37.30
CA VAL E 38 31.00 -51.71 37.72
C VAL E 38 30.84 -52.82 36.69
N CYS E 39 30.64 -54.05 37.17
CA CYS E 39 30.41 -55.20 36.31
C CYS E 39 28.93 -55.58 36.37
N LEU E 40 28.44 -56.16 35.29
CA LEU E 40 27.03 -56.52 35.16
C LEU E 40 26.94 -57.86 34.44
N ALA E 41 26.40 -58.87 35.11
CA ALA E 41 26.23 -60.18 34.50
C ALA E 41 24.87 -60.77 34.85
N VAL E 42 24.17 -61.25 33.82
CA VAL E 42 22.82 -61.79 33.91
C VAL E 42 22.82 -63.11 33.15
N GLU E 43 22.08 -64.10 33.67
CA GLU E 43 21.89 -65.38 32.99
C GLU E 43 20.84 -65.25 31.89
N LYS E 44 21.15 -65.78 30.70
CA LYS E 44 20.25 -65.65 29.57
C LYS E 44 19.11 -66.66 29.64
N ARG E 45 19.38 -67.84 30.19
CA ARG E 45 18.43 -68.97 30.33
C ARG E 45 17.90 -69.39 28.95
N ILE E 46 18.80 -69.96 28.17
CA ILE E 46 18.43 -70.58 26.90
C ILE E 46 17.52 -71.77 27.20
N THR E 47 16.43 -71.89 26.46
CA THR E 47 15.50 -72.99 26.65
C THR E 47 15.59 -74.02 25.53
N SER E 48 16.21 -73.68 24.39
CA SER E 48 16.20 -74.58 23.26
C SER E 48 17.42 -74.32 22.40
N PRO E 49 18.05 -75.35 21.85
CA PRO E 49 19.21 -75.13 20.95
C PRO E 49 18.83 -74.54 19.60
N LEU E 50 17.55 -74.56 19.25
CA LEU E 50 17.08 -73.86 18.06
C LEU E 50 17.16 -72.34 18.21
N MET E 51 17.25 -71.84 19.45
CA MET E 51 17.22 -70.40 19.72
C MET E 51 18.60 -69.77 19.54
N GLU E 52 18.61 -68.59 18.90
CA GLU E 52 19.82 -67.77 18.80
C GLU E 52 20.12 -67.18 20.17
N PRO E 53 21.29 -67.42 20.76
CA PRO E 53 21.59 -66.80 22.07
C PRO E 53 21.91 -65.32 21.96
N SER E 54 22.45 -64.87 20.83
CA SER E 54 22.93 -63.49 20.70
C SER E 54 21.80 -62.47 20.66
N SER E 55 20.62 -62.84 20.18
CA SER E 55 19.52 -61.88 20.05
C SER E 55 18.77 -61.70 21.36
N ILE E 56 19.05 -62.49 22.38
CA ILE E 56 18.46 -62.28 23.70
C ILE E 56 19.31 -61.24 24.40
N GLU E 57 18.67 -60.22 24.96
CA GLU E 57 19.34 -59.08 25.57
C GLU E 57 18.72 -58.79 26.93
N LYS E 58 19.52 -58.92 27.97
CA LYS E 58 19.10 -58.64 29.34
C LYS E 58 20.04 -57.69 30.06
N ILE E 59 21.05 -57.17 29.37
CA ILE E 59 21.89 -56.07 29.83
C ILE E 59 22.04 -55.11 28.67
N VAL E 60 21.74 -53.84 28.88
CA VAL E 60 21.60 -52.92 27.77
C VAL E 60 22.50 -51.71 27.91
N GLU E 61 22.83 -51.12 26.76
CA GLU E 61 23.43 -49.80 26.73
C GLU E 61 22.38 -48.76 27.07
N ILE E 62 22.73 -47.86 27.98
CA ILE E 62 21.91 -46.70 28.27
C ILE E 62 22.51 -45.45 27.65
N ASP E 63 23.80 -45.26 27.86
CA ASP E 63 24.63 -44.32 27.11
C ASP E 63 26.02 -44.92 27.02
N ALA E 64 26.99 -44.06 26.68
CA ALA E 64 28.38 -44.49 26.59
C ALA E 64 29.00 -44.77 27.96
N HIS E 65 28.32 -44.41 29.05
CA HIS E 65 28.90 -44.49 30.38
C HIS E 65 28.01 -45.18 31.40
N ILE E 66 26.84 -45.70 31.00
CA ILE E 66 25.87 -46.25 31.94
C ILE E 66 25.38 -47.59 31.41
N GLY E 67 25.48 -48.63 32.23
CA GLY E 67 24.84 -49.90 31.95
C GLY E 67 23.61 -50.09 32.81
N CYS E 68 22.91 -51.20 32.57
CA CYS E 68 21.70 -51.49 33.30
C CYS E 68 21.38 -52.97 33.24
N ALA E 69 21.12 -53.57 34.39
CA ALA E 69 20.67 -54.96 34.47
C ALA E 69 19.17 -54.99 34.71
N MET E 70 18.56 -56.12 34.39
CA MET E 70 17.12 -56.27 34.52
C MET E 70 16.78 -57.69 34.95
N SER E 71 15.57 -57.85 35.47
CA SER E 71 15.07 -59.16 35.87
C SER E 71 13.55 -59.14 35.90
N GLY E 72 12.94 -60.17 35.34
CA GLY E 72 11.50 -60.25 35.36
C GLY E 72 10.84 -60.30 33.99
N LEU E 73 9.95 -59.34 33.76
CA LEU E 73 9.14 -59.29 32.55
C LEU E 73 9.79 -58.28 31.60
N ILE E 74 10.66 -58.80 30.73
CA ILE E 74 11.61 -57.99 29.95
C ILE E 74 10.90 -57.02 29.01
N ALA E 75 9.65 -57.35 28.65
CA ALA E 75 8.86 -56.47 27.82
C ALA E 75 8.45 -55.19 28.54
N ASP E 76 8.41 -55.19 29.87
CA ASP E 76 8.27 -53.94 30.62
C ASP E 76 9.55 -53.12 30.55
N ALA E 77 10.68 -53.80 30.63
CA ALA E 77 11.96 -53.13 30.49
C ALA E 77 12.19 -52.61 29.09
N LYS E 78 11.42 -53.04 28.09
CA LYS E 78 11.45 -52.36 26.79
C LYS E 78 11.11 -50.88 26.90
N THR E 79 9.92 -50.55 27.44
CA THR E 79 9.57 -49.14 27.53
C THR E 79 10.37 -48.43 28.61
N LEU E 80 10.84 -49.15 29.65
CA LEU E 80 11.67 -48.48 30.64
C LEU E 80 13.05 -48.13 30.10
N ILE E 81 13.70 -49.05 29.40
CA ILE E 81 15.02 -48.77 28.86
C ILE E 81 14.93 -47.74 27.74
N ASP E 82 13.87 -47.78 26.94
CA ASP E 82 13.74 -46.76 25.90
C ASP E 82 13.47 -45.36 26.47
N LYS E 83 12.74 -45.26 27.58
CA LYS E 83 12.58 -43.94 28.19
C LYS E 83 13.88 -43.50 28.88
N ALA E 84 14.66 -44.46 29.42
CA ALA E 84 15.97 -44.12 29.96
C ALA E 84 16.91 -43.60 28.89
N ARG E 85 16.91 -44.22 27.71
CA ARG E 85 17.78 -43.76 26.64
C ARG E 85 17.35 -42.40 26.12
N VAL E 86 16.03 -42.16 26.04
CA VAL E 86 15.54 -40.86 25.61
C VAL E 86 15.90 -39.78 26.64
N GLU E 87 15.85 -40.11 27.94
CA GLU E 87 16.24 -39.13 28.96
C GLU E 87 17.73 -38.82 28.90
N THR E 88 18.57 -39.84 28.70
CA THR E 88 20.01 -39.57 28.59
C THR E 88 20.35 -38.79 27.34
N GLN E 89 19.69 -39.08 26.22
CA GLN E 89 19.92 -38.30 25.02
C GLN E 89 19.37 -36.89 25.12
N ASN E 90 18.29 -36.68 25.88
CA ASN E 90 17.81 -35.32 26.08
C ASN E 90 18.75 -34.55 27.00
N HIS E 91 19.40 -35.24 27.92
CA HIS E 91 20.37 -34.55 28.76
C HIS E 91 21.62 -34.18 27.99
N TRP E 92 22.05 -35.06 27.08
CA TRP E 92 23.15 -34.69 26.19
C TRP E 92 22.76 -33.55 25.26
N PHE E 93 21.53 -33.55 24.77
CA PHE E 93 21.07 -32.50 23.88
C PHE E 93 20.99 -31.16 24.60
N THR E 94 20.44 -31.17 25.82
CA THR E 94 20.20 -29.92 26.53
C THR E 94 21.49 -29.39 27.17
N TYR E 95 22.21 -30.22 27.91
CA TYR E 95 23.26 -29.71 28.78
C TYR E 95 24.67 -29.95 28.27
N ASN E 96 24.82 -30.68 27.16
CA ASN E 96 26.12 -30.98 26.52
C ASN E 96 27.11 -31.61 27.51
N GLU E 97 26.62 -32.59 28.26
CA GLU E 97 27.45 -33.36 29.16
C GLU E 97 26.78 -34.71 29.39
N THR E 98 27.46 -35.58 30.12
CA THR E 98 26.92 -36.88 30.45
C THR E 98 25.91 -36.74 31.57
N MET E 99 24.83 -37.50 31.48
CA MET E 99 23.85 -37.47 32.55
C MET E 99 24.37 -38.34 33.70
N THR E 100 24.28 -37.81 34.91
CA THR E 100 24.62 -38.60 36.07
C THR E 100 23.59 -39.69 36.26
N VAL E 101 24.00 -40.76 36.97
CA VAL E 101 23.19 -41.96 37.00
C VAL E 101 22.00 -41.79 37.92
N GLU E 102 22.12 -40.89 38.92
CA GLU E 102 21.06 -40.69 39.90
C GLU E 102 19.82 -40.08 39.28
N SER E 103 19.99 -39.05 38.46
CA SER E 103 18.85 -38.47 37.79
C SER E 103 18.24 -39.42 36.76
N VAL E 104 19.07 -40.28 36.15
CA VAL E 104 18.57 -41.32 35.26
C VAL E 104 17.65 -42.27 36.02
N THR E 105 18.11 -42.75 37.18
CA THR E 105 17.31 -43.70 37.94
C THR E 105 16.07 -43.04 38.53
N GLN E 106 16.17 -41.75 38.89
CA GLN E 106 15.00 -41.04 39.38
C GLN E 106 13.97 -40.83 38.28
N ALA E 107 14.42 -40.50 37.06
CA ALA E 107 13.51 -40.34 35.94
C ALA E 107 12.84 -41.66 35.58
N VAL E 108 13.57 -42.76 35.63
CA VAL E 108 12.98 -44.06 35.32
C VAL E 108 12.07 -44.51 36.45
N SER E 109 12.39 -44.16 37.69
CA SER E 109 11.54 -44.52 38.80
C SER E 109 10.29 -43.66 38.89
N ASN E 110 10.26 -42.50 38.22
CA ASN E 110 9.00 -41.75 38.13
C ASN E 110 7.95 -42.48 37.33
N LEU E 111 8.35 -43.36 36.41
CA LEU E 111 7.41 -44.05 35.54
C LEU E 111 6.69 -45.17 36.24
N ALA E 112 7.33 -45.65 37.30
N ALA E 112 7.01 -45.53 37.49
CA ALA E 112 6.69 -46.39 38.36
CA ALA E 112 6.45 -46.77 38.07
C ALA E 112 5.84 -45.44 39.19
C ALA E 112 4.98 -46.64 38.45
N LEU E 113 4.69 -45.95 39.55
CA LEU E 113 3.44 -45.36 40.05
C LEU E 113 2.89 -44.20 39.20
N GLN E 114 3.34 -43.98 37.95
CA GLN E 114 2.50 -43.27 36.98
C GLN E 114 1.56 -44.26 36.31
N PHE E 115 0.64 -44.80 37.11
CA PHE E 115 -0.39 -45.66 36.57
C PHE E 115 -1.69 -45.36 37.30
N GLY E 116 -2.79 -45.76 36.68
CA GLY E 116 -4.11 -45.44 37.16
C GLY E 116 -5.07 -45.33 36.00
N GLU E 117 -6.36 -45.42 36.33
CA GLU E 117 -7.35 -45.72 35.30
C GLU E 117 -8.35 -44.61 35.03
N GLU E 118 -8.44 -43.56 35.87
CA GLU E 118 -9.14 -42.37 35.37
C GLU E 118 -8.34 -41.15 35.82
N ASP E 119 -7.24 -40.86 35.09
CA ASP E 119 -6.58 -39.56 35.16
C ASP E 119 -6.06 -39.13 33.80
N ALA E 120 -5.75 -40.09 32.95
CA ALA E 120 -4.76 -39.90 31.90
C ALA E 120 -5.37 -40.12 30.53
N ASP E 121 -4.49 -40.06 29.53
CA ASP E 121 -4.85 -40.22 28.13
C ASP E 121 -5.38 -41.63 27.87
N PRO E 122 -6.17 -41.84 26.77
CA PRO E 122 -6.74 -43.16 26.49
C PRO E 122 -5.79 -44.34 26.28
N GLY E 123 -4.48 -44.11 26.27
CA GLY E 123 -3.53 -45.19 26.21
C GLY E 123 -2.67 -45.30 27.45
N ALA E 124 -3.28 -45.13 28.62
CA ALA E 124 -2.54 -45.05 29.87
C ALA E 124 -2.11 -46.44 30.34
N MET E 125 -1.29 -46.45 31.39
CA MET E 125 -0.86 -47.69 32.02
C MET E 125 -1.90 -48.14 33.04
N SER E 126 -2.05 -49.45 33.19
CA SER E 126 -3.07 -49.99 34.08
C SER E 126 -2.54 -50.88 35.19
N ARG E 127 -1.24 -51.08 35.29
CA ARG E 127 -0.68 -51.98 36.29
C ARG E 127 0.77 -51.60 36.52
N PRO E 128 1.36 -51.96 37.66
CA PRO E 128 2.75 -51.60 37.90
C PRO E 128 3.71 -52.44 37.09
N PHE E 129 4.87 -51.83 36.81
CA PHE E 129 5.93 -52.53 36.11
C PHE E 129 6.51 -53.59 37.01
N GLY E 130 6.40 -54.85 36.62
CA GLY E 130 6.90 -55.90 37.47
C GLY E 130 8.34 -56.26 37.18
N VAL E 131 9.20 -55.26 37.08
CA VAL E 131 10.62 -55.46 36.85
C VAL E 131 11.39 -54.64 37.87
N ALA E 132 12.46 -55.21 38.41
CA ALA E 132 13.39 -54.49 39.24
C ALA E 132 14.74 -54.39 38.55
N LEU E 133 15.44 -53.30 38.77
CA LEU E 133 16.57 -52.94 37.92
C LEU E 133 17.81 -52.63 38.75
N LEU E 134 18.97 -52.78 38.13
CA LEU E 134 20.24 -52.33 38.70
C LEU E 134 20.92 -51.43 37.69
N PHE E 135 21.14 -50.18 38.05
CA PHE E 135 21.79 -49.21 37.18
C PHE E 135 23.24 -49.07 37.57
N GLY E 136 24.15 -49.50 36.70
CA GLY E 136 25.57 -49.37 36.91
C GLY E 136 26.15 -48.36 35.93
N GLY E 137 27.02 -47.49 36.44
CA GLY E 137 27.65 -46.54 35.55
C GLY E 137 28.72 -45.75 36.26
N VAL E 138 29.29 -44.81 35.52
CA VAL E 138 30.25 -43.87 36.06
C VAL E 138 29.82 -42.47 35.62
N ASP E 139 30.02 -41.49 36.51
CA ASP E 139 29.73 -40.09 36.21
C ASP E 139 30.84 -39.27 36.88
N GLU E 140 30.60 -37.97 37.08
CA GLU E 140 31.60 -37.11 37.70
C GLU E 140 31.85 -37.47 39.17
N LYS E 141 30.93 -38.16 39.82
CA LYS E 141 31.17 -38.57 41.20
C LYS E 141 31.88 -39.92 41.28
N GLY E 142 31.90 -40.69 40.20
CA GLY E 142 32.61 -41.95 40.19
C GLY E 142 31.72 -43.15 39.90
N PRO E 143 32.30 -44.36 39.99
CA PRO E 143 31.52 -45.57 39.64
C PRO E 143 30.46 -45.87 40.69
N GLN E 144 29.24 -46.13 40.22
CA GLN E 144 28.09 -46.22 41.09
C GLN E 144 27.18 -47.36 40.66
N LEU E 145 26.48 -47.94 41.62
CA LEU E 145 25.44 -48.92 41.35
C LEU E 145 24.19 -48.50 42.10
N PHE E 146 23.04 -48.57 41.44
CA PHE E 146 21.74 -48.24 41.99
C PHE E 146 20.84 -49.45 41.94
N HIS E 147 19.71 -49.35 42.61
CA HIS E 147 18.75 -50.44 42.66
C HIS E 147 17.35 -49.85 42.61
N MET E 148 16.47 -50.46 41.82
CA MET E 148 15.10 -49.99 41.74
C MET E 148 14.21 -51.21 41.90
N ASP E 149 12.98 -51.01 42.32
CA ASP E 149 12.03 -52.09 42.57
C ASP E 149 10.65 -51.66 42.05
N PRO E 150 9.61 -52.50 42.01
CA PRO E 150 8.31 -52.02 41.52
C PRO E 150 7.63 -50.97 42.37
N SER E 151 8.10 -50.71 43.57
CA SER E 151 7.55 -49.63 44.37
C SER E 151 8.07 -48.26 43.96
N GLY E 152 9.01 -48.20 43.02
CA GLY E 152 9.59 -46.93 42.64
C GLY E 152 10.57 -46.38 43.63
N THR E 153 11.14 -47.22 44.50
CA THR E 153 12.06 -46.77 45.54
C THR E 153 13.48 -47.06 45.11
N PHE E 154 14.30 -46.02 44.90
CA PHE E 154 15.62 -46.20 44.35
C PHE E 154 16.69 -45.80 45.37
N VAL E 155 17.82 -46.50 45.31
CA VAL E 155 18.80 -46.52 46.40
C VAL E 155 20.16 -46.94 45.85
N GLN E 156 21.23 -46.35 46.39
CA GLN E 156 22.58 -46.59 45.89
C GLN E 156 23.08 -47.94 46.37
N CYS E 157 23.65 -48.74 45.48
CA CYS E 157 24.11 -50.08 45.80
C CYS E 157 25.63 -50.17 45.72
N ASP E 158 26.17 -51.16 46.44
CA ASP E 158 27.54 -51.62 46.24
C ASP E 158 27.60 -52.97 45.55
N ALA E 159 26.70 -53.90 45.89
CA ALA E 159 26.45 -55.10 45.10
C ALA E 159 25.08 -55.65 45.49
N ARG E 160 24.42 -56.28 44.52
CA ARG E 160 23.02 -56.62 44.68
C ARG E 160 22.62 -57.75 43.73
N ALA E 161 21.63 -58.54 44.15
CA ALA E 161 21.02 -59.56 43.32
C ALA E 161 19.52 -59.32 43.23
N ILE E 162 18.96 -59.44 42.02
CA ILE E 162 17.54 -59.28 41.76
C ILE E 162 17.02 -60.55 41.08
N GLY E 163 15.82 -60.98 41.46
CA GLY E 163 15.09 -61.94 40.69
C GLY E 163 14.82 -63.23 41.43
N SER E 164 14.75 -64.32 40.65
CA SER E 164 14.42 -65.65 41.17
C SER E 164 15.47 -66.12 42.18
N ALA E 165 16.74 -65.96 41.84
CA ALA E 165 17.84 -66.31 42.75
C ALA E 165 18.45 -65.08 43.38
N SER E 166 17.61 -64.10 43.74
CA SER E 166 18.12 -62.89 44.39
C SER E 166 18.57 -63.17 45.81
N GLU E 167 17.69 -63.83 46.54
N GLU E 167 17.89 -64.06 46.55
CA GLU E 167 18.03 -64.53 47.75
CA GLU E 167 18.13 -64.18 48.00
C GLU E 167 18.98 -65.66 47.39
C GLU E 167 19.50 -64.67 48.53
N GLY E 168 19.80 -65.96 48.36
CA GLY E 168 21.09 -66.62 48.33
C GLY E 168 22.22 -65.80 47.74
N ALA E 169 22.03 -65.31 46.52
CA ALA E 169 23.07 -64.53 45.87
C ALA E 169 23.30 -63.19 46.56
N GLN E 170 22.31 -62.65 47.27
CA GLN E 170 22.54 -61.43 48.03
C GLN E 170 23.42 -61.68 49.25
N SER E 171 23.25 -62.82 49.91
CA SER E 171 24.10 -63.14 51.05
C SER E 171 25.51 -63.54 50.61
N SER E 172 25.63 -64.17 49.44
CA SER E 172 26.97 -64.45 48.92
C SER E 172 27.67 -63.16 48.49
N LEU E 173 26.91 -62.20 47.96
CA LEU E 173 27.47 -60.87 47.70
C LEU E 173 27.80 -60.13 48.98
N GLN E 174 27.12 -60.45 50.09
CA GLN E 174 27.56 -59.93 51.38
C GLN E 174 28.89 -60.54 51.78
N GLU E 175 29.09 -61.81 51.44
CA GLU E 175 30.34 -62.49 51.77
C GLU E 175 31.53 -61.90 51.04
N VAL E 176 31.49 -61.86 49.70
CA VAL E 176 32.73 -61.58 48.96
C VAL E 176 33.11 -60.11 48.94
N TYR E 177 32.18 -59.19 49.23
CA TYR E 177 32.42 -57.78 48.94
C TYR E 177 33.37 -57.12 49.93
N HIS E 178 34.31 -56.34 49.37
CA HIS E 178 35.10 -55.36 50.08
C HIS E 178 35.36 -54.22 49.12
N LYS E 179 35.63 -53.03 49.68
CA LYS E 179 35.71 -51.83 48.84
C LYS E 179 36.97 -51.77 47.99
N SER E 180 38.00 -52.54 48.30
CA SER E 180 39.24 -52.57 47.54
C SER E 180 39.20 -53.58 46.40
N MET E 181 38.03 -54.08 46.08
CA MET E 181 37.87 -55.11 45.06
C MET E 181 38.09 -54.52 43.67
N THR E 182 38.72 -55.29 42.79
CA THR E 182 38.91 -54.78 41.45
C THR E 182 37.73 -55.18 40.55
N LEU E 183 37.68 -54.58 39.37
CA LEU E 183 36.67 -54.90 38.38
C LEU E 183 36.81 -56.34 37.90
N LYS E 184 38.05 -56.82 37.78
CA LYS E 184 38.27 -58.21 37.40
C LYS E 184 37.94 -59.16 38.55
N GLU E 185 38.22 -58.75 39.79
CA GLU E 185 37.78 -59.50 40.96
C GLU E 185 36.26 -59.49 41.08
N ALA E 186 35.63 -58.38 40.67
CA ALA E 186 34.18 -58.34 40.63
C ALA E 186 33.64 -59.30 39.59
N ILE E 187 34.33 -59.42 38.45
CA ILE E 187 33.95 -60.40 37.45
C ILE E 187 34.08 -61.82 37.98
N LYS E 188 35.18 -62.11 38.70
CA LYS E 188 35.38 -63.48 39.14
C LYS E 188 34.41 -63.85 40.26
N SER E 189 33.99 -62.86 41.05
CA SER E 189 32.95 -63.14 42.04
C SER E 189 31.57 -63.26 41.44
N SER E 190 31.26 -62.42 40.44
CA SER E 190 29.98 -62.46 39.77
C SER E 190 29.78 -63.78 39.04
N LEU E 191 30.83 -64.30 38.39
CA LEU E 191 30.71 -65.56 37.69
C LEU E 191 30.62 -66.74 38.66
N ILE E 192 31.31 -66.68 39.81
CA ILE E 192 31.15 -67.71 40.84
C ILE E 192 29.71 -67.77 41.33
N ILE E 193 29.13 -66.61 41.63
CA ILE E 193 27.78 -66.63 42.20
C ILE E 193 26.74 -66.98 41.14
N LEU E 194 26.92 -66.51 39.91
CA LEU E 194 26.01 -66.87 38.83
C LEU E 194 26.09 -68.36 38.50
N LYS E 195 27.30 -68.93 38.49
CA LYS E 195 27.44 -70.35 38.22
C LYS E 195 26.95 -71.19 39.39
N GLN E 196 26.97 -70.63 40.60
CA GLN E 196 26.25 -71.25 41.71
C GLN E 196 24.75 -71.30 41.45
N VAL E 197 24.18 -70.22 40.90
CA VAL E 197 22.72 -70.19 40.78
C VAL E 197 22.18 -70.66 39.43
N MET E 198 23.01 -70.71 38.38
CA MET E 198 22.54 -71.21 37.09
C MET E 198 22.21 -72.69 37.13
N GLU E 199 21.07 -73.06 36.54
CA GLU E 199 20.73 -74.47 36.42
C GLU E 199 21.43 -75.11 35.23
N GLU E 200 21.48 -74.43 34.09
CA GLU E 200 22.28 -74.91 32.98
C GLU E 200 23.76 -74.58 33.21
N LYS E 201 24.63 -75.37 32.58
CA LYS E 201 26.06 -75.24 32.79
C LYS E 201 26.58 -73.97 32.11
N LEU E 202 27.42 -73.23 32.84
CA LEU E 202 27.88 -71.94 32.35
C LEU E 202 28.87 -72.09 31.21
N ASN E 203 28.67 -71.26 30.17
CA ASN E 203 29.67 -71.02 29.15
C ASN E 203 29.37 -69.65 28.55
N ALA E 204 29.97 -69.35 27.40
CA ALA E 204 29.81 -68.05 26.78
C ALA E 204 28.50 -67.89 26.02
N THR E 205 27.70 -68.95 25.90
CA THR E 205 26.47 -68.91 25.11
C THR E 205 25.21 -68.81 25.96
N ASN E 206 25.31 -68.92 27.29
CA ASN E 206 24.13 -68.76 28.14
C ASN E 206 24.27 -67.63 29.16
N ILE E 207 25.27 -66.74 29.00
CA ILE E 207 25.41 -65.55 29.81
C ILE E 207 25.66 -64.37 28.89
N GLU E 208 25.47 -63.17 29.43
CA GLU E 208 26.06 -61.95 28.89
C GLU E 208 26.73 -61.19 30.01
N LEU E 209 27.75 -60.42 29.65
CA LEU E 209 28.41 -59.56 30.63
C LEU E 209 28.87 -58.31 29.91
N ALA E 210 28.72 -57.18 30.58
CA ALA E 210 29.30 -55.93 30.13
C ALA E 210 29.95 -55.23 31.30
N THR E 211 30.98 -54.45 31.00
CA THR E 211 31.69 -53.67 32.00
C THR E 211 31.69 -52.20 31.60
N VAL E 212 31.74 -51.34 32.61
CA VAL E 212 31.85 -49.91 32.43
C VAL E 212 33.05 -49.43 33.23
N GLN E 213 33.90 -48.63 32.60
CA GLN E 213 35.10 -48.13 33.25
C GLN E 213 35.09 -46.61 33.25
N PRO E 214 35.88 -45.99 34.12
CA PRO E 214 36.20 -44.57 33.90
C PRO E 214 37.03 -44.37 32.64
N GLY E 215 37.94 -45.29 32.36
CA GLY E 215 38.78 -45.20 31.18
C GLY E 215 38.05 -45.46 29.87
N GLN E 216 37.43 -46.62 29.74
CA GLN E 216 36.77 -47.00 28.49
C GLN E 216 35.26 -46.96 28.66
N ASN E 217 34.57 -47.05 27.53
CA ASN E 217 33.12 -46.93 27.50
C ASN E 217 32.48 -48.22 28.01
N PHE E 218 31.14 -48.21 28.01
CA PHE E 218 30.35 -49.42 28.16
C PHE E 218 30.72 -50.45 27.11
N HIS E 219 31.08 -51.65 27.55
CA HIS E 219 31.65 -52.64 26.64
C HIS E 219 31.03 -54.00 26.93
N MET E 220 30.10 -54.41 26.07
CA MET E 220 29.57 -55.77 26.11
C MET E 220 30.64 -56.76 25.69
N PHE E 221 30.75 -57.86 26.42
CA PHE E 221 31.78 -58.85 26.13
C PHE E 221 31.40 -59.68 24.91
N THR E 222 32.38 -59.92 24.04
CA THR E 222 32.18 -60.86 22.96
C THR E 222 32.31 -62.29 23.48
N LYS E 223 32.07 -63.25 22.58
CA LYS E 223 32.13 -64.67 22.96
C LYS E 223 33.54 -65.09 23.34
N GLU E 224 34.54 -64.63 22.59
CA GLU E 224 35.93 -64.97 22.88
C GLU E 224 36.39 -64.30 24.17
N GLU E 225 35.90 -63.09 24.44
CA GLU E 225 36.26 -62.41 25.68
C GLU E 225 35.61 -63.06 26.88
N LEU E 226 34.40 -63.62 26.71
CA LEU E 226 33.81 -64.41 27.77
C LEU E 226 34.60 -65.70 28.01
N GLU E 227 34.97 -66.38 26.91
CA GLU E 227 35.79 -67.59 26.99
C GLU E 227 37.15 -67.34 27.63
N GLU E 228 37.66 -66.11 27.50
CA GLU E 228 38.89 -65.74 28.21
C GLU E 228 38.68 -65.75 29.71
N VAL E 229 37.47 -65.43 30.17
CA VAL E 229 37.18 -65.47 31.61
C VAL E 229 36.91 -66.91 32.07
N ILE E 230 36.17 -67.67 31.26
CA ILE E 230 35.63 -68.98 31.66
C ILE E 230 36.70 -70.02 32.00
N LYS E 231 37.90 -69.91 31.40
CA LYS E 231 38.96 -70.91 31.60
C LYS E 231 39.43 -70.98 33.04
N ASP E 232 39.39 -69.86 33.77
CA ASP E 232 39.69 -69.89 35.20
C ASP E 232 38.56 -70.50 36.00
N ILE E 233 37.35 -70.49 35.47
CA ILE E 233 36.16 -70.82 36.24
C ILE E 233 35.79 -72.29 36.11
N ASN F 3 -15.65 -55.29 54.67
CA ASN F 3 -16.07 -56.32 53.74
C ASN F 3 -16.45 -55.71 52.40
N GLN F 4 -17.54 -54.95 52.39
CA GLN F 4 -17.96 -54.25 51.19
C GLN F 4 -17.63 -52.77 51.20
N TYR F 5 -17.27 -52.21 52.36
CA TYR F 5 -16.97 -50.78 52.45
C TYR F 5 -15.49 -50.49 52.44
N ASP F 6 -14.64 -51.49 52.27
CA ASP F 6 -13.20 -51.29 52.31
C ASP F 6 -12.57 -51.30 50.93
N ASN F 7 -13.39 -51.33 49.88
CA ASN F 7 -12.89 -51.47 48.53
C ASN F 7 -12.87 -50.16 47.76
N ASP F 8 -13.50 -49.11 48.27
CA ASP F 8 -13.59 -47.85 47.57
C ASP F 8 -13.42 -46.72 48.58
N VAL F 9 -12.72 -45.66 48.17
CA VAL F 9 -12.60 -44.48 49.00
C VAL F 9 -13.90 -43.69 49.03
N THR F 10 -14.79 -43.91 48.06
CA THR F 10 -16.03 -43.15 47.95
C THR F 10 -17.22 -43.87 48.55
N VAL F 11 -17.03 -44.67 49.58
CA VAL F 11 -18.13 -45.36 50.23
C VAL F 11 -18.08 -45.04 51.71
N TRP F 12 -19.08 -44.33 52.21
CA TRP F 12 -19.20 -44.13 53.64
C TRP F 12 -19.64 -45.42 54.31
N SER F 13 -18.88 -45.86 55.30
CA SER F 13 -19.30 -46.95 56.15
C SER F 13 -20.39 -46.44 57.09
N PRO F 14 -21.30 -47.31 57.53
CA PRO F 14 -22.46 -46.83 58.30
C PRO F 14 -22.14 -46.26 59.68
N GLN F 15 -20.89 -46.30 60.14
CA GLN F 15 -20.51 -45.55 61.33
C GLN F 15 -20.19 -44.11 61.01
N GLY F 16 -20.14 -43.75 59.74
CA GLY F 16 -19.69 -42.41 59.37
C GLY F 16 -18.19 -42.33 59.21
N ARG F 17 -17.57 -43.32 58.60
CA ARG F 17 -16.15 -43.36 58.39
C ARG F 17 -15.88 -43.86 56.98
N ILE F 18 -14.62 -43.81 56.57
CA ILE F 18 -14.21 -44.30 55.26
C ILE F 18 -13.04 -45.23 55.50
N HIS F 19 -13.23 -46.52 55.23
CA HIS F 19 -12.21 -47.48 55.61
C HIS F 19 -10.99 -47.39 54.72
N GLN F 20 -11.16 -47.02 53.46
CA GLN F 20 -10.02 -46.84 52.57
C GLN F 20 -9.19 -45.63 52.89
N ILE F 21 -9.69 -44.70 53.70
CA ILE F 21 -8.86 -43.61 54.17
C ILE F 21 -8.06 -44.04 55.39
N GLU F 22 -8.71 -44.75 56.31
CA GLU F 22 -8.03 -45.21 57.50
C GLU F 22 -7.00 -46.29 57.20
N TYR F 23 -7.17 -47.02 56.10
CA TYR F 23 -6.13 -47.98 55.71
C TYR F 23 -4.91 -47.28 55.15
N ALA F 24 -5.08 -46.07 54.61
CA ALA F 24 -3.94 -45.34 54.09
C ALA F 24 -3.01 -44.86 55.20
N MET F 25 -3.53 -44.71 56.42
CA MET F 25 -2.68 -44.32 57.54
C MET F 25 -1.82 -45.47 58.02
N GLU F 26 -2.13 -46.71 57.66
CA GLU F 26 -1.23 -47.80 57.99
C GLU F 26 0.06 -47.71 57.19
N ALA F 27 0.00 -47.14 55.99
CA ALA F 27 1.20 -46.92 55.21
C ALA F 27 2.13 -45.90 55.85
N VAL F 28 1.62 -44.99 56.69
CA VAL F 28 2.52 -44.12 57.43
C VAL F 28 2.87 -44.75 58.78
N LYS F 29 2.04 -45.65 59.29
CA LYS F 29 2.35 -46.25 60.57
C LYS F 29 3.29 -47.45 60.46
N GLN F 30 3.63 -47.89 59.26
CA GLN F 30 4.62 -48.95 59.13
C GLN F 30 6.02 -48.44 58.80
N GLY F 31 6.13 -47.29 58.15
CA GLY F 31 7.40 -46.84 57.60
C GLY F 31 8.42 -46.46 58.67
N SER F 32 9.65 -46.28 58.21
CA SER F 32 10.76 -45.94 59.10
C SER F 32 10.53 -44.57 59.73
N ALA F 33 10.56 -44.54 61.06
CA ALA F 33 10.15 -43.39 61.83
C ALA F 33 11.11 -42.21 61.65
N THR F 34 10.58 -41.03 61.91
CA THR F 34 11.33 -39.78 61.79
C THR F 34 10.82 -38.82 62.83
N VAL F 35 11.63 -37.80 63.11
CA VAL F 35 11.32 -36.82 64.16
C VAL F 35 11.67 -35.44 63.65
N GLY F 36 10.82 -34.47 63.96
CA GLY F 36 11.13 -33.09 63.67
C GLY F 36 11.00 -32.27 64.92
N LEU F 37 11.66 -31.10 64.90
CA LEU F 37 11.62 -30.14 66.00
C LEU F 37 12.15 -28.81 65.49
N LYS F 38 11.99 -27.77 66.30
CA LYS F 38 12.49 -26.47 65.91
C LYS F 38 12.87 -25.67 67.14
N SER F 39 13.74 -24.69 66.92
CA SER F 39 14.04 -23.61 67.84
C SER F 39 13.35 -22.36 67.32
N LYS F 40 13.66 -21.21 67.92
CA LYS F 40 13.24 -19.97 67.29
C LYS F 40 14.20 -19.53 66.18
N THR F 41 15.28 -20.27 65.96
CA THR F 41 16.26 -19.97 64.92
C THR F 41 16.41 -21.06 63.88
N HIS F 42 16.15 -22.33 64.22
CA HIS F 42 16.43 -23.44 63.32
C HIS F 42 15.26 -24.41 63.30
N ALA F 43 15.25 -25.26 62.28
CA ALA F 43 14.34 -26.41 62.20
C ALA F 43 15.14 -27.62 61.78
N VAL F 44 14.95 -28.74 62.48
CA VAL F 44 15.82 -29.90 62.35
C VAL F 44 14.97 -31.13 62.11
N LEU F 45 15.25 -31.85 61.02
CA LEU F 45 14.66 -33.15 60.76
C LEU F 45 15.72 -34.22 60.94
N VAL F 46 15.32 -35.32 61.58
CA VAL F 46 16.19 -36.46 61.85
C VAL F 46 15.42 -37.69 61.40
N ALA F 47 16.01 -38.49 60.51
CA ALA F 47 15.29 -39.60 59.92
C ALA F 47 16.18 -40.82 59.81
N LEU F 48 15.55 -41.99 59.92
CA LEU F 48 16.20 -43.26 59.66
C LEU F 48 16.32 -43.53 58.17
N LYS F 49 17.54 -43.81 57.71
CA LYS F 49 17.76 -44.10 56.30
C LYS F 49 17.57 -45.60 56.09
N ARG F 50 16.83 -45.94 55.03
CA ARG F 50 16.38 -47.31 54.81
C ARG F 50 17.18 -48.01 53.73
N ALA F 51 17.85 -49.07 54.14
CA ALA F 51 18.49 -50.01 53.23
C ALA F 51 17.55 -51.18 53.10
N GLN F 52 17.59 -51.85 51.94
CA GLN F 52 16.83 -53.08 51.83
C GLN F 52 17.36 -54.17 52.74
N SER F 53 18.69 -54.30 52.86
CA SER F 53 19.27 -54.66 54.16
C SER F 53 20.53 -53.82 54.42
N GLU F 54 21.33 -53.66 53.37
CA GLU F 54 22.71 -53.18 53.32
C GLU F 54 23.03 -53.29 51.83
N LEU F 55 24.29 -53.37 51.39
CA LEU F 55 24.98 -52.60 50.34
C LEU F 55 24.16 -51.71 49.42
N ALA F 56 22.91 -52.03 49.08
CA ALA F 56 21.97 -50.96 48.83
C ALA F 56 22.03 -49.98 50.00
N ALA F 57 22.56 -48.79 49.74
CA ALA F 57 23.08 -47.90 50.76
C ALA F 57 22.08 -46.83 51.17
N HIS F 58 20.95 -47.27 51.75
CA HIS F 58 20.16 -46.41 52.62
C HIS F 58 19.47 -45.24 51.91
N GLN F 59 18.33 -45.55 51.26
CA GLN F 59 17.36 -44.65 50.66
C GLN F 59 17.17 -43.36 51.45
N LYS F 60 17.27 -42.23 50.75
CA LYS F 60 17.12 -40.94 51.39
C LYS F 60 15.70 -40.72 51.86
N LYS F 61 15.57 -40.05 53.00
CA LYS F 61 14.27 -39.64 53.51
C LYS F 61 14.08 -38.14 53.44
N ILE F 62 15.16 -37.40 53.29
CA ILE F 62 15.12 -35.96 53.37
C ILE F 62 15.54 -35.41 52.01
N LEU F 63 14.61 -34.76 51.33
CA LEU F 63 14.81 -34.30 49.97
C LEU F 63 15.09 -32.82 49.96
N HIS F 64 16.10 -32.41 49.20
CA HIS F 64 16.34 -30.99 49.02
C HIS F 64 15.26 -30.43 48.13
N VAL F 65 14.27 -29.78 48.74
CA VAL F 65 13.07 -29.36 48.05
C VAL F 65 13.18 -27.91 47.59
N ASP F 66 13.74 -27.04 48.42
CA ASP F 66 14.29 -25.77 47.95
C ASP F 66 15.53 -25.46 48.78
N ASN F 67 16.02 -24.22 48.67
CA ASN F 67 16.99 -23.74 49.63
C ASN F 67 16.41 -23.59 51.01
N HIS F 68 15.08 -23.44 51.10
CA HIS F 68 14.44 -23.02 52.33
C HIS F 68 13.41 -24.00 52.87
N ILE F 69 13.20 -25.15 52.23
CA ILE F 69 12.23 -26.15 52.68
C ILE F 69 12.82 -27.52 52.43
N GLY F 70 12.79 -28.37 53.46
CA GLY F 70 13.05 -29.79 53.27
C GLY F 70 11.98 -30.64 53.90
N ILE F 71 11.74 -31.85 53.38
CA ILE F 71 10.64 -32.68 53.85
C ILE F 71 11.21 -34.01 54.31
N SER F 72 10.41 -34.73 55.10
CA SER F 72 10.74 -36.09 55.51
C SER F 72 9.63 -37.04 55.11
N ILE F 73 9.98 -38.29 54.87
CA ILE F 73 9.08 -39.26 54.26
C ILE F 73 8.83 -40.37 55.27
N ALA F 74 7.63 -40.95 55.20
CA ALA F 74 7.33 -42.20 55.89
C ALA F 74 6.20 -42.88 55.13
N GLY F 75 6.53 -43.87 54.30
CA GLY F 75 5.50 -44.54 53.53
C GLY F 75 5.83 -44.76 52.07
N LEU F 76 4.83 -44.61 51.21
CA LEU F 76 4.99 -44.83 49.78
C LEU F 76 5.91 -43.76 49.20
N THR F 77 7.13 -44.16 48.84
CA THR F 77 8.18 -43.22 48.50
C THR F 77 7.89 -42.48 47.19
N ALA F 78 7.22 -43.13 46.24
CA ALA F 78 6.93 -42.44 45.00
C ALA F 78 5.83 -41.40 45.16
N ASP F 79 4.96 -41.57 46.16
CA ASP F 79 3.98 -40.53 46.42
C ASP F 79 4.61 -39.31 47.04
N ALA F 80 5.60 -39.51 47.89
CA ALA F 80 6.32 -38.37 48.43
C ALA F 80 7.21 -37.72 47.39
N ARG F 81 7.72 -38.47 46.42
CA ARG F 81 8.51 -37.83 45.38
C ARG F 81 7.62 -37.03 44.43
N LEU F 82 6.41 -37.52 44.19
CA LEU F 82 5.38 -36.73 43.51
C LEU F 82 5.10 -35.43 44.25
N LEU F 83 5.01 -35.50 45.57
CA LEU F 83 4.72 -34.31 46.35
C LEU F 83 5.93 -33.40 46.47
N CYS F 84 7.14 -33.93 46.35
CA CYS F 84 8.34 -33.11 46.31
C CYS F 84 8.41 -32.33 45.01
N ASN F 85 8.07 -32.96 43.88
CA ASN F 85 8.06 -32.22 42.62
C ASN F 85 6.94 -31.21 42.59
N PHE F 86 5.82 -31.49 43.27
CA PHE F 86 4.76 -30.51 43.38
C PHE F 86 5.20 -29.28 44.17
N MET F 87 5.83 -29.48 45.33
CA MET F 87 6.28 -28.34 46.13
C MET F 87 7.41 -27.58 45.45
N ARG F 88 8.27 -28.28 44.71
CA ARG F 88 9.27 -27.64 43.86
C ARG F 88 8.62 -26.71 42.85
N GLN F 89 7.54 -27.19 42.21
CA GLN F 89 6.90 -26.37 41.18
C GLN F 89 6.16 -25.19 41.79
N GLU F 90 5.61 -25.35 42.98
CA GLU F 90 4.87 -24.25 43.59
C GLU F 90 5.81 -23.15 44.08
N CYS F 91 6.91 -23.52 44.75
CA CYS F 91 7.87 -22.49 45.15
C CYS F 91 8.53 -21.84 43.94
N LEU F 92 8.71 -22.59 42.84
CA LEU F 92 9.30 -21.94 41.67
C LEU F 92 8.32 -21.03 40.96
N ASP F 93 7.01 -21.34 40.99
CA ASP F 93 6.06 -20.40 40.42
C ASP F 93 5.90 -19.17 41.28
N SER F 94 6.01 -19.30 42.60
CA SER F 94 5.98 -18.13 43.46
C SER F 94 7.21 -17.27 43.27
N ARG F 95 8.39 -17.88 43.08
CA ARG F 95 9.58 -17.09 42.79
C ARG F 95 9.48 -16.42 41.42
N PHE F 96 8.93 -17.13 40.44
CA PHE F 96 8.84 -16.58 39.09
C PHE F 96 7.82 -15.46 39.00
N VAL F 97 6.76 -15.50 39.79
CA VAL F 97 5.77 -14.43 39.73
C VAL F 97 6.09 -13.31 40.71
N PHE F 98 6.19 -13.62 42.00
CA PHE F 98 6.23 -12.59 43.02
C PHE F 98 7.62 -12.25 43.52
N ASP F 99 8.64 -12.98 43.07
CA ASP F 99 10.05 -12.75 43.44
C ASP F 99 10.28 -12.81 44.95
N ARG F 100 9.51 -13.66 45.63
CA ARG F 100 9.84 -14.04 46.98
C ARG F 100 9.39 -15.49 47.15
N PRO F 101 10.10 -16.28 47.95
CA PRO F 101 9.69 -17.66 48.17
C PRO F 101 8.35 -17.73 48.86
N LEU F 102 7.57 -18.75 48.50
CA LEU F 102 6.23 -18.91 49.04
C LEU F 102 6.28 -19.22 50.52
N PRO F 103 5.40 -18.63 51.31
CA PRO F 103 5.37 -18.96 52.75
C PRO F 103 4.95 -20.39 52.97
N VAL F 104 5.54 -21.02 53.99
CA VAL F 104 5.41 -22.45 54.20
C VAL F 104 3.99 -22.79 54.61
N SER F 105 3.35 -21.92 55.39
CA SER F 105 2.00 -22.17 55.84
C SER F 105 0.98 -22.16 54.70
N ARG F 106 1.27 -21.48 53.60
CA ARG F 106 0.41 -21.55 52.44
C ARG F 106 0.71 -22.76 51.59
N LEU F 107 1.98 -23.17 51.56
CA LEU F 107 2.36 -24.30 50.74
C LEU F 107 1.83 -25.60 51.31
N VAL F 108 1.78 -25.72 52.63
CA VAL F 108 1.24 -26.94 53.20
C VAL F 108 -0.27 -26.98 53.04
N SER F 109 -0.95 -25.82 53.02
CA SER F 109 -2.36 -25.82 52.69
C SER F 109 -2.60 -26.18 51.23
N LEU F 110 -1.66 -25.85 50.35
CA LEU F 110 -1.78 -26.30 48.96
C LEU F 110 -1.61 -27.81 48.84
N ILE F 111 -0.72 -28.39 49.64
CA ILE F 111 -0.60 -29.85 49.66
C ILE F 111 -1.86 -30.48 50.22
N GLY F 112 -2.42 -29.90 51.27
CA GLY F 112 -3.68 -30.39 51.81
C GLY F 112 -4.83 -30.26 50.85
N SER F 113 -4.78 -29.27 49.96
CA SER F 113 -5.76 -29.18 48.89
C SER F 113 -5.52 -30.23 47.82
N LYS F 114 -4.26 -30.54 47.52
CA LYS F 114 -3.98 -31.49 46.45
C LYS F 114 -4.30 -32.91 46.86
N THR F 115 -3.90 -33.31 48.07
CA THR F 115 -4.18 -34.67 48.51
C THR F 115 -5.64 -34.91 48.83
N GLN F 116 -6.43 -33.85 48.97
CA GLN F 116 -7.85 -34.02 49.30
C GLN F 116 -8.63 -34.58 48.13
N ILE F 117 -8.27 -34.20 46.92
CA ILE F 117 -9.09 -34.46 45.72
C ILE F 117 -9.19 -35.95 45.39
N PRO F 118 -8.14 -36.79 45.45
CA PRO F 118 -8.38 -38.23 45.30
C PRO F 118 -9.13 -38.87 46.43
N THR F 119 -9.25 -38.24 47.59
CA THR F 119 -10.01 -38.84 48.68
C THR F 119 -11.51 -38.70 48.53
N GLN F 120 -11.99 -38.27 47.37
CA GLN F 120 -13.41 -38.03 47.18
C GLN F 120 -13.93 -38.57 45.86
N ARG F 121 -13.08 -38.84 44.91
CA ARG F 121 -13.46 -39.09 43.53
C ARG F 121 -13.19 -40.55 43.17
N TYR F 122 -14.16 -41.19 42.54
CA TYR F 122 -14.15 -42.65 42.39
C TYR F 122 -13.07 -43.14 41.45
N GLY F 123 -12.45 -44.26 41.84
CA GLY F 123 -11.37 -44.84 41.08
C GLY F 123 -9.99 -44.43 41.55
N ARG F 124 -9.92 -43.53 42.51
CA ARG F 124 -8.66 -43.00 42.99
C ARG F 124 -8.38 -43.51 44.39
N ARG F 125 -7.15 -43.32 44.84
CA ARG F 125 -6.76 -43.72 46.17
C ARG F 125 -6.19 -42.53 46.92
N PRO F 126 -6.29 -42.52 48.25
CA PRO F 126 -5.61 -41.47 49.00
C PRO F 126 -4.11 -41.64 48.89
N TYR F 127 -3.40 -40.54 49.03
CA TYR F 127 -1.94 -40.62 49.04
C TYR F 127 -1.52 -41.38 50.29
N GLY F 128 -0.61 -42.32 50.15
CA GLY F 128 -0.30 -43.13 51.30
C GLY F 128 0.91 -42.66 52.07
N VAL F 129 1.13 -41.36 52.13
CA VAL F 129 2.35 -40.82 52.70
C VAL F 129 2.00 -39.73 53.69
N GLY F 130 2.69 -39.72 54.83
CA GLY F 130 2.66 -38.61 55.75
C GLY F 130 4.02 -37.95 55.75
N LEU F 131 4.03 -36.65 55.95
CA LEU F 131 5.26 -35.88 55.79
C LEU F 131 5.54 -35.11 57.06
N LEU F 132 6.82 -34.82 57.28
CA LEU F 132 7.23 -33.74 58.15
C LEU F 132 7.95 -32.72 57.28
N ILE F 133 7.51 -31.47 57.35
CA ILE F 133 8.03 -30.42 56.50
C ILE F 133 8.75 -29.41 57.37
N ALA F 134 10.02 -29.18 57.09
CA ALA F 134 10.83 -28.22 57.83
C ALA F 134 11.19 -27.09 56.89
N GLY F 135 10.93 -25.86 57.33
CA GLY F 135 11.17 -24.72 56.46
C GLY F 135 11.45 -23.49 57.28
N TYR F 136 12.04 -22.50 56.60
CA TYR F 136 12.29 -21.21 57.20
C TYR F 136 11.83 -20.13 56.25
N ASP F 137 11.08 -19.17 56.77
CA ASP F 137 10.63 -18.02 56.00
C ASP F 137 10.66 -16.82 56.92
N ASP F 138 9.93 -15.77 56.55
CA ASP F 138 9.85 -14.56 57.37
C ASP F 138 9.30 -14.84 58.78
N MET F 139 8.38 -15.79 58.91
CA MET F 139 7.77 -16.07 60.19
C MET F 139 8.63 -16.98 61.07
N GLY F 140 9.81 -17.38 60.61
CA GLY F 140 10.67 -18.22 61.40
C GLY F 140 10.65 -19.67 60.95
N PRO F 141 11.16 -20.57 61.79
CA PRO F 141 11.18 -21.99 61.44
C PRO F 141 9.83 -22.64 61.70
N HIS F 142 9.55 -23.69 60.94
CA HIS F 142 8.27 -24.37 61.03
C HIS F 142 8.46 -25.87 60.93
N ILE F 143 7.60 -26.60 61.63
CA ILE F 143 7.50 -28.04 61.50
C ILE F 143 6.03 -28.37 61.30
N PHE F 144 5.70 -28.98 60.17
CA PHE F 144 4.35 -29.33 59.80
C PHE F 144 4.23 -30.84 59.73
N GLN F 145 3.01 -31.34 59.80
CA GLN F 145 2.76 -32.75 59.56
C GLN F 145 1.50 -32.89 58.73
N THR F 146 1.58 -33.62 57.62
CA THR F 146 0.40 -33.87 56.81
C THR F 146 -0.26 -35.20 57.14
N PRO F 148 -2.29 -37.90 54.28
CA PRO F 148 -2.97 -39.12 53.85
C PRO F 148 -4.46 -38.91 53.75
N SER F 149 -5.05 -38.56 54.89
CA SER F 149 -6.45 -38.16 54.96
C SER F 149 -6.64 -36.68 54.66
N ALA F 150 -5.60 -36.01 54.19
CA ALA F 150 -5.49 -34.61 53.73
C ALA F 150 -5.47 -33.61 54.86
N ASN F 151 -5.60 -34.03 56.11
CA ASN F 151 -5.49 -33.09 57.22
C ASN F 151 -4.02 -32.73 57.43
N TYR F 152 -3.77 -31.50 57.86
CA TYR F 152 -2.40 -31.10 58.16
C TYR F 152 -2.37 -30.38 59.49
N PHE F 153 -1.19 -30.37 60.09
CA PHE F 153 -1.01 -29.93 61.46
C PHE F 153 0.19 -29.01 61.53
N ASP F 154 0.10 -27.99 62.37
CA ASP F 154 1.28 -27.24 62.78
C ASP F 154 1.82 -27.88 64.05
N CYS F 155 3.14 -27.90 64.17
CA CYS F 155 3.76 -28.70 65.23
C CYS F 155 4.96 -27.97 65.82
N ARG F 156 5.16 -28.16 67.13
CA ARG F 156 6.37 -27.69 67.80
C ARG F 156 7.50 -28.70 67.65
N ALA F 157 7.18 -29.98 67.84
CA ALA F 157 8.06 -31.09 67.55
C ALA F 157 7.18 -32.31 67.36
N MET F 158 7.51 -33.16 66.38
CA MET F 158 6.54 -34.17 65.98
C MET F 158 7.26 -35.40 65.48
N SER F 159 6.65 -36.57 65.72
CA SER F 159 7.23 -37.86 65.44
C SER F 159 6.20 -38.74 64.73
N ILE F 160 6.48 -39.13 63.50
CA ILE F 160 5.60 -39.99 62.74
C ILE F 160 6.37 -41.24 62.35
N GLY F 161 5.62 -42.28 62.01
CA GLY F 161 6.25 -43.50 61.56
C GLY F 161 6.01 -44.67 62.48
N ALA F 162 6.78 -45.74 62.31
CA ALA F 162 6.59 -46.94 63.11
C ALA F 162 7.05 -46.69 64.54
N ARG F 163 6.19 -47.07 65.50
CA ARG F 163 6.48 -47.04 66.93
C ARG F 163 6.77 -45.64 67.43
N SER F 164 6.23 -44.61 66.77
CA SER F 164 6.63 -43.23 67.00
C SER F 164 6.05 -42.64 68.27
N GLN F 165 5.26 -43.39 69.03
CA GLN F 165 4.64 -42.82 70.22
C GLN F 165 5.66 -42.60 71.34
N SER F 166 6.70 -43.45 71.41
CA SER F 166 7.79 -43.22 72.35
C SER F 166 8.55 -41.94 72.02
N ALA F 167 8.78 -41.68 70.72
CA ALA F 167 9.45 -40.45 70.34
C ALA F 167 8.56 -39.24 70.56
N ARG F 168 7.24 -39.39 70.40
CA ARG F 168 6.33 -38.33 70.77
C ARG F 168 6.35 -38.08 72.28
N THR F 169 6.54 -39.13 73.08
CA THR F 169 6.63 -38.99 74.53
C THR F 169 7.89 -38.24 74.93
N TYR F 170 9.03 -38.60 74.33
CA TYR F 170 10.29 -37.91 74.60
C TYR F 170 10.22 -36.45 74.19
N LEU F 171 9.58 -36.15 73.06
CA LEU F 171 9.45 -34.77 72.64
C LEU F 171 8.44 -34.01 73.48
N GLU F 172 7.40 -34.69 74.00
CA GLU F 172 6.49 -34.06 74.96
C GLU F 172 7.18 -33.77 76.28
N ARG F 173 8.16 -34.59 76.65
CA ARG F 173 8.94 -34.32 77.85
C ARG F 173 9.85 -33.11 77.65
N HIS F 174 10.55 -33.04 76.52
CA HIS F 174 11.62 -32.07 76.37
C HIS F 174 11.29 -30.90 75.44
N MET F 175 10.03 -30.71 75.06
CA MET F 175 9.71 -29.59 74.17
C MET F 175 9.77 -28.23 74.85
N SER F 176 9.89 -28.19 76.18
CA SER F 176 10.02 -26.92 76.88
C SER F 176 11.35 -26.23 76.61
N GLU F 177 12.38 -26.97 76.22
CA GLU F 177 13.72 -26.43 76.07
C GLU F 177 14.00 -25.83 74.71
N PHE F 178 13.23 -26.25 73.69
CA PHE F 178 13.73 -26.28 72.30
C PHE F 178 13.94 -24.91 71.70
N MET F 179 13.13 -23.91 72.09
CA MET F 179 13.22 -22.60 71.44
C MET F 179 14.52 -21.88 71.78
N GLU F 180 15.13 -22.20 72.92
CA GLU F 180 16.34 -21.54 73.35
C GLU F 180 17.60 -22.38 73.17
N CYS F 181 17.48 -23.63 72.76
CA CYS F 181 18.66 -24.42 72.43
C CYS F 181 19.25 -23.96 71.11
N ASN F 182 20.58 -23.97 71.03
CA ASN F 182 21.25 -23.61 69.79
C ASN F 182 21.18 -24.77 68.79
N LEU F 183 21.82 -24.57 67.64
CA LEU F 183 21.74 -25.54 66.54
C LEU F 183 22.41 -26.86 66.89
N ASN F 184 23.43 -26.83 67.75
CA ASN F 184 24.14 -28.05 68.10
C ASN F 184 23.29 -28.92 69.01
N GLU F 185 22.65 -28.33 70.02
CA GLU F 185 21.86 -29.11 70.97
C GLU F 185 20.56 -29.60 70.33
N LEU F 186 20.01 -28.80 69.42
CA LEU F 186 18.69 -29.04 68.85
C LEU F 186 18.64 -30.35 68.09
N VAL F 187 19.68 -30.62 67.30
CA VAL F 187 19.73 -31.87 66.54
C VAL F 187 19.98 -33.05 67.47
N LYS F 188 20.72 -32.81 68.56
CA LYS F 188 21.02 -33.90 69.50
C LYS F 188 19.76 -34.38 70.21
N HIS F 189 18.86 -33.44 70.53
CA HIS F 189 17.57 -33.82 71.13
C HIS F 189 16.77 -34.73 70.20
N GLY F 190 16.69 -34.36 68.92
CA GLY F 190 15.98 -35.19 67.96
C GLY F 190 16.66 -36.52 67.69
N LEU F 191 17.99 -36.56 67.75
CA LEU F 191 18.72 -37.83 67.60
C LEU F 191 18.40 -38.77 68.75
N ARG F 192 18.32 -38.25 69.97
CA ARG F 192 17.90 -39.08 71.09
C ARG F 192 16.43 -39.46 70.98
N ALA F 193 15.62 -38.58 70.38
CA ALA F 193 14.20 -38.86 70.19
C ALA F 193 13.98 -40.02 69.23
N LEU F 194 14.70 -40.02 68.11
CA LEU F 194 14.63 -41.17 67.20
C LEU F 194 15.25 -42.40 67.85
N ARG F 195 16.35 -42.22 68.60
CA ARG F 195 17.05 -43.36 69.21
C ARG F 195 16.24 -44.02 70.31
N GLU F 196 15.20 -43.35 70.82
CA GLU F 196 14.20 -44.03 71.64
C GLU F 196 13.50 -45.14 70.88
N THR F 197 13.21 -44.93 69.59
CA THR F 197 12.42 -45.86 68.80
C THR F 197 13.22 -47.08 68.35
N LEU F 198 14.56 -46.97 68.32
CA LEU F 198 15.41 -47.94 67.63
C LEU F 198 15.41 -49.31 68.30
N PRO F 199 15.85 -50.35 67.58
CA PRO F 199 16.30 -51.57 68.25
C PRO F 199 17.46 -51.27 69.20
N ALA F 200 17.47 -51.99 70.32
CA ALA F 200 18.41 -51.69 71.41
C ALA F 200 19.85 -52.00 71.02
N GLU F 201 20.06 -52.90 70.06
CA GLU F 201 21.42 -53.21 69.63
C GLU F 201 21.97 -52.16 68.67
N GLN F 202 21.14 -51.51 67.89
CA GLN F 202 21.62 -50.58 66.86
C GLN F 202 21.70 -49.16 67.42
N ASP F 203 22.75 -48.46 67.03
CA ASP F 203 23.00 -47.08 67.44
C ASP F 203 23.09 -46.18 66.23
N LEU F 204 23.11 -44.88 66.49
CA LEU F 204 23.22 -43.92 65.42
C LEU F 204 24.67 -43.83 64.96
N THR F 205 24.88 -44.12 63.68
CA THR F 205 26.20 -44.13 63.06
C THR F 205 26.21 -43.15 61.90
N THR F 206 27.32 -43.12 61.16
CA THR F 206 27.33 -42.42 59.86
C THR F 206 26.50 -43.13 58.81
N LYS F 207 26.02 -44.33 59.12
CA LYS F 207 25.12 -45.13 58.31
C LYS F 207 23.77 -45.22 59.04
N ASN F 208 22.69 -44.97 58.28
CA ASN F 208 21.24 -45.09 58.51
C ASN F 208 20.58 -43.91 59.23
N VAL F 209 21.31 -42.87 59.58
CA VAL F 209 20.70 -41.69 60.19
C VAL F 209 21.00 -40.48 59.31
N SER F 210 19.94 -39.80 58.89
CA SER F 210 20.04 -38.57 58.12
C SER F 210 19.58 -37.39 58.96
N ILE F 211 20.09 -36.21 58.62
CA ILE F 211 19.79 -34.98 59.33
C ILE F 211 19.59 -33.88 58.31
N GLY F 212 18.51 -33.14 58.46
CA GLY F 212 18.27 -31.93 57.68
C GLY F 212 18.25 -30.73 58.62
N ILE F 213 18.80 -29.62 58.17
CA ILE F 213 18.97 -28.44 59.00
C ILE F 213 18.72 -27.19 58.14
N VAL F 214 17.90 -26.28 58.65
CA VAL F 214 17.68 -25.00 57.99
C VAL F 214 17.52 -23.93 59.05
N GLY F 215 18.09 -22.75 58.79
CA GLY F 215 18.10 -21.68 59.76
C GLY F 215 18.06 -20.33 59.09
N LYS F 216 18.26 -19.28 59.89
CA LYS F 216 18.14 -17.91 59.39
C LYS F 216 19.25 -17.58 58.40
N ASP F 217 20.48 -17.89 58.75
CA ASP F 217 21.64 -17.54 57.93
C ASP F 217 22.15 -18.72 57.11
N LEU F 218 21.42 -19.83 57.10
CA LEU F 218 21.94 -21.09 56.58
C LEU F 218 20.88 -21.73 55.70
N GLU F 219 21.20 -21.90 54.42
CA GLU F 219 20.31 -22.61 53.52
C GLU F 219 20.28 -24.09 53.85
N PHE F 220 19.23 -24.76 53.39
CA PHE F 220 18.97 -26.15 53.77
C PHE F 220 20.06 -27.08 53.25
N THR F 221 20.53 -27.97 54.11
CA THR F 221 21.53 -28.96 53.77
C THR F 221 21.09 -30.32 54.29
N ILE F 222 21.07 -31.31 53.43
CA ILE F 222 20.96 -32.69 53.87
C ILE F 222 22.32 -33.13 54.40
N TYR F 223 22.33 -33.76 55.56
CA TYR F 223 23.59 -34.23 56.12
C TYR F 223 23.64 -35.73 55.93
N ASP F 224 24.65 -36.17 55.20
CA ASP F 224 24.88 -37.54 54.79
C ASP F 224 26.22 -37.97 55.37
N ASP F 225 26.73 -39.11 54.88
CA ASP F 225 27.80 -39.97 55.43
C ASP F 225 28.97 -39.23 56.07
N ASP F 226 29.61 -38.33 55.35
CA ASP F 226 30.73 -37.60 55.94
C ASP F 226 30.26 -36.47 56.84
N ASP F 227 29.20 -35.76 56.44
CA ASP F 227 28.84 -34.52 57.10
C ASP F 227 28.10 -34.76 58.42
N VAL F 228 27.59 -35.96 58.65
CA VAL F 228 26.90 -36.28 59.91
C VAL F 228 27.85 -36.51 61.06
N SER F 229 29.15 -36.65 60.79
CA SER F 229 30.13 -36.99 61.81
C SER F 229 30.28 -36.01 62.98
N PRO F 230 30.21 -34.66 62.81
CA PRO F 230 30.27 -33.81 64.02
C PRO F 230 29.09 -33.96 64.97
N PHE F 231 27.87 -34.05 64.44
CA PHE F 231 26.69 -34.16 65.30
C PHE F 231 26.60 -35.54 65.92
N LEU F 232 27.18 -36.55 65.27
CA LEU F 232 27.29 -37.87 65.87
C LEU F 232 28.29 -37.89 67.00
N GLU F 233 29.28 -36.99 66.97
CA GLU F 233 30.23 -36.91 68.06
C GLU F 233 29.67 -36.03 69.18
N GLY F 234 30.00 -36.40 70.41
CA GLY F 234 29.47 -35.73 71.57
C GLY F 234 27.98 -35.95 71.78
N LEU F 235 27.53 -37.19 71.62
CA LEU F 235 26.14 -37.54 71.89
C LEU F 235 25.99 -38.17 73.28
N GLU F 236 26.55 -39.36 73.46
CA GLU F 236 26.56 -40.04 74.76
C GLU F 236 27.63 -41.13 74.75
N GLY G 2 -25.65 -54.50 48.71
CA GLY G 2 -26.71 -53.84 49.44
C GLY G 2 -27.21 -52.61 48.72
N TYR G 3 -28.02 -51.80 49.39
CA TYR G 3 -28.57 -50.58 48.82
C TYR G 3 -27.83 -49.34 49.28
N ASP G 4 -26.66 -49.50 49.89
CA ASP G 4 -26.00 -48.39 50.57
C ASP G 4 -24.56 -48.20 50.12
N LEU G 5 -24.15 -48.85 49.04
CA LEU G 5 -22.79 -48.71 48.57
C LEU G 5 -22.63 -47.55 47.60
N SER G 6 -23.70 -46.83 47.29
CA SER G 6 -23.64 -45.82 46.24
C SER G 6 -24.62 -44.71 46.55
N ALA G 7 -24.24 -43.49 46.24
CA ALA G 7 -25.12 -42.35 46.45
C ALA G 7 -26.15 -42.19 45.36
N SER G 8 -26.07 -42.98 44.29
CA SER G 8 -26.98 -42.89 43.16
C SER G 8 -28.07 -43.96 43.17
N THR G 9 -28.32 -44.58 44.32
CA THR G 9 -29.29 -45.66 44.41
C THR G 9 -30.29 -45.32 45.50
N PHE G 10 -31.57 -45.30 45.15
CA PHE G 10 -32.58 -45.24 46.19
C PHE G 10 -32.76 -46.62 46.81
N SER G 11 -33.10 -46.62 48.09
CA SER G 11 -33.49 -47.83 48.78
C SER G 11 -34.93 -48.17 48.41
N PRO G 12 -35.41 -49.37 48.76
CA PRO G 12 -36.84 -49.65 48.57
C PRO G 12 -37.79 -48.75 49.35
N ASP G 13 -37.33 -48.07 50.40
CA ASP G 13 -38.20 -47.18 51.16
C ASP G 13 -38.06 -45.73 50.75
N GLY G 14 -37.18 -45.41 49.81
CA GLY G 14 -37.03 -44.04 49.38
C GLY G 14 -36.01 -43.23 50.16
N ARG G 15 -34.97 -43.87 50.67
CA ARG G 15 -33.88 -43.19 51.36
C ARG G 15 -32.59 -43.38 50.57
N VAL G 16 -31.72 -42.38 50.63
CA VAL G 16 -30.42 -42.44 49.98
C VAL G 16 -29.41 -42.61 51.09
N PHE G 17 -28.83 -43.79 51.20
CA PHE G 17 -28.13 -44.10 52.44
C PHE G 17 -26.76 -43.46 52.55
N GLN G 18 -26.10 -43.13 51.45
CA GLN G 18 -24.78 -42.51 51.58
C GLN G 18 -24.84 -41.12 52.20
N VAL G 19 -25.91 -40.38 51.93
CA VAL G 19 -26.09 -39.08 52.55
C VAL G 19 -26.42 -39.21 54.02
N GLU G 20 -27.35 -40.12 54.35
CA GLU G 20 -27.69 -40.35 55.74
C GLU G 20 -26.59 -41.05 56.52
N TYR G 21 -25.60 -41.64 55.84
CA TYR G 21 -24.40 -42.10 56.53
C TYR G 21 -23.41 -40.97 56.71
N ALA G 22 -23.38 -39.99 55.80
CA ALA G 22 -22.51 -38.85 55.98
C ALA G 22 -23.02 -37.93 57.09
N MET G 23 -24.32 -37.92 57.33
CA MET G 23 -24.84 -37.17 58.46
C MET G 23 -24.49 -37.82 59.80
N LYS G 24 -24.19 -39.11 59.83
CA LYS G 24 -23.58 -39.69 61.03
C LYS G 24 -22.13 -39.28 61.15
N ALA G 25 -21.43 -39.07 60.03
CA ALA G 25 -20.05 -38.64 60.07
C ALA G 25 -19.91 -37.20 60.54
N VAL G 26 -20.95 -36.39 60.33
CA VAL G 26 -20.93 -35.03 60.83
C VAL G 26 -20.97 -35.00 62.35
N GLU G 27 -21.92 -35.73 62.94
CA GLU G 27 -22.06 -35.75 64.39
C GLU G 27 -21.11 -36.72 65.09
N ASN G 28 -19.98 -37.03 64.47
CA ASN G 28 -18.81 -37.56 65.18
C ASN G 28 -17.94 -36.45 65.71
N SER G 29 -17.89 -35.32 65.03
CA SER G 29 -16.91 -34.28 65.29
C SER G 29 -17.42 -33.30 66.33
N SER G 30 -16.51 -32.45 66.80
CA SER G 30 -16.71 -31.63 67.97
C SER G 30 -17.75 -30.53 67.71
N THR G 31 -18.09 -29.82 68.77
CA THR G 31 -19.22 -28.92 68.76
C THR G 31 -18.82 -27.58 68.17
N ALA G 32 -19.64 -27.06 67.28
CA ALA G 32 -19.52 -25.68 66.82
C ALA G 32 -20.92 -25.07 66.84
N ILE G 33 -21.06 -23.93 67.50
CA ILE G 33 -22.36 -23.27 67.55
C ILE G 33 -22.21 -21.86 67.02
N GLY G 34 -23.33 -21.31 66.57
CA GLY G 34 -23.36 -19.94 66.12
C GLY G 34 -24.67 -19.30 66.49
N ILE G 35 -24.63 -18.06 66.95
CA ILE G 35 -25.82 -17.37 67.40
C ILE G 35 -25.92 -16.04 66.68
N ARG G 36 -27.00 -15.85 65.95
CA ARG G 36 -27.34 -14.57 65.34
C ARG G 36 -28.03 -13.71 66.39
N CYS G 37 -27.77 -12.41 66.33
CA CYS G 37 -28.23 -11.48 67.34
C CYS G 37 -28.77 -10.24 66.64
N LYS G 38 -28.86 -9.15 67.40
CA LYS G 38 -29.41 -7.89 66.91
C LYS G 38 -28.61 -7.34 65.75
N ASP G 39 -27.31 -7.14 65.96
CA ASP G 39 -26.48 -6.38 65.04
C ASP G 39 -25.34 -7.20 64.44
N GLY G 40 -25.38 -8.52 64.53
CA GLY G 40 -24.31 -9.33 63.97
C GLY G 40 -24.44 -10.78 64.35
N VAL G 41 -23.43 -11.54 63.97
CA VAL G 41 -23.37 -12.99 64.15
C VAL G 41 -22.11 -13.32 64.93
N VAL G 42 -22.22 -14.21 65.91
CA VAL G 42 -21.09 -14.69 66.69
C VAL G 42 -20.99 -16.19 66.54
N PHE G 43 -19.76 -16.69 66.30
CA PHE G 43 -19.48 -18.10 66.14
C PHE G 43 -18.64 -18.61 67.30
N GLY G 44 -18.82 -19.87 67.64
CA GLY G 44 -18.03 -20.48 68.69
C GLY G 44 -17.80 -21.95 68.45
N VAL G 45 -16.55 -22.38 68.53
CA VAL G 45 -16.15 -23.74 68.18
C VAL G 45 -15.33 -24.32 69.32
N GLU G 46 -15.68 -25.52 69.74
CA GLU G 46 -14.84 -26.31 70.64
C GLU G 46 -13.70 -26.90 69.83
N LYS G 47 -12.52 -26.30 69.91
CA LYS G 47 -11.39 -26.76 69.10
C LYS G 47 -10.51 -27.68 69.94
N LEU G 48 -10.65 -28.98 69.71
CA LEU G 48 -9.79 -29.95 70.36
C LEU G 48 -8.35 -29.81 69.88
N VAL G 49 -7.42 -29.97 70.81
CA VAL G 49 -6.01 -30.17 70.47
C VAL G 49 -5.63 -31.58 70.94
N LEU G 50 -5.36 -32.47 69.98
CA LEU G 50 -5.23 -33.88 70.30
C LEU G 50 -3.95 -34.18 71.07
N SER G 51 -2.92 -33.35 70.92
CA SER G 51 -1.68 -33.60 71.62
C SER G 51 -0.97 -32.28 71.84
N LYS G 52 -0.24 -32.19 72.95
CA LYS G 52 0.37 -30.93 73.38
C LYS G 52 1.55 -30.51 72.53
N LEU G 53 1.95 -31.32 71.54
CA LEU G 53 3.01 -30.93 70.60
C LEU G 53 2.51 -29.96 69.54
N TYR G 54 1.20 -29.79 69.41
CA TYR G 54 0.65 -28.98 68.34
C TYR G 54 0.77 -27.50 68.67
N GLU G 55 1.13 -26.70 67.66
CA GLU G 55 1.15 -25.26 67.81
C GLU G 55 -0.26 -24.72 68.00
N GLU G 56 -0.33 -23.53 68.59
CA GLU G 56 -1.57 -22.75 68.57
C GLU G 56 -1.95 -22.41 67.15
N GLY G 57 -3.23 -22.52 66.85
CA GLY G 57 -3.74 -22.14 65.55
C GLY G 57 -3.79 -23.27 64.55
N SER G 58 -3.29 -24.45 64.90
CA SER G 58 -3.46 -25.61 64.03
C SER G 58 -4.91 -26.07 64.08
N ASN G 59 -5.37 -26.59 62.94
CA ASN G 59 -6.74 -27.06 62.72
C ASN G 59 -7.77 -25.99 63.09
N LYS G 60 -7.63 -24.82 62.47
CA LYS G 60 -8.67 -23.81 62.56
C LYS G 60 -9.96 -24.33 61.95
N ARG G 61 -11.06 -24.08 62.66
CA ARG G 61 -12.39 -24.42 62.16
C ARG G 61 -13.24 -23.21 61.91
N LEU G 62 -12.68 -22.01 61.99
CA LEU G 62 -13.32 -20.80 61.53
C LEU G 62 -12.59 -20.31 60.30
N PHE G 63 -13.30 -20.21 59.19
CA PHE G 63 -12.71 -19.79 57.94
C PHE G 63 -13.32 -18.45 57.53
N ASN G 64 -12.54 -17.66 56.82
CA ASN G 64 -13.05 -16.48 56.13
C ASN G 64 -13.30 -16.88 54.69
N VAL G 65 -14.53 -16.67 54.20
CA VAL G 65 -14.84 -16.99 52.82
C VAL G 65 -15.07 -15.77 51.97
N ASP G 66 -15.26 -14.61 52.59
CA ASP G 66 -15.21 -13.33 51.91
C ASP G 66 -14.80 -12.36 53.00
N ARG G 67 -14.55 -11.11 52.63
CA ARG G 67 -14.11 -10.18 53.65
C ARG G 67 -15.23 -9.75 54.57
N HIS G 68 -16.48 -9.99 54.21
CA HIS G 68 -17.59 -9.73 55.10
C HIS G 68 -18.31 -11.00 55.54
N VAL G 69 -17.83 -12.18 55.14
CA VAL G 69 -18.53 -13.43 55.43
C VAL G 69 -17.55 -14.35 56.14
N GLY G 70 -17.96 -14.95 57.25
CA GLY G 70 -17.19 -15.96 57.92
C GLY G 70 -17.91 -17.31 57.85
N MET G 71 -17.23 -18.32 58.36
CA MET G 71 -17.72 -19.69 58.19
C MET G 71 -17.29 -20.51 59.39
N ALA G 72 -18.19 -21.35 59.88
CA ALA G 72 -17.87 -22.30 60.94
C ALA G 72 -18.24 -23.68 60.46
N VAL G 73 -17.37 -24.64 60.70
CA VAL G 73 -17.52 -25.95 60.10
C VAL G 73 -17.65 -27.01 61.17
N ALA G 74 -18.08 -28.19 60.75
CA ALA G 74 -18.12 -29.35 61.60
C ALA G 74 -17.95 -30.56 60.69
N GLY G 75 -17.35 -31.62 61.23
CA GLY G 75 -17.19 -32.84 60.48
C GLY G 75 -15.75 -33.06 60.05
N LEU G 76 -15.59 -33.82 58.97
CA LEU G 76 -14.27 -34.09 58.41
C LEU G 76 -13.70 -32.79 57.84
N LEU G 77 -12.60 -32.32 58.43
CA LEU G 77 -12.12 -30.98 58.15
C LEU G 77 -11.48 -30.87 56.78
N ALA G 78 -10.97 -31.98 56.25
CA ALA G 78 -10.35 -31.98 54.94
C ALA G 78 -11.36 -31.62 53.85
N ASP G 79 -12.60 -32.05 54.00
CA ASP G 79 -13.65 -31.63 53.08
C ASP G 79 -14.02 -30.17 53.31
N ALA G 80 -13.97 -29.73 54.57
CA ALA G 80 -14.41 -28.38 54.90
C ALA G 80 -13.47 -27.34 54.36
N ARG G 81 -12.17 -27.65 54.27
CA ARG G 81 -11.26 -26.69 53.62
C ARG G 81 -11.55 -26.60 52.13
N SER G 82 -11.99 -27.69 51.52
CA SER G 82 -12.35 -27.66 50.11
C SER G 82 -13.60 -26.85 49.86
N LEU G 83 -14.61 -27.01 50.72
CA LEU G 83 -15.78 -26.17 50.61
C LEU G 83 -15.51 -24.73 50.97
N ALA G 84 -14.53 -24.46 51.83
CA ALA G 84 -14.12 -23.08 52.06
C ALA G 84 -13.52 -22.50 50.80
N ASP G 85 -12.73 -23.27 50.06
CA ASP G 85 -12.16 -22.74 48.83
C ASP G 85 -13.19 -22.61 47.71
N ILE G 86 -14.25 -23.43 47.72
CA ILE G 86 -15.35 -23.25 46.78
C ILE G 86 -16.12 -21.97 47.09
N ALA G 87 -16.40 -21.73 48.38
CA ALA G 87 -17.10 -20.50 48.75
C ALA G 87 -16.26 -19.27 48.48
N ARG G 88 -14.94 -19.38 48.63
CA ARG G 88 -14.05 -18.27 48.32
C ARG G 88 -14.05 -17.96 46.83
N GLU G 89 -14.00 -19.00 46.00
CA GLU G 89 -14.06 -18.78 44.56
C GLU G 89 -15.41 -18.25 44.11
N GLU G 90 -16.48 -18.67 44.77
CA GLU G 90 -17.81 -18.23 44.37
C GLU G 90 -18.05 -16.77 44.73
N ALA G 91 -17.59 -16.35 45.91
CA ALA G 91 -17.69 -14.95 46.29
C ALA G 91 -16.76 -14.08 45.46
N SER G 92 -15.60 -14.60 45.06
CA SER G 92 -14.70 -13.85 44.19
C SER G 92 -15.30 -13.64 42.81
N ASN G 93 -15.89 -14.69 42.24
CA ASN G 93 -16.54 -14.56 40.94
C ASN G 93 -17.75 -13.64 40.99
N PHE G 94 -18.49 -13.63 42.09
CA PHE G 94 -19.60 -12.69 42.19
C PHE G 94 -19.12 -11.25 42.30
N ARG G 95 -18.04 -11.00 43.04
CA ARG G 95 -17.52 -9.63 43.11
C ARG G 95 -17.00 -9.19 41.75
N SER G 96 -16.36 -10.10 41.01
CA SER G 96 -15.80 -9.73 39.71
C SER G 96 -16.90 -9.46 38.69
N ASN G 97 -17.91 -10.33 38.62
CA ASN G 97 -18.97 -10.12 37.64
C ASN G 97 -19.88 -8.96 38.01
N PHE G 98 -20.50 -9.02 39.18
CA PHE G 98 -21.61 -8.12 39.44
C PHE G 98 -21.20 -6.87 40.21
N GLY G 99 -19.94 -6.76 40.62
CA GLY G 99 -19.43 -5.50 41.08
C GLY G 99 -19.67 -5.17 42.53
N TYR G 100 -20.21 -6.08 43.33
CA TYR G 100 -20.46 -5.79 44.72
C TYR G 100 -20.42 -7.08 45.52
N ASN G 101 -20.41 -6.93 46.84
CA ASN G 101 -20.28 -8.06 47.75
C ASN G 101 -21.48 -8.99 47.64
N ILE G 102 -21.23 -10.29 47.68
CA ILE G 102 -22.27 -11.27 47.40
C ILE G 102 -23.25 -11.36 48.56
N PRO G 103 -24.55 -11.30 48.30
CA PRO G 103 -25.53 -11.54 49.37
C PRO G 103 -25.41 -12.97 49.87
N LEU G 104 -25.55 -13.14 51.18
CA LEU G 104 -25.33 -14.44 51.78
C LEU G 104 -26.40 -15.43 51.37
N LYS G 105 -27.61 -14.97 51.06
CA LYS G 105 -28.63 -15.88 50.56
C LYS G 105 -28.22 -16.51 49.25
N HIS G 106 -27.72 -15.70 48.32
CA HIS G 106 -27.27 -16.22 47.04
C HIS G 106 -25.99 -17.03 47.19
N LEU G 107 -25.12 -16.67 48.13
CA LEU G 107 -23.90 -17.43 48.34
C LEU G 107 -24.18 -18.80 48.91
N ALA G 108 -25.06 -18.87 49.91
CA ALA G 108 -25.44 -20.16 50.46
C ALA G 108 -26.17 -21.00 49.43
N ASP G 109 -26.98 -20.38 48.57
CA ASP G 109 -27.62 -21.20 47.55
C ASP G 109 -26.73 -21.49 46.34
N ARG G 110 -25.55 -20.90 46.23
CA ARG G 110 -24.57 -21.43 45.29
C ARG G 110 -23.81 -22.61 45.90
N VAL G 111 -23.38 -22.45 47.15
CA VAL G 111 -22.57 -23.48 47.78
C VAL G 111 -23.43 -24.68 48.14
N ALA G 112 -24.72 -24.48 48.39
CA ALA G 112 -25.62 -25.60 48.65
C ALA G 112 -25.85 -26.42 47.39
N MET G 113 -25.88 -25.78 46.24
CA MET G 113 -25.99 -26.54 45.00
C MET G 113 -24.70 -27.27 44.69
N TYR G 114 -23.56 -26.67 45.03
CA TYR G 114 -22.30 -27.40 44.84
C TYR G 114 -22.19 -28.61 45.77
N VAL G 115 -22.71 -28.50 46.99
CA VAL G 115 -22.73 -29.64 47.91
C VAL G 115 -23.71 -30.70 47.43
N HIS G 116 -24.88 -30.25 46.93
CA HIS G 116 -25.90 -31.19 46.46
C HIS G 116 -25.46 -31.94 45.22
N ALA G 117 -24.58 -31.33 44.42
CA ALA G 117 -24.16 -31.94 43.16
C ALA G 117 -23.41 -33.26 43.34
N TYR G 118 -22.99 -33.60 44.56
CA TYR G 118 -22.30 -34.86 44.81
C TYR G 118 -23.22 -35.93 45.37
N THR G 119 -24.45 -35.60 45.73
CA THR G 119 -25.35 -36.60 46.27
C THR G 119 -26.22 -37.21 45.18
N LEU G 120 -25.75 -37.19 43.95
CA LEU G 120 -26.49 -37.75 42.83
C LEU G 120 -25.73 -38.82 42.08
N TYR G 121 -24.41 -38.86 42.18
CA TYR G 121 -23.60 -39.62 41.26
C TYR G 121 -22.88 -40.72 42.00
N SER G 122 -22.70 -41.86 41.33
CA SER G 122 -21.89 -42.94 41.87
C SER G 122 -20.41 -42.70 41.72
N ALA G 123 -20.03 -41.69 40.94
CA ALA G 123 -18.64 -41.39 40.66
C ALA G 123 -18.01 -40.46 41.69
N VAL G 124 -18.76 -40.00 42.69
CA VAL G 124 -18.25 -39.17 43.77
C VAL G 124 -18.88 -39.64 45.07
N ARG G 125 -18.41 -39.08 46.18
CA ARG G 125 -19.07 -39.33 47.45
C ARG G 125 -19.57 -38.03 48.04
N PRO G 126 -20.64 -38.05 48.84
CA PRO G 126 -21.12 -36.83 49.47
C PRO G 126 -20.14 -36.29 50.48
N PHE G 127 -20.11 -34.97 50.61
CA PHE G 127 -19.22 -34.30 51.55
C PHE G 127 -19.50 -34.74 52.97
N GLY G 128 -18.45 -34.96 53.74
CA GLY G 128 -18.67 -35.33 55.11
C GLY G 128 -18.62 -34.17 56.08
N CYS G 129 -19.32 -33.08 55.79
CA CYS G 129 -19.21 -31.91 56.65
CA CYS G 129 -19.18 -31.88 56.60
C CYS G 129 -20.42 -31.01 56.50
N SER G 130 -20.80 -30.39 57.62
CA SER G 130 -21.82 -29.37 57.69
C SER G 130 -21.16 -28.05 58.02
N PHE G 131 -21.82 -26.95 57.66
CA PHE G 131 -21.17 -25.66 57.87
C PHE G 131 -22.20 -24.54 57.92
N MET G 132 -21.78 -23.44 58.53
CA MET G 132 -22.59 -22.25 58.69
C MET G 132 -21.89 -21.09 58.02
N LEU G 133 -22.68 -20.13 57.56
CA LEU G 133 -22.16 -18.90 56.97
C LEU G 133 -22.82 -17.73 57.66
N GLY G 134 -22.03 -16.78 58.14
CA GLY G 134 -22.56 -15.61 58.79
C GLY G 134 -21.97 -14.35 58.19
N SER G 135 -22.76 -13.27 58.25
CA SER G 135 -22.32 -11.99 57.71
CA SER G 135 -22.33 -12.00 57.70
C SER G 135 -23.13 -10.87 58.32
N TYR G 136 -22.74 -9.65 57.97
CA TYR G 136 -23.45 -8.44 58.30
C TYR G 136 -23.13 -7.37 57.27
N SER G 137 -24.13 -6.57 56.93
CA SER G 137 -23.92 -5.34 56.19
C SER G 137 -25.00 -4.37 56.62
N VAL G 138 -24.83 -3.10 56.22
CA VAL G 138 -25.80 -2.07 56.62
C VAL G 138 -27.10 -2.24 55.85
N ASN G 139 -27.04 -2.80 54.65
CA ASN G 139 -28.23 -2.92 53.82
C ASN G 139 -29.00 -4.20 54.12
N ASP G 140 -28.31 -5.24 54.57
CA ASP G 140 -28.90 -6.57 54.64
C ASP G 140 -29.22 -7.02 56.06
N GLY G 141 -28.72 -6.33 57.07
CA GLY G 141 -28.82 -6.85 58.41
C GLY G 141 -27.79 -7.95 58.59
N ALA G 142 -28.01 -8.77 59.62
CA ALA G 142 -27.16 -9.93 59.87
C ALA G 142 -27.92 -11.19 59.47
N GLN G 143 -27.17 -12.16 58.97
CA GLN G 143 -27.74 -13.38 58.42
C GLN G 143 -26.86 -14.58 58.78
N LEU G 144 -27.49 -15.71 59.09
CA LEU G 144 -26.79 -16.94 59.46
C LEU G 144 -27.48 -18.11 58.80
N TYR G 145 -26.83 -18.74 57.82
CA TYR G 145 -27.42 -19.88 57.13
C TYR G 145 -26.60 -21.13 57.40
N MET G 146 -27.25 -22.28 57.44
CA MET G 146 -26.60 -23.54 57.78
C MET G 146 -26.87 -24.57 56.68
N ILE G 147 -25.83 -25.32 56.31
CA ILE G 147 -25.90 -26.34 55.26
C ILE G 147 -25.44 -27.67 55.85
N ASP G 148 -26.18 -28.73 55.60
CA ASP G 148 -25.78 -30.09 55.93
C ASP G 148 -25.37 -30.82 54.64
N PRO G 149 -24.75 -32.01 54.73
CA PRO G 149 -24.30 -32.70 53.51
C PRO G 149 -25.37 -33.11 52.52
N SER G 150 -26.65 -33.08 52.85
CA SER G 150 -27.63 -33.35 51.82
C SER G 150 -27.79 -32.21 50.83
N GLY G 151 -27.31 -31.02 51.18
CA GLY G 151 -27.38 -29.87 50.31
C GLY G 151 -28.45 -28.88 50.67
N VAL G 152 -29.20 -29.10 51.73
CA VAL G 152 -30.34 -28.24 52.04
C VAL G 152 -29.96 -27.16 53.03
N SER G 153 -30.29 -25.92 52.69
CA SER G 153 -29.88 -24.74 53.43
C SER G 153 -31.09 -23.98 53.95
N TYR G 154 -30.98 -23.42 55.14
CA TYR G 154 -32.04 -22.59 55.68
C TYR G 154 -31.43 -21.45 56.48
N GLY G 155 -32.25 -20.44 56.77
CA GLY G 155 -31.83 -19.32 57.60
C GLY G 155 -32.20 -19.54 59.05
N TYR G 156 -31.28 -19.17 59.94
CA TYR G 156 -31.37 -19.56 61.34
C TYR G 156 -31.23 -18.37 62.27
N TRP G 157 -31.83 -18.50 63.44
CA TRP G 157 -31.55 -17.58 64.53
C TRP G 157 -30.37 -18.06 65.37
N GLY G 158 -30.32 -19.35 65.64
CA GLY G 158 -29.19 -19.91 66.34
C GLY G 158 -29.05 -21.37 66.00
N CYS G 159 -27.82 -21.84 65.80
CA CYS G 159 -27.64 -23.22 65.35
C CYS G 159 -26.48 -23.86 66.07
N ALA G 160 -26.54 -25.18 66.11
CA ALA G 160 -25.49 -26.01 66.66
C ALA G 160 -25.30 -27.19 65.74
N ILE G 161 -24.06 -27.53 65.48
CA ILE G 161 -23.71 -28.64 64.61
C ILE G 161 -22.62 -29.44 65.29
N GLY G 162 -22.60 -30.75 65.04
CA GLY G 162 -21.62 -31.62 65.64
C GLY G 162 -22.24 -32.63 66.59
N LYS G 163 -21.37 -33.26 67.37
CA LYS G 163 -21.77 -34.41 68.18
C LYS G 163 -22.59 -34.02 69.39
N ALA G 164 -22.61 -32.74 69.76
CA ALA G 164 -23.41 -32.29 70.88
C ALA G 164 -24.50 -31.34 70.41
N ARG G 165 -25.22 -31.72 69.35
CA ARG G 165 -26.14 -30.80 68.68
C ARG G 165 -27.35 -30.46 69.54
N GLN G 166 -28.02 -31.49 70.09
CA GLN G 166 -29.34 -31.26 70.69
C GLN G 166 -29.26 -30.55 72.03
N ALA G 167 -28.28 -30.92 72.86
CA ALA G 167 -28.11 -30.23 74.14
C ALA G 167 -27.70 -28.78 73.93
N ALA G 168 -26.89 -28.53 72.90
CA ALA G 168 -26.48 -27.16 72.60
C ALA G 168 -27.64 -26.34 72.06
N LYS G 169 -28.51 -26.94 71.23
CA LYS G 169 -29.68 -26.20 70.78
C LYS G 169 -30.68 -25.97 71.90
N THR G 170 -30.78 -26.92 72.83
CA THR G 170 -31.59 -26.75 74.03
C THR G 170 -31.10 -25.57 74.86
N GLU G 171 -29.78 -25.45 75.01
CA GLU G 171 -29.24 -24.34 75.80
C GLU G 171 -29.25 -23.02 75.04
N ILE G 172 -29.14 -23.05 73.71
CA ILE G 172 -29.27 -21.82 72.91
C ILE G 172 -30.70 -21.29 73.00
N GLU G 173 -31.68 -22.20 73.02
CA GLU G 173 -33.07 -21.76 73.02
C GLU G 173 -33.48 -21.11 74.35
N LYS G 174 -32.71 -21.35 75.40
CA LYS G 174 -32.91 -20.66 76.68
C LYS G 174 -32.53 -19.19 76.62
N LEU G 175 -31.86 -18.74 75.55
CA LEU G 175 -31.25 -17.42 75.48
C LEU G 175 -32.12 -16.46 74.69
N GLN G 176 -32.12 -15.19 75.10
CA GLN G 176 -32.86 -14.13 74.39
C GLN G 176 -31.91 -13.42 73.43
N MET G 177 -31.55 -14.12 72.35
CA MET G 177 -30.48 -13.65 71.47
C MET G 177 -30.90 -12.45 70.62
N LYS G 178 -32.20 -12.18 70.48
CA LYS G 178 -32.65 -11.17 69.54
C LYS G 178 -32.36 -9.74 70.00
N GLU G 179 -32.15 -9.53 71.30
CA GLU G 179 -32.07 -8.18 71.86
C GLU G 179 -30.74 -7.88 72.53
N MET G 180 -29.75 -8.75 72.42
CA MET G 180 -28.51 -8.60 73.16
C MET G 180 -27.41 -8.00 72.29
N THR G 181 -26.47 -7.35 72.96
CA THR G 181 -25.25 -6.92 72.30
C THR G 181 -24.33 -8.11 72.11
N CYS G 182 -23.47 -8.02 71.08
CA CYS G 182 -22.60 -9.13 70.74
C CYS G 182 -21.58 -9.42 71.82
N ARG G 183 -21.18 -8.39 72.58
CA ARG G 183 -20.28 -8.56 73.71
C ARG G 183 -20.90 -9.44 74.80
N ASP G 184 -22.22 -9.42 74.92
CA ASP G 184 -22.91 -10.37 75.78
C ASP G 184 -22.98 -11.74 75.14
N ILE G 185 -23.12 -11.78 73.81
CA ILE G 185 -23.31 -13.03 73.08
C ILE G 185 -22.04 -13.87 73.14
N VAL G 186 -20.86 -13.24 73.21
CA VAL G 186 -19.61 -13.98 73.34
C VAL G 186 -19.57 -14.77 74.64
N LYS G 187 -19.99 -14.14 75.73
CA LYS G 187 -20.02 -14.82 77.02
C LYS G 187 -21.09 -15.90 77.04
N GLU G 188 -22.23 -15.64 76.39
CA GLU G 188 -23.28 -16.65 76.35
C GLU G 188 -22.92 -17.85 75.48
N VAL G 189 -22.16 -17.64 74.40
CA VAL G 189 -21.69 -18.77 73.59
C VAL G 189 -20.64 -19.58 74.34
N ALA G 190 -19.70 -18.88 74.99
CA ALA G 190 -18.65 -19.54 75.76
C ALA G 190 -19.24 -20.33 76.91
N LYS G 191 -20.37 -19.88 77.46
CA LYS G 191 -21.13 -20.66 78.42
C LYS G 191 -21.50 -22.03 77.87
N ILE G 192 -22.15 -22.07 76.71
CA ILE G 192 -22.70 -23.31 76.18
C ILE G 192 -21.61 -24.25 75.73
N ILE G 193 -20.48 -23.71 75.24
CA ILE G 193 -19.38 -24.56 74.79
C ILE G 193 -18.74 -25.28 75.98
N TYR G 194 -18.49 -24.57 77.08
CA TYR G 194 -17.96 -25.24 78.26
C TYR G 194 -19.01 -26.09 78.98
N ILE G 195 -20.30 -25.82 78.76
CA ILE G 195 -21.32 -26.73 79.28
C ILE G 195 -21.26 -28.07 78.57
N VAL G 196 -21.25 -28.06 77.24
CA VAL G 196 -21.41 -29.31 76.50
C VAL G 196 -20.17 -30.17 76.42
N HIS G 197 -19.05 -29.71 76.96
CA HIS G 197 -17.78 -30.40 76.75
C HIS G 197 -17.71 -31.72 77.53
N ASP G 198 -17.23 -32.76 76.85
CA ASP G 198 -17.03 -34.08 77.46
C ASP G 198 -15.56 -34.19 77.88
N GLU G 199 -15.28 -33.77 79.11
CA GLU G 199 -13.90 -33.71 79.57
C GLU G 199 -13.28 -35.07 79.82
N VAL G 200 -14.09 -36.13 80.00
CA VAL G 200 -13.53 -37.43 80.31
C VAL G 200 -13.07 -38.17 79.06
N LYS G 201 -13.69 -37.90 77.90
CA LYS G 201 -13.46 -38.71 76.72
C LYS G 201 -12.40 -38.13 75.80
N ASP G 202 -12.48 -36.83 75.49
CA ASP G 202 -11.43 -36.12 74.77
C ASP G 202 -10.94 -34.96 75.62
N LYS G 203 -9.63 -34.93 75.85
CA LYS G 203 -9.06 -34.24 77.00
C LYS G 203 -8.69 -32.79 76.73
N ALA G 204 -7.80 -32.54 75.77
CA ALA G 204 -7.17 -31.23 75.61
C ALA G 204 -7.85 -30.49 74.46
N PHE G 205 -8.25 -29.25 74.72
CA PHE G 205 -9.05 -28.52 73.76
C PHE G 205 -8.89 -27.02 73.98
N GLU G 206 -9.33 -26.25 72.99
CA GLU G 206 -9.17 -24.80 72.94
C GLU G 206 -10.48 -24.18 72.52
N LEU G 207 -10.76 -22.98 73.03
CA LEU G 207 -11.92 -22.19 72.62
C LEU G 207 -11.54 -21.27 71.47
N GLU G 208 -12.35 -21.27 70.41
CA GLU G 208 -12.11 -20.43 69.25
C GLU G 208 -13.38 -19.67 68.93
N LEU G 209 -13.28 -18.35 68.85
CA LEU G 209 -14.43 -17.47 68.75
C LEU G 209 -14.16 -16.38 67.73
N SER G 210 -15.17 -16.06 66.93
CA SER G 210 -15.09 -14.92 66.02
C SER G 210 -16.48 -14.36 65.82
N TRP G 211 -16.55 -13.04 65.61
CA TRP G 211 -17.81 -12.38 65.33
C TRP G 211 -17.72 -11.61 64.03
N VAL G 212 -18.87 -11.38 63.43
CA VAL G 212 -19.02 -10.40 62.36
C VAL G 212 -20.27 -9.58 62.65
N GLY G 213 -20.16 -8.27 62.56
CA GLY G 213 -21.30 -7.45 62.90
C GLY G 213 -21.00 -5.97 62.83
N GLU G 214 -21.86 -5.23 63.52
CA GLU G 214 -21.77 -3.77 63.56
CA GLU G 214 -21.75 -3.77 63.54
C GLU G 214 -20.48 -3.29 64.23
N LEU G 215 -20.06 -3.98 65.29
CA LEU G 215 -18.90 -3.54 66.07
C LEU G 215 -17.58 -3.77 65.35
N THR G 216 -17.57 -4.41 64.19
CA THR G 216 -16.41 -4.42 63.31
C THR G 216 -16.70 -3.82 61.94
N ASN G 217 -17.86 -3.16 61.79
CA ASN G 217 -18.31 -2.52 60.55
C ASN G 217 -18.38 -3.54 59.41
N GLY G 218 -18.98 -4.69 59.71
CA GLY G 218 -19.20 -5.71 58.71
C GLY G 218 -17.99 -6.52 58.32
N ARG G 219 -16.83 -6.26 58.91
CA ARG G 219 -15.63 -7.02 58.61
C ARG G 219 -15.58 -8.22 59.54
N HIS G 220 -15.36 -9.40 58.98
CA HIS G 220 -15.33 -10.60 59.80
C HIS G 220 -13.97 -10.72 60.46
N GLU G 221 -13.93 -10.65 61.77
CA GLU G 221 -12.69 -10.66 62.51
C GLU G 221 -12.75 -11.70 63.62
N ILE G 222 -11.58 -12.08 64.10
CA ILE G 222 -11.48 -12.94 65.26
C ILE G 222 -11.69 -12.11 66.52
N VAL G 223 -12.18 -12.75 67.57
CA VAL G 223 -12.34 -12.07 68.87
C VAL G 223 -10.96 -11.75 69.43
N PRO G 224 -10.71 -10.56 69.95
CA PRO G 224 -9.41 -10.24 70.56
C PRO G 224 -9.11 -11.11 71.78
N LYS G 225 -7.82 -11.15 72.13
CA LYS G 225 -7.32 -12.16 73.06
C LYS G 225 -7.85 -11.97 74.47
N ASP G 226 -7.97 -10.72 74.92
CA ASP G 226 -8.47 -10.47 76.27
C ASP G 226 -9.94 -10.82 76.38
N ILE G 227 -10.71 -10.59 75.32
CA ILE G 227 -12.14 -10.90 75.38
C ILE G 227 -12.36 -12.42 75.34
N ARG G 228 -11.52 -13.15 74.57
CA ARG G 228 -11.59 -14.61 74.61
CA ARG G 228 -11.57 -14.61 74.60
C ARG G 228 -11.22 -15.13 75.99
N GLU G 229 -10.16 -14.59 76.60
CA GLU G 229 -9.74 -15.08 77.91
C GLU G 229 -10.74 -14.69 79.00
N GLU G 230 -11.42 -13.55 78.88
CA GLU G 230 -12.46 -13.21 79.84
C GLU G 230 -13.70 -14.08 79.65
N ALA G 231 -14.02 -14.44 78.41
CA ALA G 231 -15.12 -15.37 78.20
C ALA G 231 -14.77 -16.76 78.71
N GLU G 232 -13.52 -17.19 78.55
CA GLU G 232 -13.07 -18.47 79.10
C GLU G 232 -13.13 -18.48 80.62
N LYS G 233 -12.72 -17.36 81.25
CA LYS G 233 -12.75 -17.28 82.71
C LYS G 233 -14.18 -17.26 83.23
N TYR G 234 -15.04 -16.42 82.63
CA TYR G 234 -16.44 -16.35 82.99
C TYR G 234 -17.15 -17.69 82.82
N ALA G 235 -16.87 -18.39 81.73
CA ALA G 235 -17.56 -19.65 81.48
C ALA G 235 -17.02 -20.78 82.33
N LYS G 236 -15.71 -20.78 82.63
CA LYS G 236 -15.16 -21.83 83.46
C LYS G 236 -15.58 -21.65 84.92
N GLU G 237 -15.77 -20.40 85.34
CA GLU G 237 -16.32 -20.16 86.67
C GLU G 237 -17.81 -20.47 86.72
N SER G 238 -18.54 -20.22 85.63
CA SER G 238 -19.95 -20.62 85.57
C SER G 238 -20.12 -22.13 85.44
N LEU G 239 -19.08 -22.84 85.00
CA LEU G 239 -19.12 -24.30 84.93
C LEU G 239 -19.26 -24.91 86.32
N LYS G 240 -18.46 -24.41 87.27
CA LYS G 240 -18.41 -24.75 88.72
C LYS G 240 -18.87 -26.14 89.18
N SER H 1 -42.67 -63.89 37.22
CA SER H 1 -42.84 -62.47 37.47
C SER H 1 -43.48 -62.22 38.83
N ARG H 2 -44.26 -61.14 38.94
CA ARG H 2 -44.87 -60.64 40.18
C ARG H 2 -43.78 -60.37 41.23
N GLY H 3 -42.95 -59.38 40.89
CA GLY H 3 -41.83 -59.02 41.75
C GLY H 3 -40.53 -59.73 41.47
N SER H 4 -40.36 -60.24 40.25
CA SER H 4 -39.10 -60.90 39.91
C SER H 4 -38.00 -59.87 39.72
N SER H 5 -36.76 -60.31 39.94
CA SER H 5 -35.59 -59.45 39.85
C SER H 5 -34.46 -60.21 39.19
N ALA H 6 -33.71 -59.51 38.34
CA ALA H 6 -32.57 -60.09 37.65
C ALA H 6 -31.35 -59.21 37.89
N GLY H 7 -30.48 -59.64 38.80
CA GLY H 7 -29.21 -58.99 39.01
C GLY H 7 -29.28 -57.62 39.62
N PHE H 8 -28.84 -56.61 38.85
CA PHE H 8 -28.72 -55.24 39.31
C PHE H 8 -29.92 -54.39 38.94
N ASP H 9 -31.07 -55.00 38.68
CA ASP H 9 -32.25 -54.23 38.33
C ASP H 9 -32.94 -53.61 39.55
N ARG H 10 -32.44 -53.85 40.74
CA ARG H 10 -32.86 -53.12 41.91
C ARG H 10 -31.83 -52.09 42.34
N HIS H 11 -30.71 -52.01 41.64
CA HIS H 11 -29.65 -51.05 41.94
C HIS H 11 -29.52 -49.93 40.92
N ILE H 12 -29.81 -50.16 39.65
CA ILE H 12 -29.75 -49.12 38.65
C ILE H 12 -31.03 -49.12 37.84
N THR H 13 -31.11 -48.21 36.88
CA THR H 13 -32.29 -48.03 36.05
C THR H 13 -32.18 -48.93 34.82
N ILE H 14 -32.40 -50.22 35.03
CA ILE H 14 -32.57 -51.17 33.94
C ILE H 14 -33.86 -51.92 34.16
N PHE H 15 -34.32 -52.59 33.12
CA PHE H 15 -35.64 -53.19 33.16
C PHE H 15 -35.66 -54.48 33.97
N SER H 16 -36.73 -54.65 34.73
CA SER H 16 -37.04 -55.87 35.43
C SER H 16 -37.46 -56.95 34.44
N PRO H 17 -37.68 -58.19 34.88
CA PRO H 17 -38.31 -59.17 33.98
C PRO H 17 -39.76 -58.87 33.61
N GLU H 18 -40.37 -57.83 34.16
CA GLU H 18 -41.74 -57.45 33.81
C GLU H 18 -41.80 -56.19 32.97
N GLY H 19 -40.78 -55.36 33.03
CA GLY H 19 -40.82 -54.06 32.40
C GLY H 19 -41.01 -52.89 33.34
N ARG H 20 -40.74 -53.06 34.63
CA ARG H 20 -40.79 -51.98 35.58
C ARG H 20 -39.38 -51.47 35.81
N LEU H 21 -39.26 -50.19 36.10
CA LEU H 21 -38.00 -49.58 36.50
C LEU H 21 -38.07 -49.38 38.00
N TYR H 22 -37.24 -50.11 38.74
CA TYR H 22 -37.42 -50.13 40.18
C TYR H 22 -36.92 -48.85 40.84
N GLN H 23 -35.83 -48.27 40.36
CA GLN H 23 -35.34 -47.05 41.00
C GLN H 23 -36.27 -45.87 40.74
N VAL H 24 -36.94 -45.87 39.59
CA VAL H 24 -37.91 -44.82 39.32
C VAL H 24 -39.15 -45.02 40.18
N GLU H 25 -39.54 -46.27 40.42
CA GLU H 25 -40.61 -46.55 41.37
C GLU H 25 -40.23 -46.18 42.80
N TYR H 26 -38.97 -46.36 43.17
CA TYR H 26 -38.50 -46.06 44.51
C TYR H 26 -38.32 -44.57 44.71
N ALA H 27 -38.21 -43.81 43.62
CA ALA H 27 -38.06 -42.37 43.75
C ALA H 27 -39.35 -41.71 44.20
N PHE H 28 -40.50 -42.36 44.03
CA PHE H 28 -41.75 -41.77 44.50
C PHE H 28 -41.86 -41.86 46.01
N LYS H 29 -41.19 -42.82 46.64
CA LYS H 29 -41.20 -42.93 48.09
C LYS H 29 -40.45 -41.78 48.74
N ALA H 30 -39.44 -41.23 48.06
CA ALA H 30 -38.71 -40.08 48.59
C ALA H 30 -39.57 -38.84 48.66
N ILE H 31 -40.64 -38.75 47.87
CA ILE H 31 -41.58 -37.66 48.03
C ILE H 31 -42.35 -37.81 49.32
N ASN H 32 -42.69 -39.04 49.70
CA ASN H 32 -43.40 -39.28 50.95
C ASN H 32 -42.49 -39.15 52.16
N GLN H 33 -41.19 -39.38 51.99
CA GLN H 33 -40.24 -39.19 53.09
C GLN H 33 -40.13 -37.73 53.51
N GLY H 34 -40.52 -36.79 52.64
CA GLY H 34 -40.55 -35.39 53.02
C GLY H 34 -41.61 -35.07 54.05
N GLY H 35 -42.67 -35.87 54.14
CA GLY H 35 -43.65 -35.70 55.20
C GLY H 35 -44.58 -34.51 55.06
N LEU H 36 -44.75 -33.99 53.84
CA LEU H 36 -45.61 -32.85 53.59
C LEU H 36 -46.66 -33.18 52.56
N THR H 37 -47.61 -32.26 52.39
CA THR H 37 -48.68 -32.40 51.41
C THR H 37 -49.04 -31.02 50.89
N SER H 38 -49.17 -30.90 49.56
CA SER H 38 -49.57 -29.66 48.91
C SER H 38 -50.80 -29.89 48.05
N VAL H 39 -51.60 -28.85 47.88
CA VAL H 39 -52.83 -28.91 47.10
C VAL H 39 -52.83 -27.75 46.12
N ALA H 40 -53.16 -28.03 44.87
CA ALA H 40 -53.27 -27.01 43.84
C ALA H 40 -54.59 -27.15 43.11
N VAL H 41 -55.18 -26.00 42.75
CA VAL H 41 -56.47 -25.98 42.07
C VAL H 41 -56.55 -24.68 41.30
N ARG H 42 -57.28 -24.70 40.18
CA ARG H 42 -57.50 -23.53 39.35
C ARG H 42 -58.98 -23.28 39.15
N GLY H 43 -59.33 -22.02 38.95
CA GLY H 43 -60.67 -21.66 38.57
C GLY H 43 -60.64 -20.85 37.29
N LYS H 44 -61.63 -19.98 37.08
CA LYS H 44 -61.58 -19.10 35.93
C LYS H 44 -60.67 -17.92 36.14
N ASP H 45 -60.29 -17.65 37.39
CA ASP H 45 -59.37 -16.56 37.69
C ASP H 45 -58.18 -17.10 38.48
N ALA H 47 -55.48 -19.63 39.21
CA ALA H 47 -54.86 -20.84 39.75
C ALA H 47 -54.22 -20.54 41.09
N VAL H 48 -54.27 -21.51 42.01
CA VAL H 48 -53.75 -21.29 43.35
CA VAL H 48 -53.84 -21.32 43.40
C VAL H 48 -53.09 -22.57 43.84
N ILE H 49 -51.93 -22.40 44.47
CA ILE H 49 -51.20 -23.49 45.13
C ILE H 49 -51.15 -23.19 46.62
N VAL H 50 -51.41 -24.22 47.43
CA VAL H 50 -51.34 -24.13 48.88
C VAL H 50 -50.55 -25.32 49.38
N THR H 51 -49.58 -25.07 50.26
CA THR H 51 -48.83 -26.15 50.87
C THR H 51 -48.70 -25.88 52.36
N GLN H 52 -48.33 -26.93 53.10
CA GLN H 52 -48.09 -26.78 54.52
C GLN H 52 -46.78 -26.04 54.77
N LYS H 53 -46.59 -25.62 56.01
CA LYS H 53 -45.32 -25.06 56.47
C LYS H 53 -45.03 -25.67 57.83
N LYS H 54 -44.04 -26.55 57.90
CA LYS H 54 -43.64 -27.12 59.17
C LYS H 54 -42.53 -26.31 59.80
N VAL H 55 -42.74 -25.90 61.04
CA VAL H 55 -41.69 -25.26 61.84
C VAL H 55 -41.49 -26.16 63.06
N PRO H 56 -40.73 -27.26 62.96
CA PRO H 56 -40.48 -28.08 64.15
C PRO H 56 -39.47 -27.42 65.09
N ASP H 57 -38.46 -26.78 64.51
CA ASP H 57 -37.44 -26.09 65.29
C ASP H 57 -37.83 -24.63 65.45
N LYS H 58 -37.81 -24.16 66.70
CA LYS H 58 -38.10 -22.76 67.00
C LYS H 58 -37.00 -21.82 66.52
N LEU H 59 -35.83 -22.36 66.16
CA LEU H 59 -34.66 -21.60 65.77
C LEU H 59 -34.68 -21.15 64.32
N LEU H 60 -35.60 -21.68 63.52
CA LEU H 60 -35.68 -21.36 62.09
C LEU H 60 -36.07 -19.91 61.87
N ASP H 61 -35.47 -19.30 60.85
CA ASP H 61 -35.98 -18.04 60.32
C ASP H 61 -37.03 -18.39 59.28
N SER H 62 -38.30 -18.17 59.62
CA SER H 62 -39.40 -18.60 58.78
C SER H 62 -39.52 -17.80 57.49
N SER H 63 -38.77 -16.71 57.32
CA SER H 63 -38.74 -16.03 56.04
C SER H 63 -38.00 -16.83 54.98
N THR H 64 -37.17 -17.80 55.38
CA THR H 64 -36.38 -18.56 54.43
C THR H 64 -36.90 -19.97 54.22
N VAL H 65 -37.76 -20.48 55.09
CA VAL H 65 -38.38 -21.77 54.84
C VAL H 65 -39.54 -21.51 53.89
N THR H 66 -39.42 -22.01 52.66
CA THR H 66 -40.50 -21.87 51.70
C THR H 66 -40.50 -23.05 50.75
N HIS H 67 -41.70 -23.50 50.40
CA HIS H 67 -41.90 -24.44 49.31
C HIS H 67 -42.66 -23.82 48.15
N LEU H 68 -42.81 -22.50 48.13
CA LEU H 68 -43.40 -21.78 47.01
C LEU H 68 -42.30 -20.96 46.34
N PHE H 69 -42.03 -21.23 45.08
CA PHE H 69 -40.93 -20.58 44.38
C PHE H 69 -41.44 -19.83 43.18
N LYS H 70 -40.76 -18.73 42.86
CA LYS H 70 -41.09 -17.91 41.72
C LYS H 70 -40.16 -18.29 40.57
N ILE H 71 -40.72 -18.85 39.50
CA ILE H 71 -39.90 -19.34 38.40
C ILE H 71 -39.54 -18.21 37.46
N THR H 72 -40.54 -17.55 36.89
CA THR H 72 -40.35 -16.24 36.31
C THR H 72 -41.42 -15.33 36.87
N GLU H 73 -41.59 -14.15 36.29
CA GLU H 73 -42.54 -13.18 36.83
C GLU H 73 -43.98 -13.63 36.67
N ASN H 74 -44.25 -14.54 35.75
CA ASN H 74 -45.62 -14.93 35.45
C ASN H 74 -45.94 -16.36 35.87
N ILE H 75 -44.95 -17.12 36.32
CA ILE H 75 -45.11 -18.55 36.56
C ILE H 75 -44.56 -18.86 37.95
N GLY H 76 -45.38 -19.49 38.79
CA GLY H 76 -44.95 -19.91 40.10
C GLY H 76 -45.05 -21.41 40.24
N CYS H 77 -44.56 -21.89 41.38
CA CYS H 77 -44.29 -23.31 41.51
C CYS H 77 -44.23 -23.73 42.95
N VAL H 78 -44.72 -24.93 43.24
CA VAL H 78 -44.61 -25.55 44.55
C VAL H 78 -43.96 -26.91 44.38
N MET H 79 -42.98 -27.20 45.22
CA MET H 79 -42.27 -28.47 45.16
C MET H 79 -42.76 -29.37 46.29
N THR H 80 -42.44 -30.65 46.17
CA THR H 80 -42.74 -31.61 47.23
C THR H 80 -41.69 -32.69 47.19
N GLY H 81 -41.11 -33.00 48.35
CA GLY H 81 -40.17 -34.10 48.41
C GLY H 81 -38.88 -33.75 49.11
N MET H 82 -37.77 -34.31 48.63
CA MET H 82 -36.46 -33.95 49.14
C MET H 82 -36.18 -32.49 48.85
N THR H 83 -35.55 -31.81 49.80
CA THR H 83 -35.51 -30.36 49.72
C THR H 83 -34.40 -29.86 48.80
N ALA H 84 -33.23 -30.48 48.85
CA ALA H 84 -32.13 -30.03 48.01
C ALA H 84 -32.40 -30.32 46.55
N ASP H 85 -33.03 -31.47 46.26
CA ASP H 85 -33.46 -31.76 44.90
C ASP H 85 -34.51 -30.78 44.43
N SER H 86 -35.39 -30.36 45.35
CA SER H 86 -36.41 -29.37 45.04
C SER H 86 -35.79 -28.05 44.63
N ARG H 87 -34.80 -27.56 45.38
CA ARG H 87 -34.19 -26.30 45.00
C ARG H 87 -33.32 -26.44 43.77
N SER H 88 -32.81 -27.64 43.50
CA SER H 88 -32.10 -27.90 42.26
CA SER H 88 -32.09 -27.87 42.25
C SER H 88 -33.02 -27.77 41.05
N GLN H 89 -34.17 -28.43 41.12
CA GLN H 89 -35.06 -28.43 39.97
C GLN H 89 -35.73 -27.08 39.80
N VAL H 90 -35.85 -26.29 40.86
CA VAL H 90 -36.28 -24.90 40.72
C VAL H 90 -35.21 -24.07 40.01
N GLN H 91 -33.93 -24.27 40.37
CA GLN H 91 -32.85 -23.57 39.67
C GLN H 91 -32.79 -23.95 38.20
N ARG H 92 -33.06 -25.22 37.90
CA ARG H 92 -33.06 -25.67 36.52
C ARG H 92 -34.27 -25.13 35.77
N ALA H 93 -35.42 -25.02 36.44
CA ALA H 93 -36.57 -24.44 35.77
C ALA H 93 -36.39 -22.95 35.54
N ARG H 94 -35.72 -22.25 36.46
CA ARG H 94 -35.40 -20.85 36.25
C ARG H 94 -34.45 -20.66 35.08
N TYR H 95 -33.48 -21.58 34.94
CA TYR H 95 -32.53 -21.45 33.84
C TYR H 95 -33.19 -21.76 32.50
N GLU H 96 -34.07 -22.76 32.45
CA GLU H 96 -34.75 -23.04 31.18
C GLU H 96 -35.77 -21.98 30.83
N ALA H 97 -36.43 -21.38 31.83
CA ALA H 97 -37.41 -20.35 31.53
C ALA H 97 -36.75 -19.06 31.10
N ALA H 98 -35.56 -18.76 31.63
CA ALA H 98 -34.84 -17.58 31.17
C ALA H 98 -34.06 -17.86 29.91
N ASN H 99 -33.82 -19.12 29.58
CA ASN H 99 -33.17 -19.46 28.33
C ASN H 99 -34.17 -19.44 27.18
N TRP H 100 -35.41 -19.83 27.43
CA TRP H 100 -36.47 -19.75 26.43
C TRP H 100 -36.72 -18.32 26.00
N LYS H 101 -36.78 -17.41 26.96
CA LYS H 101 -37.00 -16.00 26.67
C LYS H 101 -35.86 -15.42 25.86
N TYR H 102 -34.64 -15.86 26.14
CA TYR H 102 -33.48 -15.33 25.43
C TYR H 102 -33.40 -15.87 24.01
N LYS H 103 -33.72 -17.14 23.81
CA LYS H 103 -33.67 -17.70 22.46
C LYS H 103 -34.85 -17.26 21.61
N TYR H 104 -36.04 -17.15 22.21
CA TYR H 104 -37.28 -17.06 21.46
C TYR H 104 -38.04 -15.76 21.66
N GLY H 105 -37.60 -14.89 22.56
CA GLY H 105 -38.13 -13.54 22.57
C GLY H 105 -39.48 -13.35 23.23
N TYR H 106 -40.02 -14.35 23.91
CA TYR H 106 -41.26 -14.17 24.66
C TYR H 106 -41.27 -15.08 25.86
N GLU H 107 -42.08 -14.72 26.85
CA GLU H 107 -42.17 -15.46 28.11
C GLU H 107 -42.65 -16.87 27.87
N ILE H 108 -42.04 -17.81 28.58
CA ILE H 108 -42.19 -19.23 28.25
C ILE H 108 -43.61 -19.69 28.58
N PRO H 109 -44.21 -20.54 27.77
CA PRO H 109 -45.50 -21.12 28.15
C PRO H 109 -45.34 -22.03 29.35
N VAL H 110 -46.46 -22.32 30.01
CA VAL H 110 -46.38 -23.18 31.17
C VAL H 110 -46.16 -24.63 30.76
N ASP H 111 -46.89 -25.09 29.73
CA ASP H 111 -46.73 -26.46 29.26
C ASP H 111 -45.40 -26.67 28.57
N MET H 112 -44.84 -25.64 27.93
CA MET H 112 -43.49 -25.77 27.41
C MET H 112 -42.42 -25.58 28.47
N LEU H 113 -42.79 -25.23 29.69
CA LEU H 113 -41.83 -25.35 30.77
C LEU H 113 -41.89 -26.74 31.38
N CYS H 114 -43.10 -27.26 31.59
CA CYS H 114 -43.21 -28.56 32.25
C CYS H 114 -42.81 -29.69 31.32
N LYS H 115 -42.99 -29.54 30.02
CA LYS H 115 -42.47 -30.54 29.10
C LYS H 115 -40.95 -30.52 29.06
N ARG H 116 -40.35 -29.35 29.22
CA ARG H 116 -38.89 -29.28 29.22
C ARG H 116 -38.32 -29.88 30.49
N ILE H 117 -38.95 -29.62 31.64
CA ILE H 117 -38.49 -30.21 32.90
C ILE H 117 -38.68 -31.71 32.89
N ALA H 118 -39.74 -32.20 32.26
CA ALA H 118 -39.91 -33.64 32.15
C ALA H 118 -38.89 -34.27 31.21
N ASP H 119 -38.52 -33.58 30.13
CA ASP H 119 -37.51 -34.12 29.24
C ASP H 119 -36.12 -34.06 29.86
N ILE H 120 -35.91 -33.16 30.80
CA ILE H 120 -34.69 -33.22 31.60
C ILE H 120 -34.73 -34.41 32.54
N SER H 121 -35.84 -34.59 33.26
CA SER H 121 -35.91 -35.62 34.29
C SER H 121 -35.93 -37.03 33.73
N GLN H 122 -36.25 -37.20 32.45
CA GLN H 122 -36.20 -38.54 31.87
C GLN H 122 -34.78 -39.06 31.75
N VAL H 123 -33.81 -38.17 31.54
CA VAL H 123 -32.44 -38.57 31.28
C VAL H 123 -31.85 -39.28 32.51
N TYR H 124 -32.29 -38.90 33.71
CA TYR H 124 -31.83 -39.62 34.88
C TYR H 124 -32.50 -40.99 35.00
N THR H 125 -33.65 -41.19 34.37
CA THR H 125 -34.27 -42.50 34.32
C THR H 125 -33.79 -43.31 33.14
N GLN H 126 -32.89 -42.79 32.35
CA GLN H 126 -32.31 -43.62 31.31
C GLN H 126 -30.83 -43.91 31.52
N ASN H 127 -30.03 -42.92 31.86
CA ASN H 127 -28.62 -43.13 32.15
C ASN H 127 -28.44 -43.77 33.51
N ALA H 128 -27.50 -44.70 33.60
CA ALA H 128 -27.35 -45.54 34.78
C ALA H 128 -26.55 -44.91 35.90
N GLU H 129 -25.77 -43.86 35.63
CA GLU H 129 -24.77 -43.39 36.57
C GLU H 129 -25.27 -42.35 37.56
N MET H 130 -26.53 -41.92 37.48
CA MET H 130 -27.07 -40.97 38.42
C MET H 130 -28.43 -41.44 38.88
N ARG H 131 -28.93 -40.83 39.97
CA ARG H 131 -30.22 -41.21 40.51
C ARG H 131 -31.28 -40.19 40.09
N PRO H 132 -32.54 -40.59 39.98
CA PRO H 132 -33.58 -39.63 39.60
C PRO H 132 -33.86 -38.68 40.74
N LEU H 133 -34.14 -37.43 40.41
CA LEU H 133 -34.47 -36.46 41.44
C LEU H 133 -35.83 -36.81 42.02
N GLY H 134 -35.86 -37.08 43.31
CA GLY H 134 -37.09 -37.50 43.94
C GLY H 134 -37.92 -36.34 44.46
N CYS H 135 -38.48 -35.55 43.54
CA CYS H 135 -39.33 -34.41 43.88
C CYS H 135 -40.18 -33.94 42.71
N MET H 137 -43.09 -31.42 41.61
CA MET H 137 -43.26 -30.08 41.10
C MET H 137 -44.64 -29.83 40.52
N ILE H 138 -45.29 -28.77 40.98
CA ILE H 138 -46.58 -28.33 40.45
C ILE H 138 -46.43 -26.91 39.98
N LEU H 139 -46.88 -26.62 38.76
CA LEU H 139 -46.68 -25.32 38.13
C LEU H 139 -48.01 -24.61 37.92
N ILE H 140 -48.02 -23.28 38.09
CA ILE H 140 -49.20 -22.46 37.82
C ILE H 140 -48.79 -21.20 37.07
N GLY H 141 -49.68 -20.73 36.22
CA GLY H 141 -49.44 -19.51 35.47
C GLY H 141 -50.60 -19.29 34.53
N ILE H 142 -50.73 -18.05 34.08
CA ILE H 142 -51.80 -17.68 33.17
C ILE H 142 -51.28 -17.83 31.74
N ASP H 143 -51.78 -18.85 31.07
CA ASP H 143 -51.75 -18.86 29.63
C ASP H 143 -52.85 -17.95 29.12
N GLU H 144 -52.53 -17.17 28.07
CA GLU H 144 -53.41 -16.10 27.62
C GLU H 144 -54.73 -16.62 27.07
N GLU H 145 -54.71 -17.80 26.46
CA GLU H 145 -55.87 -18.33 25.76
C GLU H 145 -56.64 -19.36 26.57
N GLN H 146 -55.97 -20.14 27.41
CA GLN H 146 -56.63 -21.18 28.18
C GLN H 146 -56.89 -20.78 29.62
N GLY H 147 -56.48 -19.58 30.02
CA GLY H 147 -56.70 -19.12 31.36
C GLY H 147 -55.63 -19.65 32.30
N PRO H 148 -56.01 -20.01 33.51
CA PRO H 148 -55.06 -20.62 34.43
C PRO H 148 -54.68 -22.03 34.00
N GLN H 149 -53.43 -22.38 34.28
CA GLN H 149 -52.91 -23.71 34.00
C GLN H 149 -52.36 -24.33 35.27
N VAL H 150 -52.54 -25.63 35.40
CA VAL H 150 -52.00 -26.41 36.51
C VAL H 150 -51.35 -27.65 35.92
N TYR H 151 -50.05 -27.80 36.12
CA TYR H 151 -49.26 -28.88 35.58
C TYR H 151 -48.53 -29.57 36.72
N LYS H 152 -48.34 -30.88 36.60
CA LYS H 152 -47.59 -31.61 37.61
C LYS H 152 -46.64 -32.59 36.93
N CYS H 153 -45.35 -32.35 37.06
CA CYS H 153 -44.34 -33.30 36.62
C CYS H 153 -43.80 -34.08 37.80
N ASP H 154 -43.44 -35.33 37.55
CA ASP H 154 -43.07 -36.28 38.59
C ASP H 154 -41.72 -36.90 38.22
N PRO H 155 -41.06 -37.59 39.16
CA PRO H 155 -39.71 -38.13 38.87
C PRO H 155 -39.62 -39.16 37.77
N ALA H 156 -40.73 -39.68 37.25
CA ALA H 156 -40.66 -40.57 36.10
C ALA H 156 -40.65 -39.82 34.78
N GLY H 157 -41.01 -38.55 34.77
CA GLY H 157 -41.05 -37.77 33.56
C GLY H 157 -42.42 -37.53 32.96
N TYR H 158 -43.49 -37.93 33.64
CA TYR H 158 -44.82 -37.68 33.09
C TYR H 158 -45.26 -36.26 33.39
N TYR H 159 -46.34 -35.83 32.73
CA TYR H 159 -47.01 -34.57 33.06
C TYR H 159 -48.46 -34.54 32.54
N GLY H 161 -51.18 -32.53 33.19
CA GLY H 161 -52.18 -31.51 32.97
C GLY H 161 -53.43 -31.69 33.80
N PHE H 162 -53.65 -30.80 34.75
CA PHE H 162 -54.62 -31.01 35.81
C PHE H 162 -55.58 -29.84 35.95
N LYS H 163 -56.77 -30.15 36.51
CA LYS H 163 -57.70 -29.15 37.02
C LYS H 163 -57.54 -28.94 38.51
N ALA H 164 -57.17 -29.99 39.23
CA ALA H 164 -56.98 -29.97 40.68
C ALA H 164 -56.15 -31.19 41.04
N THR H 165 -55.28 -31.05 42.04
CA THR H 165 -54.32 -32.11 42.31
C THR H 165 -53.82 -32.03 43.75
N ALA H 166 -53.03 -33.03 44.12
CA ALA H 166 -52.34 -33.08 45.39
C ALA H 166 -50.98 -33.72 45.18
N ALA H 167 -50.10 -33.54 46.16
CA ALA H 167 -48.76 -34.08 46.08
C ALA H 167 -48.31 -34.49 47.47
N GLY H 168 -47.38 -35.43 47.53
CA GLY H 168 -46.83 -35.83 48.80
C GLY H 168 -47.53 -36.99 49.47
N VAL H 169 -47.61 -36.94 50.81
CA VAL H 169 -48.03 -38.10 51.59
C VAL H 169 -49.52 -38.35 51.41
N LYS H 170 -50.33 -37.30 51.45
CA LYS H 170 -51.78 -37.41 51.34
C LYS H 170 -52.25 -37.14 49.93
N GLN H 171 -51.50 -37.65 48.95
CA GLN H 171 -51.84 -37.47 47.55
C GLN H 171 -53.19 -38.09 47.21
N THR H 172 -53.35 -39.38 47.49
CA THR H 172 -54.48 -40.15 46.96
C THR H 172 -55.79 -39.75 47.60
N GLU H 173 -55.78 -39.46 48.90
CA GLU H 173 -57.02 -39.11 49.59
C GLU H 173 -57.50 -37.71 49.19
N SER H 174 -56.59 -36.76 49.09
CA SER H 174 -56.97 -35.42 48.63
C SER H 174 -57.37 -35.44 47.16
N THR H 175 -56.74 -36.32 46.38
CA THR H 175 -57.17 -36.57 45.01
C THR H 175 -58.60 -37.09 44.97
N SER H 176 -58.94 -38.01 45.87
CA SER H 176 -60.29 -38.57 45.92
C SER H 176 -61.32 -37.53 46.36
N PHE H 177 -60.93 -36.67 47.30
CA PHE H 177 -61.78 -35.55 47.73
C PHE H 177 -62.05 -34.58 46.57
N LEU H 178 -61.01 -34.24 45.82
CA LEU H 178 -61.23 -33.35 44.68
C LEU H 178 -62.00 -34.05 43.56
N GLU H 179 -61.79 -35.35 43.40
CA GLU H 179 -62.53 -36.14 42.40
C GLU H 179 -64.02 -36.24 42.75
N LYS H 180 -64.36 -36.25 44.04
CA LYS H 180 -65.78 -36.23 44.35
C LYS H 180 -66.32 -34.82 44.20
N LYS H 181 -65.50 -33.80 44.50
CA LYS H 181 -66.01 -32.43 44.50
C LYS H 181 -66.24 -31.92 43.08
N VAL H 182 -65.50 -32.42 42.09
CA VAL H 182 -65.67 -31.93 40.72
C VAL H 182 -67.02 -32.34 40.14
N LYS H 183 -67.57 -33.47 40.60
CA LYS H 183 -68.86 -33.92 40.09
C LYS H 183 -69.99 -33.02 40.56
N LYS H 184 -69.85 -32.43 41.75
CA LYS H 184 -70.85 -31.48 42.23
C LYS H 184 -70.75 -30.15 41.51
N LYS H 185 -69.54 -29.72 41.17
CA LYS H 185 -69.32 -28.41 40.57
C LYS H 185 -69.83 -28.37 39.12
N PHE H 186 -70.28 -27.19 38.70
CA PHE H 186 -70.79 -27.02 37.35
C PHE H 186 -69.63 -26.99 36.34
N ASP H 187 -69.83 -27.72 35.23
CA ASP H 187 -68.86 -27.89 34.13
C ASP H 187 -67.55 -28.52 34.63
N TRP H 188 -67.65 -29.28 35.73
CA TRP H 188 -66.53 -29.91 36.44
C TRP H 188 -65.38 -28.94 36.72
N THR H 189 -65.73 -27.69 37.08
CA THR H 189 -64.72 -26.67 37.29
C THR H 189 -65.05 -25.87 38.56
N PHE H 190 -64.02 -25.39 39.22
CA PHE H 190 -64.16 -24.87 40.57
C PHE H 190 -64.60 -23.40 40.55
N GLU H 191 -65.06 -22.92 41.69
CA GLU H 191 -65.39 -21.51 41.87
C GLU H 191 -64.61 -20.84 42.98
N GLN H 192 -64.60 -21.41 44.18
CA GLN H 192 -63.91 -20.82 45.33
C GLN H 192 -62.51 -21.38 45.39
N THR H 193 -61.59 -20.75 44.67
CA THR H 193 -60.26 -21.32 44.46
C THR H 193 -59.43 -21.30 45.73
N VAL H 194 -59.39 -20.15 46.40
CA VAL H 194 -58.55 -19.99 47.60
C VAL H 194 -59.09 -20.84 48.74
N GLU H 195 -60.40 -21.04 48.77
CA GLU H 195 -61.04 -21.70 49.90
C GLU H 195 -61.05 -23.22 49.77
N THR H 196 -61.22 -23.73 48.54
CA THR H 196 -61.33 -25.17 48.33
C THR H 196 -60.03 -25.88 48.68
N ALA H 197 -58.90 -25.23 48.39
CA ALA H 197 -57.60 -25.78 48.73
C ALA H 197 -57.41 -25.88 50.23
N ILE H 198 -57.93 -24.90 50.98
CA ILE H 198 -57.80 -24.91 52.42
C ILE H 198 -58.68 -25.99 53.03
N THR H 199 -59.91 -26.15 52.52
CA THR H 199 -60.76 -27.26 52.97
C THR H 199 -60.16 -28.61 52.64
N CYS H 200 -59.61 -28.76 51.43
CA CYS H 200 -59.01 -30.02 51.02
C CYS H 200 -57.79 -30.36 51.85
N LEU H 201 -56.95 -29.37 52.14
CA LEU H 201 -55.77 -29.61 52.96
C LEU H 201 -56.13 -29.90 54.40
N SER H 202 -57.15 -29.23 54.95
CA SER H 202 -57.51 -29.43 56.34
C SER H 202 -58.31 -30.71 56.54
N THR H 203 -58.95 -31.21 55.48
CA THR H 203 -59.79 -32.40 55.61
C THR H 203 -58.96 -33.66 55.80
N VAL H 204 -58.01 -33.90 54.89
CA VAL H 204 -57.28 -35.16 54.92
C VAL H 204 -56.24 -35.18 56.03
N LEU H 205 -55.81 -34.01 56.51
CA LEU H 205 -54.83 -33.95 57.59
C LEU H 205 -55.45 -33.82 58.97
N SER H 206 -56.62 -33.21 59.07
CA SER H 206 -57.35 -32.97 60.34
C SER H 206 -56.52 -32.13 61.31
N ILE H 207 -55.98 -31.02 60.82
CA ILE H 207 -55.20 -30.10 61.65
C ILE H 207 -55.93 -28.78 61.89
N ASP H 208 -56.67 -28.28 60.90
CA ASP H 208 -57.39 -27.00 60.93
C ASP H 208 -56.43 -25.85 61.20
N PHE H 209 -55.62 -25.52 60.19
CA PHE H 209 -54.31 -24.90 60.34
C PHE H 209 -54.35 -23.49 60.91
N LYS H 210 -53.20 -23.08 61.47
CA LYS H 210 -52.85 -21.72 61.84
C LYS H 210 -52.34 -20.98 60.59
N PRO H 211 -52.41 -19.65 60.57
CA PRO H 211 -51.84 -18.91 59.43
C PRO H 211 -50.33 -19.00 59.31
N SER H 212 -49.62 -19.42 60.35
CA SER H 212 -48.21 -19.73 60.19
C SER H 212 -47.97 -21.14 59.70
N GLU H 213 -49.02 -21.92 59.43
CA GLU H 213 -48.84 -23.31 59.05
C GLU H 213 -49.01 -23.54 57.55
N ILE H 214 -49.66 -22.63 56.83
CA ILE H 214 -49.81 -22.78 55.39
C ILE H 214 -49.41 -21.49 54.70
N GLU H 215 -48.94 -21.63 53.46
CA GLU H 215 -48.58 -20.50 52.62
C GLU H 215 -49.23 -20.67 51.25
N VAL H 216 -49.72 -19.57 50.70
CA VAL H 216 -50.63 -19.59 49.56
C VAL H 216 -50.09 -18.64 48.51
N GLY H 217 -50.05 -19.09 47.26
CA GLY H 217 -49.69 -18.23 46.15
C GLY H 217 -50.78 -18.26 45.10
N VAL H 218 -51.03 -17.09 44.52
CA VAL H 218 -52.12 -16.93 43.56
C VAL H 218 -51.58 -16.32 42.28
N VAL H 219 -52.12 -16.79 41.17
CA VAL H 219 -51.93 -16.16 39.87
C VAL H 219 -53.30 -15.92 39.30
N THR H 220 -53.54 -14.71 38.82
CA THR H 220 -54.87 -14.25 38.46
C THR H 220 -54.89 -13.73 37.04
N VAL H 221 -56.09 -13.64 36.47
CA VAL H 221 -56.20 -13.04 35.15
C VAL H 221 -56.07 -11.52 35.26
N GLU H 222 -56.50 -10.95 36.39
CA GLU H 222 -56.33 -9.51 36.59
C GLU H 222 -54.87 -9.14 36.88
N ASN H 223 -54.17 -9.97 37.63
CA ASN H 223 -52.74 -9.80 37.87
C ASN H 223 -52.04 -11.08 37.44
N PRO H 224 -51.43 -11.10 36.25
CA PRO H 224 -50.76 -12.32 35.79
C PRO H 224 -49.49 -12.63 36.54
N LYS H 225 -48.98 -11.70 37.33
CA LYS H 225 -47.77 -11.94 38.10
C LYS H 225 -48.04 -12.96 39.20
N PHE H 226 -47.09 -13.86 39.41
CA PHE H 226 -47.17 -14.77 40.55
C PHE H 226 -47.00 -13.98 41.83
N ARG H 227 -47.94 -14.15 42.76
CA ARG H 227 -48.01 -13.31 43.94
C ARG H 227 -48.11 -14.19 45.18
N ILE H 228 -47.21 -13.97 46.12
CA ILE H 228 -47.12 -14.76 47.34
C ILE H 228 -47.78 -13.98 48.46
N LEU H 229 -48.81 -14.56 49.07
CA LEU H 229 -49.66 -13.83 49.99
C LEU H 229 -48.99 -13.61 51.34
N THR H 230 -49.41 -12.55 52.03
CA THR H 230 -48.94 -12.23 53.36
C THR H 230 -49.68 -13.08 54.40
N GLU H 231 -49.25 -12.98 55.66
CA GLU H 231 -49.82 -13.81 56.72
C GLU H 231 -51.25 -13.41 57.06
N ALA H 232 -51.54 -12.10 57.07
CA ALA H 232 -52.85 -11.61 57.46
C ALA H 232 -53.92 -12.02 56.45
N GLU H 233 -53.55 -12.15 55.18
CA GLU H 233 -54.51 -12.55 54.17
C GLU H 233 -54.88 -14.03 54.28
N ILE H 234 -53.89 -14.89 54.55
CA ILE H 234 -54.19 -16.30 54.77
C ILE H 234 -54.95 -16.49 56.09
N ASP H 235 -54.65 -15.67 57.09
CA ASP H 235 -55.45 -15.68 58.31
C ASP H 235 -56.88 -15.23 58.04
N ALA H 236 -57.08 -14.27 57.13
CA ALA H 236 -58.42 -13.82 56.79
C ALA H 236 -59.20 -14.88 56.04
N HIS H 237 -58.54 -15.62 55.16
CA HIS H 237 -59.23 -16.73 54.50
C HIS H 237 -59.50 -17.89 55.44
N LEU H 238 -58.60 -18.17 56.39
CA LEU H 238 -58.84 -19.19 57.41
C LEU H 238 -60.00 -18.83 58.32
N VAL H 239 -60.16 -17.55 58.67
CA VAL H 239 -61.26 -17.20 59.57
C VAL H 239 -62.57 -17.10 58.79
N ALA H 240 -62.51 -16.71 57.51
CA ALA H 240 -63.70 -16.69 56.68
C ALA H 240 -64.22 -18.10 56.42
N LEU H 241 -63.31 -19.07 56.32
CA LEU H 241 -63.72 -20.48 56.31
C LEU H 241 -64.12 -20.96 57.70
N ALA H 242 -63.60 -20.34 58.76
CA ALA H 242 -63.94 -20.78 60.11
C ALA H 242 -65.38 -20.44 60.48
N GLU H 243 -65.92 -19.35 59.94
CA GLU H 243 -67.30 -18.96 60.21
C GLU H 243 -68.26 -19.51 59.16
N ARG H 244 -68.17 -20.81 58.91
CA ARG H 244 -69.08 -21.49 58.00
C ARG H 244 -69.48 -22.85 58.56
N THR I 1 -32.91 -4.88 -7.55
CA THR I 1 -33.44 -5.30 -6.27
C THR I 1 -34.28 -4.20 -5.66
N THR I 2 -35.60 -4.38 -5.65
CA THR I 2 -36.52 -3.41 -5.06
C THR I 2 -37.63 -4.17 -4.35
N ILE I 3 -37.62 -4.14 -3.03
CA ILE I 3 -38.66 -4.76 -2.24
C ILE I 3 -39.21 -3.71 -1.29
N ALA I 4 -40.44 -3.94 -0.82
CA ALA I 4 -41.11 -2.95 -0.01
C ALA I 4 -42.09 -3.64 0.91
N GLY I 5 -42.63 -2.89 1.87
CA GLY I 5 -43.63 -3.40 2.76
C GLY I 5 -44.37 -2.25 3.42
N VAL I 6 -45.61 -2.50 3.80
CA VAL I 6 -46.37 -1.54 4.59
C VAL I 6 -47.10 -2.27 5.71
N VAL I 7 -47.43 -1.53 6.76
CA VAL I 7 -48.31 -2.02 7.81
C VAL I 7 -49.66 -1.35 7.58
N TYR I 8 -50.65 -2.11 7.15
CA TYR I 8 -51.98 -1.56 6.98
C TYR I 8 -52.87 -2.08 8.09
N LYS I 9 -54.18 -1.79 7.98
CA LYS I 9 -55.10 -1.95 9.10
C LYS I 9 -55.24 -3.40 9.55
N ASP I 10 -55.21 -4.34 8.61
CA ASP I 10 -55.40 -5.74 8.95
C ASP I 10 -54.13 -6.59 8.82
N GLY I 11 -53.00 -6.00 8.47
CA GLY I 11 -51.82 -6.84 8.40
C GLY I 11 -50.69 -6.18 7.63
N ILE I 12 -50.01 -6.99 6.84
CA ILE I 12 -48.80 -6.61 6.12
C ILE I 12 -49.03 -6.83 4.63
N VAL I 13 -48.61 -5.87 3.82
CA VAL I 13 -48.53 -6.04 2.37
C VAL I 13 -47.06 -5.96 1.99
N LEU I 14 -46.54 -7.04 1.40
CA LEU I 14 -45.18 -7.06 0.89
C LEU I 14 -45.19 -7.04 -0.62
N GLY I 15 -44.13 -6.48 -1.20
CA GLY I 15 -43.99 -6.43 -2.63
C GLY I 15 -42.56 -6.72 -3.02
N ALA I 16 -42.34 -6.94 -4.32
CA ALA I 16 -41.01 -7.20 -4.83
C ALA I 16 -40.97 -6.92 -6.32
N ASP I 17 -39.75 -6.88 -6.83
CA ASP I 17 -39.50 -7.00 -8.26
C ASP I 17 -39.20 -8.46 -8.56
N THR I 18 -38.75 -8.77 -9.78
CA THR I 18 -38.27 -10.11 -10.08
C THR I 18 -36.93 -10.15 -10.78
N ARG I 19 -36.34 -9.00 -11.11
CA ARG I 19 -35.07 -8.99 -11.83
C ARG I 19 -33.92 -9.25 -10.86
N ALA I 20 -33.15 -10.29 -11.14
CA ALA I 20 -31.94 -10.60 -10.40
C ALA I 20 -30.76 -10.50 -11.35
N THR I 21 -29.81 -9.63 -11.03
CA THR I 21 -28.68 -9.34 -11.91
C THR I 21 -27.39 -9.88 -11.30
N GLU I 22 -26.51 -10.34 -12.18
CA GLU I 22 -25.17 -10.78 -11.81
C GLU I 22 -24.18 -10.04 -12.69
N GLY I 23 -23.27 -9.30 -12.06
CA GLY I 23 -22.47 -8.35 -12.78
C GLY I 23 -23.32 -7.15 -13.14
N MET I 24 -23.47 -6.87 -14.43
CA MET I 24 -24.40 -5.85 -14.91
C MET I 24 -25.31 -6.41 -16.00
N VAL I 25 -25.59 -7.72 -15.92
CA VAL I 25 -26.41 -8.43 -16.89
C VAL I 25 -27.61 -9.02 -16.16
N VAL I 26 -28.79 -8.91 -16.75
CA VAL I 26 -29.98 -9.54 -16.18
C VAL I 26 -29.83 -11.06 -16.28
N ALA I 27 -29.88 -11.73 -15.14
CA ALA I 27 -29.72 -13.17 -15.09
C ALA I 27 -31.06 -13.90 -15.05
N ASP I 28 -31.98 -13.42 -14.21
CA ASP I 28 -33.27 -14.06 -14.02
C ASP I 28 -34.37 -13.03 -14.25
N LYS I 29 -35.49 -13.48 -14.83
CA LYS I 29 -36.60 -12.59 -15.13
C LYS I 29 -37.78 -12.74 -14.19
N ASN I 30 -37.88 -13.87 -13.50
CA ASN I 30 -39.06 -14.18 -12.69
C ASN I 30 -38.62 -14.78 -11.36
N CYS I 31 -37.64 -14.15 -10.73
CA CYS I 31 -37.11 -14.61 -9.45
C CYS I 31 -38.05 -14.25 -8.32
N SER I 32 -38.33 -15.21 -7.44
CA SER I 32 -39.25 -15.02 -6.33
C SER I 32 -38.46 -14.55 -5.11
N LYS I 33 -38.68 -13.30 -4.71
CA LYS I 33 -37.97 -12.73 -3.58
C LYS I 33 -38.79 -12.71 -2.30
N ILE I 34 -40.04 -13.15 -2.35
CA ILE I 34 -40.89 -13.24 -1.17
C ILE I 34 -40.81 -14.68 -0.68
N HIS I 35 -40.06 -14.93 0.38
CA HIS I 35 -39.83 -16.27 0.84
C HIS I 35 -40.95 -16.73 1.75
N PHE I 36 -41.30 -18.01 1.65
CA PHE I 36 -42.07 -18.67 2.69
C PHE I 36 -41.19 -18.94 3.90
N ILE I 37 -41.68 -18.60 5.08
CA ILE I 37 -41.01 -18.94 6.33
C ILE I 37 -42.01 -19.67 7.20
N SER I 38 -43.13 -19.04 7.43
CA SER I 38 -44.16 -19.61 8.28
C SER I 38 -45.45 -19.47 7.50
N PRO I 39 -46.56 -20.09 7.91
CA PRO I 39 -47.86 -19.75 7.30
C PRO I 39 -48.27 -18.30 7.49
N ASN I 40 -47.72 -17.58 8.47
CA ASN I 40 -48.01 -16.18 8.64
C ASN I 40 -46.83 -15.24 8.41
N ILE I 41 -45.59 -15.75 8.44
CA ILE I 41 -44.41 -14.91 8.35
C ILE I 41 -43.77 -15.13 6.99
N TYR I 42 -43.62 -14.06 6.23
CA TYR I 42 -42.88 -14.09 4.97
C TYR I 42 -41.71 -13.12 5.07
N CYS I 43 -40.63 -13.44 4.36
CA CYS I 43 -39.34 -12.78 4.56
C CYS I 43 -38.75 -12.39 3.22
N CYS I 44 -38.90 -11.13 2.85
CA CYS I 44 -38.29 -10.65 1.61
C CYS I 44 -36.79 -10.56 1.77
N GLY I 45 -36.06 -11.08 0.80
CA GLY I 45 -34.63 -11.12 0.92
C GLY I 45 -33.93 -10.27 -0.12
N ALA I 46 -33.12 -9.33 0.33
CA ALA I 46 -32.37 -8.48 -0.58
C ALA I 46 -30.88 -8.71 -0.33
N GLY I 47 -30.07 -8.26 -1.28
CA GLY I 47 -28.64 -8.44 -1.16
C GLY I 47 -28.14 -9.71 -1.79
N THR I 48 -27.26 -10.43 -1.11
CA THR I 48 -26.68 -11.65 -1.64
C THR I 48 -27.74 -12.74 -1.68
N ALA I 49 -28.06 -13.22 -2.87
CA ALA I 49 -29.23 -14.07 -3.07
C ALA I 49 -29.03 -15.46 -2.47
N ALA I 50 -27.81 -16.01 -2.56
CA ALA I 50 -27.60 -17.36 -2.05
C ALA I 50 -27.56 -17.36 -0.53
N ASP I 51 -27.01 -16.31 0.07
CA ASP I 51 -26.95 -16.22 1.52
C ASP I 51 -28.34 -16.04 2.12
N THR I 52 -29.17 -15.20 1.51
CA THR I 52 -30.55 -15.10 1.98
C THR I 52 -31.37 -16.33 1.60
N ASP I 53 -30.97 -17.08 0.58
CA ASP I 53 -31.66 -18.32 0.29
C ASP I 53 -31.43 -19.35 1.39
N MET I 54 -30.17 -19.59 1.74
CA MET I 54 -29.91 -20.57 2.80
C MET I 54 -30.36 -20.07 4.17
N THR I 55 -30.41 -18.75 4.38
CA THR I 55 -30.92 -18.23 5.63
C THR I 55 -32.44 -18.39 5.74
N THR I 56 -33.18 -18.09 4.68
CA THR I 56 -34.61 -18.35 4.74
C THR I 56 -34.98 -19.80 4.44
N GLN I 57 -34.01 -20.67 4.23
CA GLN I 57 -34.27 -22.10 4.44
C GLN I 57 -34.11 -22.48 5.89
N LEU I 58 -33.01 -22.06 6.52
CA LEU I 58 -32.65 -22.53 7.84
C LEU I 58 -33.60 -22.00 8.91
N ILE I 59 -33.98 -20.72 8.81
CA ILE I 59 -34.90 -20.18 9.81
C ILE I 59 -36.31 -20.71 9.59
N SER I 60 -36.67 -21.00 8.33
CA SER I 60 -37.93 -21.69 8.06
C SER I 60 -37.94 -23.07 8.68
N SER I 61 -36.80 -23.77 8.61
CA SER I 61 -36.69 -25.11 9.19
C SER I 61 -36.79 -25.06 10.70
N ASN I 62 -36.14 -24.09 11.33
CA ASN I 62 -36.23 -23.98 12.79
C ASN I 62 -37.62 -23.56 13.24
N LEU I 63 -38.34 -22.78 12.43
CA LEU I 63 -39.72 -22.51 12.81
C LEU I 63 -40.62 -23.71 12.57
N GLU I 64 -40.28 -24.57 11.61
CA GLU I 64 -41.03 -25.81 11.46
C GLU I 64 -40.78 -26.76 12.63
N LEU I 65 -39.59 -26.71 13.23
CA LEU I 65 -39.40 -27.36 14.53
C LEU I 65 -40.35 -26.77 15.56
N HIS I 66 -40.30 -25.45 15.71
CA HIS I 66 -40.86 -24.82 16.90
C HIS I 66 -42.37 -24.80 16.90
N SER I 67 -42.99 -24.61 15.74
CA SER I 67 -44.44 -24.62 15.66
C SER I 67 -45.02 -25.99 15.94
N LEU I 68 -44.29 -27.04 15.60
CA LEU I 68 -44.75 -28.39 15.92
C LEU I 68 -44.49 -28.71 17.38
N SER I 69 -43.38 -28.20 17.92
CA SER I 69 -43.03 -28.49 19.31
C SER I 69 -44.02 -27.85 20.27
N THR I 70 -44.25 -26.55 20.13
CA THR I 70 -45.21 -25.92 21.03
C THR I 70 -46.65 -26.17 20.62
N GLY I 71 -46.89 -26.56 19.38
CA GLY I 71 -48.25 -26.75 18.91
C GLY I 71 -49.00 -25.48 18.61
N ARG I 72 -48.31 -24.34 18.54
CA ARG I 72 -48.94 -23.08 18.24
C ARG I 72 -48.29 -22.46 17.01
N LEU I 73 -48.95 -21.48 16.43
CA LEU I 73 -48.40 -20.76 15.30
C LEU I 73 -47.34 -19.79 15.80
N PRO I 74 -46.20 -19.68 15.10
CA PRO I 74 -45.08 -18.92 15.67
C PRO I 74 -45.28 -17.42 15.60
N ARG I 75 -44.60 -16.72 16.51
CA ARG I 75 -44.59 -15.27 16.59
C ARG I 75 -43.58 -14.69 15.61
N VAL I 76 -43.72 -13.40 15.33
CA VAL I 76 -42.72 -12.71 14.51
C VAL I 76 -41.40 -12.59 15.25
N VAL I 77 -41.46 -12.28 16.55
CA VAL I 77 -40.27 -11.98 17.32
C VAL I 77 -39.38 -13.21 17.49
N THR I 78 -39.93 -14.41 17.33
CA THR I 78 -39.11 -15.62 17.36
C THR I 78 -38.16 -15.68 16.17
N ALA I 79 -38.70 -15.46 14.97
CA ALA I 79 -37.87 -15.42 13.78
C ALA I 79 -36.94 -14.22 13.81
N ASN I 80 -37.39 -13.13 14.43
CA ASN I 80 -36.54 -11.95 14.61
C ASN I 80 -35.31 -12.27 15.45
N ARG I 81 -35.52 -12.93 16.59
CA ARG I 81 -34.40 -13.32 17.45
C ARG I 81 -33.47 -14.30 16.75
N MET I 82 -34.00 -15.28 16.03
CA MET I 82 -33.15 -16.25 15.37
C MET I 82 -32.32 -15.61 14.26
N LEU I 83 -32.94 -14.70 13.52
CA LEU I 83 -32.23 -13.97 12.47
C LEU I 83 -31.15 -13.08 13.04
N LYS I 84 -31.48 -12.27 14.06
CA LYS I 84 -30.49 -11.34 14.57
C LYS I 84 -29.36 -12.06 15.31
N GLN I 85 -29.64 -13.21 15.94
CA GLN I 85 -28.55 -13.94 16.58
C GLN I 85 -27.64 -14.61 15.57
N MET I 86 -28.18 -15.18 14.50
CA MET I 86 -27.29 -15.81 13.53
C MET I 86 -26.51 -14.77 12.73
N LEU I 87 -27.18 -13.69 12.32
CA LEU I 87 -26.51 -12.66 11.52
C LEU I 87 -25.53 -11.84 12.36
N PHE I 88 -25.72 -11.76 13.68
CA PHE I 88 -24.68 -11.16 14.52
C PHE I 88 -23.54 -12.14 14.77
N ARG I 89 -23.86 -13.44 14.86
CA ARG I 89 -22.82 -14.44 15.07
C ARG I 89 -21.87 -14.55 13.88
N TYR I 90 -22.37 -14.31 12.67
CA TYR I 90 -21.50 -14.26 11.51
C TYR I 90 -21.06 -12.85 11.16
N GLN I 91 -21.38 -11.86 11.99
CA GLN I 91 -20.87 -10.47 11.93
C GLN I 91 -21.17 -9.78 10.61
N GLY I 92 -22.26 -10.13 9.95
CA GLY I 92 -22.60 -9.49 8.70
C GLY I 92 -21.94 -10.09 7.48
N TYR I 93 -21.17 -11.17 7.64
CA TYR I 93 -20.55 -11.82 6.49
C TYR I 93 -21.57 -12.57 5.65
N ILE I 94 -22.73 -12.89 6.20
CA ILE I 94 -23.91 -13.18 5.40
C ILE I 94 -24.42 -11.84 4.87
N GLY I 95 -24.35 -11.66 3.55
CA GLY I 95 -24.77 -10.40 2.96
C GLY I 95 -26.24 -10.33 2.64
N ALA I 96 -27.08 -10.63 3.64
CA ALA I 96 -28.52 -10.62 3.48
C ALA I 96 -29.12 -9.55 4.38
N ALA I 97 -29.77 -8.57 3.78
CA ALA I 97 -30.53 -7.56 4.51
C ALA I 97 -32.00 -7.86 4.30
N LEU I 98 -32.72 -8.12 5.38
CA LEU I 98 -34.01 -8.79 5.29
C LEU I 98 -35.16 -7.87 5.68
N VAL I 99 -36.34 -8.21 5.20
CA VAL I 99 -37.59 -7.65 5.66
C VAL I 99 -38.42 -8.81 6.19
N LEU I 100 -38.61 -8.86 7.50
CA LEU I 100 -39.30 -9.96 8.14
C LEU I 100 -40.68 -9.48 8.53
N GLY I 101 -41.68 -9.86 7.76
CA GLY I 101 -43.02 -9.37 7.98
C GLY I 101 -43.99 -10.50 8.24
N GLY I 102 -44.82 -10.31 9.25
CA GLY I 102 -45.75 -11.37 9.61
C GLY I 102 -46.84 -10.83 10.50
N VAL I 103 -47.81 -11.70 10.75
CA VAL I 103 -48.94 -11.40 11.62
C VAL I 103 -49.04 -12.51 12.65
N ASP I 104 -48.96 -12.17 13.93
CA ASP I 104 -49.07 -13.14 15.00
C ASP I 104 -50.20 -12.66 15.91
N VAL I 105 -50.28 -13.24 17.11
CA VAL I 105 -51.41 -13.01 18.01
C VAL I 105 -51.48 -11.57 18.51
N THR I 106 -50.38 -10.81 18.45
CA THR I 106 -50.38 -9.41 18.83
C THR I 106 -50.51 -8.48 17.64
N GLY I 107 -51.06 -8.96 16.54
CA GLY I 107 -51.28 -8.13 15.38
C GLY I 107 -50.11 -8.16 14.43
N PRO I 108 -50.12 -7.30 13.42
CA PRO I 108 -49.05 -7.32 12.44
C PRO I 108 -47.77 -6.68 12.96
N HIS I 109 -46.67 -7.07 12.35
CA HIS I 109 -45.37 -6.51 12.66
C HIS I 109 -44.56 -6.42 11.38
N LEU I 110 -43.62 -5.49 11.35
CA LEU I 110 -42.73 -5.35 10.19
C LEU I 110 -41.35 -5.00 10.71
N TYR I 111 -40.38 -5.86 10.46
CA TYR I 111 -39.04 -5.69 10.96
C TYR I 111 -38.10 -5.61 9.78
N SER I 112 -37.11 -4.73 9.84
CA SER I 112 -36.08 -4.67 8.83
C SER I 112 -34.76 -5.02 9.50
N ILE I 113 -34.08 -6.03 8.99
CA ILE I 113 -32.93 -6.62 9.64
C ILE I 113 -31.72 -6.39 8.75
N TYR I 114 -30.79 -5.62 9.23
CA TYR I 114 -29.54 -5.31 8.56
C TYR I 114 -28.58 -6.45 8.80
N PRO I 115 -27.61 -6.68 7.87
CA PRO I 115 -26.85 -7.95 7.89
C PRO I 115 -26.02 -8.18 9.15
N HIS I 116 -25.62 -7.13 9.84
CA HIS I 116 -24.83 -7.31 11.05
C HIS I 116 -25.68 -7.71 12.25
N GLY I 117 -27.00 -7.68 12.14
CA GLY I 117 -27.85 -8.04 13.24
C GLY I 117 -28.56 -6.90 13.91
N SER I 118 -28.53 -5.70 13.35
CA SER I 118 -29.34 -4.61 13.86
C SER I 118 -30.73 -4.68 13.28
N THR I 119 -31.72 -4.51 14.14
CA THR I 119 -33.12 -4.63 13.76
C THR I 119 -33.84 -3.32 14.00
N ASP I 120 -34.76 -2.99 13.11
CA ASP I 120 -35.62 -1.83 13.26
C ASP I 120 -37.06 -2.30 13.16
N LYS I 121 -37.95 -1.68 13.90
CA LYS I 121 -39.37 -1.91 13.72
C LYS I 121 -39.96 -0.70 13.01
N LEU I 122 -40.63 -0.94 11.89
CA LEU I 122 -41.00 0.12 10.98
C LEU I 122 -42.44 -0.02 10.55
N PRO I 123 -43.09 1.10 10.19
CA PRO I 123 -44.40 0.98 9.55
C PRO I 123 -44.31 0.71 8.07
N TYR I 124 -43.19 1.03 7.43
CA TYR I 124 -42.98 0.75 6.03
C TYR I 124 -41.49 0.67 5.76
N VAL I 125 -41.11 -0.24 4.88
CA VAL I 125 -39.70 -0.48 4.58
C VAL I 125 -39.51 -0.48 3.07
N THR I 126 -38.28 -0.17 2.65
CA THR I 126 -37.81 -0.41 1.30
C THR I 126 -36.37 -0.88 1.41
N MET I 127 -35.98 -1.85 0.59
CA MET I 127 -34.60 -2.33 0.56
CA MET I 127 -34.61 -2.33 0.55
C MET I 127 -34.16 -2.49 -0.89
N GLY I 128 -32.87 -2.74 -1.05
CA GLY I 128 -32.31 -2.98 -2.35
C GLY I 128 -31.80 -1.72 -3.00
N SER I 129 -31.46 -1.85 -4.28
CA SER I 129 -30.91 -0.73 -5.03
C SER I 129 -31.95 0.33 -5.32
N GLY I 130 -33.18 -0.08 -5.62
CA GLY I 130 -34.25 0.86 -5.87
C GLY I 130 -35.06 1.17 -4.64
N SER I 131 -34.40 1.15 -3.48
CA SER I 131 -35.10 1.43 -2.22
C SER I 131 -35.47 2.88 -2.09
N LEU I 132 -34.67 3.78 -2.67
CA LEU I 132 -34.91 5.20 -2.47
C LEU I 132 -36.10 5.68 -3.29
N ALA I 133 -36.27 5.14 -4.49
CA ALA I 133 -37.39 5.55 -5.33
C ALA I 133 -38.73 5.15 -4.74
N ALA I 134 -38.81 3.95 -4.17
CA ALA I 134 -40.04 3.52 -3.52
C ALA I 134 -40.22 4.19 -2.17
N MET I 135 -39.11 4.55 -1.51
CA MET I 135 -39.19 5.31 -0.27
C MET I 135 -39.73 6.71 -0.52
N ALA I 136 -39.47 7.27 -1.69
CA ALA I 136 -40.06 8.55 -2.08
C ALA I 136 -41.58 8.45 -2.14
N VAL I 137 -42.09 7.39 -2.75
CA VAL I 137 -43.54 7.21 -2.89
C VAL I 137 -44.17 6.96 -1.53
N PHE I 138 -43.47 6.22 -0.66
CA PHE I 138 -44.00 6.01 0.68
C PHE I 138 -44.03 7.29 1.51
N GLU I 139 -42.97 8.12 1.45
CA GLU I 139 -42.99 9.37 2.17
C GLU I 139 -44.03 10.33 1.62
N ASP I 140 -44.32 10.23 0.32
CA ASP I 140 -45.34 11.06 -0.29
C ASP I 140 -46.74 10.61 0.10
N LYS I 141 -47.01 9.30 0.17
CA LYS I 141 -48.38 8.82 0.11
C LYS I 141 -48.83 7.92 1.25
N PHE I 142 -47.94 7.51 2.16
CA PHE I 142 -48.35 6.61 3.23
C PHE I 142 -49.18 7.35 4.27
N ARG I 143 -50.19 6.67 4.79
CA ARG I 143 -51.01 7.08 5.91
C ARG I 143 -51.13 5.91 6.86
N PRO I 144 -51.31 6.15 8.15
CA PRO I 144 -51.58 5.05 9.07
C PRO I 144 -52.99 4.51 8.86
N ASP I 145 -53.14 3.21 9.13
CA ASP I 145 -54.44 2.51 9.14
C ASP I 145 -55.11 2.53 7.78
N MET I 146 -54.34 2.30 6.72
CA MET I 146 -54.93 2.24 5.38
C MET I 146 -55.72 0.96 5.19
N GLU I 147 -56.62 1.00 4.21
CA GLU I 147 -57.37 -0.19 3.82
C GLU I 147 -56.49 -1.13 3.00
N GLU I 148 -57.08 -2.26 2.61
CA GLU I 148 -56.36 -3.26 1.85
C GLU I 148 -55.98 -2.76 0.46
N GLU I 149 -56.98 -2.30 -0.30
CA GLU I 149 -56.73 -1.94 -1.70
C GLU I 149 -55.87 -0.70 -1.83
N GLU I 150 -56.00 0.26 -0.92
CA GLU I 150 -55.12 1.42 -0.92
C GLU I 150 -53.68 1.04 -0.64
N ALA I 151 -53.47 0.08 0.27
CA ALA I 151 -52.13 -0.38 0.55
C ALA I 151 -51.55 -1.19 -0.60
N LYS I 152 -52.40 -1.96 -1.28
CA LYS I 152 -51.94 -2.73 -2.43
C LYS I 152 -51.55 -1.83 -3.59
N ASN I 153 -52.36 -0.80 -3.86
CA ASN I 153 -51.99 0.15 -4.91
C ASN I 153 -50.79 0.99 -4.52
N LEU I 154 -50.62 1.27 -3.23
CA LEU I 154 -49.46 2.05 -2.81
C LEU I 154 -48.17 1.26 -2.96
N VAL I 155 -48.16 -0.01 -2.54
CA VAL I 155 -46.95 -0.81 -2.69
C VAL I 155 -46.68 -1.08 -4.17
N SER I 156 -47.73 -1.31 -4.96
CA SER I 156 -47.51 -1.58 -6.38
C SER I 156 -47.01 -0.35 -7.12
N GLU I 157 -47.50 0.83 -6.75
CA GLU I 157 -46.98 2.07 -7.33
C GLU I 157 -45.54 2.33 -6.93
N ALA I 158 -45.20 2.05 -5.68
CA ALA I 158 -43.82 2.27 -5.22
C ALA I 158 -42.85 1.31 -5.89
N ILE I 159 -43.25 0.04 -6.04
CA ILE I 159 -42.42 -0.91 -6.76
C ILE I 159 -42.33 -0.53 -8.23
N ALA I 160 -43.40 0.06 -8.77
CA ALA I 160 -43.36 0.52 -10.16
C ALA I 160 -42.36 1.65 -10.35
N ALA I 161 -42.36 2.63 -9.43
CA ALA I 161 -41.42 3.74 -9.53
C ALA I 161 -39.98 3.27 -9.35
N GLY I 162 -39.76 2.29 -8.45
CA GLY I 162 -38.44 1.71 -8.31
C GLY I 162 -38.02 0.88 -9.50
N ILE I 163 -38.99 0.37 -10.26
CA ILE I 163 -38.68 -0.36 -11.49
C ILE I 163 -38.29 0.61 -12.59
N PHE I 164 -39.07 1.67 -12.79
CA PHE I 164 -38.78 2.56 -13.91
C PHE I 164 -37.56 3.44 -13.70
N ASN I 165 -37.25 3.79 -12.45
CA ASN I 165 -36.17 4.75 -12.21
C ASN I 165 -34.88 4.11 -11.72
N ASP I 166 -34.74 2.80 -11.84
CA ASP I 166 -33.49 2.13 -11.48
C ASP I 166 -33.15 1.18 -12.61
N LEU I 167 -31.84 1.01 -12.83
CA LEU I 167 -31.38 -0.04 -13.73
C LEU I 167 -31.41 -1.40 -13.03
N GLY I 168 -31.18 -1.44 -11.74
CA GLY I 168 -31.05 -2.68 -10.98
C GLY I 168 -32.33 -3.42 -10.67
N SER I 169 -33.46 -3.05 -11.26
CA SER I 169 -34.73 -3.67 -10.94
C SER I 169 -35.62 -3.70 -12.18
N GLY I 170 -36.56 -4.64 -12.23
CA GLY I 170 -37.55 -4.54 -13.27
C GLY I 170 -38.30 -5.84 -13.54
N SER I 171 -39.23 -5.72 -14.48
CA SER I 171 -39.95 -6.72 -15.27
C SER I 171 -41.13 -7.45 -14.63
N ASN I 172 -41.35 -7.34 -13.32
CA ASN I 172 -42.59 -7.78 -12.68
C ASN I 172 -42.78 -7.10 -11.34
N ILE I 173 -44.02 -7.15 -10.86
CA ILE I 173 -44.38 -6.77 -9.50
C ILE I 173 -45.08 -7.96 -8.87
N ASP I 174 -44.45 -8.56 -7.87
CA ASP I 174 -45.12 -9.54 -7.05
C ASP I 174 -45.68 -8.84 -5.82
N LEU I 175 -46.80 -9.32 -5.33
CA LEU I 175 -47.28 -8.85 -4.04
C LEU I 175 -47.47 -9.99 -3.08
N CYS I 176 -47.80 -9.62 -1.86
CA CYS I 176 -48.24 -10.55 -0.84
C CYS I 176 -49.15 -9.83 0.13
N VAL I 177 -50.26 -10.46 0.51
CA VAL I 177 -51.17 -9.91 1.50
C VAL I 177 -51.21 -10.87 2.68
N ILE I 178 -50.93 -10.37 3.87
CA ILE I 178 -50.94 -11.15 5.10
C ILE I 178 -51.92 -10.49 6.05
N SER I 179 -52.82 -11.27 6.63
CA SER I 179 -53.72 -10.74 7.64
C SER I 179 -54.03 -11.81 8.67
N LYS I 180 -54.92 -11.45 9.61
CA LYS I 180 -55.44 -12.41 10.56
C LYS I 180 -56.36 -13.42 9.88
N ASN I 181 -57.21 -12.95 8.97
CA ASN I 181 -58.27 -13.77 8.42
C ASN I 181 -57.97 -14.33 7.04
N LYS I 182 -56.84 -13.97 6.42
CA LYS I 182 -56.58 -14.39 5.06
C LYS I 182 -55.09 -14.31 4.77
N LEU I 183 -54.67 -15.07 3.75
CA LEU I 183 -53.33 -15.02 3.20
C LEU I 183 -53.43 -15.03 1.68
N ASP I 184 -53.02 -13.94 1.04
CA ASP I 184 -53.19 -13.77 -0.40
C ASP I 184 -51.82 -13.50 -1.00
N PHE I 185 -51.25 -14.51 -1.64
CA PHE I 185 -49.93 -14.41 -2.27
C PHE I 185 -50.15 -14.19 -3.77
N LEU I 186 -50.12 -12.93 -4.17
CA LEU I 186 -50.49 -12.53 -5.53
C LEU I 186 -49.22 -12.48 -6.37
N ARG I 187 -48.98 -13.54 -7.13
CA ARG I 187 -47.76 -13.65 -7.93
CA ARG I 187 -47.76 -13.67 -7.94
C ARG I 187 -48.13 -14.00 -9.38
N PRO I 188 -47.95 -13.07 -10.33
CA PRO I 188 -47.55 -11.68 -10.14
C PRO I 188 -48.79 -10.82 -9.99
N TYR I 189 -48.62 -9.55 -9.62
CA TYR I 189 -49.79 -8.68 -9.46
C TYR I 189 -50.00 -7.80 -10.69
N THR I 190 -48.94 -7.10 -11.12
CA THR I 190 -48.98 -6.29 -12.33
C THR I 190 -47.66 -6.48 -13.07
N VAL I 191 -47.73 -6.54 -14.40
CA VAL I 191 -46.57 -6.71 -15.26
C VAL I 191 -46.37 -5.42 -16.06
N PRO I 192 -45.62 -4.44 -15.55
CA PRO I 192 -45.49 -3.16 -16.27
C PRO I 192 -44.61 -3.23 -17.49
N ASN I 193 -43.74 -4.23 -17.58
CA ASN I 193 -42.78 -4.33 -18.66
C ASN I 193 -43.06 -5.57 -19.49
N LYS I 194 -42.98 -5.42 -20.81
CA LYS I 194 -43.38 -6.47 -21.73
C LYS I 194 -42.33 -6.59 -22.81
N LYS I 195 -41.96 -7.83 -23.13
CA LYS I 195 -41.09 -8.11 -24.26
C LYS I 195 -41.73 -7.64 -25.56
N GLY I 196 -40.95 -6.96 -26.38
CA GLY I 196 -41.41 -6.58 -27.70
C GLY I 196 -41.55 -7.79 -28.61
N THR I 197 -42.35 -7.62 -29.64
CA THR I 197 -42.56 -8.69 -30.60
C THR I 197 -41.39 -8.78 -31.56
N ARG I 198 -40.92 -10.00 -31.77
CA ARG I 198 -39.79 -10.22 -32.67
C ARG I 198 -40.27 -10.13 -34.12
N LEU I 199 -39.67 -9.20 -34.89
CA LEU I 199 -40.17 -8.90 -36.23
C LEU I 199 -39.75 -9.93 -37.26
N GLY I 200 -38.56 -10.50 -37.10
CA GLY I 200 -38.07 -11.51 -38.01
C GLY I 200 -38.08 -12.90 -37.39
N ARG I 201 -37.96 -13.91 -38.26
CA ARG I 201 -37.97 -15.30 -37.85
C ARG I 201 -36.67 -15.96 -38.28
N TYR I 202 -36.05 -16.69 -37.37
CA TYR I 202 -34.69 -17.22 -37.56
C TYR I 202 -34.66 -18.73 -37.35
N ARG I 203 -35.74 -19.42 -37.71
CA ARG I 203 -35.87 -20.85 -37.40
C ARG I 203 -35.01 -21.65 -38.36
N CYS I 204 -33.95 -22.23 -37.83
CA CYS I 204 -33.03 -23.03 -38.62
C CYS I 204 -33.59 -24.45 -38.81
N GLU I 205 -33.71 -24.88 -40.06
CA GLU I 205 -34.20 -26.22 -40.37
C GLU I 205 -33.14 -27.28 -40.06
N LYS I 206 -33.56 -28.53 -40.18
CA LYS I 206 -32.67 -29.67 -39.96
C LYS I 206 -31.57 -29.71 -41.02
N GLY I 207 -30.33 -29.91 -40.57
CA GLY I 207 -29.17 -29.91 -41.44
C GLY I 207 -28.43 -28.60 -41.50
N THR I 208 -28.92 -27.56 -40.82
CA THR I 208 -28.27 -26.25 -40.83
C THR I 208 -26.93 -26.30 -40.11
N THR I 209 -26.87 -26.97 -38.96
CA THR I 209 -25.62 -27.15 -38.23
C THR I 209 -24.98 -28.48 -38.59
N ALA I 210 -23.72 -28.42 -39.01
CA ALA I 210 -22.98 -29.64 -39.35
C ALA I 210 -22.71 -30.48 -38.11
N VAL I 211 -22.73 -31.79 -38.28
CA VAL I 211 -22.56 -32.75 -37.20
C VAL I 211 -21.35 -33.63 -37.53
N LEU I 212 -20.53 -33.91 -36.52
CA LEU I 212 -19.35 -34.77 -36.70
C LEU I 212 -19.60 -36.19 -36.19
N THR I 213 -20.08 -36.33 -34.95
CA THR I 213 -20.39 -37.64 -34.37
C THR I 213 -21.82 -37.64 -33.86
N GLU I 214 -22.39 -38.84 -33.75
CA GLU I 214 -23.73 -38.99 -33.22
C GLU I 214 -23.86 -40.36 -32.57
N LYS I 215 -24.43 -40.40 -31.36
CA LYS I 215 -24.63 -41.62 -30.60
C LYS I 215 -26.04 -41.64 -30.04
N ILE I 216 -26.78 -42.70 -30.33
CA ILE I 216 -28.14 -42.87 -29.84
C ILE I 216 -28.10 -43.88 -28.71
N THR I 217 -28.49 -43.45 -27.51
CA THR I 217 -28.50 -44.31 -26.33
C THR I 217 -29.94 -44.60 -25.95
N PRO I 218 -30.45 -45.79 -26.21
CA PRO I 218 -31.88 -46.06 -25.93
C PRO I 218 -32.11 -46.30 -24.44
N LEU I 219 -33.30 -45.90 -23.99
CA LEU I 219 -33.73 -46.13 -22.62
C LEU I 219 -35.07 -46.83 -22.59
N GLU I 220 -35.44 -47.28 -21.39
CA GLU I 220 -36.76 -47.86 -21.15
C GLU I 220 -37.78 -46.76 -20.85
N SER J 1 -9.46 -12.90 -13.92
CA SER J 1 -10.44 -13.54 -13.06
C SER J 1 -10.09 -15.00 -12.80
N ILE J 2 -10.57 -15.52 -11.67
CA ILE J 2 -10.31 -16.90 -11.32
C ILE J 2 -11.23 -17.85 -12.09
N MET J 3 -12.46 -17.40 -12.39
CA MET J 3 -13.37 -18.18 -13.23
C MET J 3 -12.87 -18.36 -14.65
N SER J 4 -12.16 -17.36 -15.18
CA SER J 4 -11.76 -17.34 -16.57
C SER J 4 -10.35 -17.89 -16.80
N TYR J 5 -9.74 -18.48 -15.76
CA TYR J 5 -8.39 -19.04 -15.89
C TYR J 5 -8.39 -20.27 -16.80
N ASN J 6 -9.44 -21.08 -16.74
CA ASN J 6 -9.58 -22.21 -17.65
C ASN J 6 -10.58 -21.95 -18.77
N GLY J 7 -11.30 -20.85 -18.74
CA GLY J 7 -12.34 -20.67 -19.72
C GLY J 7 -13.50 -21.61 -19.42
N GLY J 8 -14.31 -21.83 -20.45
CA GLY J 8 -15.38 -22.81 -20.34
C GLY J 8 -16.74 -22.17 -20.43
N ALA J 9 -17.70 -22.87 -21.01
CA ALA J 9 -19.03 -22.33 -21.22
C ALA J 9 -20.05 -23.43 -21.47
N VAL J 10 -21.09 -23.48 -20.65
CA VAL J 10 -22.12 -24.51 -20.71
CA VAL J 10 -22.11 -24.51 -20.76
C VAL J 10 -23.48 -23.82 -20.75
N MET J 11 -24.41 -24.35 -21.53
CA MET J 11 -25.77 -23.84 -21.52
C MET J 11 -26.76 -24.99 -21.57
N ALA J 12 -27.98 -24.70 -21.14
CA ALA J 12 -29.11 -25.60 -21.26
C ALA J 12 -30.27 -24.84 -21.87
N MET J 13 -31.21 -25.57 -22.46
CA MET J 13 -32.37 -24.96 -23.09
C MET J 13 -33.53 -25.94 -23.12
N LYS J 14 -34.72 -25.47 -22.75
CA LYS J 14 -35.88 -26.33 -22.61
C LYS J 14 -36.66 -26.41 -23.92
N GLY J 15 -37.09 -27.62 -24.27
CA GLY J 15 -37.95 -27.86 -25.41
C GLY J 15 -39.28 -28.44 -24.96
N LYS J 16 -40.05 -29.02 -25.88
N LYS J 16 -40.03 -29.01 -25.89
CA LYS J 16 -41.41 -29.47 -25.58
CA LYS J 16 -41.28 -29.68 -25.59
C LYS J 16 -41.46 -30.62 -24.58
C LYS J 16 -40.99 -31.17 -25.35
N ASN J 17 -40.95 -31.79 -24.95
N ASN J 17 -41.10 -31.60 -24.10
CA ASN J 17 -40.84 -32.93 -24.06
CA ASN J 17 -40.83 -32.97 -23.64
C ASN J 17 -39.41 -33.42 -24.02
C ASN J 17 -39.40 -33.43 -23.94
N CYS J 18 -38.46 -32.48 -24.02
CA CYS J 18 -37.06 -32.80 -24.16
C CYS J 18 -36.25 -31.59 -23.71
N VAL J 19 -35.03 -31.84 -23.23
CA VAL J 19 -34.11 -30.77 -22.88
C VAL J 19 -32.79 -31.03 -23.59
N ALA J 20 -32.06 -29.95 -23.82
CA ALA J 20 -30.77 -30.01 -24.49
C ALA J 20 -29.74 -29.36 -23.61
N ILE J 21 -28.55 -29.95 -23.55
CA ILE J 21 -27.46 -29.43 -22.74
C ILE J 21 -26.16 -29.59 -23.52
N ALA J 22 -25.37 -28.52 -23.56
CA ALA J 22 -24.16 -28.52 -24.37
C ALA J 22 -23.07 -27.77 -23.62
N ALA J 23 -21.86 -28.30 -23.70
CA ALA J 23 -20.71 -27.73 -23.01
C ALA J 23 -19.55 -27.63 -23.98
N ASP J 24 -18.67 -26.67 -23.74
CA ASP J 24 -17.47 -26.58 -24.55
C ASP J 24 -16.47 -27.65 -24.16
N ARG J 25 -15.49 -27.84 -25.03
CA ARG J 25 -14.53 -28.92 -24.90
CA ARG J 25 -14.53 -28.91 -24.89
C ARG J 25 -13.11 -28.43 -24.68
N ARG J 26 -12.88 -27.11 -24.66
CA ARG J 26 -11.55 -26.58 -24.43
C ARG J 26 -11.22 -26.63 -22.95
N PHE J 27 -10.10 -27.26 -22.63
CA PHE J 27 -9.48 -27.21 -21.31
C PHE J 27 -8.26 -26.30 -21.42
N GLY J 28 -8.31 -25.15 -20.74
CA GLY J 28 -7.37 -24.10 -21.00
C GLY J 28 -6.59 -23.70 -19.75
N ILE J 29 -5.41 -23.15 -20.01
CA ILE J 29 -4.63 -22.38 -19.05
C ILE J 29 -4.32 -21.08 -19.77
N GLN J 30 -4.49 -19.94 -19.08
CA GLN J 30 -5.03 -18.66 -19.60
C GLN J 30 -4.85 -18.41 -21.09
N ALA J 31 -3.65 -18.59 -21.62
CA ALA J 31 -3.42 -18.52 -23.06
C ALA J 31 -3.21 -19.88 -23.71
N GLN J 32 -2.58 -20.82 -23.02
CA GLN J 32 -2.19 -22.11 -23.60
C GLN J 32 -3.36 -23.09 -23.62
N MET J 33 -3.72 -23.58 -24.80
CA MET J 33 -4.63 -24.71 -24.87
C MET J 33 -3.85 -25.98 -24.61
N VAL J 34 -4.44 -26.89 -23.83
CA VAL J 34 -3.77 -28.12 -23.42
C VAL J 34 -4.37 -29.33 -24.12
N THR J 35 -5.68 -29.54 -23.98
CA THR J 35 -6.40 -30.59 -24.67
C THR J 35 -7.73 -30.03 -25.17
N THR J 36 -8.38 -30.79 -26.05
CA THR J 36 -9.62 -30.35 -26.68
C THR J 36 -10.77 -31.32 -26.47
N ASP J 37 -10.66 -32.22 -25.49
CA ASP J 37 -11.68 -33.23 -25.23
C ASP J 37 -12.00 -33.28 -23.74
N PHE J 38 -12.16 -32.12 -23.11
CA PHE J 38 -12.41 -32.07 -21.67
C PHE J 38 -13.88 -32.31 -21.40
N GLN J 39 -14.17 -33.26 -20.52
CA GLN J 39 -15.55 -33.63 -20.20
C GLN J 39 -16.03 -32.83 -19.01
N LYS J 40 -17.12 -32.08 -19.19
CA LYS J 40 -17.73 -31.27 -18.16
C LYS J 40 -19.13 -31.73 -17.80
N ILE J 41 -19.85 -32.36 -18.71
CA ILE J 41 -21.20 -32.82 -18.48
C ILE J 41 -21.11 -34.26 -17.97
N PHE J 42 -21.63 -34.50 -16.78
CA PHE J 42 -21.56 -35.83 -16.22
C PHE J 42 -22.96 -36.41 -16.03
N PRO J 43 -23.13 -37.71 -16.25
CA PRO J 43 -24.43 -38.34 -15.97
C PRO J 43 -24.64 -38.52 -14.48
N MET J 44 -25.80 -38.07 -14.00
CA MET J 44 -26.24 -38.31 -12.64
C MET J 44 -27.55 -39.08 -12.62
N GLY J 45 -27.78 -39.93 -13.60
CA GLY J 45 -29.04 -40.62 -13.72
C GLY J 45 -29.28 -41.02 -15.16
N ASP J 46 -30.43 -41.65 -15.38
CA ASP J 46 -30.81 -42.08 -16.71
C ASP J 46 -31.11 -40.88 -17.61
N ARG J 47 -31.96 -39.97 -17.15
CA ARG J 47 -32.38 -38.80 -17.91
C ARG J 47 -32.07 -37.53 -17.15
N LEU J 48 -30.85 -37.43 -16.62
CA LEU J 48 -30.48 -36.26 -15.82
C LEU J 48 -28.98 -36.10 -15.87
N TYR J 49 -28.51 -35.01 -16.47
CA TYR J 49 -27.11 -34.68 -16.55
C TYR J 49 -26.86 -33.40 -15.77
N ILE J 50 -25.64 -33.22 -15.30
CA ILE J 50 -25.22 -31.97 -14.68
C ILE J 50 -24.02 -31.44 -15.45
N GLY J 51 -24.03 -30.14 -15.72
CA GLY J 51 -22.93 -29.49 -16.40
C GLY J 51 -22.29 -28.46 -15.48
N LEU J 52 -20.96 -28.48 -15.42
CA LEU J 52 -20.20 -27.60 -14.54
C LEU J 52 -19.15 -26.89 -15.36
N ALA J 53 -19.21 -25.57 -15.40
CA ALA J 53 -18.19 -24.75 -16.01
C ALA J 53 -17.37 -24.07 -14.93
N GLY J 54 -16.34 -23.34 -15.36
CA GLY J 54 -15.54 -22.54 -14.47
C GLY J 54 -14.13 -23.10 -14.35
N LEU J 55 -13.62 -23.09 -13.11
CA LEU J 55 -12.30 -23.64 -12.84
C LEU J 55 -12.37 -25.14 -12.99
N ALA J 56 -11.58 -25.69 -13.93
CA ALA J 56 -11.75 -27.08 -14.36
C ALA J 56 -11.32 -28.07 -13.29
N THR J 57 -10.52 -27.64 -12.32
CA THR J 57 -10.24 -28.54 -11.20
C THR J 57 -11.41 -28.58 -10.22
N ASP J 58 -12.17 -27.49 -10.09
CA ASP J 58 -13.31 -27.52 -9.19
C ASP J 58 -14.48 -28.27 -9.80
N VAL J 59 -14.54 -28.34 -11.12
CA VAL J 59 -15.51 -29.20 -11.80
C VAL J 59 -15.32 -30.64 -11.38
N GLN J 60 -14.08 -31.12 -11.37
CA GLN J 60 -13.84 -32.50 -11.01
C GLN J 60 -13.93 -32.74 -9.51
N THR J 61 -13.56 -31.77 -8.68
CA THR J 61 -13.70 -31.92 -7.24
C THR J 61 -15.17 -32.00 -6.81
N VAL J 62 -15.96 -31.01 -7.25
CA VAL J 62 -17.39 -30.99 -6.94
C VAL J 62 -18.10 -32.19 -7.53
N ALA J 63 -17.71 -32.62 -8.73
CA ALA J 63 -18.38 -33.76 -9.32
C ALA J 63 -18.01 -35.08 -8.67
N GLN J 64 -16.80 -35.21 -8.11
CA GLN J 64 -16.51 -36.44 -7.39
C GLN J 64 -17.21 -36.50 -6.04
N ARG J 65 -17.24 -35.38 -5.30
CA ARG J 65 -17.99 -35.38 -4.05
C ARG J 65 -19.48 -35.52 -4.29
N LEU J 66 -19.98 -34.98 -5.39
CA LEU J 66 -21.39 -35.10 -5.73
C LEU J 66 -21.74 -36.54 -6.07
N LYS J 67 -20.87 -37.24 -6.81
CA LYS J 67 -21.15 -38.64 -7.09
C LYS J 67 -21.04 -39.50 -5.84
N PHE J 68 -20.12 -39.13 -4.92
CA PHE J 68 -20.03 -39.80 -3.64
C PHE J 68 -21.30 -39.67 -2.81
N ARG J 69 -21.87 -38.47 -2.76
CA ARG J 69 -23.11 -38.31 -2.01
C ARG J 69 -24.30 -38.93 -2.72
N LEU J 70 -24.33 -38.82 -4.06
CA LEU J 70 -25.50 -39.27 -4.79
C LEU J 70 -25.59 -40.79 -4.85
N ASN J 71 -24.45 -41.49 -4.87
CA ASN J 71 -24.51 -42.94 -4.85
C ASN J 71 -25.00 -43.45 -3.51
N LEU J 72 -24.59 -42.80 -2.42
CA LEU J 72 -25.12 -43.15 -1.10
C LEU J 72 -26.62 -42.87 -1.02
N TYR J 73 -27.05 -41.76 -1.60
CA TYR J 73 -28.48 -41.44 -1.66
C TYR J 73 -29.25 -42.52 -2.40
N GLU J 74 -28.82 -42.87 -3.60
CA GLU J 74 -29.58 -43.80 -4.42
C GLU J 74 -29.44 -45.24 -3.96
N LEU J 75 -28.45 -45.56 -3.14
CA LEU J 75 -28.41 -46.89 -2.54
C LEU J 75 -29.23 -46.94 -1.27
N LYS J 76 -29.29 -45.85 -0.51
CA LYS J 76 -30.03 -45.85 0.73
C LYS J 76 -31.53 -45.77 0.47
N GLU J 77 -31.94 -45.04 -0.58
N GLU J 77 -31.93 -44.92 -0.47
CA GLU J 77 -33.36 -44.82 -0.84
CA GLU J 77 -33.28 -44.97 -1.02
C GLU J 77 -34.00 -45.89 -1.72
C GLU J 77 -33.32 -46.06 -2.07
N GLY J 78 -33.35 -46.31 -2.80
N GLY J 78 -34.50 -46.29 -2.61
CA GLY J 78 -33.99 -47.21 -3.74
CA GLY J 78 -34.59 -47.23 -3.70
C GLY J 78 -34.82 -46.54 -4.81
C GLY J 78 -34.89 -46.59 -5.03
N ARG J 79 -34.40 -45.37 -5.27
CA ARG J 79 -34.97 -44.64 -6.38
C ARG J 79 -33.93 -43.74 -7.01
N GLN J 80 -34.20 -43.31 -8.23
CA GLN J 80 -33.39 -42.31 -8.89
C GLN J 80 -33.79 -40.93 -8.38
N ILE J 81 -32.84 -40.01 -8.43
CA ILE J 81 -33.04 -38.68 -7.84
C ILE J 81 -33.88 -37.82 -8.78
N LYS J 82 -34.82 -37.09 -8.21
CA LYS J 82 -35.54 -36.07 -8.94
C LYS J 82 -34.65 -34.82 -9.06
N PRO J 83 -34.77 -34.08 -10.18
CA PRO J 83 -33.79 -33.01 -10.44
C PRO J 83 -33.82 -31.85 -9.46
N TYR J 84 -34.99 -31.52 -8.90
CA TYR J 84 -35.08 -30.48 -7.88
C TYR J 84 -34.29 -30.86 -6.64
N THR J 85 -34.34 -32.14 -6.26
CA THR J 85 -33.55 -32.63 -5.15
C THR J 85 -32.06 -32.57 -5.46
N LEU J 86 -31.69 -32.79 -6.72
CA LEU J 86 -30.29 -32.65 -7.10
C LEU J 86 -29.84 -31.20 -7.06
N MET J 87 -30.75 -30.28 -7.39
CA MET J 87 -30.44 -28.86 -7.28
C MET J 87 -30.22 -28.45 -5.83
N SER J 88 -31.07 -28.96 -4.93
CA SER J 88 -30.88 -28.65 -3.51
C SER J 88 -29.62 -29.30 -2.95
N MET J 89 -29.28 -30.49 -3.42
CA MET J 89 -28.06 -31.14 -2.98
C MET J 89 -26.82 -30.38 -3.45
N VAL J 90 -26.81 -29.92 -4.70
CA VAL J 90 -25.61 -29.22 -5.17
C VAL J 90 -25.52 -27.84 -4.54
N ALA J 91 -26.65 -27.19 -4.26
CA ALA J 91 -26.61 -25.91 -3.57
C ALA J 91 -26.14 -26.07 -2.13
N ASN J 92 -26.56 -27.15 -1.47
CA ASN J 92 -26.05 -27.47 -0.14
C ASN J 92 -24.55 -27.71 -0.17
N LEU J 93 -24.09 -28.48 -1.16
CA LEU J 93 -22.68 -28.85 -1.24
C LEU J 93 -21.80 -27.63 -1.52
N LEU J 94 -22.27 -26.72 -2.36
CA LEU J 94 -21.50 -25.51 -2.60
C LEU J 94 -21.56 -24.55 -1.42
N TYR J 95 -22.70 -24.48 -0.74
CA TYR J 95 -22.83 -23.56 0.38
C TYR J 95 -22.07 -24.02 1.61
N GLU J 96 -21.76 -25.32 1.72
CA GLU J 96 -20.90 -25.79 2.81
C GLU J 96 -19.50 -25.17 2.74
N LYS J 97 -19.03 -24.86 1.54
CA LYS J 97 -17.91 -23.95 1.33
C LYS J 97 -18.40 -22.56 1.00
N ARG J 98 -19.08 -21.88 1.93
CA ARG J 98 -19.54 -20.53 1.64
C ARG J 98 -18.39 -19.55 1.54
N PHE J 99 -17.54 -19.50 2.57
CA PHE J 99 -16.42 -18.56 2.59
C PHE J 99 -15.15 -19.19 2.04
N GLY J 100 -15.24 -20.39 1.49
CA GLY J 100 -14.13 -21.04 0.84
C GLY J 100 -14.49 -21.56 -0.54
N PRO J 101 -15.17 -20.74 -1.37
CA PRO J 101 -16.06 -21.29 -2.39
C PRO J 101 -15.35 -22.00 -3.53
N TYR J 102 -16.02 -23.05 -4.02
CA TYR J 102 -15.60 -23.66 -5.27
C TYR J 102 -15.87 -22.68 -6.40
N TYR J 103 -15.01 -22.72 -7.40
CA TYR J 103 -15.21 -21.85 -8.55
C TYR J 103 -15.86 -22.61 -9.69
N THR J 104 -17.10 -23.03 -9.45
CA THR J 104 -17.94 -23.64 -10.47
C THR J 104 -19.38 -23.17 -10.30
N GLU J 105 -20.03 -22.90 -11.43
CA GLU J 105 -21.44 -22.50 -11.48
C GLU J 105 -22.16 -23.61 -12.23
N PRO J 106 -22.67 -24.61 -11.52
CA PRO J 106 -23.28 -25.76 -12.19
C PRO J 106 -24.59 -25.43 -12.85
N VAL J 107 -24.86 -26.10 -13.95
CA VAL J 107 -26.18 -26.10 -14.56
C VAL J 107 -26.68 -27.53 -14.57
N ILE J 108 -27.99 -27.68 -14.45
CA ILE J 108 -28.64 -28.98 -14.37
C ILE J 108 -29.73 -29.02 -15.42
N ALA J 109 -29.73 -30.06 -16.24
CA ALA J 109 -30.75 -30.23 -17.25
C ALA J 109 -31.11 -31.70 -17.35
N GLY J 110 -32.39 -32.00 -17.20
CA GLY J 110 -32.80 -33.38 -17.28
C GLY J 110 -34.30 -33.53 -17.30
N LEU J 111 -34.74 -34.77 -17.16
CA LEU J 111 -36.15 -35.11 -17.13
C LEU J 111 -36.50 -35.80 -15.83
N ASP J 112 -37.66 -35.45 -15.28
CA ASP J 112 -38.25 -36.11 -14.13
C ASP J 112 -38.50 -37.57 -14.50
N PRO J 113 -37.99 -38.55 -13.72
CA PRO J 113 -38.14 -39.95 -14.12
C PRO J 113 -39.56 -40.51 -14.06
N LYS J 114 -40.53 -39.79 -13.47
CA LYS J 114 -41.91 -40.27 -13.46
C LYS J 114 -42.83 -39.43 -14.33
N THR J 115 -42.79 -38.10 -14.19
CA THR J 115 -43.71 -37.24 -14.91
C THR J 115 -43.18 -36.87 -16.29
N PHE J 116 -41.85 -36.88 -16.44
CA PHE J 116 -41.12 -36.52 -17.66
C PHE J 116 -41.38 -35.08 -18.06
N LYS J 117 -41.56 -34.23 -17.05
CA LYS J 117 -41.58 -32.79 -17.26
C LYS J 117 -40.16 -32.30 -17.49
N PRO J 118 -39.94 -31.37 -18.42
CA PRO J 118 -38.60 -30.82 -18.61
C PRO J 118 -38.21 -29.92 -17.45
N PHE J 119 -36.96 -30.04 -17.02
CA PHE J 119 -36.41 -29.17 -15.98
C PHE J 119 -35.04 -28.69 -16.40
N ILE J 120 -34.80 -27.40 -16.24
CA ILE J 120 -33.47 -26.81 -16.33
C ILE J 120 -33.30 -25.82 -15.20
N CYS J 121 -32.06 -25.64 -14.76
CA CYS J 121 -31.73 -24.63 -13.77
C CYS J 121 -30.23 -24.38 -13.83
N SER J 122 -29.83 -23.29 -13.20
CA SER J 122 -28.42 -22.98 -13.02
C SER J 122 -28.23 -22.54 -11.58
N LEU J 123 -26.99 -22.30 -11.22
CA LEU J 123 -26.66 -21.75 -9.91
C LEU J 123 -25.57 -20.70 -10.08
N ASP J 124 -25.39 -19.88 -9.05
CA ASP J 124 -24.19 -19.09 -8.95
C ASP J 124 -23.06 -19.94 -8.37
N LEU J 125 -21.93 -19.31 -8.07
CA LEU J 125 -20.80 -20.06 -7.54
C LEU J 125 -20.93 -20.36 -6.04
N ILE J 126 -21.97 -19.87 -5.37
CA ILE J 126 -22.15 -20.07 -3.94
C ILE J 126 -23.48 -20.68 -3.57
N GLY J 127 -24.37 -20.92 -4.53
CA GLY J 127 -25.57 -21.69 -4.26
C GLY J 127 -26.92 -20.98 -4.25
N CYS J 128 -27.15 -20.06 -5.19
CA CYS J 128 -28.49 -19.52 -5.38
C CYS J 128 -29.20 -20.30 -6.49
N PRO J 129 -30.30 -20.99 -6.20
CA PRO J 129 -30.99 -21.74 -7.26
C PRO J 129 -31.84 -20.83 -8.13
N MET J 130 -31.70 -21.02 -9.45
CA MET J 130 -32.39 -20.19 -10.45
C MET J 130 -33.10 -21.12 -11.42
N VAL J 131 -34.38 -21.37 -11.18
CA VAL J 131 -35.17 -22.20 -12.07
C VAL J 131 -35.82 -21.30 -13.12
N THR J 132 -35.43 -21.49 -14.37
CA THR J 132 -35.99 -20.75 -15.49
C THR J 132 -36.69 -21.71 -16.44
N ASP J 133 -37.55 -21.15 -17.28
CA ASP J 133 -38.37 -21.92 -18.18
C ASP J 133 -37.89 -21.86 -19.63
N ASP J 134 -36.87 -21.06 -19.92
CA ASP J 134 -36.41 -20.92 -21.30
C ASP J 134 -35.00 -21.45 -21.50
N PHE J 135 -34.01 -20.94 -20.76
CA PHE J 135 -32.62 -21.34 -20.93
C PHE J 135 -31.81 -20.84 -19.73
N VAL J 136 -30.71 -21.52 -19.47
CA VAL J 136 -29.72 -21.09 -18.50
C VAL J 136 -28.34 -21.31 -19.10
N VAL J 137 -27.45 -20.34 -18.89
CA VAL J 137 -26.11 -20.38 -19.46
C VAL J 137 -25.11 -20.14 -18.33
N SER J 138 -23.87 -20.56 -18.55
CA SER J 138 -22.86 -20.44 -17.52
C SER J 138 -21.48 -20.49 -18.15
N GLY J 139 -20.62 -19.55 -17.76
CA GLY J 139 -19.25 -19.56 -18.22
C GLY J 139 -18.79 -18.15 -18.56
N THR J 140 -17.61 -18.08 -19.17
CA THR J 140 -16.92 -16.81 -19.40
C THR J 140 -17.50 -16.01 -20.55
N CYS J 141 -18.35 -16.59 -21.38
CA CYS J 141 -18.94 -15.83 -22.47
C CYS J 141 -20.45 -15.74 -22.30
N ALA J 142 -20.86 -15.42 -21.06
CA ALA J 142 -22.27 -15.39 -20.67
C ALA J 142 -23.07 -14.38 -21.48
N GLU J 143 -22.46 -13.21 -21.78
CA GLU J 143 -23.16 -12.20 -22.57
C GLU J 143 -23.47 -12.67 -23.98
N GLN J 144 -22.54 -13.39 -24.61
CA GLN J 144 -22.76 -13.94 -25.95
C GLN J 144 -23.89 -14.95 -25.95
N MET J 145 -23.96 -15.75 -24.89
CA MET J 145 -24.96 -16.81 -24.83
C MET J 145 -26.35 -16.26 -24.52
N TYR J 146 -26.46 -15.28 -23.64
CA TYR J 146 -27.76 -14.61 -23.46
C TYR J 146 -28.16 -13.87 -24.72
N GLY J 147 -27.20 -13.30 -25.45
CA GLY J 147 -27.54 -12.61 -26.69
C GLY J 147 -28.07 -13.54 -27.76
N MET J 148 -27.49 -14.73 -27.88
CA MET J 148 -28.00 -15.69 -28.86
C MET J 148 -29.33 -16.29 -28.41
N CYS J 149 -29.40 -16.73 -27.14
CA CYS J 149 -30.56 -17.48 -26.69
C CYS J 149 -31.78 -16.59 -26.46
N GLU J 150 -31.60 -15.29 -26.22
CA GLU J 150 -32.76 -14.43 -26.07
C GLU J 150 -33.49 -14.24 -27.38
N SER J 151 -32.77 -14.29 -28.50
CA SER J 151 -33.37 -14.11 -29.81
C SER J 151 -33.74 -15.42 -30.50
N LEU J 152 -33.01 -16.51 -30.23
CA LEU J 152 -33.27 -17.76 -30.93
C LEU J 152 -34.28 -18.66 -30.25
N TRP J 153 -34.49 -18.52 -28.94
CA TRP J 153 -35.41 -19.40 -28.24
C TRP J 153 -36.86 -19.08 -28.61
N GLU J 154 -37.64 -20.12 -28.84
CA GLU J 154 -39.08 -20.05 -29.00
C GLU J 154 -39.69 -21.22 -28.25
N PRO J 155 -40.82 -21.03 -27.59
CA PRO J 155 -41.37 -22.12 -26.76
C PRO J 155 -41.96 -23.25 -27.60
N ASN J 156 -41.98 -24.44 -26.99
CA ASN J 156 -42.61 -25.66 -27.53
C ASN J 156 -41.97 -26.11 -28.85
N MET J 157 -40.68 -26.44 -28.77
CA MET J 157 -39.95 -26.94 -29.94
C MET J 157 -39.77 -28.45 -29.89
N ASP J 158 -39.79 -29.06 -31.07
CA ASP J 158 -39.40 -30.46 -31.21
C ASP J 158 -37.89 -30.62 -31.00
N PRO J 159 -37.41 -31.85 -30.72
CA PRO J 159 -35.97 -32.02 -30.47
C PRO J 159 -35.05 -31.66 -31.63
N ASP J 160 -35.52 -31.77 -32.87
CA ASP J 160 -34.72 -31.37 -34.02
C ASP J 160 -34.42 -29.88 -34.00
N HIS J 161 -35.47 -29.05 -33.90
CA HIS J 161 -35.23 -27.62 -33.90
C HIS J 161 -34.62 -27.12 -32.60
N LEU J 162 -34.83 -27.83 -31.48
CA LEU J 162 -34.11 -27.52 -30.25
C LEU J 162 -32.62 -27.77 -30.40
N PHE J 163 -32.26 -28.89 -31.04
CA PHE J 163 -30.87 -29.14 -31.41
C PHE J 163 -30.33 -28.04 -32.30
N GLU J 164 -31.13 -27.59 -33.27
CA GLU J 164 -30.68 -26.54 -34.18
C GLU J 164 -30.43 -25.22 -33.47
N THR J 165 -31.31 -24.83 -32.54
CA THR J 165 -31.12 -23.54 -31.90
C THR J 165 -30.01 -23.59 -30.86
N ILE J 166 -29.88 -24.69 -30.10
CA ILE J 166 -28.80 -24.73 -29.12
C ILE J 166 -27.45 -24.88 -29.82
N SER J 167 -27.41 -25.53 -30.98
CA SER J 167 -26.16 -25.63 -31.72
C SER J 167 -25.76 -24.29 -32.32
N GLN J 168 -26.72 -23.58 -32.92
CA GLN J 168 -26.41 -22.24 -33.41
C GLN J 168 -26.05 -21.27 -32.28
N ALA J 169 -26.67 -21.42 -31.11
CA ALA J 169 -26.36 -20.54 -29.98
C ALA J 169 -24.95 -20.77 -29.47
N MET J 170 -24.57 -22.04 -29.30
CA MET J 170 -23.21 -22.37 -28.85
C MET J 170 -22.17 -21.94 -29.86
N LEU J 171 -22.36 -22.29 -31.14
CA LEU J 171 -21.34 -22.03 -32.14
C LEU J 171 -21.18 -20.54 -32.43
N ASN J 172 -22.26 -19.78 -32.36
CA ASN J 172 -22.12 -18.35 -32.56
C ASN J 172 -21.66 -17.62 -31.30
N ALA J 173 -21.87 -18.22 -30.13
CA ALA J 173 -21.43 -17.57 -28.90
C ALA J 173 -19.93 -17.77 -28.67
N VAL J 174 -19.44 -19.00 -28.83
CA VAL J 174 -18.05 -19.26 -28.45
C VAL J 174 -17.04 -18.74 -29.47
N ASP J 175 -17.47 -18.40 -30.68
CA ASP J 175 -16.55 -17.83 -31.65
C ASP J 175 -16.28 -16.36 -31.43
N ARG J 176 -16.92 -15.74 -30.45
CA ARG J 176 -16.55 -14.41 -29.99
C ARG J 176 -15.86 -14.45 -28.62
N ASP J 177 -15.53 -15.64 -28.14
CA ASP J 177 -14.80 -15.82 -26.89
C ASP J 177 -13.44 -16.41 -27.22
N ALA J 178 -12.38 -15.76 -26.74
CA ALA J 178 -11.03 -16.26 -27.01
C ALA J 178 -10.74 -17.54 -26.24
N VAL J 179 -11.09 -17.57 -24.94
CA VAL J 179 -10.64 -18.62 -24.05
C VAL J 179 -11.63 -19.79 -23.97
N SER J 180 -12.59 -19.84 -24.88
CA SER J 180 -13.49 -20.97 -24.99
C SER J 180 -13.63 -21.36 -26.46
N GLY J 181 -14.23 -22.53 -26.69
CA GLY J 181 -14.44 -23.02 -28.02
C GLY J 181 -13.81 -24.37 -28.24
N MET J 182 -13.08 -24.50 -29.35
CA MET J 182 -12.23 -25.66 -29.68
C MET J 182 -13.01 -26.97 -29.73
N GLY J 183 -14.27 -26.91 -30.11
CA GLY J 183 -15.10 -28.09 -30.14
C GLY J 183 -16.19 -28.04 -29.08
N VAL J 184 -17.32 -28.68 -29.37
CA VAL J 184 -18.50 -28.64 -28.51
C VAL J 184 -19.22 -29.97 -28.62
N ILE J 185 -19.71 -30.49 -27.48
CA ILE J 185 -20.59 -31.66 -27.46
C ILE J 185 -21.99 -31.19 -27.15
N VAL J 186 -22.99 -31.85 -27.74
CA VAL J 186 -24.39 -31.51 -27.56
C VAL J 186 -25.14 -32.76 -27.13
N HIS J 187 -25.83 -32.69 -25.99
CA HIS J 187 -26.64 -33.80 -25.50
C HIS J 187 -28.10 -33.41 -25.59
N ILE J 188 -28.87 -34.21 -26.32
CA ILE J 188 -30.32 -34.07 -26.41
C ILE J 188 -30.92 -35.14 -25.52
N ILE J 189 -31.62 -34.72 -24.48
CA ILE J 189 -32.26 -35.63 -23.55
C ILE J 189 -33.72 -35.77 -23.95
N GLU J 190 -34.11 -36.95 -24.40
CA GLU J 190 -35.49 -37.21 -24.76
C GLU J 190 -36.07 -38.20 -23.76
N LYS J 191 -37.38 -38.44 -23.89
CA LYS J 191 -38.04 -39.39 -23.00
C LYS J 191 -37.57 -40.82 -23.25
N ASP J 192 -37.34 -41.16 -24.52
CA ASP J 192 -37.03 -42.53 -24.89
C ASP J 192 -35.57 -42.77 -25.25
N LYS J 193 -34.76 -41.72 -25.37
CA LYS J 193 -33.37 -41.89 -25.79
C LYS J 193 -32.57 -40.66 -25.38
N ILE J 194 -31.25 -40.81 -25.44
CA ILE J 194 -30.31 -39.70 -25.32
C ILE J 194 -29.53 -39.60 -26.62
N THR J 195 -29.45 -38.40 -27.17
CA THR J 195 -28.70 -38.16 -28.40
C THR J 195 -27.44 -37.36 -28.07
N THR J 196 -26.28 -37.95 -28.34
CA THR J 196 -24.99 -37.33 -28.05
C THR J 196 -24.32 -36.96 -29.35
N ARG J 197 -24.11 -35.66 -29.57
CA ARG J 197 -23.53 -35.17 -30.81
C ARG J 197 -22.37 -34.22 -30.52
N THR J 198 -21.41 -34.21 -31.43
CA THR J 198 -20.36 -33.19 -31.48
C THR J 198 -20.44 -32.44 -32.80
N LEU J 199 -20.02 -31.18 -32.79
CA LEU J 199 -20.27 -30.28 -33.91
C LEU J 199 -18.98 -29.84 -34.59
N LYS J 200 -19.12 -29.40 -35.84
CA LYS J 200 -18.07 -28.66 -36.52
C LYS J 200 -17.95 -27.27 -35.92
N ALA J 201 -16.78 -26.94 -35.38
CA ALA J 201 -16.56 -25.66 -34.73
C ALA J 201 -15.21 -25.10 -35.16
N ARG J 202 -15.03 -23.79 -34.93
CA ARG J 202 -13.74 -23.17 -35.17
C ARG J 202 -12.72 -23.67 -34.15
N MET J 203 -11.51 -23.95 -34.62
CA MET J 203 -10.45 -24.51 -33.80
C MET J 203 -9.32 -23.51 -33.58
N ASP J 204 -9.65 -22.23 -33.45
CA ASP J 204 -8.63 -21.22 -33.26
C ASP J 204 -8.77 -20.51 -31.91
N MET K 1 13.57 -22.96 -14.84
CA MET K 1 12.32 -23.70 -14.86
C MET K 1 12.56 -25.08 -15.48
N GLU K 2 11.78 -26.06 -15.06
CA GLU K 2 12.07 -27.45 -15.38
C GLU K 2 11.15 -27.89 -16.53
N TYR K 3 11.63 -28.87 -17.31
CA TYR K 3 10.96 -29.26 -18.55
C TYR K 3 10.54 -30.72 -18.49
N LEU K 4 9.31 -30.99 -18.93
CA LEU K 4 8.75 -32.33 -19.01
C LEU K 4 8.14 -32.51 -20.38
N ILE K 5 8.14 -33.74 -20.88
CA ILE K 5 7.44 -34.07 -22.12
C ILE K 5 7.09 -35.55 -22.11
N GLY K 6 5.88 -35.87 -22.57
CA GLY K 6 5.45 -37.25 -22.70
C GLY K 6 4.63 -37.48 -23.94
N ILE K 7 4.82 -38.63 -24.60
CA ILE K 7 4.12 -38.96 -25.84
C ILE K 7 3.49 -40.34 -25.67
N GLN K 8 2.18 -40.42 -25.86
CA GLN K 8 1.41 -41.64 -25.69
C GLN K 8 1.14 -42.27 -27.05
N GLY K 9 1.62 -43.50 -27.25
CA GLY K 9 1.47 -44.18 -28.51
C GLY K 9 0.38 -45.22 -28.50
N PRO K 10 0.39 -46.12 -29.50
CA PRO K 10 -0.65 -47.16 -29.56
C PRO K 10 -0.55 -48.18 -28.43
N ASP K 11 0.65 -48.63 -28.09
CA ASP K 11 0.81 -49.58 -26.99
C ASP K 11 2.01 -49.20 -26.12
N TYR K 12 2.39 -47.93 -26.13
CA TYR K 12 3.53 -47.48 -25.36
C TYR K 12 3.32 -46.01 -24.99
N VAL K 13 4.07 -45.58 -23.98
CA VAL K 13 4.24 -44.16 -23.69
C VAL K 13 5.74 -43.85 -23.66
N LEU K 14 6.13 -42.79 -24.34
CA LEU K 14 7.47 -42.25 -24.28
C LEU K 14 7.44 -40.97 -23.47
N VAL K 15 8.26 -40.91 -22.43
CA VAL K 15 8.39 -39.73 -21.61
C VAL K 15 9.85 -39.28 -21.62
N ALA K 16 10.05 -37.99 -21.41
CA ALA K 16 11.39 -37.45 -21.28
C ALA K 16 11.35 -36.28 -20.32
N SER K 17 12.50 -36.00 -19.72
CA SER K 17 12.60 -34.97 -18.71
C SER K 17 14.00 -34.38 -18.74
N ASP K 18 14.11 -33.10 -18.39
CA ASP K 18 15.42 -32.50 -18.32
C ASP K 18 16.17 -32.99 -17.08
N ARG K 19 17.49 -32.94 -17.15
CA ARG K 19 18.33 -33.59 -16.15
C ARG K 19 19.15 -32.54 -15.39
N VAL K 20 18.55 -31.37 -15.16
CA VAL K 20 19.22 -30.21 -14.59
C VAL K 20 18.51 -29.81 -13.30
N ALA K 21 19.29 -29.49 -12.26
CA ALA K 21 18.78 -28.85 -11.05
C ALA K 21 19.57 -27.57 -10.82
N ALA K 22 18.88 -26.44 -10.76
CA ALA K 22 19.51 -25.12 -10.78
C ALA K 22 19.31 -24.38 -9.46
N SER K 23 20.08 -23.29 -9.29
CA SER K 23 19.86 -22.37 -8.18
C SER K 23 20.28 -20.95 -8.60
N ASN K 24 19.29 -20.21 -9.10
CA ASN K 24 19.16 -18.75 -9.21
C ASN K 24 20.06 -18.15 -10.30
N ILE K 25 21.26 -18.67 -10.54
CA ILE K 25 22.03 -18.38 -11.75
C ILE K 25 22.80 -19.61 -12.22
N VAL K 26 23.01 -20.58 -11.32
CA VAL K 26 23.87 -21.73 -11.61
C VAL K 26 23.08 -23.02 -11.38
N GLN K 27 23.50 -24.06 -12.10
CA GLN K 27 22.99 -25.40 -11.91
C GLN K 27 23.91 -26.18 -10.98
N MET K 28 23.30 -26.86 -10.01
CA MET K 28 24.04 -27.63 -9.02
CA MET K 28 24.07 -27.64 -9.02
C MET K 28 24.10 -29.12 -9.33
N LYS K 29 23.26 -29.60 -10.25
CA LYS K 29 23.21 -31.02 -10.56
C LYS K 29 22.90 -31.19 -12.04
N ASP K 30 23.74 -31.98 -12.72
CA ASP K 30 23.59 -32.27 -14.14
C ASP K 30 23.26 -33.73 -14.41
N ASP K 31 22.91 -34.49 -13.37
CA ASP K 31 22.37 -35.83 -13.51
C ASP K 31 21.13 -35.99 -12.63
N HIS K 32 20.23 -35.00 -12.68
CA HIS K 32 19.07 -34.96 -11.82
C HIS K 32 17.96 -35.85 -12.36
N ASP K 33 17.52 -36.81 -11.56
CA ASP K 33 16.49 -37.75 -11.97
C ASP K 33 15.14 -37.28 -11.43
N LYS K 34 14.26 -36.88 -12.34
CA LYS K 34 12.91 -36.47 -12.00
C LYS K 34 11.92 -37.59 -12.21
N MET K 35 12.37 -38.74 -12.71
CA MET K 35 11.50 -39.88 -12.96
C MET K 35 11.49 -40.75 -11.72
N PHE K 36 10.33 -40.83 -11.07
CA PHE K 36 10.16 -41.60 -9.86
C PHE K 36 9.27 -42.80 -10.17
N LYS K 37 9.82 -44.00 -9.99
CA LYS K 37 9.09 -45.22 -10.26
C LYS K 37 8.04 -45.44 -9.18
N MET K 38 6.78 -45.51 -9.58
CA MET K 38 5.71 -45.80 -8.65
C MET K 38 5.52 -47.30 -8.46
N SER K 39 5.49 -48.04 -9.56
CA SER K 39 5.34 -49.49 -9.56
C SER K 39 5.90 -50.01 -10.87
N GLU K 40 5.55 -51.24 -11.21
CA GLU K 40 6.14 -51.90 -12.37
C GLU K 40 5.64 -51.31 -13.68
N LYS K 41 4.49 -50.66 -13.69
CA LYS K 41 3.89 -50.19 -14.94
C LYS K 41 3.49 -48.71 -14.89
N ILE K 42 4.07 -47.92 -13.99
CA ILE K 42 3.67 -46.53 -13.83
C ILE K 42 4.87 -45.70 -13.36
N LEU K 43 5.13 -44.59 -14.05
CA LEU K 43 6.09 -43.59 -13.61
C LEU K 43 5.36 -42.30 -13.28
N LEU K 44 5.90 -41.55 -12.32
CA LEU K 44 5.35 -40.26 -11.93
C LEU K 44 6.43 -39.20 -12.13
N LEU K 45 6.17 -38.25 -13.03
CA LEU K 45 7.13 -37.20 -13.35
C LEU K 45 6.78 -35.96 -12.53
N CYS K 46 7.78 -35.35 -11.92
CA CYS K 46 7.54 -34.42 -10.83
C CYS K 46 8.45 -33.20 -10.94
N VAL K 47 7.88 -32.06 -11.32
CA VAL K 47 8.61 -30.78 -11.36
C VAL K 47 7.76 -29.71 -10.66
N GLY K 48 8.41 -28.59 -10.34
CA GLY K 48 7.70 -27.48 -9.73
C GLY K 48 8.47 -26.77 -8.64
N GLU K 49 7.75 -26.26 -7.64
CA GLU K 49 8.39 -25.63 -6.49
C GLU K 49 9.13 -26.67 -5.66
N ALA K 50 10.37 -26.36 -5.31
CA ALA K 50 11.26 -27.33 -4.66
C ALA K 50 10.77 -27.65 -3.24
N GLY K 51 10.95 -28.90 -2.85
CA GLY K 51 10.44 -29.37 -1.58
C GLY K 51 9.10 -30.05 -1.70
N ASP K 52 8.13 -29.37 -2.33
CA ASP K 52 6.82 -29.97 -2.53
C ASP K 52 6.88 -31.16 -3.47
N THR K 53 7.82 -31.14 -4.43
CA THR K 53 7.88 -32.16 -5.47
C THR K 53 8.25 -33.52 -4.88
N VAL K 54 9.42 -33.61 -4.24
CA VAL K 54 9.91 -34.91 -3.78
C VAL K 54 9.08 -35.41 -2.60
N GLN K 55 8.59 -34.50 -1.75
CA GLN K 55 7.72 -34.90 -0.64
C GLN K 55 6.38 -35.43 -1.13
N PHE K 56 5.75 -34.72 -2.08
CA PHE K 56 4.48 -35.18 -2.63
C PHE K 56 4.64 -36.47 -3.40
N ALA K 57 5.70 -36.58 -4.20
CA ALA K 57 5.91 -37.76 -5.01
C ALA K 57 6.20 -38.98 -4.15
N GLU K 58 6.99 -38.83 -3.09
CA GLU K 58 7.26 -39.98 -2.25
C GLU K 58 6.09 -40.31 -1.35
N TYR K 59 5.28 -39.31 -0.95
CA TYR K 59 4.09 -39.63 -0.17
C TYR K 59 3.06 -40.38 -1.01
N ILE K 60 2.93 -40.04 -2.30
CA ILE K 60 2.12 -40.87 -3.19
C ILE K 60 2.76 -42.24 -3.37
N GLN K 61 4.09 -42.28 -3.49
CA GLN K 61 4.80 -43.51 -3.84
C GLN K 61 4.71 -44.56 -2.75
N LYS K 62 4.69 -44.15 -1.49
CA LYS K 62 4.56 -45.16 -0.44
C LYS K 62 3.14 -45.68 -0.34
N ASN K 63 2.13 -44.89 -0.70
CA ASN K 63 0.78 -45.43 -0.75
C ASN K 63 0.57 -46.33 -1.97
N VAL K 64 1.22 -46.02 -3.09
CA VAL K 64 1.14 -46.90 -4.25
C VAL K 64 1.81 -48.24 -3.96
N GLN K 65 2.93 -48.21 -3.23
CA GLN K 65 3.54 -49.45 -2.79
C GLN K 65 2.67 -50.14 -1.73
N LEU K 66 2.04 -49.36 -0.86
CA LEU K 66 1.26 -49.91 0.26
C LEU K 66 0.02 -50.63 -0.22
N TYR K 67 -0.63 -50.13 -1.27
CA TYR K 67 -1.77 -50.83 -1.85
C TYR K 67 -1.36 -52.20 -2.39
N LYS K 68 -0.18 -52.27 -3.01
CA LYS K 68 0.35 -53.55 -3.46
C LYS K 68 0.68 -54.46 -2.28
N MET K 69 1.14 -53.89 -1.16
CA MET K 69 1.43 -54.72 0.00
C MET K 69 0.15 -55.27 0.61
N ARG K 70 -0.89 -54.44 0.70
CA ARG K 70 -2.14 -54.89 1.31
C ARG K 70 -2.89 -55.86 0.40
N ASN K 71 -2.79 -55.68 -0.90
CA ASN K 71 -3.68 -56.38 -1.81
C ASN K 71 -2.98 -57.40 -2.71
N GLY K 72 -1.68 -57.29 -2.93
CA GLY K 72 -1.01 -58.26 -3.76
C GLY K 72 -1.08 -57.98 -5.24
N TYR K 73 -1.56 -56.80 -5.63
CA TYR K 73 -1.59 -56.42 -7.03
C TYR K 73 -1.48 -54.91 -7.13
N GLU K 74 -1.43 -54.43 -8.36
CA GLU K 74 -1.00 -53.07 -8.64
C GLU K 74 -2.21 -52.16 -8.77
N LEU K 75 -2.00 -50.88 -8.45
CA LEU K 75 -2.95 -49.87 -8.84
C LEU K 75 -2.99 -49.72 -10.35
N SER K 76 -4.19 -49.56 -10.90
CA SER K 76 -4.32 -49.12 -12.27
C SER K 76 -3.86 -47.67 -12.37
N PRO K 77 -3.35 -47.25 -13.53
CA PRO K 77 -2.95 -45.84 -13.68
C PRO K 77 -4.09 -44.86 -13.58
N THR K 78 -5.32 -45.27 -13.92
CA THR K 78 -6.47 -44.41 -13.69
C THR K 78 -6.70 -44.20 -12.21
N ALA K 79 -6.63 -45.27 -11.42
CA ALA K 79 -6.86 -45.17 -9.99
C ALA K 79 -5.72 -44.43 -9.31
N ALA K 80 -4.49 -44.68 -9.72
CA ALA K 80 -3.36 -43.99 -9.11
C ALA K 80 -3.33 -42.51 -9.49
N ALA K 81 -3.75 -42.16 -10.71
CA ALA K 81 -3.77 -40.77 -11.11
C ALA K 81 -4.90 -40.02 -10.42
N ASN K 82 -6.05 -40.68 -10.23
CA ASN K 82 -7.14 -40.05 -9.48
C ASN K 82 -6.80 -39.92 -8.00
N PHE K 83 -6.04 -40.87 -7.47
CA PHE K 83 -5.57 -40.81 -6.09
C PHE K 83 -4.60 -39.67 -5.89
N THR K 84 -3.65 -39.52 -6.82
CA THR K 84 -2.72 -38.40 -6.80
C THR K 84 -3.46 -37.06 -6.95
N ARG K 85 -4.49 -37.04 -7.81
CA ARG K 85 -5.28 -35.82 -7.98
C ARG K 85 -6.05 -35.49 -6.71
N ARG K 86 -6.58 -36.50 -6.02
CA ARG K 86 -7.33 -36.26 -4.80
C ARG K 86 -6.42 -35.72 -3.70
N ASN K 87 -5.20 -36.27 -3.59
CA ASN K 87 -4.30 -35.79 -2.55
C ASN K 87 -3.74 -34.41 -2.89
N LEU K 88 -3.57 -34.09 -4.16
CA LEU K 88 -3.13 -32.75 -4.52
C LEU K 88 -4.25 -31.73 -4.35
N ALA K 89 -5.50 -32.12 -4.66
CA ALA K 89 -6.63 -31.23 -4.51
C ALA K 89 -7.00 -31.02 -3.06
N ASP K 90 -6.77 -32.03 -2.21
CA ASP K 90 -7.06 -31.93 -0.80
C ASP K 90 -5.92 -31.22 -0.07
N LEU K 92 -4.79 -27.97 -1.17
CA LEU K 92 -5.01 -26.81 -2.03
C LEU K 92 -5.77 -25.70 -1.31
N ARG K 93 -7.05 -25.95 -1.01
CA ARG K 93 -7.84 -25.05 -0.18
C ARG K 93 -7.66 -25.29 1.31
N SER K 94 -6.74 -26.17 1.68
CA SER K 94 -6.28 -26.27 3.05
C SER K 94 -5.15 -25.26 3.26
N ARG K 95 -4.41 -25.42 4.35
CA ARG K 95 -3.18 -24.63 4.51
C ARG K 95 -2.19 -25.04 3.42
N THR K 96 -1.66 -26.27 3.54
CA THR K 96 -0.53 -26.88 2.82
C THR K 96 -0.65 -26.78 1.31
N PRO K 97 0.17 -25.95 0.65
CA PRO K 97 0.22 -25.98 -0.81
C PRO K 97 1.31 -26.93 -1.28
N TYR K 98 0.99 -27.69 -2.31
CA TYR K 98 1.98 -28.40 -3.11
C TYR K 98 1.88 -27.79 -4.50
N HIS K 99 2.82 -26.91 -4.83
N HIS K 99 2.83 -26.91 -4.83
CA HIS K 99 2.84 -26.25 -6.15
CA HIS K 99 2.88 -26.25 -6.13
C HIS K 99 3.71 -27.09 -7.08
C HIS K 99 3.73 -27.13 -7.03
N VAL K 100 3.12 -28.18 -7.58
CA VAL K 100 3.84 -29.17 -8.35
C VAL K 100 3.22 -29.25 -9.74
N ASN K 101 4.06 -29.48 -10.74
CA ASN K 101 3.60 -29.77 -12.08
C ASN K 101 3.94 -31.21 -12.43
N LEU K 102 2.96 -31.95 -12.90
CA LEU K 102 3.06 -33.40 -12.95
C LEU K 102 2.74 -33.93 -14.33
N LEU K 103 3.33 -35.08 -14.62
CA LEU K 103 2.89 -36.00 -15.65
C LEU K 103 2.90 -37.40 -15.05
N LEU K 104 1.83 -38.15 -15.29
CA LEU K 104 1.78 -39.55 -14.90
C LEU K 104 1.61 -40.38 -16.16
N ALA K 105 2.54 -41.31 -16.37
CA ALA K 105 2.46 -42.25 -17.47
C ALA K 105 2.32 -43.65 -16.92
N GLY K 106 1.40 -44.42 -17.49
CA GLY K 106 1.16 -45.76 -17.00
C GLY K 106 0.65 -46.66 -18.09
N TYR K 107 0.84 -47.96 -17.88
CA TYR K 107 0.32 -48.98 -18.77
C TYR K 107 -0.59 -49.88 -17.95
N ASP K 108 -1.84 -49.97 -18.37
CA ASP K 108 -2.82 -50.79 -17.68
C ASP K 108 -2.92 -52.13 -18.40
N GLU K 109 -3.24 -53.17 -17.67
CA GLU K 109 -3.43 -54.47 -18.31
C GLU K 109 -4.90 -54.76 -18.54
N HIS K 110 -5.64 -53.69 -18.91
CA HIS K 110 -6.92 -53.81 -19.59
C HIS K 110 -7.10 -52.67 -20.60
N GLU K 111 -6.46 -51.53 -20.37
CA GLU K 111 -6.67 -50.37 -21.23
C GLU K 111 -5.46 -49.98 -22.07
N GLY K 112 -4.29 -50.50 -21.77
CA GLY K 112 -3.10 -50.12 -22.50
C GLY K 112 -2.45 -48.87 -21.97
N PRO K 113 -1.80 -48.11 -22.85
CA PRO K 113 -1.03 -46.94 -22.39
C PRO K 113 -1.92 -45.79 -21.98
N ALA K 114 -1.55 -45.14 -20.87
CA ALA K 114 -2.30 -44.02 -20.33
C ALA K 114 -1.36 -42.91 -19.91
N LEU K 115 -1.65 -41.69 -20.33
CA LEU K 115 -0.82 -40.53 -20.05
C LEU K 115 -1.72 -39.45 -19.44
N TYR K 116 -1.31 -38.91 -18.30
CA TYR K 116 -2.14 -37.96 -17.58
C TYR K 116 -1.38 -36.66 -17.31
N TYR K 117 -2.01 -35.55 -17.67
CA TYR K 117 -1.47 -34.22 -17.43
C TYR K 117 -2.11 -33.66 -16.18
N MET K 118 -1.34 -32.89 -15.41
CA MET K 118 -1.86 -32.31 -14.18
C MET K 118 -1.05 -31.08 -13.85
N ASP K 119 -1.73 -29.97 -13.60
CA ASP K 119 -1.07 -28.75 -13.16
C ASP K 119 -1.14 -28.63 -11.65
N TYR K 120 -0.75 -27.47 -11.12
CA TYR K 120 -0.74 -27.28 -9.67
C TYR K 120 -2.12 -27.06 -9.09
N LEU K 121 -3.13 -26.84 -9.93
CA LEU K 121 -4.51 -26.83 -9.47
C LEU K 121 -5.08 -28.23 -9.28
N ALA K 122 -4.34 -29.26 -9.70
CA ALA K 122 -4.78 -30.66 -9.81
C ALA K 122 -5.92 -30.83 -10.80
N ALA K 123 -5.91 -30.04 -11.88
CA ALA K 123 -6.77 -30.30 -13.01
C ALA K 123 -6.23 -31.48 -13.79
N LEU K 124 -6.98 -32.57 -13.84
CA LEU K 124 -6.53 -33.80 -14.46
C LEU K 124 -7.09 -33.89 -15.88
N ALA K 125 -6.20 -33.97 -16.86
CA ALA K 125 -6.58 -34.02 -18.26
C ALA K 125 -5.77 -35.11 -18.95
N LYS K 126 -6.46 -36.11 -19.51
CA LYS K 126 -5.80 -37.16 -20.26
C LYS K 126 -5.61 -36.69 -21.70
N ALA K 127 -4.39 -36.85 -22.21
CA ALA K 127 -3.98 -36.26 -23.47
C ALA K 127 -3.15 -37.28 -24.26
N PRO K 128 -3.16 -37.20 -25.59
CA PRO K 128 -2.25 -38.06 -26.37
C PRO K 128 -0.80 -37.64 -26.28
N PHE K 129 -0.52 -36.39 -25.90
CA PHE K 129 0.83 -35.90 -25.65
C PHE K 129 0.71 -34.65 -24.79
N ALA K 130 1.75 -34.38 -24.01
CA ALA K 130 1.71 -33.26 -23.07
C ALA K 130 3.14 -32.85 -22.75
N ALA K 131 3.26 -31.64 -22.19
CA ALA K 131 4.56 -31.08 -21.86
C ALA K 131 4.40 -29.96 -20.84
N HIS K 132 5.36 -29.83 -19.94
CA HIS K 132 5.41 -28.78 -18.93
C HIS K 132 6.57 -27.83 -19.21
N GLY K 133 6.60 -26.72 -18.46
CA GLY K 133 7.66 -25.75 -18.57
C GLY K 133 7.37 -24.69 -19.61
N TYR K 134 8.27 -23.70 -19.69
CA TYR K 134 8.20 -22.75 -20.79
C TYR K 134 8.63 -23.36 -22.12
N GLY K 135 9.34 -24.49 -22.10
CA GLY K 135 9.64 -25.21 -23.34
C GLY K 135 8.44 -25.88 -23.96
N ALA K 136 7.37 -26.10 -23.17
CA ALA K 136 6.13 -26.62 -23.71
C ALA K 136 5.51 -25.67 -24.72
N PHE K 137 5.63 -24.36 -24.45
CA PHE K 137 5.13 -23.35 -25.38
C PHE K 137 5.89 -23.38 -26.71
N LEU K 138 7.12 -23.85 -26.69
CA LEU K 138 7.96 -23.96 -27.88
C LEU K 138 7.84 -25.29 -28.60
N THR K 139 7.40 -26.34 -27.90
CA THR K 139 7.45 -27.68 -28.49
C THR K 139 6.10 -28.35 -28.72
N LEU K 140 5.02 -27.92 -28.04
CA LEU K 140 3.71 -28.52 -28.29
C LEU K 140 3.20 -28.20 -29.69
N SER K 141 3.64 -27.09 -30.28
CA SER K 141 3.25 -26.77 -31.65
C SER K 141 3.88 -27.74 -32.66
N ILE K 142 5.14 -28.12 -32.45
CA ILE K 142 5.77 -29.14 -33.31
C ILE K 142 5.10 -30.49 -33.08
N LEU K 143 4.70 -30.75 -31.84
CA LEU K 143 3.94 -31.97 -31.55
C LEU K 143 2.60 -31.97 -32.28
N ASP K 144 1.90 -30.83 -32.33
CA ASP K 144 0.69 -30.76 -33.15
C ASP K 144 1.01 -30.84 -34.65
N ARG K 145 2.21 -30.45 -35.04
CA ARG K 145 2.59 -30.51 -36.45
C ARG K 145 2.74 -31.96 -36.92
N TYR K 146 3.48 -32.78 -36.15
CA TYR K 146 3.86 -34.09 -36.68
C TYR K 146 3.17 -35.29 -36.06
N TYR K 147 2.54 -35.16 -34.89
CA TYR K 147 1.98 -36.34 -34.24
C TYR K 147 0.75 -36.86 -34.99
N THR K 148 0.70 -38.18 -35.15
CA THR K 148 -0.43 -38.96 -35.59
C THR K 148 -0.71 -39.98 -34.50
N PRO K 149 -1.92 -40.53 -34.40
CA PRO K 149 -2.18 -41.52 -33.34
C PRO K 149 -1.39 -42.81 -33.50
N THR K 150 -0.97 -43.15 -34.72
CA THR K 150 -0.28 -44.41 -34.97
C THR K 150 1.23 -44.21 -35.19
N ILE K 151 1.85 -43.36 -34.39
CA ILE K 151 3.31 -43.23 -34.45
C ILE K 151 3.97 -44.47 -33.87
N SER K 152 4.85 -45.09 -34.67
CA SER K 152 5.73 -46.14 -34.18
C SER K 152 6.91 -45.53 -33.43
N ARG K 153 7.51 -46.33 -32.54
CA ARG K 153 8.30 -45.78 -31.43
C ARG K 153 9.59 -45.10 -31.88
N GLU K 154 10.18 -45.52 -33.00
CA GLU K 154 11.39 -44.86 -33.49
C GLU K 154 11.07 -43.49 -34.08
N ARG K 155 9.92 -43.37 -34.76
CA ARG K 155 9.45 -42.07 -35.20
C ARG K 155 9.13 -41.18 -34.00
N ALA K 156 8.70 -41.77 -32.89
CA ALA K 156 8.49 -41.00 -31.67
C ALA K 156 9.81 -40.51 -31.08
N VAL K 157 10.88 -41.31 -31.19
CA VAL K 157 12.20 -40.82 -30.77
C VAL K 157 12.67 -39.69 -31.68
N GLU K 158 12.38 -39.77 -32.98
CA GLU K 158 12.76 -38.70 -33.90
C GLU K 158 11.98 -37.41 -33.61
N LEU K 159 10.67 -37.53 -33.37
CA LEU K 159 9.86 -36.38 -33.03
C LEU K 159 10.26 -35.77 -31.69
N LEU K 160 10.68 -36.61 -30.74
CA LEU K 160 11.24 -36.09 -29.49
C LEU K 160 12.55 -35.35 -29.74
N ARG K 161 13.41 -35.91 -30.60
CA ARG K 161 14.71 -35.31 -30.89
C ARG K 161 14.57 -33.96 -31.60
N LYS K 162 13.56 -33.81 -32.44
CA LYS K 162 13.30 -32.51 -33.06
C LYS K 162 12.91 -31.47 -32.02
N CYS K 163 12.11 -31.88 -31.03
CA CYS K 163 11.70 -30.99 -29.95
C CYS K 163 12.88 -30.61 -29.06
N LEU K 164 13.77 -31.57 -28.80
CA LEU K 164 14.95 -31.28 -27.99
C LEU K 164 15.93 -30.38 -28.74
N GLU K 165 16.02 -30.54 -30.07
CA GLU K 165 16.84 -29.61 -30.85
C GLU K 165 16.21 -28.22 -30.90
N GLU K 166 14.88 -28.13 -30.79
CA GLU K 166 14.27 -26.81 -30.64
C GLU K 166 14.56 -26.19 -29.28
N LEU K 167 14.62 -27.01 -28.22
CA LEU K 167 15.12 -26.53 -26.93
C LEU K 167 16.55 -26.02 -27.04
N GLN K 168 17.38 -26.69 -27.83
CA GLN K 168 18.76 -26.23 -27.98
C GLN K 168 18.84 -24.95 -28.82
N LYS K 169 18.00 -24.84 -29.86
CA LYS K 169 18.14 -23.73 -30.80
C LYS K 169 17.49 -22.45 -30.28
N ARG K 170 16.29 -22.53 -29.74
CA ARG K 170 15.51 -21.32 -29.47
C ARG K 170 15.38 -20.98 -27.98
N PHE K 171 15.39 -21.98 -27.11
CA PHE K 171 15.09 -21.76 -25.71
C PHE K 171 16.32 -21.23 -24.96
N ILE K 172 16.10 -20.24 -24.09
CA ILE K 172 17.21 -19.50 -23.48
C ILE K 172 17.85 -20.19 -22.29
N LEU K 173 17.24 -21.23 -21.73
CA LEU K 173 17.88 -21.93 -20.62
C LEU K 173 18.71 -23.09 -21.15
N ASN K 174 19.85 -23.30 -20.49
CA ASN K 174 20.84 -24.29 -20.92
C ASN K 174 20.28 -25.64 -20.50
N LEU K 175 19.71 -26.37 -21.46
CA LEU K 175 19.10 -27.68 -21.22
C LEU K 175 19.80 -28.71 -22.11
N PRO K 176 20.99 -29.19 -21.70
CA PRO K 176 21.82 -29.95 -22.64
C PRO K 176 21.61 -31.45 -22.65
N THR K 177 21.10 -32.04 -21.57
CA THR K 177 21.06 -33.49 -21.47
C THR K 177 19.68 -33.94 -21.02
N PHE K 178 19.21 -35.05 -21.60
CA PHE K 178 17.80 -35.42 -21.56
C PHE K 178 17.65 -36.92 -21.38
N SER K 179 16.98 -37.32 -20.31
CA SER K 179 16.74 -38.73 -20.01
C SER K 179 15.37 -39.15 -20.51
N VAL K 180 15.27 -40.39 -20.98
CA VAL K 180 14.08 -40.89 -21.66
C VAL K 180 13.79 -42.32 -21.21
N ARG K 181 12.51 -42.63 -20.96
CA ARG K 181 12.09 -43.98 -20.64
C ARG K 181 10.81 -44.31 -21.39
N ILE K 182 10.61 -45.60 -21.66
CA ILE K 182 9.41 -46.11 -22.32
C ILE K 182 8.80 -47.18 -21.44
N ILE K 183 7.48 -47.07 -21.22
CA ILE K 183 6.71 -48.04 -20.44
C ILE K 183 5.97 -48.94 -21.40
N ASP K 184 6.07 -50.25 -21.20
CA ASP K 184 5.41 -51.22 -22.07
C ASP K 184 4.68 -52.28 -21.27
N LYS K 185 4.21 -53.31 -21.95
CA LYS K 185 3.63 -54.47 -21.28
C LYS K 185 4.68 -55.31 -20.56
N ASN K 186 5.95 -55.15 -20.91
CA ASN K 186 7.05 -55.83 -20.23
C ASN K 186 7.63 -55.00 -19.10
N GLY K 187 6.95 -53.94 -18.69
CA GLY K 187 7.46 -53.08 -17.65
C GLY K 187 8.08 -51.80 -18.20
N ILE K 188 8.99 -51.24 -17.41
CA ILE K 188 9.65 -49.98 -17.72
C ILE K 188 10.97 -50.28 -18.43
N HIS K 189 11.24 -49.53 -19.50
CA HIS K 189 12.47 -49.67 -20.26
C HIS K 189 13.22 -48.36 -20.25
N ASP K 190 14.49 -48.40 -19.86
CA ASP K 190 15.36 -47.23 -19.88
C ASP K 190 16.08 -47.18 -21.22
N LEU K 191 16.15 -46.00 -21.82
CA LEU K 191 16.85 -45.79 -23.07
C LEU K 191 18.11 -44.95 -22.83
N ASP K 192 18.88 -44.76 -23.92
CA ASP K 192 20.11 -43.99 -23.83
C ASP K 192 19.81 -42.50 -23.69
N ASN K 193 20.66 -41.82 -22.94
CA ASN K 193 20.53 -40.38 -22.76
C ASN K 193 20.81 -39.64 -24.06
N ILE K 194 19.93 -38.71 -24.40
CA ILE K 194 20.08 -37.87 -25.58
C ILE K 194 20.79 -36.59 -25.16
N SER K 195 21.93 -36.31 -25.78
CA SER K 195 22.81 -35.24 -25.34
C SER K 195 23.18 -34.34 -26.50
N PHE K 196 23.59 -33.12 -26.17
CA PHE K 196 23.97 -32.12 -27.17
C PHE K 196 25.25 -31.41 -26.74
N THR L 1 29.92 -15.52 3.37
CA THR L 1 29.76 -16.94 3.63
C THR L 1 29.95 -17.76 2.35
N THR L 2 30.91 -18.68 2.36
CA THR L 2 31.17 -19.54 1.21
C THR L 2 31.57 -20.93 1.70
N THR L 3 30.84 -21.95 1.26
CA THR L 3 31.12 -23.32 1.62
C THR L 3 31.20 -24.14 0.34
N LEU L 4 31.99 -25.21 0.36
CA LEU L 4 32.06 -26.13 -0.77
C LEU L 4 32.47 -27.51 -0.29
N ALA L 5 32.03 -28.53 -1.03
CA ALA L 5 32.43 -29.90 -0.79
C ALA L 5 32.30 -30.70 -2.08
N PHE L 6 33.19 -31.67 -2.24
CA PHE L 6 33.22 -32.44 -3.47
C PHE L 6 33.66 -33.87 -3.18
N LYS L 7 33.04 -34.82 -3.88
CA LYS L 7 33.43 -36.22 -3.78
C LYS L 7 34.61 -36.53 -4.70
N PHE L 8 35.43 -37.48 -4.27
CA PHE L 8 36.51 -38.02 -5.08
C PHE L 8 36.80 -39.44 -4.59
N ARG L 9 37.92 -40.00 -5.05
CA ARG L 9 38.25 -41.40 -4.77
C ARG L 9 38.42 -41.67 -3.27
N HIS L 10 39.26 -40.89 -2.61
CA HIS L 10 39.61 -41.15 -1.21
C HIS L 10 38.68 -40.45 -0.22
N GLY L 11 37.43 -40.20 -0.61
CA GLY L 11 36.43 -39.66 0.29
C GLY L 11 35.86 -38.37 -0.24
N VAL L 12 35.61 -37.43 0.69
CA VAL L 12 35.13 -36.09 0.37
C VAL L 12 36.01 -35.08 1.09
N ILE L 13 36.17 -33.92 0.49
CA ILE L 13 36.83 -32.79 1.13
C ILE L 13 35.77 -31.75 1.47
N VAL L 14 35.69 -31.37 2.75
CA VAL L 14 34.71 -30.39 3.22
C VAL L 14 35.48 -29.18 3.70
N ALA L 15 35.14 -28.01 3.16
CA ALA L 15 35.87 -26.80 3.46
C ALA L 15 34.91 -25.62 3.60
N ALA L 16 35.27 -24.69 4.47
CA ALA L 16 34.42 -23.54 4.76
C ALA L 16 35.25 -22.41 5.34
N ASP L 17 34.73 -21.19 5.20
CA ASP L 17 35.37 -20.00 5.75
C ASP L 17 34.86 -19.76 7.17
N SER L 18 35.09 -18.55 7.71
CA SER L 18 34.72 -18.30 9.09
C SER L 18 34.13 -16.91 9.34
N ARG L 19 33.65 -16.21 8.31
CA ARG L 19 33.13 -14.86 8.49
C ARG L 19 31.62 -14.85 8.64
N ALA L 20 31.14 -14.26 9.73
CA ALA L 20 29.73 -13.98 9.94
C ALA L 20 29.52 -12.47 9.93
N THR L 21 28.44 -12.02 9.32
CA THR L 21 28.18 -10.60 9.16
C THR L 21 26.88 -10.21 9.84
N ALA L 22 26.77 -8.91 10.13
CA ALA L 22 25.53 -8.29 10.61
C ALA L 22 25.31 -7.06 9.74
N GLY L 23 24.73 -7.26 8.56
CA GLY L 23 24.65 -6.18 7.60
C GLY L 23 26.02 -5.90 7.03
N ALA L 24 26.48 -4.65 7.15
CA ALA L 24 27.83 -4.30 6.75
C ALA L 24 28.85 -4.54 7.85
N TYR L 25 28.41 -4.69 9.10
CA TYR L 25 29.32 -4.90 10.22
C TYR L 25 29.68 -6.38 10.35
N ILE L 26 30.96 -6.65 10.56
CA ILE L 26 31.45 -8.02 10.72
C ILE L 26 31.42 -8.36 12.20
N ALA L 27 30.59 -9.33 12.58
CA ALA L 27 30.47 -9.68 13.99
C ALA L 27 31.56 -10.63 14.45
N SER L 28 31.99 -11.57 13.61
CA SER L 28 32.95 -12.57 14.02
C SER L 28 33.80 -13.00 12.85
N GLN L 29 35.00 -13.49 13.14
CA GLN L 29 35.90 -14.04 12.14
C GLN L 29 36.36 -15.45 12.49
N THR L 30 35.74 -16.10 13.48
CA THR L 30 36.16 -17.40 13.96
C THR L 30 34.97 -18.36 14.06
N VAL L 31 34.05 -18.28 13.11
CA VAL L 31 32.87 -19.13 13.10
C VAL L 31 33.23 -20.49 12.53
N LYS L 32 32.84 -21.55 13.24
CA LYS L 32 33.07 -22.92 12.80
C LYS L 32 31.93 -23.29 11.87
N LYS L 33 32.14 -23.13 10.57
CA LYS L 33 31.06 -23.30 9.60
C LYS L 33 30.89 -24.73 9.10
N VAL L 34 31.69 -25.67 9.58
CA VAL L 34 31.41 -27.09 9.38
C VAL L 34 31.04 -27.65 10.75
N ILE L 35 29.80 -28.09 10.92
CA ILE L 35 29.30 -28.57 12.20
C ILE L 35 29.48 -30.07 12.28
N GLU L 36 30.09 -30.52 13.38
CA GLU L 36 30.44 -31.93 13.59
C GLU L 36 29.21 -32.66 14.09
N ILE L 37 28.66 -33.54 13.25
CA ILE L 37 27.46 -34.28 13.64
C ILE L 37 27.80 -35.39 14.63
N ASN L 38 28.69 -36.28 14.25
CA ASN L 38 29.05 -37.49 14.98
C ASN L 38 30.45 -37.84 14.51
N PRO L 39 31.09 -38.95 14.97
CA PRO L 39 32.37 -39.35 14.35
C PRO L 39 32.38 -39.70 12.87
N TYR L 40 31.24 -39.62 12.16
CA TYR L 40 31.21 -40.01 10.75
C TYR L 40 30.47 -39.04 9.82
N LEU L 41 29.88 -37.96 10.32
CA LEU L 41 29.09 -37.09 9.47
C LEU L 41 29.41 -35.62 9.73
N LEU L 42 29.38 -34.82 8.68
CA LEU L 42 29.63 -33.38 8.77
C LEU L 42 28.52 -32.61 8.10
N GLY L 43 28.07 -31.53 8.76
CA GLY L 43 27.09 -30.62 8.19
C GLY L 43 27.73 -29.26 7.96
N THR L 44 27.01 -28.40 7.25
CA THR L 44 27.57 -27.14 6.78
C THR L 44 26.66 -25.97 7.13
N MET L 45 27.23 -24.77 7.11
CA MET L 45 26.56 -23.54 7.49
C MET L 45 26.54 -22.58 6.31
N ALA L 46 25.34 -22.25 5.84
CA ALA L 46 25.18 -21.20 4.83
C ALA L 46 23.82 -20.53 5.05
N GLY L 47 23.80 -19.22 4.90
CA GLY L 47 22.58 -18.45 5.15
C GLY L 47 22.41 -18.12 6.63
N GLY L 48 21.50 -18.84 7.29
CA GLY L 48 21.25 -18.65 8.72
C GLY L 48 22.03 -19.66 9.55
N ALA L 49 22.64 -19.16 10.62
CA ALA L 49 23.52 -19.99 11.43
C ALA L 49 22.72 -20.87 12.40
N ALA L 50 21.82 -20.26 13.18
CA ALA L 50 21.16 -20.98 14.27
C ALA L 50 20.22 -22.07 13.76
N ASP L 51 19.64 -21.87 12.57
CA ASP L 51 18.88 -22.91 11.89
C ASP L 51 19.76 -24.14 11.66
N CYS L 52 20.97 -23.92 11.12
CA CYS L 52 21.91 -25.00 10.87
C CYS L 52 22.31 -25.68 12.16
N SER L 53 22.67 -24.89 13.18
CA SER L 53 23.20 -25.43 14.43
C SER L 53 22.15 -26.25 15.18
N PHE L 54 20.92 -25.74 15.29
CA PHE L 54 19.88 -26.45 16.01
C PHE L 54 19.44 -27.70 15.25
N TRP L 55 19.15 -27.57 13.94
CA TRP L 55 18.62 -28.73 13.22
C TRP L 55 19.68 -29.81 13.04
N GLU L 56 20.96 -29.45 12.93
CA GLU L 56 21.97 -30.48 12.84
C GLU L 56 22.35 -31.07 14.19
N ARG L 57 22.20 -30.31 15.28
CA ARG L 57 22.38 -30.90 16.61
C ARG L 57 21.26 -31.89 16.93
N LEU L 58 20.02 -31.51 16.61
CA LEU L 58 18.89 -32.42 16.82
C LEU L 58 18.97 -33.62 15.89
N LEU L 59 19.49 -33.43 14.67
CA LEU L 59 19.73 -34.57 13.78
C LEU L 59 20.79 -35.51 14.36
N ALA L 60 21.83 -34.94 14.99
CA ALA L 60 22.86 -35.77 15.62
C ALA L 60 22.27 -36.58 16.78
N ARG L 61 21.38 -35.96 17.57
CA ARG L 61 20.69 -36.68 18.63
C ARG L 61 19.78 -37.78 18.06
N GLN L 62 19.14 -37.51 16.93
CA GLN L 62 18.29 -38.48 16.25
C GLN L 62 19.10 -39.69 15.78
N CYS L 63 20.25 -39.44 15.15
CA CYS L 63 21.09 -40.53 14.66
C CYS L 63 21.75 -41.29 15.81
N ARG L 64 21.99 -40.65 16.95
CA ARG L 64 22.52 -41.40 18.09
C ARG L 64 21.43 -42.28 18.70
N ILE L 65 20.18 -41.79 18.72
CA ILE L 65 19.04 -42.64 19.10
C ILE L 65 18.92 -43.84 18.16
N TYR L 66 19.11 -43.60 16.85
CA TYR L 66 19.04 -44.70 15.88
C TYR L 66 20.19 -45.69 16.07
N GLU L 67 21.37 -45.19 16.46
CA GLU L 67 22.49 -46.08 16.74
C GLU L 67 22.23 -46.91 17.99
N LEU L 68 21.54 -46.33 18.97
CA LEU L 68 21.20 -47.08 20.17
C LEU L 68 20.15 -48.14 19.89
N ARG L 69 19.12 -47.80 19.12
CA ARG L 69 18.01 -48.72 18.90
C ARG L 69 18.31 -49.74 17.80
N ASN L 70 18.56 -49.26 16.58
CA ASN L 70 18.71 -50.15 15.42
C ASN L 70 20.09 -50.78 15.31
N LYS L 71 20.97 -50.54 16.30
CA LYS L 71 22.26 -51.23 16.50
C LYS L 71 23.24 -51.01 15.35
N GLU L 72 23.09 -49.94 14.58
CA GLU L 72 23.99 -49.65 13.48
C GLU L 72 23.93 -48.15 13.19
N ARG L 73 25.01 -47.63 12.64
CA ARG L 73 25.08 -46.21 12.28
C ARG L 73 24.09 -45.86 11.18
N ILE L 74 23.89 -44.57 10.93
CA ILE L 74 22.89 -44.11 9.99
C ILE L 74 23.53 -43.96 8.62
N SER L 75 22.74 -44.15 7.56
CA SER L 75 23.21 -43.85 6.22
C SER L 75 23.12 -42.34 5.97
N VAL L 76 23.82 -41.89 4.92
CA VAL L 76 23.71 -40.49 4.52
C VAL L 76 22.32 -40.19 3.98
N ALA L 77 21.77 -41.13 3.21
CA ALA L 77 20.49 -40.92 2.54
C ALA L 77 19.33 -40.93 3.53
N ALA L 78 19.52 -41.51 4.71
CA ALA L 78 18.49 -41.41 5.74
C ALA L 78 18.66 -40.16 6.61
N ALA L 79 19.90 -39.78 6.89
CA ALA L 79 20.15 -38.63 7.76
C ALA L 79 19.76 -37.32 7.07
N SER L 80 20.17 -37.16 5.81
CA SER L 80 19.77 -35.98 5.06
C SER L 80 18.27 -35.96 4.77
N LYS L 81 17.66 -37.14 4.61
CA LYS L 81 16.21 -37.20 4.43
C LYS L 81 15.47 -36.76 5.68
N LEU L 82 15.97 -37.15 6.87
CA LEU L 82 15.38 -36.66 8.10
C LEU L 82 15.61 -35.17 8.28
N LEU L 83 16.75 -34.65 7.79
CA LEU L 83 16.95 -33.20 7.81
C LEU L 83 15.95 -32.49 6.89
N ALA L 84 15.69 -33.08 5.73
CA ALA L 84 14.71 -32.52 4.79
C ALA L 84 13.30 -32.54 5.38
N ASN L 85 12.91 -33.66 6.01
CA ASN L 85 11.58 -33.76 6.59
C ASN L 85 11.42 -32.86 7.81
N MET L 86 12.51 -32.58 8.53
CA MET L 86 12.42 -31.61 9.61
C MET L 86 12.30 -30.19 9.07
N VAL L 87 13.04 -29.86 8.02
CA VAL L 87 13.07 -28.47 7.57
C VAL L 87 11.91 -28.11 6.64
N TYR L 88 11.24 -29.11 6.05
CA TYR L 88 10.25 -28.82 5.01
C TYR L 88 8.94 -28.26 5.57
N GLN L 89 8.57 -28.62 6.81
CA GLN L 89 7.31 -28.15 7.38
C GLN L 89 7.30 -26.65 7.62
N TYR L 90 8.47 -26.06 7.84
CA TYR L 90 8.59 -24.65 8.19
C TYR L 90 8.94 -23.76 7.00
N LYS L 91 8.53 -24.15 5.80
CA LYS L 91 8.57 -23.27 4.63
C LYS L 91 7.68 -22.06 4.88
N GLY L 92 8.17 -20.88 4.47
CA GLY L 92 7.36 -19.68 4.45
C GLY L 92 7.27 -18.92 5.76
N MET L 93 7.94 -19.38 6.80
CA MET L 93 7.94 -18.67 8.07
C MET L 93 9.23 -17.88 8.31
N GLY L 94 10.13 -17.85 7.34
CA GLY L 94 11.31 -17.01 7.41
C GLY L 94 12.61 -17.69 7.78
N LEU L 95 12.72 -19.00 7.61
CA LEU L 95 13.96 -19.69 7.89
C LEU L 95 14.95 -19.53 6.73
N SER L 96 16.24 -19.63 7.06
CA SER L 96 17.32 -19.51 6.10
C SER L 96 18.34 -20.61 6.38
N MET L 97 18.49 -21.54 5.44
CA MET L 97 19.44 -22.64 5.60
C MET L 97 19.85 -23.18 4.23
N GLY L 98 21.14 -23.42 4.06
CA GLY L 98 21.67 -24.23 2.97
C GLY L 98 22.74 -25.18 3.49
N THR L 99 22.58 -26.48 3.31
CA THR L 99 23.44 -27.45 3.98
C THR L 99 23.95 -28.51 3.02
N MET L 100 25.04 -29.14 3.43
CA MET L 100 25.61 -30.31 2.79
C MET L 100 25.86 -31.35 3.87
N ILE L 101 25.44 -32.59 3.63
CA ILE L 101 25.69 -33.70 4.55
C ILE L 101 26.79 -34.56 3.95
N CYS L 102 27.90 -34.71 4.68
CA CYS L 102 29.07 -35.42 4.19
C CYS L 102 29.41 -36.58 5.11
N GLY L 103 29.45 -37.79 4.56
CA GLY L 103 29.80 -38.95 5.34
C GLY L 103 30.27 -40.09 4.45
N TRP L 104 30.57 -41.22 5.08
CA TRP L 104 31.03 -42.41 4.38
C TRP L 104 30.19 -43.60 4.83
N ASP L 105 29.41 -44.15 3.92
CA ASP L 105 28.54 -45.27 4.21
C ASP L 105 28.79 -46.38 3.19
N LYS L 106 27.90 -47.37 3.15
CA LYS L 106 28.10 -48.57 2.35
C LYS L 106 28.01 -48.32 0.84
N ARG L 107 27.45 -47.19 0.44
CA ARG L 107 27.48 -46.76 -0.96
C ARG L 107 28.81 -46.09 -1.31
N GLY L 108 29.69 -45.92 -0.33
CA GLY L 108 30.94 -45.21 -0.52
C GLY L 108 30.86 -43.80 0.02
N PRO L 109 31.21 -42.82 -0.81
CA PRO L 109 31.06 -41.43 -0.41
C PRO L 109 29.60 -41.03 -0.34
N GLY L 110 29.32 -40.03 0.49
CA GLY L 110 28.00 -39.45 0.57
C GLY L 110 28.06 -37.93 0.65
N LEU L 111 27.34 -37.26 -0.24
CA LEU L 111 27.35 -35.80 -0.27
C LEU L 111 26.03 -35.35 -0.88
N TYR L 112 25.11 -34.89 -0.04
CA TYR L 112 23.78 -34.47 -0.47
C TYR L 112 23.56 -33.01 -0.07
N TYR L 113 22.84 -32.26 -0.91
CA TYR L 113 22.50 -30.88 -0.64
C TYR L 113 21.04 -30.81 -0.20
N VAL L 114 20.81 -30.31 1.02
CA VAL L 114 19.47 -30.03 1.53
C VAL L 114 19.45 -28.59 2.05
N ASP L 115 18.36 -27.87 1.79
CA ASP L 115 18.24 -26.47 2.18
C ASP L 115 16.92 -26.23 2.89
N SER L 116 16.72 -24.99 3.34
CA SER L 116 15.41 -24.57 3.84
C SER L 116 14.39 -24.34 2.74
N GLU L 117 14.79 -24.41 1.46
CA GLU L 117 13.81 -24.37 0.39
C GLU L 117 13.19 -25.73 0.12
N GLY L 118 13.83 -26.81 0.57
CA GLY L 118 13.28 -28.15 0.44
C GLY L 118 13.95 -29.01 -0.61
N ASN L 119 14.97 -28.49 -1.30
CA ASN L 119 15.66 -29.25 -2.34
C ASN L 119 16.44 -30.40 -1.69
N ARG L 120 16.46 -31.55 -2.37
CA ARG L 120 17.20 -32.71 -1.88
C ARG L 120 17.82 -33.43 -3.07
N ILE L 121 19.11 -33.17 -3.32
CA ILE L 121 19.81 -33.72 -4.47
C ILE L 121 21.12 -34.36 -4.05
N SER L 122 21.57 -35.31 -4.84
CA SER L 122 22.92 -35.86 -4.77
C SER L 122 23.84 -35.10 -5.73
N GLY L 123 25.13 -35.44 -5.69
CA GLY L 123 26.04 -34.85 -6.66
C GLY L 123 27.51 -35.05 -6.37
N ALA L 124 28.35 -34.82 -7.37
CA ALA L 124 29.79 -35.00 -7.22
C ALA L 124 30.46 -33.74 -6.68
N THR L 125 29.97 -32.56 -7.06
CA THR L 125 30.52 -31.29 -6.59
C THR L 125 29.38 -30.39 -6.12
N PHE L 126 29.67 -29.59 -5.09
CA PHE L 126 28.71 -28.61 -4.58
C PHE L 126 29.46 -27.41 -4.04
N SER L 127 28.76 -26.28 -4.02
CA SER L 127 29.26 -25.07 -3.36
C SER L 127 28.07 -24.21 -2.96
N VAL L 128 27.97 -23.87 -1.67
CA VAL L 128 26.82 -23.12 -1.16
C VAL L 128 27.35 -21.90 -0.41
N GLY L 129 26.61 -20.79 -0.49
CA GLY L 129 26.97 -19.56 0.17
C GLY L 129 26.75 -18.35 -0.71
N SER L 130 26.98 -17.18 -0.12
CA SER L 130 26.82 -15.95 -0.86
C SER L 130 27.93 -15.76 -1.89
N GLY L 131 29.13 -16.22 -1.57
CA GLY L 131 30.25 -16.19 -2.50
C GLY L 131 30.52 -17.54 -3.10
N SER L 132 29.49 -18.39 -3.17
CA SER L 132 29.64 -19.73 -3.73
C SER L 132 29.91 -19.71 -5.22
N VAL L 133 29.43 -18.66 -5.90
CA VAL L 133 29.54 -18.57 -7.36
C VAL L 133 30.99 -18.44 -7.78
N TYR L 134 31.81 -17.72 -7.01
CA TYR L 134 33.23 -17.65 -7.31
C TYR L 134 33.93 -18.97 -6.99
N ALA L 135 33.45 -19.68 -5.96
CA ALA L 135 34.06 -20.95 -5.60
C ALA L 135 33.81 -22.03 -6.66
N TYR L 136 32.66 -21.95 -7.35
CA TYR L 136 32.34 -22.92 -8.40
C TYR L 136 33.33 -22.88 -9.54
N GLY L 137 33.76 -21.67 -9.92
CA GLY L 137 34.65 -21.55 -11.06
C GLY L 137 36.06 -22.05 -10.79
N VAL L 138 36.57 -21.81 -9.58
CA VAL L 138 37.88 -22.32 -9.23
C VAL L 138 37.83 -23.82 -8.98
N MET L 139 36.71 -24.32 -8.46
CA MET L 139 36.59 -25.74 -8.18
C MET L 139 36.48 -26.55 -9.46
N ASP L 140 35.63 -26.11 -10.40
CA ASP L 140 35.34 -26.92 -11.59
C ASP L 140 36.49 -26.96 -12.59
N ARG L 141 37.37 -25.95 -12.59
CA ARG L 141 38.48 -25.96 -13.52
C ARG L 141 39.58 -26.95 -13.12
N GLY L 142 39.57 -27.41 -11.87
CA GLY L 142 40.54 -28.38 -11.42
C GLY L 142 39.93 -29.72 -11.04
N TYR L 143 38.60 -29.78 -10.97
CA TYR L 143 37.95 -30.98 -10.47
C TYR L 143 37.99 -32.12 -11.48
N SER L 144 38.29 -33.31 -10.97
CA SER L 144 38.05 -34.57 -11.65
C SER L 144 37.94 -35.63 -10.56
N TYR L 145 37.51 -36.83 -10.95
CA TYR L 145 37.33 -37.91 -9.98
C TYR L 145 38.67 -38.43 -9.48
N ASP L 146 39.73 -38.32 -10.29
CA ASP L 146 41.01 -38.95 -9.99
C ASP L 146 41.99 -38.01 -9.29
N LEU L 147 41.50 -36.99 -8.58
CA LEU L 147 42.37 -36.09 -7.86
C LEU L 147 43.09 -36.77 -6.70
N GLU L 148 44.35 -36.40 -6.53
CA GLU L 148 45.13 -36.80 -5.36
C GLU L 148 44.73 -35.95 -4.16
N VAL L 149 45.10 -36.42 -2.95
CA VAL L 149 44.59 -35.85 -1.71
C VAL L 149 45.12 -34.43 -1.49
N GLU L 150 46.46 -34.27 -1.56
CA GLU L 150 47.04 -32.96 -1.27
C GLU L 150 46.73 -31.94 -2.35
N GLN L 151 46.59 -32.40 -3.59
CA GLN L 151 46.13 -31.50 -4.65
C GLN L 151 44.67 -31.11 -4.43
N ALA L 152 43.87 -32.00 -3.84
CA ALA L 152 42.50 -31.65 -3.49
C ALA L 152 42.47 -30.64 -2.34
N TYR L 153 43.40 -30.77 -1.39
CA TYR L 153 43.53 -29.76 -0.32
C TYR L 153 43.89 -28.41 -0.91
N ASP L 154 44.82 -28.40 -1.88
CA ASP L 154 45.22 -27.17 -2.54
C ASP L 154 44.06 -26.57 -3.34
N LEU L 155 43.27 -27.42 -4.00
CA LEU L 155 42.15 -26.94 -4.79
C LEU L 155 41.06 -26.34 -3.91
N ALA L 156 40.76 -26.98 -2.78
CA ALA L 156 39.73 -26.46 -1.88
C ALA L 156 40.17 -25.15 -1.23
N ARG L 157 41.43 -25.10 -0.75
CA ARG L 157 41.92 -23.88 -0.10
C ARG L 157 42.05 -22.74 -1.10
N ARG L 158 42.47 -23.04 -2.34
CA ARG L 158 42.62 -22.00 -3.35
C ARG L 158 41.26 -21.51 -3.83
N ALA L 159 40.27 -22.40 -3.92
CA ALA L 159 38.94 -21.99 -4.32
C ALA L 159 38.29 -21.11 -3.27
N ILE L 160 38.45 -21.46 -1.99
CA ILE L 160 37.91 -20.61 -0.94
C ILE L 160 38.69 -19.29 -0.85
N TYR L 161 39.99 -19.33 -1.18
CA TYR L 161 40.77 -18.10 -1.21
C TYR L 161 40.27 -17.13 -2.28
N GLN L 162 40.01 -17.64 -3.49
CA GLN L 162 39.51 -16.75 -4.54
C GLN L 162 38.08 -16.30 -4.27
N ALA L 163 37.25 -17.17 -3.69
CA ALA L 163 35.88 -16.81 -3.36
C ALA L 163 35.84 -15.74 -2.27
N THR L 164 36.73 -15.86 -1.27
CA THR L 164 36.80 -14.84 -0.23
C THR L 164 37.48 -13.58 -0.73
N TYR L 165 38.34 -13.70 -1.75
CA TYR L 165 38.96 -12.52 -2.33
C TYR L 165 37.94 -11.70 -3.12
N ARG L 166 37.00 -12.34 -3.79
CA ARG L 166 36.02 -11.55 -4.53
C ARG L 166 34.84 -11.10 -3.68
N ASP L 167 34.31 -11.97 -2.81
CA ASP L 167 33.13 -11.61 -2.04
C ASP L 167 33.51 -10.73 -0.86
N ALA L 168 32.85 -9.58 -0.75
CA ALA L 168 32.98 -8.74 0.43
C ALA L 168 32.42 -9.40 1.68
N TYR L 169 31.43 -10.28 1.52
CA TYR L 169 30.73 -10.86 2.66
C TYR L 169 31.35 -12.14 3.18
N SER L 170 32.36 -12.69 2.53
CA SER L 170 32.99 -13.93 2.98
C SER L 170 34.44 -13.67 3.31
N GLY L 171 34.97 -14.43 4.27
CA GLY L 171 36.33 -14.24 4.71
C GLY L 171 36.60 -15.02 5.98
N GLY L 172 37.61 -14.55 6.71
CA GLY L 172 37.98 -15.19 7.96
C GLY L 172 39.14 -16.14 7.81
N ALA L 173 38.91 -17.41 8.12
CA ALA L 173 39.94 -18.42 8.00
C ALA L 173 39.37 -19.62 7.28
N VAL L 174 40.17 -20.21 6.43
CA VAL L 174 39.77 -21.41 5.70
C VAL L 174 39.94 -22.60 6.62
N ASN L 175 38.87 -23.37 6.79
CA ASN L 175 38.89 -24.58 7.59
C ASN L 175 38.75 -25.75 6.64
N LEU L 176 39.52 -26.81 6.87
CA LEU L 176 39.59 -27.92 5.93
C LEU L 176 39.40 -29.24 6.67
N TYR L 177 38.40 -30.01 6.27
CA TYR L 177 38.09 -31.31 6.87
C TYR L 177 38.12 -32.37 5.78
N HIS L 178 38.52 -33.58 6.17
CA HIS L 178 38.59 -34.72 5.26
C HIS L 178 37.92 -35.91 5.91
N VAL L 179 36.81 -36.36 5.32
CA VAL L 179 36.12 -37.55 5.79
C VAL L 179 36.64 -38.75 5.00
N ARG L 180 37.20 -39.72 5.70
CA ARG L 180 37.61 -40.97 5.09
C ARG L 180 36.73 -42.10 5.59
N GLU L 181 37.10 -43.33 5.20
CA GLU L 181 36.29 -44.49 5.55
C GLU L 181 36.34 -44.78 7.05
N ASP L 182 37.48 -44.53 7.69
CA ASP L 182 37.63 -44.81 9.11
C ASP L 182 37.26 -43.64 10.01
N GLY L 183 36.76 -42.55 9.43
CA GLY L 183 36.42 -41.36 10.20
C GLY L 183 36.97 -40.11 9.56
N TRP L 184 36.52 -38.98 10.09
CA TRP L 184 36.90 -37.67 9.58
C TRP L 184 38.06 -37.10 10.38
N ILE L 185 38.94 -36.38 9.69
CA ILE L 185 40.14 -35.82 10.27
C ILE L 185 40.21 -34.35 9.93
N ARG L 186 40.53 -33.53 10.93
CA ARG L 186 40.81 -32.11 10.72
C ARG L 186 42.26 -31.96 10.31
N VAL L 187 42.48 -31.42 9.12
CA VAL L 187 43.81 -31.40 8.52
C VAL L 187 44.45 -30.01 8.59
N SER L 188 43.70 -28.93 8.33
CA SER L 188 44.35 -27.63 8.23
C SER L 188 43.38 -26.53 8.60
N SER L 189 43.95 -25.38 8.97
CA SER L 189 43.22 -24.14 9.22
C SER L 189 44.16 -22.98 8.95
N ASP L 190 43.85 -22.16 7.93
CA ASP L 190 44.75 -21.11 7.46
C ASP L 190 44.00 -19.80 7.34
N ASN L 191 44.63 -18.71 7.77
CA ASN L 191 44.09 -17.38 7.55
C ASN L 191 44.17 -17.01 6.07
N VAL L 192 43.20 -16.19 5.64
CA VAL L 192 43.19 -15.68 4.27
C VAL L 192 44.38 -14.76 4.03
N ALA L 193 44.75 -13.98 5.06
CA ALA L 193 45.89 -13.07 4.95
C ALA L 193 47.21 -13.81 4.80
N ASP L 194 47.31 -15.02 5.38
CA ASP L 194 48.50 -15.84 5.15
C ASP L 194 48.46 -16.47 3.76
N LEU L 195 47.26 -16.84 3.29
CA LEU L 195 47.15 -17.43 1.96
C LEU L 195 47.41 -16.40 0.85
N HIS L 196 47.19 -15.12 1.13
CA HIS L 196 47.55 -14.10 0.15
C HIS L 196 49.06 -13.98 0.01
N GLU L 197 49.79 -14.12 1.13
CA GLU L 197 51.23 -14.16 1.06
C GLU L 197 51.73 -15.46 0.44
N LYS L 198 50.98 -16.55 0.60
CA LYS L 198 51.40 -17.82 0.00
C LYS L 198 51.19 -17.82 -1.50
N TYR L 199 50.00 -17.43 -1.96
CA TYR L 199 49.65 -17.56 -3.38
C TYR L 199 50.15 -16.42 -4.24
N SER L 200 50.57 -15.30 -3.66
CA SER L 200 51.10 -14.19 -4.43
C SER L 200 52.55 -13.91 -4.11
N GLY L 201 52.89 -13.74 -2.83
CA GLY L 201 54.26 -13.48 -2.43
C GLY L 201 54.36 -12.80 -1.08
N ARG M 1 -0.75 0.52 14.89
CA ARG M 1 -0.25 -0.85 14.97
C ARG M 1 0.65 -1.00 16.19
N PHE M 2 0.56 -2.15 16.85
CA PHE M 2 1.33 -2.37 18.08
C PHE M 2 2.77 -2.74 17.77
N SER M 3 3.70 -2.09 18.47
CA SER M 3 5.12 -2.37 18.33
CA SER M 3 5.12 -2.37 18.33
C SER M 3 5.59 -3.18 19.52
N PRO M 4 6.18 -4.36 19.32
CA PRO M 4 6.55 -5.23 20.46
C PRO M 4 8.01 -5.16 20.90
N TYR M 5 8.83 -4.26 20.37
CA TYR M 5 10.20 -4.13 20.84
C TYR M 5 10.57 -2.65 21.00
N VAL M 6 11.47 -2.39 21.94
CA VAL M 6 12.11 -1.09 22.11
C VAL M 6 13.59 -1.34 22.42
N PHE M 7 14.47 -0.68 21.68
CA PHE M 7 15.91 -0.91 21.83
C PHE M 7 16.43 -0.08 23.00
N ASN M 8 16.71 -0.76 24.11
CA ASN M 8 17.08 -0.12 25.36
C ASN M 8 18.59 -0.06 25.56
N GLY M 9 19.36 -0.21 24.49
CA GLY M 9 20.76 0.18 24.49
C GLY M 9 21.67 -0.68 25.34
N GLY M 10 22.82 -0.10 25.68
CA GLY M 10 23.76 -0.77 26.55
C GLY M 10 24.84 -1.52 25.81
N THR M 11 26.01 -1.65 26.43
CA THR M 11 27.08 -2.49 25.91
C THR M 11 27.64 -3.35 27.02
N ILE M 12 27.98 -4.60 26.70
CA ILE M 12 28.61 -5.51 27.65
C ILE M 12 29.91 -5.98 27.02
N LEU M 13 30.93 -6.10 27.85
CA LEU M 13 32.25 -6.47 27.37
C LEU M 13 32.79 -7.59 28.24
N ALA M 14 33.14 -8.70 27.61
CA ALA M 14 33.67 -9.85 28.33
C ALA M 14 34.98 -10.27 27.71
N ILE M 15 35.90 -10.69 28.58
CA ILE M 15 37.25 -11.07 28.20
C ILE M 15 37.61 -12.35 28.95
N ALA M 16 38.03 -13.37 28.22
CA ALA M 16 38.47 -14.62 28.82
C ALA M 16 39.98 -14.58 29.00
N GLY M 17 40.43 -14.87 30.22
CA GLY M 17 41.83 -14.89 30.54
C GLY M 17 42.36 -16.29 30.74
N GLU M 18 43.61 -16.36 31.20
CA GLU M 18 44.22 -17.65 31.49
C GLU M 18 43.59 -18.28 32.74
N ASP M 19 43.27 -17.47 33.74
CA ASP M 19 42.65 -17.98 34.95
C ASP M 19 41.55 -17.06 35.48
N PHE M 20 40.96 -16.24 34.62
CA PHE M 20 39.91 -15.33 35.05
C PHE M 20 39.01 -15.00 33.87
N ALA M 21 37.85 -14.43 34.19
CA ALA M 21 36.98 -13.83 33.18
C ALA M 21 36.43 -12.54 33.75
N ILE M 22 36.50 -11.48 32.95
CA ILE M 22 36.03 -10.16 33.34
C ILE M 22 34.76 -9.88 32.53
N VAL M 23 33.71 -9.43 33.20
CA VAL M 23 32.48 -9.01 32.55
C VAL M 23 32.14 -7.61 33.03
N ALA M 24 31.97 -6.68 32.10
CA ALA M 24 31.68 -5.29 32.44
C ALA M 24 30.54 -4.77 31.60
N SER M 25 29.80 -3.81 32.15
CA SER M 25 28.63 -3.26 31.46
C SER M 25 28.33 -1.86 31.98
N ASP M 26 27.73 -1.04 31.11
CA ASP M 26 27.22 0.24 31.55
C ASP M 26 25.94 0.04 32.36
N THR M 27 25.44 1.14 32.95
CA THR M 27 24.19 1.09 33.68
C THR M 27 23.17 2.13 33.21
N ARG M 28 23.45 2.86 32.14
CA ARG M 28 22.47 3.78 31.59
C ARG M 28 21.40 3.01 30.82
N LEU M 29 20.14 3.37 31.03
CA LEU M 29 19.01 2.73 30.37
C LEU M 29 18.27 3.77 29.55
N SER M 30 18.04 3.48 28.27
CA SER M 30 17.52 4.46 27.34
C SER M 30 16.26 3.95 26.64
N GLU M 31 15.59 4.90 26.00
CA GLU M 31 14.38 4.63 25.22
C GLU M 31 14.26 5.75 24.20
N GLY M 32 14.86 5.55 23.03
CA GLY M 32 14.98 6.65 22.09
C GLY M 32 15.83 7.79 22.63
N PHE M 33 15.17 8.87 23.05
CA PHE M 33 15.83 10.09 23.46
C PHE M 33 15.78 10.32 24.97
N SER M 34 15.50 9.30 25.76
CA SER M 34 15.36 9.47 27.20
C SER M 34 16.45 8.71 27.93
N ILE M 35 16.67 9.11 29.18
CA ILE M 35 17.45 8.34 30.14
C ILE M 35 16.49 7.91 31.24
N HIS M 36 16.16 6.63 31.29
CA HIS M 36 15.27 6.16 32.33
C HIS M 36 15.95 6.11 33.69
N THR M 37 17.09 5.44 33.77
CA THR M 37 17.78 5.31 35.04
C THR M 37 19.28 5.26 34.78
N ARG M 38 20.05 5.66 35.77
CA ARG M 38 21.50 5.70 35.66
C ARG M 38 22.17 4.62 36.47
N ASP M 39 21.42 3.81 37.20
CA ASP M 39 21.97 2.68 37.97
C ASP M 39 21.07 1.49 37.67
N SER M 40 21.36 0.78 36.58
CA SER M 40 20.68 -0.46 36.26
C SER M 40 21.72 -1.42 35.71
N PRO M 41 22.34 -2.23 36.57
CA PRO M 41 23.42 -3.12 36.10
C PRO M 41 22.90 -4.24 35.21
N LYS M 42 23.74 -4.62 34.26
CA LYS M 42 23.41 -5.65 33.28
C LYS M 42 24.15 -6.96 33.52
N CYS M 43 24.95 -7.04 34.58
CA CYS M 43 25.70 -8.24 34.92
CA CYS M 43 25.69 -8.25 34.92
C CYS M 43 24.97 -8.99 36.03
N TYR M 44 24.54 -10.20 35.75
CA TYR M 44 23.69 -10.97 36.65
C TYR M 44 24.43 -12.24 37.04
N LYS M 45 24.71 -12.38 38.34
CA LYS M 45 25.40 -13.57 38.82
C LYS M 45 24.47 -14.78 38.75
N LEU M 46 24.92 -15.84 38.08
CA LEU M 46 24.15 -17.07 37.96
C LEU M 46 24.55 -18.09 39.02
N THR M 47 25.80 -18.53 39.00
CA THR M 47 26.34 -19.40 40.03
C THR M 47 27.67 -18.83 40.46
N ASP M 48 28.44 -19.63 41.20
CA ASP M 48 29.71 -19.17 41.74
C ASP M 48 30.79 -19.07 40.66
N LYS M 49 30.54 -19.60 39.47
CA LYS M 49 31.54 -19.68 38.42
C LYS M 49 31.07 -19.05 37.11
N THR M 50 29.93 -18.36 37.11
CA THR M 50 29.38 -17.83 35.86
C THR M 50 28.57 -16.57 36.14
N VAL M 51 28.93 -15.48 35.45
CA VAL M 51 28.11 -14.27 35.42
C VAL M 51 27.76 -13.97 33.98
N ILE M 52 26.54 -13.49 33.75
CA ILE M 52 25.98 -13.34 32.41
C ILE M 52 25.81 -11.85 32.13
N GLY M 53 25.90 -11.47 30.87
CA GLY M 53 25.64 -10.10 30.44
C GLY M 53 24.44 -10.08 29.52
N CYS M 54 23.56 -9.11 29.72
CA CYS M 54 22.31 -9.02 28.98
C CYS M 54 22.21 -7.65 28.31
N SER M 55 21.99 -7.66 27.00
CA SER M 55 21.76 -6.44 26.24
C SER M 55 20.57 -6.64 25.33
N GLY M 56 19.94 -5.52 24.94
CA GLY M 56 18.82 -5.55 24.02
C GLY M 56 17.56 -4.99 24.68
N PHE M 57 16.43 -5.63 24.38
CA PHE M 57 15.16 -5.24 24.97
C PHE M 57 15.13 -5.65 26.43
N HIS M 58 14.73 -4.72 27.30
CA HIS M 58 14.92 -4.95 28.74
C HIS M 58 13.90 -5.92 29.33
N GLY M 59 12.69 -5.97 28.76
CA GLY M 59 11.70 -6.90 29.29
C GLY M 59 12.07 -8.35 29.08
N ASP M 60 12.63 -8.67 27.92
CA ASP M 60 13.17 -9.99 27.69
C ASP M 60 14.43 -10.23 28.50
N CYS M 61 15.19 -9.17 28.79
CA CYS M 61 16.37 -9.31 29.64
C CYS M 61 15.99 -9.66 31.07
N LEU M 62 14.83 -9.23 31.53
CA LEU M 62 14.37 -9.64 32.86
C LEU M 62 13.76 -11.03 32.83
N THR M 63 12.91 -11.30 31.84
CA THR M 63 12.18 -12.56 31.77
C THR M 63 13.10 -13.75 31.57
N LEU M 64 14.10 -13.60 30.70
CA LEU M 64 15.04 -14.67 30.41
C LEU M 64 15.89 -15.02 31.63
N THR M 65 16.27 -14.01 32.42
CA THR M 65 17.05 -14.31 33.60
C THR M 65 16.22 -14.91 34.71
N LYS M 66 14.93 -14.58 34.79
CA LYS M 66 14.08 -15.30 35.73
C LYS M 66 13.92 -16.77 35.32
N ILE M 67 13.91 -17.03 34.02
CA ILE M 67 13.85 -18.41 33.52
C ILE M 67 15.15 -19.16 33.83
N ILE M 68 16.30 -18.51 33.64
CA ILE M 68 17.58 -19.18 33.87
C ILE M 68 17.78 -19.47 35.35
N GLU M 69 17.42 -18.53 36.23
CA GLU M 69 17.54 -18.80 37.65
C GLU M 69 16.51 -19.82 38.13
N ALA M 70 15.42 -20.02 37.39
CA ALA M 70 14.55 -21.16 37.67
C ALA M 70 15.22 -22.47 37.26
N ARG M 71 15.80 -22.50 36.05
CA ARG M 71 16.34 -23.73 35.51
C ARG M 71 17.58 -24.20 36.25
N LEU M 72 18.40 -23.26 36.75
CA LEU M 72 19.56 -23.61 37.57
C LEU M 72 19.13 -24.32 38.84
N LYS M 73 18.02 -23.88 39.44
CA LYS M 73 17.60 -24.47 40.69
C LYS M 73 16.92 -25.80 40.45
N MET M 74 16.20 -25.96 39.34
CA MET M 74 15.73 -27.29 38.92
C MET M 74 16.90 -28.26 38.70
N TYR M 75 17.99 -27.78 38.09
CA TYR M 75 19.19 -28.59 37.91
C TYR M 75 19.78 -29.02 39.24
N LYS M 76 19.91 -28.08 40.17
CA LYS M 76 20.51 -28.43 41.46
C LYS M 76 19.60 -29.34 42.26
N HIS M 77 18.28 -29.25 42.05
CA HIS M 77 17.35 -30.19 42.66
C HIS M 77 17.51 -31.59 42.09
N SER M 78 17.72 -31.71 40.78
CA SER M 78 17.65 -33.02 40.15
C SER M 78 19.01 -33.68 39.94
N ASN M 79 20.11 -32.93 39.94
CA ASN M 79 21.43 -33.46 39.64
C ASN M 79 22.42 -33.37 40.78
N ASN M 80 22.07 -32.64 41.85
CA ASN M 80 22.86 -32.54 43.08
C ASN M 80 24.24 -31.92 42.83
N LYS M 81 24.31 -30.94 41.94
CA LYS M 81 25.53 -30.16 41.72
C LYS M 81 25.15 -28.85 41.06
N ALA M 82 26.09 -27.91 41.06
CA ALA M 82 25.92 -26.70 40.28
C ALA M 82 26.33 -26.93 38.82
N MET M 83 25.79 -26.12 37.93
CA MET M 83 26.09 -26.28 36.51
C MET M 83 27.48 -25.76 36.18
N THR M 84 28.08 -26.36 35.15
CA THR M 84 29.30 -25.82 34.57
C THR M 84 28.95 -24.63 33.66
N THR M 85 30.00 -23.98 33.15
CA THR M 85 29.77 -22.87 32.24
C THR M 85 29.24 -23.36 30.89
N GLY M 86 29.80 -24.46 30.38
CA GLY M 86 29.32 -25.04 29.15
C GLY M 86 27.92 -25.59 29.25
N ALA M 87 27.55 -26.09 30.42
CA ALA M 87 26.19 -26.59 30.62
C ALA M 87 25.18 -25.45 30.59
N ILE M 88 25.54 -24.30 31.19
CA ILE M 88 24.67 -23.14 31.16
C ILE M 88 24.52 -22.62 29.75
N ALA M 89 25.62 -22.59 28.99
CA ALA M 89 25.54 -22.13 27.60
C ALA M 89 24.71 -23.06 26.74
N ALA M 90 24.87 -24.36 26.92
CA ALA M 90 24.11 -25.32 26.14
C ALA M 90 22.64 -25.29 26.52
N MET M 91 22.35 -24.98 27.79
CA MET M 91 20.95 -24.84 28.21
C MET M 91 20.33 -23.59 27.61
N LEU M 92 21.07 -22.48 27.63
CA LEU M 92 20.53 -21.22 27.17
C LEU M 92 20.39 -21.19 25.66
N SER M 93 21.18 -21.98 24.94
CA SER M 93 20.97 -22.10 23.50
C SER M 93 19.64 -22.75 23.17
N THR M 94 19.25 -23.78 23.92
CA THR M 94 17.95 -24.41 23.72
C THR M 94 16.82 -23.49 24.17
N ILE M 95 17.04 -22.76 25.27
CA ILE M 95 16.02 -21.84 25.76
C ILE M 95 15.77 -20.71 24.77
N LEU M 96 16.84 -20.14 24.20
CA LEU M 96 16.68 -19.11 23.20
C LEU M 96 16.07 -19.67 21.91
N TYR M 97 16.39 -20.92 21.54
CA TYR M 97 15.82 -21.40 20.29
C TYR M 97 14.36 -21.77 20.45
N SER M 98 13.94 -22.24 21.63
CA SER M 98 12.56 -22.68 21.82
C SER M 98 11.56 -21.53 21.68
N ARG M 99 12.00 -20.29 21.85
CA ARG M 99 11.27 -19.11 21.41
C ARG M 99 11.78 -18.68 20.02
N ARG M 100 11.54 -19.53 19.02
CA ARG M 100 12.10 -19.26 17.70
C ARG M 100 11.36 -18.13 16.98
N PHE M 101 10.03 -18.21 16.93
CA PHE M 101 9.27 -17.36 16.04
C PHE M 101 8.62 -16.18 16.74
N PHE M 102 9.06 -15.85 17.96
CA PHE M 102 8.89 -14.51 18.52
C PHE M 102 10.08 -14.24 19.44
N PRO M 103 11.27 -14.05 18.87
CA PRO M 103 12.51 -14.31 19.59
C PRO M 103 12.79 -13.33 20.72
N TYR M 104 13.48 -13.83 21.75
CA TYR M 104 14.03 -12.98 22.78
C TYR M 104 15.05 -12.05 22.15
N TYR M 105 14.76 -10.75 22.09
CA TYR M 105 15.72 -9.79 21.53
C TYR M 105 16.78 -9.48 22.58
N VAL M 106 17.60 -10.49 22.85
CA VAL M 106 18.63 -10.46 23.87
C VAL M 106 19.92 -10.97 23.24
N TYR M 107 21.01 -10.25 23.43
CA TYR M 107 22.34 -10.71 23.06
C TYR M 107 23.03 -11.12 24.35
N ASN M 108 23.07 -12.42 24.61
CA ASN M 108 23.64 -12.94 25.84
C ASN M 108 25.14 -13.12 25.68
N ILE M 109 25.88 -12.74 26.71
CA ILE M 109 27.31 -12.99 26.77
C ILE M 109 27.58 -13.65 28.12
N ILE M 110 27.83 -14.95 28.10
CA ILE M 110 28.14 -15.68 29.32
C ILE M 110 29.65 -15.64 29.54
N GLY M 111 30.06 -15.17 30.71
CA GLY M 111 31.44 -15.20 31.11
C GLY M 111 31.61 -16.04 32.35
N GLY M 112 32.76 -16.68 32.47
CA GLY M 112 33.06 -17.40 33.69
C GLY M 112 34.21 -18.35 33.51
N LEU M 113 34.38 -19.21 34.50
CA LEU M 113 35.37 -20.26 34.46
C LEU M 113 34.73 -21.58 34.05
N ASP M 114 35.45 -22.37 33.28
CA ASP M 114 35.07 -23.76 33.05
C ASP M 114 35.54 -24.63 34.22
N GLU M 115 35.53 -25.95 34.06
CA GLU M 115 35.99 -26.79 35.14
C GLU M 115 37.50 -26.89 35.22
N GLU M 116 38.22 -26.51 34.17
CA GLU M 116 39.68 -26.54 34.19
C GLU M 116 40.30 -25.26 34.70
N GLY M 117 39.50 -24.30 35.14
CA GLY M 117 40.05 -23.08 35.71
C GLY M 117 40.48 -22.04 34.71
N LYS M 118 40.05 -22.14 33.45
CA LYS M 118 40.35 -21.12 32.46
C LYS M 118 39.13 -20.29 32.14
N GLY M 119 39.38 -19.08 31.63
CA GLY M 119 38.29 -18.20 31.26
C GLY M 119 37.58 -18.71 30.01
N ALA M 120 36.26 -18.56 30.01
CA ALA M 120 35.44 -18.92 28.87
C ALA M 120 34.40 -17.84 28.65
N VAL M 121 34.32 -17.33 27.43
CA VAL M 121 33.31 -16.36 27.05
C VAL M 121 32.45 -16.98 25.95
N TYR M 122 31.14 -16.97 26.15
CA TYR M 122 30.18 -17.59 25.25
C TYR M 122 29.23 -16.51 24.76
N SER M 123 29.28 -16.20 23.47
CA SER M 123 28.58 -15.05 22.91
C SER M 123 27.47 -15.50 21.99
N PHE M 124 26.25 -15.04 22.26
CA PHE M 124 25.06 -15.66 21.68
C PHE M 124 24.36 -14.66 20.77
N ASP M 125 23.46 -15.19 19.94
CA ASP M 125 22.58 -14.35 19.14
C ASP M 125 21.18 -14.46 19.73
N PRO M 126 20.16 -13.71 19.26
CA PRO M 126 18.79 -13.93 19.76
C PRO M 126 18.21 -15.29 19.46
N VAL M 127 18.68 -15.98 18.43
CA VAL M 127 18.07 -17.24 18.02
C VAL M 127 18.92 -18.44 18.40
N GLY M 128 19.92 -18.26 19.25
CA GLY M 128 20.48 -19.37 19.99
C GLY M 128 21.75 -19.99 19.47
N SER M 129 22.27 -19.55 18.33
CA SER M 129 23.59 -20.00 17.90
C SER M 129 24.66 -19.43 18.82
N TYR M 130 25.71 -20.22 19.06
CA TYR M 130 26.65 -19.80 20.08
C TYR M 130 28.05 -20.27 19.73
N GLN M 131 29.03 -19.58 20.28
CA GLN M 131 30.43 -19.90 20.03
C GLN M 131 31.28 -19.44 21.19
N ARG M 132 32.43 -20.07 21.35
CA ARG M 132 33.39 -19.69 22.37
C ARG M 132 34.40 -18.71 21.79
N ASP M 133 34.67 -17.64 22.53
CA ASP M 133 35.63 -16.63 22.12
C ASP M 133 36.60 -16.35 23.25
N SER M 134 37.64 -15.58 22.94
CA SER M 134 38.54 -15.07 23.98
C SER M 134 38.05 -13.74 24.52
N PHE M 135 37.38 -12.95 23.69
CA PHE M 135 36.88 -11.64 24.08
C PHE M 135 35.72 -11.31 23.15
N LYS M 136 34.77 -10.54 23.67
CA LYS M 136 33.63 -10.18 22.86
C LYS M 136 32.96 -8.92 23.42
N ALA M 137 32.63 -7.99 22.53
CA ALA M 137 31.77 -6.87 22.87
C ALA M 137 30.42 -7.05 22.19
N GLY M 138 29.37 -6.53 22.83
CA GLY M 138 28.02 -6.68 22.33
C GLY M 138 27.21 -5.44 22.61
N GLY M 139 25.97 -5.47 22.15
CA GLY M 139 25.07 -4.38 22.42
C GLY M 139 25.24 -3.23 21.45
N SER M 140 25.05 -2.01 21.97
CA SER M 140 24.94 -0.82 21.12
C SER M 140 26.30 -0.40 20.57
N ALA M 141 27.30 -0.25 21.45
CA ALA M 141 28.59 0.32 21.08
C ALA M 141 29.62 -0.74 20.70
N SER M 142 29.19 -1.87 20.11
CA SER M 142 30.09 -2.98 19.85
C SER M 142 31.11 -2.66 18.75
N ALA M 143 30.69 -1.91 17.72
CA ALA M 143 31.56 -1.64 16.58
C ALA M 143 32.66 -0.65 16.89
N MET M 144 32.59 0.03 18.04
CA MET M 144 33.65 0.91 18.47
C MET M 144 34.70 0.20 19.32
N LEU M 145 34.28 -0.81 20.08
CA LEU M 145 35.19 -1.50 20.98
C LEU M 145 35.85 -2.69 20.32
N GLN M 146 35.13 -3.41 19.46
CA GLN M 146 35.65 -4.64 18.90
C GLN M 146 36.87 -4.47 17.98
N PRO M 147 37.00 -3.43 17.14
CA PRO M 147 38.30 -3.23 16.47
C PRO M 147 39.47 -2.95 17.39
N LEU M 148 39.25 -2.19 18.48
CA LEU M 148 40.36 -1.90 19.39
C LEU M 148 40.77 -3.14 20.15
N LEU M 149 39.81 -3.99 20.51
CA LEU M 149 40.16 -5.24 21.16
C LEU M 149 40.75 -6.24 20.18
N ASP M 150 40.42 -6.12 18.90
CA ASP M 150 41.17 -6.85 17.88
C ASP M 150 42.62 -6.37 17.82
N ASN M 151 42.84 -5.08 18.02
CA ASN M 151 44.20 -4.55 17.99
C ASN M 151 44.98 -4.97 19.22
N GLN M 152 44.33 -5.03 20.39
CA GLN M 152 45.07 -5.19 21.63
C GLN M 152 45.07 -6.61 22.20
N VAL M 153 44.00 -7.37 22.01
CA VAL M 153 43.92 -8.72 22.57
C VAL M 153 44.37 -9.77 21.56
N GLY M 154 43.83 -9.74 20.35
CA GLY M 154 44.28 -10.64 19.31
C GLY M 154 45.53 -10.18 18.58
N PHE M 155 45.97 -8.95 18.84
CA PHE M 155 47.19 -8.34 18.27
C PHE M 155 47.18 -8.29 16.76
N LYS M 156 46.01 -8.01 16.17
CA LYS M 156 45.90 -7.87 14.73
C LYS M 156 46.54 -6.55 14.27
N ASN M 157 47.09 -6.58 13.04
CA ASN M 157 47.69 -5.47 12.32
C ASN M 157 48.92 -4.88 13.01
N MET M 158 49.53 -5.59 13.95
CA MET M 158 50.77 -5.15 14.59
C MET M 158 51.91 -6.02 14.12
N GLN M 159 52.99 -5.39 13.65
CA GLN M 159 54.25 -6.07 13.42
C GLN M 159 55.21 -5.73 14.54
N ASN M 160 56.09 -6.69 14.85
CA ASN M 160 57.12 -6.59 15.91
C ASN M 160 56.49 -6.32 17.28
N VAL M 161 55.56 -7.19 17.68
CA VAL M 161 55.00 -7.16 19.02
C VAL M 161 55.02 -8.58 19.58
N GLU M 162 55.17 -8.68 20.89
CA GLU M 162 55.16 -9.97 21.56
C GLU M 162 53.75 -10.32 22.01
N HIS M 163 53.31 -11.54 21.68
CA HIS M 163 51.96 -12.01 22.02
C HIS M 163 51.95 -12.49 23.47
N VAL M 164 51.91 -11.54 24.38
CA VAL M 164 51.94 -11.83 25.82
C VAL M 164 50.55 -12.30 26.24
N PRO M 165 50.44 -13.27 27.16
CA PRO M 165 49.13 -13.55 27.75
C PRO M 165 48.66 -12.41 28.63
N LEU M 166 47.34 -12.21 28.66
CA LEU M 166 46.76 -11.03 29.27
C LEU M 166 46.67 -11.22 30.78
N SER M 167 47.41 -10.40 31.52
CA SER M 167 47.27 -10.34 32.97
C SER M 167 46.05 -9.49 33.33
N LEU M 168 45.76 -9.44 34.64
CA LEU M 168 44.55 -8.81 35.12
C LEU M 168 44.60 -7.30 34.97
N ASP M 169 45.76 -6.69 35.26
CA ASP M 169 45.86 -5.24 35.29
C ASP M 169 45.76 -4.62 33.90
N ARG M 170 46.42 -5.23 32.91
CA ARG M 170 46.35 -4.70 31.55
C ARG M 170 44.96 -4.88 30.97
N ALA M 171 44.27 -5.97 31.36
CA ALA M 171 42.90 -6.19 30.92
C ALA M 171 41.94 -5.18 31.53
N MET M 172 42.05 -4.90 32.84
CA MET M 172 41.11 -3.96 33.44
C MET M 172 41.37 -2.54 32.98
N ARG M 173 42.65 -2.18 32.75
CA ARG M 173 42.95 -0.89 32.14
C ARG M 173 42.37 -0.80 30.73
N LEU M 174 42.38 -1.92 30.00
CA LEU M 174 41.79 -1.96 28.67
C LEU M 174 40.28 -1.76 28.71
N VAL M 175 39.57 -2.40 29.65
CA VAL M 175 38.12 -2.23 29.75
C VAL M 175 37.77 -0.79 30.09
N LYS M 176 38.50 -0.19 31.04
CA LYS M 176 38.20 1.17 31.42
C LYS M 176 38.51 2.16 30.30
N ASP M 177 39.60 1.91 29.54
CA ASP M 177 39.94 2.78 28.44
C ASP M 177 38.92 2.68 27.30
N VAL M 178 38.48 1.46 26.96
CA VAL M 178 37.53 1.34 25.86
C VAL M 178 36.15 1.83 26.27
N PHE M 179 35.81 1.76 27.56
CA PHE M 179 34.53 2.35 27.96
C PHE M 179 34.57 3.86 28.09
N ILE M 180 35.73 4.46 28.36
CA ILE M 180 35.83 5.91 28.19
C ILE M 180 35.70 6.28 26.71
N SER M 181 36.27 5.44 25.84
CA SER M 181 36.13 5.66 24.40
C SER M 181 34.69 5.49 23.94
N ALA M 182 33.96 4.53 24.49
CA ALA M 182 32.56 4.34 24.13
C ALA M 182 31.67 5.45 24.69
N ALA M 183 32.02 5.96 25.88
CA ALA M 183 31.25 7.05 26.45
C ALA M 183 31.48 8.36 25.72
N GLU M 184 32.65 8.54 25.09
CA GLU M 184 32.86 9.77 24.34
C GLU M 184 32.02 9.88 23.07
N ARG M 185 31.78 8.78 22.38
CA ARG M 185 31.16 8.89 21.06
C ARG M 185 29.79 8.24 20.92
N ASP M 186 29.43 7.28 21.77
CA ASP M 186 28.10 6.71 21.71
C ASP M 186 27.19 7.39 22.72
N VAL M 187 25.96 7.70 22.30
CA VAL M 187 25.02 8.35 23.19
C VAL M 187 24.48 7.38 24.24
N TYR M 188 24.51 6.07 23.97
CA TYR M 188 23.77 5.13 24.81
C TYR M 188 24.55 4.64 26.01
N THR M 189 25.86 4.78 26.02
CA THR M 189 26.70 4.20 27.07
C THR M 189 27.20 5.29 28.01
N GLY M 190 27.01 5.09 29.30
CA GLY M 190 27.56 6.03 30.27
C GLY M 190 26.96 5.85 31.64
N ASP M 191 27.20 6.86 32.47
CA ASP M 191 26.69 7.20 33.79
C ASP M 191 27.28 6.36 34.92
N ALA M 192 27.94 5.24 34.64
CA ALA M 192 28.63 4.38 35.60
C ALA M 192 29.32 3.27 34.82
N LEU M 193 30.08 2.46 35.54
CA LEU M 193 30.61 1.21 35.02
C LEU M 193 30.64 0.18 36.13
N ARG M 194 30.04 -0.98 35.89
CA ARG M 194 30.05 -2.09 36.81
C ARG M 194 30.83 -3.23 36.19
N ILE M 195 31.85 -3.72 36.89
CA ILE M 195 32.81 -4.67 36.36
C ILE M 195 32.82 -5.90 37.27
N CYS M 196 32.51 -7.07 36.71
CA CYS M 196 32.54 -8.31 37.45
C CYS M 196 33.73 -9.15 37.00
N ILE M 197 34.58 -9.53 37.94
CA ILE M 197 35.75 -10.35 37.68
C ILE M 197 35.53 -11.71 38.33
N VAL M 198 35.52 -12.76 37.52
CA VAL M 198 35.35 -14.12 38.01
C VAL M 198 36.71 -14.76 38.16
N THR M 199 37.08 -15.07 39.41
CA THR M 199 38.33 -15.74 39.68
C THR M 199 37.98 -16.96 40.53
N LYS M 200 38.98 -17.68 41.05
CA LYS M 200 38.72 -18.87 41.85
C LYS M 200 38.10 -18.53 43.19
N GLU M 201 38.54 -17.42 43.80
CA GLU M 201 38.08 -17.08 45.14
C GLU M 201 36.62 -16.64 45.15
N GLY M 202 36.13 -16.09 44.05
CA GLY M 202 34.78 -15.59 43.97
C GLY M 202 34.68 -14.48 42.96
N ILE M 203 33.60 -13.70 43.08
CA ILE M 203 33.25 -12.68 42.11
C ILE M 203 33.39 -11.32 42.78
N ARG M 204 34.12 -10.42 42.13
CA ARG M 204 34.46 -9.12 42.69
C ARG M 204 33.88 -8.02 41.80
N GLU M 205 33.62 -6.87 42.39
CA GLU M 205 32.95 -5.78 41.70
C GLU M 205 33.74 -4.48 41.83
N GLU M 206 33.70 -3.66 40.80
CA GLU M 206 34.25 -2.31 40.84
C GLU M 206 33.30 -1.33 40.17
N THR M 207 33.37 -0.07 40.60
CA THR M 207 32.51 0.98 40.09
C THR M 207 33.37 2.15 39.62
N VAL M 208 33.16 2.57 38.37
CA VAL M 208 33.85 3.69 37.76
C VAL M 208 32.80 4.56 37.07
N SER M 209 32.86 5.87 37.30
CA SER M 209 31.95 6.78 36.65
C SER M 209 32.27 6.95 35.17
N LEU M 210 31.28 7.42 34.40
CA LEU M 210 31.45 7.80 33.00
C LEU M 210 30.82 9.16 32.75
N ARG M 211 30.76 9.53 31.46
CA ARG M 211 30.20 10.79 31.03
C ARG M 211 28.70 10.89 31.31
N LYS M 212 28.28 12.04 31.84
CA LYS M 212 26.92 12.27 32.26
C LYS M 212 26.05 12.94 31.20
N ASP M 213 26.46 12.95 29.94
CA ASP M 213 25.65 13.63 28.93
C ASP M 213 24.95 12.69 27.94
N THR N 1 -27.48 11.04 15.79
CA THR N 1 -27.21 10.23 16.97
C THR N 1 -26.85 11.13 18.12
N THR N 2 -27.80 11.41 19.01
CA THR N 2 -27.53 12.22 20.19
C THR N 2 -28.39 11.71 21.33
N ILE N 3 -27.74 11.17 22.35
CA ILE N 3 -28.41 10.63 23.52
C ILE N 3 -27.94 11.42 24.72
N MET N 4 -28.79 11.50 25.74
CA MET N 4 -28.47 12.33 26.88
C MET N 4 -29.26 11.85 28.08
N ALA N 5 -28.60 11.77 29.22
CA ALA N 5 -29.26 11.43 30.46
C ALA N 5 -28.87 12.43 31.52
N VAL N 6 -29.82 12.83 32.35
CA VAL N 6 -29.58 13.84 33.38
C VAL N 6 -30.13 13.33 34.69
N GLN N 7 -29.28 13.26 35.70
CA GLN N 7 -29.66 12.86 37.05
C GLN N 7 -30.29 14.03 37.79
N PHE N 8 -31.47 13.79 38.38
CA PHE N 8 -32.09 14.76 39.28
C PHE N 8 -32.45 14.04 40.59
N ASP N 9 -33.03 14.78 41.53
CA ASP N 9 -33.36 14.19 42.83
C ASP N 9 -34.57 13.30 42.68
N GLY N 10 -34.38 11.99 42.82
CA GLY N 10 -35.46 11.05 42.76
C GLY N 10 -35.53 10.25 41.48
N GLY N 11 -34.65 10.53 40.51
CA GLY N 11 -34.65 9.74 39.30
C GLY N 11 -33.77 10.39 38.24
N VAL N 12 -33.89 9.86 37.03
CA VAL N 12 -33.13 10.38 35.90
C VAL N 12 -34.08 10.71 34.75
N VAL N 13 -33.64 11.63 33.90
CA VAL N 13 -34.33 12.01 32.68
C VAL N 13 -33.44 11.63 31.52
N LEU N 14 -33.97 10.85 30.58
CA LEU N 14 -33.20 10.47 29.41
C LEU N 14 -33.73 11.21 28.21
N GLY N 15 -32.92 11.28 27.18
CA GLY N 15 -33.35 11.87 25.93
C GLY N 15 -32.57 11.28 24.78
N ALA N 16 -33.22 11.24 23.62
CA ALA N 16 -32.56 10.69 22.44
C ALA N 16 -33.23 11.25 21.20
N ASP N 17 -32.46 11.35 20.11
CA ASP N 17 -33.06 11.71 18.84
C ASP N 17 -33.64 10.48 18.17
N SER N 18 -34.02 10.59 16.90
CA SER N 18 -34.66 9.45 16.24
C SER N 18 -34.20 9.28 14.81
N ARG N 19 -32.96 9.60 14.48
CA ARG N 19 -32.49 9.53 13.10
C ARG N 19 -31.34 8.55 12.98
N THR N 20 -31.53 7.51 12.17
CA THR N 20 -30.52 6.47 11.96
C THR N 20 -30.13 6.50 10.50
N THR N 21 -28.90 6.91 10.22
CA THR N 21 -28.44 7.11 8.85
C THR N 21 -27.44 6.05 8.45
N THR N 22 -27.50 5.67 7.18
CA THR N 22 -26.50 4.82 6.54
C THR N 22 -25.89 5.66 5.42
N GLY N 23 -24.67 6.10 5.63
CA GLY N 23 -24.13 7.13 4.75
C GLY N 23 -24.80 8.45 5.08
N SER N 24 -25.38 9.09 4.08
CA SER N 24 -26.10 10.33 4.27
C SER N 24 -27.57 10.19 3.90
N TYR N 25 -28.07 8.96 3.85
CA TYR N 25 -29.49 8.68 3.66
C TYR N 25 -30.09 8.22 4.97
N ILE N 26 -31.22 8.81 5.35
CA ILE N 26 -31.89 8.48 6.61
C ILE N 26 -32.56 7.13 6.45
N ALA N 27 -32.05 6.13 7.13
CA ALA N 27 -32.63 4.79 6.99
C ALA N 27 -33.90 4.65 7.80
N ASN N 28 -33.97 5.29 8.95
CA ASN N 28 -35.14 5.25 9.80
C ASN N 28 -35.22 6.57 10.52
N ARG N 29 -36.38 7.21 10.46
CA ARG N 29 -36.56 8.51 11.09
C ARG N 29 -37.51 8.45 12.28
N VAL N 30 -37.89 7.26 12.74
CA VAL N 30 -38.64 7.12 14.00
C VAL N 30 -38.01 6.08 14.91
N THR N 31 -36.68 5.93 14.84
CA THR N 31 -35.94 4.98 15.66
C THR N 31 -36.14 5.24 17.14
N ASP N 32 -36.39 4.17 17.90
CA ASP N 32 -36.53 4.23 19.35
C ASP N 32 -35.19 3.84 19.94
N LYS N 33 -34.54 4.76 20.65
CA LYS N 33 -33.17 4.57 21.10
C LYS N 33 -33.05 4.33 22.60
N LEU N 34 -34.15 4.06 23.29
CA LEU N 34 -34.11 3.77 24.71
C LEU N 34 -34.55 2.33 24.94
N THR N 35 -33.64 1.48 25.39
CA THR N 35 -33.93 0.07 25.51
C THR N 35 -34.12 -0.29 26.97
N PRO N 36 -35.26 -0.85 27.38
CA PRO N 36 -35.42 -1.27 28.78
C PRO N 36 -34.64 -2.54 29.08
N ILE N 37 -33.63 -2.40 29.94
CA ILE N 37 -32.86 -3.55 30.39
C ILE N 37 -33.56 -4.22 31.56
N HIS N 38 -34.26 -3.45 32.38
CA HIS N 38 -35.18 -4.00 33.36
C HIS N 38 -36.34 -3.01 33.43
N ASP N 39 -37.09 -3.04 34.51
CA ASP N 39 -38.26 -2.17 34.67
C ASP N 39 -37.85 -0.70 34.66
N ARG N 40 -36.91 -0.34 35.50
CA ARG N 40 -36.52 1.05 35.69
C ARG N 40 -35.05 1.28 35.36
N ILE N 41 -34.51 0.54 34.39
CA ILE N 41 -33.12 0.71 33.97
C ILE N 41 -33.11 0.76 32.45
N PHE N 42 -32.67 1.88 31.89
CA PHE N 42 -32.61 2.05 30.44
C PHE N 42 -31.17 2.20 30.00
N CYS N 43 -30.83 1.58 28.88
CA CYS N 43 -29.53 1.79 28.28
C CYS N 43 -29.71 2.49 26.95
N CYS N 44 -28.73 3.28 26.56
CA CYS N 44 -28.79 4.05 25.33
C CYS N 44 -27.71 3.60 24.37
N ARG N 45 -28.03 3.61 23.09
CA ARG N 45 -27.28 2.91 22.07
C ARG N 45 -26.70 3.91 21.08
N SER N 46 -25.39 4.14 21.16
CA SER N 46 -24.69 5.00 20.22
C SER N 46 -23.44 4.29 19.74
N GLY N 47 -23.13 4.45 18.46
CA GLY N 47 -22.03 3.71 17.86
C GLY N 47 -22.49 2.66 16.87
N SER N 48 -21.91 1.46 16.96
CA SER N 48 -22.28 0.37 16.07
C SER N 48 -23.69 -0.12 16.37
N ALA N 49 -24.51 -0.23 15.33
CA ALA N 49 -25.92 -0.56 15.51
C ALA N 49 -26.12 -2.02 15.90
N ALA N 50 -25.21 -2.90 15.49
CA ALA N 50 -25.36 -4.32 15.82
C ALA N 50 -25.02 -4.60 17.28
N ASP N 51 -23.89 -4.06 17.75
CA ASP N 51 -23.30 -4.48 19.00
C ASP N 51 -24.12 -4.02 20.20
N THR N 52 -24.64 -2.80 20.15
CA THR N 52 -25.40 -2.27 21.27
C THR N 52 -26.77 -2.92 21.41
N GLN N 53 -27.26 -3.61 20.37
CA GLN N 53 -28.44 -4.45 20.52
C GLN N 53 -28.05 -5.89 20.86
N ALA N 54 -26.84 -6.31 20.50
CA ALA N 54 -26.44 -7.69 20.71
C ALA N 54 -25.97 -7.94 22.13
N VAL N 55 -25.24 -7.00 22.72
CA VAL N 55 -24.79 -7.14 24.10
C VAL N 55 -25.97 -6.96 25.04
N ALA N 56 -26.90 -6.08 24.69
CA ALA N 56 -28.00 -5.72 25.58
C ALA N 56 -28.93 -6.88 25.82
N ASP N 57 -29.05 -7.81 24.86
CA ASP N 57 -29.85 -9.01 25.10
C ASP N 57 -29.19 -9.92 26.12
N ALA N 58 -27.87 -10.03 26.07
CA ALA N 58 -27.15 -10.85 27.05
C ALA N 58 -27.23 -10.23 28.43
N VAL N 59 -27.15 -8.91 28.51
CA VAL N 59 -27.20 -8.25 29.81
C VAL N 59 -28.62 -8.30 30.37
N THR N 60 -29.64 -8.16 29.51
CA THR N 60 -31.02 -8.31 29.95
C THR N 60 -31.29 -9.71 30.47
N TYR N 61 -30.73 -10.72 29.80
CA TYR N 61 -30.85 -12.11 30.25
C TYR N 61 -30.23 -12.32 31.62
N GLN N 62 -28.97 -11.90 31.77
CA GLN N 62 -28.25 -12.13 33.03
C GLN N 62 -28.87 -11.35 34.16
N LEU N 63 -29.31 -10.13 33.89
CA LEU N 63 -29.85 -9.28 34.93
C LEU N 63 -31.24 -9.73 35.34
N GLY N 64 -32.04 -10.25 34.40
CA GLY N 64 -33.35 -10.77 34.77
C GLY N 64 -33.26 -12.04 35.60
N PHE N 65 -32.39 -12.97 35.20
CA PHE N 65 -32.22 -14.19 35.97
C PHE N 65 -31.59 -13.92 37.34
N HIS N 66 -30.66 -12.98 37.39
CA HIS N 66 -30.08 -12.52 38.65
C HIS N 66 -31.13 -11.89 39.56
N SER N 67 -32.03 -11.09 39.00
CA SER N 67 -33.08 -10.47 39.80
C SER N 67 -34.11 -11.47 40.27
N ILE N 68 -34.37 -12.52 39.50
CA ILE N 68 -35.26 -13.59 39.97
C ILE N 68 -34.66 -14.32 41.14
N GLU N 69 -33.36 -14.65 41.05
CA GLU N 69 -32.73 -15.41 42.14
C GLU N 69 -32.58 -14.56 43.40
N LEU N 70 -32.18 -13.31 43.26
CA LEU N 70 -31.93 -12.54 44.47
C LEU N 70 -33.18 -11.95 45.09
N ASN N 71 -34.34 -12.07 44.43
CA ASN N 71 -35.65 -11.62 44.93
C ASN N 71 -35.64 -10.13 45.28
N GLU N 72 -35.22 -9.33 44.32
CA GLU N 72 -35.08 -7.89 44.53
C GLU N 72 -35.18 -7.20 43.18
N PRO N 73 -35.49 -5.91 43.17
CA PRO N 73 -35.24 -5.12 41.97
C PRO N 73 -33.75 -4.91 41.80
N PRO N 74 -33.22 -5.12 40.61
CA PRO N 74 -31.77 -5.12 40.43
C PRO N 74 -31.21 -3.71 40.42
N LEU N 75 -29.94 -3.62 40.80
CA LEU N 75 -29.32 -2.32 40.95
C LEU N 75 -28.94 -1.76 39.58
N VAL N 76 -28.76 -0.44 39.53
CA VAL N 76 -28.26 0.17 38.31
C VAL N 76 -26.77 -0.05 38.18
N HIS N 77 -26.06 -0.09 39.30
CA HIS N 77 -24.63 -0.33 39.25
C HIS N 77 -24.33 -1.75 38.80
N THR N 78 -25.19 -2.70 39.13
CA THR N 78 -25.07 -4.06 38.62
C THR N 78 -25.23 -4.09 37.11
N ALA N 79 -26.22 -3.36 36.60
CA ALA N 79 -26.44 -3.28 35.18
C ALA N 79 -25.31 -2.56 34.47
N ALA N 80 -24.61 -1.67 35.17
CA ALA N 80 -23.45 -1.05 34.54
C ALA N 80 -22.24 -1.97 34.56
N SER N 81 -22.08 -2.75 35.64
CA SER N 81 -20.92 -3.65 35.71
C SER N 81 -21.06 -4.81 34.75
N LEU N 82 -22.28 -5.27 34.47
CA LEU N 82 -22.45 -6.31 33.46
C LEU N 82 -22.14 -5.81 32.06
N PHE N 83 -22.22 -4.51 31.80
CA PHE N 83 -21.73 -3.96 30.54
C PHE N 83 -20.23 -3.71 30.58
N LYS N 84 -19.72 -3.25 31.72
CA LYS N 84 -18.30 -2.96 31.86
C LYS N 84 -17.45 -4.22 31.71
N GLU N 85 -17.96 -5.37 32.14
CA GLU N 85 -17.25 -6.62 31.90
C GLU N 85 -17.28 -6.99 30.42
N MET N 86 -18.47 -7.01 29.85
CA MET N 86 -18.69 -7.62 28.55
CA MET N 86 -18.68 -7.64 28.55
C MET N 86 -18.17 -6.76 27.41
N CYS N 87 -18.42 -5.45 27.46
CA CYS N 87 -17.92 -4.57 26.42
C CYS N 87 -16.42 -4.40 26.50
N TYR N 88 -15.79 -4.74 27.62
CA TYR N 88 -14.33 -4.81 27.72
C TYR N 88 -13.80 -6.11 27.17
N ARG N 89 -14.53 -7.20 27.39
CA ARG N 89 -14.07 -8.52 26.98
C ARG N 89 -14.04 -8.66 25.46
N TYR N 90 -14.90 -7.92 24.76
CA TYR N 90 -14.98 -7.96 23.30
C TYR N 90 -14.68 -6.60 22.68
N ARG N 91 -13.82 -5.81 23.32
CA ARG N 91 -13.73 -4.37 23.00
C ARG N 91 -13.13 -4.11 21.63
N GLU N 92 -12.33 -5.03 21.10
CA GLU N 92 -11.80 -4.83 19.77
C GLU N 92 -12.78 -5.22 18.66
N ASP N 93 -13.84 -5.95 18.99
CA ASP N 93 -14.87 -6.29 18.02
C ASP N 93 -16.18 -5.58 18.30
N LEU N 94 -16.20 -4.70 19.30
CA LEU N 94 -17.33 -3.83 19.55
C LEU N 94 -16.89 -2.39 19.39
N MET N 95 -17.81 -1.55 18.94
CA MET N 95 -17.66 -0.11 18.97
C MET N 95 -18.88 0.44 19.69
N ALA N 96 -18.80 0.46 21.02
CA ALA N 96 -19.99 0.68 21.86
C ALA N 96 -19.66 1.60 23.02
N GLY N 97 -20.21 2.80 23.00
CA GLY N 97 -20.20 3.66 24.17
C GLY N 97 -21.61 3.78 24.69
N ILE N 98 -21.87 3.18 25.84
CA ILE N 98 -23.23 3.03 26.35
C ILE N 98 -23.41 4.05 27.46
N ILE N 99 -24.61 4.60 27.57
CA ILE N 99 -24.99 5.46 28.67
C ILE N 99 -26.13 4.78 29.39
N ILE N 100 -25.86 4.19 30.55
CA ILE N 100 -26.86 3.47 31.31
C ILE N 100 -27.43 4.43 32.33
N ALA N 101 -28.75 4.52 32.41
CA ALA N 101 -29.38 5.33 33.42
C ALA N 101 -30.53 4.56 34.00
N GLY N 102 -30.89 4.89 35.23
CA GLY N 102 -31.99 4.21 35.85
C GLY N 102 -32.13 4.58 37.30
N TRP N 103 -32.96 3.80 37.98
CA TRP N 103 -33.29 4.02 39.37
C TRP N 103 -33.24 2.71 40.12
N ASP N 104 -32.85 2.78 41.39
CA ASP N 104 -32.98 1.67 42.31
C ASP N 104 -33.32 2.23 43.67
N PRO N 105 -34.03 1.47 44.52
CA PRO N 105 -34.39 1.99 45.85
C PRO N 105 -33.21 2.21 46.76
N GLN N 106 -32.06 1.62 46.46
CA GLN N 106 -30.97 1.60 47.39
C GLN N 106 -30.10 2.85 47.27
N GLU N 107 -29.84 3.33 46.06
CA GLU N 107 -28.99 4.50 45.88
C GLU N 107 -29.59 5.57 44.96
N GLY N 108 -30.86 5.45 44.58
CA GLY N 108 -31.54 6.53 43.90
C GLY N 108 -31.35 6.60 42.39
N GLY N 109 -31.33 7.81 41.85
CA GLY N 109 -31.15 7.99 40.42
C GLY N 109 -29.68 7.98 40.06
N GLN N 110 -29.34 7.24 39.02
CA GLN N 110 -27.96 6.96 38.68
C GLN N 110 -27.74 6.99 37.18
N VAL N 111 -26.66 7.62 36.74
CA VAL N 111 -26.29 7.69 35.33
C VAL N 111 -24.84 7.25 35.19
N TYR N 112 -24.61 6.17 34.48
CA TYR N 112 -23.27 5.63 34.28
C TYR N 112 -22.86 5.76 32.83
N SER N 113 -21.77 6.46 32.59
CA SER N 113 -21.19 6.53 31.26
C SER N 113 -20.25 5.36 31.11
N VAL N 114 -20.52 4.48 30.16
CA VAL N 114 -19.56 3.44 29.84
C VAL N 114 -19.02 3.81 28.48
N PRO N 115 -17.89 4.49 28.41
CA PRO N 115 -17.34 4.87 27.11
C PRO N 115 -16.73 3.67 26.43
N MET N 116 -16.32 3.88 25.19
CA MET N 116 -15.79 2.81 24.37
C MET N 116 -14.47 2.32 24.97
N GLY N 117 -14.54 1.15 25.60
CA GLY N 117 -13.41 0.68 26.35
C GLY N 117 -13.73 -0.32 27.44
N GLY N 118 -14.95 -0.30 27.95
CA GLY N 118 -15.27 -1.20 29.04
C GLY N 118 -14.77 -0.75 30.40
N MET N 119 -14.87 0.54 30.69
CA MET N 119 -14.75 1.11 32.02
C MET N 119 -16.14 1.55 32.49
N MET N 120 -16.19 2.27 33.60
CA MET N 120 -17.47 2.65 34.19
C MET N 120 -17.27 3.88 35.06
N VAL N 121 -18.10 4.89 34.89
CA VAL N 121 -17.98 6.12 35.66
C VAL N 121 -19.35 6.75 35.83
N ARG N 122 -19.71 7.08 37.07
CA ARG N 122 -20.98 7.72 37.35
C ARG N 122 -20.85 9.22 37.15
N GLN N 123 -21.82 9.82 36.47
CA GLN N 123 -21.79 11.26 36.26
C GLN N 123 -23.13 11.88 36.58
N SER N 124 -23.09 13.19 36.84
CA SER N 124 -24.32 13.94 37.10
C SER N 124 -25.14 14.10 35.83
N PHE N 125 -24.50 14.19 34.69
CA PHE N 125 -25.18 14.13 33.42
C PHE N 125 -24.24 13.47 32.43
N ALA N 126 -24.81 12.83 31.43
CA ALA N 126 -23.99 12.18 30.42
C ALA N 126 -24.58 12.47 29.07
N ILE N 127 -23.73 12.88 28.13
CA ILE N 127 -24.15 13.05 26.76
C ILE N 127 -23.31 12.13 25.89
N GLY N 128 -23.90 11.66 24.80
CA GLY N 128 -23.24 10.71 23.94
C GLY N 128 -23.69 10.90 22.52
N GLY N 129 -23.25 10.00 21.66
CA GLY N 129 -23.58 10.06 20.26
C GLY N 129 -22.62 10.93 19.48
N SER N 130 -22.90 11.05 18.18
CA SER N 130 -22.08 11.90 17.33
C SER N 130 -22.33 13.38 17.59
N GLY N 131 -23.53 13.73 18.03
CA GLY N 131 -23.88 15.12 18.18
C GLY N 131 -23.50 15.76 19.49
N SER N 132 -22.93 15.01 20.42
CA SER N 132 -22.70 15.52 21.77
C SER N 132 -21.63 16.58 21.81
N SER N 133 -20.74 16.58 20.82
CA SER N 133 -19.68 17.58 20.76
C SER N 133 -20.25 18.98 20.63
N TYR N 134 -21.39 19.12 19.96
CA TYR N 134 -21.97 20.44 19.79
C TYR N 134 -22.73 20.92 21.02
N ILE N 135 -22.99 20.06 21.99
CA ILE N 135 -23.71 20.49 23.17
C ILE N 135 -22.96 20.18 24.46
N TYR N 136 -21.65 19.97 24.38
CA TYR N 136 -20.87 20.00 25.63
C TYR N 136 -20.93 21.38 26.31
N GLY N 137 -20.73 22.44 25.54
CA GLY N 137 -20.64 23.76 26.14
C GLY N 137 -21.95 24.30 26.66
N TYR N 138 -23.06 23.83 26.10
CA TYR N 138 -24.36 24.21 26.64
C TYR N 138 -24.57 23.61 28.02
N VAL N 139 -24.31 22.32 28.17
CA VAL N 139 -24.65 21.63 29.40
C VAL N 139 -23.61 21.89 30.48
N ASP N 140 -22.38 22.27 30.12
CA ASP N 140 -21.49 22.75 31.17
C ASP N 140 -21.95 24.10 31.72
N ALA N 141 -22.69 24.87 30.94
CA ALA N 141 -23.09 26.19 31.39
C ALA N 141 -24.46 26.22 32.02
N THR N 142 -25.34 25.30 31.64
CA THR N 142 -26.74 25.39 32.04
C THR N 142 -27.04 24.55 33.27
N TYR N 143 -26.29 23.48 33.48
CA TYR N 143 -26.57 22.52 34.55
C TYR N 143 -26.37 23.15 35.91
N ARG N 144 -27.42 23.12 36.72
CA ARG N 144 -27.38 23.57 38.11
C ARG N 144 -27.69 22.38 38.99
N GLU N 145 -27.04 22.33 40.14
CA GLU N 145 -27.15 21.17 41.01
C GLU N 145 -28.53 21.09 41.63
N GLY N 146 -29.27 20.03 41.30
CA GLY N 146 -30.53 19.74 41.93
C GLY N 146 -31.76 20.26 41.24
N MET N 147 -31.83 20.18 39.92
CA MET N 147 -33.00 20.64 39.20
C MET N 147 -34.17 19.70 39.45
N THR N 148 -35.38 20.25 39.33
CA THR N 148 -36.60 19.47 39.45
C THR N 148 -36.82 18.62 38.21
N LYS N 149 -37.94 17.90 38.19
CA LYS N 149 -38.22 17.02 37.06
C LYS N 149 -38.60 17.80 35.81
N GLU N 150 -39.38 18.88 35.95
CA GLU N 150 -39.83 19.62 34.78
C GLU N 150 -38.69 20.47 34.20
N GLU N 151 -37.94 21.16 35.07
CA GLU N 151 -36.69 21.82 34.72
C GLU N 151 -35.74 20.90 33.97
N CYS N 152 -35.63 19.65 34.41
CA CYS N 152 -34.75 18.70 33.75
C CYS N 152 -35.30 18.28 32.40
N LEU N 153 -36.62 18.12 32.29
CA LEU N 153 -37.18 17.76 30.99
C LEU N 153 -37.02 18.89 29.98
N GLN N 154 -37.12 20.13 30.42
CA GLN N 154 -36.85 21.25 29.54
C GLN N 154 -35.37 21.37 29.21
N PHE N 155 -34.50 21.03 30.17
CA PHE N 155 -33.06 21.08 29.93
C PHE N 155 -32.62 20.02 28.94
N THR N 156 -33.16 18.81 29.08
CA THR N 156 -32.85 17.74 28.12
C THR N 156 -33.41 18.06 26.75
N ALA N 157 -34.63 18.63 26.68
CA ALA N 157 -35.19 18.98 25.38
C ALA N 157 -34.43 20.11 24.70
N ASN N 158 -33.97 21.11 25.45
CA ASN N 158 -33.19 22.19 24.86
C ASN N 158 -31.83 21.70 24.37
N ALA N 159 -31.15 20.91 25.19
CA ALA N 159 -29.82 20.44 24.82
C ALA N 159 -29.90 19.47 23.65
N LEU N 160 -30.97 18.69 23.55
CA LEU N 160 -31.12 17.85 22.38
C LEU N 160 -31.47 18.66 21.14
N ALA N 161 -32.29 19.71 21.29
CA ALA N 161 -32.72 20.48 20.13
C ALA N 161 -31.57 21.24 19.50
N LEU N 162 -30.62 21.68 20.32
CA LEU N 162 -29.43 22.34 19.80
C LEU N 162 -28.58 21.39 18.96
N ALA N 163 -28.40 20.15 19.42
CA ALA N 163 -27.60 19.19 18.68
C ALA N 163 -28.31 18.71 17.44
N MET N 164 -29.64 18.63 17.48
CA MET N 164 -30.38 18.26 16.29
C MET N 164 -30.36 19.38 15.27
N GLU N 165 -30.25 20.62 15.72
CA GLU N 165 -30.12 21.74 14.79
C GLU N 165 -28.75 21.75 14.13
N ARG N 166 -27.69 21.52 14.88
CA ARG N 166 -26.36 21.66 14.30
C ARG N 166 -25.84 20.40 13.62
N ASP N 167 -26.11 19.22 14.15
CA ASP N 167 -25.53 18.02 13.58
C ASP N 167 -26.43 17.47 12.50
N GLY N 168 -25.86 17.20 11.33
CA GLY N 168 -26.62 16.63 10.25
C GLY N 168 -26.98 15.17 10.45
N SER N 169 -26.22 14.45 11.26
CA SER N 169 -26.51 13.06 11.54
C SER N 169 -27.49 12.85 12.67
N SER N 170 -28.19 13.90 13.09
CA SER N 170 -29.17 13.83 14.15
C SER N 170 -30.41 14.61 13.75
N GLY N 171 -31.56 14.19 14.26
CA GLY N 171 -32.80 14.86 13.93
C GLY N 171 -33.99 14.01 14.31
N GLY N 172 -35.15 14.44 13.84
CA GLY N 172 -36.37 13.67 14.03
C GLY N 172 -37.18 14.17 15.21
N VAL N 173 -37.64 13.24 16.04
CA VAL N 173 -38.39 13.59 17.22
C VAL N 173 -37.50 13.37 18.42
N ILE N 174 -37.84 14.04 19.52
CA ILE N 174 -37.14 13.88 20.78
C ILE N 174 -37.95 12.92 21.62
N ARG N 175 -37.36 11.78 21.97
CA ARG N 175 -38.01 10.81 22.84
C ARG N 175 -37.41 10.96 24.23
N LEU N 176 -38.22 11.34 25.19
CA LEU N 176 -37.77 11.52 26.56
C LEU N 176 -38.25 10.34 27.39
N ALA N 177 -37.67 10.22 28.57
CA ALA N 177 -38.09 9.21 29.54
C ALA N 177 -37.67 9.69 30.90
N ALA N 178 -38.58 9.67 31.86
CA ALA N 178 -38.25 10.08 33.22
C ALA N 178 -38.48 8.90 34.15
N ILE N 179 -37.38 8.32 34.62
CA ILE N 179 -37.41 7.07 35.38
C ILE N 179 -37.33 7.42 36.84
N ALA N 180 -38.31 6.98 37.62
CA ALA N 180 -38.31 7.26 39.05
C ALA N 180 -39.01 6.12 39.76
N GLU N 181 -39.23 6.31 41.07
CA GLU N 181 -39.87 5.29 41.90
C GLU N 181 -41.30 5.03 41.45
N SER N 182 -42.01 6.05 40.99
CA SER N 182 -43.38 5.89 40.53
C SER N 182 -43.45 5.13 39.22
N GLY N 183 -42.38 5.10 38.45
CA GLY N 183 -42.33 4.36 37.21
C GLY N 183 -41.67 5.18 36.13
N VAL N 184 -41.84 4.74 34.90
CA VAL N 184 -41.23 5.38 33.74
C VAL N 184 -42.32 6.13 32.99
N GLU N 185 -42.08 7.41 32.73
CA GLU N 185 -43.02 8.27 32.03
C GLU N 185 -42.36 8.72 30.74
N ARG N 186 -42.76 8.13 29.62
CA ARG N 186 -42.15 8.46 28.35
C ARG N 186 -43.00 9.49 27.63
N GLN N 187 -42.35 10.31 26.81
CA GLN N 187 -43.06 11.30 26.02
C GLN N 187 -42.25 11.61 24.78
N VAL N 188 -42.93 12.06 23.73
CA VAL N 188 -42.33 12.31 22.44
C VAL N 188 -42.61 13.76 22.07
N LEU N 189 -41.57 14.49 21.69
CA LEU N 189 -41.69 15.88 21.28
C LEU N 189 -41.52 15.95 19.77
N LEU N 190 -42.59 16.32 19.07
CA LEU N 190 -42.61 16.33 17.61
C LEU N 190 -43.07 17.68 17.10
N GLY N 191 -42.44 18.12 16.00
CA GLY N 191 -42.85 19.34 15.32
C GLY N 191 -42.67 20.63 16.08
N ASP N 192 -43.79 21.24 16.48
CA ASP N 192 -43.77 22.48 17.22
C ASP N 192 -43.42 22.28 18.69
N GLN N 193 -43.55 21.06 19.20
CA GLN N 193 -43.27 20.80 20.60
C GLN N 193 -41.78 20.75 20.88
N ILE N 194 -40.96 20.55 19.86
CA ILE N 194 -39.50 20.65 19.98
C ILE N 194 -39.14 22.11 20.24
N PRO N 195 -38.28 22.40 21.23
CA PRO N 195 -37.96 23.80 21.54
C PRO N 195 -37.18 24.47 20.43
N LYS N 196 -37.67 25.63 19.99
CA LYS N 196 -37.20 26.27 18.78
C LYS N 196 -36.28 27.43 19.13
N PHE N 197 -35.14 27.50 18.45
CA PHE N 197 -34.17 28.57 18.58
C PHE N 197 -34.08 29.25 17.23
N ALA N 198 -34.43 30.54 17.19
CA ALA N 198 -34.40 31.30 15.95
C ALA N 198 -33.00 31.39 15.39
N VAL N 199 -32.91 31.27 14.06
CA VAL N 199 -31.64 31.38 13.35
C VAL N 199 -31.07 32.79 13.56
N ALA N 200 -29.74 32.91 13.55
CA ALA N 200 -29.09 34.21 13.69
C ALA N 200 -29.26 35.03 12.43
N THR N 201 -30.48 35.52 12.20
CA THR N 201 -30.82 36.20 10.97
C THR N 201 -30.37 37.65 11.05
N LEU N 202 -29.90 38.18 9.92
CA LEU N 202 -29.26 39.49 9.73
C LEU N 202 -27.98 39.64 10.58
N ARG O 1 10.61 47.47 -25.80
CA ARG O 1 11.65 47.64 -24.80
C ARG O 1 12.91 48.20 -25.51
N GLY O 2 14.09 47.92 -24.96
CA GLY O 2 15.36 48.48 -25.34
C GLY O 2 15.77 48.39 -26.79
N TYR O 3 16.58 49.33 -27.24
CA TYR O 3 17.28 49.20 -28.50
C TYR O 3 18.28 48.04 -28.39
N SER O 4 18.70 47.52 -29.53
CA SER O 4 19.61 46.39 -29.52
C SER O 4 20.95 46.67 -30.18
N PHE O 5 21.15 47.88 -30.69
CA PHE O 5 22.35 48.24 -31.41
C PHE O 5 23.23 49.15 -30.56
N SER O 6 24.52 49.17 -30.87
CA SER O 6 25.44 50.00 -30.09
C SER O 6 25.32 51.45 -30.48
N LEU O 7 25.60 52.32 -29.51
CA LEU O 7 25.79 53.73 -29.74
C LEU O 7 27.26 54.13 -29.68
N THR O 8 28.12 53.23 -29.18
CA THR O 8 29.56 53.45 -29.14
C THR O 8 30.18 52.75 -30.34
N THR O 9 30.56 53.52 -31.34
CA THR O 9 31.01 52.95 -32.60
C THR O 9 32.37 53.50 -32.97
N PHE O 10 33.07 52.74 -33.80
CA PHE O 10 34.45 53.06 -34.13
C PHE O 10 34.53 54.22 -35.11
N SER O 11 35.31 55.22 -34.76
CA SER O 11 35.64 56.31 -35.66
C SER O 11 36.65 55.81 -36.70
N PRO O 12 36.84 56.54 -37.81
CA PRO O 12 37.84 56.10 -38.81
C PRO O 12 39.28 56.04 -38.32
N SER O 13 39.63 56.73 -37.26
CA SER O 13 40.96 56.59 -36.68
C SER O 13 41.03 55.49 -35.64
N GLY O 14 39.96 54.72 -35.47
CA GLY O 14 39.95 53.60 -34.56
C GLY O 14 39.54 53.89 -33.14
N LYS O 15 39.08 55.10 -32.85
CA LYS O 15 38.70 55.45 -31.48
C LYS O 15 37.22 55.22 -31.26
N LEU O 16 36.89 54.66 -30.11
CA LEU O 16 35.51 54.60 -29.65
C LEU O 16 35.19 55.99 -29.13
N VAL O 17 34.53 56.80 -29.95
CA VAL O 17 34.49 58.23 -29.67
C VAL O 17 33.56 58.55 -28.49
N GLN O 18 32.62 57.64 -28.18
CA GLN O 18 31.81 57.83 -26.98
C GLN O 18 32.63 57.68 -25.71
N ILE O 19 33.59 56.78 -25.70
CA ILE O 19 34.45 56.60 -24.53
C ILE O 19 35.34 57.83 -24.36
N GLU O 20 35.85 58.36 -25.46
CA GLU O 20 36.69 59.55 -25.37
C GLU O 20 35.88 60.80 -25.09
N TYR O 21 34.56 60.75 -25.24
CA TYR O 21 33.74 61.85 -24.74
C TYR O 21 33.40 61.67 -23.26
N ALA O 22 33.18 60.43 -22.82
CA ALA O 22 32.91 60.17 -21.41
C ALA O 22 34.13 60.45 -20.55
N LEU O 23 35.33 60.29 -21.10
CA LEU O 23 36.53 60.67 -20.36
C LEU O 23 36.63 62.18 -20.20
N ALA O 24 36.10 62.95 -21.15
CA ALA O 24 36.01 64.39 -20.94
C ALA O 24 34.94 64.72 -19.92
N ALA O 25 33.91 63.89 -19.82
CA ALA O 25 32.93 64.06 -18.74
C ALA O 25 33.54 63.75 -17.38
N VAL O 26 34.48 62.82 -17.33
CA VAL O 26 35.23 62.56 -16.11
C VAL O 26 36.11 63.76 -15.78
N ALA O 27 36.78 64.32 -16.78
CA ALA O 27 37.75 65.40 -16.57
C ALA O 27 37.08 66.69 -16.07
N GLY O 28 35.79 66.85 -16.29
CA GLY O 28 35.09 68.00 -15.76
C GLY O 28 34.52 67.82 -14.38
N GLY O 29 34.67 66.63 -13.80
CA GLY O 29 34.07 66.35 -12.51
C GLY O 29 34.85 66.95 -11.36
N ALA O 30 34.40 66.63 -10.15
CA ALA O 30 35.08 67.10 -8.95
C ALA O 30 36.40 66.37 -8.78
N PRO O 31 37.45 67.06 -8.37
CA PRO O 31 38.77 66.42 -8.26
C PRO O 31 38.83 65.41 -7.14
N SER O 32 39.53 64.31 -7.40
CA SER O 32 39.70 63.24 -6.43
C SER O 32 41.13 62.72 -6.52
N VAL O 33 41.68 62.36 -5.36
CA VAL O 33 43.07 61.99 -5.22
C VAL O 33 43.16 60.79 -4.28
N GLY O 34 43.87 59.76 -4.70
CA GLY O 34 44.18 58.64 -3.83
C GLY O 34 45.65 58.33 -3.85
N ILE O 35 46.21 58.08 -2.67
CA ILE O 35 47.62 57.77 -2.50
C ILE O 35 47.73 56.47 -1.72
N LYS O 36 48.54 55.55 -2.20
CA LYS O 36 48.82 54.33 -1.45
C LYS O 36 50.02 54.59 -0.55
N ALA O 37 49.78 54.57 0.76
CA ALA O 37 50.86 54.73 1.71
C ALA O 37 51.53 53.38 1.96
N ALA O 38 52.49 53.37 2.88
CA ALA O 38 53.17 52.12 3.21
C ALA O 38 52.29 51.21 4.04
N ASN O 39 51.51 51.77 4.96
CA ASN O 39 50.71 50.99 5.89
C ASN O 39 49.22 51.03 5.58
N GLY O 40 48.84 51.51 4.41
CA GLY O 40 47.43 51.60 4.07
C GLY O 40 47.23 52.54 2.90
N VAL O 41 45.96 52.89 2.66
CA VAL O 41 45.60 53.75 1.54
C VAL O 41 44.81 54.93 2.07
N VAL O 42 45.00 56.10 1.47
CA VAL O 42 44.16 57.25 1.74
C VAL O 42 43.34 57.54 0.48
N LEU O 43 42.09 57.94 0.67
CA LEU O 43 41.28 58.48 -0.40
C LEU O 43 40.71 59.81 0.08
N ALA O 44 40.78 60.81 -0.79
CA ALA O 44 40.30 62.14 -0.42
C ALA O 44 39.77 62.82 -1.67
N THR O 45 38.71 63.61 -1.50
CA THR O 45 38.06 64.21 -2.65
C THR O 45 37.48 65.56 -2.29
N GLU O 46 37.34 66.40 -3.29
CA GLU O 46 36.70 67.70 -3.12
C GLU O 46 35.20 67.54 -3.23
N LYS O 47 34.48 68.09 -2.25
CA LYS O 47 33.04 68.24 -2.36
C LYS O 47 32.77 69.60 -3.00
N LYS O 48 32.15 69.59 -4.17
CA LYS O 48 31.88 70.82 -4.92
C LYS O 48 30.60 71.50 -4.42
N GLN O 49 30.51 71.69 -3.12
CA GLN O 49 29.24 72.04 -2.51
C GLN O 49 29.33 73.37 -1.79
N LYS O 50 28.38 74.21 -2.13
CA LYS O 50 28.21 75.59 -1.72
C LYS O 50 26.70 75.70 -1.70
N SER O 51 26.12 76.90 -1.65
CA SER O 51 24.71 77.11 -1.31
C SER O 51 24.32 76.33 -0.05
N ILE O 52 24.81 76.80 1.11
CA ILE O 52 24.89 76.16 2.43
C ILE O 52 23.69 75.28 2.82
N LEU O 53 22.49 75.67 2.37
CA LEU O 53 21.23 74.92 2.50
C LEU O 53 21.33 73.41 2.40
N TYR O 54 22.19 72.92 1.49
CA TYR O 54 22.57 71.51 1.41
C TYR O 54 23.01 70.96 2.77
N ASP O 55 22.34 69.91 3.20
CA ASP O 55 22.71 69.21 4.41
C ASP O 55 23.79 68.21 4.03
N GLU O 56 25.03 68.47 4.47
CA GLU O 56 26.18 67.76 3.94
C GLU O 56 26.26 66.32 4.42
N ARG O 57 25.53 65.95 5.45
CA ARG O 57 25.54 64.58 5.92
C ARG O 57 24.56 63.68 5.17
N SER O 58 23.92 64.20 4.12
CA SER O 58 22.95 63.42 3.37
C SER O 58 23.58 62.63 2.24
N VAL O 59 24.71 63.09 1.70
CA VAL O 59 25.40 62.39 0.61
C VAL O 59 26.86 62.20 0.97
N HIS O 60 27.40 61.03 0.65
CA HIS O 60 28.80 60.71 0.84
C HIS O 60 29.41 60.35 -0.51
N LYS O 61 30.57 60.92 -0.81
CA LYS O 61 31.26 60.57 -2.04
C LYS O 61 32.19 59.39 -1.89
N VAL O 62 32.75 59.18 -0.71
CA VAL O 62 33.61 58.03 -0.43
C VAL O 62 32.72 56.96 0.19
N GLU O 63 32.39 55.94 -0.58
CA GLU O 63 31.37 54.98 -0.16
C GLU O 63 31.99 53.59 -0.06
N PRO O 64 31.90 52.91 1.09
CA PRO O 64 32.58 51.63 1.24
C PRO O 64 31.80 50.49 0.63
N ILE O 65 32.53 49.47 0.23
CA ILE O 65 31.94 48.27 -0.37
C ILE O 65 31.96 47.11 0.60
N THR O 66 33.13 46.80 1.15
CA THR O 66 33.27 45.79 2.19
C THR O 66 33.96 46.43 3.38
N LYS O 67 34.42 45.61 4.33
CA LYS O 67 35.04 46.16 5.52
C LYS O 67 36.45 46.67 5.30
N HIS O 68 37.03 46.50 4.11
CA HIS O 68 38.31 47.13 3.82
C HIS O 68 38.40 47.65 2.40
N ILE O 69 37.32 47.66 1.63
CA ILE O 69 37.32 48.13 0.24
C ILE O 69 36.39 49.31 0.13
N GLY O 70 36.87 50.38 -0.47
CA GLY O 70 36.03 51.55 -0.65
C GLY O 70 36.13 52.09 -2.06
N LEU O 71 35.42 53.18 -2.34
CA LEU O 71 35.45 53.78 -3.66
C LEU O 71 35.52 55.29 -3.50
N VAL O 72 35.91 55.96 -4.58
CA VAL O 72 35.68 57.38 -4.76
C VAL O 72 35.57 57.58 -6.26
N TYR O 73 35.10 58.74 -6.71
CA TYR O 73 34.86 58.90 -8.13
C TYR O 73 35.17 60.31 -8.55
N SER O 74 35.18 60.50 -9.87
CA SER O 74 35.11 61.82 -10.48
C SER O 74 34.25 61.68 -11.71
N GLY O 75 33.23 62.54 -11.83
CA GLY O 75 32.26 62.45 -12.91
C GLY O 75 30.84 62.47 -12.38
N MET O 76 29.95 61.80 -13.08
CA MET O 76 28.53 61.92 -12.82
C MET O 76 28.15 61.10 -11.60
N GLY O 77 27.59 61.77 -10.60
CA GLY O 77 27.08 61.16 -9.38
C GLY O 77 26.19 59.93 -9.48
N PRO O 78 25.08 59.99 -10.22
CA PRO O 78 24.15 58.85 -10.20
C PRO O 78 24.69 57.60 -10.87
N ASP O 79 25.61 57.74 -11.83
CA ASP O 79 26.29 56.59 -12.37
C ASP O 79 27.22 55.97 -11.33
N TYR O 80 27.79 56.81 -10.47
CA TYR O 80 28.63 56.29 -9.40
C TYR O 80 27.81 55.52 -8.38
N ARG O 81 26.60 55.99 -8.07
CA ARG O 81 25.78 55.21 -7.15
C ARG O 81 25.25 53.94 -7.77
N VAL O 82 25.06 53.91 -9.09
CA VAL O 82 24.78 52.66 -9.79
C VAL O 82 25.92 51.68 -9.63
N LEU O 83 27.16 52.16 -9.78
CA LEU O 83 28.31 51.28 -9.62
C LEU O 83 28.52 50.85 -8.19
N VAL O 84 28.17 51.68 -7.21
CA VAL O 84 28.28 51.25 -5.81
C VAL O 84 27.30 50.13 -5.52
N HIS O 85 26.06 50.25 -6.03
CA HIS O 85 25.10 49.17 -5.81
C HIS O 85 25.51 47.88 -6.52
N ARG O 86 26.03 47.99 -7.75
CA ARG O 86 26.49 46.80 -8.44
C ARG O 86 27.73 46.21 -7.80
N ALA O 87 28.65 47.05 -7.32
CA ALA O 87 29.88 46.55 -6.71
C ALA O 87 29.60 45.84 -5.39
N ARG O 88 28.67 46.38 -4.59
CA ARG O 88 28.28 45.69 -3.37
C ARG O 88 27.58 44.38 -3.69
N LYS O 89 26.80 44.33 -4.78
CA LYS O 89 26.14 43.09 -5.15
C LYS O 89 27.15 42.02 -5.57
N LEU O 90 28.19 42.42 -6.29
CA LEU O 90 29.22 41.47 -6.70
C LEU O 90 30.06 40.99 -5.52
N ALA O 91 30.41 41.90 -4.62
CA ALA O 91 31.18 41.52 -3.44
C ALA O 91 30.41 40.59 -2.52
N GLN O 92 29.10 40.75 -2.44
CA GLN O 92 28.36 39.85 -1.58
C GLN O 92 28.04 38.53 -2.28
N GLN O 93 28.00 38.50 -3.61
CA GLN O 93 27.96 37.19 -4.26
C GLN O 93 29.29 36.43 -4.09
N TYR O 94 30.41 37.17 -4.05
CA TYR O 94 31.68 36.55 -3.71
C TYR O 94 31.67 36.00 -2.28
N TYR O 95 31.11 36.76 -1.35
CA TYR O 95 31.07 36.31 0.04
C TYR O 95 30.11 35.15 0.23
N LEU O 96 29.09 35.05 -0.63
CA LEU O 96 28.23 33.86 -0.59
C LEU O 96 28.94 32.64 -1.13
N VAL O 97 29.71 32.78 -2.20
CA VAL O 97 30.34 31.61 -2.80
C VAL O 97 31.51 31.13 -1.96
N TYR O 98 32.46 32.01 -1.65
CA TYR O 98 33.71 31.56 -1.06
C TYR O 98 33.83 31.81 0.44
N GLN O 99 32.85 32.47 1.06
CA GLN O 99 32.86 32.84 2.50
C GLN O 99 34.13 33.59 2.89
N GLU O 100 34.52 34.54 2.05
CA GLU O 100 35.73 35.32 2.24
C GLU O 100 35.45 36.74 1.79
N PRO O 101 36.06 37.73 2.44
CA PRO O 101 36.07 39.08 1.85
C PRO O 101 36.77 39.05 0.51
N ILE O 102 36.17 39.75 -0.45
CA ILE O 102 36.60 39.63 -1.84
C ILE O 102 37.97 40.28 -2.01
N PRO O 103 38.89 39.66 -2.74
CA PRO O 103 40.16 40.31 -3.04
C PRO O 103 39.90 41.56 -3.86
N THR O 104 40.69 42.60 -3.57
CA THR O 104 40.46 43.91 -4.15
C THR O 104 40.66 43.90 -5.66
N ALA O 105 41.58 43.06 -6.14
CA ALA O 105 41.74 42.90 -7.57
C ALA O 105 40.51 42.25 -8.21
N GLN O 106 39.81 41.39 -7.47
CA GLN O 106 38.65 40.73 -8.05
C GLN O 106 37.43 41.64 -8.16
N LEU O 107 37.28 42.58 -7.23
CA LEU O 107 36.20 43.55 -7.35
C LEU O 107 36.44 44.48 -8.52
N VAL O 108 37.69 44.84 -8.78
CA VAL O 108 37.99 45.65 -9.94
C VAL O 108 37.77 44.87 -11.23
N GLN O 109 38.16 43.59 -11.25
CA GLN O 109 37.97 42.80 -12.45
C GLN O 109 36.52 42.48 -12.73
N ARG O 110 35.64 42.58 -11.74
CA ARG O 110 34.22 42.44 -12.03
C ARG O 110 33.53 43.77 -12.34
N VAL O 111 33.87 44.84 -11.61
CA VAL O 111 33.27 46.15 -11.85
C VAL O 111 33.74 46.72 -13.17
N ALA O 112 34.97 46.41 -13.59
CA ALA O 112 35.43 46.83 -14.89
C ALA O 112 34.70 46.12 -16.02
N SER O 113 34.30 44.86 -15.81
CA SER O 113 33.50 44.19 -16.82
C SER O 113 32.10 44.79 -16.90
N VAL O 114 31.54 45.17 -15.75
CA VAL O 114 30.22 45.81 -15.75
C VAL O 114 30.28 47.16 -16.45
N MET O 115 31.36 47.91 -16.26
CA MET O 115 31.54 49.14 -17.02
C MET O 115 31.83 48.87 -18.49
N GLN O 116 32.38 47.70 -18.81
CA GLN O 116 32.68 47.39 -20.20
C GLN O 116 31.43 47.08 -20.99
N GLU O 117 30.48 46.38 -20.37
CA GLU O 117 29.27 45.92 -21.07
C GLU O 117 28.48 47.07 -21.67
N TYR O 118 28.54 48.25 -21.06
CA TYR O 118 27.74 49.35 -21.55
C TYR O 118 28.39 50.09 -22.70
N THR O 119 29.64 49.78 -23.04
CA THR O 119 30.26 50.32 -24.24
C THR O 119 30.05 49.41 -25.43
N GLN O 120 29.32 48.32 -25.26
CA GLN O 120 29.05 47.39 -26.34
C GLN O 120 27.60 46.91 -26.40
N SER O 121 26.82 47.02 -25.34
CA SER O 121 25.45 46.54 -25.35
C SER O 121 24.56 47.46 -26.18
N GLY O 122 23.27 47.12 -26.24
CA GLY O 122 22.36 47.79 -27.13
C GLY O 122 21.65 48.96 -26.50
N GLY O 123 21.84 50.14 -27.09
CA GLY O 123 21.06 51.28 -26.71
C GLY O 123 21.43 51.94 -25.40
N VAL O 124 22.62 51.72 -24.89
CA VAL O 124 23.07 52.35 -23.66
C VAL O 124 24.30 53.20 -23.95
N ARG O 125 24.47 54.23 -23.16
CA ARG O 125 25.66 55.05 -23.22
C ARG O 125 26.69 54.54 -22.23
N PRO O 126 27.98 54.82 -22.42
CA PRO O 126 28.97 54.39 -21.43
C PRO O 126 28.81 55.16 -20.13
N PHE O 127 29.39 54.61 -19.08
CA PHE O 127 29.34 55.29 -17.80
C PHE O 127 30.20 56.55 -17.83
N GLY O 128 29.92 57.45 -16.91
CA GLY O 128 30.64 58.71 -16.87
C GLY O 128 31.45 58.90 -15.61
N VAL O 129 32.11 57.85 -15.14
CA VAL O 129 32.86 57.89 -13.89
C VAL O 129 34.18 57.18 -14.06
N SER O 130 35.20 57.68 -13.39
CA SER O 130 36.43 56.95 -13.18
C SER O 130 36.58 56.72 -11.70
N LEU O 131 36.75 55.48 -11.30
CA LEU O 131 36.70 55.10 -9.91
C LEU O 131 38.12 54.97 -9.38
N LEU O 132 38.27 55.11 -8.07
CA LEU O 132 39.49 54.72 -7.38
C LEU O 132 39.09 53.74 -6.30
N ILE O 133 39.64 52.54 -6.36
CA ILE O 133 39.26 51.46 -5.46
C ILE O 133 40.48 51.10 -4.64
N CYS O 134 40.34 51.16 -3.32
CA CYS O 134 41.43 50.87 -2.41
C CYS O 134 41.11 49.59 -1.65
N GLY O 135 42.14 48.88 -1.25
CA GLY O 135 41.93 47.63 -0.53
C GLY O 135 43.18 47.17 0.17
N TRP O 136 42.99 46.51 1.30
CA TRP O 136 44.07 45.94 2.10
C TRP O 136 43.81 44.44 2.21
N ASN O 137 44.60 43.64 1.52
CA ASN O 137 44.56 42.22 1.80
C ASN O 137 45.94 41.61 1.63
N GLU O 138 46.16 40.50 2.34
CA GLU O 138 47.45 39.82 2.47
C GLU O 138 48.54 40.76 2.95
N GLY O 139 48.21 41.56 3.96
CA GLY O 139 49.14 42.50 4.57
C GLY O 139 49.66 43.56 3.64
N ARG O 140 48.92 43.90 2.60
CA ARG O 140 49.43 44.72 1.54
C ARG O 140 48.32 45.61 1.00
N PRO O 141 48.57 46.90 0.82
CA PRO O 141 47.53 47.79 0.32
C PRO O 141 47.50 47.84 -1.19
N TYR O 142 46.31 48.11 -1.72
CA TYR O 142 46.09 48.19 -3.16
C TYR O 142 45.39 49.49 -3.49
N LEU O 143 45.73 50.06 -4.65
CA LEU O 143 44.97 51.16 -5.21
C LEU O 143 44.77 50.86 -6.68
N PHE O 144 43.53 50.95 -7.15
CA PHE O 144 43.20 50.75 -8.54
C PHE O 144 42.51 51.98 -9.09
N GLN O 145 42.47 52.07 -10.42
CA GLN O 145 41.69 53.10 -11.08
C GLN O 145 41.00 52.50 -12.29
N SER O 146 39.68 52.62 -12.34
CA SER O 146 38.90 52.13 -13.47
C SER O 146 38.51 53.30 -14.35
N ASP O 147 38.16 53.01 -15.58
CA ASP O 147 37.80 54.01 -16.57
C ASP O 147 36.40 53.76 -17.10
N PRO O 148 35.80 54.74 -17.79
CA PRO O 148 34.56 54.45 -18.51
C PRO O 148 34.70 53.43 -19.62
N SER O 149 35.91 53.22 -20.14
CA SER O 149 36.12 52.16 -21.11
C SER O 149 36.02 50.79 -20.48
N GLY O 150 36.32 50.69 -19.18
CA GLY O 150 36.40 49.41 -18.54
C GLY O 150 37.82 48.93 -18.35
N ALA O 151 38.80 49.70 -18.77
CA ALA O 151 40.18 49.35 -18.51
C ALA O 151 40.57 49.78 -17.10
N TYR O 152 41.47 49.04 -16.49
CA TYR O 152 41.83 49.32 -15.11
C TYR O 152 43.34 49.21 -14.92
N PHE O 153 43.85 50.04 -14.03
CA PHE O 153 45.28 50.12 -13.74
C PHE O 153 45.50 49.96 -12.25
N ALA O 154 46.77 49.82 -11.87
CA ALA O 154 47.17 49.87 -10.47
C ALA O 154 48.12 51.04 -10.26
N TRP O 155 47.86 51.84 -9.24
CA TRP O 155 48.65 53.04 -9.00
C TRP O 155 49.23 53.03 -7.59
N LYS O 156 50.23 53.88 -7.38
CA LYS O 156 50.66 54.24 -6.04
C LYS O 156 50.13 55.60 -5.61
N ALA O 157 49.98 56.52 -6.55
CA ALA O 157 49.35 57.81 -6.30
C ALA O 157 48.86 58.36 -7.63
N THR O 158 47.66 58.92 -7.63
CA THR O 158 47.04 59.37 -8.86
C THR O 158 46.02 60.45 -8.55
N ALA O 159 45.54 61.09 -9.61
CA ALA O 159 44.56 62.16 -9.47
C ALA O 159 43.63 62.15 -10.67
N MET O 160 42.38 62.54 -10.43
CA MET O 160 41.37 62.50 -11.46
C MET O 160 40.39 63.64 -11.23
N GLY O 161 39.67 64.00 -12.27
CA GLY O 161 38.80 65.15 -12.22
C GLY O 161 39.45 66.39 -12.79
N LYS O 162 38.98 67.54 -12.31
CA LYS O 162 39.50 68.82 -12.74
C LYS O 162 40.96 68.99 -12.35
N ASN O 163 41.77 69.45 -13.31
CA ASN O 163 43.20 69.72 -13.14
C ASN O 163 43.95 68.46 -12.69
N TYR O 164 43.63 67.34 -13.34
CA TYR O 164 44.24 66.07 -12.94
C TYR O 164 45.68 65.95 -13.41
N VAL O 165 46.06 66.65 -14.47
CA VAL O 165 47.44 66.55 -14.95
C VAL O 165 48.41 67.22 -13.99
N ASN O 166 48.06 68.40 -13.47
CA ASN O 166 48.92 69.05 -12.48
C ASN O 166 48.82 68.35 -11.13
N GLY O 167 47.70 67.69 -10.86
CA GLY O 167 47.63 66.83 -9.69
C GLY O 167 48.58 65.64 -9.78
N LYS O 168 48.71 65.06 -10.98
CA LYS O 168 49.64 63.97 -11.16
C LYS O 168 51.08 64.44 -11.06
N THR O 169 51.38 65.66 -11.53
CA THR O 169 52.73 66.19 -11.33
C THR O 169 53.02 66.47 -9.86
N PHE O 170 52.02 67.00 -9.14
CA PHE O 170 52.21 67.29 -7.72
C PHE O 170 52.35 66.02 -6.89
N LEU O 171 51.69 64.94 -7.31
CA LEU O 171 51.94 63.66 -6.66
C LEU O 171 53.23 63.02 -7.13
N GLU O 172 53.73 63.39 -8.29
CA GLU O 172 55.06 62.93 -8.70
C GLU O 172 56.14 63.52 -7.78
N LYS O 173 56.09 64.83 -7.54
CA LYS O 173 57.00 65.49 -6.60
C LYS O 173 57.05 64.86 -5.21
N ARG O 174 55.92 64.83 -4.50
CA ARG O 174 55.95 64.61 -3.07
C ARG O 174 56.07 63.14 -2.67
N TYR O 175 55.96 62.19 -3.59
CA TYR O 175 55.77 60.80 -3.21
C TYR O 175 57.10 60.10 -3.01
N ASN O 176 57.20 59.37 -1.89
CA ASN O 176 58.18 58.33 -1.68
C ASN O 176 57.51 57.21 -0.89
N GLU O 177 58.08 56.00 -1.00
CA GLU O 177 57.37 54.77 -0.64
C GLU O 177 57.14 54.66 0.87
N ASP O 178 58.14 55.05 1.67
CA ASP O 178 58.09 54.86 3.12
C ASP O 178 57.06 55.71 3.83
N LEU O 179 56.34 56.57 3.12
CA LEU O 179 55.35 57.49 3.70
C LEU O 179 54.28 56.75 4.48
N GLU O 180 54.01 57.21 5.68
CA GLU O 180 53.00 56.64 6.55
C GLU O 180 51.63 57.18 6.17
N LEU O 181 50.60 56.64 6.83
CA LEU O 181 49.22 56.95 6.45
C LEU O 181 48.85 58.39 6.76
N GLU O 182 49.29 58.91 7.90
CA GLU O 182 48.97 60.29 8.26
C GLU O 182 49.72 61.27 7.37
N ASP O 183 50.95 60.95 6.99
CA ASP O 183 51.65 61.75 6.01
C ASP O 183 51.02 61.63 4.63
N ALA O 184 50.37 60.50 4.35
CA ALA O 184 49.65 60.37 3.09
C ALA O 184 48.42 61.26 3.06
N ILE O 185 47.68 61.35 4.19
CA ILE O 185 46.58 62.31 4.29
C ILE O 185 47.11 63.74 4.15
N HIS O 186 48.25 64.02 4.77
CA HIS O 186 48.78 65.37 4.77
C HIS O 186 49.26 65.79 3.38
N THR O 187 49.74 64.83 2.59
CA THR O 187 50.05 65.12 1.19
C THR O 187 48.79 65.18 0.33
N ALA O 188 47.76 64.40 0.66
CA ALA O 188 46.54 64.39 -0.16
C ALA O 188 45.77 65.69 -0.04
N ILE O 189 45.72 66.27 1.17
CA ILE O 189 44.99 67.53 1.33
C ILE O 189 45.75 68.66 0.62
N LEU O 190 47.08 68.63 0.66
CA LEU O 190 47.86 69.60 -0.08
C LEU O 190 47.72 69.39 -1.59
N THR O 191 47.46 68.16 -2.03
CA THR O 191 47.21 67.92 -3.44
C THR O 191 45.87 68.47 -3.87
N LEU O 192 44.83 68.28 -3.04
CA LEU O 192 43.52 68.84 -3.37
C LEU O 192 43.47 70.35 -3.20
N LYS O 193 44.43 70.92 -2.45
CA LYS O 193 44.50 72.36 -2.28
C LYS O 193 44.84 73.10 -3.58
N GLU O 194 45.45 72.39 -4.55
CA GLU O 194 46.02 73.03 -5.73
C GLU O 194 44.97 73.69 -6.62
N SER O 195 43.75 73.15 -6.65
CA SER O 195 42.71 73.74 -7.48
C SER O 195 41.38 73.77 -6.72
N PHE O 196 41.44 74.09 -5.43
CA PHE O 196 40.23 74.10 -4.63
C PHE O 196 39.45 75.41 -4.83
N GLU O 197 40.19 76.51 -5.00
CA GLU O 197 39.66 77.86 -5.19
C GLU O 197 38.78 78.30 -4.01
N GLY O 198 39.42 78.38 -2.84
CA GLY O 198 38.85 79.13 -1.75
C GLY O 198 38.35 78.42 -0.51
N GLN O 199 39.14 78.50 0.57
CA GLN O 199 38.70 78.30 1.95
C GLN O 199 38.13 76.92 2.23
N MET O 200 38.98 75.90 2.19
CA MET O 200 38.55 74.54 2.49
C MET O 200 38.12 74.39 3.94
N THR O 201 37.05 73.64 4.16
CA THR O 201 36.46 73.41 5.47
C THR O 201 36.42 71.91 5.73
N GLU O 202 35.86 71.55 6.88
CA GLU O 202 35.53 70.17 7.16
C GLU O 202 34.27 69.72 6.43
N ASP O 203 33.54 70.63 5.80
CA ASP O 203 32.30 70.31 5.11
C ASP O 203 32.44 70.18 3.60
N ASN O 204 33.57 70.61 3.02
CA ASN O 204 33.68 70.61 1.57
C ASN O 204 34.81 69.71 1.06
N ILE O 205 35.38 68.85 1.91
CA ILE O 205 36.15 67.71 1.44
C ILE O 205 35.66 66.47 2.18
N GLU O 206 36.00 65.31 1.64
CA GLU O 206 35.65 64.04 2.25
C GLU O 206 36.84 63.11 2.13
N VAL O 207 37.31 62.59 3.25
CA VAL O 207 38.52 61.79 3.29
C VAL O 207 38.16 60.44 3.87
N GLY O 208 38.60 59.37 3.21
CA GLY O 208 38.50 58.04 3.77
C GLY O 208 39.83 57.35 3.71
N ILE O 209 40.08 56.49 4.71
CA ILE O 209 41.32 55.73 4.78
C ILE O 209 41.00 54.26 4.92
N CYS O 210 41.95 53.43 4.50
CA CYS O 210 41.91 52.00 4.73
C CYS O 210 43.25 51.59 5.30
N ASN O 211 43.22 50.70 6.29
CA ASN O 211 44.45 50.26 6.94
C ASN O 211 44.21 48.84 7.43
N GLU O 212 45.04 48.40 8.38
CA GLU O 212 44.81 47.10 9.04
C GLU O 212 43.50 47.09 9.81
N ALA O 213 43.06 48.24 10.32
CA ALA O 213 41.84 48.29 11.11
C ALA O 213 40.58 48.18 10.25
N GLY O 214 40.66 48.49 8.97
CA GLY O 214 39.52 48.42 8.08
C GLY O 214 39.37 49.70 7.30
N PHE O 215 38.22 49.85 6.66
CA PHE O 215 37.89 51.07 5.93
C PHE O 215 36.91 51.89 6.74
N ARG O 216 37.14 53.20 6.77
CA ARG O 216 36.20 54.10 7.43
C ARG O 216 36.35 55.50 6.85
N ARG O 217 35.24 56.22 6.79
CA ARG O 217 35.27 57.64 6.51
C ARG O 217 35.66 58.37 7.78
N LEU O 218 36.45 59.42 7.63
CA LEU O 218 36.80 60.23 8.78
C LEU O 218 35.66 61.18 9.13
N THR O 219 35.40 61.32 10.42
CA THR O 219 34.37 62.21 10.91
C THR O 219 34.79 63.66 10.65
N PRO O 220 33.82 64.58 10.54
CA PRO O 220 34.18 66.01 10.37
C PRO O 220 35.09 66.58 11.45
N THR O 221 35.04 66.08 12.69
CA THR O 221 35.97 66.52 13.71
C THR O 221 37.40 66.11 13.38
N GLU O 222 37.59 64.91 12.86
CA GLU O 222 38.94 64.45 12.53
C GLU O 222 39.51 65.14 11.30
N VAL O 223 38.67 65.40 10.29
CA VAL O 223 39.19 66.11 9.12
C VAL O 223 39.40 67.58 9.43
N LYS O 224 38.57 68.15 10.33
CA LYS O 224 38.81 69.50 10.84
C LYS O 224 40.09 69.55 11.67
N ASP O 225 40.43 68.46 12.34
CA ASP O 225 41.69 68.36 13.06
C ASP O 225 42.87 68.30 12.10
N TYR O 226 42.74 67.52 11.02
CA TYR O 226 43.83 67.44 10.05
C TYR O 226 43.99 68.73 9.26
N LEU O 227 42.92 69.50 9.07
CA LEU O 227 43.04 70.79 8.40
C LEU O 227 43.79 71.82 9.24
N ALA O 228 43.87 71.61 10.55
CA ALA O 228 44.82 72.36 11.36
C ALA O 228 46.23 71.96 10.93
N ALA O 229 47.09 72.97 10.77
CA ALA O 229 48.41 73.03 10.12
C ALA O 229 48.28 72.91 8.60
N ILE O 230 47.07 72.88 8.06
CA ILE O 230 46.84 72.89 6.62
C ILE O 230 45.96 74.08 6.23
N SER P 1 13.81 54.96 -33.98
CA SER P 1 14.83 53.95 -33.77
C SER P 1 15.70 53.71 -34.98
N ARG P 2 15.17 54.03 -36.15
CA ARG P 2 15.94 53.86 -37.37
C ARG P 2 16.79 55.07 -37.71
N ARG P 3 16.51 56.21 -37.10
CA ARG P 3 17.41 57.35 -37.26
C ARG P 3 18.75 57.09 -36.60
N TYR P 4 18.76 56.37 -35.48
CA TYR P 4 19.96 56.25 -34.66
C TYR P 4 20.74 54.99 -34.92
N ASP P 5 20.19 54.05 -35.69
CA ASP P 5 20.81 52.77 -35.93
C ASP P 5 22.07 52.96 -36.76
N SER P 6 23.21 52.62 -36.18
CA SER P 6 24.50 52.87 -36.80
CA SER P 6 24.48 52.89 -36.82
C SER P 6 24.85 51.86 -37.88
N ARG P 7 24.27 50.66 -37.83
CA ARG P 7 24.46 49.58 -38.80
C ARG P 7 25.94 49.21 -38.90
N THR P 8 26.45 48.69 -37.78
CA THR P 8 27.81 48.20 -37.73
C THR P 8 27.98 46.89 -38.48
N THR P 9 26.91 46.17 -38.77
CA THR P 9 26.99 44.83 -39.34
C THR P 9 26.52 44.76 -40.79
N ILE P 10 26.68 45.84 -41.56
CA ILE P 10 26.29 45.81 -42.95
C ILE P 10 27.53 45.97 -43.81
N PHE P 11 27.40 45.61 -45.08
CA PHE P 11 28.49 45.73 -46.03
C PHE P 11 28.69 47.15 -46.52
N SER P 12 29.85 47.38 -47.08
CA SER P 12 30.25 48.63 -47.71
C SER P 12 29.64 48.73 -49.10
N PRO P 13 29.85 49.83 -49.82
CA PRO P 13 29.66 49.78 -51.28
C PRO P 13 30.66 48.90 -52.02
N GLU P 14 31.70 48.39 -51.38
CA GLU P 14 32.68 47.53 -52.05
C GLU P 14 32.75 46.13 -51.47
N GLY P 15 31.91 45.79 -50.51
CA GLY P 15 32.00 44.50 -49.87
C GLY P 15 32.94 44.47 -48.68
N ARG P 16 33.00 45.55 -47.92
CA ARG P 16 33.85 45.66 -46.75
C ARG P 16 32.98 45.84 -45.52
N LEU P 17 33.54 45.51 -44.37
CA LEU P 17 32.88 45.75 -43.09
C LEU P 17 33.69 46.82 -42.37
N TYR P 18 33.17 48.06 -42.38
CA TYR P 18 33.96 49.22 -41.97
C TYR P 18 34.35 49.17 -40.50
N GLN P 19 33.50 48.61 -39.65
CA GLN P 19 33.87 48.52 -38.24
C GLN P 19 35.00 47.53 -38.02
N VAL P 20 35.10 46.48 -38.84
CA VAL P 20 36.21 45.54 -38.72
C VAL P 20 37.51 46.20 -39.16
N GLU P 21 37.45 47.01 -40.23
CA GLU P 21 38.64 47.71 -40.69
C GLU P 21 39.06 48.81 -39.72
N TYR P 22 38.09 49.46 -39.09
CA TYR P 22 38.43 50.48 -38.12
C TYR P 22 38.98 49.85 -36.85
N ALA P 23 38.51 48.65 -36.52
CA ALA P 23 39.13 47.89 -35.44
C ALA P 23 40.59 47.56 -35.76
N MET P 24 40.86 47.18 -37.01
CA MET P 24 42.23 46.89 -37.39
CA MET P 24 42.22 46.90 -37.47
C MET P 24 43.10 48.14 -37.34
N GLU P 25 42.54 49.30 -37.67
CA GLU P 25 43.32 50.52 -37.54
C GLU P 25 43.52 50.90 -36.08
N ALA P 26 42.60 50.51 -35.19
CA ALA P 26 42.84 50.67 -33.77
C ALA P 26 43.94 49.74 -33.27
N ILE P 27 44.04 48.56 -33.86
CA ILE P 27 45.12 47.64 -33.52
C ILE P 27 46.47 48.15 -34.00
N GLY P 28 46.47 48.85 -35.15
CA GLY P 28 47.69 49.41 -35.71
C GLY P 28 48.42 50.42 -34.81
N HIS P 29 47.74 50.98 -33.82
CA HIS P 29 48.36 51.85 -32.83
C HIS P 29 48.69 51.14 -31.53
N ALA P 30 48.35 49.85 -31.38
CA ALA P 30 48.55 49.14 -30.14
C ALA P 30 50.02 48.81 -29.92
N GLY P 31 50.30 48.19 -28.78
CA GLY P 31 51.67 47.88 -28.42
C GLY P 31 52.25 46.79 -29.30
N THR P 32 53.51 46.97 -29.67
CA THR P 32 54.26 45.97 -30.43
C THR P 32 54.43 44.72 -29.60
N CYS P 33 53.97 43.59 -30.13
CA CYS P 33 54.05 42.31 -29.44
C CYS P 33 54.44 41.26 -30.46
N LEU P 34 55.57 40.60 -30.24
CA LEU P 34 55.98 39.54 -31.15
C LEU P 34 56.27 38.26 -30.38
N GLY P 35 56.16 37.14 -31.10
CA GLY P 35 56.41 35.83 -30.55
C GLY P 35 57.15 34.97 -31.55
N ILE P 36 58.12 34.20 -31.07
CA ILE P 36 59.00 33.42 -31.94
C ILE P 36 58.95 31.98 -31.50
N LEU P 37 58.64 31.08 -32.43
CA LEU P 37 58.61 29.65 -32.18
C LEU P 37 60.01 29.05 -32.39
N ALA P 38 60.50 28.35 -31.38
CA ALA P 38 61.82 27.75 -31.39
C ALA P 38 61.68 26.24 -31.30
N ASN P 39 62.81 25.55 -31.17
CA ASN P 39 62.76 24.10 -31.02
C ASN P 39 62.20 23.70 -29.67
N ASP P 40 62.83 24.17 -28.59
CA ASP P 40 62.46 23.75 -27.24
C ASP P 40 61.54 24.74 -26.54
N GLY P 41 60.82 25.57 -27.28
CA GLY P 41 59.84 26.43 -26.64
C GLY P 41 59.41 27.56 -27.54
N VAL P 42 58.53 28.39 -26.99
CA VAL P 42 58.03 29.59 -27.66
C VAL P 42 58.21 30.75 -26.69
N LEU P 43 58.55 31.92 -27.21
CA LEU P 43 58.55 33.10 -26.38
C LEU P 43 57.48 34.08 -26.84
N LEU P 44 57.24 35.07 -26.00
CA LEU P 44 56.51 36.27 -26.37
C LEU P 44 57.35 37.48 -25.96
N ALA P 45 57.39 38.48 -26.84
CA ALA P 45 58.17 39.70 -26.59
C ALA P 45 57.28 40.89 -26.94
N ALA P 46 57.09 41.79 -26.00
CA ALA P 46 55.99 42.74 -26.06
C ALA P 46 56.50 44.16 -25.81
N GLU P 47 55.62 45.12 -26.01
CA GLU P 47 55.79 46.46 -25.47
C GLU P 47 54.88 46.65 -24.26
N ARG P 48 55.47 47.07 -23.14
CA ARG P 48 54.66 47.50 -22.00
C ARG P 48 54.03 48.85 -22.29
N ARG P 49 52.70 48.89 -22.24
CA ARG P 49 51.98 50.13 -22.40
C ARG P 49 51.69 50.85 -21.09
N ASN P 50 51.95 50.21 -19.94
CA ASN P 50 51.95 50.96 -18.69
C ASN P 50 53.26 51.74 -18.57
N ILE P 51 53.42 52.74 -19.44
CA ILE P 51 54.67 53.49 -19.57
C ILE P 51 54.78 54.38 -18.35
N HIS P 52 55.92 54.28 -17.67
CA HIS P 52 55.94 54.42 -16.22
C HIS P 52 55.68 55.85 -15.75
N LYS P 53 55.17 55.89 -14.54
CA LYS P 53 54.59 57.01 -13.82
C LYS P 53 54.61 56.44 -12.41
N LEU P 54 53.68 56.84 -11.56
CA LEU P 54 53.59 56.29 -10.22
C LEU P 54 52.86 54.94 -10.16
N LEU P 55 52.87 54.18 -11.27
CA LEU P 55 52.22 52.87 -11.35
C LEU P 55 52.81 51.87 -10.36
N ASP P 56 52.04 50.81 -10.10
CA ASP P 56 52.28 49.97 -8.94
C ASP P 56 52.89 48.62 -9.29
N GLU P 57 52.53 48.05 -10.45
CA GLU P 57 52.98 46.73 -10.94
C GLU P 57 52.64 45.62 -9.93
N VAL P 58 51.34 45.39 -9.78
CA VAL P 58 50.83 44.45 -8.79
C VAL P 58 50.71 43.05 -9.36
N PHE P 59 50.49 42.92 -10.66
CA PHE P 59 50.32 41.60 -11.24
C PHE P 59 51.65 41.07 -11.73
N PHE P 60 51.69 39.76 -11.99
CA PHE P 60 52.89 39.18 -12.57
C PHE P 60 53.00 39.42 -14.06
N SER P 61 51.91 39.85 -14.71
CA SER P 61 51.96 40.26 -16.09
C SER P 61 50.93 41.34 -16.31
N GLU P 62 51.14 42.15 -17.35
CA GLU P 62 50.15 43.13 -17.77
C GLU P 62 49.30 42.60 -18.91
N LYS P 63 49.94 42.02 -19.93
CA LYS P 63 49.30 41.63 -21.16
C LYS P 63 49.45 40.16 -21.45
N ILE P 64 50.20 39.42 -20.64
CA ILE P 64 50.32 37.97 -20.77
C ILE P 64 49.25 37.35 -19.90
N TYR P 65 48.47 36.45 -20.48
CA TYR P 65 47.34 35.82 -19.79
C TYR P 65 47.49 34.31 -19.88
N LYS P 66 47.62 33.65 -18.75
CA LYS P 66 47.57 32.20 -18.73
C LYS P 66 46.14 31.76 -19.01
N LEU P 67 45.97 30.81 -19.93
CA LEU P 67 44.63 30.36 -20.30
C LEU P 67 44.28 28.99 -19.74
N ASN P 68 45.26 28.11 -19.62
CA ASN P 68 45.17 26.89 -18.84
C ASN P 68 46.58 26.52 -18.43
N GLU P 69 46.79 25.25 -18.06
CA GLU P 69 48.11 24.82 -17.64
C GLU P 69 49.10 24.80 -18.80
N ASP P 70 48.63 24.71 -20.04
CA ASP P 70 49.50 24.47 -21.18
C ASP P 70 49.59 25.63 -22.17
N MET P 71 48.87 26.73 -21.96
CA MET P 71 48.83 27.79 -22.96
C MET P 71 48.93 29.14 -22.29
N ALA P 72 49.30 30.14 -23.08
CA ALA P 72 49.31 31.53 -22.64
C ALA P 72 48.93 32.38 -23.83
N CYS P 73 48.61 33.65 -23.59
CA CYS P 73 48.30 34.52 -24.71
C CYS P 73 48.73 35.94 -24.41
N SER P 74 48.93 36.69 -25.48
CA SER P 74 49.12 38.13 -25.42
C SER P 74 47.93 38.79 -26.06
N VAL P 75 47.77 40.09 -25.84
CA VAL P 75 46.70 40.86 -26.46
C VAL P 75 47.29 42.17 -26.95
N ALA P 76 46.54 42.83 -27.83
CA ALA P 76 46.87 44.18 -28.30
C ALA P 76 45.61 44.77 -28.90
N GLY P 77 45.28 45.98 -28.51
CA GLY P 77 44.04 46.59 -28.93
C GLY P 77 43.43 47.34 -27.77
N ILE P 78 42.13 47.26 -27.61
CA ILE P 78 41.49 47.82 -26.44
C ILE P 78 41.75 46.88 -25.26
N THR P 79 42.06 47.45 -24.10
CA THR P 79 42.30 46.62 -22.92
C THR P 79 41.02 45.93 -22.46
N SER P 80 39.89 46.64 -22.55
CA SER P 80 38.65 46.15 -21.95
C SER P 80 38.03 45.03 -22.77
N ASP P 81 38.13 45.11 -24.11
CA ASP P 81 37.68 44.01 -24.95
C ASP P 81 38.53 42.77 -24.71
N ALA P 82 39.83 42.96 -24.54
CA ALA P 82 40.75 41.86 -24.33
C ALA P 82 40.49 41.15 -23.02
N ASN P 83 40.09 41.90 -21.98
CA ASN P 83 39.73 41.25 -20.72
C ASN P 83 38.51 40.35 -20.88
N VAL P 84 37.55 40.77 -21.69
CA VAL P 84 36.35 39.97 -21.90
C VAL P 84 36.67 38.69 -22.68
N LEU P 85 37.48 38.82 -23.72
CA LEU P 85 37.80 37.64 -24.52
C LEU P 85 38.70 36.67 -23.78
N THR P 86 39.65 37.17 -23.00
CA THR P 86 40.46 36.22 -22.24
C THR P 86 39.77 35.73 -20.99
N ASN P 87 38.65 36.34 -20.60
CA ASN P 87 37.75 35.68 -19.65
C ASN P 87 36.98 34.57 -20.34
N GLU P 88 36.66 34.75 -21.61
CA GLU P 88 35.92 33.73 -22.35
C GLU P 88 36.78 32.52 -22.67
N LEU P 89 38.05 32.76 -23.00
CA LEU P 89 38.96 31.69 -23.41
C LEU P 89 39.16 30.68 -22.30
N ARG P 90 39.22 31.15 -21.06
CA ARG P 90 39.38 30.25 -19.92
C ARG P 90 38.15 29.38 -19.73
N LEU P 91 36.95 29.94 -19.98
CA LEU P 91 35.74 29.13 -19.89
C LEU P 91 35.69 28.07 -20.97
N ILE P 92 36.19 28.39 -22.17
CA ILE P 92 36.23 27.40 -23.25
C ILE P 92 37.17 26.25 -22.90
N ALA P 93 38.39 26.60 -22.47
CA ALA P 93 39.40 25.59 -22.16
C ALA P 93 39.00 24.76 -20.96
N GLN P 94 38.31 25.34 -19.99
CA GLN P 94 37.89 24.54 -18.86
C GLN P 94 36.61 23.77 -19.12
N ARG P 95 35.78 24.19 -20.08
CA ARG P 95 34.69 23.31 -20.52
C ARG P 95 35.23 22.09 -21.22
N TYR P 96 36.30 22.25 -22.00
CA TYR P 96 36.89 21.09 -22.66
C TYR P 96 37.54 20.15 -21.64
N LEU P 97 38.33 20.71 -20.71
CA LEU P 97 38.99 19.89 -19.70
C LEU P 97 37.98 19.25 -18.75
N LEU P 98 36.84 19.90 -18.52
CA LEU P 98 35.73 19.25 -17.84
C LEU P 98 35.21 18.06 -18.63
N GLN P 99 34.98 18.25 -19.93
CA GLN P 99 34.22 17.25 -20.69
C GLN P 99 35.07 16.03 -21.06
N TYR P 100 36.35 16.20 -21.33
CA TYR P 100 37.16 15.09 -21.80
C TYR P 100 38.24 14.63 -20.84
N GLN P 101 38.47 15.35 -19.74
CA GLN P 101 39.50 15.05 -18.73
C GLN P 101 40.90 14.97 -19.34
N GLU P 102 41.14 15.82 -20.34
CA GLU P 102 42.47 16.02 -20.91
C GLU P 102 42.55 17.46 -21.38
N PRO P 103 43.74 18.06 -21.38
CA PRO P 103 43.85 19.46 -21.77
C PRO P 103 43.61 19.67 -23.25
N ILE P 104 43.14 20.86 -23.58
CA ILE P 104 42.58 21.16 -24.89
C ILE P 104 43.71 21.33 -25.91
N PRO P 105 43.54 20.82 -27.13
CA PRO P 105 44.49 21.14 -28.19
C PRO P 105 44.43 22.61 -28.56
N CYS P 106 45.58 23.13 -28.98
CA CYS P 106 45.80 24.57 -29.01
C CYS P 106 45.00 25.25 -30.12
N GLU P 107 44.61 24.51 -31.14
CA GLU P 107 43.91 25.15 -32.25
C GLU P 107 42.42 25.29 -31.97
N GLN P 108 41.87 24.38 -31.16
CA GLN P 108 40.43 24.39 -30.88
C GLN P 108 40.02 25.64 -30.12
N LEU P 109 40.88 26.12 -29.23
CA LEU P 109 40.61 27.34 -28.48
C LEU P 109 40.59 28.55 -29.40
N VAL P 110 41.52 28.58 -30.36
CA VAL P 110 41.63 29.73 -31.25
C VAL P 110 40.47 29.76 -32.23
N THR P 111 40.08 28.59 -32.76
CA THR P 111 38.94 28.58 -33.68
C THR P 111 37.63 28.83 -32.95
N ALA P 112 37.55 28.45 -31.66
CA ALA P 112 36.36 28.78 -30.89
C ALA P 112 36.23 30.27 -30.67
N LEU P 113 37.33 30.94 -30.33
CA LEU P 113 37.24 32.38 -30.12
C LEU P 113 37.07 33.12 -31.44
N CYS P 114 37.61 32.58 -32.53
CA CYS P 114 37.33 33.21 -33.80
C CYS P 114 35.91 32.96 -34.28
N ASP P 115 35.27 31.88 -33.81
CA ASP P 115 33.83 31.73 -34.05
C ASP P 115 33.05 32.80 -33.29
N ILE P 116 33.45 33.08 -32.05
CA ILE P 116 32.77 34.10 -31.25
C ILE P 116 33.00 35.50 -31.83
N LYS P 117 34.23 35.81 -32.24
CA LYS P 117 34.51 37.10 -32.87
C LYS P 117 33.88 37.22 -34.25
N GLN P 118 33.66 36.09 -34.94
CA GLN P 118 33.01 36.16 -36.23
C GLN P 118 31.52 36.41 -36.09
N ALA P 119 30.93 35.89 -35.01
CA ALA P 119 29.50 36.05 -34.80
C ALA P 119 29.12 37.51 -34.61
N TYR P 120 29.98 38.31 -33.97
CA TYR P 120 29.60 39.70 -33.73
C TYR P 120 29.83 40.58 -34.95
N THR P 121 30.56 40.12 -35.95
CA THR P 121 30.75 40.91 -37.15
C THR P 121 29.62 40.76 -38.14
N GLN P 122 28.72 39.81 -37.91
CA GLN P 122 27.67 39.48 -38.84
C GLN P 122 26.29 39.92 -38.39
N PHE P 123 25.93 39.65 -37.15
CA PHE P 123 24.59 39.93 -36.67
C PHE P 123 24.65 40.47 -35.25
N GLY P 124 23.48 40.76 -34.70
CA GLY P 124 23.37 41.28 -33.36
C GLY P 124 23.45 42.78 -33.28
N GLY P 125 24.07 43.43 -34.26
CA GLY P 125 24.13 44.88 -34.29
C GLY P 125 25.02 45.51 -33.26
N LYS P 126 25.94 44.75 -32.69
CA LYS P 126 26.88 45.32 -31.74
C LYS P 126 28.09 45.89 -32.48
N ARG P 127 29.00 46.49 -31.72
CA ARG P 127 30.31 46.78 -32.29
C ARG P 127 31.21 45.54 -32.12
N PRO P 128 32.17 45.35 -33.02
CA PRO P 128 33.07 44.20 -32.89
C PRO P 128 34.22 44.51 -31.95
N PHE P 129 34.79 43.43 -31.40
CA PHE P 129 35.96 43.58 -30.54
C PHE P 129 37.15 44.03 -31.36
N GLY P 130 37.86 45.05 -30.89
CA GLY P 130 39.06 45.48 -31.56
C GLY P 130 40.39 44.98 -31.00
N VAL P 131 40.63 43.67 -30.95
CA VAL P 131 41.85 43.14 -30.34
C VAL P 131 42.48 42.06 -31.22
N SER P 132 43.81 42.05 -31.27
CA SER P 132 44.57 40.91 -31.75
C SER P 132 45.10 40.13 -30.57
N LEU P 133 45.20 38.82 -30.74
CA LEU P 133 45.70 37.96 -29.68
C LEU P 133 46.74 37.03 -30.27
N LEU P 134 47.92 37.00 -29.67
CA LEU P 134 48.94 36.04 -30.04
C LEU P 134 48.85 34.88 -29.08
N TYR P 135 48.96 33.68 -29.61
CA TYR P 135 48.62 32.46 -28.89
C TYR P 135 49.83 31.56 -28.86
N ILE P 136 50.33 31.29 -27.67
CA ILE P 136 51.37 30.29 -27.52
C ILE P 136 50.78 29.14 -26.70
N GLY P 137 51.35 27.96 -26.88
CA GLY P 137 50.85 26.83 -26.14
C GLY P 137 51.50 25.56 -26.59
N TRP P 138 51.52 24.60 -25.68
CA TRP P 138 52.06 23.27 -25.92
C TRP P 138 50.94 22.26 -25.82
N ASP P 139 51.02 21.20 -26.63
CA ASP P 139 50.16 20.05 -26.48
C ASP P 139 50.95 18.81 -26.84
N LYS P 140 50.35 17.64 -26.62
CA LYS P 140 51.02 16.41 -26.97
C LYS P 140 50.87 16.04 -28.44
N HIS P 141 50.05 16.76 -29.20
CA HIS P 141 49.84 16.42 -30.61
C HIS P 141 50.88 17.06 -31.52
N TYR P 142 51.16 18.35 -31.37
CA TYR P 142 52.10 19.01 -32.24
C TYR P 142 53.14 19.82 -31.47
N GLY P 143 53.13 19.75 -30.15
CA GLY P 143 54.15 20.42 -29.38
C GLY P 143 53.96 21.92 -29.37
N PHE P 144 55.06 22.63 -29.46
CA PHE P 144 55.06 24.08 -29.31
C PHE P 144 54.51 24.74 -30.56
N GLN P 145 53.56 25.66 -30.39
CA GLN P 145 52.84 26.25 -31.50
C GLN P 145 52.78 27.76 -31.34
N LEU P 146 52.27 28.43 -32.37
CA LEU P 146 52.03 29.86 -32.35
C LEU P 146 50.83 30.18 -33.23
N TYR P 147 49.99 31.13 -32.80
CA TYR P 147 48.90 31.63 -33.64
C TYR P 147 48.81 33.15 -33.55
N GLN P 148 48.04 33.72 -34.48
CA GLN P 148 47.68 35.13 -34.48
C GLN P 148 46.23 35.26 -34.90
N SER P 149 45.45 36.05 -34.17
CA SER P 149 44.04 36.26 -34.48
C SER P 149 43.75 37.74 -34.65
N ASP P 150 42.63 38.04 -35.29
CA ASP P 150 42.27 39.40 -35.66
C ASP P 150 40.79 39.62 -35.29
N PRO P 151 40.22 40.83 -35.43
CA PRO P 151 38.77 40.97 -35.22
C PRO P 151 37.90 40.28 -36.24
N SER P 152 38.41 39.96 -37.43
CA SER P 152 37.56 39.34 -38.44
C SER P 152 37.32 37.87 -38.16
N GLY P 153 38.14 37.24 -37.34
CA GLY P 153 38.00 35.81 -37.09
C GLY P 153 38.95 34.92 -37.86
N ASN P 154 40.05 35.47 -38.36
CA ASN P 154 41.07 34.70 -39.05
C ASN P 154 42.09 34.18 -38.07
N TYR P 155 42.76 33.10 -38.44
CA TYR P 155 43.88 32.61 -37.64
C TYR P 155 44.86 31.91 -38.55
N GLY P 156 46.11 31.85 -38.13
CA GLY P 156 47.12 31.14 -38.89
C GLY P 156 48.23 30.66 -37.99
N GLY P 157 48.94 29.63 -38.46
CA GLY P 157 50.10 29.11 -37.76
C GLY P 157 51.35 29.82 -38.24
N TRP P 158 52.22 30.13 -37.30
CA TRP P 158 53.39 30.96 -37.57
C TRP P 158 54.56 30.38 -36.79
N LYS P 159 55.77 30.67 -37.26
CA LYS P 159 56.94 30.39 -36.45
C LYS P 159 57.58 31.66 -35.90
N ALA P 160 57.32 32.81 -36.53
CA ALA P 160 57.60 34.10 -35.93
C ALA P 160 56.72 35.13 -36.60
N THR P 161 56.16 36.03 -35.79
CA THR P 161 55.24 37.06 -36.28
C THR P 161 55.18 38.18 -35.26
N CYS P 162 54.56 39.28 -35.65
CA CYS P 162 54.50 40.47 -34.80
C CYS P 162 53.23 41.26 -35.07
N ILE P 163 52.62 41.76 -34.01
CA ILE P 163 51.42 42.60 -34.10
C ILE P 163 51.74 43.96 -33.49
N GLY P 164 50.78 44.86 -33.58
CA GLY P 164 50.89 46.14 -32.89
C GLY P 164 51.57 47.22 -33.69
N ASN P 165 52.20 48.17 -32.98
CA ASN P 165 52.89 49.27 -33.63
C ASN P 165 54.09 48.76 -34.40
N ASN P 166 54.23 49.23 -35.64
CA ASN P 166 55.35 48.93 -36.54
C ASN P 166 55.50 47.44 -36.80
N SER P 167 54.36 46.74 -36.89
CA SER P 167 54.37 45.28 -36.95
C SER P 167 54.90 44.76 -38.27
N ALA P 168 54.60 45.44 -39.38
CA ALA P 168 55.06 44.99 -40.68
C ALA P 168 56.58 45.11 -40.82
N ALA P 169 57.15 46.20 -40.28
CA ALA P 169 58.59 46.35 -40.30
C ALA P 169 59.28 45.36 -39.37
N ALA P 170 58.60 44.95 -38.29
CA ALA P 170 59.16 43.96 -37.40
C ALA P 170 59.18 42.57 -38.04
N VAL P 171 58.08 42.20 -38.72
CA VAL P 171 58.08 40.94 -39.47
C VAL P 171 59.06 41.02 -40.67
N SER P 172 59.33 42.23 -41.17
CA SER P 172 60.34 42.40 -42.21
C SER P 172 61.73 42.06 -41.68
N MET P 173 62.03 42.45 -40.44
CA MET P 173 63.27 41.99 -39.80
C MET P 173 63.20 40.52 -39.46
N LEU P 174 62.01 40.00 -39.15
CA LEU P 174 61.90 38.62 -38.70
C LEU P 174 62.10 37.63 -39.83
N LYS P 175 61.81 38.04 -41.07
CA LYS P 175 61.96 37.13 -42.21
C LYS P 175 63.42 36.73 -42.44
N GLN P 176 64.33 37.69 -42.30
CA GLN P 176 65.69 37.50 -42.80
C GLN P 176 66.56 36.65 -41.86
N ASP P 177 66.19 36.56 -40.58
CA ASP P 177 67.09 36.04 -39.57
C ASP P 177 66.64 34.73 -38.94
N TYR P 178 65.44 34.26 -39.22
CA TYR P 178 64.90 33.08 -38.56
C TYR P 178 65.53 31.81 -39.13
N LYS P 179 66.05 30.97 -38.25
CA LYS P 179 66.71 29.71 -38.64
C LYS P 179 65.73 28.57 -38.39
N GLU P 180 65.11 28.10 -39.46
CA GLU P 180 63.97 27.18 -39.36
C GLU P 180 64.37 25.83 -38.80
N GLY P 181 63.89 25.52 -37.61
CA GLY P 181 64.23 24.27 -36.95
C GLY P 181 65.53 24.29 -36.18
N GLU P 182 66.22 25.43 -36.10
CA GLU P 182 67.50 25.51 -35.43
C GLU P 182 67.53 26.48 -34.26
N MET P 183 66.44 27.21 -34.02
CA MET P 183 66.46 28.25 -33.00
C MET P 183 66.30 27.63 -31.62
N THR P 184 67.18 27.99 -30.69
CA THR P 184 67.00 27.64 -29.29
C THR P 184 66.24 28.74 -28.58
N LEU P 185 66.10 28.60 -27.26
CA LEU P 185 65.55 29.69 -26.47
C LEU P 185 66.51 30.87 -26.40
N LYS P 186 67.81 30.62 -26.23
CA LYS P 186 68.76 31.73 -26.00
C LYS P 186 68.92 32.60 -27.24
N SER P 187 69.04 31.96 -28.42
CA SER P 187 69.13 32.70 -29.66
C SER P 187 67.82 33.41 -30.01
N ALA P 188 66.68 32.85 -29.58
CA ALA P 188 65.41 33.52 -29.82
C ALA P 188 65.25 34.73 -28.90
N LEU P 189 65.69 34.63 -27.65
CA LEU P 189 65.69 35.79 -26.77
C LEU P 189 66.65 36.88 -27.25
N ALA P 190 67.79 36.48 -27.84
CA ALA P 190 68.66 37.45 -28.46
C ALA P 190 67.99 38.10 -29.67
N LEU P 191 67.29 37.29 -30.47
CA LEU P 191 66.69 37.77 -31.71
C LEU P 191 65.50 38.68 -31.44
N ALA P 192 64.69 38.36 -30.43
CA ALA P 192 63.50 39.15 -30.14
C ALA P 192 63.87 40.55 -29.64
N ILE P 193 64.88 40.64 -28.76
CA ILE P 193 65.33 41.96 -28.34
C ILE P 193 66.11 42.65 -29.46
N LYS P 194 66.69 41.89 -30.39
CA LYS P 194 67.26 42.51 -31.58
C LYS P 194 66.20 43.25 -32.41
N VAL P 195 65.04 42.65 -32.59
CA VAL P 195 63.96 43.34 -33.31
C VAL P 195 63.36 44.45 -32.47
N LEU P 196 63.11 44.18 -31.18
CA LEU P 196 62.49 45.16 -30.30
C LEU P 196 63.38 46.36 -30.06
N ASN P 197 64.69 46.21 -30.23
CA ASN P 197 65.59 47.34 -30.17
C ASN P 197 65.40 48.28 -31.36
N LYS P 198 64.88 47.78 -32.48
CA LYS P 198 64.68 48.61 -33.67
C LYS P 198 63.23 48.87 -34.03
N THR P 199 62.27 48.46 -33.21
CA THR P 199 60.87 48.83 -33.48
C THR P 199 60.31 49.86 -32.51
N MET P 200 61.02 50.19 -31.43
CA MET P 200 60.50 51.03 -30.36
C MET P 200 61.12 52.42 -30.43
N ASP P 201 60.35 53.40 -30.92
CA ASP P 201 60.87 54.75 -31.11
C ASP P 201 60.87 55.59 -29.83
N VAL P 202 60.08 55.24 -28.81
CA VAL P 202 59.98 56.04 -27.59
C VAL P 202 61.03 55.55 -26.59
N SER P 203 61.89 56.48 -26.13
CA SER P 203 62.75 56.38 -24.95
C SER P 203 63.68 55.17 -24.95
N LYS P 204 64.68 55.16 -25.85
CA LYS P 204 65.56 54.04 -26.20
C LYS P 204 65.97 53.11 -25.06
N LEU P 205 65.86 51.80 -25.33
CA LEU P 205 65.38 50.76 -24.42
C LEU P 205 65.98 50.81 -23.02
N SER P 206 65.12 50.60 -22.03
CA SER P 206 65.45 50.58 -20.62
C SER P 206 64.95 49.25 -20.04
N ALA P 207 65.01 49.15 -18.70
CA ALA P 207 64.71 47.90 -18.00
C ALA P 207 63.32 47.36 -18.33
N GLU P 208 62.25 47.99 -17.82
CA GLU P 208 61.00 47.76 -18.52
C GLU P 208 61.11 48.50 -19.85
N LYS P 209 60.52 47.97 -20.93
CA LYS P 209 59.46 48.60 -21.71
C LYS P 209 58.71 47.46 -22.42
N VAL P 210 58.67 46.32 -21.73
CA VAL P 210 58.60 45.01 -22.35
C VAL P 210 58.12 43.98 -21.33
N GLU P 211 57.46 42.95 -21.81
CA GLU P 211 57.28 41.71 -21.04
C GLU P 211 57.82 40.60 -21.91
N ILE P 212 58.61 39.72 -21.33
CA ILE P 212 59.17 38.60 -22.06
C ILE P 212 58.87 37.33 -21.26
N ALA P 213 58.14 36.40 -21.89
CA ALA P 213 57.75 35.18 -21.23
C ALA P 213 57.99 34.01 -22.17
N THR P 214 58.53 32.93 -21.61
CA THR P 214 58.87 31.74 -22.38
C THR P 214 57.99 30.59 -21.92
N LEU P 215 57.75 29.65 -22.83
CA LEU P 215 56.91 28.50 -22.56
C LEU P 215 57.76 27.27 -22.83
N THR P 216 58.07 26.50 -21.79
CA THR P 216 59.02 25.41 -21.91
C THR P 216 58.41 24.18 -21.25
N ARG P 217 58.95 23.00 -21.58
CA ARG P 217 58.56 21.73 -20.99
C ARG P 217 59.68 21.24 -20.09
N GLU P 218 59.35 20.95 -18.84
CA GLU P 218 60.33 20.55 -17.84
C GLU P 218 59.76 19.42 -17.01
N ASN P 219 60.39 18.25 -17.09
CA ASN P 219 60.03 17.03 -16.33
C ASN P 219 58.57 16.63 -16.57
N GLY P 220 58.12 16.74 -17.82
CA GLY P 220 56.75 16.40 -18.12
C GLY P 220 55.72 17.41 -17.65
N LYS P 221 56.13 18.65 -17.41
CA LYS P 221 55.24 19.70 -16.94
C LYS P 221 55.55 20.97 -17.72
N THR P 222 54.50 21.69 -18.11
CA THR P 222 54.65 22.89 -18.91
C THR P 222 54.91 24.08 -17.99
N VAL P 223 55.97 24.84 -18.29
CA VAL P 223 56.39 25.95 -17.45
C VAL P 223 56.24 27.22 -18.26
N ILE P 224 55.40 28.13 -17.78
CA ILE P 224 55.26 29.47 -18.33
C ILE P 224 55.71 30.43 -17.27
N ARG P 225 56.75 31.19 -17.56
CA ARG P 225 57.20 32.20 -16.63
C ARG P 225 57.50 33.46 -17.40
N VAL P 226 57.20 34.59 -16.78
CA VAL P 226 57.65 35.89 -17.25
C VAL P 226 59.01 36.12 -16.60
N LEU P 227 59.98 36.51 -17.41
CA LEU P 227 61.31 36.83 -16.90
C LEU P 227 61.25 38.04 -15.96
N LYS P 228 61.92 37.91 -14.82
CA LYS P 228 61.92 38.94 -13.79
C LYS P 228 62.76 40.15 -14.21
N GLN P 229 62.92 41.15 -13.32
CA GLN P 229 63.57 42.42 -13.64
C GLN P 229 65.07 42.27 -13.90
N LYS P 230 65.73 41.32 -13.23
CA LYS P 230 67.18 41.15 -13.34
C LYS P 230 67.55 40.46 -14.64
N GLU P 231 66.70 39.55 -15.11
CA GLU P 231 67.06 38.72 -16.23
C GLU P 231 66.79 39.45 -17.53
N VAL P 232 65.70 40.21 -17.58
CA VAL P 232 65.48 41.13 -18.70
C VAL P 232 66.60 42.20 -18.76
N GLU P 233 66.98 42.80 -17.58
CA GLU P 233 68.08 43.76 -17.43
C GLU P 233 69.39 43.27 -18.04
N GLN P 234 69.68 41.99 -17.80
CA GLN P 234 70.92 41.44 -18.31
C GLN P 234 70.86 41.25 -19.83
N LEU P 235 69.83 40.48 -20.34
CA LEU P 235 69.52 40.18 -21.77
C LEU P 235 69.65 41.45 -22.65
N ILE P 236 69.26 42.62 -22.09
CA ILE P 236 69.31 43.83 -22.89
C ILE P 236 70.68 44.52 -22.86
N LYS P 237 71.32 44.79 -21.66
CA LYS P 237 72.64 45.40 -21.84
C LYS P 237 73.60 44.42 -22.51
N LYS P 238 74.33 43.62 -21.77
CA LYS P 238 74.47 42.22 -21.99
C LYS P 238 73.53 41.88 -23.20
N HIS P 239 73.81 42.14 -24.54
CA HIS P 239 73.40 42.35 -26.01
C HIS P 239 73.23 43.68 -26.81
N GLU P 240 73.14 44.84 -26.15
CA GLU P 240 73.76 46.03 -26.73
C GLU P 240 75.26 45.85 -26.81
N GLU P 241 75.80 44.98 -25.95
CA GLU P 241 77.15 44.46 -26.11
C GLU P 241 77.36 43.84 -27.48
N GLU P 242 76.45 42.96 -27.91
CA GLU P 242 76.58 42.34 -29.22
C GLU P 242 76.42 43.36 -30.33
N GLU P 243 75.57 44.37 -30.14
CA GLU P 243 75.55 45.47 -31.10
C GLU P 243 76.84 46.31 -31.08
N ALA P 244 77.56 46.34 -29.96
CA ALA P 244 78.83 47.06 -29.96
C ALA P 244 79.94 46.24 -30.62
N LYS P 245 79.88 44.91 -30.52
CA LYS P 245 80.88 44.07 -31.18
C LYS P 245 80.69 43.96 -32.69
N ALA P 246 79.58 44.49 -33.23
CA ALA P 246 79.24 44.34 -34.65
C ALA P 246 80.17 45.10 -35.59
N GLU P 247 80.95 46.05 -35.09
CA GLU P 247 81.92 46.74 -35.92
C GLU P 247 83.25 46.00 -35.92
N SER Q 1 15.97 41.29 -28.81
CA SER Q 1 17.17 41.13 -29.63
C SER Q 1 17.19 42.13 -30.78
N TYR Q 2 18.08 41.89 -31.75
CA TYR Q 2 18.27 42.77 -32.89
C TYR Q 2 17.59 42.19 -34.10
N ASP Q 3 16.56 42.88 -34.60
CA ASP Q 3 15.69 42.32 -35.62
C ASP Q 3 15.31 43.38 -36.66
N ARG Q 4 16.27 44.23 -37.05
CA ARG Q 4 16.04 45.03 -38.24
C ARG Q 4 16.19 44.18 -39.49
N ALA Q 5 15.68 44.70 -40.60
CA ALA Q 5 15.91 44.09 -41.89
C ALA Q 5 17.14 44.74 -42.52
N ILE Q 6 18.18 43.94 -42.76
CA ILE Q 6 19.37 44.46 -43.41
C ILE Q 6 19.28 44.34 -44.92
N THR Q 7 18.90 43.16 -45.41
CA THR Q 7 18.84 42.90 -46.85
C THR Q 7 17.45 43.27 -47.35
N VAL Q 8 17.33 44.45 -47.96
CA VAL Q 8 16.06 44.93 -48.46
C VAL Q 8 16.20 45.24 -49.94
N PHE Q 9 15.06 45.27 -50.62
CA PHE Q 9 15.04 45.44 -52.06
C PHE Q 9 15.37 46.87 -52.45
N SER Q 10 16.17 47.01 -53.50
CA SER Q 10 16.57 48.32 -54.00
C SER Q 10 15.49 48.78 -54.97
N PRO Q 11 15.53 50.02 -55.49
CA PRO Q 11 14.50 50.44 -56.46
C PRO Q 11 14.35 49.59 -57.71
N ASP Q 12 15.38 48.83 -58.12
CA ASP Q 12 15.25 47.88 -59.22
C ASP Q 12 15.92 46.57 -58.82
N GLY Q 13 15.13 45.71 -58.15
CA GLY Q 13 15.35 44.28 -57.97
C GLY Q 13 16.76 43.80 -57.72
N HIS Q 14 17.39 44.34 -56.68
CA HIS Q 14 18.80 44.05 -56.42
C HIS Q 14 18.97 44.12 -54.91
N LEU Q 15 19.01 42.95 -54.29
CA LEU Q 15 19.32 42.88 -52.87
C LEU Q 15 20.76 43.35 -52.73
N PHE Q 16 20.92 44.59 -52.24
CA PHE Q 16 22.22 45.26 -52.18
C PHE Q 16 23.25 44.43 -51.44
N GLN Q 17 22.86 43.87 -50.31
CA GLN Q 17 23.79 43.07 -49.54
C GLN Q 17 24.13 41.74 -50.22
N VAL Q 18 23.30 41.27 -51.16
CA VAL Q 18 23.66 40.08 -51.91
C VAL Q 18 24.69 40.43 -52.99
N GLU Q 19 24.56 41.60 -53.61
CA GLU Q 19 25.58 42.08 -54.54
C GLU Q 19 26.92 42.29 -53.83
N TYR Q 20 26.88 42.90 -52.65
CA TYR Q 20 28.09 43.13 -51.90
C TYR Q 20 28.67 41.85 -51.31
N ALA Q 21 27.83 40.85 -51.02
CA ALA Q 21 28.34 39.55 -50.62
C ALA Q 21 29.08 38.88 -51.76
N GLN Q 22 28.58 39.05 -52.99
CA GLN Q 22 29.34 38.55 -54.13
C GLN Q 22 30.58 39.39 -54.42
N GLU Q 23 30.60 40.67 -54.00
CA GLU Q 23 31.85 41.43 -54.00
C GLU Q 23 32.86 40.82 -53.04
N ALA Q 24 32.39 40.44 -51.85
CA ALA Q 24 33.26 39.78 -50.86
C ALA Q 24 33.74 38.43 -51.35
N VAL Q 25 32.96 37.77 -52.22
CA VAL Q 25 33.47 36.63 -52.96
C VAL Q 25 34.58 37.08 -53.91
N LYS Q 26 34.39 38.22 -54.57
CA LYS Q 26 35.25 38.57 -55.71
C LYS Q 26 36.68 38.93 -55.30
N LYS Q 27 36.95 39.16 -54.02
CA LYS Q 27 38.33 39.44 -53.63
C LYS Q 27 39.00 38.28 -52.88
N GLY Q 28 38.32 37.16 -52.71
CA GLY Q 28 38.92 36.01 -52.05
C GLY Q 28 39.92 35.28 -52.93
N SER Q 29 40.47 34.21 -52.38
CA SER Q 29 41.40 33.36 -53.12
C SER Q 29 40.66 32.54 -54.16
N THR Q 30 41.27 32.39 -55.35
CA THR Q 30 40.67 31.62 -56.43
C THR Q 30 40.92 30.13 -56.22
N ALA Q 31 39.87 29.32 -56.42
CA ALA Q 31 39.95 27.88 -56.18
C ALA Q 31 39.43 27.13 -57.40
N VAL Q 32 40.02 25.97 -57.71
CA VAL Q 32 39.54 25.10 -58.78
C VAL Q 32 39.44 23.67 -58.27
N GLY Q 33 38.44 22.94 -58.76
CA GLY Q 33 38.44 21.49 -58.69
C GLY Q 33 38.07 20.94 -60.05
N VAL Q 34 38.80 19.92 -60.50
CA VAL Q 34 38.54 19.28 -61.79
C VAL Q 34 38.25 17.81 -61.55
N ARG Q 35 37.14 17.35 -62.13
CA ARG Q 35 36.66 15.98 -61.99
C ARG Q 35 37.23 15.10 -63.10
N GLY Q 36 37.99 14.08 -62.73
CA GLY Q 36 38.22 12.95 -63.61
C GLY Q 36 37.18 11.87 -63.35
N ARG Q 37 37.25 10.78 -64.12
CA ARG Q 37 36.24 9.76 -64.00
C ARG Q 37 36.48 8.78 -62.85
N ASP Q 38 37.67 8.79 -62.24
CA ASP Q 38 37.93 8.00 -61.05
C ASP Q 38 38.67 8.79 -59.97
N ILE Q 39 38.84 10.09 -60.19
CA ILE Q 39 39.49 10.97 -59.22
C ILE Q 39 38.84 12.33 -59.35
N VAL Q 40 38.85 13.10 -58.27
CA VAL Q 40 38.53 14.53 -58.33
C VAL Q 40 39.67 15.26 -57.65
N VAL Q 41 40.29 16.19 -58.36
CA VAL Q 41 41.51 16.86 -57.92
C VAL Q 41 41.20 18.33 -57.71
N LEU Q 42 41.49 18.82 -56.50
CA LEU Q 42 41.18 20.18 -56.08
C LEU Q 42 42.44 21.03 -56.13
N GLY Q 43 42.28 22.30 -56.51
CA GLY Q 43 43.36 23.26 -56.44
C GLY Q 43 42.94 24.63 -55.96
N VAL Q 44 43.54 25.10 -54.87
CA VAL Q 44 43.21 26.39 -54.28
C VAL Q 44 44.46 27.26 -54.29
N GLU Q 45 44.26 28.58 -54.33
CA GLU Q 45 45.38 29.51 -54.37
C GLU Q 45 45.78 29.90 -52.95
N LYS Q 46 47.04 30.31 -52.79
CA LYS Q 46 47.53 30.79 -51.50
C LYS Q 46 47.37 32.30 -51.43
N LYS Q 47 47.45 32.85 -50.21
CA LYS Q 47 47.09 34.25 -50.04
C LYS Q 47 48.30 35.18 -50.00
N SER Q 48 49.07 35.08 -48.91
CA SER Q 48 50.17 35.99 -48.61
C SER Q 48 51.37 35.25 -48.01
N VAL Q 49 51.99 34.34 -48.77
CA VAL Q 49 52.65 33.09 -48.38
C VAL Q 49 53.41 33.11 -47.06
N ALA Q 50 54.29 34.11 -46.85
CA ALA Q 50 54.91 34.41 -45.56
C ALA Q 50 55.71 33.27 -44.96
N LYS Q 51 56.91 32.99 -45.48
CA LYS Q 51 57.73 31.79 -45.20
C LYS Q 51 57.91 31.40 -43.73
N LEU Q 52 57.61 32.32 -42.80
CA LEU Q 52 57.47 32.01 -41.39
C LEU Q 52 56.19 31.25 -41.06
N GLN Q 53 55.31 31.02 -42.04
CA GLN Q 53 54.03 30.37 -41.78
C GLN Q 53 54.23 28.90 -41.44
N ASP Q 54 53.48 28.40 -40.46
CA ASP Q 54 53.32 26.97 -40.27
C ASP Q 54 52.19 26.54 -41.20
N GLU Q 55 52.55 25.80 -42.25
CA GLU Q 55 51.64 25.46 -43.34
C GLU Q 55 50.47 24.58 -42.91
N ARG Q 56 50.59 23.93 -41.75
CA ARG Q 56 49.58 22.97 -41.31
C ARG Q 56 48.22 23.62 -41.06
N THR Q 57 48.21 24.82 -40.51
CA THR Q 57 46.97 25.44 -40.09
C THR Q 57 46.32 26.30 -41.17
N VAL Q 58 47.01 26.52 -42.29
CA VAL Q 58 46.49 27.38 -43.35
C VAL Q 58 45.96 26.57 -44.52
N ARG Q 59 45.73 25.26 -44.32
CA ARG Q 59 45.14 24.42 -45.35
C ARG Q 59 43.72 24.87 -45.66
N LYS Q 60 43.40 24.93 -46.95
CA LYS Q 60 42.06 25.28 -47.40
C LYS Q 60 41.28 24.07 -47.90
N ILE Q 61 41.85 22.87 -47.78
CA ILE Q 61 41.22 21.66 -48.28
C ILE Q 61 41.19 20.59 -47.18
N ALA Q 63 38.35 17.43 -44.99
CA ALA Q 63 37.44 16.29 -44.99
C ALA Q 63 36.19 16.56 -44.16
N LEU Q 64 35.06 16.75 -44.85
CA LEU Q 64 33.79 16.90 -44.18
C LEU Q 64 33.31 15.58 -43.59
N ASP Q 65 33.61 14.50 -44.30
CA ASP Q 65 33.35 13.14 -43.86
C ASP Q 65 34.55 12.33 -44.34
N ASP Q 66 34.42 11.01 -44.37
CA ASP Q 66 35.47 10.22 -45.01
C ASP Q 66 35.49 10.39 -46.52
N ASN Q 67 34.41 10.88 -47.12
CA ASN Q 67 34.24 10.82 -48.57
C ASN Q 67 34.14 12.16 -49.29
N VAL Q 68 34.07 13.30 -48.58
CA VAL Q 68 33.70 14.56 -49.21
C VAL Q 68 34.58 15.69 -48.67
N CYS Q 69 35.17 16.47 -49.57
CA CYS Q 69 35.83 17.72 -49.22
C CYS Q 69 35.32 18.80 -50.16
N MET Q 70 35.77 20.05 -49.97
CA MET Q 70 35.19 21.15 -50.74
C MET Q 70 36.16 22.33 -50.78
N ALA Q 71 35.92 23.20 -51.76
CA ALA Q 71 36.68 24.43 -51.95
C ALA Q 71 35.78 25.63 -51.72
N PHE Q 72 36.41 26.78 -51.43
CA PHE Q 72 35.69 28.01 -51.11
C PHE Q 72 36.41 29.19 -51.75
N ALA Q 73 35.88 30.39 -51.49
CA ALA Q 73 36.49 31.65 -51.88
C ALA Q 73 35.87 32.76 -51.06
N GLY Q 74 36.68 33.69 -50.58
CA GLY Q 74 36.20 34.87 -49.89
C GLY Q 74 36.67 34.91 -48.45
N LEU Q 75 35.76 35.34 -47.57
CA LEU Q 75 36.06 35.58 -46.17
C LEU Q 75 36.26 34.24 -45.46
N THR Q 76 37.46 34.05 -44.89
CA THR Q 76 37.90 32.72 -44.44
C THR Q 76 37.14 32.22 -43.23
N ALA Q 77 36.76 33.12 -42.32
CA ALA Q 77 36.04 32.71 -41.12
C ALA Q 77 34.64 32.22 -41.46
N ASP Q 78 34.00 32.84 -42.45
CA ASP Q 78 32.72 32.37 -42.94
C ASP Q 78 32.83 30.97 -43.52
N ALA Q 79 33.93 30.71 -44.21
CA ALA Q 79 34.18 29.40 -44.79
C ALA Q 79 34.34 28.34 -43.71
N ARG Q 80 35.10 28.67 -42.66
CA ARG Q 80 35.29 27.71 -41.57
C ARG Q 80 34.00 27.48 -40.79
N ILE Q 81 33.16 28.51 -40.69
CA ILE Q 81 31.82 28.37 -40.11
C ILE Q 81 30.99 27.38 -40.90
N VAL Q 82 30.94 27.57 -42.23
CA VAL Q 82 30.13 26.72 -43.11
C VAL Q 82 30.61 25.27 -43.08
N ILE Q 83 31.93 25.08 -43.02
CA ILE Q 83 32.48 23.72 -42.90
C ILE Q 83 32.07 23.09 -41.55
N ASN Q 84 32.09 23.87 -40.47
CA ASN Q 84 31.66 23.31 -39.19
C ASN Q 84 30.15 23.09 -39.10
N ARG Q 85 29.35 23.78 -39.92
CA ARG Q 85 27.94 23.44 -40.02
C ARG Q 85 27.75 22.14 -40.80
N ALA Q 86 28.47 22.02 -41.92
CA ALA Q 86 28.32 20.87 -42.80
C ALA Q 86 28.79 19.58 -42.14
N ARG Q 87 29.84 19.63 -41.34
CA ARG Q 87 30.36 18.43 -40.71
C ARG Q 87 29.39 17.86 -39.68
N VAL Q 88 28.77 18.74 -38.88
CA VAL Q 88 27.82 18.25 -37.88
C VAL Q 88 26.53 17.76 -38.55
N GLU Q 89 26.15 18.38 -39.69
CA GLU Q 89 25.01 17.84 -40.43
C GLU Q 89 25.32 16.49 -41.05
N CYS Q 90 26.56 16.31 -41.54
CA CYS Q 90 26.95 15.02 -42.12
C CYS Q 90 26.97 13.92 -41.08
N GLN Q 91 27.44 14.23 -39.87
CA GLN Q 91 27.47 13.19 -38.85
C GLN Q 91 26.08 12.91 -38.27
N SER Q 92 25.19 13.92 -38.26
CA SER Q 92 23.80 13.64 -37.92
C SER Q 92 23.12 12.77 -38.98
N HIS Q 93 23.49 12.96 -40.24
CA HIS Q 93 23.00 12.10 -41.31
C HIS Q 93 23.50 10.67 -41.12
N ARG Q 94 24.78 10.51 -40.77
CA ARG Q 94 25.33 9.21 -40.40
C ARG Q 94 24.65 8.60 -39.17
N LEU Q 95 24.15 9.46 -38.27
CA LEU Q 95 23.38 8.97 -37.13
C LEU Q 95 22.06 8.38 -37.57
N THR Q 96 21.33 9.09 -38.44
CA THR Q 96 19.95 8.71 -38.70
C THR Q 96 19.77 7.69 -39.83
N VAL Q 97 20.68 7.60 -40.82
CA VAL Q 97 20.39 6.72 -41.95
C VAL Q 97 21.27 5.47 -42.01
N GLU Q 98 22.31 5.38 -41.17
CA GLU Q 98 23.31 4.28 -41.18
C GLU Q 98 23.95 4.12 -42.57
N ASP Q 99 24.28 5.24 -43.19
CA ASP Q 99 24.97 5.29 -44.47
C ASP Q 99 25.71 6.61 -44.52
N PRO Q 100 26.88 6.68 -45.15
CA PRO Q 100 27.54 7.97 -45.34
C PRO Q 100 26.77 8.84 -46.33
N VAL Q 101 27.10 10.14 -46.29
CA VAL Q 101 26.29 11.15 -46.96
C VAL Q 101 26.50 11.09 -48.47
N THR Q 102 25.49 11.55 -49.20
CA THR Q 102 25.72 11.93 -50.58
C THR Q 102 26.11 13.41 -50.64
N VAL Q 103 26.67 13.79 -51.78
CA VAL Q 103 27.18 15.15 -51.93
C VAL Q 103 26.04 16.13 -52.17
N GLU Q 104 24.93 15.66 -52.73
CA GLU Q 104 23.79 16.53 -53.01
C GLU Q 104 23.12 17.01 -51.74
N TYR Q 105 23.01 16.14 -50.73
CA TYR Q 105 22.34 16.47 -49.48
C TYR Q 105 23.03 17.61 -48.76
N ILE Q 106 24.35 17.50 -48.58
CA ILE Q 106 25.08 18.55 -47.89
C ILE Q 106 25.29 19.78 -48.77
N THR Q 107 25.26 19.62 -50.10
CA THR Q 107 25.37 20.79 -50.96
C THR Q 107 24.08 21.60 -50.96
N ARG Q 108 22.93 20.92 -50.98
CA ARG Q 108 21.65 21.60 -50.83
C ARG Q 108 21.52 22.26 -49.48
N TYR Q 109 22.05 21.62 -48.43
CA TYR Q 109 22.03 22.21 -47.09
C TYR Q 109 22.86 23.48 -47.02
N ILE Q 110 24.05 23.47 -47.63
CA ILE Q 110 24.90 24.67 -47.65
C ILE Q 110 24.32 25.74 -48.56
N ALA Q 111 23.66 25.33 -49.65
CA ALA Q 111 23.03 26.27 -50.55
C ALA Q 111 21.82 26.95 -49.91
N SER Q 112 21.10 26.25 -49.04
CA SER Q 112 19.99 26.89 -48.34
C SER Q 112 20.48 27.71 -47.15
N LEU Q 113 21.59 27.29 -46.54
CA LEU Q 113 22.20 28.05 -45.45
C LEU Q 113 22.69 29.41 -45.92
N LYS Q 114 23.15 29.50 -47.16
CA LYS Q 114 23.58 30.82 -47.63
C LYS Q 114 22.41 31.71 -47.97
N GLN Q 115 21.23 31.15 -48.25
CA GLN Q 115 20.08 31.99 -48.57
C GLN Q 115 19.34 32.44 -47.32
N ARG Q 116 19.21 31.56 -46.32
CA ARG Q 116 18.47 31.88 -45.10
C ARG Q 116 19.05 33.10 -44.39
N TYR Q 117 20.33 33.35 -44.56
CA TYR Q 117 20.94 34.54 -43.99
C TYR Q 117 20.97 35.70 -44.97
N THR Q 118 20.23 35.60 -46.07
CA THR Q 118 19.95 36.76 -46.92
C THR Q 118 18.54 37.28 -46.74
N GLN Q 119 17.77 36.67 -45.83
CA GLN Q 119 16.39 37.04 -45.63
C GLN Q 119 16.02 37.13 -44.16
N SER Q 120 16.92 36.79 -43.26
CA SER Q 120 16.62 36.81 -41.83
C SER Q 120 16.79 38.21 -41.30
N ASN Q 121 16.20 38.46 -40.14
CA ASN Q 121 16.27 39.78 -39.52
C ASN Q 121 17.66 40.02 -38.94
N GLY Q 122 18.31 41.07 -39.40
CA GLY Q 122 19.52 41.53 -38.76
C GLY Q 122 20.77 40.74 -39.06
N ARG Q 123 20.73 39.81 -40.01
CA ARG Q 123 21.90 39.06 -40.41
C ARG Q 123 22.32 39.51 -41.80
N ARG Q 124 23.60 39.74 -41.97
CA ARG Q 124 24.12 40.04 -43.30
C ARG Q 124 24.39 38.72 -44.03
N PRO Q 125 24.44 38.72 -45.35
CA PRO Q 125 24.73 37.48 -46.08
C PRO Q 125 26.16 37.04 -45.87
N PHE Q 126 26.38 35.73 -45.98
CA PHE Q 126 27.73 35.21 -46.05
C PHE Q 126 28.42 35.76 -47.29
N GLY Q 127 29.72 35.96 -47.22
CA GLY Q 127 30.42 36.46 -48.38
C GLY Q 127 31.25 35.43 -49.10
N ILE Q 128 30.76 34.20 -49.19
CA ILE Q 128 31.57 33.10 -49.72
C ILE Q 128 30.79 32.35 -50.78
N SER Q 129 31.54 31.79 -51.73
CA SER Q 129 31.08 30.78 -52.68
C SER Q 129 31.67 29.43 -52.28
N ALA Q 130 31.18 28.37 -52.92
CA ALA Q 130 31.66 27.04 -52.58
C ALA Q 130 31.68 26.14 -53.81
N LEU Q 131 32.74 25.36 -53.92
CA LEU Q 131 32.84 24.25 -54.86
C LEU Q 131 33.04 23.01 -54.02
N ILE Q 132 32.20 22.01 -54.21
CA ILE Q 132 32.21 20.82 -53.36
C ILE Q 132 32.50 19.58 -54.20
N VAL Q 133 33.35 18.70 -53.68
CA VAL Q 133 33.72 17.47 -54.35
C VAL Q 133 33.36 16.29 -53.46
N GLY Q 134 33.34 15.11 -54.06
CA GLY Q 134 33.13 13.90 -53.29
C GLY Q 134 32.89 12.71 -54.19
N PHE Q 135 32.78 11.55 -53.55
CA PHE Q 135 32.53 10.29 -54.24
C PHE Q 135 31.27 9.63 -53.68
N ASP Q 136 30.41 9.19 -54.58
CA ASP Q 136 29.18 8.54 -54.23
C ASP Q 136 29.41 7.04 -53.99
N PHE Q 137 28.35 6.36 -53.54
CA PHE Q 137 28.43 4.92 -53.30
C PHE Q 137 28.67 4.14 -54.59
N ASP Q 138 28.15 4.64 -55.72
CA ASP Q 138 28.30 3.95 -56.99
C ASP Q 138 29.59 4.30 -57.74
N GLY Q 139 30.43 5.16 -57.17
CA GLY Q 139 31.65 5.56 -57.83
C GLY Q 139 31.51 6.70 -58.82
N THR Q 140 30.37 7.37 -58.84
CA THR Q 140 30.18 8.51 -59.73
C THR Q 140 30.88 9.74 -59.17
N PRO Q 141 31.81 10.35 -59.91
CA PRO Q 141 32.49 11.55 -59.39
C PRO Q 141 31.63 12.79 -59.55
N ARG Q 142 31.80 13.73 -58.63
CA ARG Q 142 30.88 14.87 -58.48
C ARG Q 142 31.63 16.17 -58.22
N LEU Q 143 31.19 17.25 -58.87
CA LEU Q 143 31.60 18.61 -58.53
C LEU Q 143 30.40 19.55 -58.69
N TYR Q 144 30.06 20.29 -57.64
CA TYR Q 144 28.92 21.21 -57.64
C TYR Q 144 29.41 22.63 -57.36
N GLN Q 145 28.54 23.62 -57.55
CA GLN Q 145 28.82 25.00 -57.14
C GLN Q 145 27.64 25.54 -56.34
N THR Q 146 27.93 26.36 -55.32
CA THR Q 146 26.95 27.24 -54.68
C THR Q 146 27.54 28.64 -54.58
N ASP Q 147 26.67 29.65 -54.54
CA ASP Q 147 27.04 31.06 -54.53
C ASP Q 147 26.20 31.80 -53.50
N PRO Q 148 26.57 33.05 -53.10
CA PRO Q 148 25.86 33.71 -51.98
C PRO Q 148 24.38 33.97 -52.16
N SER Q 149 23.84 33.91 -53.37
CA SER Q 149 22.39 33.95 -53.49
C SER Q 149 21.73 32.64 -53.06
N GLY Q 150 22.49 31.55 -53.02
CA GLY Q 150 21.93 30.25 -52.69
C GLY Q 150 21.55 29.40 -53.89
N THR Q 151 21.96 29.78 -55.09
CA THR Q 151 21.69 29.01 -56.30
C THR Q 151 22.75 27.94 -56.51
N TYR Q 152 22.32 26.72 -56.81
CA TYR Q 152 23.32 25.67 -56.87
C TYR Q 152 23.22 24.88 -58.17
N HIS Q 153 24.38 24.58 -58.74
CA HIS Q 153 24.52 23.87 -60.00
C HIS Q 153 25.62 22.83 -59.86
N ALA Q 154 25.62 21.86 -60.76
CA ALA Q 154 26.72 20.91 -60.87
C ALA Q 154 27.58 21.27 -62.06
N TRP Q 155 28.89 20.99 -61.95
CA TRP Q 155 29.86 21.43 -62.94
C TRP Q 155 30.89 20.34 -63.15
N LYS Q 156 31.54 20.38 -64.32
CA LYS Q 156 32.58 19.41 -64.66
C LYS Q 156 33.95 19.87 -64.15
N ALA Q 157 34.21 21.16 -64.21
CA ALA Q 157 35.36 21.87 -63.64
C ALA Q 157 35.02 23.36 -63.69
N ASN Q 158 35.49 24.12 -62.70
CA ASN Q 158 35.12 25.53 -62.60
C ASN Q 158 36.14 26.26 -61.73
N ALA Q 159 35.92 27.57 -61.57
CA ALA Q 159 36.71 28.42 -60.71
C ALA Q 159 35.81 29.51 -60.11
N ILE Q 160 36.06 29.83 -58.84
CA ILE Q 160 35.35 30.89 -58.14
C ILE Q 160 36.39 31.86 -57.60
N GLY Q 161 35.98 33.10 -57.39
CA GLY Q 161 36.84 34.08 -56.75
C GLY Q 161 37.39 35.18 -57.64
N ARG Q 162 38.60 35.67 -57.32
CA ARG Q 162 39.20 36.75 -58.09
C ARG Q 162 39.78 36.20 -59.38
N GLY Q 163 39.46 36.86 -60.49
CA GLY Q 163 39.86 36.38 -61.80
C GLY Q 163 39.24 35.06 -62.22
N ALA Q 164 38.10 34.70 -61.64
CA ALA Q 164 37.48 33.41 -61.92
C ALA Q 164 36.91 33.34 -63.32
N LYS Q 165 36.57 34.49 -63.89
CA LYS Q 165 36.05 34.56 -65.25
C LYS Q 165 37.08 34.07 -66.26
N SER Q 166 38.33 34.52 -66.12
CA SER Q 166 39.36 34.13 -67.07
C SER Q 166 39.77 32.67 -66.89
N VAL Q 167 39.77 32.17 -65.65
CA VAL Q 167 40.09 30.76 -65.41
C VAL Q 167 38.96 29.88 -65.93
N ARG Q 168 37.73 30.38 -65.86
CA ARG Q 168 36.61 29.66 -66.46
C ARG Q 168 36.69 29.66 -67.98
N GLU Q 169 37.17 30.75 -68.58
CA GLU Q 169 37.44 30.78 -70.01
C GLU Q 169 38.51 29.76 -70.40
N PHE Q 170 39.52 29.61 -69.54
CA PHE Q 170 40.58 28.63 -69.78
C PHE Q 170 40.05 27.20 -69.67
N LEU Q 171 39.25 26.93 -68.64
CA LEU Q 171 38.75 25.58 -68.43
C LEU Q 171 37.67 25.19 -69.43
N GLU Q 172 36.94 26.17 -69.98
CA GLU Q 172 35.95 25.89 -71.02
C GLU Q 172 36.62 25.37 -72.29
N LYS Q 173 37.74 25.98 -72.67
CA LYS Q 173 38.45 25.52 -73.85
C LYS Q 173 39.19 24.22 -73.58
N ASN Q 174 39.71 24.04 -72.36
CA ASN Q 174 40.62 22.93 -72.13
C ASN Q 174 39.96 21.66 -71.61
N TYR Q 175 38.68 21.69 -71.25
CA TYR Q 175 38.07 20.49 -70.66
C TYR Q 175 37.79 19.46 -71.74
N THR Q 176 38.76 18.60 -72.01
CA THR Q 176 38.61 17.51 -72.97
C THR Q 176 38.80 16.18 -72.25
N ASP Q 177 38.30 15.12 -72.89
CA ASP Q 177 38.59 13.76 -72.44
C ASP Q 177 40.09 13.46 -72.50
N GLU Q 178 40.79 14.10 -73.46
CA GLU Q 178 42.25 13.95 -73.53
C GLU Q 178 42.93 14.72 -72.40
N ALA Q 179 42.28 15.72 -71.81
CA ALA Q 179 42.86 16.41 -70.70
C ALA Q 179 42.72 15.65 -69.37
N ILE Q 180 41.75 14.74 -69.24
CA ILE Q 180 41.48 14.05 -67.98
C ILE Q 180 41.39 12.53 -68.13
N GLU Q 181 42.25 11.93 -68.96
CA GLU Q 181 42.36 10.47 -68.95
C GLU Q 181 42.77 9.97 -67.57
N THR Q 182 43.96 10.37 -67.14
CA THR Q 182 44.61 9.83 -65.95
C THR Q 182 44.45 10.78 -64.77
N ASP Q 183 44.88 10.29 -63.60
CA ASP Q 183 44.96 11.13 -62.41
C ASP Q 183 46.01 12.23 -62.60
N ASP Q 184 47.17 11.85 -63.17
CA ASP Q 184 48.30 12.76 -63.34
C ASP Q 184 47.95 13.91 -64.28
N LEU Q 185 47.24 13.63 -65.38
CA LEU Q 185 46.93 14.70 -66.32
C LEU Q 185 45.82 15.58 -65.79
N THR Q 186 44.95 15.03 -64.93
CA THR Q 186 43.99 15.87 -64.22
C THR Q 186 44.69 16.84 -63.26
N ILE Q 187 45.70 16.37 -62.51
CA ILE Q 187 46.48 17.23 -61.62
C ILE Q 187 47.23 18.31 -62.40
N LYS Q 188 47.79 17.91 -63.54
CA LYS Q 188 48.46 18.77 -64.52
C LYS Q 188 47.53 19.88 -64.98
N LEU Q 189 46.35 19.50 -65.47
CA LEU Q 189 45.29 20.43 -65.85
C LEU Q 189 44.86 21.40 -64.74
N VAL Q 190 44.83 20.92 -63.49
CA VAL Q 190 44.50 21.79 -62.35
C VAL Q 190 45.56 22.88 -62.17
N ILE Q 191 46.83 22.48 -62.18
CA ILE Q 191 47.91 23.46 -61.99
C ILE Q 191 48.06 24.35 -63.22
N LYS Q 192 47.74 23.83 -64.40
CA LYS Q 192 47.69 24.64 -65.63
C LYS Q 192 46.61 25.70 -65.56
N ALA Q 193 45.47 25.36 -64.97
CA ALA Q 193 44.35 26.28 -64.90
C ALA Q 193 44.57 27.34 -63.82
N LEU Q 194 45.15 26.95 -62.69
CA LEU Q 194 45.43 27.95 -61.65
C LEU Q 194 46.64 28.82 -62.03
N LEU Q 195 47.57 28.28 -62.82
CA LEU Q 195 48.77 29.03 -63.20
C LEU Q 195 48.49 30.16 -64.21
N GLU Q 196 47.25 30.31 -64.67
CA GLU Q 196 46.91 31.43 -65.51
C GLU Q 196 47.00 32.75 -64.75
N VAL Q 197 46.75 32.74 -63.44
CA VAL Q 197 46.79 33.93 -62.63
C VAL Q 197 47.88 33.91 -61.56
N VAL Q 198 48.24 32.76 -61.01
CA VAL Q 198 49.14 32.73 -59.85
C VAL Q 198 50.61 32.75 -60.26
N ASN Q 204 53.01 27.70 -54.92
CA ASN Q 204 52.15 28.87 -54.76
C ASN Q 204 50.68 28.48 -54.64
N ILE Q 205 50.36 27.21 -54.92
CA ILE Q 205 49.01 26.69 -54.75
C ILE Q 205 49.07 25.42 -53.90
N GLU Q 206 47.96 25.14 -53.22
CA GLU Q 206 47.77 23.90 -52.49
C GLU Q 206 47.03 22.91 -53.39
N LEU Q 207 47.29 21.61 -53.18
CA LEU Q 207 46.58 20.60 -53.92
C LEU Q 207 46.44 19.34 -53.07
N ALA Q 208 45.30 18.67 -53.23
CA ALA Q 208 44.99 17.42 -52.55
C ALA Q 208 44.27 16.51 -53.53
N VAL Q 209 44.40 15.20 -53.31
CA VAL Q 209 43.81 14.22 -54.22
C VAL Q 209 42.88 13.30 -53.46
N MET Q 210 41.77 12.96 -54.11
CA MET Q 210 40.75 12.08 -53.54
C MET Q 210 40.45 10.99 -54.54
N ARG Q 211 40.87 9.77 -54.23
CA ARG Q 211 40.58 8.62 -55.07
C ARG Q 211 39.50 7.77 -54.43
N ARG Q 212 39.01 6.80 -55.20
CA ARG Q 212 37.82 6.04 -54.82
C ARG Q 212 38.12 5.15 -53.62
N ASP Q 213 37.43 5.42 -52.51
CA ASP Q 213 37.59 4.83 -51.18
C ASP Q 213 38.97 5.12 -50.57
N GLN Q 214 39.65 6.18 -51.00
CA GLN Q 214 41.03 6.40 -50.58
C GLN Q 214 41.21 7.44 -49.48
N SER Q 215 40.12 8.07 -48.99
CA SER Q 215 40.12 8.85 -47.75
C SER Q 215 41.07 10.03 -47.74
N LEU Q 216 40.66 11.15 -48.38
CA LEU Q 216 41.45 12.20 -49.04
C LEU Q 216 42.86 12.45 -48.55
N LYS Q 217 43.82 12.42 -49.48
CA LYS Q 217 45.24 12.59 -49.21
C LYS Q 217 45.71 13.90 -49.83
N ILE Q 218 46.42 14.70 -49.06
CA ILE Q 218 46.87 16.01 -49.49
C ILE Q 218 48.32 15.92 -49.94
N LEU Q 219 48.70 16.71 -50.95
CA LEU Q 219 50.10 16.88 -51.31
C LEU Q 219 50.73 17.84 -50.30
N ASN Q 220 52.00 17.63 -49.88
CA ASN Q 220 53.29 17.24 -50.56
C ASN Q 220 53.64 18.20 -51.70
N PRO Q 221 54.06 19.42 -51.34
CA PRO Q 221 54.43 20.42 -52.36
C PRO Q 221 55.69 20.07 -53.16
N GLU Q 222 56.47 19.08 -52.73
CA GLU Q 222 57.56 18.57 -53.56
C GLU Q 222 57.03 18.04 -54.89
N GLU Q 223 55.88 17.36 -54.86
CA GLU Q 223 55.25 16.88 -56.08
C GLU Q 223 54.68 18.04 -56.89
N ILE Q 224 54.13 19.03 -56.18
CA ILE Q 224 53.53 20.20 -56.82
C ILE Q 224 54.60 21.02 -57.53
N GLU Q 225 55.79 21.12 -56.93
CA GLU Q 225 56.90 21.82 -57.57
C GLU Q 225 57.35 21.14 -58.85
N LYS Q 226 57.34 19.79 -58.86
CA LYS Q 226 57.64 19.06 -60.09
C LYS Q 226 56.59 19.33 -61.15
N TYR Q 227 55.31 19.35 -60.75
CA TYR Q 227 54.25 19.62 -61.73
C TYR Q 227 54.33 21.05 -62.25
N VAL Q 228 54.63 22.01 -61.38
CA VAL Q 228 54.61 23.41 -61.79
C VAL Q 228 55.85 23.74 -62.62
N ALA Q 229 56.97 23.06 -62.36
CA ALA Q 229 58.13 23.22 -63.23
C ALA Q 229 57.90 22.59 -64.59
N GLU Q 230 57.26 21.40 -64.59
CA GLU Q 230 56.98 20.70 -65.84
C GLU Q 230 56.00 21.48 -66.71
N ILE Q 231 55.03 22.16 -66.11
CA ILE Q 231 54.12 22.99 -66.90
C ILE Q 231 54.73 24.37 -67.16
N GLU Q 232 55.61 24.86 -66.29
CA GLU Q 232 56.16 26.20 -66.45
C GLU Q 232 57.18 26.25 -67.58
N LYS Q 233 58.03 25.23 -67.70
CA LYS Q 233 58.95 25.20 -68.84
C LYS Q 233 58.20 25.00 -70.15
N GLU Q 234 57.06 24.30 -70.11
CA GLU Q 234 56.21 24.17 -71.28
C GLU Q 234 55.56 25.49 -71.64
N LYS Q 235 55.13 26.26 -70.65
CA LYS Q 235 54.55 27.57 -70.90
C LYS Q 235 55.60 28.64 -71.16
N GLU Q 236 56.87 28.33 -70.98
CA GLU Q 236 57.94 29.20 -71.45
C GLU Q 236 58.33 28.92 -72.88
N GLU Q 237 58.36 27.65 -73.31
CA GLU Q 237 58.87 27.35 -74.65
C GLU Q 237 57.89 27.76 -75.75
N ASP R 1 16.91 55.71 -44.56
CA ASP R 1 16.29 54.40 -44.67
C ASP R 1 14.86 54.41 -44.16
N ARG R 2 14.10 53.40 -44.56
CA ARG R 2 12.71 53.27 -44.17
C ARG R 2 12.40 51.79 -44.03
N GLY R 3 11.24 51.49 -43.45
CA GLY R 3 10.90 50.13 -43.13
C GLY R 3 10.54 49.30 -44.34
N VAL R 4 10.42 47.99 -44.11
CA VAL R 4 9.86 47.11 -45.13
C VAL R 4 8.35 47.18 -45.17
N ASN R 5 7.73 47.90 -44.23
CA ASN R 5 6.29 48.03 -44.17
C ASN R 5 5.89 49.49 -44.35
N THR R 6 6.47 50.19 -45.32
CA THR R 6 6.20 51.60 -45.53
C THR R 6 5.30 51.79 -46.73
N PHE R 7 4.17 52.45 -46.54
CA PHE R 7 3.28 52.78 -47.64
C PHE R 7 3.79 53.97 -48.43
N SER R 8 3.76 53.83 -49.75
CA SER R 8 3.98 54.96 -50.65
C SER R 8 2.73 55.83 -50.65
N PRO R 9 2.78 57.03 -51.22
CA PRO R 9 1.54 57.80 -51.40
C PRO R 9 0.54 57.17 -52.36
N GLU R 10 0.96 56.22 -53.21
CA GLU R 10 -0.02 55.50 -54.02
C GLU R 10 -0.71 54.39 -53.24
N GLY R 11 -0.30 54.14 -52.01
CA GLY R 11 -0.85 53.04 -51.26
C GLY R 11 -0.23 51.69 -51.52
N ARG R 12 0.95 51.67 -52.13
CA ARG R 12 1.68 50.44 -52.36
C ARG R 12 2.88 50.36 -51.44
N LEU R 13 3.12 49.18 -50.89
CA LEU R 13 4.34 48.95 -50.15
C LEU R 13 5.50 48.99 -51.13
N PHE R 14 6.57 49.70 -50.77
CA PHE R 14 7.72 49.82 -51.66
C PHE R 14 8.35 48.47 -51.94
N GLN R 15 8.48 47.62 -50.92
CA GLN R 15 9.12 46.32 -51.09
C GLN R 15 8.27 45.40 -51.96
N VAL R 16 6.95 45.54 -51.89
CA VAL R 16 6.06 44.74 -52.71
C VAL R 16 6.20 45.12 -54.18
N GLU R 17 6.41 46.39 -54.49
CA GLU R 17 6.64 46.78 -55.88
C GLU R 17 8.03 46.36 -56.36
N TYR R 18 9.03 46.44 -55.48
CA TYR R 18 10.38 46.13 -55.93
C TYR R 18 10.59 44.63 -56.09
N ALA R 19 9.85 43.79 -55.35
CA ALA R 19 9.90 42.36 -55.63
C ALA R 19 9.27 42.02 -56.98
N ILE R 20 8.24 42.77 -57.37
CA ILE R 20 7.67 42.62 -58.71
C ILE R 20 8.67 43.10 -59.76
N GLU R 21 9.51 44.07 -59.41
CA GLU R 21 10.61 44.42 -60.33
C GLU R 21 11.66 43.32 -60.42
N ALA R 22 11.88 42.58 -59.34
CA ALA R 22 12.79 41.44 -59.40
C ALA R 22 12.17 40.24 -60.10
N ILE R 23 10.85 40.22 -60.29
CA ILE R 23 10.22 39.20 -61.14
C ILE R 23 10.74 39.31 -62.56
N LYS R 24 10.87 40.53 -63.08
CA LYS R 24 11.12 40.78 -64.49
C LYS R 24 12.57 40.52 -64.92
N LEU R 25 13.37 39.84 -64.10
CA LEU R 25 14.70 39.43 -64.48
C LEU R 25 14.84 37.92 -64.66
N GLY R 26 13.79 37.16 -64.35
CA GLY R 26 13.90 35.72 -64.25
C GLY R 26 13.72 34.98 -65.56
N SER R 27 13.99 33.67 -65.48
CA SER R 27 13.79 32.78 -66.61
C SER R 27 12.30 32.63 -66.89
N THR R 28 11.90 32.84 -68.14
CA THR R 28 10.48 32.95 -68.48
C THR R 28 9.82 31.59 -68.50
N ALA R 29 8.66 31.50 -67.84
CA ALA R 29 7.93 30.25 -67.70
C ALA R 29 6.65 30.30 -68.51
N ILE R 30 6.28 29.16 -69.09
CA ILE R 30 5.07 29.02 -69.88
C ILE R 30 4.32 27.79 -69.39
N GLY R 31 3.11 28.00 -68.89
CA GLY R 31 2.23 26.90 -68.54
C GLY R 31 0.87 27.10 -69.18
N ILE R 32 0.30 26.01 -69.68
CA ILE R 32 -0.94 26.03 -70.46
C ILE R 32 -1.89 24.98 -69.91
N GLN R 33 -3.15 25.33 -69.71
CA GLN R 33 -4.16 24.39 -69.27
C GLN R 33 -4.90 23.79 -70.47
N THR R 34 -4.97 22.46 -70.51
CA THR R 34 -5.81 21.73 -71.46
C THR R 34 -6.70 20.76 -70.70
N SER R 35 -7.65 20.17 -71.42
CA SER R 35 -8.55 19.20 -70.78
C SER R 35 -7.87 17.87 -70.55
N GLU R 36 -6.85 17.53 -71.34
CA GLU R 36 -6.09 16.31 -71.14
C GLU R 36 -4.95 16.49 -70.14
N GLY R 37 -4.85 17.65 -69.52
CA GLY R 37 -3.85 17.91 -68.52
C GLY R 37 -3.22 19.26 -68.73
N VAL R 38 -2.19 19.54 -67.93
CA VAL R 38 -1.50 20.82 -67.96
C VAL R 38 -0.03 20.55 -68.29
N CYS R 39 0.53 21.38 -69.18
CA CYS R 39 1.94 21.32 -69.51
C CYS R 39 2.61 22.63 -69.10
N LEU R 40 3.86 22.52 -68.64
CA LEU R 40 4.61 23.62 -68.07
C LEU R 40 5.99 23.62 -68.70
N ALA R 41 6.46 24.77 -69.19
CA ALA R 41 7.78 24.85 -69.80
C ALA R 41 8.53 26.07 -69.31
N VAL R 42 9.77 25.84 -68.83
CA VAL R 42 10.66 26.90 -68.35
C VAL R 42 11.98 26.75 -69.09
N GLU R 43 12.60 27.87 -69.42
CA GLU R 43 13.92 27.89 -70.05
C GLU R 43 15.03 27.80 -69.00
N LYS R 44 16.01 26.92 -69.24
CA LYS R 44 17.06 26.73 -68.24
C LYS R 44 18.08 27.87 -68.26
N ARG R 45 18.36 28.43 -69.44
CA ARG R 45 19.34 29.50 -69.67
C ARG R 45 20.73 29.07 -69.18
N ILE R 46 21.28 28.08 -69.89
CA ILE R 46 22.63 27.60 -69.59
C ILE R 46 23.63 28.71 -69.87
N THR R 47 24.49 28.99 -68.90
CA THR R 47 25.43 30.09 -69.02
C THR R 47 26.83 29.62 -69.41
N SER R 48 27.13 28.33 -69.25
CA SER R 48 28.48 27.85 -69.50
C SER R 48 28.42 26.38 -69.86
N PRO R 49 29.25 25.91 -70.80
CA PRO R 49 29.27 24.47 -71.10
C PRO R 49 29.92 23.62 -70.02
N LEU R 50 30.63 24.23 -69.07
CA LEU R 50 31.14 23.49 -67.91
C LEU R 50 30.01 23.10 -66.96
N MET R 51 28.86 23.75 -67.06
CA MET R 51 27.70 23.46 -66.20
C MET R 51 27.02 22.15 -66.59
N GLU R 52 26.63 21.37 -65.58
CA GLU R 52 25.73 20.25 -65.82
C GLU R 52 24.31 20.79 -65.97
N PRO R 53 23.66 20.60 -67.13
CA PRO R 53 22.30 21.15 -67.29
C PRO R 53 21.23 20.43 -66.51
N SER R 54 21.44 19.15 -66.20
CA SER R 54 20.42 18.36 -65.50
C SER R 54 20.24 18.81 -64.06
N SER R 55 21.26 19.42 -63.44
CA SER R 55 21.15 19.81 -62.05
C SER R 55 20.39 21.11 -61.85
N ILE R 56 20.09 21.86 -62.91
CA ILE R 56 19.18 22.98 -62.82
C ILE R 56 17.77 22.41 -62.90
N GLU R 57 16.92 22.78 -61.96
CA GLU R 57 15.54 22.28 -61.89
C GLU R 57 14.63 23.47 -61.62
N LYS R 58 13.86 23.88 -62.62
CA LYS R 58 12.93 24.98 -62.50
C LYS R 58 11.48 24.56 -62.70
N ILE R 59 11.21 23.26 -62.76
CA ILE R 59 9.87 22.71 -62.68
C ILE R 59 9.92 21.56 -61.71
N VAL R 60 9.04 21.56 -60.72
CA VAL R 60 9.19 20.65 -59.61
C VAL R 60 7.95 19.77 -59.47
N GLU R 61 8.19 18.57 -58.94
CA GLU R 61 7.10 17.75 -58.42
C GLU R 61 6.65 18.32 -57.09
N ILE R 62 5.34 18.51 -56.95
CA ILE R 62 4.74 18.90 -55.69
C ILE R 62 4.09 17.72 -55.00
N ASP R 63 3.33 16.94 -55.75
CA ASP R 63 2.86 15.63 -55.33
C ASP R 63 2.69 14.79 -56.58
N ALA R 64 1.96 13.67 -56.46
CA ALA R 64 1.72 12.79 -57.60
C ALA R 64 0.80 13.39 -58.66
N HIS R 65 0.21 14.55 -58.40
CA HIS R 65 -0.80 15.12 -59.27
C HIS R 65 -0.64 16.61 -59.54
N ILE R 66 0.41 17.25 -59.05
CA ILE R 66 0.56 18.70 -59.12
C ILE R 66 1.97 19.04 -59.56
N GLY R 67 2.09 19.84 -60.63
CA GLY R 67 3.34 20.43 -61.02
C GLY R 67 3.36 21.92 -60.68
N CYS R 68 4.53 22.52 -60.88
CA CYS R 68 4.71 23.91 -60.51
C CYS R 68 5.86 24.53 -61.28
N ALA R 69 5.62 25.67 -61.91
CA ALA R 69 6.66 26.44 -62.57
C ALA R 69 7.09 27.60 -61.70
N MET R 70 8.24 28.18 -62.04
CA MET R 70 8.81 29.26 -61.25
C MET R 70 9.60 30.20 -62.15
N SER R 71 9.82 31.41 -61.66
CA SER R 71 10.57 32.40 -62.40
C SER R 71 11.12 33.43 -61.45
N GLY R 72 12.41 33.75 -61.59
CA GLY R 72 13.00 34.76 -60.74
C GLY R 72 14.14 34.26 -59.86
N LEU R 73 13.93 34.30 -58.55
CA LEU R 73 14.99 34.05 -57.58
C LEU R 73 14.74 32.69 -56.96
N ILE R 74 15.29 31.65 -57.59
CA ILE R 74 14.92 30.25 -57.37
C ILE R 74 15.21 29.81 -55.93
N ALA R 75 16.12 30.51 -55.26
CA ALA R 75 16.43 30.26 -53.86
C ALA R 75 15.26 30.59 -52.94
N ASP R 76 14.36 31.49 -53.34
CA ASP R 76 13.11 31.69 -52.60
C ASP R 76 12.14 30.55 -52.85
N ALA R 77 12.10 30.07 -54.09
CA ALA R 77 11.26 28.94 -54.42
C ALA R 77 11.74 27.66 -53.76
N LYS R 78 12.96 27.60 -53.24
CA LYS R 78 13.35 26.49 -52.37
C LYS R 78 12.42 26.34 -51.17
N THR R 79 12.31 27.38 -50.34
CA THR R 79 11.47 27.24 -49.16
C THR R 79 9.99 27.25 -49.53
N LEU R 80 9.61 27.89 -50.65
CA LEU R 80 8.20 27.83 -51.04
C LEU R 80 7.80 26.44 -51.53
N ILE R 81 8.61 25.79 -52.37
CA ILE R 81 8.27 24.46 -52.85
C ILE R 81 8.35 23.44 -51.72
N ASP R 82 9.30 23.61 -50.80
CA ASP R 82 9.34 22.67 -49.67
C ASP R 82 8.16 22.82 -48.73
N LYS R 83 7.65 24.04 -48.51
CA LYS R 83 6.45 24.16 -47.70
C LYS R 83 5.22 23.66 -48.46
N ALA R 84 5.21 23.81 -49.79
CA ALA R 84 4.13 23.23 -50.59
C ALA R 84 4.10 21.72 -50.50
N ARG R 85 5.27 21.08 -50.55
CA ARG R 85 5.33 19.62 -50.47
C ARG R 85 4.93 19.13 -49.09
N VAL R 86 5.33 19.86 -48.04
CA VAL R 86 4.92 19.51 -46.69
C VAL R 86 3.41 19.66 -46.51
N GLU R 87 2.81 20.69 -47.13
CA GLU R 87 1.36 20.86 -47.03
C GLU R 87 0.61 19.75 -47.76
N THR R 88 1.09 19.35 -48.94
CA THR R 88 0.44 18.24 -49.67
C THR R 88 0.58 16.92 -48.92
N GLN R 89 1.75 16.68 -48.33
CA GLN R 89 1.91 15.45 -47.56
C GLN R 89 1.15 15.48 -46.25
N ASN R 90 0.94 16.66 -45.66
CA ASN R 90 0.09 16.73 -44.48
C ASN R 90 -1.37 16.51 -44.85
N HIS R 91 -1.78 16.93 -46.04
CA HIS R 91 -3.14 16.67 -46.46
C HIS R 91 -3.36 15.20 -46.75
N TRP R 92 -2.35 14.54 -47.33
CA TRP R 92 -2.44 13.09 -47.50
C TRP R 92 -2.45 12.37 -46.17
N PHE R 93 -1.64 12.85 -45.22
CA PHE R 93 -1.59 12.22 -43.90
C PHE R 93 -2.91 12.38 -43.16
N THR R 94 -3.48 13.58 -43.18
CA THR R 94 -4.67 13.87 -42.41
C THR R 94 -5.92 13.31 -43.08
N TYR R 95 -6.13 13.57 -44.36
CA TYR R 95 -7.42 13.34 -44.98
C TYR R 95 -7.46 12.12 -45.90
N ASN R 96 -6.32 11.47 -46.14
CA ASN R 96 -6.20 10.27 -46.98
C ASN R 96 -6.78 10.49 -48.37
N GLU R 97 -6.41 11.60 -48.98
CA GLU R 97 -6.77 11.91 -50.35
C GLU R 97 -5.78 12.94 -50.89
N THR R 98 -5.97 13.30 -52.15
CA THR R 98 -5.11 14.26 -52.81
C THR R 98 -5.55 15.67 -52.45
N MET R 99 -4.58 16.56 -52.24
CA MET R 99 -4.92 17.95 -51.97
C MET R 99 -5.21 18.65 -53.28
N THR R 100 -6.31 19.39 -53.31
CA THR R 100 -6.66 20.17 -54.49
C THR R 100 -5.67 21.31 -54.67
N VAL R 101 -5.58 21.81 -55.90
CA VAL R 101 -4.50 22.72 -56.23
C VAL R 101 -4.78 24.12 -55.69
N GLU R 102 -6.05 24.48 -55.54
CA GLU R 102 -6.44 25.79 -55.05
C GLU R 102 -6.05 25.99 -53.60
N SER R 103 -6.30 24.99 -52.76
CA SER R 103 -5.90 25.07 -51.37
C SER R 103 -4.37 25.06 -51.22
N VAL R 104 -3.67 24.37 -52.11
CA VAL R 104 -2.21 24.41 -52.12
C VAL R 104 -1.70 25.80 -52.44
N THR R 105 -2.30 26.45 -53.45
CA THR R 105 -1.87 27.78 -53.83
C THR R 105 -2.23 28.80 -52.75
N GLN R 106 -3.35 28.59 -52.06
CA GLN R 106 -3.71 29.46 -50.95
C GLN R 106 -2.74 29.31 -49.79
N ALA R 107 -2.35 28.06 -49.48
CA ALA R 107 -1.41 27.81 -48.40
C ALA R 107 -0.04 28.42 -48.70
N VAL R 108 0.41 28.31 -49.95
CA VAL R 108 1.71 28.87 -50.32
C VAL R 108 1.66 30.38 -50.37
N SER R 109 0.55 30.95 -50.85
CA SER R 109 0.46 32.41 -50.91
C SER R 109 0.20 33.03 -49.55
N ASN R 110 -0.17 32.25 -48.54
CA ASN R 110 -0.14 32.76 -47.17
C ASN R 110 1.26 33.09 -46.69
N LEU R 111 2.29 32.44 -47.25
CA LEU R 111 3.65 32.63 -46.77
C LEU R 111 4.24 33.94 -47.26
N ALA R 112 3.72 34.37 -48.41
N ALA R 112 3.62 34.70 -48.17
CA ALA R 112 3.71 35.74 -48.84
CA ALA R 112 4.35 35.82 -48.79
C ALA R 112 2.81 36.55 -47.91
C ALA R 112 4.46 37.05 -47.87
N LEU R 113 3.34 37.71 -47.59
CA LEU R 113 3.04 38.66 -46.52
C LEU R 113 2.96 38.04 -45.10
N GLN R 114 3.53 36.86 -44.86
CA GLN R 114 4.01 36.53 -43.52
C GLN R 114 5.47 36.97 -43.40
N PHE R 115 5.66 38.28 -43.47
CA PHE R 115 6.98 38.85 -43.30
C PHE R 115 6.84 40.13 -42.51
N GLY R 116 7.94 40.55 -41.90
CA GLY R 116 7.94 41.66 -40.99
C GLY R 116 9.01 41.51 -39.93
N GLU R 117 9.33 42.63 -39.28
CA GLU R 117 10.55 42.74 -38.47
C GLU R 117 10.27 43.08 -37.02
N GLU R 118 9.03 42.98 -36.56
CA GLU R 118 8.72 43.26 -35.17
C GLU R 118 7.99 42.13 -34.45
N ASP R 119 7.16 41.37 -35.15
CA ASP R 119 6.52 40.20 -34.53
C ASP R 119 7.53 39.09 -34.35
N ALA R 120 8.19 38.73 -35.45
CA ALA R 120 9.51 38.10 -35.51
C ALA R 120 9.73 36.88 -34.64
N ASP R 121 8.86 35.85 -34.75
CA ASP R 121 9.21 34.50 -34.40
C ASP R 121 10.57 34.18 -35.02
N PRO R 122 11.47 33.50 -34.28
CA PRO R 122 12.84 34.02 -34.06
C PRO R 122 13.56 34.67 -35.24
N GLY R 123 13.61 33.99 -36.37
CA GLY R 123 14.42 34.45 -37.49
C GLY R 123 13.71 34.36 -38.83
N ALA R 124 12.40 34.61 -38.83
CA ALA R 124 11.58 34.52 -40.04
C ALA R 124 11.86 35.71 -40.97
N MET R 125 11.01 35.85 -41.98
CA MET R 125 11.35 36.60 -43.18
C MET R 125 11.36 38.11 -42.93
N SER R 126 12.26 38.81 -43.64
CA SER R 126 12.37 40.25 -43.56
C SER R 126 12.07 40.98 -44.87
N ARG R 127 11.72 40.26 -45.93
CA ARG R 127 11.51 40.89 -47.23
C ARG R 127 10.56 39.99 -48.03
N PRO R 128 9.88 40.52 -49.04
CA PRO R 128 8.96 39.68 -49.82
C PRO R 128 9.68 38.71 -50.73
N PHE R 129 9.03 37.57 -50.95
CA PHE R 129 9.52 36.57 -51.88
C PHE R 129 9.42 37.12 -53.28
N GLY R 130 10.55 37.29 -53.95
CA GLY R 130 10.50 37.82 -55.29
C GLY R 130 10.38 36.75 -56.36
N VAL R 131 9.45 35.83 -56.20
CA VAL R 131 9.21 34.76 -57.15
C VAL R 131 7.72 34.68 -57.44
N ALA R 132 7.38 34.56 -58.71
CA ALA R 132 6.01 34.33 -59.13
C ALA R 132 5.87 32.93 -59.71
N LEU R 133 4.76 32.28 -59.43
CA LEU R 133 4.65 30.85 -59.66
C LEU R 133 3.44 30.52 -60.52
N LEU R 134 3.48 29.36 -61.17
CA LEU R 134 2.36 28.79 -61.88
C LEU R 134 2.13 27.38 -61.38
N PHE R 135 0.99 27.15 -60.74
CA PHE R 135 0.65 25.84 -60.21
C PHE R 135 -0.26 25.15 -61.21
N GLY R 136 0.21 24.02 -61.76
CA GLY R 136 -0.58 23.20 -62.65
C GLY R 136 -0.81 21.83 -62.01
N GLY R 137 -2.05 21.37 -62.07
CA GLY R 137 -2.33 20.07 -61.50
C GLY R 137 -3.68 19.54 -61.93
N VAL R 138 -3.99 18.36 -61.42
CA VAL R 138 -5.28 17.73 -61.61
C VAL R 138 -5.80 17.30 -60.25
N ASP R 139 -7.10 17.46 -60.02
CA ASP R 139 -7.76 17.04 -58.80
C ASP R 139 -9.15 16.52 -59.20
N GLU R 140 -10.07 16.45 -58.24
CA GLU R 140 -11.43 16.05 -58.57
C GLU R 140 -12.15 17.09 -59.44
N LYS R 141 -11.67 18.33 -59.47
CA LYS R 141 -12.18 19.32 -60.41
C LYS R 141 -11.55 19.24 -61.79
N GLY R 142 -10.52 18.41 -61.97
CA GLY R 142 -9.89 18.26 -63.27
C GLY R 142 -8.62 19.08 -63.40
N PRO R 143 -8.13 19.20 -64.64
CA PRO R 143 -6.86 19.94 -64.87
C PRO R 143 -7.06 21.44 -64.69
N GLN R 144 -6.14 22.07 -63.97
CA GLN R 144 -6.26 23.47 -63.59
C GLN R 144 -4.90 24.15 -63.62
N LEU R 145 -4.92 25.45 -63.85
CA LEU R 145 -3.72 26.28 -63.79
C LEU R 145 -3.98 27.48 -62.89
N PHE R 146 -3.07 27.72 -61.96
CA PHE R 146 -3.15 28.82 -61.01
C PHE R 146 -1.92 29.70 -61.19
N HIS R 147 -2.04 30.94 -60.74
CA HIS R 147 -0.98 31.92 -60.90
C HIS R 147 -0.81 32.67 -59.60
N MET R 148 0.42 32.98 -59.24
CA MET R 148 0.71 33.63 -57.97
C MET R 148 1.82 34.64 -58.20
N ASP R 149 1.84 35.71 -57.39
CA ASP R 149 2.79 36.81 -57.60
C ASP R 149 3.36 37.26 -56.24
N PRO R 150 4.35 38.18 -56.16
CA PRO R 150 4.85 38.59 -54.82
C PRO R 150 3.87 39.37 -53.96
N SER R 151 2.72 39.77 -54.48
CA SER R 151 1.71 40.37 -53.64
C SER R 151 0.90 39.35 -52.86
N GLY R 152 1.15 38.06 -53.08
CA GLY R 152 0.34 37.04 -52.47
C GLY R 152 -1.04 36.89 -53.07
N THR R 153 -1.26 37.45 -54.26
CA THR R 153 -2.56 37.44 -54.90
C THR R 153 -2.63 36.29 -55.90
N PHE R 154 -3.43 35.28 -55.59
CA PHE R 154 -3.45 34.07 -56.39
C PHE R 154 -4.76 33.95 -57.15
N VAL R 155 -4.70 33.32 -58.31
CA VAL R 155 -5.83 33.37 -59.23
C VAL R 155 -5.75 32.20 -60.20
N GLN R 156 -6.87 31.87 -60.85
CA GLN R 156 -6.92 30.77 -61.79
C GLN R 156 -6.45 31.27 -63.16
N CYS R 157 -5.87 30.37 -63.95
CA CYS R 157 -5.37 30.67 -65.28
C CYS R 157 -5.81 29.63 -66.28
N ASP R 158 -5.77 30.00 -67.56
CA ASP R 158 -5.86 29.05 -68.67
C ASP R 158 -4.54 28.87 -69.40
N ALA R 159 -3.73 29.93 -69.48
CA ALA R 159 -2.32 29.87 -69.83
C ALA R 159 -1.65 31.15 -69.36
N ARG R 160 -0.36 31.10 -69.06
CA ARG R 160 0.24 32.29 -68.47
C ARG R 160 1.74 32.31 -68.75
N ALA R 161 2.28 33.52 -68.85
CA ALA R 161 3.70 33.77 -68.96
C ALA R 161 4.16 34.60 -67.76
N ILE R 162 5.26 34.19 -67.15
CA ILE R 162 5.84 34.92 -66.02
C ILE R 162 7.29 35.25 -66.35
N GLY R 163 7.72 36.47 -66.00
CA GLY R 163 9.14 36.74 -65.95
C GLY R 163 9.62 37.83 -66.88
N SER R 164 10.86 37.69 -67.33
CA SER R 164 11.50 38.71 -68.15
C SER R 164 10.84 38.82 -69.52
N ALA R 165 10.59 37.69 -70.17
CA ALA R 165 9.88 37.68 -71.46
C ALA R 165 8.42 37.33 -71.29
N SER R 166 7.80 37.80 -70.20
CA SER R 166 6.40 37.49 -69.94
C SER R 166 5.46 38.24 -70.86
N GLU R 167 5.87 39.41 -71.35
CA GLU R 167 4.93 40.36 -71.94
C GLU R 167 4.41 39.87 -73.28
N GLY R 168 5.31 39.65 -74.23
CA GLY R 168 4.89 39.18 -75.54
C GLY R 168 4.41 37.74 -75.53
N ALA R 169 4.97 36.92 -74.63
CA ALA R 169 4.52 35.54 -74.52
C ALA R 169 3.10 35.45 -73.95
N GLN R 170 2.67 36.44 -73.18
CA GLN R 170 1.28 36.42 -72.72
C GLN R 170 0.32 36.71 -73.87
N SER R 171 0.66 37.66 -74.74
CA SER R 171 -0.18 37.95 -75.90
C SER R 171 -0.18 36.80 -76.92
N SER R 172 0.96 36.13 -77.09
CA SER R 172 0.99 34.98 -77.97
C SER R 172 0.20 33.81 -77.38
N LEU R 173 0.20 33.68 -76.05
CA LEU R 173 -0.64 32.68 -75.42
C LEU R 173 -2.12 33.05 -75.52
N GLN R 174 -2.42 34.34 -75.58
CA GLN R 174 -3.79 34.74 -75.95
C GLN R 174 -4.13 34.31 -77.36
N GLU R 175 -3.14 34.35 -78.25
CA GLU R 175 -3.37 34.00 -79.65
C GLU R 175 -3.67 32.51 -79.83
N VAL R 176 -2.82 31.63 -79.30
CA VAL R 176 -2.96 30.21 -79.65
C VAL R 176 -4.12 29.52 -78.93
N TYR R 177 -4.57 30.05 -77.81
CA TYR R 177 -5.40 29.27 -76.90
C TYR R 177 -6.83 29.09 -77.39
N HIS R 178 -7.32 27.86 -77.24
CA HIS R 178 -8.74 27.51 -77.33
C HIS R 178 -8.96 26.35 -76.39
N LYS R 179 -10.19 26.25 -75.86
CA LYS R 179 -10.47 25.29 -74.79
C LYS R 179 -10.40 23.84 -75.23
N SER R 180 -10.52 23.56 -76.53
CA SER R 180 -10.44 22.20 -77.03
C SER R 180 -9.04 21.80 -77.47
N MET R 181 -8.02 22.53 -77.05
CA MET R 181 -6.65 22.23 -77.43
C MET R 181 -6.16 20.99 -76.69
N THR R 182 -5.40 20.15 -77.38
CA THR R 182 -4.90 18.92 -76.76
C THR R 182 -3.59 19.21 -76.02
N LEU R 183 -3.17 18.20 -75.25
CA LEU R 183 -1.96 18.34 -74.45
C LEU R 183 -0.71 18.40 -75.32
N LYS R 184 -0.64 17.54 -76.34
CA LYS R 184 0.52 17.50 -77.23
C LYS R 184 0.64 18.76 -78.07
N GLU R 185 -0.50 19.32 -78.49
CA GLU R 185 -0.51 20.61 -79.19
C GLU R 185 -0.06 21.72 -78.26
N ALA R 186 -0.41 21.63 -76.98
CA ALA R 186 0.01 22.64 -76.03
C ALA R 186 1.50 22.57 -75.76
N ILE R 187 2.06 21.35 -75.70
CA ILE R 187 3.51 21.17 -75.67
C ILE R 187 4.16 21.81 -76.89
N LYS R 188 3.52 21.61 -78.05
CA LYS R 188 4.04 22.12 -79.31
C LYS R 188 4.08 23.65 -79.32
N SER R 189 2.96 24.29 -78.99
CA SER R 189 2.92 25.75 -79.00
C SER R 189 3.71 26.36 -77.85
N SER R 190 3.83 25.65 -76.73
CA SER R 190 4.65 26.15 -75.63
C SER R 190 6.12 26.18 -76.01
N LEU R 191 6.59 25.14 -76.71
CA LEU R 191 7.95 25.18 -77.22
C LEU R 191 8.11 26.18 -78.36
N ILE R 192 7.04 26.42 -79.13
CA ILE R 192 7.07 27.47 -80.15
C ILE R 192 7.32 28.84 -79.53
N ILE R 193 6.54 29.18 -78.49
CA ILE R 193 6.65 30.51 -77.89
C ILE R 193 7.95 30.64 -77.09
N LEU R 194 8.38 29.55 -76.44
CA LEU R 194 9.65 29.57 -75.72
C LEU R 194 10.83 29.74 -76.68
N LYS R 195 10.79 29.06 -77.83
CA LYS R 195 11.84 29.23 -78.82
C LYS R 195 11.77 30.61 -79.48
N GLN R 196 10.58 31.21 -79.52
CA GLN R 196 10.49 32.62 -79.91
C GLN R 196 11.21 33.53 -78.92
N VAL R 197 11.13 33.23 -77.62
CA VAL R 197 11.69 34.15 -76.63
C VAL R 197 13.08 33.78 -76.12
N MET R 198 13.56 32.55 -76.36
CA MET R 198 14.91 32.19 -75.93
C MET R 198 15.98 32.94 -76.72
N GLU R 199 16.96 33.48 -75.99
CA GLU R 199 18.15 34.03 -76.63
C GLU R 199 19.03 32.90 -77.17
N GLU R 200 19.23 31.85 -76.37
CA GLU R 200 20.01 30.70 -76.78
C GLU R 200 19.26 29.87 -77.83
N LYS R 201 19.89 28.81 -78.32
CA LYS R 201 19.29 27.97 -79.35
C LYS R 201 18.66 26.75 -78.71
N LEU R 202 17.38 26.53 -79.01
CA LEU R 202 16.61 25.50 -78.31
C LEU R 202 17.05 24.10 -78.73
N ASN R 203 17.25 23.25 -77.75
CA ASN R 203 17.36 21.81 -77.92
C ASN R 203 16.91 21.17 -76.63
N ALA R 204 17.19 19.88 -76.47
CA ALA R 204 16.81 19.16 -75.25
C ALA R 204 17.69 19.49 -74.06
N THR R 205 18.72 20.33 -74.23
CA THR R 205 19.71 20.58 -73.19
C THR R 205 19.46 21.89 -72.45
N ASN R 206 18.71 22.83 -73.03
CA ASN R 206 18.50 24.13 -72.40
C ASN R 206 17.04 24.46 -72.07
N ILE R 207 16.16 23.47 -72.02
CA ILE R 207 14.81 23.64 -71.49
C ILE R 207 14.49 22.49 -70.55
N GLU R 208 13.45 22.68 -69.73
CA GLU R 208 12.73 21.56 -69.13
C GLU R 208 11.24 21.70 -69.43
N LEU R 209 10.56 20.57 -69.47
CA LEU R 209 9.12 20.53 -69.66
C LEU R 209 8.61 19.25 -69.00
N ALA R 210 7.43 19.35 -68.40
CA ALA R 210 6.75 18.19 -67.86
C ALA R 210 5.25 18.30 -68.11
N THR R 211 4.57 17.17 -67.96
CA THR R 211 3.12 17.12 -68.08
C THR R 211 2.52 16.41 -66.88
N VAL R 212 1.29 16.80 -66.56
CA VAL R 212 0.46 16.09 -65.60
C VAL R 212 -0.82 15.71 -66.32
N GLN R 213 -1.25 14.47 -66.15
CA GLN R 213 -2.46 13.97 -66.79
C GLN R 213 -3.45 13.51 -65.74
N PRO R 214 -4.73 13.40 -66.09
CA PRO R 214 -5.64 12.62 -65.25
C PRO R 214 -5.26 11.15 -65.19
N GLY R 215 -4.81 10.59 -66.31
CA GLY R 215 -4.39 9.20 -66.36
C GLY R 215 -3.09 8.91 -65.62
N GLN R 216 -2.02 9.60 -65.99
CA GLN R 216 -0.70 9.30 -65.45
C GLN R 216 -0.24 10.43 -64.53
N ASN R 217 0.83 10.14 -63.80
CA ASN R 217 1.40 11.06 -62.83
C ASN R 217 2.09 12.23 -63.53
N PHE R 218 2.55 13.17 -62.71
CA PHE R 218 3.49 14.19 -63.16
C PHE R 218 4.76 13.56 -63.70
N HIS R 219 5.06 13.83 -64.96
CA HIS R 219 6.16 13.14 -65.65
C HIS R 219 7.09 14.17 -66.26
N MET R 220 8.27 14.30 -65.66
CA MET R 220 9.31 15.14 -66.22
C MET R 220 9.89 14.47 -67.46
N PHE R 221 10.04 15.23 -68.53
CA PHE R 221 10.50 14.67 -69.79
C PHE R 221 11.99 14.36 -69.75
N THR R 222 12.36 13.19 -70.27
CA THR R 222 13.75 12.85 -70.46
C THR R 222 14.29 13.54 -71.71
N LYS R 223 15.61 13.38 -71.92
CA LYS R 223 16.28 14.06 -73.02
C LYS R 223 15.81 13.56 -74.39
N GLU R 224 15.58 12.26 -74.51
CA GLU R 224 15.08 11.72 -75.77
C GLU R 224 13.62 12.11 -76.00
N GLU R 225 12.82 12.17 -74.93
CA GLU R 225 11.42 12.60 -75.08
C GLU R 225 11.33 14.08 -75.40
N LEU R 226 12.24 14.89 -74.85
CA LEU R 226 12.34 16.28 -75.28
C LEU R 226 12.77 16.36 -76.72
N GLU R 227 13.78 15.59 -77.11
CA GLU R 227 14.28 15.57 -78.49
C GLU R 227 13.22 15.17 -79.49
N GLU R 228 12.30 14.27 -79.11
CA GLU R 228 11.28 13.78 -80.03
C GLU R 228 10.31 14.88 -80.43
N VAL R 229 9.85 15.67 -79.46
CA VAL R 229 8.98 16.80 -79.81
C VAL R 229 9.81 17.95 -80.40
N ILE R 230 11.09 18.03 -80.05
CA ILE R 230 11.96 19.09 -80.54
C ILE R 230 12.36 18.89 -82.01
N LYS R 231 12.29 17.65 -82.51
CA LYS R 231 12.50 17.41 -83.94
C LYS R 231 11.46 18.12 -84.80
N ASP R 232 10.25 18.32 -84.27
CA ASP R 232 9.23 19.09 -84.95
C ASP R 232 9.55 20.58 -84.99
N ILE R 233 10.40 21.05 -84.07
CA ILE R 233 11.00 22.40 -83.96
C ILE R 233 9.97 23.50 -83.70
N PHE S 1 8.82 65.96 -43.51
CA PHE S 1 8.27 67.04 -44.24
C PHE S 1 7.05 66.36 -44.82
N ARG S 2 6.93 66.35 -46.12
CA ARG S 2 6.46 65.15 -46.77
C ARG S 2 7.34 63.98 -46.32
N ASN S 3 8.67 64.16 -46.29
CA ASN S 3 9.60 63.04 -46.30
C ASN S 3 9.93 62.50 -44.90
N GLN S 4 10.00 63.33 -43.86
CA GLN S 4 10.27 62.73 -42.55
C GLN S 4 9.01 62.48 -41.71
N TYR S 5 7.81 62.76 -42.22
CA TYR S 5 6.60 62.35 -41.54
C TYR S 5 5.82 61.25 -42.25
N ASP S 6 6.25 60.80 -43.42
CA ASP S 6 5.54 59.71 -44.09
C ASP S 6 6.21 58.37 -43.90
N ASN S 7 7.25 58.31 -43.08
CA ASN S 7 8.05 57.10 -42.99
C ASN S 7 7.64 56.20 -41.84
N ASP S 8 6.86 56.72 -40.90
CA ASP S 8 6.43 55.95 -39.75
C ASP S 8 4.97 56.22 -39.47
N VAL S 9 4.25 55.18 -39.04
CA VAL S 9 2.88 55.35 -38.60
C VAL S 9 2.83 56.02 -37.23
N THR S 10 3.92 56.01 -36.48
CA THR S 10 3.96 56.51 -35.11
C THR S 10 4.47 57.93 -35.02
N VAL S 11 4.27 58.74 -36.05
CA VAL S 11 4.73 60.13 -36.03
C VAL S 11 3.55 61.01 -36.35
N TRP S 12 3.11 61.82 -35.39
CA TRP S 12 2.11 62.83 -35.65
C TRP S 12 2.71 63.95 -36.48
N SER S 13 2.10 64.23 -37.62
CA SER S 13 2.43 65.40 -38.41
C SER S 13 1.88 66.62 -37.68
N PRO S 14 2.52 67.79 -37.84
CA PRO S 14 2.15 68.94 -36.98
C PRO S 14 0.77 69.52 -37.21
N GLN S 15 0.01 69.05 -38.20
CA GLN S 15 -1.39 69.44 -38.29
C GLN S 15 -2.29 68.58 -37.41
N GLY S 16 -1.74 67.55 -36.77
CA GLY S 16 -2.56 66.62 -36.04
C GLY S 16 -3.06 65.47 -36.87
N ARG S 17 -2.20 64.92 -37.71
CA ARG S 17 -2.56 63.85 -38.64
C ARG S 17 -1.43 62.85 -38.68
N ILE S 18 -1.69 61.72 -39.32
CA ILE S 18 -0.68 60.68 -39.49
C ILE S 18 -0.67 60.34 -40.96
N HIS S 19 0.44 60.61 -41.64
CA HIS S 19 0.43 60.48 -43.08
C HIS S 19 0.48 59.02 -43.53
N GLN S 20 1.08 58.14 -42.74
CA GLN S 20 1.04 56.72 -43.06
C GLN S 20 -0.33 56.10 -42.93
N ILE S 21 -1.24 56.71 -42.18
CA ILE S 21 -2.60 56.19 -42.13
C ILE S 21 -3.37 56.65 -43.35
N GLU S 22 -3.20 57.91 -43.72
CA GLU S 22 -3.91 58.44 -44.88
C GLU S 22 -3.39 57.87 -46.19
N TYR S 23 -2.13 57.43 -46.22
CA TYR S 23 -1.63 56.76 -47.42
C TYR S 23 -2.17 55.35 -47.53
N ALA S 24 -2.55 54.74 -46.41
CA ALA S 24 -3.13 53.41 -46.47
C ALA S 24 -4.52 53.44 -47.10
N MET S 25 -5.21 54.57 -47.01
CA MET S 25 -6.51 54.68 -47.65
C MET S 25 -6.40 54.87 -49.17
N GLU S 26 -5.21 55.19 -49.68
CA GLU S 26 -5.05 55.17 -51.13
C GLU S 26 -5.09 53.75 -51.69
N ALA S 27 -4.71 52.77 -50.88
CA ALA S 27 -4.80 51.39 -51.31
C ALA S 27 -6.24 50.93 -51.45
N VAL S 28 -7.17 51.52 -50.70
CA VAL S 28 -8.57 51.18 -50.93
C VAL S 28 -9.17 52.11 -51.98
N LYS S 29 -8.60 53.30 -52.18
CA LYS S 29 -9.13 54.17 -53.21
C LYS S 29 -8.62 53.85 -54.61
N GLN S 30 -7.70 52.89 -54.75
CA GLN S 30 -7.30 52.46 -56.08
C GLN S 30 -7.95 51.16 -56.54
N GLY S 31 -8.45 50.35 -55.62
CA GLY S 31 -8.87 49.00 -55.96
C GLY S 31 -10.12 48.95 -56.81
N SER S 32 -10.38 47.76 -57.34
CA SER S 32 -11.58 47.52 -58.12
C SER S 32 -12.81 47.63 -57.22
N ALA S 33 -13.74 48.47 -57.64
CA ALA S 33 -14.85 48.89 -56.78
C ALA S 33 -15.81 47.74 -56.51
N THR S 34 -16.54 47.87 -55.40
CA THR S 34 -17.53 46.89 -55.00
C THR S 34 -18.68 47.60 -54.30
N VAL S 35 -19.86 47.00 -54.38
CA VAL S 35 -21.10 47.62 -53.95
C VAL S 35 -21.81 46.66 -53.02
N GLY S 36 -22.25 47.17 -51.86
CA GLY S 36 -23.03 46.36 -50.94
C GLY S 36 -24.27 47.10 -50.51
N LEU S 37 -25.31 46.32 -50.20
CA LEU S 37 -26.64 46.81 -49.88
C LEU S 37 -27.47 45.69 -49.28
N LYS S 38 -28.58 46.06 -48.64
CA LYS S 38 -29.41 45.08 -47.96
C LYS S 38 -30.88 45.46 -48.03
N SER S 39 -31.73 44.47 -47.79
CA SER S 39 -33.16 44.60 -47.59
C SER S 39 -33.47 44.29 -46.13
N LYS S 40 -34.75 44.18 -45.80
CA LYS S 40 -35.11 43.66 -44.48
C LYS S 40 -34.88 42.15 -44.38
N THR S 41 -34.71 41.46 -45.50
CA THR S 41 -34.53 40.02 -45.51
C THR S 41 -33.20 39.55 -46.08
N HIS S 42 -32.55 40.33 -46.95
CA HIS S 42 -31.36 39.85 -47.63
C HIS S 42 -30.24 40.88 -47.52
N ALA S 43 -29.02 40.41 -47.75
CA ALA S 43 -27.84 41.26 -47.87
C ALA S 43 -27.02 40.76 -49.05
N VAL S 44 -26.63 41.67 -49.94
CA VAL S 44 -26.04 41.28 -51.22
C VAL S 44 -24.79 42.12 -51.47
N LEU S 45 -23.78 41.49 -52.09
CA LEU S 45 -22.56 42.16 -52.50
C LEU S 45 -22.38 42.03 -54.00
N VAL S 46 -21.91 43.10 -54.62
CA VAL S 46 -21.66 43.16 -56.06
C VAL S 46 -20.25 43.67 -56.24
N ALA S 47 -19.42 42.93 -56.98
CA ALA S 47 -18.01 43.27 -57.05
C ALA S 47 -17.46 43.03 -58.44
N LEU S 48 -16.59 43.93 -58.89
CA LEU S 48 -15.78 43.69 -60.08
C LEU S 48 -14.71 42.68 -59.78
N LYS S 49 -14.43 41.80 -60.74
CA LYS S 49 -13.40 40.78 -60.61
C LYS S 49 -12.21 41.15 -61.49
N ARG S 50 -11.02 41.17 -60.89
CA ARG S 50 -9.78 41.54 -61.58
C ARG S 50 -9.03 40.32 -62.06
N ALA S 51 -9.12 40.04 -63.35
CA ALA S 51 -8.37 38.95 -63.91
C ALA S 51 -7.21 39.46 -64.77
N GLN S 52 -6.26 40.21 -64.20
CA GLN S 52 -4.79 40.17 -64.40
C GLN S 52 -4.22 39.90 -65.80
N SER S 53 -4.94 39.15 -66.65
CA SER S 53 -4.64 38.70 -68.00
C SER S 53 -5.88 37.94 -68.49
N GLU S 54 -6.15 37.94 -69.79
CA GLU S 54 -7.42 37.40 -70.29
C GLU S 54 -7.49 35.88 -70.18
N LEU S 55 -6.35 35.21 -70.11
CA LEU S 55 -6.28 33.78 -69.86
C LEU S 55 -6.28 33.45 -68.39
N ALA S 56 -5.80 34.38 -67.56
CA ALA S 56 -6.01 34.26 -66.13
C ALA S 56 -7.48 34.44 -65.84
N ALA S 57 -8.04 33.57 -65.00
CA ALA S 57 -9.43 33.74 -64.62
C ALA S 57 -9.49 34.79 -63.52
N HIS S 58 -10.67 34.93 -62.93
CA HIS S 58 -11.01 36.14 -62.18
C HIS S 58 -10.69 36.01 -60.69
N GLN S 59 -10.08 37.06 -60.15
CA GLN S 59 -9.76 37.15 -58.72
C GLN S 59 -11.01 37.09 -57.87
N LYS S 60 -11.01 36.17 -56.91
CA LYS S 60 -12.10 36.13 -55.95
C LYS S 60 -12.12 37.42 -55.13
N LYS S 61 -13.23 38.12 -55.23
CA LYS S 61 -13.46 39.34 -54.48
C LYS S 61 -14.50 39.15 -53.41
N ILE S 62 -15.13 38.00 -53.35
CA ILE S 62 -16.03 37.63 -52.28
C ILE S 62 -15.48 36.37 -51.65
N LEU S 63 -15.34 36.37 -50.34
CA LEU S 63 -14.70 35.27 -49.62
C LEU S 63 -15.69 34.66 -48.65
N HIS S 64 -15.72 33.33 -48.59
CA HIS S 64 -16.53 32.66 -47.59
CA HIS S 64 -16.51 32.67 -47.58
C HIS S 64 -15.89 32.86 -46.21
N VAL S 65 -16.71 33.26 -45.24
CA VAL S 65 -16.28 33.45 -43.88
C VAL S 65 -16.98 32.50 -42.91
N ASP S 66 -18.27 32.29 -43.11
CA ASP S 66 -18.99 31.21 -42.45
C ASP S 66 -20.20 30.89 -43.33
N ASN S 67 -21.19 30.19 -42.79
CA ASN S 67 -22.47 30.06 -43.48
C ASN S 67 -23.19 31.39 -43.57
N HIS S 68 -22.89 32.32 -42.67
CA HIS S 68 -23.71 33.49 -42.46
C HIS S 68 -23.03 34.81 -42.71
N ILE S 69 -21.76 34.83 -43.13
CA ILE S 69 -21.03 36.08 -43.38
C ILE S 69 -20.17 35.89 -44.62
N GLY S 70 -20.21 36.87 -45.53
CA GLY S 70 -19.19 36.99 -46.55
C GLY S 70 -18.73 38.43 -46.65
N ILE S 71 -17.49 38.61 -47.11
CA ILE S 71 -16.84 39.91 -47.13
C ILE S 71 -16.42 40.22 -48.56
N SER S 72 -16.05 41.47 -48.79
CA SER S 72 -15.50 41.91 -50.05
CA SER S 72 -15.46 41.86 -50.05
C SER S 72 -14.15 42.59 -49.82
N ILE S 73 -13.35 42.65 -50.88
CA ILE S 73 -11.99 43.15 -50.79
C ILE S 73 -11.88 44.40 -51.65
N ALA S 74 -11.03 45.34 -51.23
CA ALA S 74 -10.60 46.43 -52.08
C ALA S 74 -9.23 46.88 -51.59
N GLY S 75 -8.18 46.45 -52.28
CA GLY S 75 -6.84 46.79 -51.85
C GLY S 75 -5.90 45.61 -51.72
N LEU S 76 -5.10 45.60 -50.67
CA LEU S 76 -4.10 44.56 -50.46
C LEU S 76 -4.80 43.26 -50.15
N THR S 77 -4.77 42.33 -51.12
CA THR S 77 -5.57 41.11 -51.03
C THR S 77 -5.14 40.21 -49.88
N ALA S 78 -3.83 40.10 -49.65
CA ALA S 78 -3.37 39.17 -48.62
C ALA S 78 -3.69 39.66 -47.22
N ASP S 79 -3.86 40.97 -47.03
CA ASP S 79 -4.32 41.47 -45.74
C ASP S 79 -5.78 41.11 -45.51
N ALA S 80 -6.58 41.14 -46.57
CA ALA S 80 -7.96 40.71 -46.44
C ALA S 80 -8.06 39.22 -46.23
N ARG S 81 -7.12 38.42 -46.76
CA ARG S 81 -7.20 36.99 -46.50
C ARG S 81 -6.77 36.66 -45.08
N LEU S 82 -5.78 37.39 -44.56
CA LEU S 82 -5.45 37.35 -43.14
C LEU S 82 -6.67 37.65 -42.28
N LEU S 83 -7.43 38.66 -42.66
CA LEU S 83 -8.58 39.07 -41.89
C LEU S 83 -9.77 38.14 -42.07
N CYS S 84 -9.82 37.43 -43.21
CA CYS S 84 -10.81 36.37 -43.40
C CYS S 84 -10.53 35.19 -42.49
N ASN S 85 -9.25 34.79 -42.37
CA ASN S 85 -8.94 33.70 -41.46
C ASN S 85 -9.17 34.10 -40.01
N PHE S 86 -8.97 35.37 -39.68
CA PHE S 86 -9.30 35.86 -38.34
C PHE S 86 -10.80 35.73 -38.06
N MET S 87 -11.64 36.18 -38.99
CA MET S 87 -13.08 36.13 -38.76
C MET S 87 -13.61 34.70 -38.77
N ARG S 88 -13.01 33.82 -39.58
CA ARG S 88 -13.30 32.39 -39.50
C ARG S 88 -13.01 31.85 -38.12
N GLN S 89 -11.87 32.25 -37.54
CA GLN S 89 -11.51 31.72 -36.23
C GLN S 89 -12.43 32.26 -35.15
N GLU S 90 -12.89 33.51 -35.28
CA GLU S 90 -13.75 34.06 -34.25
C GLU S 90 -15.14 33.45 -34.27
N CYS S 91 -15.73 33.30 -35.47
CA CYS S 91 -17.02 32.61 -35.53
C CYS S 91 -16.91 31.17 -35.08
N LEU S 92 -15.78 30.50 -35.34
CA LEU S 92 -15.66 29.12 -34.89
C LEU S 92 -15.46 29.03 -33.39
N ASP S 93 -14.79 30.02 -32.79
CA ASP S 93 -14.66 29.98 -31.33
C ASP S 93 -15.97 30.33 -30.64
N SER S 94 -16.77 31.20 -31.25
CA SER S 94 -18.09 31.47 -30.67
C SER S 94 -19.02 30.27 -30.80
N ARG S 95 -18.95 29.55 -31.92
CA ARG S 95 -19.73 28.33 -32.04
C ARG S 95 -19.24 27.26 -31.08
N PHE S 96 -17.92 27.17 -30.88
CA PHE S 96 -17.38 26.13 -30.02
C PHE S 96 -17.69 26.40 -28.55
N VAL S 97 -17.73 27.66 -28.14
CA VAL S 97 -18.01 27.96 -26.75
C VAL S 97 -19.50 28.11 -26.50
N PHE S 98 -20.17 29.01 -27.20
CA PHE S 98 -21.53 29.40 -26.85
C PHE S 98 -22.60 28.71 -27.66
N ASP S 99 -22.23 27.97 -28.70
CA ASP S 99 -23.14 27.23 -29.57
C ASP S 99 -24.19 28.14 -30.21
N ARG S 100 -23.78 29.35 -30.55
CA ARG S 100 -24.56 30.16 -31.47
C ARG S 100 -23.55 31.02 -32.21
N PRO S 101 -23.79 31.32 -33.49
CA PRO S 101 -22.82 32.12 -34.24
C PRO S 101 -22.72 33.53 -33.69
N LEU S 102 -21.52 34.08 -33.75
CA LEU S 102 -21.23 35.38 -33.17
C LEU S 102 -22.01 36.47 -33.90
N PRO S 103 -22.60 37.42 -33.18
CA PRO S 103 -23.28 38.52 -33.86
C PRO S 103 -22.30 39.38 -34.63
N VAL S 104 -22.75 39.85 -35.79
CA VAL S 104 -21.87 40.51 -36.75
C VAL S 104 -21.38 41.83 -36.19
N SER S 105 -22.23 42.51 -35.41
CA SER S 105 -21.88 43.80 -34.84
C SER S 105 -20.75 43.71 -33.83
N ARG S 106 -20.60 42.56 -33.18
CA ARG S 106 -19.47 42.37 -32.28
C ARG S 106 -18.23 41.92 -33.02
N LEU S 107 -18.41 41.18 -34.10
CA LEU S 107 -17.28 40.68 -34.86
C LEU S 107 -16.57 41.79 -35.59
N VAL S 108 -17.31 42.77 -36.09
CA VAL S 108 -16.66 43.87 -36.79
C VAL S 108 -15.99 44.81 -35.79
N SER S 109 -16.51 44.91 -34.58
CA SER S 109 -15.78 45.63 -33.54
C SER S 109 -14.50 44.91 -33.15
N LEU S 110 -14.49 43.58 -33.22
CA LEU S 110 -13.23 42.85 -33.01
C LEU S 110 -12.23 43.10 -34.13
N ILE S 111 -12.71 43.22 -35.37
CA ILE S 111 -11.81 43.58 -36.47
C ILE S 111 -11.27 44.98 -36.28
N GLY S 112 -12.13 45.92 -35.86
CA GLY S 112 -11.67 47.27 -35.57
C GLY S 112 -10.68 47.32 -34.43
N SER S 113 -10.79 46.40 -33.48
CA SER S 113 -9.79 46.28 -32.43
C SER S 113 -8.49 45.69 -32.96
N LYS S 114 -8.57 44.74 -33.89
CA LYS S 114 -7.35 44.09 -34.38
C LYS S 114 -6.56 45.01 -35.30
N THR S 115 -7.23 45.69 -36.21
CA THR S 115 -6.53 46.58 -37.14
C THR S 115 -6.01 47.83 -36.47
N GLN S 116 -6.49 48.15 -35.26
CA GLN S 116 -6.06 49.36 -34.58
C GLN S 116 -4.64 49.23 -34.06
N ILE S 117 -4.25 48.04 -33.63
CA ILE S 117 -3.02 47.82 -32.89
C ILE S 117 -1.76 48.08 -33.73
N PRO S 118 -1.65 47.68 -35.01
CA PRO S 118 -0.50 48.15 -35.79
C PRO S 118 -0.51 49.62 -36.13
N THR S 119 -1.63 50.31 -36.00
CA THR S 119 -1.64 51.73 -36.29
C THR S 119 -1.07 52.59 -35.18
N GLN S 120 -0.43 51.99 -34.18
CA GLN S 120 0.09 52.74 -33.05
C GLN S 120 1.48 52.31 -32.63
N ARG S 121 1.91 51.12 -33.00
CA ARG S 121 3.16 50.54 -32.54
C ARG S 121 4.23 50.70 -33.61
N TYR S 122 5.46 50.98 -33.18
CA TYR S 122 6.52 51.31 -34.12
C TYR S 122 6.99 50.09 -34.91
N GLY S 123 7.27 50.31 -36.20
CA GLY S 123 7.73 49.27 -37.07
C GLY S 123 6.64 48.52 -37.78
N ARG S 124 5.39 48.86 -37.52
CA ARG S 124 4.24 48.17 -38.09
C ARG S 124 3.58 49.07 -39.11
N ARG S 125 2.70 48.48 -39.92
CA ARG S 125 1.96 49.25 -40.91
C ARG S 125 0.47 49.03 -40.70
N PRO S 126 -0.35 50.00 -41.07
CA PRO S 126 -1.80 49.76 -41.06
C PRO S 126 -2.17 48.74 -42.12
N TYR S 127 -3.26 48.04 -41.88
CA TYR S 127 -3.77 47.11 -42.89
C TYR S 127 -4.24 47.92 -44.08
N GLY S 128 -3.73 47.61 -45.26
CA GLY S 128 -4.06 48.43 -46.41
C GLY S 128 -5.33 48.00 -47.13
N VAL S 129 -6.37 47.64 -46.40
CA VAL S 129 -7.56 47.05 -46.99
C VAL S 129 -8.79 47.71 -46.40
N GLY S 130 -9.80 47.91 -47.24
CA GLY S 130 -11.14 48.24 -46.77
C GLY S 130 -12.06 47.09 -47.13
N LEU S 131 -13.07 46.86 -46.30
CA LEU S 131 -13.94 45.72 -46.49
C LEU S 131 -15.39 46.18 -46.57
N LEU S 132 -16.20 45.39 -47.23
CA LEU S 132 -17.64 45.41 -47.05
C LEU S 132 -18.03 44.04 -46.53
N ILE S 133 -18.75 44.00 -45.42
CA ILE S 133 -19.09 42.75 -44.75
C ILE S 133 -20.58 42.57 -44.80
N ALA S 134 -21.04 41.48 -45.39
CA ALA S 134 -22.45 41.17 -45.51
C ALA S 134 -22.77 39.96 -44.64
N GLY S 135 -23.73 40.11 -43.75
CA GLY S 135 -24.03 39.05 -42.82
C GLY S 135 -25.49 39.04 -42.44
N TYR S 136 -25.93 37.91 -41.90
CA TYR S 136 -27.30 37.78 -41.41
C TYR S 136 -27.27 37.08 -40.06
N ASP S 137 -27.99 37.64 -39.10
CA ASP S 137 -28.09 37.05 -37.77
C ASP S 137 -29.46 37.41 -37.21
N ASP S 138 -29.58 37.37 -35.88
CA ASP S 138 -30.83 37.68 -35.20
C ASP S 138 -31.34 39.08 -35.52
N MET S 139 -30.43 40.04 -35.65
CA MET S 139 -30.83 41.43 -35.89
C MET S 139 -31.09 41.73 -37.36
N GLY S 140 -31.15 40.72 -38.22
CA GLY S 140 -31.42 40.93 -39.62
C GLY S 140 -30.17 41.00 -40.47
N PRO S 141 -30.29 41.50 -41.69
CA PRO S 141 -29.12 41.63 -42.56
C PRO S 141 -28.29 42.84 -42.19
N HIS S 142 -27.01 42.80 -42.53
CA HIS S 142 -26.10 43.88 -42.21
C HIS S 142 -25.14 44.13 -43.34
N ILE S 143 -24.80 45.40 -43.54
CA ILE S 143 -23.72 45.81 -44.43
C ILE S 143 -22.83 46.75 -43.65
N PHE S 144 -21.57 46.39 -43.51
CA PHE S 144 -20.58 47.13 -42.74
C PHE S 144 -19.50 47.62 -43.68
N GLN S 145 -18.72 48.58 -43.22
CA GLN S 145 -17.53 49.02 -43.93
C GLN S 145 -16.43 49.27 -42.92
N THR S 146 -15.27 48.66 -43.12
CA THR S 146 -14.13 48.95 -42.25
C THR S 146 -13.22 50.02 -42.82
N PRO S 148 -8.77 50.25 -42.47
CA PRO S 148 -7.45 50.81 -42.75
C PRO S 148 -6.99 51.68 -41.61
N SER S 149 -7.77 52.72 -41.34
CA SER S 149 -7.60 53.58 -40.19
C SER S 149 -8.29 53.06 -38.95
N ALA S 150 -8.76 51.81 -38.99
CA ALA S 150 -9.41 51.00 -37.94
C ALA S 150 -10.84 51.41 -37.65
N ASN S 151 -11.41 52.37 -38.36
CA ASN S 151 -12.80 52.71 -38.15
CA ASN S 151 -12.81 52.72 -38.16
C ASN S 151 -13.71 51.65 -38.76
N TYR S 152 -14.96 51.63 -38.31
CA TYR S 152 -15.93 50.74 -38.92
C TYR S 152 -17.30 51.41 -38.88
N PHE S 153 -18.06 51.22 -39.95
CA PHE S 153 -19.26 51.98 -40.21
C PHE S 153 -20.41 51.02 -40.39
N ASP S 154 -21.59 51.36 -39.88
CA ASP S 154 -22.81 50.64 -40.20
C ASP S 154 -23.50 51.33 -41.35
N CYS S 155 -23.88 50.56 -42.36
CA CYS S 155 -24.32 51.10 -43.64
C CYS S 155 -25.64 50.51 -44.09
N ARG S 156 -26.48 51.34 -44.70
CA ARG S 156 -27.68 50.86 -45.38
C ARG S 156 -27.32 50.30 -46.75
N ALA S 157 -26.50 51.05 -47.50
CA ALA S 157 -25.96 50.62 -48.77
C ALA S 157 -24.67 51.39 -48.97
N MET S 158 -23.62 50.71 -49.42
CA MET S 158 -22.31 51.34 -49.39
C MET S 158 -21.44 50.78 -50.50
N SER S 159 -20.63 51.66 -51.09
CA SER S 159 -19.74 51.31 -52.18
C SER S 159 -18.36 51.88 -51.91
N ILE S 160 -17.34 51.03 -51.95
CA ILE S 160 -15.97 51.45 -51.75
C ILE S 160 -15.18 51.14 -53.00
N GLY S 161 -14.00 51.70 -53.10
CA GLY S 161 -13.11 51.45 -54.20
C GLY S 161 -12.84 52.68 -55.04
N ALA S 162 -12.21 52.44 -56.19
CA ALA S 162 -11.86 53.53 -57.09
C ALA S 162 -13.10 54.03 -57.83
N ARG S 163 -13.19 55.36 -57.98
CA ARG S 163 -14.27 56.07 -58.68
C ARG S 163 -15.63 55.79 -58.04
N SER S 164 -15.63 55.50 -56.74
CA SER S 164 -16.83 55.04 -56.05
C SER S 164 -17.83 56.14 -55.73
N GLN S 165 -17.49 57.41 -56.00
CA GLN S 165 -18.37 58.50 -55.60
C GLN S 165 -19.68 58.46 -56.39
N SER S 166 -19.62 58.10 -57.67
CA SER S 166 -20.82 58.00 -58.48
C SER S 166 -21.71 56.86 -58.01
N ALA S 167 -21.12 55.75 -57.57
CA ALA S 167 -21.89 54.66 -57.02
C ALA S 167 -22.51 55.04 -55.67
N ARG S 168 -21.82 55.84 -54.88
CA ARG S 168 -22.42 56.32 -53.64
C ARG S 168 -23.55 57.31 -53.90
N THR S 169 -23.44 58.13 -54.95
CA THR S 169 -24.56 59.02 -55.31
C THR S 169 -25.77 58.24 -55.81
N TYR S 170 -25.54 57.19 -56.60
CA TYR S 170 -26.64 56.35 -57.07
C TYR S 170 -27.32 55.64 -55.90
N LEU S 171 -26.53 55.17 -54.93
CA LEU S 171 -27.14 54.53 -53.77
C LEU S 171 -27.81 55.54 -52.85
N GLU S 172 -27.33 56.79 -52.81
CA GLU S 172 -28.06 57.83 -52.09
C GLU S 172 -29.36 58.17 -52.78
N ARG S 173 -29.39 58.04 -54.11
CA ARG S 173 -30.63 58.27 -54.86
C ARG S 173 -31.65 57.18 -54.58
N HIS S 174 -31.23 55.93 -54.50
CA HIS S 174 -32.18 54.83 -54.48
C HIS S 174 -32.20 54.01 -53.18
N MET S 175 -31.57 54.49 -52.10
CA MET S 175 -31.60 53.71 -50.86
C MET S 175 -32.97 53.68 -50.19
N SER S 176 -33.87 54.58 -50.57
CA SER S 176 -35.20 54.63 -49.97
C SER S 176 -36.10 53.49 -50.44
N GLU S 177 -35.68 52.73 -51.45
CA GLU S 177 -36.49 51.62 -51.95
C GLU S 177 -36.11 50.28 -51.34
N PHE S 178 -34.89 50.16 -50.81
CA PHE S 178 -34.23 48.85 -50.66
C PHE S 178 -34.88 47.96 -49.61
N MET S 179 -35.58 48.55 -48.63
CA MET S 179 -36.13 47.76 -47.53
C MET S 179 -37.23 46.83 -47.99
N GLU S 180 -38.03 47.25 -48.97
CA GLU S 180 -39.18 46.48 -49.41
C GLU S 180 -38.99 45.81 -50.77
N CYS S 181 -37.82 45.94 -51.39
CA CYS S 181 -37.54 45.15 -52.57
C CYS S 181 -37.32 43.69 -52.19
N ASN S 182 -37.64 42.79 -53.11
CA ASN S 182 -37.36 41.38 -52.92
C ASN S 182 -35.90 41.08 -53.20
N LEU S 183 -35.56 39.79 -53.23
CA LEU S 183 -34.18 39.38 -53.46
C LEU S 183 -33.73 39.70 -54.88
N ASN S 184 -34.64 39.62 -55.85
CA ASN S 184 -34.24 39.79 -57.24
C ASN S 184 -33.96 41.24 -57.58
N GLU S 185 -34.83 42.15 -57.16
CA GLU S 185 -34.63 43.57 -57.46
C GLU S 185 -33.42 44.14 -56.72
N LEU S 186 -33.14 43.58 -55.53
CA LEU S 186 -32.08 44.08 -54.67
C LEU S 186 -30.73 43.97 -55.33
N VAL S 187 -30.46 42.85 -56.01
CA VAL S 187 -29.18 42.67 -56.67
C VAL S 187 -29.13 43.50 -57.94
N LYS S 188 -30.29 43.76 -58.56
CA LYS S 188 -30.32 44.55 -59.79
C LYS S 188 -29.93 46.00 -59.51
N HIS S 189 -30.36 46.54 -58.37
CA HIS S 189 -29.94 47.88 -57.99
C HIS S 189 -28.43 47.97 -57.78
N GLY S 190 -27.84 46.96 -57.14
CA GLY S 190 -26.41 46.95 -56.94
C GLY S 190 -25.62 46.74 -58.21
N LEU S 191 -26.18 45.97 -59.15
CA LEU S 191 -25.55 45.82 -60.46
C LEU S 191 -25.53 47.13 -61.22
N ARG S 192 -26.62 47.91 -61.14
CA ARG S 192 -26.61 49.24 -61.75
C ARG S 192 -25.66 50.18 -61.01
N ALA S 193 -25.54 50.01 -59.70
CA ALA S 193 -24.66 50.87 -58.91
C ALA S 193 -23.20 50.64 -59.26
N LEU S 194 -22.81 49.37 -59.42
CA LEU S 194 -21.46 49.09 -59.90
C LEU S 194 -21.29 49.50 -61.35
N ARG S 195 -22.36 49.41 -62.15
CA ARG S 195 -22.27 49.80 -63.56
C ARG S 195 -22.10 51.31 -63.72
N GLU S 196 -22.48 52.09 -62.72
CA GLU S 196 -22.15 53.52 -62.72
C GLU S 196 -20.64 53.73 -62.69
N THR S 197 -19.90 52.86 -62.00
CA THR S 197 -18.48 53.06 -61.78
C THR S 197 -17.63 52.74 -62.99
N LEU S 198 -18.13 51.92 -63.92
CA LEU S 198 -17.34 51.47 -65.06
C LEU S 198 -17.07 52.59 -66.06
N PRO S 199 -16.04 52.45 -66.88
CA PRO S 199 -15.94 53.24 -68.10
C PRO S 199 -17.07 52.89 -69.06
N ALA S 200 -17.31 53.80 -70.01
CA ALA S 200 -18.52 53.76 -70.84
C ALA S 200 -18.56 52.55 -71.78
N GLU S 201 -17.40 52.00 -72.16
CA GLU S 201 -17.43 50.94 -73.16
C GLU S 201 -17.62 49.55 -72.55
N GLN S 202 -17.27 49.36 -71.28
CA GLN S 202 -17.30 48.02 -70.69
C GLN S 202 -18.70 47.72 -70.16
N ASP S 203 -19.09 46.45 -70.30
CA ASP S 203 -20.40 46.00 -69.84
C ASP S 203 -20.24 44.93 -68.78
N LEU S 204 -21.32 44.70 -68.05
CA LEU S 204 -21.34 43.67 -67.01
C LEU S 204 -21.61 42.32 -67.65
N THR S 205 -20.67 41.40 -67.53
CA THR S 205 -20.69 40.14 -68.23
C THR S 205 -20.89 39.00 -67.24
N THR S 206 -20.82 37.77 -67.76
CA THR S 206 -20.90 36.60 -66.90
C THR S 206 -19.60 36.35 -66.15
N LYS S 207 -18.51 37.00 -66.56
CA LYS S 207 -17.20 36.68 -66.00
C LYS S 207 -16.66 37.71 -65.03
N ASN S 208 -16.96 39.01 -65.21
CA ASN S 208 -16.30 40.04 -64.40
C ASN S 208 -17.20 40.64 -63.32
N VAL S 209 -18.34 40.04 -63.02
CA VAL S 209 -19.18 40.49 -61.91
C VAL S 209 -19.43 39.31 -60.98
N SER S 210 -19.17 39.51 -59.69
CA SER S 210 -19.39 38.49 -58.67
C SER S 210 -20.47 38.94 -57.71
N ILE S 211 -21.24 37.97 -57.20
CA ILE S 211 -22.38 38.24 -56.33
C ILE S 211 -22.34 37.27 -55.16
N GLY S 212 -22.54 37.80 -53.96
CA GLY S 212 -22.79 36.98 -52.79
C GLY S 212 -24.14 37.34 -52.20
N ILE S 213 -24.87 36.35 -51.72
CA ILE S 213 -26.25 36.53 -51.28
C ILE S 213 -26.47 35.73 -50.00
N VAL S 214 -27.03 36.38 -48.98
CA VAL S 214 -27.44 35.71 -47.76
C VAL S 214 -28.79 36.25 -47.32
N GLY S 215 -29.64 35.35 -46.80
CA GLY S 215 -31.01 35.69 -46.45
C GLY S 215 -31.51 34.99 -45.19
N LYS S 216 -32.82 35.00 -44.97
CA LYS S 216 -33.37 34.45 -43.72
C LYS S 216 -33.25 32.93 -43.67
N ASP S 217 -33.37 32.26 -44.81
CA ASP S 217 -33.23 30.82 -44.85
C ASP S 217 -32.24 30.36 -45.91
N LEU S 218 -31.61 31.27 -46.63
CA LEU S 218 -30.60 30.93 -47.61
C LEU S 218 -29.22 31.18 -47.04
N GLU S 219 -28.43 30.11 -46.94
CA GLU S 219 -27.05 30.24 -46.50
C GLU S 219 -26.23 30.93 -47.57
N PHE S 220 -25.11 31.51 -47.16
CA PHE S 220 -24.33 32.39 -48.02
C PHE S 220 -23.70 31.63 -49.17
N THR S 221 -23.73 32.23 -50.35
CA THR S 221 -23.23 31.59 -51.57
C THR S 221 -22.65 32.62 -52.51
N ILE S 222 -21.56 32.28 -53.16
CA ILE S 222 -20.93 33.12 -54.16
C ILE S 222 -21.53 32.79 -55.52
N TYR S 223 -21.95 33.80 -56.26
CA TYR S 223 -22.56 33.59 -57.57
C TYR S 223 -21.58 34.04 -58.64
N ASP S 224 -21.15 33.07 -59.44
CA ASP S 224 -20.09 33.13 -60.41
C ASP S 224 -20.67 32.81 -61.79
N ASP S 225 -19.80 32.46 -62.74
CA ASP S 225 -19.93 32.41 -64.20
C ASP S 225 -21.31 31.97 -64.71
N ASP S 226 -21.78 30.80 -64.33
CA ASP S 226 -23.13 30.40 -64.75
C ASP S 226 -24.19 30.88 -63.78
N ASP S 227 -23.86 31.00 -62.50
CA ASP S 227 -24.86 31.38 -61.51
C ASP S 227 -25.23 32.85 -61.59
N VAL S 228 -24.40 33.67 -62.24
CA VAL S 228 -24.70 35.11 -62.34
C VAL S 228 -25.68 35.40 -63.45
N SER S 229 -25.89 34.45 -64.37
CA SER S 229 -26.71 34.67 -65.56
C SER S 229 -28.18 35.01 -65.30
N PRO S 230 -28.93 34.36 -64.38
CA PRO S 230 -30.29 34.86 -64.12
C PRO S 230 -30.34 36.22 -63.48
N PHE S 231 -29.36 36.54 -62.62
CA PHE S 231 -29.35 37.85 -61.98
C PHE S 231 -28.89 38.92 -62.96
N LEU S 232 -28.10 38.54 -63.96
CA LEU S 232 -27.74 39.47 -65.03
C LEU S 232 -28.92 39.77 -65.94
N GLU S 233 -29.92 38.89 -66.00
CA GLU S 233 -31.04 39.01 -66.95
C GLU S 233 -32.36 39.05 -66.19
N GLY S 234 -32.89 40.24 -65.90
CA GLY S 234 -32.32 41.53 -66.27
C GLY S 234 -32.56 41.97 -67.70
N LEU S 235 -32.06 43.13 -68.14
CA LEU S 235 -31.43 44.17 -67.32
C LEU S 235 -31.70 45.48 -68.03
N GLU S 236 -31.94 46.55 -67.27
CA GLU S 236 -32.02 47.88 -67.89
C GLU S 236 -30.64 48.27 -68.39
N GLU S 237 -30.54 48.59 -69.69
CA GLU S 237 -29.26 48.93 -70.29
C GLU S 237 -28.83 50.32 -69.81
N ARG S 238 -27.51 50.54 -69.83
CA ARG S 238 -26.88 51.78 -69.36
C ARG S 238 -27.32 53.02 -70.16
N THR T 1 12.16 70.53 -38.00
CA THR T 1 12.65 70.91 -36.68
C THR T 1 13.64 69.88 -36.12
N GLY T 2 13.45 68.61 -36.53
CA GLY T 2 14.25 67.50 -36.04
C GLY T 2 13.94 67.02 -34.63
N TYR T 3 13.20 67.81 -33.85
CA TYR T 3 12.89 67.46 -32.46
C TYR T 3 11.49 66.96 -32.27
N ASP T 4 10.77 66.64 -33.34
CA ASP T 4 9.38 66.25 -33.19
C ASP T 4 9.05 64.93 -33.87
N LEU T 5 10.06 64.13 -34.17
CA LEU T 5 9.81 62.83 -34.78
C LEU T 5 9.62 61.74 -33.75
N SER T 6 9.74 62.07 -32.47
CA SER T 6 9.74 61.07 -31.42
C SER T 6 9.16 61.65 -30.15
N ALA T 7 8.38 60.83 -29.43
CA ALA T 7 7.84 61.25 -28.16
C ALA T 7 8.83 61.12 -27.02
N SER T 8 9.99 60.51 -27.26
CA SER T 8 11.01 60.31 -26.25
C SER T 8 12.10 61.36 -26.30
N THR T 9 11.84 62.52 -26.89
CA THR T 9 12.87 63.53 -27.11
C THR T 9 12.35 64.89 -26.69
N PHE T 10 13.01 65.50 -25.73
CA PHE T 10 12.71 66.88 -25.38
C PHE T 10 13.30 67.83 -26.41
N SER T 11 12.59 68.93 -26.64
CA SER T 11 13.13 70.03 -27.43
C SER T 11 14.04 70.86 -26.55
N PRO T 12 14.89 71.73 -27.13
CA PRO T 12 15.79 72.54 -26.30
C PRO T 12 15.10 73.53 -25.36
N ASP T 13 13.85 73.88 -25.58
CA ASP T 13 13.15 74.73 -24.65
C ASP T 13 12.29 73.96 -23.64
N GLY T 14 12.27 72.63 -23.73
CA GLY T 14 11.57 71.83 -22.74
C GLY T 14 10.16 71.44 -23.09
N ARG T 15 9.87 71.23 -24.36
CA ARG T 15 8.56 70.77 -24.81
C ARG T 15 8.71 69.43 -25.48
N VAL T 16 7.67 68.60 -25.37
CA VAL T 16 7.63 67.30 -26.02
C VAL T 16 6.64 67.45 -27.15
N PHE T 17 7.12 67.45 -28.38
CA PHE T 17 6.25 67.92 -29.44
C PHE T 17 5.25 66.90 -29.94
N GLN T 18 5.51 65.59 -29.80
CA GLN T 18 4.50 64.62 -30.26
C GLN T 18 3.22 64.68 -29.46
N VAL T 19 3.32 64.98 -28.17
CA VAL T 19 2.13 65.13 -27.35
C VAL T 19 1.39 66.41 -27.70
N GLU T 20 2.12 67.51 -27.85
CA GLU T 20 1.50 68.77 -28.23
C GLU T 20 1.01 68.78 -29.67
N TYR T 21 1.48 67.85 -30.51
CA TYR T 21 0.86 67.67 -31.82
C TYR T 21 -0.36 66.78 -31.73
N ALA T 22 -0.41 65.87 -30.76
CA ALA T 22 -1.63 65.07 -30.58
C ALA T 22 -2.75 65.91 -30.00
N MET T 23 -2.42 66.91 -29.21
CA MET T 23 -3.47 67.78 -28.71
C MET T 23 -3.93 68.80 -29.75
N LYS T 24 -3.25 68.91 -30.90
CA LYS T 24 -3.88 69.53 -32.06
C LYS T 24 -4.79 68.56 -32.79
N ALA T 25 -4.49 67.27 -32.76
CA ALA T 25 -5.34 66.27 -33.39
C ALA T 25 -6.64 66.06 -32.63
N VAL T 26 -6.65 66.36 -31.34
CA VAL T 26 -7.89 66.27 -30.58
C VAL T 26 -8.89 67.33 -31.06
N GLU T 27 -8.44 68.57 -31.17
CA GLU T 27 -9.31 69.66 -31.60
C GLU T 27 -9.44 69.75 -33.13
N ASN T 28 -9.29 68.64 -33.83
CA ASN T 28 -9.81 68.48 -35.18
C ASN T 28 -11.24 67.97 -35.16
N SER T 29 -11.58 67.14 -34.18
CA SER T 29 -12.83 66.39 -34.17
C SER T 29 -13.93 67.16 -33.48
N SER T 30 -15.16 66.68 -33.68
CA SER T 30 -16.38 67.41 -33.35
C SER T 30 -16.54 67.58 -31.84
N THR T 31 -17.53 68.39 -31.48
CA THR T 31 -17.69 68.84 -30.12
C THR T 31 -18.37 67.77 -29.28
N ALA T 32 -17.83 67.55 -28.07
CA ALA T 32 -18.48 66.74 -27.06
C ALA T 32 -18.40 67.48 -25.74
N ILE T 33 -19.53 67.65 -25.07
CA ILE T 33 -19.55 68.37 -23.81
C ILE T 33 -20.16 67.47 -22.75
N GLY T 34 -19.79 67.76 -21.50
CA GLY T 34 -20.40 67.07 -20.38
C GLY T 34 -20.59 68.04 -19.24
N ILE T 35 -21.73 67.96 -18.57
CA ILE T 35 -22.00 68.86 -17.45
C ILE T 35 -22.32 68.03 -16.24
N ARG T 36 -21.51 68.18 -15.20
CA ARG T 36 -21.81 67.64 -13.89
C ARG T 36 -22.78 68.58 -13.19
N CYS T 37 -23.70 68.01 -12.43
CA CYS T 37 -24.73 68.79 -11.76
C CYS T 37 -24.84 68.25 -10.34
N LYS T 38 -25.93 68.60 -9.68
CA LYS T 38 -26.13 68.28 -8.27
C LYS T 38 -26.16 66.77 -8.03
N ASP T 39 -26.91 66.04 -8.84
CA ASP T 39 -27.25 64.66 -8.56
C ASP T 39 -26.85 63.69 -9.67
N GLY T 40 -26.06 64.13 -10.64
CA GLY T 40 -25.68 63.26 -11.72
C GLY T 40 -24.88 63.99 -12.78
N VAL T 41 -24.57 63.26 -13.85
CA VAL T 41 -23.74 63.74 -14.94
C VAL T 41 -24.51 63.54 -16.23
N VAL T 42 -24.50 64.54 -17.11
CA VAL T 42 -25.12 64.46 -18.43
C VAL T 42 -24.05 64.71 -19.48
N PHE T 43 -24.03 63.86 -20.51
CA PHE T 43 -23.09 63.96 -21.62
C PHE T 43 -23.82 64.34 -22.90
N GLY T 44 -23.13 65.11 -23.74
CA GLY T 44 -23.71 65.50 -25.00
C GLY T 44 -22.66 65.58 -26.10
N VAL T 45 -22.93 64.95 -27.24
CA VAL T 45 -21.97 64.84 -28.32
C VAL T 45 -22.64 65.25 -29.62
N GLU T 46 -22.00 66.16 -30.35
CA GLU T 46 -22.37 66.45 -31.72
C GLU T 46 -21.88 65.31 -32.60
N LYS T 47 -22.79 64.44 -33.04
CA LYS T 47 -22.40 63.29 -33.86
C LYS T 47 -22.67 63.60 -35.32
N LEU T 48 -21.61 63.91 -36.06
CA LEU T 48 -21.72 64.06 -37.50
C LEU T 48 -22.01 62.72 -38.15
N VAL T 49 -22.88 62.73 -39.16
CA VAL T 49 -22.99 61.61 -40.09
C VAL T 49 -22.53 62.12 -41.46
N LEU T 50 -21.43 61.55 -41.96
CA LEU T 50 -20.81 62.12 -43.14
C LEU T 50 -21.60 61.81 -44.41
N SER T 51 -22.38 60.73 -44.43
CA SER T 51 -23.23 60.46 -45.57
C SER T 51 -24.46 59.70 -45.10
N LYS T 52 -25.62 60.04 -45.66
CA LYS T 52 -26.88 59.51 -45.12
C LYS T 52 -27.10 58.04 -45.45
N LEU T 53 -26.26 57.46 -46.31
CA LEU T 53 -26.11 56.01 -46.43
C LEU T 53 -25.89 55.31 -45.09
N TYR T 54 -25.22 55.99 -44.15
CA TYR T 54 -24.89 55.42 -42.86
C TYR T 54 -26.10 55.18 -41.99
N GLU T 55 -26.18 53.97 -41.44
CA GLU T 55 -27.22 53.60 -40.48
C GLU T 55 -27.12 54.42 -39.22
N GLU T 56 -28.20 54.42 -38.46
CA GLU T 56 -28.19 54.97 -37.11
C GLU T 56 -27.42 54.03 -36.19
N GLY T 57 -26.65 54.60 -35.28
CA GLY T 57 -25.87 53.82 -34.37
C GLY T 57 -24.43 53.64 -34.76
N SER T 58 -24.08 54.01 -35.99
CA SER T 58 -22.68 53.98 -36.39
C SER T 58 -21.95 55.15 -35.78
N ASN T 59 -20.67 54.92 -35.46
CA ASN T 59 -19.74 55.92 -34.91
C ASN T 59 -20.28 56.53 -33.63
N LYS T 60 -20.72 55.68 -32.71
CA LYS T 60 -21.12 56.14 -31.40
C LYS T 60 -19.91 56.69 -30.65
N ARG T 61 -20.09 57.84 -30.02
CA ARG T 61 -19.04 58.46 -29.23
C ARG T 61 -19.33 58.42 -27.75
N LEU T 62 -20.40 57.76 -27.34
CA LEU T 62 -20.69 57.51 -25.94
C LEU T 62 -20.47 56.03 -25.67
N PHE T 63 -19.55 55.73 -24.79
CA PHE T 63 -19.23 54.35 -24.46
C PHE T 63 -19.61 54.09 -23.02
N ASN T 64 -20.00 52.86 -22.74
CA ASN T 64 -20.15 52.37 -21.38
C ASN T 64 -18.87 51.66 -21.02
N VAL T 65 -18.22 52.06 -19.93
CA VAL T 65 -17.00 51.40 -19.50
C VAL T 65 -17.17 50.63 -18.21
N ASP T 66 -18.25 50.87 -17.48
CA ASP T 66 -18.69 49.99 -16.42
C ASP T 66 -20.19 50.19 -16.37
N ARG T 67 -20.88 49.40 -15.54
CA ARG T 67 -22.32 49.55 -15.53
C ARG T 67 -22.78 50.80 -14.82
N HIS T 68 -21.91 51.44 -14.04
CA HIS T 68 -22.23 52.72 -13.43
C HIS T 68 -21.40 53.87 -14.00
N VAL T 69 -20.58 53.63 -15.01
CA VAL T 69 -19.67 54.64 -15.54
C VAL T 69 -19.91 54.76 -17.03
N GLY T 70 -20.01 55.98 -17.52
CA GLY T 70 -20.06 56.25 -18.95
C GLY T 70 -18.83 57.01 -19.40
N MET T 71 -18.77 57.26 -20.70
CA MET T 71 -17.57 57.84 -21.28
C MET T 71 -17.94 58.59 -22.54
N ALA T 72 -17.38 59.78 -22.71
CA ALA T 72 -17.56 60.56 -23.92
C ALA T 72 -16.19 60.91 -24.47
N VAL T 73 -16.03 60.83 -25.78
CA VAL T 73 -14.71 60.88 -26.38
C VAL T 73 -14.65 62.00 -27.41
N ALA T 74 -13.43 62.35 -27.79
CA ALA T 74 -13.19 63.27 -28.87
C ALA T 74 -11.85 62.91 -29.48
N GLY T 75 -11.72 63.13 -30.79
CA GLY T 75 -10.47 62.90 -31.47
C GLY T 75 -10.54 61.73 -32.43
N LEU T 76 -9.37 61.18 -32.74
CA LEU T 76 -9.27 59.97 -33.56
C LEU T 76 -9.94 58.83 -32.83
N LEU T 77 -11.08 58.38 -33.35
CA LEU T 77 -12.00 57.57 -32.55
C LEU T 77 -11.53 56.13 -32.45
N ALA T 78 -10.72 55.68 -33.41
CA ALA T 78 -10.18 54.33 -33.35
C ALA T 78 -9.30 54.13 -32.13
N ASP T 79 -8.61 55.17 -31.68
CA ASP T 79 -7.90 55.09 -30.41
C ASP T 79 -8.86 55.09 -29.25
N ALA T 80 -9.98 55.81 -29.39
CA ALA T 80 -10.92 55.94 -28.29
C ALA T 80 -11.64 54.63 -28.01
N ARG T 81 -11.84 53.78 -29.02
CA ARG T 81 -12.40 52.47 -28.74
C ARG T 81 -11.40 51.59 -28.00
N SER T 82 -10.10 51.80 -28.25
CA SER T 82 -9.07 51.06 -27.54
C SER T 82 -8.99 51.48 -26.08
N LEU T 83 -9.06 52.78 -25.83
CA LEU T 83 -9.12 53.25 -24.45
C LEU T 83 -10.41 52.88 -23.76
N ALA T 84 -11.50 52.74 -24.50
CA ALA T 84 -12.73 52.23 -23.90
C ALA T 84 -12.54 50.79 -23.47
N ASP T 85 -11.84 49.98 -24.27
CA ASP T 85 -11.62 48.60 -23.87
C ASP T 85 -10.60 48.47 -22.74
N ILE T 86 -9.65 49.39 -22.64
CA ILE T 86 -8.75 49.43 -21.48
C ILE T 86 -9.51 49.78 -20.21
N ALA T 87 -10.38 50.78 -20.28
CA ALA T 87 -11.18 51.15 -19.12
C ALA T 87 -12.15 50.04 -18.72
N ARG T 88 -12.67 49.30 -19.70
CA ARG T 88 -13.54 48.18 -19.41
C ARG T 88 -12.79 47.06 -18.71
N GLU T 89 -11.58 46.75 -19.18
CA GLU T 89 -10.78 45.72 -18.51
C GLU T 89 -10.33 46.17 -17.13
N GLU T 90 -10.06 47.47 -16.95
CA GLU T 90 -9.58 47.94 -15.66
C GLU T 90 -10.70 47.91 -14.61
N ALA T 91 -11.91 48.32 -15.01
CA ALA T 91 -13.04 48.23 -14.09
C ALA T 91 -13.45 46.79 -13.82
N SER T 92 -13.29 45.90 -14.80
CA SER T 92 -13.58 44.49 -14.58
C SER T 92 -12.59 43.87 -13.60
N ASN T 93 -11.30 44.16 -13.75
CA ASN T 93 -10.31 43.64 -12.82
C ASN T 93 -10.48 44.21 -11.42
N PHE T 94 -10.92 45.47 -11.29
CA PHE T 94 -11.18 45.99 -9.95
C PHE T 94 -12.39 45.34 -9.31
N ARG T 95 -13.45 45.07 -10.08
CA ARG T 95 -14.58 44.37 -9.49
C ARG T 95 -14.21 42.95 -9.09
N SER T 96 -13.36 42.29 -9.89
CA SER T 96 -12.98 40.92 -9.57
C SER T 96 -12.07 40.85 -8.35
N ASN T 97 -11.09 41.74 -8.25
CA ASN T 97 -10.20 41.69 -7.09
C ASN T 97 -10.85 42.20 -5.83
N PHE T 98 -11.35 43.43 -5.84
CA PHE T 98 -11.70 44.08 -4.59
C PHE T 98 -13.17 43.97 -4.25
N GLY T 99 -13.98 43.40 -5.12
CA GLY T 99 -15.32 43.00 -4.75
C GLY T 99 -16.38 44.07 -4.84
N TYR T 100 -16.08 45.24 -5.38
CA TYR T 100 -17.08 46.29 -5.48
C TYR T 100 -16.75 47.19 -6.65
N ASN T 101 -17.70 48.05 -7.01
CA ASN T 101 -17.57 48.92 -8.17
C ASN T 101 -16.45 49.91 -7.98
N ILE T 102 -15.71 50.16 -9.06
CA ILE T 102 -14.46 50.92 -8.95
C ILE T 102 -14.76 52.40 -8.72
N PRO T 103 -14.11 53.03 -7.74
CA PRO T 103 -14.26 54.47 -7.59
C PRO T 103 -13.73 55.19 -8.81
N LEU T 104 -14.43 56.24 -9.22
CA LEU T 104 -14.12 56.89 -10.47
C LEU T 104 -12.79 57.62 -10.42
N LYS T 105 -12.40 58.14 -9.26
CA LYS T 105 -11.09 58.75 -9.13
C LYS T 105 -9.98 57.75 -9.40
N HIS T 106 -10.11 56.54 -8.87
CA HIS T 106 -9.10 55.52 -9.07
C HIS T 106 -9.12 55.00 -10.51
N LEU T 107 -10.31 54.96 -11.13
CA LEU T 107 -10.39 54.51 -12.52
C LEU T 107 -9.78 55.53 -13.45
N ALA T 108 -10.02 56.81 -13.21
CA ALA T 108 -9.39 57.85 -14.00
C ALA T 108 -7.89 57.84 -13.82
N ASP T 109 -7.41 57.57 -12.61
CA ASP T 109 -5.96 57.52 -12.43
C ASP T 109 -5.32 56.19 -12.82
N ARG T 110 -6.10 55.15 -13.11
CA ARG T 110 -5.51 54.00 -13.80
C ARG T 110 -5.41 54.26 -15.30
N VAL T 111 -6.49 54.77 -15.89
CA VAL T 111 -6.51 54.99 -17.32
C VAL T 111 -5.63 56.17 -17.71
N ALA T 112 -5.43 57.15 -16.82
CA ALA T 112 -4.50 58.23 -17.10
C ALA T 112 -3.07 57.74 -17.12
N MET T 113 -2.76 56.75 -16.28
CA MET T 113 -1.42 56.19 -16.32
C MET T 113 -1.22 55.33 -17.56
N TYR T 114 -2.26 54.65 -18.01
CA TYR T 114 -2.14 53.89 -19.26
C TYR T 114 -1.98 54.83 -20.46
N VAL T 115 -2.64 55.98 -20.44
CA VAL T 115 -2.46 56.97 -21.51
C VAL T 115 -1.07 57.58 -21.44
N HIS T 116 -0.60 57.88 -20.22
CA HIS T 116 0.70 58.53 -20.05
C HIS T 116 1.84 57.60 -20.44
N ALA T 117 1.64 56.29 -20.30
CA ALA T 117 2.70 55.33 -20.60
C ALA T 117 3.15 55.34 -22.06
N TYR T 118 2.44 55.99 -22.95
CA TYR T 118 2.87 56.09 -24.35
C TYR T 118 3.54 57.39 -24.68
N THR T 119 3.57 58.35 -23.76
CA THR T 119 4.22 59.61 -24.05
C THR T 119 5.66 59.63 -23.55
N LEU T 120 6.26 58.45 -23.42
CA LEU T 120 7.63 58.34 -22.95
C LEU T 120 8.55 57.65 -23.93
N TYR T 121 8.01 56.87 -24.86
CA TYR T 121 8.79 55.92 -25.61
C TYR T 121 8.79 56.27 -27.09
N SER T 122 9.90 55.98 -27.76
CA SER T 122 9.98 56.12 -29.21
C SER T 122 9.35 54.96 -29.93
N ALA T 123 9.01 53.89 -29.22
CA ALA T 123 8.45 52.69 -29.79
C ALA T 123 6.94 52.72 -29.92
N VAL T 124 6.27 53.77 -29.46
CA VAL T 124 4.84 53.94 -29.57
C VAL T 124 4.56 55.39 -29.95
N ARG T 125 3.29 55.69 -30.21
CA ARG T 125 2.89 57.07 -30.39
C ARG T 125 1.84 57.44 -29.36
N PRO T 126 1.76 58.72 -28.96
CA PRO T 126 0.72 59.12 -28.01
C PRO T 126 -0.66 59.00 -28.62
N PHE T 127 -1.64 58.69 -27.76
CA PHE T 127 -3.03 58.54 -28.20
C PHE T 127 -3.53 59.84 -28.78
N GLY T 128 -4.33 59.74 -29.83
CA GLY T 128 -4.90 60.95 -30.38
C GLY T 128 -6.30 61.24 -29.91
N CYS T 129 -6.57 61.15 -28.62
CA CYS T 129 -7.93 61.31 -28.16
CA CYS T 129 -7.93 61.24 -28.14
C CYS T 129 -7.99 61.74 -26.70
N SER T 130 -8.92 62.65 -26.43
CA SER T 130 -9.27 63.07 -25.08
C SER T 130 -10.61 62.45 -24.73
N PHE T 131 -10.88 62.29 -23.44
CA PHE T 131 -12.10 61.63 -23.06
C PHE T 131 -12.51 62.00 -21.64
N MET T 132 -13.79 61.81 -21.36
CA MET T 132 -14.38 62.12 -20.08
C MET T 132 -14.97 60.87 -19.47
N LEU T 133 -15.06 60.84 -18.16
CA LEU T 133 -15.68 59.74 -17.43
C LEU T 133 -16.67 60.31 -16.43
N GLY T 134 -17.89 59.78 -16.41
CA GLY T 134 -18.88 60.20 -15.44
C GLY T 134 -19.48 59.02 -14.74
N SER T 135 -19.87 59.23 -13.48
CA SER T 135 -20.40 58.14 -12.66
C SER T 135 -21.33 58.71 -11.61
N TYR T 136 -22.06 57.81 -10.96
CA TYR T 136 -22.86 58.17 -9.80
C TYR T 136 -23.06 56.95 -8.91
N SER T 137 -22.98 57.17 -7.61
CA SER T 137 -23.38 56.18 -6.62
C SER T 137 -23.86 56.94 -5.39
N VAL T 138 -24.49 56.21 -4.47
CA VAL T 138 -25.06 56.84 -3.29
C VAL T 138 -23.95 57.27 -2.34
N ASN T 139 -22.82 56.56 -2.35
CA ASN T 139 -21.76 56.81 -1.39
C ASN T 139 -20.80 57.88 -1.88
N ASP T 140 -20.68 58.04 -3.20
CA ASP T 140 -19.64 58.88 -3.76
C ASP T 140 -20.16 60.16 -4.40
N GLY T 141 -21.46 60.28 -4.62
CA GLY T 141 -21.98 61.41 -5.35
C GLY T 141 -21.74 61.22 -6.84
N ALA T 142 -21.83 62.33 -7.57
CA ALA T 142 -21.54 62.36 -8.99
C ALA T 142 -20.18 62.98 -9.22
N GLN T 143 -19.47 62.48 -10.23
CA GLN T 143 -18.10 62.87 -10.48
C GLN T 143 -17.84 62.91 -11.98
N LEU T 144 -17.00 63.86 -12.42
CA LEU T 144 -16.68 64.00 -13.84
C LEU T 144 -15.20 64.29 -13.99
N TYR T 145 -14.48 63.39 -14.68
CA TYR T 145 -13.04 63.44 -14.84
C TYR T 145 -12.70 63.56 -16.32
N MET T 146 -11.68 64.33 -16.65
CA MET T 146 -11.33 64.56 -18.04
C MET T 146 -9.84 64.32 -18.25
N ILE T 147 -9.49 63.55 -19.27
CA ILE T 147 -8.11 63.19 -19.59
C ILE T 147 -7.77 63.74 -20.97
N ASP T 148 -6.66 64.45 -21.07
CA ASP T 148 -6.11 64.80 -22.36
C ASP T 148 -4.99 63.83 -22.72
N PRO T 149 -4.55 63.75 -23.99
CA PRO T 149 -3.53 62.75 -24.35
C PRO T 149 -2.17 62.90 -23.71
N SER T 150 -1.90 63.99 -23.00
CA SER T 150 -0.69 64.06 -22.21
C SER T 150 -0.74 63.19 -20.97
N GLY T 151 -1.91 62.65 -20.61
CA GLY T 151 -2.07 61.84 -19.43
C GLY T 151 -2.61 62.57 -18.24
N VAL T 152 -2.95 63.85 -18.37
CA VAL T 152 -3.26 64.72 -17.25
C VAL T 152 -4.75 64.65 -16.96
N SER T 153 -5.09 64.42 -15.68
CA SER T 153 -6.46 64.14 -15.29
C SER T 153 -6.89 65.05 -14.15
N TYR T 154 -8.08 65.66 -14.27
CA TYR T 154 -8.63 66.47 -13.19
C TYR T 154 -10.13 66.29 -13.11
N GLY T 155 -10.71 66.78 -12.03
CA GLY T 155 -12.15 66.71 -11.80
C GLY T 155 -12.83 68.02 -12.16
N TYR T 156 -13.98 67.93 -12.81
CA TYR T 156 -14.59 69.07 -13.46
C TYR T 156 -16.04 69.26 -13.04
N TRP T 157 -16.47 70.51 -13.05
CA TRP T 157 -17.88 70.83 -12.94
C TRP T 157 -18.55 70.77 -14.31
N GLY T 158 -17.88 71.27 -15.33
CA GLY T 158 -18.36 71.15 -16.69
C GLY T 158 -17.22 71.24 -17.66
N CYS T 159 -17.25 70.44 -18.73
CA CYS T 159 -16.14 70.41 -19.65
C CYS T 159 -16.61 70.34 -21.08
N ALA T 160 -15.75 70.79 -21.97
CA ALA T 160 -15.95 70.70 -23.40
C ALA T 160 -14.63 70.30 -24.04
N ILE T 161 -14.71 69.31 -24.92
CA ILE T 161 -13.53 68.79 -25.60
C ILE T 161 -13.83 68.78 -27.10
N GLY T 162 -12.78 68.90 -27.90
CA GLY T 162 -12.94 68.94 -29.33
C GLY T 162 -12.64 70.28 -29.94
N LYS T 163 -13.07 70.44 -31.19
CA LYS T 163 -12.64 71.58 -32.00
C LYS T 163 -13.32 72.88 -31.62
N ALA T 164 -14.43 72.81 -30.90
CA ALA T 164 -15.14 74.02 -30.48
C ALA T 164 -15.13 74.14 -28.96
N ARG T 165 -13.96 73.94 -28.35
CA ARG T 165 -13.91 73.78 -26.90
C ARG T 165 -14.08 75.10 -26.16
N GLN T 166 -13.54 76.20 -26.68
CA GLN T 166 -13.56 77.44 -25.90
C GLN T 166 -14.90 78.13 -25.93
N ALA T 167 -15.54 78.19 -27.11
CA ALA T 167 -16.86 78.78 -27.21
C ALA T 167 -17.90 77.99 -26.43
N ALA T 168 -17.68 76.68 -26.31
CA ALA T 168 -18.57 75.87 -25.48
C ALA T 168 -18.25 76.04 -24.01
N LYS T 169 -16.97 76.23 -23.65
CA LYS T 169 -16.62 76.36 -22.23
C LYS T 169 -17.12 77.68 -21.65
N THR T 170 -17.03 78.77 -22.43
CA THR T 170 -17.61 80.03 -21.98
C THR T 170 -19.13 79.97 -21.87
N GLU T 171 -19.78 79.11 -22.66
CA GLU T 171 -21.23 78.97 -22.58
C GLU T 171 -21.65 78.07 -21.43
N ILE T 172 -20.86 77.03 -21.12
CA ILE T 172 -21.13 76.21 -19.94
C ILE T 172 -20.88 77.01 -18.68
N GLU T 173 -19.91 77.93 -18.71
CA GLU T 173 -19.64 78.80 -17.56
C GLU T 173 -20.82 79.73 -17.24
N LYS T 174 -21.65 80.04 -18.23
CA LYS T 174 -22.80 80.91 -18.02
C LYS T 174 -23.90 80.27 -17.19
N LEU T 175 -23.87 78.97 -16.97
CA LEU T 175 -24.99 78.24 -16.39
C LEU T 175 -24.75 77.94 -14.92
N GLN T 176 -25.86 77.74 -14.19
CA GLN T 176 -25.82 77.28 -12.80
C GLN T 176 -26.07 75.77 -12.77
N MET T 177 -25.02 75.01 -13.05
CA MET T 177 -25.14 73.56 -13.07
C MET T 177 -25.30 72.96 -11.68
N LYS T 178 -24.88 73.68 -10.63
CA LYS T 178 -24.71 73.06 -9.32
C LYS T 178 -26.03 72.73 -8.63
N GLU T 179 -27.14 73.37 -9.05
CA GLU T 179 -28.39 73.27 -8.31
C GLU T 179 -29.57 72.78 -9.15
N MET T 180 -29.35 72.25 -10.34
CA MET T 180 -30.46 71.88 -11.22
C MET T 180 -30.60 70.36 -11.32
N THR T 181 -31.82 69.91 -11.60
CA THR T 181 -32.07 68.51 -11.90
C THR T 181 -31.61 68.21 -13.33
N CYS T 182 -31.29 66.94 -13.58
CA CYS T 182 -30.70 66.54 -14.85
C CYS T 182 -31.67 66.71 -16.02
N ARG T 183 -32.97 66.46 -15.78
CA ARG T 183 -34.02 66.73 -16.76
C ARG T 183 -34.15 68.21 -17.10
N ASP T 184 -33.56 69.07 -16.28
CA ASP T 184 -33.41 70.48 -16.58
C ASP T 184 -32.03 70.81 -17.13
N ILE T 185 -31.10 69.86 -17.17
CA ILE T 185 -29.73 70.07 -17.63
C ILE T 185 -29.57 69.68 -19.09
N VAL T 186 -30.36 68.70 -19.55
CA VAL T 186 -30.32 68.24 -20.94
C VAL T 186 -30.68 69.35 -21.92
N LYS T 187 -31.54 70.28 -21.51
CA LYS T 187 -31.95 71.34 -22.41
C LYS T 187 -30.82 72.35 -22.65
N GLU T 188 -30.05 72.70 -21.62
CA GLU T 188 -28.84 73.48 -21.86
C GLU T 188 -27.83 72.74 -22.70
N VAL T 189 -27.48 71.50 -22.32
CA VAL T 189 -26.54 70.68 -23.09
C VAL T 189 -26.90 70.69 -24.58
N ALA T 190 -28.17 70.42 -24.88
CA ALA T 190 -28.65 70.47 -26.25
C ALA T 190 -28.61 71.88 -26.83
N LYS T 191 -28.82 72.91 -26.00
CA LYS T 191 -28.68 74.30 -26.44
C LYS T 191 -27.26 74.57 -26.91
N ILE T 192 -26.28 74.21 -26.09
CA ILE T 192 -24.91 74.60 -26.40
C ILE T 192 -24.35 73.82 -27.57
N ILE T 193 -24.79 72.56 -27.75
CA ILE T 193 -24.33 71.78 -28.91
C ILE T 193 -24.79 72.43 -30.22
N TYR T 194 -26.05 72.85 -30.29
CA TYR T 194 -26.49 73.53 -31.50
C TYR T 194 -25.97 74.96 -31.60
N ILE T 195 -25.62 75.61 -30.48
CA ILE T 195 -25.01 76.93 -30.56
C ILE T 195 -23.64 76.87 -31.19
N VAL T 196 -22.76 76.01 -30.67
CA VAL T 196 -21.39 76.00 -31.16
C VAL T 196 -21.23 75.30 -32.50
N HIS T 197 -22.32 74.76 -33.06
CA HIS T 197 -22.23 73.97 -34.28
C HIS T 197 -21.84 74.82 -35.49
N ASP T 198 -20.92 74.30 -36.29
CA ASP T 198 -20.56 74.88 -37.58
C ASP T 198 -21.51 74.31 -38.62
N GLU T 199 -22.43 75.12 -39.11
CA GLU T 199 -23.42 74.63 -40.06
C GLU T 199 -23.01 74.79 -41.52
N VAL T 200 -22.09 75.71 -41.82
CA VAL T 200 -21.73 75.94 -43.23
C VAL T 200 -20.67 74.93 -43.68
N LYS T 201 -19.82 74.49 -42.76
CA LYS T 201 -18.82 73.45 -43.00
C LYS T 201 -19.31 72.20 -42.27
N ASP T 202 -19.08 71.03 -42.89
CA ASP T 202 -19.31 69.66 -42.38
C ASP T 202 -20.74 69.48 -41.84
N LYS T 203 -21.67 69.58 -42.79
CA LYS T 203 -23.12 69.48 -42.57
C LYS T 203 -23.59 68.09 -42.15
N ALA T 204 -24.92 67.94 -42.01
CA ALA T 204 -25.61 66.66 -41.79
C ALA T 204 -25.18 65.95 -40.51
N PHE T 205 -25.62 66.44 -39.35
CA PHE T 205 -25.18 65.88 -38.09
C PHE T 205 -26.37 65.41 -37.26
N GLU T 206 -26.06 64.71 -36.16
CA GLU T 206 -27.04 64.09 -35.27
C GLU T 206 -26.63 64.39 -33.83
N LEU T 207 -27.61 64.47 -32.94
CA LEU T 207 -27.37 64.68 -31.51
C LEU T 207 -27.36 63.34 -30.78
N GLU T 208 -26.42 63.17 -29.85
CA GLU T 208 -26.31 61.97 -29.05
C GLU T 208 -26.16 62.36 -27.59
N LEU T 209 -26.99 61.77 -26.73
CA LEU T 209 -27.11 62.22 -25.36
C LEU T 209 -27.26 61.02 -24.44
N SER T 210 -26.66 61.11 -23.25
CA SER T 210 -26.82 60.10 -22.21
C SER T 210 -26.55 60.74 -20.87
N TRP T 211 -27.20 60.23 -19.83
CA TRP T 211 -26.96 60.67 -18.47
C TRP T 211 -26.77 59.50 -17.53
N VAL T 212 -26.14 59.78 -16.39
CA VAL T 212 -26.12 58.89 -15.25
C VAL T 212 -26.41 59.72 -14.01
N GLY T 213 -27.25 59.19 -13.12
CA GLY T 213 -27.67 59.97 -11.97
C GLY T 213 -28.61 59.16 -11.09
N GLU T 214 -29.23 59.85 -10.13
CA GLU T 214 -30.18 59.18 -9.24
C GLU T 214 -31.44 58.75 -9.99
N LEU T 215 -31.82 59.47 -11.04
CA LEU T 215 -33.02 59.14 -11.80
C LEU T 215 -32.87 57.86 -12.62
N THR T 216 -31.66 57.35 -12.77
CA THR T 216 -31.43 56.01 -13.30
C THR T 216 -30.78 55.09 -12.29
N ASN T 217 -30.83 55.45 -11.00
CA ASN T 217 -30.29 54.69 -9.85
C ASN T 217 -28.83 54.28 -10.04
N GLY T 218 -28.07 55.17 -10.66
CA GLY T 218 -26.66 54.95 -10.87
C GLY T 218 -26.31 54.17 -12.11
N ARG T 219 -27.29 53.66 -12.85
CA ARG T 219 -27.04 52.92 -14.07
C ARG T 219 -26.87 53.91 -15.20
N HIS T 220 -25.85 53.72 -16.02
CA HIS T 220 -25.57 54.64 -17.11
C HIS T 220 -26.40 54.24 -18.33
N GLU T 221 -27.24 55.15 -18.80
CA GLU T 221 -28.22 54.85 -19.84
C GLU T 221 -28.27 55.97 -20.85
N ILE T 222 -28.71 55.64 -22.06
CA ILE T 222 -28.99 56.65 -23.06
C ILE T 222 -30.25 57.42 -22.68
N VAL T 223 -30.35 58.64 -23.22
CA VAL T 223 -31.57 59.44 -23.09
C VAL T 223 -32.68 58.78 -23.90
N PRO T 224 -33.91 58.68 -23.37
CA PRO T 224 -35.03 58.16 -24.17
C PRO T 224 -35.36 59.04 -25.37
N LYS T 225 -36.15 58.47 -26.28
CA LYS T 225 -36.31 59.06 -27.61
C LYS T 225 -37.10 60.36 -27.57
N ASP T 226 -38.19 60.40 -26.81
CA ASP T 226 -39.02 61.60 -26.79
C ASP T 226 -38.32 62.74 -26.05
N ILE T 227 -37.55 62.42 -25.02
CA ILE T 227 -36.83 63.45 -24.27
C ILE T 227 -35.70 64.04 -25.11
N ARG T 228 -34.99 63.18 -25.85
CA ARG T 228 -33.94 63.66 -26.74
C ARG T 228 -34.54 64.47 -27.89
N GLU T 229 -35.69 64.06 -28.42
CA GLU T 229 -36.27 64.79 -29.54
C GLU T 229 -36.88 66.12 -29.09
N GLU T 230 -37.43 66.19 -27.88
CA GLU T 230 -37.92 67.48 -27.42
C GLU T 230 -36.77 68.39 -26.98
N ALA T 231 -35.64 67.81 -26.58
CA ALA T 231 -34.44 68.63 -26.38
C ALA T 231 -33.94 69.18 -27.71
N GLU T 232 -33.99 68.37 -28.77
CA GLU T 232 -33.65 68.85 -30.11
C GLU T 232 -34.59 69.95 -30.56
N LYS T 233 -35.88 69.82 -30.23
CA LYS T 233 -36.88 70.82 -30.61
C LYS T 233 -36.67 72.12 -29.87
N TYR T 234 -36.44 72.04 -28.55
CA TYR T 234 -36.13 73.22 -27.74
C TYR T 234 -34.85 73.90 -28.21
N ALA T 235 -33.85 73.11 -28.60
CA ALA T 235 -32.60 73.71 -29.04
C ALA T 235 -32.70 74.31 -30.43
N LYS T 236 -33.49 73.71 -31.32
CA LYS T 236 -33.68 74.31 -32.65
C LYS T 236 -34.51 75.58 -32.58
N GLU T 237 -35.49 75.64 -31.68
CA GLU T 237 -36.25 76.89 -31.58
C GLU T 237 -35.47 77.94 -30.81
N SER T 238 -34.55 77.53 -29.94
CA SER T 238 -33.64 78.49 -29.32
C SER T 238 -32.58 78.97 -30.30
N LEU T 239 -32.21 78.14 -31.28
CA LEU T 239 -31.17 78.47 -32.25
C LEU T 239 -31.60 79.57 -33.21
N LYS T 240 -32.90 79.64 -33.52
CA LYS T 240 -33.48 80.50 -34.57
C LYS T 240 -32.79 80.31 -35.92
N SER U 1 34.22 73.12 -28.52
CA SER U 1 33.69 72.83 -27.20
C SER U 1 32.99 74.06 -26.60
N ARG U 2 32.25 73.84 -25.52
CA ARG U 2 31.21 74.77 -25.05
C ARG U 2 30.27 75.17 -26.20
N GLY U 3 29.53 74.19 -26.68
CA GLY U 3 28.53 74.36 -27.70
C GLY U 3 28.76 73.45 -28.89
N SER U 4 29.58 72.42 -28.70
CA SER U 4 29.79 71.44 -29.74
C SER U 4 28.76 70.33 -29.62
N SER U 5 28.53 69.66 -30.75
CA SER U 5 27.54 68.59 -30.82
C SER U 5 27.84 67.75 -32.05
N ALA U 6 27.74 66.43 -31.90
CA ALA U 6 28.04 65.49 -32.97
C ALA U 6 26.86 64.54 -33.16
N GLY U 7 26.14 64.72 -34.26
CA GLY U 7 25.14 63.74 -34.64
C GLY U 7 23.89 63.82 -33.77
N PHE U 8 23.56 62.69 -33.14
CA PHE U 8 22.33 62.52 -32.41
C PHE U 8 22.46 62.80 -30.94
N ASP U 9 23.47 63.56 -30.53
CA ASP U 9 23.63 63.88 -29.11
C ASP U 9 22.70 64.98 -28.64
N ARG U 10 21.91 65.56 -29.53
CA ARG U 10 20.83 66.44 -29.15
C ARG U 10 19.48 65.75 -29.20
N HIS U 11 19.42 64.51 -29.69
CA HIS U 11 18.18 63.78 -29.85
C HIS U 11 18.00 62.62 -28.88
N ILE U 12 19.08 62.05 -28.34
CA ILE U 12 19.01 61.00 -27.33
C ILE U 12 20.03 61.30 -26.23
N THR U 13 20.08 60.41 -25.26
CA THR U 13 20.95 60.57 -24.09
C THR U 13 22.30 59.91 -24.36
N ILE U 14 23.11 60.57 -25.18
CA ILE U 14 24.50 60.19 -25.35
C ILE U 14 25.35 61.42 -25.13
N PHE U 15 26.65 61.20 -24.97
CA PHE U 15 27.53 62.26 -24.54
C PHE U 15 27.88 63.23 -25.67
N SER U 16 27.92 64.50 -25.33
CA SER U 16 28.41 65.53 -26.20
C SER U 16 29.93 65.44 -26.30
N PRO U 17 30.57 66.21 -27.19
CA PRO U 17 32.04 66.32 -27.15
C PRO U 17 32.60 66.95 -25.89
N GLU U 18 31.77 67.57 -25.06
CA GLU U 18 32.21 68.22 -23.84
C GLU U 18 32.02 67.35 -22.61
N GLY U 19 31.13 66.37 -22.68
CA GLY U 19 30.76 65.58 -21.54
C GLY U 19 29.44 65.93 -20.90
N ARG U 20 28.56 66.63 -21.61
CA ARG U 20 27.23 66.96 -21.11
C ARG U 20 26.21 66.04 -21.76
N LEU U 21 25.12 65.78 -21.04
CA LEU U 21 23.99 65.04 -21.54
C LEU U 21 22.90 66.05 -21.87
N TYR U 22 22.59 66.20 -23.15
CA TYR U 22 21.77 67.33 -23.54
C TYR U 22 20.30 67.13 -23.21
N GLN U 23 19.78 65.92 -23.36
CA GLN U 23 18.37 65.69 -23.06
C GLN U 23 18.09 65.80 -21.58
N VAL U 24 19.05 65.43 -20.74
CA VAL U 24 18.88 65.59 -19.31
C VAL U 24 18.96 67.06 -18.93
N GLU U 25 19.75 67.84 -19.67
CA GLU U 25 19.74 69.29 -19.49
C GLU U 25 18.43 69.91 -19.94
N TYR U 26 17.84 69.38 -21.01
CA TYR U 26 16.58 69.91 -21.53
C TYR U 26 15.40 69.48 -20.69
N ALA U 27 15.57 68.45 -19.88
CA ALA U 27 14.49 68.01 -19.02
C ALA U 27 14.24 68.95 -17.86
N PHE U 28 15.20 69.80 -17.51
CA PHE U 28 14.96 70.77 -16.45
C PHE U 28 14.07 71.90 -16.93
N LYS U 29 14.06 72.18 -18.24
CA LYS U 29 13.21 73.22 -18.78
C LYS U 29 11.74 72.83 -18.72
N ALA U 30 11.45 71.52 -18.77
CA ALA U 30 10.06 71.07 -18.62
C ALA U 30 9.51 71.33 -17.23
N ILE U 31 10.38 71.48 -16.22
CA ILE U 31 9.89 71.89 -14.92
C ILE U 31 9.48 73.35 -14.93
N ASN U 32 10.17 74.18 -15.70
CA ASN U 32 9.81 75.59 -15.80
C ASN U 32 8.62 75.81 -16.71
N GLN U 33 8.39 74.91 -17.67
CA GLN U 33 7.20 74.99 -18.52
C GLN U 33 5.92 74.78 -17.73
N GLY U 34 6.00 74.16 -16.55
CA GLY U 34 4.84 74.07 -15.69
C GLY U 34 4.38 75.39 -15.12
N GLY U 35 5.29 76.37 -15.02
CA GLY U 35 4.90 77.70 -14.57
C GLY U 35 4.58 77.82 -13.08
N LEU U 36 5.18 76.99 -12.24
CA LEU U 36 4.88 76.95 -10.82
C LEU U 36 6.12 77.17 -9.98
N THR U 37 5.90 77.37 -8.68
CA THR U 37 6.96 77.45 -7.70
C THR U 37 6.47 76.86 -6.40
N SER U 38 7.33 76.06 -5.76
CA SER U 38 7.06 75.47 -4.46
C SER U 38 8.19 75.81 -3.51
N VAL U 39 7.90 75.82 -2.22
CA VAL U 39 8.87 76.16 -1.19
C VAL U 39 8.77 75.12 -0.08
N ALA U 40 9.91 74.61 0.34
CA ALA U 40 9.97 73.66 1.44
C ALA U 40 11.06 74.06 2.42
N VAL U 41 10.76 73.94 3.71
CA VAL U 41 11.72 74.26 4.75
C VAL U 41 11.39 73.41 5.97
N ARG U 42 12.41 73.11 6.77
CA ARG U 42 12.25 72.35 7.99
C ARG U 42 12.63 73.19 9.20
N GLY U 43 11.99 72.89 10.32
CA GLY U 43 12.39 73.45 11.59
C GLY U 43 12.77 72.32 12.52
N LYS U 44 12.80 72.58 13.82
CA LYS U 44 13.06 71.49 14.76
C LYS U 44 11.80 70.69 15.06
N ASP U 45 10.65 71.14 14.58
CA ASP U 45 9.42 70.37 14.66
C ASP U 45 8.84 70.21 13.27
N ALA U 47 8.80 69.94 9.52
CA ALA U 47 9.08 70.34 8.15
C ALA U 47 7.78 70.67 7.42
N VAL U 48 7.82 71.63 6.49
CA VAL U 48 6.64 72.10 5.80
C VAL U 48 6.93 72.23 4.31
N ILE U 49 5.91 71.99 3.50
CA ILE U 49 5.94 72.28 2.07
C ILE U 49 4.74 73.15 1.75
N VAL U 50 4.91 74.04 0.77
CA VAL U 50 3.83 74.92 0.34
C VAL U 50 4.02 75.22 -1.14
N THR U 51 2.94 75.14 -1.91
CA THR U 51 3.00 75.42 -3.33
C THR U 51 1.73 76.13 -3.75
N GLN U 52 1.80 76.80 -4.89
CA GLN U 52 0.67 77.57 -5.38
C GLN U 52 -0.42 76.65 -5.92
N LYS U 53 -1.61 77.22 -6.07
CA LYS U 53 -2.73 76.57 -6.72
C LYS U 53 -3.26 77.54 -7.77
N LYS U 54 -3.31 77.10 -9.04
CA LYS U 54 -3.29 78.02 -10.16
C LYS U 54 -4.66 78.38 -10.74
N VAL U 55 -5.76 78.22 -10.02
CA VAL U 55 -7.01 77.70 -10.59
C VAL U 55 -7.63 78.67 -11.59
N PRO U 56 -7.38 78.45 -12.89
CA PRO U 56 -7.75 79.47 -13.89
C PRO U 56 -9.16 79.31 -14.47
N ASP U 57 -9.63 78.08 -14.64
CA ASP U 57 -10.80 77.83 -15.46
C ASP U 57 -12.10 78.14 -14.71
N LYS U 58 -12.13 77.83 -13.40
CA LYS U 58 -13.27 77.92 -12.47
C LYS U 58 -14.35 76.87 -12.76
N LEU U 59 -14.14 76.05 -13.79
CA LEU U 59 -14.88 74.81 -13.98
C LEU U 59 -14.22 73.64 -13.26
N LEU U 60 -13.01 73.84 -12.75
CA LEU U 60 -12.27 72.79 -12.08
C LEU U 60 -12.86 72.48 -10.72
N ASP U 61 -12.85 71.21 -10.34
CA ASP U 61 -13.14 70.81 -8.97
C ASP U 61 -11.86 70.93 -8.18
N SER U 62 -11.78 71.94 -7.31
CA SER U 62 -10.54 72.25 -6.62
C SER U 62 -10.16 71.23 -5.56
N SER U 63 -11.05 70.27 -5.24
CA SER U 63 -10.66 69.16 -4.37
C SER U 63 -9.71 68.20 -5.07
N THR U 64 -9.65 68.21 -6.40
CA THR U 64 -8.83 67.26 -7.13
C THR U 64 -7.57 67.87 -7.70
N VAL U 65 -7.45 69.19 -7.76
CA VAL U 65 -6.21 69.82 -8.19
C VAL U 65 -5.33 69.89 -6.95
N THR U 66 -4.24 69.12 -6.96
CA THR U 66 -3.30 69.14 -5.86
C THR U 66 -1.91 68.83 -6.36
N HIS U 67 -0.93 69.50 -5.77
CA HIS U 67 0.48 69.16 -5.97
C HIS U 67 1.11 68.66 -4.68
N LEU U 68 0.32 68.38 -3.65
CA LEU U 68 0.79 67.76 -2.41
C LEU U 68 0.23 66.35 -2.34
N PHE U 69 1.11 65.37 -2.26
CA PHE U 69 0.71 63.98 -2.33
C PHE U 69 1.17 63.24 -1.09
N LYS U 70 0.39 62.28 -0.66
CA LYS U 70 0.69 61.46 0.49
C LYS U 70 1.33 60.17 0.00
N ILE U 71 2.60 59.96 0.34
CA ILE U 71 3.33 58.79 -0.14
C ILE U 71 3.06 57.58 0.74
N THR U 72 3.37 57.68 2.02
CA THR U 72 2.81 56.77 3.00
C THR U 72 2.23 57.61 4.13
N GLU U 73 1.89 56.97 5.25
CA GLU U 73 1.25 57.68 6.35
C GLU U 73 2.18 58.69 6.99
N ASN U 74 3.49 58.51 6.88
CA ASN U 74 4.45 59.35 7.58
C ASN U 74 5.24 60.24 6.64
N ILE U 75 5.08 60.08 5.32
CA ILE U 75 5.92 60.76 4.34
C ILE U 75 5.01 61.39 3.29
N GLY U 76 5.19 62.69 3.04
CA GLY U 76 4.46 63.35 1.99
C GLY U 76 5.43 64.08 1.07
N CYS U 77 4.91 64.57 -0.04
CA CYS U 77 5.79 65.16 -1.03
C CYS U 77 5.04 66.21 -1.84
N VAL U 78 5.81 67.10 -2.44
CA VAL U 78 5.31 68.08 -3.38
C VAL U 78 6.04 67.90 -4.70
N MET U 79 5.27 67.81 -5.78
CA MET U 79 5.84 67.68 -7.10
C MET U 79 5.95 69.05 -7.74
N THR U 80 6.71 69.11 -8.84
CA THR U 80 6.82 70.34 -9.60
C THR U 80 7.20 69.99 -11.04
N GLY U 81 6.39 70.42 -11.99
CA GLY U 81 6.74 70.20 -13.38
C GLY U 81 5.58 69.73 -14.22
N MET U 82 5.84 68.81 -15.15
CA MET U 82 4.78 68.22 -15.95
C MET U 82 3.87 67.41 -15.04
N THR U 83 2.56 67.46 -15.32
CA THR U 83 1.60 66.92 -14.35
C THR U 83 1.52 65.41 -14.39
N ALA U 84 1.49 64.83 -15.59
CA ALA U 84 1.35 63.39 -15.71
C ALA U 84 2.59 62.67 -15.24
N ASP U 85 3.78 63.22 -15.53
CA ASP U 85 5.01 62.65 -15.00
C ASP U 85 5.07 62.76 -13.50
N SER U 86 4.53 63.84 -12.95
CA SER U 86 4.44 63.99 -11.50
C SER U 86 3.59 62.91 -10.87
N ARG U 87 2.42 62.64 -11.46
CA ARG U 87 1.58 61.57 -10.95
C ARG U 87 2.20 60.19 -11.16
N SER U 88 3.02 60.05 -12.20
CA SER U 88 3.76 58.82 -12.43
C SER U 88 4.78 58.57 -11.34
N GLN U 89 5.58 59.58 -10.99
CA GLN U 89 6.58 59.37 -9.95
C GLN U 89 5.96 59.26 -8.57
N VAL U 90 4.78 59.84 -8.35
CA VAL U 90 4.10 59.60 -7.09
C VAL U 90 3.61 58.16 -6.99
N GLN U 91 3.07 57.61 -8.10
CA GLN U 91 2.72 56.20 -8.13
C GLN U 91 3.92 55.30 -7.90
N ARG U 92 5.06 55.66 -8.47
CA ARG U 92 6.26 54.86 -8.28
C ARG U 92 6.80 54.98 -6.87
N ALA U 93 6.70 56.15 -6.26
CA ALA U 93 7.17 56.29 -4.89
C ALA U 93 6.26 55.57 -3.91
N ARG U 94 4.96 55.55 -4.19
CA ARG U 94 4.03 54.76 -3.37
C ARG U 94 4.32 53.28 -3.49
N TYR U 95 4.67 52.82 -4.68
CA TYR U 95 4.94 51.41 -4.85
C TYR U 95 6.27 51.01 -4.22
N GLU U 96 7.29 51.86 -4.30
CA GLU U 96 8.56 51.51 -3.66
C GLU U 96 8.49 51.62 -2.15
N ALA U 97 7.67 52.52 -1.61
CA ALA U 97 7.52 52.59 -0.16
C ALA U 97 6.77 51.40 0.39
N ALA U 98 5.69 50.97 -0.30
CA ALA U 98 5.01 49.79 0.17
C ALA U 98 5.80 48.52 -0.10
N ASN U 99 6.66 48.53 -1.11
CA ASN U 99 7.54 47.40 -1.35
C ASN U 99 8.60 47.28 -0.27
N TRP U 100 9.17 48.42 0.16
CA TRP U 100 10.12 48.42 1.26
C TRP U 100 9.47 47.93 2.54
N LYS U 101 8.26 48.41 2.83
CA LYS U 101 7.58 47.97 4.04
C LYS U 101 7.26 46.48 4.00
N TYR U 102 6.91 45.97 2.83
CA TYR U 102 6.57 44.55 2.73
C TYR U 102 7.80 43.67 2.79
N LYS U 103 8.92 44.10 2.20
CA LYS U 103 10.13 43.29 2.23
C LYS U 103 10.84 43.34 3.57
N TYR U 104 10.87 44.51 4.21
CA TYR U 104 11.76 44.75 5.34
C TYR U 104 11.05 45.01 6.65
N GLY U 105 9.73 45.07 6.66
CA GLY U 105 9.02 45.05 7.92
C GLY U 105 8.99 46.35 8.70
N TYR U 106 9.45 47.45 8.14
CA TYR U 106 9.32 48.73 8.82
C TYR U 106 9.16 49.84 7.80
N GLU U 107 8.57 50.95 8.23
CA GLU U 107 8.27 52.08 7.37
C GLU U 107 9.55 52.66 6.78
N ILE U 108 9.50 53.01 5.50
CA ILE U 108 10.70 53.30 4.73
C ILE U 108 11.32 54.61 5.21
N PRO U 109 12.64 54.72 5.26
CA PRO U 109 13.26 55.99 5.58
C PRO U 109 13.00 57.00 4.46
N VAL U 110 13.19 58.28 4.77
CA VAL U 110 13.01 59.30 3.75
C VAL U 110 14.16 59.28 2.77
N ASP U 111 15.39 59.19 3.28
CA ASP U 111 16.55 59.17 2.40
C ASP U 111 16.64 57.88 1.60
N MET U 112 16.17 56.77 2.14
CA MET U 112 16.10 55.56 1.34
C MET U 112 14.91 55.53 0.40
N LEU U 113 13.99 56.48 0.50
CA LEU U 113 13.02 56.64 -0.56
C LEU U 113 13.57 57.51 -1.68
N CYS U 114 14.22 58.61 -1.32
CA CYS U 114 14.72 59.49 -2.36
C CYS U 114 15.92 58.91 -3.08
N LYS U 115 16.73 58.08 -2.42
CA LYS U 115 17.78 57.36 -3.14
C LYS U 115 17.18 56.34 -4.10
N ARG U 116 16.07 55.73 -3.74
CA ARG U 116 15.47 54.75 -4.62
C ARG U 116 14.83 55.40 -5.82
N ILE U 117 14.17 56.54 -5.62
CA ILE U 117 13.57 57.26 -6.75
C ILE U 117 14.64 57.83 -7.65
N ALA U 118 15.78 58.23 -7.07
CA ALA U 118 16.88 58.68 -7.90
C ALA U 118 17.51 57.56 -8.70
N ASP U 119 17.59 56.35 -8.13
CA ASP U 119 18.14 55.22 -8.88
C ASP U 119 17.17 54.72 -9.92
N ILE U 120 15.88 54.99 -9.74
CA ILE U 120 14.93 54.72 -10.81
C ILE U 120 15.10 55.74 -11.92
N SER U 121 15.14 57.03 -11.56
CA SER U 121 15.20 58.09 -12.56
C SER U 121 16.53 58.14 -13.30
N GLN U 122 17.57 57.50 -12.78
CA GLN U 122 18.83 57.47 -13.49
C GLN U 122 18.74 56.66 -14.78
N VAL U 123 17.92 55.60 -14.78
CA VAL U 123 17.90 54.65 -15.87
C VAL U 123 17.44 55.29 -17.16
N TYR U 124 16.58 56.30 -17.08
CA TYR U 124 16.15 56.99 -18.28
C TYR U 124 17.22 57.94 -18.83
N THR U 125 18.23 58.28 -18.03
CA THR U 125 19.36 59.04 -18.54
C THR U 125 20.48 58.15 -19.01
N GLN U 126 20.23 56.86 -19.12
CA GLN U 126 21.20 55.93 -19.68
C GLN U 126 20.68 55.18 -20.88
N ASN U 127 19.49 54.60 -20.78
CA ASN U 127 18.90 53.91 -21.91
C ASN U 127 18.36 54.92 -22.91
N ALA U 128 18.55 54.63 -24.19
CA ALA U 128 18.28 55.63 -25.22
C ALA U 128 16.82 55.69 -25.66
N GLU U 129 16.02 54.67 -25.34
CA GLU U 129 14.69 54.53 -25.94
C GLU U 129 13.59 55.27 -25.20
N MET U 130 13.86 55.90 -24.07
CA MET U 130 12.84 56.63 -23.34
C MET U 130 13.37 57.99 -22.93
N ARG U 131 12.46 58.87 -22.53
CA ARG U 131 12.85 60.22 -22.14
C ARG U 131 12.82 60.37 -20.62
N PRO U 132 13.64 61.24 -20.05
CA PRO U 132 13.62 61.38 -18.59
C PRO U 132 12.39 62.13 -18.13
N LEU U 133 11.87 61.74 -16.98
CA LEU U 133 10.69 62.41 -16.46
C LEU U 133 11.07 63.79 -15.98
N GLY U 134 10.41 64.80 -16.51
CA GLY U 134 10.67 66.17 -16.10
C GLY U 134 9.79 66.61 -14.96
N CYS U 135 10.04 66.07 -13.77
CA CYS U 135 9.29 66.47 -12.59
C CYS U 135 10.14 66.30 -11.34
N MET U 137 10.71 66.66 -7.46
CA MET U 137 10.03 66.14 -6.29
C MET U 137 10.75 66.44 -5.00
N ILE U 138 10.04 67.02 -4.04
CA ILE U 138 10.59 67.38 -2.74
C ILE U 138 9.90 66.53 -1.69
N LEU U 139 10.66 65.92 -0.79
CA LEU U 139 10.12 64.97 0.16
C LEU U 139 10.27 65.49 1.59
N ILE U 140 9.28 65.18 2.45
CA ILE U 140 9.34 65.55 3.86
C ILE U 140 8.85 64.39 4.71
N GLY U 141 9.47 64.22 5.88
CA GLY U 141 9.08 63.19 6.81
C GLY U 141 9.92 63.29 8.07
N ILE U 142 9.45 62.66 9.12
CA ILE U 142 10.13 62.68 10.42
C ILE U 142 10.99 61.43 10.53
N ASP U 143 12.30 61.63 10.61
CA ASP U 143 13.24 60.55 10.82
C ASP U 143 13.38 60.30 12.33
N GLU U 144 14.10 59.25 12.70
CA GLU U 144 14.29 58.83 14.09
C GLU U 144 15.80 58.68 14.35
N GLU U 145 16.37 59.67 15.06
CA GLU U 145 17.73 60.23 15.18
C GLU U 145 17.99 61.44 14.30
N GLN U 146 17.07 61.88 13.46
CA GLN U 146 17.32 63.12 12.73
C GLN U 146 16.18 64.11 12.71
N GLY U 147 14.97 63.72 13.13
CA GLY U 147 13.88 64.65 13.16
C GLY U 147 13.32 64.88 11.77
N PRO U 148 13.01 66.13 11.46
CA PRO U 148 12.49 66.44 10.12
C PRO U 148 13.56 66.30 9.05
N GLN U 149 13.14 65.81 7.89
CA GLN U 149 14.01 65.66 6.74
C GLN U 149 13.40 66.36 5.53
N VAL U 150 14.27 66.97 4.73
CA VAL U 150 13.87 67.55 3.44
C VAL U 150 14.82 67.01 2.39
N TYR U 151 14.27 66.41 1.33
CA TYR U 151 15.03 65.78 0.28
C TYR U 151 14.49 66.26 -1.05
N LYS U 152 15.37 66.48 -2.02
CA LYS U 152 14.96 66.93 -3.34
C LYS U 152 15.66 66.12 -4.40
N CYS U 153 14.90 65.37 -5.19
CA CYS U 153 15.44 64.68 -6.35
C CYS U 153 15.06 65.44 -7.62
N ASP U 154 15.87 65.29 -8.66
CA ASP U 154 15.71 66.02 -9.91
C ASP U 154 15.79 65.04 -11.05
N PRO U 155 15.43 65.44 -12.29
CA PRO U 155 15.47 64.51 -13.42
C PRO U 155 16.83 63.93 -13.77
N ALA U 156 17.93 64.47 -13.26
CA ALA U 156 19.23 63.87 -13.53
C ALA U 156 19.56 62.74 -12.57
N GLY U 157 18.84 62.62 -11.46
CA GLY U 157 19.09 61.60 -10.49
C GLY U 157 19.86 62.02 -9.26
N TYR U 158 20.08 63.31 -9.05
CA TYR U 158 20.78 63.74 -7.85
C TYR U 158 19.82 63.84 -6.69
N TYR U 159 20.39 63.96 -5.49
CA TYR U 159 19.62 64.26 -4.27
C TYR U 159 20.53 64.77 -3.15
N GLY U 161 19.62 66.24 -0.10
CA GLY U 161 19.34 66.58 1.27
C GLY U 161 19.41 68.08 1.50
N PHE U 162 18.45 68.64 2.21
CA PHE U 162 18.30 70.09 2.29
C PHE U 162 17.84 70.51 3.67
N LYS U 163 18.05 71.80 3.95
CA LYS U 163 17.44 72.51 5.07
C LYS U 163 16.33 73.43 4.61
N ALA U 164 16.45 73.94 3.40
CA ALA U 164 15.53 74.90 2.81
C ALA U 164 15.77 74.90 1.31
N THR U 165 14.69 74.88 0.54
CA THR U 165 14.84 74.73 -0.91
C THR U 165 13.62 75.29 -1.61
N ALA U 166 13.71 75.33 -2.94
CA ALA U 166 12.60 75.76 -3.77
C ALA U 166 12.75 75.09 -5.13
N ALA U 167 11.64 75.01 -5.85
CA ALA U 167 11.64 74.32 -7.13
C ALA U 167 10.71 75.06 -8.08
N GLY U 168 10.95 74.88 -9.38
CA GLY U 168 10.11 75.54 -10.36
C GLY U 168 10.72 76.78 -10.97
N VAL U 169 9.87 77.73 -11.38
CA VAL U 169 10.35 78.84 -12.18
C VAL U 169 11.16 79.83 -11.33
N LYS U 170 10.78 80.00 -10.07
CA LYS U 170 11.47 80.91 -9.15
C LYS U 170 12.38 80.14 -8.21
N GLN U 171 13.04 79.11 -8.75
CA GLN U 171 13.96 78.30 -7.95
C GLN U 171 15.11 79.13 -7.40
N THR U 172 15.83 79.82 -8.30
CA THR U 172 17.10 80.45 -7.93
C THR U 172 16.89 81.66 -7.02
N GLU U 173 15.82 82.43 -7.26
CA GLU U 173 15.59 83.62 -6.47
C GLU U 173 15.12 83.28 -5.06
N SER U 174 14.20 82.31 -4.94
CA SER U 174 13.78 81.87 -3.62
C SER U 174 14.88 81.12 -2.91
N THR U 175 15.74 80.43 -3.65
CA THR U 175 16.94 79.84 -3.09
C THR U 175 17.86 80.91 -2.52
N SER U 176 18.05 82.01 -3.25
CA SER U 176 18.89 83.11 -2.78
C SER U 176 18.29 83.77 -1.56
N PHE U 177 16.96 83.91 -1.53
CA PHE U 177 16.28 84.49 -0.38
C PHE U 177 16.46 83.63 0.87
N LEU U 178 16.29 82.31 0.72
CA LEU U 178 16.48 81.42 1.86
C LEU U 178 17.94 81.35 2.29
N GLU U 179 18.87 81.47 1.34
CA GLU U 179 20.30 81.56 1.66
C GLU U 179 20.59 82.81 2.50
N LYS U 180 19.98 83.93 2.14
CA LYS U 180 20.16 85.16 2.90
C LYS U 180 19.54 85.04 4.28
N LYS U 181 18.37 84.41 4.38
CA LYS U 181 17.67 84.38 5.66
C LYS U 181 18.29 83.39 6.65
N VAL U 182 18.69 82.20 6.17
CA VAL U 182 19.07 81.11 7.08
C VAL U 182 20.40 81.40 7.79
N LYS U 183 21.20 82.32 7.25
CA LYS U 183 22.48 82.66 7.86
C LYS U 183 22.30 83.39 9.18
N THR U 193 7.54 77.97 11.96
CA THR U 193 8.39 77.60 10.83
C THR U 193 7.68 77.81 9.50
N VAL U 194 6.35 77.78 9.54
CA VAL U 194 5.57 77.91 8.31
C VAL U 194 5.65 79.35 7.79
N GLU U 195 5.97 80.30 8.67
CA GLU U 195 5.95 81.70 8.29
C GLU U 195 7.12 82.03 7.39
N THR U 196 8.27 81.39 7.61
CA THR U 196 9.41 81.52 6.71
C THR U 196 9.06 81.01 5.32
N ALA U 197 8.31 79.91 5.25
CA ALA U 197 7.92 79.33 3.98
C ALA U 197 6.96 80.24 3.22
N ILE U 198 5.95 80.76 3.92
CA ILE U 198 4.94 81.53 3.19
C ILE U 198 5.46 82.93 2.84
N THR U 199 6.37 83.50 3.65
CA THR U 199 7.03 84.74 3.27
C THR U 199 7.97 84.53 2.09
N CYS U 200 8.70 83.41 2.08
CA CYS U 200 9.59 83.11 0.96
C CYS U 200 8.81 82.91 -0.33
N LEU U 201 7.67 82.24 -0.25
CA LEU U 201 6.85 82.07 -1.45
C LEU U 201 6.21 83.38 -1.89
N SER U 202 5.79 84.23 -0.93
CA SER U 202 5.13 85.47 -1.30
C SER U 202 6.10 86.52 -1.80
N THR U 203 7.38 86.41 -1.44
CA THR U 203 8.35 87.44 -1.81
C THR U 203 8.69 87.38 -3.29
N VAL U 204 9.02 86.20 -3.80
CA VAL U 204 9.53 86.09 -5.17
C VAL U 204 8.41 86.27 -6.18
N LEU U 205 7.17 85.97 -5.81
CA LEU U 205 6.07 86.06 -6.76
C LEU U 205 5.37 87.42 -6.73
N SER U 206 5.40 88.10 -5.58
CA SER U 206 4.80 89.42 -5.37
C SER U 206 3.29 89.40 -5.66
N ILE U 207 2.63 88.34 -5.22
CA ILE U 207 1.19 88.19 -5.40
C ILE U 207 0.43 88.43 -4.10
N ASP U 208 1.02 88.01 -2.95
CA ASP U 208 0.43 88.09 -1.62
C ASP U 208 -0.90 87.33 -1.57
N PHE U 209 -0.79 86.00 -1.61
CA PHE U 209 -1.86 85.11 -2.06
C PHE U 209 -3.07 85.09 -1.13
N LYS U 210 -4.19 84.62 -1.68
CA LYS U 210 -5.42 84.26 -1.01
C LYS U 210 -5.31 82.84 -0.45
N PRO U 211 -6.13 82.48 0.55
CA PRO U 211 -6.10 81.09 1.05
C PRO U 211 -6.55 80.04 0.05
N SER U 212 -7.23 80.42 -1.02
CA SER U 212 -7.50 79.49 -2.10
C SER U 212 -6.35 79.39 -3.09
N GLU U 213 -5.24 80.08 -2.85
CA GLU U 213 -4.15 80.08 -3.83
C GLU U 213 -2.98 79.20 -3.42
N ILE U 214 -2.83 78.88 -2.14
CA ILE U 214 -1.73 78.03 -1.69
C ILE U 214 -2.28 76.89 -0.84
N GLU U 215 -1.51 75.80 -0.81
CA GLU U 215 -1.79 74.66 0.04
C GLU U 215 -0.52 74.27 0.77
N VAL U 216 -0.65 73.92 2.04
CA VAL U 216 0.48 73.66 2.93
C VAL U 216 0.29 72.28 3.55
N GLY U 217 1.37 71.52 3.64
CA GLY U 217 1.36 70.27 4.37
C GLY U 217 2.44 70.30 5.44
N VAL U 218 2.11 69.71 6.59
CA VAL U 218 3.00 69.75 7.73
C VAL U 218 3.26 68.32 8.16
N VAL U 219 4.50 68.06 8.57
CA VAL U 219 4.85 66.86 9.30
C VAL U 219 5.58 67.31 10.54
N THR U 220 5.19 66.76 11.69
CA THR U 220 5.63 67.27 12.97
C THR U 220 6.15 66.14 13.84
N VAL U 221 6.90 66.51 14.89
CA VAL U 221 7.33 65.49 15.83
C VAL U 221 6.17 65.09 16.74
N GLU U 222 5.25 66.01 17.00
CA GLU U 222 4.05 65.66 17.78
C GLU U 222 3.13 64.75 16.98
N ASN U 223 2.84 65.12 15.72
CA ASN U 223 2.09 64.25 14.81
C ASN U 223 3.01 63.84 13.68
N PRO U 224 3.56 62.62 13.72
CA PRO U 224 4.44 62.17 12.62
C PRO U 224 3.70 61.90 11.33
N LYS U 225 2.38 61.85 11.35
CA LYS U 225 1.62 61.65 10.12
C LYS U 225 1.72 62.87 9.23
N PHE U 226 1.80 62.64 7.92
CA PHE U 226 1.71 63.74 6.97
C PHE U 226 0.30 64.30 7.00
N ARG U 227 0.17 65.61 7.16
CA ARG U 227 -1.11 66.23 7.38
C ARG U 227 -1.30 67.40 6.42
N ILE U 228 -2.43 67.40 5.71
CA ILE U 228 -2.74 68.42 4.72
C ILE U 228 -3.74 69.39 5.32
N LEU U 229 -3.36 70.66 5.38
CA LEU U 229 -4.12 71.65 6.13
C LEU U 229 -5.40 72.05 5.40
N THR U 230 -6.39 72.49 6.17
CA THR U 230 -7.63 73.01 5.62
C THR U 230 -7.44 74.47 5.20
N GLU U 231 -8.49 75.05 4.59
CA GLU U 231 -8.40 76.40 4.06
C GLU U 231 -8.31 77.45 5.15
N ALA U 232 -9.08 77.27 6.23
CA ALA U 232 -9.09 78.26 7.31
C ALA U 232 -7.77 78.30 8.06
N GLU U 233 -7.05 77.19 8.10
CA GLU U 233 -5.76 77.17 8.78
C GLU U 233 -4.69 77.91 7.98
N ILE U 234 -4.75 77.83 6.65
CA ILE U 234 -3.84 78.63 5.83
C ILE U 234 -4.25 80.10 5.85
N ASP U 235 -5.56 80.37 5.92
CA ASP U 235 -6.03 81.74 6.03
C ASP U 235 -5.61 82.37 7.36
N ALA U 236 -5.56 81.58 8.43
CA ALA U 236 -5.11 82.10 9.72
C ALA U 236 -3.63 82.45 9.69
N HIS U 237 -2.81 81.68 8.97
CA HIS U 237 -1.40 82.01 8.89
C HIS U 237 -1.15 83.16 7.90
N LEU U 238 -1.97 83.27 6.85
CA LEU U 238 -1.89 84.42 5.97
C LEU U 238 -2.30 85.71 6.67
N VAL U 239 -3.30 85.67 7.55
CA VAL U 239 -3.71 86.87 8.26
C VAL U 239 -2.75 87.15 9.41
N ALA U 240 -2.06 86.12 9.92
CA ALA U 240 -0.98 86.35 10.87
C ALA U 240 0.21 87.03 10.20
N LEU U 241 0.48 86.69 8.93
CA LEU U 241 1.45 87.45 8.15
C LEU U 241 0.95 88.86 7.87
N ALA U 242 -0.36 89.02 7.64
CA ALA U 242 -0.90 90.28 7.14
C ALA U 242 -0.78 91.41 8.15
N GLU U 243 -0.73 91.10 9.44
CA GLU U 243 -0.44 92.11 10.45
C GLU U 243 1.05 92.24 10.74
N ARG U 244 1.87 91.38 10.14
CA ARG U 244 3.33 91.32 10.32
C ARG U 244 3.76 91.23 11.79
N THR V 1 20.77 18.30 20.40
CA THR V 1 20.44 19.66 20.05
C THR V 1 19.63 20.31 21.16
N THR V 2 20.24 21.25 21.86
CA THR V 2 19.56 21.97 22.94
C THR V 2 20.02 23.41 22.91
N ILE V 3 19.14 24.32 22.48
CA ILE V 3 19.45 25.74 22.46
C ILE V 3 18.35 26.46 23.23
N ALA V 4 18.67 27.66 23.68
CA ALA V 4 17.76 28.39 24.55
C ALA V 4 17.97 29.88 24.38
N GLY V 5 17.07 30.66 24.95
CA GLY V 5 17.21 32.10 24.94
C GLY V 5 16.31 32.71 25.98
N VAL V 6 16.69 33.87 26.51
CA VAL V 6 15.84 34.63 27.40
C VAL V 6 15.90 36.11 27.01
N VAL V 7 14.86 36.84 27.39
CA VAL V 7 14.86 38.29 27.31
C VAL V 7 15.04 38.83 28.72
N TYR V 8 16.19 39.41 29.00
CA TYR V 8 16.43 40.03 30.29
C TYR V 8 16.42 41.55 30.12
N LYS V 9 16.79 42.26 31.19
CA LYS V 9 16.47 43.69 31.29
C LYS V 9 17.21 44.52 30.24
N ASP V 10 18.45 44.14 29.90
CA ASP V 10 19.23 44.91 28.93
C ASP V 10 19.36 44.20 27.59
N GLY V 11 18.77 43.03 27.41
CA GLY V 11 18.90 42.37 26.13
C GLY V 11 18.57 40.89 26.06
N ILE V 12 19.38 40.14 25.34
CA ILE V 12 19.13 38.74 25.03
C ILE V 12 20.33 37.92 25.48
N VAL V 13 20.08 36.81 26.15
CA VAL V 13 21.09 35.80 26.43
C VAL V 13 20.74 34.56 25.63
N LEU V 14 21.64 34.14 24.75
CA LEU V 14 21.48 32.91 24.00
C LEU V 14 22.45 31.85 24.52
N GLY V 15 22.02 30.60 24.48
CA GLY V 15 22.86 29.51 24.89
C GLY V 15 22.72 28.35 23.92
N ALA V 16 23.64 27.41 24.02
CA ALA V 16 23.60 26.24 23.16
C ALA V 16 24.40 25.11 23.79
N ASP V 17 24.23 23.92 23.22
CA ASP V 17 25.14 22.81 23.45
C ASP V 17 26.20 22.84 22.35
N THR V 18 27.01 21.79 22.25
CA THR V 18 27.91 21.66 21.12
C THR V 18 27.87 20.29 20.44
N ARG V 19 27.14 19.33 20.98
CA ARG V 19 27.12 17.99 20.41
C ARG V 19 26.23 17.95 19.18
N ALA V 20 26.81 17.59 18.04
CA ALA V 20 26.08 17.38 16.81
C ALA V 20 26.20 15.90 16.44
N THR V 21 25.08 15.21 16.40
CA THR V 21 25.04 13.78 16.13
C THR V 21 24.51 13.51 14.72
N GLU V 22 25.05 12.47 14.10
CA GLU V 22 24.61 12.02 12.79
C GLU V 22 24.27 10.54 12.92
N GLY V 23 23.02 10.19 12.62
CA GLY V 23 22.54 8.88 12.98
C GLY V 23 22.28 8.81 14.48
N MET V 24 22.99 7.94 15.18
CA MET V 24 22.94 7.89 16.63
C MET V 24 24.33 7.92 17.24
N VAL V 25 25.28 8.52 16.53
CA VAL V 25 26.68 8.57 16.93
C VAL V 25 27.12 10.03 16.95
N VAL V 26 27.84 10.42 18.01
CA VAL V 26 28.35 11.78 18.11
C VAL V 26 29.36 12.04 17.01
N ALA V 27 29.15 13.09 16.24
CA ALA V 27 30.05 13.45 15.15
C ALA V 27 31.01 14.57 15.53
N ASP V 28 30.50 15.62 16.17
CA ASP V 28 31.31 16.78 16.52
C ASP V 28 31.15 17.06 18.01
N LYS V 29 32.24 17.49 18.65
CA LYS V 29 32.22 17.78 20.07
C LYS V 29 32.15 19.25 20.40
N ASN V 30 32.52 20.13 19.48
CA ASN V 30 32.65 21.56 19.76
C ASN V 30 32.04 22.36 18.62
N CYS V 31 30.83 21.97 18.20
CA CYS V 31 30.15 22.63 17.10
C CYS V 31 29.48 23.91 17.59
N SER V 32 29.71 25.01 16.87
CA SER V 32 29.18 26.31 17.25
C SER V 32 27.81 26.51 16.61
N LYS V 33 26.77 26.55 17.44
CA LYS V 33 25.40 26.68 16.96
C LYS V 33 24.87 28.11 17.08
N ILE V 34 25.65 29.04 17.59
CA ILE V 34 25.26 30.43 17.67
C ILE V 34 25.89 31.15 16.48
N HIS V 35 25.09 31.50 15.50
CA HIS V 35 25.61 32.05 14.26
C HIS V 35 25.74 33.56 14.37
N PHE V 36 26.78 34.10 13.75
CA PHE V 36 26.83 35.51 13.45
C PHE V 36 25.91 35.83 12.28
N ILE V 37 25.07 36.84 12.47
CA ILE V 37 24.23 37.38 11.41
C ILE V 37 24.44 38.88 11.26
N SER V 38 24.34 39.60 12.34
CA SER V 38 24.56 41.03 12.33
C SER V 38 25.47 41.31 13.52
N PRO V 39 26.04 42.51 13.67
CA PRO V 39 26.69 42.82 14.94
C PRO V 39 25.75 42.82 16.14
N ASN V 40 24.44 42.93 15.94
CA ASN V 40 23.49 42.80 17.04
C ASN V 40 22.61 41.56 16.95
N ILE V 41 22.44 40.96 15.79
CA ILE V 41 21.53 39.83 15.62
C ILE V 41 22.34 38.55 15.52
N TYR V 42 22.07 37.61 16.42
CA TYR V 42 22.60 36.26 16.33
C TYR V 42 21.46 35.27 16.23
N CYS V 43 21.72 34.15 15.58
CA CYS V 43 20.68 33.23 15.14
C CYS V 43 21.07 31.80 15.48
N CYS V 44 20.51 31.26 16.56
CA CYS V 44 20.76 29.87 16.89
C CYS V 44 20.05 28.96 15.91
N GLY V 45 20.77 27.99 15.39
CA GLY V 45 20.19 27.13 14.38
C GLY V 45 20.05 25.70 14.84
N ALA V 46 18.82 25.19 14.78
CA ALA V 46 18.55 23.83 15.21
C ALA V 46 17.96 23.07 14.04
N GLY V 47 17.92 21.74 14.17
CA GLY V 47 17.41 20.92 13.11
C GLY V 47 18.46 20.52 12.11
N THR V 48 18.15 20.63 10.82
CA THR V 48 19.07 20.24 9.76
C THR V 48 20.21 21.23 9.71
N ALA V 49 21.43 20.75 10.00
CA ALA V 49 22.56 21.65 10.22
C ALA V 49 23.02 22.31 8.94
N ALA V 50 23.00 21.60 7.81
CA ALA V 50 23.48 22.19 6.57
C ALA V 50 22.50 23.22 6.02
N ASP V 51 21.20 22.95 6.18
CA ASP V 51 20.19 23.89 5.71
C ASP V 51 20.21 25.17 6.51
N THR V 52 20.36 25.07 7.83
CA THR V 52 20.50 26.29 8.62
C THR V 52 21.87 26.92 8.46
N ASP V 53 22.89 26.17 8.04
CA ASP V 53 24.18 26.77 7.75
C ASP V 53 24.06 27.67 6.53
N MET V 54 23.52 27.16 5.42
CA MET V 54 23.40 28.01 4.25
C MET V 54 22.35 29.10 4.41
N THR V 55 21.37 28.89 5.29
CA THR V 55 20.40 29.94 5.56
C THR V 55 21.02 31.07 6.38
N THR V 56 21.79 30.75 7.42
CA THR V 56 22.47 31.81 8.15
C THR V 56 23.74 32.30 7.45
N GLN V 57 24.10 31.73 6.31
CA GLN V 57 25.00 32.46 5.43
C GLN V 57 24.24 33.49 4.60
N LEU V 58 23.14 33.05 3.97
CA LEU V 58 22.46 33.89 2.99
C LEU V 58 21.78 35.10 3.64
N ILE V 59 21.17 34.91 4.81
CA ILE V 59 20.51 36.04 5.46
C ILE V 59 21.53 36.98 6.08
N SER V 60 22.68 36.45 6.52
CA SER V 60 23.78 37.31 6.95
C SER V 60 24.29 38.15 5.80
N SER V 61 24.38 37.54 4.60
CA SER V 61 24.82 38.25 3.42
C SER V 61 23.86 39.37 3.04
N ASN V 62 22.56 39.07 3.04
CA ASN V 62 21.59 40.09 2.70
C ASN V 62 21.51 41.19 3.74
N LEU V 63 21.77 40.87 5.01
CA LEU V 63 21.84 41.95 5.99
C LEU V 63 23.11 42.76 5.87
N GLU V 64 24.20 42.17 5.36
CA GLU V 64 25.36 42.99 5.05
C GLU V 64 25.08 43.96 3.92
N LEU V 65 24.33 43.50 2.89
CA LEU V 65 23.85 44.41 1.85
C LEU V 65 23.06 45.56 2.46
N HIS V 66 22.09 45.23 3.31
CA HIS V 66 21.14 46.24 3.76
C HIS V 66 21.77 47.21 4.74
N SER V 67 22.65 46.72 5.62
CA SER V 67 23.32 47.60 6.55
C SER V 67 24.32 48.50 5.86
N LEU V 68 24.98 48.01 4.81
CA LEU V 68 25.86 48.90 4.07
C LEU V 68 25.07 49.92 3.25
N SER V 69 23.91 49.52 2.75
CA SER V 69 23.13 50.40 1.87
C SER V 69 22.51 51.53 2.66
N THR V 70 21.73 51.22 3.70
CA THR V 70 21.07 52.28 4.43
C THR V 70 22.01 53.01 5.38
N GLY V 71 23.17 52.43 5.69
CA GLY V 71 24.08 53.06 6.62
C GLY V 71 23.68 52.99 8.06
N ARG V 72 22.72 52.14 8.40
CA ARG V 72 22.28 51.96 9.76
C ARG V 72 22.41 50.50 10.15
N LEU V 73 22.40 50.24 11.45
CA LEU V 73 22.45 48.88 11.93
C LEU V 73 21.07 48.25 11.80
N PRO V 74 20.98 47.00 11.34
CA PRO V 74 19.68 46.45 10.96
C PRO V 74 18.82 46.10 12.17
N ARG V 75 17.52 46.02 11.91
CA ARG V 75 16.51 45.63 12.89
C ARG V 75 16.38 44.11 12.93
N VAL V 76 15.77 43.62 14.01
CA VAL V 76 15.48 42.19 14.09
C VAL V 76 14.42 41.81 13.06
N VAL V 77 13.39 42.65 12.92
CA VAL V 77 12.22 42.33 12.10
C VAL V 77 12.57 42.23 10.63
N THR V 78 13.69 42.84 10.21
CA THR V 78 14.17 42.68 8.83
C THR V 78 14.62 41.26 8.57
N ALA V 79 15.46 40.72 9.47
CA ALA V 79 15.89 39.33 9.35
C ALA V 79 14.72 38.38 9.55
N ASN V 80 13.77 38.78 10.40
CA ASN V 80 12.55 38.00 10.58
C ASN V 80 11.77 37.85 9.27
N ARG V 81 11.55 38.97 8.58
CA ARG V 81 10.84 38.94 7.31
C ARG V 81 11.58 38.13 6.26
N MET V 82 12.90 38.30 6.16
CA MET V 82 13.66 37.57 5.17
C MET V 82 13.64 36.07 5.44
N LEU V 83 13.78 35.69 6.71
CA LEU V 83 13.72 34.28 7.09
C LEU V 83 12.35 33.69 6.81
N LYS V 84 11.27 34.36 7.26
CA LYS V 84 9.95 33.77 7.09
C LYS V 84 9.52 33.75 5.63
N GLN V 85 9.96 34.71 4.81
CA GLN V 85 9.62 34.66 3.40
C GLN V 85 10.37 33.56 2.67
N MET V 86 11.64 33.33 2.99
CA MET V 86 12.35 32.26 2.29
C MET V 86 11.88 30.89 2.76
N LEU V 87 11.68 30.72 4.08
CA LEU V 87 11.27 29.43 4.60
C LEU V 87 9.82 29.12 4.28
N PHE V 88 8.98 30.14 4.02
CA PHE V 88 7.65 29.86 3.49
C PHE V 88 7.69 29.58 2.00
N ARG V 89 8.60 30.22 1.27
CA ARG V 89 8.71 29.98 -0.16
C ARG V 89 9.17 28.57 -0.46
N TYR V 90 10.01 28.00 0.40
CA TYR V 90 10.37 26.60 0.24
C TYR V 90 9.51 25.65 1.06
N GLN V 91 8.44 26.17 1.68
CA GLN V 91 7.37 25.39 2.34
C GLN V 91 7.88 24.47 3.44
N GLY V 92 8.93 24.84 4.13
CA GLY V 92 9.44 24.01 5.20
C GLY V 92 10.35 22.88 4.76
N TYR V 93 10.68 22.80 3.47
CA TYR V 93 11.62 21.78 3.01
C TYR V 93 13.05 22.09 3.44
N ILE V 94 13.33 23.35 3.78
CA ILE V 94 14.50 23.66 4.58
C ILE V 94 14.20 23.26 6.02
N GLY V 95 14.97 22.33 6.57
CA GLY V 95 14.73 21.86 7.91
C GLY V 95 15.39 22.71 8.98
N ALA V 96 15.16 24.01 8.95
CA ALA V 96 15.76 24.93 9.89
C ALA V 96 14.67 25.51 10.78
N ALA V 97 14.71 25.18 12.06
CA ALA V 97 13.90 25.80 13.10
C ALA V 97 14.81 26.72 13.89
N LEU V 98 14.50 28.01 13.91
CA LEU V 98 15.48 29.01 14.27
C LEU V 98 15.07 29.79 15.51
N VAL V 99 16.08 30.35 16.17
CA VAL V 99 15.91 31.34 17.21
C VAL V 99 16.64 32.59 16.76
N LEU V 100 15.90 33.62 16.44
CA LEU V 100 16.47 34.86 15.94
C LEU V 100 16.42 35.86 17.07
N GLY V 101 17.56 36.21 17.61
CA GLY V 101 17.61 37.11 18.75
C GLY V 101 18.55 38.26 18.50
N GLY V 102 18.10 39.46 18.85
CA GLY V 102 18.92 40.62 18.65
C GLY V 102 18.38 41.80 19.41
N VAL V 103 19.14 42.89 19.34
CA VAL V 103 18.74 44.17 19.93
C VAL V 103 18.82 45.24 18.86
N ASP V 104 17.85 46.16 18.88
CA ASP V 104 17.78 47.28 17.97
CA ASP V 104 17.87 47.29 17.96
C ASP V 104 17.48 48.54 18.74
N VAL V 105 17.13 49.60 18.01
CA VAL V 105 16.73 50.87 18.62
C VAL V 105 15.44 50.73 19.42
N THR V 106 14.62 49.71 19.13
CA THR V 106 13.41 49.44 19.88
C THR V 106 13.61 48.39 20.96
N GLY V 107 14.85 48.10 21.35
CA GLY V 107 15.11 47.19 22.43
C GLY V 107 15.22 45.75 21.98
N PRO V 108 15.36 44.83 22.92
CA PRO V 108 15.59 43.43 22.55
C PRO V 108 14.35 42.75 22.00
N HIS V 109 14.59 41.73 21.20
CA HIS V 109 13.53 40.90 20.66
C HIS V 109 14.01 39.47 20.59
N LEU V 110 13.08 38.53 20.69
CA LEU V 110 13.42 37.12 20.62
C LEU V 110 12.33 36.41 19.83
N TYR V 111 12.66 35.97 18.63
CA TYR V 111 11.69 35.36 17.74
C TYR V 111 12.07 33.90 17.55
N SER V 112 11.08 33.02 17.52
CA SER V 112 11.32 31.63 17.19
C SER V 112 10.60 31.29 15.90
N ILE V 113 11.36 30.82 14.92
CA ILE V 113 10.88 30.67 13.56
C ILE V 113 10.83 29.19 13.23
N TYR V 114 9.66 28.69 12.99
CA TYR V 114 9.42 27.31 12.62
C TYR V 114 9.71 27.14 11.14
N PRO V 115 10.04 25.91 10.68
CA PRO V 115 10.56 25.75 9.30
C PRO V 115 9.60 26.18 8.20
N HIS V 116 8.30 26.12 8.44
CA HIS V 116 7.36 26.49 7.40
C HIS V 116 7.19 27.98 7.25
N GLY V 117 7.74 28.78 8.15
CA GLY V 117 7.57 30.21 8.10
C GLY V 117 6.64 30.82 9.12
N SER V 118 6.24 30.06 10.13
CA SER V 118 5.46 30.62 11.22
C SER V 118 6.41 31.14 12.29
N THR V 119 6.12 32.35 12.77
CA THR V 119 6.98 33.03 13.73
C THR V 119 6.20 33.28 15.01
N ASP V 120 6.91 33.20 16.13
CA ASP V 120 6.36 33.56 17.43
C ASP V 120 7.30 34.58 18.06
N LYS V 121 6.76 35.49 18.83
CA LYS V 121 7.57 36.38 19.65
C LYS V 121 7.43 35.94 21.09
N LEU V 122 8.54 35.70 21.75
CA LEU V 122 8.56 34.98 23.01
C LEU V 122 9.47 35.66 24.00
N PRO V 123 9.20 35.50 25.30
CA PRO V 123 10.19 35.95 26.30
C PRO V 123 11.28 34.94 26.53
N TYR V 124 11.06 33.68 26.19
CA TYR V 124 12.08 32.65 26.32
C TYR V 124 11.75 31.51 25.38
N VAL V 125 12.78 30.92 24.78
CA VAL V 125 12.62 29.87 23.79
C VAL V 125 13.51 28.71 24.14
N THR V 126 13.12 27.52 23.70
CA THR V 126 13.97 26.34 23.65
C THR V 126 13.66 25.58 22.37
N MET V 127 14.68 25.07 21.70
CA MET V 127 14.49 24.25 20.52
CA MET V 127 14.49 24.25 20.52
C MET V 127 15.35 23.00 20.63
N GLY V 128 15.14 22.09 19.70
CA GLY V 128 15.93 20.88 19.63
C GLY V 128 15.30 19.73 20.35
N SER V 129 16.10 18.67 20.49
CA SER V 129 15.63 17.46 21.15
C SER V 129 15.47 17.67 22.65
N GLY V 130 16.44 18.33 23.27
CA GLY V 130 16.37 18.62 24.69
C GLY V 130 15.71 19.94 24.99
N SER V 131 14.73 20.32 24.16
CA SER V 131 14.02 21.57 24.39
C SER V 131 13.10 21.50 25.60
N LEU V 132 12.59 20.31 25.91
CA LEU V 132 11.60 20.19 26.96
C LEU V 132 12.24 20.29 28.33
N ALA V 133 13.43 19.72 28.49
CA ALA V 133 14.12 19.75 29.77
C ALA V 133 14.52 21.17 30.15
N ALA V 134 15.01 21.96 29.19
CA ALA V 134 15.33 23.35 29.47
C ALA V 134 14.07 24.20 29.59
N MET V 135 13.00 23.82 28.89
CA MET V 135 11.73 24.50 29.04
C MET V 135 11.16 24.31 30.44
N ALA V 136 11.42 23.16 31.06
CA ALA V 136 11.00 22.94 32.44
C ALA V 136 11.71 23.90 33.40
N VAL V 137 13.00 24.12 33.19
CA VAL V 137 13.77 25.01 34.04
C VAL V 137 13.30 26.45 33.83
N PHE V 138 12.98 26.80 32.60
CA PHE V 138 12.45 28.15 32.35
C PHE V 138 11.07 28.35 32.98
N GLU V 139 10.18 27.36 32.89
CA GLU V 139 8.88 27.50 33.53
C GLU V 139 8.99 27.54 35.04
N ASP V 140 10.00 26.87 35.59
CA ASP V 140 10.21 26.88 37.03
C ASP V 140 10.81 28.20 37.50
N LYS V 141 11.70 28.82 36.72
CA LYS V 141 12.58 29.84 37.28
C LYS V 141 12.62 31.18 36.57
N PHE V 142 11.97 31.34 35.42
CA PHE V 142 12.03 32.61 34.71
C PHE V 142 11.19 33.66 35.40
N ARG V 143 11.70 34.89 35.40
CA ARG V 143 11.01 36.09 35.85
C ARG V 143 11.24 37.18 34.84
N PRO V 144 10.31 38.11 34.68
CA PRO V 144 10.57 39.24 33.79
C PRO V 144 11.59 40.19 34.41
N ASP V 145 12.32 40.88 33.54
CA ASP V 145 13.26 41.95 33.89
C ASP V 145 14.39 41.45 34.80
N MET V 146 14.94 40.28 34.49
CA MET V 146 16.05 39.76 35.28
C MET V 146 17.33 40.55 35.00
N GLU V 147 18.29 40.39 35.90
CA GLU V 147 19.60 40.97 35.70
C GLU V 147 20.41 40.13 34.73
N GLU V 148 21.63 40.60 34.45
CA GLU V 148 22.52 39.90 33.53
C GLU V 148 22.95 38.55 34.10
N GLU V 149 23.50 38.55 35.32
CA GLU V 149 24.07 37.33 35.88
C GLU V 149 23.03 36.29 36.24
N GLU V 150 21.83 36.73 36.63
CA GLU V 150 20.75 35.77 36.87
C GLU V 150 20.32 35.10 35.57
N ALA V 151 20.30 35.85 34.47
CA ALA V 151 19.96 35.26 33.18
C ALA V 151 21.06 34.33 32.69
N LYS V 152 22.32 34.73 32.90
CA LYS V 152 23.43 33.88 32.49
C LYS V 152 23.52 32.61 33.33
N ASN V 153 23.09 32.66 34.59
CA ASN V 153 22.99 31.44 35.38
C ASN V 153 21.80 30.60 34.94
N LEU V 154 20.69 31.24 34.59
CA LEU V 154 19.46 30.51 34.29
C LEU V 154 19.57 29.75 32.97
N VAL V 155 20.08 30.41 31.92
CA VAL V 155 20.22 29.75 30.63
C VAL V 155 21.24 28.62 30.74
N SER V 156 22.32 28.83 31.48
CA SER V 156 23.34 27.80 31.61
C SER V 156 22.84 26.61 32.42
N GLU V 157 22.00 26.86 33.43
CA GLU V 157 21.39 25.76 34.17
C GLU V 157 20.40 24.98 33.32
N ALA V 158 19.63 25.69 32.48
CA ALA V 158 18.67 25.02 31.62
C ALA V 158 19.37 24.19 30.55
N ILE V 159 20.45 24.72 29.97
CA ILE V 159 21.25 23.96 29.02
C ILE V 159 21.90 22.78 29.70
N ALA V 160 22.29 22.95 30.98
CA ALA V 160 22.87 21.84 31.73
C ALA V 160 21.87 20.72 31.95
N ALA V 161 20.63 21.06 32.31
CA ALA V 161 19.60 20.03 32.51
C ALA V 161 19.26 19.34 31.20
N GLY V 162 19.24 20.10 30.10
CA GLY V 162 19.02 19.47 28.81
C GLY V 162 20.19 18.63 28.34
N ILE V 163 21.38 18.90 28.85
CA ILE V 163 22.55 18.07 28.55
C ILE V 163 22.50 16.76 29.34
N PHE V 164 22.26 16.86 30.65
CA PHE V 164 22.30 15.65 31.47
C PHE V 164 21.11 14.72 31.24
N ASN V 165 19.96 15.24 30.81
CA ASN V 165 18.77 14.42 30.73
C ASN V 165 18.39 14.00 29.31
N ASP V 166 19.15 14.39 28.31
CA ASP V 166 18.87 14.00 26.94
C ASP V 166 20.11 13.28 26.41
N LEU V 167 19.88 12.32 25.53
CA LEU V 167 20.97 11.69 24.80
C LEU V 167 21.45 12.54 23.63
N GLY V 168 20.57 13.36 23.05
CA GLY V 168 20.87 14.12 21.88
C GLY V 168 21.66 15.40 22.07
N SER V 169 22.21 15.63 23.26
CA SER V 169 22.91 16.87 23.55
C SER V 169 24.05 16.59 24.52
N GLY V 170 25.11 17.41 24.47
CA GLY V 170 26.15 17.22 25.46
C GLY V 170 27.42 17.99 25.18
N SER V 171 28.31 17.91 26.17
CA SER V 171 29.74 18.19 26.22
C SER V 171 30.22 19.64 26.31
N ASN V 172 29.35 20.63 26.10
CA ASN V 172 29.69 22.02 26.38
C ASN V 172 28.43 22.86 26.53
N ILE V 173 28.60 24.00 27.20
CA ILE V 173 27.62 25.08 27.22
C ILE V 173 28.29 26.30 26.63
N ASP V 174 27.83 26.73 25.47
CA ASP V 174 28.19 28.03 24.94
C ASP V 174 27.13 29.01 25.41
N LEU V 175 27.56 30.23 25.70
CA LEU V 175 26.59 31.30 25.89
C LEU V 175 26.85 32.39 24.87
N CYS V 176 25.90 33.32 24.84
CA CYS V 176 26.09 34.58 24.16
C CYS V 176 25.25 35.63 24.84
N VAL V 177 25.82 36.80 25.05
CA VAL V 177 25.12 37.91 25.67
C VAL V 177 24.95 38.98 24.62
N ILE V 178 23.70 39.29 24.27
CA ILE V 178 23.37 40.33 23.31
C ILE V 178 22.59 41.40 24.04
N SER V 179 23.15 42.59 24.09
CA SER V 179 22.59 43.66 24.89
C SER V 179 22.99 45.00 24.29
N LYS V 180 22.31 46.06 24.72
CA LYS V 180 22.81 47.40 24.46
C LYS V 180 24.17 47.63 25.12
N ASN V 181 24.94 48.59 24.58
CA ASN V 181 26.22 49.19 25.00
C ASN V 181 27.36 48.19 25.27
N LYS V 182 27.17 46.91 24.90
CA LYS V 182 28.17 45.86 25.06
C LYS V 182 27.73 44.65 24.24
N LEU V 183 28.70 43.79 23.90
CA LEU V 183 28.43 42.51 23.26
C LEU V 183 29.42 41.48 23.78
N ASP V 184 28.91 40.39 24.36
CA ASP V 184 29.72 39.38 25.02
C ASP V 184 29.37 38.01 24.45
N PHE V 185 30.30 37.43 23.68
CA PHE V 185 30.13 36.10 23.10
C PHE V 185 31.02 35.14 23.88
N LEU V 186 30.43 34.42 24.83
CA LEU V 186 31.18 33.58 25.77
C LEU V 186 31.17 32.15 25.28
N ARG V 187 32.23 31.74 24.59
CA ARG V 187 32.33 30.39 24.04
C ARG V 187 33.65 29.74 24.47
N PRO V 188 33.61 28.69 25.31
CA PRO V 188 32.44 28.17 26.02
C PRO V 188 32.30 28.88 27.36
N TYR V 189 31.15 28.72 28.02
CA TYR V 189 30.93 29.36 29.31
C TYR V 189 31.21 28.41 30.46
N THR V 190 30.54 27.25 30.47
CA THR V 190 30.81 26.18 31.43
C THR V 190 30.94 24.86 30.67
N VAL V 191 31.87 24.03 31.11
CA VAL V 191 32.11 22.71 30.52
C VAL V 191 31.70 21.65 31.53
N PRO V 192 30.44 21.20 31.52
CA PRO V 192 29.99 20.27 32.57
C PRO V 192 30.51 18.87 32.41
N ASN V 193 30.93 18.49 31.21
CA ASN V 193 31.28 17.11 30.91
C ASN V 193 32.76 17.01 30.60
N LYS V 194 33.38 15.97 31.14
CA LYS V 194 34.82 15.80 31.13
C LYS V 194 35.14 14.38 30.67
N LYS V 195 35.90 14.28 29.57
CA LYS V 195 36.45 13.00 29.15
C LYS V 195 37.34 12.43 30.25
N GLY V 196 37.07 11.18 30.63
CA GLY V 196 37.87 10.55 31.67
C GLY V 196 39.29 10.30 31.22
N THR V 197 40.21 10.43 32.16
CA THR V 197 41.63 10.41 31.84
C THR V 197 42.08 9.00 31.44
N ARG V 198 43.08 8.95 30.58
CA ARG V 198 43.52 7.68 30.02
C ARG V 198 44.51 6.99 30.96
N LEU V 199 44.26 5.69 31.19
CA LEU V 199 45.08 4.88 32.08
C LEU V 199 45.94 3.86 31.35
N GLY V 200 45.51 3.41 30.18
CA GLY V 200 46.28 2.45 29.40
C GLY V 200 46.99 3.15 28.25
N ARG V 201 48.32 3.01 28.25
CA ARG V 201 49.17 3.60 27.21
C ARG V 201 49.51 2.50 26.21
N TYR V 202 49.33 2.80 24.92
CA TYR V 202 49.43 1.79 23.87
C TYR V 202 50.80 1.69 23.24
N ARG V 203 51.52 2.83 23.14
CA ARG V 203 52.96 2.88 22.85
C ARG V 203 53.28 2.40 21.45
N CYS V 204 52.42 2.72 20.48
CA CYS V 204 52.58 2.23 19.11
C CYS V 204 53.82 2.85 18.48
N GLU V 205 54.84 2.02 18.30
CA GLU V 205 56.16 2.49 17.86
C GLU V 205 56.26 2.47 16.33
N LYS V 206 57.33 3.10 15.84
CA LYS V 206 57.72 3.00 14.43
C LYS V 206 57.98 1.55 14.05
N GLY V 207 57.45 1.15 12.90
CA GLY V 207 57.58 -0.22 12.44
C GLY V 207 56.46 -1.15 12.86
N THR V 208 55.43 -0.63 13.54
CA THR V 208 54.31 -1.46 13.93
C THR V 208 53.50 -1.90 12.72
N THR V 209 53.33 -1.00 11.75
CA THR V 209 52.59 -1.32 10.54
C THR V 209 53.54 -1.59 9.37
N ALA V 210 53.25 -2.62 8.60
CA ALA V 210 54.03 -2.92 7.41
C ALA V 210 53.68 -1.94 6.29
N VAL V 211 54.68 -1.65 5.45
CA VAL V 211 54.53 -0.73 4.33
C VAL V 211 54.87 -1.49 3.05
N LEU V 212 54.08 -1.26 1.99
CA LEU V 212 54.30 -1.93 0.72
C LEU V 212 55.03 -1.05 -0.29
N THR V 213 54.66 0.22 -0.43
CA THR V 213 55.36 1.14 -1.31
C THR V 213 55.50 2.50 -0.62
N GLU V 214 56.43 3.31 -1.13
CA GLU V 214 56.65 4.63 -0.59
C GLU V 214 57.16 5.56 -1.68
N LYS V 215 56.61 6.77 -1.73
CA LYS V 215 56.97 7.78 -2.71
C LYS V 215 57.13 9.11 -2.01
N ILE V 216 58.29 9.74 -2.17
CA ILE V 216 58.59 11.03 -1.57
C ILE V 216 58.50 12.09 -2.66
N THR V 217 57.61 13.05 -2.48
CA THR V 217 57.42 14.12 -3.45
C THR V 217 57.92 15.42 -2.85
N PRO V 218 59.04 15.95 -3.30
CA PRO V 218 59.55 17.20 -2.72
C PRO V 218 58.77 18.40 -3.22
N LEU V 219 58.66 19.41 -2.35
CA LEU V 219 57.94 20.63 -2.66
C LEU V 219 58.82 21.84 -2.40
N GLU V 220 58.56 22.90 -3.18
CA GLU V 220 59.15 24.24 -3.02
C GLU V 220 60.68 24.25 -3.05
N SER W 1 21.31 0.72 1.81
CA SER W 1 21.63 2.13 1.76
C SER W 1 22.28 2.51 0.43
N ILE W 2 21.98 3.72 -0.04
CA ILE W 2 22.54 4.20 -1.30
C ILE W 2 24.01 4.60 -1.12
N MET W 3 24.37 5.10 0.07
CA MET W 3 25.77 5.40 0.37
C MET W 3 26.62 4.15 0.49
N SER W 4 26.02 3.03 0.88
CA SER W 4 26.73 1.78 1.14
C SER W 4 26.78 0.86 -0.08
N TYR W 5 26.35 1.35 -1.25
CA TYR W 5 26.32 0.52 -2.45
C TYR W 5 27.73 0.23 -2.95
N ASN W 6 28.65 1.20 -2.81
CA ASN W 6 30.05 1.01 -3.17
C ASN W 6 30.96 0.84 -1.97
N GLY W 7 30.44 0.94 -0.75
CA GLY W 7 31.35 1.00 0.36
C GLY W 7 32.02 2.37 0.38
N GLY W 8 33.25 2.37 0.87
CA GLY W 8 34.03 3.58 0.93
C GLY W 8 34.46 3.89 2.34
N ALA W 9 35.67 4.44 2.49
CA ALA W 9 36.25 4.66 3.80
C ALA W 9 37.41 5.62 3.67
N VAL W 10 37.23 6.86 4.11
CA VAL W 10 38.28 7.86 4.09
C VAL W 10 38.33 8.50 5.47
N MET W 11 39.53 8.78 5.95
CA MET W 11 39.66 9.54 7.19
C MET W 11 40.85 10.48 7.08
N ALA W 12 40.90 11.43 8.01
CA ALA W 12 42.05 12.30 8.20
C ALA W 12 42.36 12.36 9.68
N MET W 13 43.54 12.90 10.01
CA MET W 13 43.95 13.05 11.39
C MET W 13 45.00 14.15 11.47
N LYS W 14 44.85 15.04 12.45
CA LYS W 14 45.69 16.22 12.55
C LYS W 14 46.91 15.95 13.42
N GLY W 15 48.07 16.44 12.96
CA GLY W 15 49.32 16.30 13.69
C GLY W 15 49.87 17.63 14.17
N LYS W 16 51.18 17.58 14.46
N LYS W 16 51.18 17.81 14.34
CA LYS W 16 52.08 18.71 14.70
CA LYS W 16 51.64 19.10 14.86
C LYS W 16 52.83 19.02 13.41
C LYS W 16 51.57 20.21 13.79
N ASN W 17 52.26 19.97 12.70
CA ASN W 17 52.73 20.79 11.58
C ASN W 17 52.70 19.93 10.34
N CYS W 18 51.79 18.97 10.32
CA CYS W 18 51.64 18.00 9.26
C CYS W 18 50.29 17.32 9.43
N VAL W 19 49.68 16.91 8.32
CA VAL W 19 48.41 16.23 8.36
C VAL W 19 48.53 14.93 7.58
N ALA W 20 47.67 13.98 7.93
CA ALA W 20 47.64 12.66 7.32
C ALA W 20 46.24 12.40 6.78
N ILE W 21 46.17 11.77 5.62
CA ILE W 21 44.89 11.44 5.00
C ILE W 21 45.01 10.08 4.33
N ALA W 22 44.02 9.22 4.57
CA ALA W 22 44.05 7.87 4.05
C ALA W 22 42.68 7.52 3.53
N ALA W 23 42.64 6.58 2.58
CA ALA W 23 41.40 6.19 1.95
C ALA W 23 41.45 4.73 1.57
N ASP W 24 40.30 4.07 1.66
CA ASP W 24 40.22 2.69 1.20
C ASP W 24 40.32 2.63 -0.31
N ARG W 25 40.64 1.44 -0.81
CA ARG W 25 40.93 1.24 -2.23
CA ARG W 25 40.91 1.26 -2.23
C ARG W 25 39.94 0.32 -2.91
N ARG W 26 38.95 -0.21 -2.19
CA ARG W 26 37.97 -1.10 -2.78
C ARG W 26 36.92 -0.31 -3.55
N PHE W 27 36.75 -0.66 -4.81
CA PHE W 27 35.65 -0.18 -5.65
C PHE W 27 34.67 -1.33 -5.78
N GLY W 28 33.47 -1.18 -5.21
CA GLY W 28 32.58 -2.30 -5.05
C GLY W 28 31.19 -2.03 -5.59
N ILE W 29 30.52 -3.13 -5.94
CA ILE W 29 29.08 -3.20 -6.11
C ILE W 29 28.62 -4.27 -5.14
N GLN W 30 27.47 -4.05 -4.47
CA GLN W 30 27.16 -4.43 -3.09
C GLN W 30 27.88 -5.65 -2.53
N ALA W 31 27.89 -6.76 -3.27
CA ALA W 31 28.67 -7.93 -2.89
C ALA W 31 29.92 -8.14 -3.73
N GLN W 32 29.92 -7.72 -5.00
CA GLN W 32 30.98 -8.03 -5.93
C GLN W 32 32.10 -7.00 -5.87
N MET W 33 33.33 -7.45 -5.61
CA MET W 33 34.49 -6.58 -5.76
C MET W 33 34.89 -6.57 -7.23
N VAL W 34 35.23 -5.38 -7.74
CA VAL W 34 35.57 -5.20 -9.15
C VAL W 34 37.07 -4.94 -9.32
N THR W 35 37.59 -3.91 -8.69
CA THR W 35 39.02 -3.60 -8.69
C THR W 35 39.45 -3.20 -7.29
N THR W 36 40.76 -3.12 -7.10
CA THR W 36 41.33 -2.85 -5.79
C THR W 36 42.26 -1.64 -5.78
N ASP W 37 42.19 -0.80 -6.81
CA ASP W 37 43.05 0.37 -6.95
C ASP W 37 42.22 1.61 -7.30
N PHE W 38 41.11 1.80 -6.61
CA PHE W 38 40.23 2.94 -6.92
C PHE W 38 40.75 4.21 -6.26
N GLN W 39 40.76 5.29 -7.04
CA GLN W 39 41.22 6.58 -6.56
C GLN W 39 40.07 7.35 -5.93
N LYS W 40 40.26 7.77 -4.68
CA LYS W 40 39.29 8.59 -3.97
C LYS W 40 39.86 9.92 -3.52
N ILE W 41 41.17 10.02 -3.38
CA ILE W 41 41.84 11.24 -2.93
C ILE W 41 42.36 11.96 -4.15
N PHE W 42 42.06 13.25 -4.26
CA PHE W 42 42.48 14.01 -5.42
C PHE W 42 43.38 15.16 -5.01
N PRO W 43 44.40 15.47 -5.78
CA PRO W 43 45.22 16.64 -5.50
C PRO W 43 44.52 17.92 -5.92
N MET W 44 44.38 18.85 -4.98
CA MET W 44 43.83 20.18 -5.25
C MET W 44 44.84 21.27 -4.97
N GLY W 45 46.12 20.95 -5.06
CA GLY W 45 47.16 21.90 -4.71
C GLY W 45 48.39 21.16 -4.25
N ASP W 46 49.37 21.96 -3.83
CA ASP W 46 50.64 21.40 -3.35
C ASP W 46 50.46 20.70 -2.01
N ARG W 47 49.85 21.38 -1.05
CA ARG W 47 49.66 20.86 0.30
C ARG W 47 48.19 20.83 0.66
N LEU W 48 47.36 20.30 -0.24
CA LEU W 48 45.93 20.25 -0.01
C LEU W 48 45.32 19.15 -0.86
N TYR W 49 44.77 18.13 -0.20
CA TYR W 49 44.09 17.04 -0.87
C TYR W 49 42.65 17.00 -0.40
N ILE W 50 41.76 16.48 -1.24
CA ILE W 50 40.38 16.23 -0.85
C ILE W 50 40.10 14.75 -1.03
N GLY W 51 39.44 14.15 -0.05
CA GLY W 51 39.08 12.75 -0.15
C GLY W 51 37.58 12.57 -0.09
N LEU W 52 37.02 11.81 -1.02
CA LEU W 52 35.59 11.67 -1.14
C LEU W 52 35.23 10.19 -1.05
N ALA W 53 34.46 9.83 -0.03
CA ALA W 53 33.93 8.49 0.12
C ALA W 53 32.46 8.47 -0.26
N GLY W 54 31.92 7.27 -0.41
CA GLY W 54 30.51 7.14 -0.69
C GLY W 54 30.25 6.51 -2.04
N LEU W 55 29.23 7.01 -2.74
CA LEU W 55 28.94 6.52 -4.07
C LEU W 55 30.04 6.98 -5.02
N ALA W 56 30.72 6.02 -5.65
CA ALA W 56 31.95 6.31 -6.38
C ALA W 56 31.69 7.13 -7.63
N THR W 57 30.52 6.98 -8.23
CA THR W 57 30.20 7.80 -9.39
C THR W 57 29.94 9.25 -8.98
N ASP W 58 29.43 9.47 -7.77
CA ASP W 58 29.32 10.83 -7.28
C ASP W 58 30.67 11.38 -6.83
N VAL W 59 31.58 10.49 -6.40
CA VAL W 59 32.96 10.89 -6.11
C VAL W 59 33.62 11.44 -7.37
N GLN W 60 33.46 10.74 -8.50
CA GLN W 60 34.11 11.21 -9.72
C GLN W 60 33.41 12.40 -10.33
N THR W 61 32.08 12.49 -10.20
CA THR W 61 31.35 13.65 -10.69
C THR W 61 31.73 14.92 -9.94
N VAL W 62 31.71 14.86 -8.60
CA VAL W 62 32.03 16.02 -7.79
C VAL W 62 33.51 16.38 -7.95
N ALA W 63 34.39 15.39 -8.10
CA ALA W 63 35.79 15.73 -8.33
C ALA W 63 36.04 16.37 -9.69
N GLN W 64 35.27 16.00 -10.72
CA GLN W 64 35.45 16.67 -12.01
C GLN W 64 34.90 18.09 -12.00
N ARG W 65 33.71 18.30 -11.44
CA ARG W 65 33.17 19.67 -11.38
C ARG W 65 33.96 20.55 -10.42
N LEU W 66 34.50 19.97 -9.35
CA LEU W 66 35.32 20.73 -8.42
C LEU W 66 36.64 21.14 -9.06
N LYS W 67 37.24 20.26 -9.87
CA LYS W 67 38.45 20.65 -10.57
C LYS W 67 38.17 21.69 -11.63
N PHE W 68 36.99 21.60 -12.28
CA PHE W 68 36.57 22.63 -13.24
C PHE W 68 36.43 24.00 -12.59
N ARG W 69 35.79 24.07 -11.43
CA ARG W 69 35.63 25.36 -10.79
C ARG W 69 36.94 25.85 -10.16
N LEU W 70 37.76 24.92 -9.63
CA LEU W 70 38.97 25.32 -8.93
C LEU W 70 40.04 25.80 -9.89
N ASN W 71 40.13 25.21 -11.08
CA ASN W 71 41.11 25.71 -12.05
C ASN W 71 40.77 27.10 -12.53
N LEU W 72 39.47 27.40 -12.69
CA LEU W 72 39.07 28.76 -13.02
C LEU W 72 39.38 29.73 -11.90
N TYR W 73 39.15 29.31 -10.64
CA TYR W 73 39.48 30.17 -9.51
C TYR W 73 40.98 30.45 -9.45
N GLU W 74 41.81 29.43 -9.63
CA GLU W 74 43.25 29.64 -9.52
C GLU W 74 43.84 30.34 -10.73
N LEU W 75 43.20 30.27 -11.90
CA LEU W 75 43.71 31.04 -13.03
C LEU W 75 43.26 32.48 -12.96
N LYS W 76 42.02 32.74 -12.57
CA LYS W 76 41.52 34.10 -12.50
C LYS W 76 42.10 34.82 -11.29
N GLU W 77 42.37 34.10 -10.21
CA GLU W 77 42.81 34.67 -8.95
C GLU W 77 44.32 34.84 -8.92
N GLY W 78 45.07 33.89 -9.46
CA GLY W 78 46.52 33.97 -9.43
C GLY W 78 47.17 33.50 -8.15
N ARG W 79 46.56 32.55 -7.45
CA ARG W 79 47.16 32.00 -6.24
C ARG W 79 46.60 30.61 -5.99
N GLN W 80 47.25 29.89 -5.08
CA GLN W 80 46.74 28.61 -4.62
C GLN W 80 45.64 28.84 -3.58
N ILE W 81 44.68 27.93 -3.54
CA ILE W 81 43.51 28.11 -2.69
C ILE W 81 43.84 27.76 -1.25
N LYS W 82 43.34 28.56 -0.32
CA LYS W 82 43.40 28.23 1.09
C LYS W 82 42.32 27.20 1.42
N PRO W 83 42.57 26.30 2.38
CA PRO W 83 41.67 25.15 2.57
C PRO W 83 40.26 25.50 3.04
N TYR W 84 40.12 26.56 3.84
CA TYR W 84 38.79 27.01 4.27
C TYR W 84 37.95 27.46 3.09
N THR W 85 38.58 28.12 2.12
CA THR W 85 37.90 28.53 0.91
C THR W 85 37.50 27.31 0.08
N LEU W 86 38.32 26.26 0.12
CA LEU W 86 37.97 25.03 -0.57
C LEU W 86 36.81 24.34 0.13
N MET W 87 36.75 24.42 1.46
CA MET W 87 35.61 23.86 2.20
C MET W 87 34.32 24.58 1.85
N SER W 88 34.38 25.91 1.72
CA SER W 88 33.17 26.65 1.37
C SER W 88 32.78 26.44 -0.09
N MET W 89 33.75 26.26 -0.97
CA MET W 89 33.43 25.96 -2.37
C MET W 89 32.78 24.60 -2.50
N VAL W 90 33.30 23.59 -1.77
CA VAL W 90 32.72 22.26 -1.82
C VAL W 90 31.32 22.25 -1.21
N ALA W 91 31.13 22.98 -0.10
CA ALA W 91 29.80 23.04 0.50
C ALA W 91 28.81 23.78 -0.38
N ASN W 92 29.26 24.81 -1.09
CA ASN W 92 28.43 25.49 -2.07
C ASN W 92 28.03 24.55 -3.20
N LEU W 93 29.00 23.80 -3.72
CA LEU W 93 28.75 22.90 -4.85
C LEU W 93 27.80 21.78 -4.46
N LEU W 94 27.93 21.26 -3.24
CA LEU W 94 27.01 20.21 -2.81
C LEU W 94 25.63 20.77 -2.48
N TYR W 95 25.55 21.98 -1.92
CA TYR W 95 24.25 22.54 -1.57
C TYR W 95 23.49 23.02 -2.79
N GLU W 96 24.16 23.26 -3.92
CA GLU W 96 23.42 23.59 -5.15
C GLU W 96 22.53 22.44 -5.59
N LYS W 97 22.93 21.21 -5.34
CA LYS W 97 22.04 20.04 -5.36
C LYS W 97 21.53 19.72 -3.97
N ARG W 98 20.80 20.63 -3.32
CA ARG W 98 20.26 20.34 -2.00
C ARG W 98 19.23 19.22 -2.05
N PHE W 99 18.21 19.37 -2.89
CA PHE W 99 17.15 18.38 -2.98
C PHE W 99 17.43 17.32 -4.03
N GLY W 100 18.63 17.34 -4.61
CA GLY W 100 19.04 16.34 -5.57
C GLY W 100 20.40 15.75 -5.24
N PRO W 101 20.65 15.40 -3.97
CA PRO W 101 22.01 15.46 -3.42
C PRO W 101 22.98 14.45 -4.01
N TYR W 102 24.22 14.89 -4.16
CA TYR W 102 25.31 13.97 -4.44
C TYR W 102 25.52 13.06 -3.24
N TYR W 103 25.82 11.81 -3.50
CA TYR W 103 25.99 10.84 -2.44
C TYR W 103 27.47 10.66 -2.10
N THR W 104 28.07 11.76 -1.66
CA THR W 104 29.46 11.76 -1.21
C THR W 104 29.63 12.71 -0.04
N GLU W 105 30.43 12.27 0.94
CA GLU W 105 30.74 13.06 2.14
C GLU W 105 32.23 13.32 2.10
N PRO W 106 32.66 14.43 1.50
CA PRO W 106 34.08 14.68 1.35
C PRO W 106 34.73 15.09 2.66
N VAL W 107 35.98 14.69 2.81
CA VAL W 107 36.84 15.23 3.86
C VAL W 107 37.96 15.99 3.17
N ILE W 108 38.48 16.99 3.86
CA ILE W 108 39.52 17.85 3.33
C ILE W 108 40.66 17.88 4.34
N ALA W 109 41.86 17.57 3.88
CA ALA W 109 43.02 17.56 4.75
C ALA W 109 44.19 18.18 4.02
N GLY W 110 44.74 19.25 4.56
CA GLY W 110 45.83 19.91 3.89
C GLY W 110 46.53 20.90 4.79
N LEU W 111 47.45 21.66 4.19
CA LEU W 111 48.17 22.70 4.88
C LEU W 111 47.93 24.04 4.19
N ASP W 112 47.77 25.08 5.01
CA ASP W 112 47.67 26.46 4.58
C ASP W 112 48.93 26.84 3.81
N PRO W 113 48.84 27.31 2.56
CA PRO W 113 50.06 27.56 1.78
C PRO W 113 50.92 28.73 2.29
N LYS W 114 50.42 29.58 3.19
CA LYS W 114 51.23 30.66 3.72
C LYS W 114 51.62 30.47 5.18
N THR W 115 50.66 30.15 6.04
CA THR W 115 50.88 30.06 7.47
C THR W 115 51.22 28.64 7.91
N PHE W 116 50.85 27.64 7.11
CA PHE W 116 51.13 26.21 7.32
C PHE W 116 50.51 25.70 8.62
N LYS W 117 49.36 26.26 8.97
CA LYS W 117 48.54 25.69 10.02
C LYS W 117 47.86 24.42 9.49
N PRO W 118 47.78 23.36 10.29
CA PRO W 118 47.04 22.17 9.85
C PRO W 118 45.54 22.43 9.82
N PHE W 119 44.88 21.91 8.79
CA PHE W 119 43.44 22.04 8.68
C PHE W 119 42.82 20.69 8.31
N ILE W 120 41.83 20.28 9.11
CA ILE W 120 41.06 19.07 8.90
C ILE W 120 39.59 19.43 9.03
N CYS W 121 38.78 18.90 8.10
CA CYS W 121 37.34 19.07 8.18
C CYS W 121 36.69 17.96 7.37
N SER W 122 35.39 17.82 7.57
CA SER W 122 34.57 16.95 6.74
C SER W 122 33.26 17.65 6.48
N LEU W 123 32.39 16.99 5.73
CA LEU W 123 31.07 17.49 5.47
C LEU W 123 30.08 16.34 5.55
N ASP W 124 28.80 16.68 5.64
CA ASP W 124 27.77 15.71 5.36
C ASP W 124 27.53 15.65 3.86
N LEU W 125 26.55 14.86 3.44
CA LEU W 125 26.29 14.72 2.01
C LEU W 125 25.51 15.89 1.42
N ILE W 126 25.14 16.89 2.22
CA ILE W 126 24.41 18.05 1.73
C ILE W 126 25.09 19.36 2.05
N GLY W 127 26.21 19.36 2.77
CA GLY W 127 27.00 20.57 2.91
C GLY W 127 27.03 21.27 4.26
N CYS W 128 27.16 20.53 5.37
CA CYS W 128 27.40 21.15 6.66
C CYS W 128 28.90 21.11 6.96
N PRO W 129 29.58 22.26 7.07
CA PRO W 129 31.02 22.24 7.35
C PRO W 129 31.29 21.96 8.83
N MET W 130 32.15 20.97 9.08
CA MET W 130 32.44 20.50 10.42
C MET W 130 33.95 20.53 10.62
N VAL W 131 34.46 21.62 11.16
CA VAL W 131 35.89 21.78 11.38
C VAL W 131 36.22 21.21 12.76
N THR W 132 37.03 20.15 12.78
CA THR W 132 37.45 19.53 14.01
C THR W 132 38.96 19.65 14.15
N ASP W 133 39.43 19.52 15.38
CA ASP W 133 40.84 19.69 15.70
C ASP W 133 41.58 18.38 15.84
N ASP W 134 40.88 17.25 15.79
CA ASP W 134 41.52 15.95 16.01
C ASP W 134 41.48 15.06 14.77
N PHE W 135 40.31 14.76 14.24
CA PHE W 135 40.15 13.84 13.12
C PHE W 135 38.73 13.95 12.59
N VAL W 136 38.55 13.53 11.34
CA VAL W 136 37.23 13.25 10.79
C VAL W 136 37.33 11.95 10.00
N VAL W 137 36.22 11.21 9.98
CA VAL W 137 36.14 9.94 9.27
C VAL W 137 34.88 9.97 8.42
N SER W 138 34.88 9.17 7.36
CA SER W 138 33.77 9.20 6.41
C SER W 138 33.68 7.89 5.65
N GLY W 139 32.48 7.35 5.54
CA GLY W 139 32.23 6.13 4.82
C GLY W 139 31.34 5.22 5.62
N THR W 140 31.23 3.98 5.15
CA THR W 140 30.33 2.99 5.75
C THR W 140 30.87 2.39 7.04
N CYS W 141 32.11 2.67 7.40
CA CYS W 141 32.67 2.11 8.63
C CYS W 141 32.95 3.23 9.62
N ALA W 142 31.99 4.13 9.78
CA ALA W 142 32.16 5.32 10.61
C ALA W 142 32.35 4.95 12.08
N GLU W 143 31.50 4.05 12.61
CA GLU W 143 31.61 3.63 14.01
C GLU W 143 32.93 2.92 14.29
N GLN W 144 33.36 2.07 13.35
CA GLN W 144 34.62 1.35 13.47
C GLN W 144 35.79 2.31 13.51
N MET W 145 35.66 3.43 12.80
CA MET W 145 36.74 4.40 12.75
C MET W 145 36.76 5.30 13.97
N TYR W 146 35.59 5.74 14.47
CA TYR W 146 35.56 6.56 15.67
C TYR W 146 36.04 5.79 16.89
N GLY W 147 35.76 4.48 16.94
CA GLY W 147 36.27 3.68 18.03
C GLY W 147 37.79 3.62 18.09
N MET W 148 38.42 3.55 16.92
CA MET W 148 39.88 3.57 16.87
C MET W 148 40.42 4.97 17.17
N CYS W 149 39.87 5.99 16.53
CA CYS W 149 40.46 7.31 16.58
C CYS W 149 40.17 8.07 17.86
N GLU W 150 39.16 7.70 18.64
CA GLU W 150 39.04 8.33 19.95
C GLU W 150 40.12 7.84 20.91
N SER W 151 40.58 6.61 20.75
CA SER W 151 41.55 6.03 21.67
C SER W 151 43.00 6.17 21.21
N LEU W 152 43.27 6.18 19.91
CA LEU W 152 44.64 6.22 19.44
C LEU W 152 45.15 7.62 19.16
N TRP W 153 44.26 8.59 18.93
CA TRP W 153 44.71 9.95 18.70
C TRP W 153 45.23 10.57 19.99
N GLU W 154 46.39 11.19 19.90
CA GLU W 154 46.95 12.02 20.94
C GLU W 154 47.39 13.34 20.32
N PRO W 155 47.25 14.45 21.03
CA PRO W 155 47.61 15.75 20.43
C PRO W 155 49.12 15.92 20.34
N ASN W 156 49.54 16.71 19.34
CA ASN W 156 50.92 17.13 19.11
C ASN W 156 51.84 15.94 18.85
N MET W 157 51.51 15.15 17.84
CA MET W 157 52.34 14.02 17.42
C MET W 157 53.22 14.39 16.23
N ASP W 158 54.39 13.75 16.17
CA ASP W 158 55.30 13.85 15.04
C ASP W 158 54.71 13.12 13.82
N PRO W 159 55.26 13.32 12.61
CA PRO W 159 54.74 12.58 11.44
C PRO W 159 54.82 11.05 11.54
N ASP W 160 55.77 10.52 12.31
CA ASP W 160 55.87 9.08 12.47
C ASP W 160 54.70 8.52 13.27
N HIS W 161 54.43 9.08 14.45
CA HIS W 161 53.29 8.61 15.24
C HIS W 161 51.96 8.97 14.59
N LEU W 162 51.92 10.06 13.81
CA LEU W 162 50.72 10.37 13.05
C LEU W 162 50.44 9.31 12.00
N PHE W 163 51.49 8.88 11.30
CA PHE W 163 51.40 7.78 10.35
C PHE W 163 50.97 6.48 11.01
N GLU W 164 51.57 6.15 12.16
CA GLU W 164 51.24 4.90 12.85
C GLU W 164 49.81 4.91 13.37
N THR W 165 49.35 6.05 13.87
CA THR W 165 48.01 6.12 14.43
C THR W 165 46.95 6.10 13.35
N ILE W 166 47.14 6.85 12.25
CA ILE W 166 46.16 6.80 11.17
C ILE W 166 46.20 5.45 10.46
N SER W 167 47.37 4.78 10.45
CA SER W 167 47.46 3.48 9.83
C SER W 167 46.70 2.42 10.63
N GLN W 168 46.91 2.38 11.95
CA GLN W 168 46.18 1.42 12.77
C GLN W 168 44.69 1.74 12.81
N ALA W 169 44.35 3.04 12.83
CA ALA W 169 42.96 3.47 12.87
C ALA W 169 42.25 3.11 11.57
N MET W 170 42.95 3.14 10.44
CA MET W 170 42.36 2.62 9.21
C MET W 170 42.22 1.11 9.25
N LEU W 171 43.32 0.41 9.58
CA LEU W 171 43.39 -1.03 9.33
C LEU W 171 42.44 -1.81 10.22
N ASN W 172 42.43 -1.56 11.52
CA ASN W 172 41.54 -2.34 12.38
C ASN W 172 40.09 -1.94 12.20
N ALA W 173 39.82 -0.73 11.70
CA ALA W 173 38.44 -0.36 11.40
C ALA W 173 37.94 -1.06 10.14
N VAL W 174 38.74 -1.03 9.06
CA VAL W 174 38.28 -1.60 7.81
C VAL W 174 38.33 -3.12 7.81
N ASP W 175 39.04 -3.73 8.77
CA ASP W 175 38.95 -5.18 8.89
C ASP W 175 37.69 -5.66 9.59
N ARG W 176 36.85 -4.74 10.07
CA ARG W 176 35.53 -5.08 10.60
C ARG W 176 34.39 -4.61 9.71
N ASP W 177 34.69 -4.10 8.51
CA ASP W 177 33.68 -3.71 7.55
C ASP W 177 33.78 -4.64 6.35
N ALA W 178 32.67 -5.31 6.03
CA ALA W 178 32.68 -6.30 4.96
C ALA W 178 32.85 -5.65 3.59
N VAL W 179 32.11 -4.59 3.32
CA VAL W 179 32.04 -4.00 1.99
C VAL W 179 33.10 -2.93 1.77
N SER W 180 34.11 -2.86 2.64
CA SER W 180 35.22 -1.93 2.47
C SER W 180 36.52 -2.65 2.81
N GLY W 181 37.63 -2.05 2.39
CA GLY W 181 38.93 -2.62 2.67
C GLY W 181 39.76 -2.85 1.41
N MET W 182 40.28 -4.07 1.28
CA MET W 182 40.97 -4.56 0.07
C MET W 182 42.18 -3.72 -0.30
N GLY W 183 42.86 -3.13 0.69
CA GLY W 183 43.99 -2.26 0.43
C GLY W 183 43.70 -0.82 0.82
N VAL W 184 44.73 -0.10 1.24
CA VAL W 184 44.60 1.27 1.73
C VAL W 184 45.83 2.06 1.31
N ILE W 185 45.63 3.32 0.91
CA ILE W 185 46.71 4.25 0.62
C ILE W 185 46.76 5.28 1.73
N VAL W 186 47.97 5.74 2.07
CA VAL W 186 48.18 6.70 3.14
C VAL W 186 48.99 7.85 2.58
N HIS W 187 48.49 9.08 2.74
CA HIS W 187 49.19 10.28 2.32
C HIS W 187 49.57 11.09 3.56
N ILE W 188 50.85 11.37 3.71
CA ILE W 188 51.35 12.23 4.77
C ILE W 188 51.75 13.55 4.15
N ILE W 189 51.04 14.61 4.52
CA ILE W 189 51.27 15.96 4.00
C ILE W 189 52.12 16.70 5.03
N GLU W 190 53.30 17.18 4.60
CA GLU W 190 54.23 17.80 5.51
C GLU W 190 54.62 19.19 5.03
N LYS W 191 55.54 19.80 5.80
CA LYS W 191 56.07 21.13 5.48
C LYS W 191 56.84 21.12 4.17
N ASP W 192 57.73 20.15 3.98
CA ASP W 192 58.58 20.11 2.80
C ASP W 192 58.20 19.06 1.77
N LYS W 193 57.33 18.11 2.10
CA LYS W 193 57.15 16.98 1.19
C LYS W 193 55.80 16.32 1.41
N ILE W 194 55.44 15.47 0.44
CA ILE W 194 54.27 14.59 0.51
C ILE W 194 54.78 13.16 0.51
N THR W 195 54.31 12.36 1.46
CA THR W 195 54.70 10.95 1.54
C THR W 195 53.50 10.09 1.17
N THR W 196 53.65 9.26 0.15
CA THR W 196 52.58 8.42 -0.37
C THR W 196 52.92 6.96 -0.09
N ARG W 197 52.11 6.30 0.73
CA ARG W 197 52.36 4.92 1.13
C ARG W 197 51.11 4.08 0.98
N THR W 198 51.30 2.79 0.73
CA THR W 198 50.25 1.78 0.85
C THR W 198 50.64 0.77 1.91
N LEU W 199 49.64 0.13 2.49
CA LEU W 199 49.83 -0.73 3.64
C LEU W 199 49.50 -2.19 3.33
N LYS W 200 50.07 -3.08 4.15
CA LYS W 200 49.63 -4.46 4.23
C LYS W 200 48.26 -4.52 4.90
N ALA W 201 47.26 -5.02 4.19
CA ALA W 201 45.90 -5.11 4.71
C ALA W 201 45.29 -6.44 4.29
N ARG W 202 44.20 -6.80 4.98
CA ARG W 202 43.46 -8.00 4.62
C ARG W 202 42.77 -7.83 3.28
N MET W 203 42.76 -8.89 2.48
CA MET W 203 42.24 -8.87 1.13
C MET W 203 41.02 -9.77 1.00
N ASP W 204 40.17 -9.79 2.01
CA ASP W 204 38.97 -10.65 1.97
C ASP W 204 37.68 -9.89 2.20
N MET X 1 20.04 -12.47 -19.68
CA MET X 1 21.02 -11.45 -19.30
C MET X 1 22.26 -11.57 -20.18
N GLU X 2 22.76 -10.43 -20.64
CA GLU X 2 23.83 -10.42 -21.61
C GLU X 2 25.20 -10.44 -20.91
N TYR X 3 26.19 -10.96 -21.62
CA TYR X 3 27.50 -11.24 -21.05
C TYR X 3 28.58 -10.44 -21.76
N LEU X 4 29.56 -9.98 -21.00
CA LEU X 4 30.72 -9.24 -21.50
C LEU X 4 31.97 -9.76 -20.82
N ILE X 5 33.10 -9.69 -21.51
CA ILE X 5 34.39 -10.01 -20.92
C ILE X 5 35.49 -9.30 -21.72
N GLY X 6 36.47 -8.76 -21.00
CA GLY X 6 37.61 -8.13 -21.63
C GLY X 6 38.89 -8.33 -20.84
N ILE X 7 40.01 -8.55 -21.54
CA ILE X 7 41.30 -8.79 -20.90
C ILE X 7 42.32 -7.81 -21.47
N GLN X 8 42.96 -7.04 -20.60
CA GLN X 8 43.97 -6.06 -20.99
C GLN X 8 45.35 -6.67 -20.79
N GLY X 9 46.13 -6.75 -21.87
CA GLY X 9 47.46 -7.33 -21.82
C GLY X 9 48.55 -6.28 -21.82
N PRO X 10 49.79 -6.71 -22.12
CA PRO X 10 50.90 -5.75 -22.18
C PRO X 10 50.79 -4.74 -23.31
N ASP X 11 50.50 -5.19 -24.52
CA ASP X 11 50.34 -4.27 -25.65
C ASP X 11 49.10 -4.61 -26.47
N TYR X 12 48.10 -5.22 -25.85
CA TYR X 12 46.87 -5.58 -26.52
C TYR X 12 45.75 -5.62 -25.51
N VAL X 13 44.53 -5.52 -26.01
CA VAL X 13 43.33 -5.80 -25.23
C VAL X 13 42.50 -6.83 -25.99
N LEU X 14 42.07 -7.87 -25.28
CA LEU X 14 41.23 -8.90 -25.85
C LEU X 14 39.84 -8.80 -25.22
N VAL X 15 38.83 -8.59 -26.05
CA VAL X 15 37.46 -8.51 -25.58
C VAL X 15 36.61 -9.56 -26.26
N ALA X 16 35.55 -9.97 -25.58
CA ALA X 16 34.60 -10.91 -26.15
C ALA X 16 33.22 -10.62 -25.58
N SER X 17 32.21 -11.00 -26.33
CA SER X 17 30.83 -10.74 -25.95
C SER X 17 29.97 -11.89 -26.44
N ASP X 18 28.84 -12.11 -25.75
CA ASP X 18 27.91 -13.11 -26.22
C ASP X 18 27.16 -12.60 -27.45
N ARG X 19 26.66 -13.53 -28.25
CA ARG X 19 26.13 -13.22 -29.57
C ARG X 19 24.64 -13.52 -29.61
N VAL X 20 23.94 -13.31 -28.49
CA VAL X 20 22.55 -13.70 -28.31
C VAL X 20 21.72 -12.45 -28.03
N ALA X 21 20.55 -12.35 -28.67
CA ALA X 21 19.53 -11.37 -28.30
C ALA X 21 18.25 -12.12 -27.95
N ALA X 22 17.77 -11.94 -26.73
CA ALA X 22 16.67 -12.74 -26.19
C ALA X 22 15.40 -11.91 -26.06
N SER X 23 14.26 -12.62 -26.00
CA SER X 23 12.97 -11.97 -25.75
C SER X 23 12.14 -12.91 -24.87
N ASN X 24 12.42 -12.88 -23.58
CA ASN X 24 11.69 -13.25 -22.37
C ASN X 24 11.47 -14.75 -22.08
N ILE X 25 11.47 -15.62 -23.10
CA ILE X 25 11.77 -17.04 -22.92
C ILE X 25 12.61 -17.55 -24.10
N VAL X 26 12.63 -16.80 -25.20
CA VAL X 26 13.27 -17.22 -26.44
C VAL X 26 14.32 -16.20 -26.85
N GLN X 27 15.33 -16.68 -27.58
CA GLN X 27 16.31 -15.82 -28.20
C GLN X 27 15.89 -15.49 -29.63
N MET X 28 15.99 -14.22 -30.00
CA MET X 28 15.53 -13.77 -31.31
C MET X 28 16.65 -13.46 -32.28
N LYS X 29 17.91 -13.50 -31.84
CA LYS X 29 19.04 -13.28 -32.72
C LYS X 29 20.23 -14.05 -32.19
N ASP X 30 20.86 -14.84 -33.06
CA ASP X 30 22.02 -15.64 -32.70
C ASP X 30 23.28 -15.19 -33.42
N ASP X 31 23.23 -14.06 -34.12
CA ASP X 31 24.41 -13.39 -34.65
C ASP X 31 24.42 -11.91 -34.24
N HIS X 32 24.15 -11.65 -32.96
CA HIS X 32 24.01 -10.29 -32.47
C HIS X 32 25.37 -9.69 -32.13
N ASP X 33 25.66 -8.53 -32.72
CA ASP X 33 26.95 -7.87 -32.54
C ASP X 33 26.78 -6.74 -31.53
N LYS X 34 27.44 -6.89 -30.38
CA LYS X 34 27.42 -5.88 -29.33
C LYS X 34 28.66 -5.01 -29.37
N MET X 35 29.56 -5.25 -30.31
CA MET X 35 30.76 -4.46 -30.46
C MET X 35 30.52 -3.43 -31.55
N PHE X 36 30.58 -2.16 -31.17
CA PHE X 36 30.40 -1.05 -32.10
C PHE X 36 31.74 -0.37 -32.27
N LYS X 37 32.14 -0.16 -33.51
CA LYS X 37 33.43 0.48 -33.78
C LYS X 37 33.29 1.98 -33.53
N MET X 38 34.07 2.49 -32.58
CA MET X 38 34.12 3.91 -32.30
C MET X 38 35.05 4.63 -33.28
N SER X 39 36.25 4.11 -33.43
CA SER X 39 37.25 4.61 -34.35
C SER X 39 38.24 3.48 -34.62
N GLU X 40 39.42 3.83 -35.13
CA GLU X 40 40.37 2.82 -35.58
C GLU X 40 41.02 2.07 -34.42
N LYS X 41 41.03 2.64 -33.22
CA LYS X 41 41.74 2.04 -32.10
C LYS X 41 40.88 1.83 -30.86
N ILE X 42 39.56 1.88 -30.97
CA ILE X 42 38.69 1.90 -29.81
C ILE X 42 37.37 1.20 -30.11
N LEU X 43 36.99 0.26 -29.26
CA LEU X 43 35.67 -0.36 -29.29
C LEU X 43 34.95 -0.08 -27.98
N LEU X 44 33.62 0.03 -28.05
CA LEU X 44 32.78 0.12 -26.87
C LEU X 44 31.83 -1.07 -26.86
N LEU X 45 31.94 -1.88 -25.82
CA LEU X 45 31.07 -3.04 -25.62
C LEU X 45 29.84 -2.54 -24.88
N CYS X 46 28.66 -2.90 -25.36
CA CYS X 46 27.43 -2.28 -24.89
CA CYS X 46 27.42 -2.28 -24.89
C CYS X 46 26.38 -3.34 -24.60
N VAL X 47 25.96 -3.43 -23.33
CA VAL X 47 24.87 -4.30 -22.90
C VAL X 47 24.00 -3.54 -21.91
N GLY X 48 22.83 -4.11 -21.60
CA GLY X 48 21.94 -3.50 -20.64
C GLY X 48 20.48 -3.52 -21.04
N GLU X 49 19.74 -2.50 -20.61
CA GLU X 49 18.34 -2.37 -21.01
C GLU X 49 18.24 -2.03 -22.49
N ALA X 50 17.34 -2.73 -23.19
CA ALA X 50 17.23 -2.61 -24.64
C ALA X 50 16.74 -1.23 -25.04
N GLY X 51 17.29 -0.73 -26.14
CA GLY X 51 16.95 0.60 -26.63
C GLY X 51 17.83 1.69 -26.13
N ASP X 52 18.05 1.72 -24.81
CA ASP X 52 19.00 2.65 -24.21
C ASP X 52 20.41 2.40 -24.73
N THR X 53 20.74 1.12 -24.95
CA THR X 53 22.08 0.71 -25.34
C THR X 53 22.47 1.26 -26.70
N VAL X 54 21.64 1.00 -27.72
CA VAL X 54 22.01 1.34 -29.10
C VAL X 54 21.93 2.85 -29.31
N GLN X 55 20.94 3.50 -28.71
CA GLN X 55 20.82 4.96 -28.81
C GLN X 55 21.99 5.67 -28.15
N PHE X 56 22.39 5.21 -26.96
CA PHE X 56 23.52 5.82 -26.27
C PHE X 56 24.82 5.55 -27.00
N ALA X 57 25.01 4.31 -27.49
CA ALA X 57 26.23 3.95 -28.18
C ALA X 57 26.38 4.71 -29.49
N GLU X 58 25.30 4.85 -30.26
CA GLU X 58 25.38 5.60 -31.50
C GLU X 58 25.53 7.09 -31.25
N TYR X 59 24.94 7.61 -30.17
CA TYR X 59 25.11 9.03 -29.86
C TYR X 59 26.55 9.34 -29.47
N ILE X 60 27.20 8.45 -28.71
CA ILE X 60 28.62 8.62 -28.44
C ILE X 60 29.43 8.46 -29.72
N GLN X 61 29.04 7.50 -30.57
CA GLN X 61 29.81 7.16 -31.75
C GLN X 61 29.86 8.29 -32.77
N LYS X 62 28.76 9.00 -32.94
CA LYS X 62 28.78 10.09 -33.91
C LYS X 62 29.53 11.29 -33.37
N ASN X 63 29.57 11.48 -32.04
CA ASN X 63 30.41 12.55 -31.50
C ASN X 63 31.89 12.21 -31.58
N VAL X 64 32.27 10.93 -31.45
CA VAL X 64 33.68 10.57 -31.62
C VAL X 64 34.10 10.76 -33.08
N GLN X 65 33.25 10.30 -34.02
CA GLN X 65 33.53 10.50 -35.44
C GLN X 65 33.52 11.98 -35.80
N LEU X 66 32.64 12.76 -35.14
CA LEU X 66 32.58 14.20 -35.38
C LEU X 66 33.81 14.92 -34.87
N TYR X 67 34.35 14.49 -33.72
CA TYR X 67 35.62 15.01 -33.25
C TYR X 67 36.73 14.72 -34.25
N LYS X 68 36.73 13.52 -34.81
CA LYS X 68 37.73 13.18 -35.83
C LYS X 68 37.57 14.05 -37.07
N MET X 69 36.33 14.42 -37.41
CA MET X 69 36.12 15.29 -38.56
C MET X 69 36.57 16.71 -38.27
N ARG X 70 36.27 17.21 -37.07
CA ARG X 70 36.62 18.59 -36.72
C ARG X 70 38.12 18.76 -36.56
N ASN X 71 38.82 17.73 -36.12
CA ASN X 71 40.21 17.88 -35.72
C ASN X 71 41.20 17.13 -36.59
N GLY X 72 40.80 16.09 -37.31
CA GLY X 72 41.73 15.37 -38.13
C GLY X 72 42.50 14.30 -37.40
N TYR X 73 42.14 14.00 -36.15
CA TYR X 73 42.79 12.93 -35.40
C TYR X 73 41.77 12.35 -34.42
N GLU X 74 42.17 11.27 -33.78
CA GLU X 74 41.25 10.48 -32.97
C GLU X 74 41.29 10.93 -31.52
N LEU X 75 40.20 10.65 -30.81
CA LEU X 75 40.21 10.75 -29.36
C LEU X 75 41.14 9.70 -28.77
N SER X 76 41.84 10.08 -27.70
CA SER X 76 42.48 9.08 -26.88
C SER X 76 41.40 8.28 -26.15
N PRO X 77 41.68 7.01 -25.83
CA PRO X 77 40.69 6.21 -25.08
C PRO X 77 40.37 6.77 -23.70
N THR X 78 41.31 7.46 -23.06
CA THR X 78 41.01 8.16 -21.82
C THR X 78 39.99 9.26 -22.05
N ALA X 79 40.17 10.04 -23.12
CA ALA X 79 39.28 11.15 -23.38
C ALA X 79 37.91 10.68 -23.82
N ALA X 80 37.86 9.64 -24.65
CA ALA X 80 36.56 9.12 -25.08
C ALA X 80 35.85 8.39 -23.94
N ALA X 81 36.60 7.74 -23.04
CA ALA X 81 35.97 7.06 -21.92
C ALA X 81 35.42 8.05 -20.92
N ASN X 82 36.14 9.14 -20.67
CA ASN X 82 35.62 10.19 -19.80
C ASN X 82 34.46 10.94 -20.45
N PHE X 83 34.47 11.04 -21.78
CA PHE X 83 33.35 11.64 -22.50
C PHE X 83 32.09 10.80 -22.40
N THR X 84 32.24 9.49 -22.57
CA THR X 84 31.12 8.56 -22.41
C THR X 84 30.63 8.55 -20.97
N ARG X 85 31.56 8.64 -20.00
CA ARG X 85 31.18 8.70 -18.60
C ARG X 85 30.42 9.97 -18.29
N ARG X 86 30.84 11.10 -18.86
CA ARG X 86 30.15 12.36 -18.62
C ARG X 86 28.75 12.35 -19.22
N ASN X 87 28.62 11.78 -20.41
CA ASN X 87 27.31 11.75 -21.06
C ASN X 87 26.36 10.76 -20.39
N LEU X 88 26.90 9.67 -19.85
CA LEU X 88 26.06 8.75 -19.08
C LEU X 88 25.71 9.35 -17.72
N ALA X 89 26.62 10.15 -17.15
CA ALA X 89 26.38 10.74 -15.84
C ALA X 89 25.38 11.89 -15.89
N ASP X 90 25.36 12.67 -16.97
CA ASP X 90 24.35 13.71 -17.08
C ASP X 90 23.00 13.11 -17.50
N LEU X 92 21.48 10.35 -15.82
CA LEU X 92 21.39 9.55 -14.60
C LEU X 92 20.29 10.08 -13.69
N ARG X 93 20.50 11.27 -13.14
CA ARG X 93 19.47 11.95 -12.36
C ARG X 93 18.54 12.79 -13.23
N SER X 94 18.75 12.80 -14.54
CA SER X 94 18.00 13.66 -15.43
C SER X 94 16.70 12.97 -15.86
N ARG X 95 15.97 13.61 -16.78
CA ARG X 95 14.77 12.99 -17.33
C ARG X 95 15.09 11.84 -18.28
N THR X 96 16.35 11.73 -18.73
CA THR X 96 16.80 10.68 -19.63
C THR X 96 17.85 9.81 -18.95
N PRO X 97 17.44 8.86 -18.10
CA PRO X 97 18.41 7.91 -17.57
C PRO X 97 18.68 6.80 -18.57
N TYR X 98 19.93 6.39 -18.65
CA TYR X 98 20.35 5.32 -19.56
C TYR X 98 20.88 4.17 -18.73
N HIS X 99 20.09 3.11 -18.59
CA HIS X 99 20.46 1.92 -17.84
CA HIS X 99 20.48 1.93 -17.83
C HIS X 99 21.26 1.03 -18.78
N VAL X 100 22.55 1.34 -18.94
CA VAL X 100 23.45 0.65 -19.86
C VAL X 100 24.66 0.18 -19.08
N ASN X 101 25.19 -0.99 -19.46
CA ASN X 101 26.42 -1.51 -18.87
C ASN X 101 27.49 -1.57 -19.95
N LEU X 102 28.68 -1.05 -19.65
CA LEU X 102 29.66 -0.74 -20.68
C LEU X 102 31.04 -1.25 -20.34
N LEU X 103 31.72 -1.78 -21.36
CA LEU X 103 33.16 -1.90 -21.38
C LEU X 103 33.71 -1.16 -22.58
N LEU X 104 34.82 -0.46 -22.39
CA LEU X 104 35.51 0.22 -23.46
C LEU X 104 36.93 -0.29 -23.51
N ALA X 105 37.37 -0.69 -24.70
CA ALA X 105 38.75 -1.10 -24.93
C ALA X 105 39.36 -0.17 -25.95
N GLY X 106 40.57 0.30 -25.67
CA GLY X 106 41.23 1.23 -26.57
C GLY X 106 42.73 1.08 -26.51
N TYR X 107 43.38 1.48 -27.60
CA TYR X 107 44.83 1.50 -27.68
C TYR X 107 45.28 2.90 -28.03
N ASP X 108 46.21 3.44 -27.25
CA ASP X 108 46.80 4.73 -27.50
C ASP X 108 48.24 4.57 -27.93
N GLU X 109 48.73 5.50 -28.74
CA GLU X 109 50.14 5.53 -29.12
C GLU X 109 51.02 5.70 -27.89
N HIS X 110 50.64 6.61 -27.00
CA HIS X 110 51.50 7.03 -25.91
C HIS X 110 51.28 6.24 -24.62
N GLU X 111 50.04 5.84 -24.32
CA GLU X 111 49.75 5.10 -23.10
C GLU X 111 49.56 3.61 -23.31
N GLY X 112 49.38 3.16 -24.55
CA GLY X 112 49.23 1.74 -24.81
C GLY X 112 47.81 1.26 -24.67
N PRO X 113 47.65 -0.01 -24.32
CA PRO X 113 46.30 -0.59 -24.23
C PRO X 113 45.55 -0.11 -23.00
N ALA X 114 44.27 0.18 -23.18
CA ALA X 114 43.45 0.71 -22.10
C ALA X 114 42.09 0.02 -22.10
N LEU X 115 41.65 -0.40 -20.92
CA LEU X 115 40.37 -1.08 -20.74
C LEU X 115 39.63 -0.39 -19.61
N TYR X 116 38.36 -0.06 -19.84
CA TYR X 116 37.58 0.70 -18.86
C TYR X 116 36.27 -0.01 -18.55
N TYR X 117 35.99 -0.15 -17.26
CA TYR X 117 34.76 -0.76 -16.76
C TYR X 117 33.80 0.35 -16.39
N MET X 118 32.51 0.14 -16.63
CA MET X 118 31.52 1.15 -16.32
C MET X 118 30.17 0.49 -16.10
N ASP X 119 29.50 0.84 -15.02
CA ASP X 119 28.17 0.33 -14.73
C ASP X 119 27.13 1.35 -15.17
N TYR X 120 25.87 1.11 -14.78
CA TYR X 120 24.80 2.03 -15.14
C TYR X 120 24.81 3.29 -14.27
N LEU X 121 25.59 3.30 -13.19
CA LEU X 121 25.82 4.52 -12.44
C LEU X 121 26.85 5.43 -13.11
N ALA X 122 27.53 4.95 -14.15
CA ALA X 122 28.69 5.58 -14.80
C ALA X 122 29.87 5.73 -13.84
N ALA X 123 30.05 4.76 -12.95
CA ALA X 123 31.28 4.67 -12.19
C ALA X 123 32.38 4.12 -13.09
N LEU X 124 33.43 4.91 -13.30
CA LEU X 124 34.50 4.57 -14.24
C LEU X 124 35.68 4.00 -13.48
N ALA X 125 36.04 2.75 -13.77
CA ALA X 125 37.14 2.07 -13.12
C ALA X 125 38.00 1.38 -14.16
N LYS X 126 39.27 1.76 -14.22
CA LYS X 126 40.21 1.10 -15.11
C LYS X 126 40.72 -0.17 -14.44
N ALA X 127 40.72 -1.27 -15.18
CA ALA X 127 40.99 -2.59 -14.64
C ALA X 127 41.84 -3.39 -15.61
N PRO X 128 42.65 -4.34 -15.12
CA PRO X 128 43.37 -5.23 -16.05
C PRO X 128 42.48 -6.25 -16.72
N PHE X 129 41.30 -6.52 -16.18
CA PHE X 129 40.30 -7.40 -16.79
C PHE X 129 38.96 -7.11 -16.13
N ALA X 130 37.89 -7.30 -16.90
CA ALA X 130 36.56 -6.95 -16.41
C ALA X 130 35.53 -7.78 -17.16
N ALA X 131 34.33 -7.84 -16.58
CA ALA X 131 33.24 -8.66 -17.11
C ALA X 131 31.92 -8.19 -16.52
N HIS X 132 30.86 -8.28 -17.33
CA HIS X 132 29.51 -7.95 -16.91
C HIS X 132 28.60 -9.18 -16.93
N GLY X 133 27.37 -8.97 -16.47
CA GLY X 133 26.37 -10.01 -16.46
C GLY X 133 26.41 -10.84 -15.20
N TYR X 134 25.45 -11.78 -15.10
CA TYR X 134 25.54 -12.79 -14.06
C TYR X 134 26.64 -13.79 -14.36
N GLY X 135 27.03 -13.92 -15.64
CA GLY X 135 28.16 -14.78 -16.00
C GLY X 135 29.50 -14.26 -15.55
N ALA X 136 29.60 -12.98 -15.19
CA ALA X 136 30.83 -12.42 -14.64
C ALA X 136 31.13 -13.02 -13.28
N PHE X 137 30.09 -13.32 -12.50
CA PHE X 137 30.25 -13.87 -11.16
C PHE X 137 30.86 -15.27 -11.19
N LEU X 138 30.74 -15.96 -12.32
CA LEU X 138 31.24 -17.31 -12.51
C LEU X 138 32.64 -17.37 -13.12
N THR X 139 33.15 -16.28 -13.69
CA THR X 139 34.42 -16.32 -14.40
C THR X 139 35.45 -15.30 -13.96
N LEU X 140 35.07 -14.27 -13.18
CA LEU X 140 36.09 -13.42 -12.58
C LEU X 140 36.93 -14.18 -11.57
N SER X 141 36.44 -15.29 -11.03
CA SER X 141 37.27 -16.14 -10.18
C SER X 141 38.37 -16.84 -10.98
N ILE X 142 38.06 -17.36 -12.18
CA ILE X 142 39.10 -17.97 -13.01
C ILE X 142 40.08 -16.90 -13.50
N LEU X 143 39.55 -15.71 -13.81
CA LEU X 143 40.42 -14.60 -14.18
C LEU X 143 41.30 -14.16 -13.01
N ASP X 144 40.81 -14.26 -11.78
CA ASP X 144 41.68 -14.03 -10.63
C ASP X 144 42.66 -15.16 -10.43
N ARG X 145 42.32 -16.38 -10.87
CA ARG X 145 43.21 -17.52 -10.70
C ARG X 145 44.42 -17.43 -11.63
N TYR X 146 44.17 -17.27 -12.94
CA TYR X 146 45.26 -17.48 -13.89
C TYR X 146 45.87 -16.21 -14.48
N TYR X 147 45.26 -15.05 -14.32
CA TYR X 147 45.80 -13.87 -14.98
C TYR X 147 47.06 -13.37 -14.28
N THR X 148 48.09 -13.12 -15.07
CA THR X 148 49.31 -12.42 -14.74
C THR X 148 49.38 -11.20 -15.64
N PRO X 149 50.11 -10.14 -15.25
CA PRO X 149 50.17 -8.97 -16.13
C PRO X 149 50.89 -9.21 -17.44
N THR X 150 51.75 -10.23 -17.52
CA THR X 150 52.53 -10.48 -18.72
C THR X 150 51.97 -11.66 -19.53
N ILE X 151 50.65 -11.84 -19.53
CA ILE X 151 50.03 -12.85 -20.38
C ILE X 151 50.14 -12.47 -21.85
N SER X 152 50.74 -13.35 -22.64
CA SER X 152 50.70 -13.22 -24.09
C SER X 152 49.39 -13.76 -24.65
N ARG X 153 49.07 -13.34 -25.88
CA ARG X 153 47.70 -13.41 -26.39
C ARG X 153 47.19 -14.83 -26.59
N GLU X 154 48.09 -15.81 -26.75
CA GLU X 154 47.64 -17.20 -26.87
C GLU X 154 47.18 -17.75 -25.52
N ARG X 155 47.89 -17.40 -24.44
CA ARG X 155 47.37 -17.71 -23.11
C ARG X 155 46.11 -16.94 -22.82
N ALA X 156 45.95 -15.76 -23.43
CA ALA X 156 44.71 -15.00 -23.27
C ALA X 156 43.54 -15.70 -23.94
N VAL X 157 43.71 -16.23 -25.16
CA VAL X 157 42.60 -16.95 -25.79
C VAL X 157 42.37 -18.29 -25.09
N GLU X 158 43.40 -18.87 -24.49
CA GLU X 158 43.22 -20.11 -23.74
C GLU X 158 42.43 -19.86 -22.45
N LEU X 159 42.76 -18.79 -21.74
CA LEU X 159 42.03 -18.46 -20.52
C LEU X 159 40.61 -18.01 -20.83
N LEU X 160 40.42 -17.32 -21.96
CA LEU X 160 39.08 -16.99 -22.42
C LEU X 160 38.28 -18.24 -22.76
N ARG X 161 38.95 -19.25 -23.35
CA ARG X 161 38.27 -20.51 -23.65
C ARG X 161 37.89 -21.24 -22.37
N LYS X 162 38.74 -21.19 -21.33
CA LYS X 162 38.38 -21.75 -20.04
C LYS X 162 37.18 -21.02 -19.43
N CYS X 163 37.13 -19.69 -19.59
CA CYS X 163 36.02 -18.91 -19.06
C CYS X 163 34.71 -19.22 -19.78
N LEU X 164 34.75 -19.37 -21.10
CA LEU X 164 33.52 -19.67 -21.81
C LEU X 164 33.09 -21.12 -21.62
N GLU X 165 34.05 -22.03 -21.38
CA GLU X 165 33.65 -23.38 -20.98
C GLU X 165 33.04 -23.40 -19.58
N GLU X 166 33.44 -22.48 -18.71
CA GLU X 166 32.74 -22.35 -17.43
C GLU X 166 31.33 -21.83 -17.62
N LEU X 167 31.14 -20.89 -18.55
CA LEU X 167 29.78 -20.49 -18.94
C LEU X 167 28.98 -21.67 -19.49
N GLN X 168 29.60 -22.55 -20.26
CA GLN X 168 28.87 -23.68 -20.81
C GLN X 168 28.53 -24.72 -19.73
N LYS X 169 29.44 -24.96 -18.80
CA LYS X 169 29.20 -26.03 -17.83
C LYS X 169 28.28 -25.58 -16.70
N ARG X 170 28.50 -24.38 -16.16
CA ARG X 170 27.84 -24.02 -14.91
C ARG X 170 26.71 -23.00 -15.07
N PHE X 171 26.79 -22.10 -16.04
CA PHE X 171 25.84 -21.01 -16.14
C PHE X 171 24.55 -21.47 -16.80
N ILE X 172 23.42 -21.00 -16.25
CA ILE X 172 22.12 -21.59 -16.57
C ILE X 172 21.52 -21.04 -17.87
N LEU X 173 21.97 -19.90 -18.37
CA LEU X 173 21.45 -19.36 -19.61
C LEU X 173 22.22 -19.91 -20.80
N ASN X 174 21.50 -20.17 -21.89
CA ASN X 174 22.04 -20.84 -23.06
C ASN X 174 22.85 -19.80 -23.82
N LEU X 175 24.18 -19.87 -23.71
CA LEU X 175 25.10 -18.93 -24.34
C LEU X 175 26.07 -19.74 -25.20
N PRO X 176 25.66 -20.14 -26.40
CA PRO X 176 26.46 -21.13 -27.15
C PRO X 176 27.54 -20.57 -28.06
N THR X 177 27.42 -19.33 -28.50
CA THR X 177 28.32 -18.80 -29.53
C THR X 177 28.85 -17.44 -29.08
N PHE X 178 30.12 -17.19 -29.37
CA PHE X 178 30.88 -16.12 -28.74
C PHE X 178 31.78 -15.44 -29.75
N SER X 179 31.61 -14.12 -29.88
CA SER X 179 32.41 -13.31 -30.79
C SER X 179 33.57 -12.67 -30.02
N VAL X 180 34.74 -12.61 -30.67
CA VAL X 180 35.96 -12.14 -30.02
C VAL X 180 36.71 -11.20 -30.98
N ARG X 181 37.22 -10.09 -30.45
CA ARG X 181 38.08 -9.18 -31.19
C ARG X 181 39.25 -8.77 -30.31
N ILE X 182 40.34 -8.35 -30.96
CA ILE X 182 41.55 -7.94 -30.27
C ILE X 182 42.02 -6.62 -30.89
N ILE X 183 42.51 -5.71 -30.05
CA ILE X 183 42.96 -4.40 -30.47
C ILE X 183 44.42 -4.25 -30.08
N ASP X 184 45.23 -3.75 -31.02
CA ASP X 184 46.63 -3.46 -30.75
C ASP X 184 47.06 -2.30 -31.64
N LYS X 185 48.37 -2.13 -31.80
CA LYS X 185 48.93 -1.00 -32.54
C LYS X 185 48.63 -1.04 -34.04
N ASN X 186 48.23 -2.19 -34.58
CA ASN X 186 47.87 -2.30 -35.98
C ASN X 186 46.37 -2.10 -36.22
N GLY X 187 45.66 -1.54 -35.26
CA GLY X 187 44.23 -1.34 -35.41
C GLY X 187 43.41 -2.43 -34.77
N ILE X 188 42.26 -2.70 -35.38
CA ILE X 188 41.32 -3.70 -34.89
C ILE X 188 41.54 -5.00 -35.68
N HIS X 189 41.43 -6.12 -34.99
CA HIS X 189 41.55 -7.43 -35.62
C HIS X 189 40.39 -8.32 -35.19
N ASP X 190 39.72 -8.92 -36.16
CA ASP X 190 38.64 -9.86 -35.89
C ASP X 190 39.24 -11.26 -35.82
N LEU X 191 38.87 -12.01 -34.78
CA LEU X 191 39.32 -13.37 -34.61
C LEU X 191 38.16 -14.34 -34.83
N ASP X 192 38.49 -15.62 -34.91
CA ASP X 192 37.50 -16.65 -35.20
C ASP X 192 36.55 -16.85 -34.03
N ASN X 193 35.27 -17.08 -34.35
CA ASN X 193 34.24 -17.25 -33.35
C ASN X 193 34.44 -18.55 -32.58
N ILE X 194 34.31 -18.49 -31.26
CA ILE X 194 34.44 -19.66 -30.40
C ILE X 194 33.05 -20.22 -30.16
N SER X 195 32.83 -21.46 -30.57
CA SER X 195 31.51 -22.06 -30.57
C SER X 195 31.53 -23.36 -29.78
N PHE X 196 30.35 -23.75 -29.31
CA PHE X 196 30.19 -24.97 -28.52
C PHE X 196 28.96 -25.75 -28.97
N THR Y 1 -2.97 -12.87 -31.27
CA THR Y 1 -2.06 -12.09 -32.09
C THR Y 1 -0.75 -12.85 -32.33
N THR Y 2 -0.48 -13.18 -33.59
CA THR Y 2 0.77 -13.85 -33.96
C THR Y 2 1.18 -13.42 -35.36
N THR Y 3 2.39 -12.90 -35.48
CA THR Y 3 2.93 -12.47 -36.75
C THR Y 3 4.31 -13.09 -36.92
N LEU Y 4 4.67 -13.41 -38.17
CA LEU Y 4 6.00 -13.91 -38.46
C LEU Y 4 6.43 -13.47 -39.85
N ALA Y 5 7.74 -13.36 -40.03
CA ALA Y 5 8.32 -13.07 -41.33
C ALA Y 5 9.74 -13.62 -41.36
N PHE Y 6 10.17 -14.05 -42.54
CA PHE Y 6 11.48 -14.68 -42.68
C PHE Y 6 12.07 -14.35 -44.04
N LYS Y 7 13.37 -14.06 -44.04
CA LYS Y 7 14.10 -13.90 -45.29
C LYS Y 7 14.45 -15.26 -45.86
N PHE Y 8 14.55 -15.30 -47.19
CA PHE Y 8 15.02 -16.49 -47.88
C PHE Y 8 15.60 -16.02 -49.22
N ARG Y 9 15.86 -16.96 -50.13
CA ARG Y 9 16.57 -16.67 -51.36
C ARG Y 9 15.78 -15.74 -52.28
N HIS Y 10 14.47 -15.95 -52.40
CA HIS Y 10 13.65 -15.17 -53.32
C HIS Y 10 12.85 -14.07 -52.62
N GLY Y 11 13.34 -13.56 -51.50
CA GLY Y 11 12.71 -12.40 -50.90
C GLY Y 11 12.26 -12.57 -49.46
N VAL Y 12 11.13 -11.97 -49.12
CA VAL Y 12 10.58 -12.00 -47.77
C VAL Y 12 9.15 -12.50 -47.84
N ILE Y 13 8.82 -13.47 -46.99
CA ILE Y 13 7.44 -13.92 -46.81
C ILE Y 13 6.93 -13.38 -45.49
N VAL Y 14 5.79 -12.69 -45.51
CA VAL Y 14 5.19 -12.10 -44.33
C VAL Y 14 3.81 -12.71 -44.15
N ALA Y 15 3.53 -13.23 -42.96
CA ALA Y 15 2.24 -13.84 -42.66
C ALA Y 15 1.73 -13.31 -41.33
N ALA Y 16 0.41 -13.20 -41.23
CA ALA Y 16 -0.21 -12.64 -40.03
C ALA Y 16 -1.63 -13.17 -39.91
N ASP Y 17 -2.12 -13.21 -38.67
CA ASP Y 17 -3.50 -13.59 -38.39
C ASP Y 17 -4.38 -12.34 -38.41
N SER Y 18 -5.61 -12.45 -37.87
CA SER Y 18 -6.50 -11.29 -37.92
C SER Y 18 -7.36 -11.10 -36.67
N ARG Y 19 -7.00 -11.68 -35.53
CA ARG Y 19 -7.84 -11.59 -34.34
C ARG Y 19 -7.37 -10.46 -33.42
N ALA Y 20 -8.29 -9.56 -33.11
CA ALA Y 20 -8.08 -8.53 -32.09
C ALA Y 20 -9.04 -8.77 -30.94
N THR Y 21 -8.54 -8.67 -29.72
CA THR Y 21 -9.30 -9.04 -28.54
C THR Y 21 -9.48 -7.84 -27.62
N ALA Y 22 -10.49 -7.94 -26.76
CA ALA Y 22 -10.73 -6.98 -25.67
C ALA Y 22 -10.95 -7.82 -24.41
N GLY Y 23 -9.84 -8.19 -23.76
CA GLY Y 23 -9.94 -9.13 -22.66
C GLY Y 23 -10.27 -10.53 -23.19
N ALA Y 24 -11.33 -11.12 -22.66
CA ALA Y 24 -11.83 -12.38 -23.18
C ALA Y 24 -12.77 -12.20 -24.36
N TYR Y 25 -13.28 -10.99 -24.58
CA TYR Y 25 -14.16 -10.72 -25.71
C TYR Y 25 -13.36 -10.49 -26.97
N ILE Y 26 -13.78 -11.14 -28.06
CA ILE Y 26 -13.15 -10.95 -29.37
C ILE Y 26 -13.90 -9.84 -30.09
N ALA Y 27 -13.18 -8.77 -30.46
CA ALA Y 27 -13.84 -7.62 -31.07
C ALA Y 27 -13.93 -7.77 -32.59
N SER Y 28 -12.92 -8.35 -33.23
CA SER Y 28 -12.90 -8.40 -34.68
C SER Y 28 -12.18 -9.65 -35.14
N GLN Y 29 -12.48 -10.06 -36.37
CA GLN Y 29 -11.82 -11.18 -37.02
C GLN Y 29 -11.29 -10.81 -38.40
N THR Y 30 -11.27 -9.53 -38.74
CA THR Y 30 -10.85 -9.05 -40.05
C THR Y 30 -9.85 -7.91 -39.93
N VAL Y 31 -8.94 -8.02 -38.96
CA VAL Y 31 -7.92 -7.00 -38.76
C VAL Y 31 -6.79 -7.22 -39.76
N LYS Y 32 -6.42 -6.16 -40.47
CA LYS Y 32 -5.33 -6.22 -41.46
C LYS Y 32 -4.03 -6.04 -40.68
N LYS Y 33 -3.42 -7.16 -40.29
CA LYS Y 33 -2.27 -7.11 -39.39
C LYS Y 33 -0.93 -6.95 -40.10
N VAL Y 34 -0.91 -6.76 -41.41
CA VAL Y 34 0.26 -6.25 -42.10
C VAL Y 34 -0.12 -4.88 -42.65
N ILE Y 35 0.54 -3.83 -42.18
CA ILE Y 35 0.22 -2.46 -42.59
C ILE Y 35 1.08 -2.10 -43.79
N GLU Y 36 0.44 -1.64 -44.85
CA GLU Y 36 1.08 -1.33 -46.12
C GLU Y 36 1.74 0.04 -46.03
N ILE Y 37 3.07 0.06 -45.99
CA ILE Y 37 3.79 1.32 -45.85
C ILE Y 37 3.77 2.11 -47.16
N ASN Y 38 4.26 1.50 -48.22
CA ASN Y 38 4.48 2.12 -49.52
C ASN Y 38 4.51 1.00 -50.55
N PRO Y 39 4.71 1.25 -51.86
CA PRO Y 39 4.88 0.11 -52.80
C PRO Y 39 6.06 -0.82 -52.58
N TYR Y 40 6.90 -0.62 -51.56
CA TYR Y 40 8.07 -1.47 -51.36
C TYR Y 40 8.30 -1.92 -49.92
N LEU Y 41 7.49 -1.47 -48.96
CA LEU Y 41 7.77 -1.75 -47.55
C LEU Y 41 6.52 -2.22 -46.84
N LEU Y 42 6.70 -3.11 -45.85
CA LEU Y 42 5.61 -3.58 -45.02
C LEU Y 42 5.98 -3.46 -43.55
N GLY Y 43 4.98 -3.12 -42.73
CA GLY Y 43 5.10 -3.14 -41.30
C GLY Y 43 4.10 -4.12 -40.71
N THR Y 44 4.28 -4.43 -39.43
CA THR Y 44 3.51 -5.49 -38.80
C THR Y 44 2.90 -5.01 -37.49
N MET Y 45 1.89 -5.76 -37.05
CA MET Y 45 1.04 -5.39 -35.91
C MET Y 45 1.17 -6.44 -34.82
N ALA Y 46 1.66 -6.02 -33.65
CA ALA Y 46 1.63 -6.86 -32.46
C ALA Y 46 1.59 -5.94 -31.24
N GLY Y 47 0.82 -6.36 -30.24
CA GLY Y 47 0.66 -5.55 -29.03
C GLY Y 47 -0.48 -4.54 -29.18
N GLY Y 48 -0.14 -3.27 -29.33
CA GLY Y 48 -1.12 -2.22 -29.51
C GLY Y 48 -1.35 -1.92 -30.98
N ALA Y 49 -2.63 -1.82 -31.36
CA ALA Y 49 -2.96 -1.64 -32.76
C ALA Y 49 -2.72 -0.21 -33.23
N ALA Y 50 -3.33 0.77 -32.54
CA ALA Y 50 -3.23 2.17 -32.97
C ALA Y 50 -1.81 2.70 -32.81
N ASP Y 51 -1.08 2.18 -31.81
CA ASP Y 51 0.31 2.51 -31.61
C ASP Y 51 1.16 2.06 -32.81
N CYS Y 52 0.85 0.89 -33.37
CA CYS Y 52 1.50 0.48 -34.60
C CYS Y 52 1.08 1.37 -35.77
N SER Y 53 -0.23 1.61 -35.90
CA SER Y 53 -0.79 2.19 -37.12
C SER Y 53 -0.38 3.63 -37.29
N PHE Y 54 -0.38 4.42 -36.21
CA PHE Y 54 -0.04 5.83 -36.31
C PHE Y 54 1.43 6.02 -36.69
N TRP Y 55 2.32 5.33 -35.99
CA TRP Y 55 3.75 5.51 -36.27
C TRP Y 55 4.13 4.94 -37.63
N GLU Y 56 3.48 3.88 -38.09
CA GLU Y 56 3.83 3.39 -39.42
C GLU Y 56 3.22 4.24 -40.54
N ARG Y 57 2.06 4.86 -40.31
CA ARG Y 57 1.53 5.82 -41.26
C ARG Y 57 2.40 7.06 -41.34
N LEU Y 58 2.85 7.56 -40.18
CA LEU Y 58 3.72 8.73 -40.16
C LEU Y 58 5.09 8.41 -40.75
N LEU Y 59 5.56 7.17 -40.57
CA LEU Y 59 6.79 6.75 -41.25
C LEU Y 59 6.61 6.71 -42.76
N ALA Y 60 5.44 6.27 -43.24
CA ALA Y 60 5.16 6.30 -44.67
C ALA Y 60 5.18 7.72 -45.21
N ARG Y 61 4.61 8.65 -44.44
CA ARG Y 61 4.70 10.08 -44.78
C ARG Y 61 6.15 10.57 -44.79
N GLN Y 62 6.94 10.12 -43.82
CA GLN Y 62 8.34 10.52 -43.71
C GLN Y 62 9.15 10.03 -44.90
N CYS Y 63 8.98 8.77 -45.28
CA CYS Y 63 9.72 8.24 -46.43
C CYS Y 63 9.22 8.78 -47.75
N ARG Y 64 7.96 9.22 -47.81
CA ARG Y 64 7.52 9.90 -49.03
C ARG Y 64 8.12 11.30 -49.13
N ILE Y 65 8.24 12.01 -47.99
CA ILE Y 65 9.01 13.26 -47.94
C ILE Y 65 10.45 13.04 -48.40
N TYR Y 66 11.06 11.95 -47.93
CA TYR Y 66 12.44 11.64 -48.33
C TYR Y 66 12.54 11.30 -49.81
N GLU Y 67 11.53 10.64 -50.36
CA GLU Y 67 11.51 10.36 -51.80
C GLU Y 67 11.38 11.64 -52.60
N LEU Y 68 10.61 12.60 -52.09
CA LEU Y 68 10.46 13.87 -52.78
C LEU Y 68 11.74 14.70 -52.70
N ARG Y 69 12.44 14.65 -51.57
CA ARG Y 69 13.59 15.53 -51.38
C ARG Y 69 14.91 14.92 -51.87
N ASN Y 70 15.21 13.69 -51.50
CA ASN Y 70 16.48 13.07 -51.88
C ASN Y 70 16.41 12.29 -53.18
N LYS Y 71 15.25 12.26 -53.84
CA LYS Y 71 15.06 11.71 -55.20
C LYS Y 71 15.37 10.22 -55.27
N GLU Y 72 15.15 9.50 -54.17
CA GLU Y 72 15.40 8.07 -54.12
C GLU Y 72 14.60 7.46 -52.98
N ARG Y 73 14.20 6.19 -53.14
CA ARG Y 73 13.47 5.47 -52.12
C ARG Y 73 14.32 5.25 -50.87
N ILE Y 74 13.71 4.80 -49.80
CA ILE Y 74 14.37 4.71 -48.50
C ILE Y 74 14.89 3.28 -48.34
N SER Y 75 16.02 3.14 -47.65
CA SER Y 75 16.48 1.81 -47.29
C SER Y 75 15.73 1.31 -46.06
N VAL Y 76 15.82 0.00 -45.83
CA VAL Y 76 15.21 -0.58 -44.64
C VAL Y 76 15.93 -0.11 -43.38
N ALA Y 77 17.26 -0.03 -43.45
CA ALA Y 77 18.08 0.30 -42.28
C ALA Y 77 17.87 1.74 -41.86
N ALA Y 78 17.54 2.62 -42.80
CA ALA Y 78 17.22 3.99 -42.42
C ALA Y 78 15.80 4.10 -41.87
N ALA Y 79 14.83 3.46 -42.52
CA ALA Y 79 13.42 3.66 -42.17
C ALA Y 79 13.08 3.03 -40.83
N SER Y 80 13.56 1.80 -40.60
CA SER Y 80 13.35 1.16 -39.30
C SER Y 80 14.07 1.91 -38.18
N LYS Y 81 15.21 2.53 -38.48
CA LYS Y 81 15.90 3.34 -37.47
C LYS Y 81 15.12 4.61 -37.15
N LEU Y 82 14.50 5.22 -38.16
CA LEU Y 82 13.62 6.35 -37.85
C LEU Y 82 12.41 5.92 -37.03
N LEU Y 83 11.90 4.71 -37.26
CA LEU Y 83 10.81 4.20 -36.43
C LEU Y 83 11.29 3.98 -34.99
N ALA Y 84 12.52 3.48 -34.83
CA ALA Y 84 13.10 3.31 -33.51
C ALA Y 84 13.32 4.65 -32.80
N ASN Y 85 13.75 5.67 -33.54
CA ASN Y 85 13.95 6.99 -32.94
C ASN Y 85 12.63 7.68 -32.62
N MET Y 86 11.56 7.35 -33.34
CA MET Y 86 10.25 7.84 -32.93
C MET Y 86 9.78 7.17 -31.65
N VAL Y 87 9.86 5.84 -31.58
CA VAL Y 87 9.28 5.12 -30.44
C VAL Y 87 10.19 5.06 -29.23
N TYR Y 88 11.46 5.48 -29.35
CA TYR Y 88 12.37 5.43 -28.22
C TYR Y 88 12.06 6.51 -27.19
N GLN Y 89 11.56 7.66 -27.63
CA GLN Y 89 11.36 8.80 -26.73
C GLN Y 89 10.27 8.54 -25.71
N TYR Y 90 9.28 7.71 -26.04
CA TYR Y 90 8.12 7.45 -25.18
C TYR Y 90 8.19 6.10 -24.50
N LYS Y 91 9.38 5.65 -24.11
CA LYS Y 91 9.51 4.53 -23.19
C LYS Y 91 8.89 4.87 -21.84
N GLY Y 92 8.16 3.91 -21.28
CA GLY Y 92 7.68 4.02 -19.92
C GLY Y 92 6.38 4.78 -19.75
N MET Y 93 5.78 5.26 -20.84
CA MET Y 93 4.50 5.95 -20.75
C MET Y 93 3.34 5.03 -21.07
N GLY Y 94 3.60 3.74 -21.29
CA GLY Y 94 2.55 2.77 -21.51
C GLY Y 94 2.33 2.33 -22.95
N LEU Y 95 3.31 2.52 -23.82
CA LEU Y 95 3.15 2.08 -25.20
C LEU Y 95 3.44 0.59 -25.34
N SER Y 96 2.78 -0.04 -26.33
CA SER Y 96 2.90 -1.47 -26.59
C SER Y 96 2.98 -1.68 -28.09
N MET Y 97 4.14 -2.13 -28.59
CA MET Y 97 4.33 -2.33 -30.01
CA MET Y 97 4.35 -2.33 -30.01
C MET Y 97 5.30 -3.48 -30.26
N GLY Y 98 4.99 -4.29 -31.28
CA GLY Y 98 5.91 -5.26 -31.84
C GLY Y 98 5.85 -5.22 -33.35
N THR Y 99 6.96 -4.87 -34.02
CA THR Y 99 6.93 -4.63 -35.47
C THR Y 99 8.09 -5.32 -36.17
N MET Y 100 7.89 -5.58 -37.45
CA MET Y 100 8.92 -6.04 -38.38
C MET Y 100 8.85 -5.16 -39.61
N ILE Y 101 9.99 -4.66 -40.06
CA ILE Y 101 10.06 -3.87 -41.28
C ILE Y 101 10.60 -4.76 -42.39
N CYS Y 102 9.86 -4.88 -43.47
CA CYS Y 102 10.19 -5.80 -44.55
C CYS Y 102 10.18 -5.04 -45.87
N GLY Y 103 11.32 -5.06 -46.56
CA GLY Y 103 11.42 -4.42 -47.85
C GLY Y 103 12.56 -5.02 -48.65
N TRP Y 104 12.84 -4.38 -49.78
CA TRP Y 104 13.91 -4.85 -50.67
C TRP Y 104 14.79 -3.65 -51.01
N ASP Y 105 16.03 -3.67 -50.54
CA ASP Y 105 16.98 -2.59 -50.72
C ASP Y 105 18.23 -3.12 -51.43
N LYS Y 106 19.26 -2.28 -51.49
CA LYS Y 106 20.48 -2.63 -52.22
C LYS Y 106 21.32 -3.68 -51.50
N ARG Y 107 21.04 -3.93 -50.22
CA ARG Y 107 21.62 -5.05 -49.49
C ARG Y 107 20.85 -6.35 -49.77
N GLY Y 108 19.79 -6.27 -50.58
CA GLY Y 108 18.97 -7.42 -50.87
C GLY Y 108 17.69 -7.42 -50.07
N PRO Y 109 17.40 -8.54 -49.41
CA PRO Y 109 16.25 -8.58 -48.50
C PRO Y 109 16.49 -7.73 -47.26
N GLY Y 110 15.40 -7.29 -46.65
CA GLY Y 110 15.46 -6.55 -45.40
C GLY Y 110 14.44 -7.02 -44.39
N LEU Y 111 14.86 -7.26 -43.15
CA LEU Y 111 13.95 -7.73 -42.11
C LEU Y 111 14.53 -7.33 -40.76
N TYR Y 112 13.96 -6.30 -40.13
CA TYR Y 112 14.44 -5.76 -38.87
C TYR Y 112 13.31 -5.72 -37.87
N TYR Y 113 13.61 -6.06 -36.62
CA TYR Y 113 12.64 -6.06 -35.53
C TYR Y 113 12.81 -4.79 -34.70
N VAL Y 114 11.76 -3.98 -34.62
CA VAL Y 114 11.73 -2.79 -33.77
C VAL Y 114 10.46 -2.86 -32.91
N ASP Y 115 10.60 -2.53 -31.63
CA ASP Y 115 9.49 -2.54 -30.68
C ASP Y 115 9.44 -1.24 -29.91
N SER Y 116 8.40 -1.09 -29.08
CA SER Y 116 8.32 0.03 -28.14
C SER Y 116 9.23 -0.14 -26.94
N GLU Y 117 9.90 -1.28 -26.79
CA GLU Y 117 10.93 -1.41 -25.77
C GLU Y 117 12.27 -0.84 -26.25
N GLY Y 118 12.45 -0.65 -27.54
CA GLY Y 118 13.63 0.00 -28.09
C GLY Y 118 14.58 -0.93 -28.82
N ASN Y 119 14.32 -2.23 -28.84
CA ASN Y 119 15.22 -3.20 -29.44
C ASN Y 119 15.25 -3.02 -30.95
N ARG Y 120 16.44 -3.16 -31.54
CA ARG Y 120 16.60 -3.01 -32.99
C ARG Y 120 17.63 -4.04 -33.46
N ILE Y 121 17.16 -5.14 -34.04
CA ILE Y 121 18.02 -6.24 -34.43
C ILE Y 121 17.71 -6.69 -35.86
N SER Y 122 18.72 -7.24 -36.51
CA SER Y 122 18.59 -7.95 -37.77
C SER Y 122 18.31 -9.42 -37.52
N GLY Y 123 18.01 -10.15 -38.58
CA GLY Y 123 17.86 -11.60 -38.46
C GLY Y 123 17.23 -12.18 -39.70
N ALA Y 124 17.44 -13.49 -39.86
CA ALA Y 124 16.89 -14.21 -41.00
C ALA Y 124 15.45 -14.65 -40.77
N THR Y 125 15.09 -14.98 -39.53
CA THR Y 125 13.73 -15.35 -39.17
C THR Y 125 13.29 -14.56 -37.95
N PHE Y 126 11.99 -14.29 -37.88
CA PHE Y 126 11.40 -13.64 -36.72
C PHE Y 126 9.96 -14.13 -36.54
N SER Y 127 9.45 -13.96 -35.33
CA SER Y 127 8.04 -14.14 -35.04
C SER Y 127 7.68 -13.33 -33.80
N VAL Y 128 6.62 -12.51 -33.89
CA VAL Y 128 6.22 -11.62 -32.81
C VAL Y 128 4.73 -11.85 -32.55
N GLY Y 129 4.33 -11.77 -31.29
CA GLY Y 129 2.94 -11.88 -30.91
C GLY Y 129 2.77 -12.66 -29.62
N SER Y 130 1.51 -12.82 -29.22
CA SER Y 130 1.22 -13.57 -28.00
C SER Y 130 1.37 -15.06 -28.22
N GLY Y 131 0.97 -15.55 -29.38
CA GLY Y 131 1.13 -16.95 -29.72
C GLY Y 131 2.32 -17.17 -30.63
N SER Y 132 3.31 -16.28 -30.52
CA SER Y 132 4.50 -16.33 -31.36
C SER Y 132 5.38 -17.53 -31.05
N VAL Y 133 5.36 -17.99 -29.79
CA VAL Y 133 6.20 -19.09 -29.36
C VAL Y 133 5.81 -20.39 -30.06
N TYR Y 134 4.52 -20.56 -30.33
CA TYR Y 134 4.09 -21.71 -31.12
C TYR Y 134 4.50 -21.56 -32.59
N ALA Y 135 4.58 -20.32 -33.07
CA ALA Y 135 4.96 -20.11 -34.46
C ALA Y 135 6.44 -20.41 -34.69
N TYR Y 136 7.30 -20.18 -33.69
CA TYR Y 136 8.74 -20.44 -33.86
C TYR Y 136 9.03 -21.92 -34.09
N GLY Y 137 8.32 -22.79 -33.38
CA GLY Y 137 8.58 -24.22 -33.49
C GLY Y 137 8.21 -24.78 -34.85
N VAL Y 138 7.07 -24.34 -35.39
CA VAL Y 138 6.66 -24.82 -36.71
C VAL Y 138 7.49 -24.15 -37.81
N MET Y 139 7.93 -22.91 -37.58
CA MET Y 139 8.68 -22.20 -38.61
C MET Y 139 10.10 -22.74 -38.75
N ASP Y 140 10.80 -22.94 -37.62
CA ASP Y 140 12.24 -23.23 -37.70
C ASP Y 140 12.53 -24.66 -38.13
N ARG Y 141 11.57 -25.59 -38.01
CA ARG Y 141 11.84 -26.95 -38.42
CA ARG Y 141 11.81 -26.97 -38.42
C ARG Y 141 11.85 -27.13 -39.93
N GLY Y 142 11.28 -26.19 -40.67
CA GLY Y 142 11.30 -26.27 -42.11
C GLY Y 142 12.15 -25.18 -42.74
N TYR Y 143 12.62 -24.24 -41.93
CA TYR Y 143 13.33 -23.09 -42.46
C TYR Y 143 14.73 -23.45 -42.93
N SER Y 144 15.09 -22.95 -44.10
CA SER Y 144 16.45 -22.88 -44.61
C SER Y 144 16.48 -21.75 -45.63
N TYR Y 145 17.69 -21.40 -46.07
CA TYR Y 145 17.81 -20.33 -47.07
C TYR Y 145 17.35 -20.81 -48.44
N ASP Y 146 17.39 -22.11 -48.70
CA ASP Y 146 17.12 -22.65 -50.03
C ASP Y 146 15.67 -23.08 -50.21
N LEU Y 147 14.74 -22.47 -49.47
CA LEU Y 147 13.33 -22.80 -49.62
C LEU Y 147 12.77 -22.37 -50.96
N GLU Y 148 11.96 -23.25 -51.55
CA GLU Y 148 11.17 -22.90 -52.72
C GLU Y 148 10.00 -22.01 -52.30
N VAL Y 149 9.44 -21.27 -53.27
CA VAL Y 149 8.46 -20.21 -52.98
C VAL Y 149 7.16 -20.79 -52.45
N GLU Y 150 6.59 -21.77 -53.15
CA GLU Y 150 5.31 -22.32 -52.73
C GLU Y 150 5.44 -23.15 -51.46
N GLN Y 151 6.59 -23.80 -51.27
CA GLN Y 151 6.85 -24.47 -49.99
C GLN Y 151 7.03 -23.46 -48.87
N ALA Y 152 7.55 -22.27 -49.18
CA ALA Y 152 7.60 -21.20 -48.19
C ALA Y 152 6.20 -20.70 -47.84
N TYR Y 153 5.31 -20.63 -48.84
CA TYR Y 153 3.91 -20.31 -48.59
C TYR Y 153 3.26 -21.33 -47.67
N ASP Y 154 3.54 -22.62 -47.93
CA ASP Y 154 2.98 -23.69 -47.13
C ASP Y 154 3.53 -23.66 -45.70
N LEU Y 155 4.81 -23.35 -45.55
CA LEU Y 155 5.42 -23.28 -44.22
C LEU Y 155 4.89 -22.09 -43.43
N ALA Y 156 4.69 -20.95 -44.10
CA ALA Y 156 4.14 -19.77 -43.44
C ALA Y 156 2.71 -20.01 -42.98
N ARG Y 157 1.87 -20.53 -43.89
CA ARG Y 157 0.47 -20.79 -43.53
C ARG Y 157 0.35 -21.88 -42.48
N ARG Y 158 1.24 -22.87 -42.50
CA ARG Y 158 1.18 -23.94 -41.51
C ARG Y 158 1.62 -23.45 -40.13
N ALA Y 159 2.63 -22.57 -40.09
CA ALA Y 159 3.07 -22.04 -38.81
C ALA Y 159 2.04 -21.10 -38.19
N ILE Y 160 1.42 -20.24 -39.01
CA ILE Y 160 0.33 -19.41 -38.50
C ILE Y 160 -0.87 -20.26 -38.10
N TYR Y 161 -1.10 -21.37 -38.82
CA TYR Y 161 -2.20 -22.27 -38.47
C TYR Y 161 -2.00 -22.92 -37.11
N GLN Y 162 -0.80 -23.43 -36.84
CA GLN Y 162 -0.56 -24.07 -35.55
C GLN Y 162 -0.51 -23.04 -34.43
N ALA Y 163 -0.02 -21.83 -34.73
CA ALA Y 163 -0.02 -20.75 -33.75
C ALA Y 163 -1.45 -20.33 -33.39
N THR Y 164 -2.33 -20.27 -34.38
CA THR Y 164 -3.72 -19.95 -34.11
C THR Y 164 -4.43 -21.11 -33.41
N TYR Y 165 -3.98 -22.35 -33.69
CA TYR Y 165 -4.61 -23.51 -33.08
C TYR Y 165 -4.30 -23.59 -31.58
N ARG Y 166 -3.06 -23.27 -31.19
CA ARG Y 166 -2.75 -23.35 -29.77
C ARG Y 166 -3.15 -22.10 -28.98
N ASP Y 167 -2.98 -20.92 -29.56
CA ASP Y 167 -3.28 -19.69 -28.83
C ASP Y 167 -4.79 -19.45 -28.81
N ALA Y 168 -5.31 -19.24 -27.60
CA ALA Y 168 -6.68 -18.76 -27.46
C ALA Y 168 -6.82 -17.33 -27.98
N TYR Y 169 -5.77 -16.53 -27.81
CA TYR Y 169 -5.82 -15.12 -28.18
C TYR Y 169 -5.49 -14.85 -29.64
N SER Y 170 -5.16 -15.87 -30.42
CA SER Y 170 -4.84 -15.67 -31.83
C SER Y 170 -5.84 -16.41 -32.69
N GLY Y 171 -6.08 -15.86 -33.88
CA GLY Y 171 -7.05 -16.45 -34.78
C GLY Y 171 -7.38 -15.49 -35.91
N GLY Y 172 -8.48 -15.79 -36.59
CA GLY Y 172 -8.94 -14.93 -37.66
C GLY Y 172 -8.63 -15.48 -39.04
N ALA Y 173 -7.91 -14.71 -39.84
CA ALA Y 173 -7.61 -15.06 -41.20
C ALA Y 173 -6.12 -15.01 -41.44
N VAL Y 174 -5.59 -16.02 -42.11
CA VAL Y 174 -4.16 -16.11 -42.38
C VAL Y 174 -3.91 -15.31 -43.65
N ASN Y 175 -3.34 -14.12 -43.49
CA ASN Y 175 -3.01 -13.24 -44.61
C ASN Y 175 -1.54 -13.43 -44.96
N LEU Y 176 -1.24 -13.50 -46.25
CA LEU Y 176 0.10 -13.85 -46.72
C LEU Y 176 0.53 -12.85 -47.77
N TYR Y 177 1.65 -12.17 -47.52
CA TYR Y 177 2.23 -11.23 -48.46
C TYR Y 177 3.62 -11.69 -48.85
N HIS Y 178 4.07 -11.25 -50.04
CA HIS Y 178 5.38 -11.61 -50.56
C HIS Y 178 6.03 -10.37 -51.13
N VAL Y 179 7.09 -9.89 -50.48
CA VAL Y 179 7.88 -8.79 -51.01
C VAL Y 179 8.96 -9.35 -51.91
N ARG Y 180 8.95 -8.94 -53.17
CA ARG Y 180 10.02 -9.26 -54.10
C ARG Y 180 10.76 -7.98 -54.46
N GLU Y 181 11.68 -8.11 -55.43
CA GLU Y 181 12.52 -6.98 -55.84
C GLU Y 181 11.70 -5.90 -56.53
N ASP Y 182 10.68 -6.28 -57.28
CA ASP Y 182 9.85 -5.32 -58.01
C ASP Y 182 8.64 -4.84 -57.22
N GLY Y 183 8.54 -5.18 -55.94
CA GLY Y 183 7.42 -4.77 -55.13
C GLY Y 183 6.79 -5.95 -54.41
N TRP Y 184 5.85 -5.62 -53.53
CA TRP Y 184 5.14 -6.61 -52.73
C TRP Y 184 3.82 -6.97 -53.40
N ILE Y 185 3.46 -8.25 -53.30
CA ILE Y 185 2.27 -8.80 -53.93
C ILE Y 185 1.53 -9.61 -52.88
N ARG Y 186 0.20 -9.58 -52.93
CA ARG Y 186 -0.64 -10.36 -52.05
CA ARG Y 186 -0.62 -10.36 -52.04
C ARG Y 186 -0.70 -11.80 -52.54
N VAL Y 187 -0.50 -12.75 -51.63
CA VAL Y 187 -0.53 -14.16 -52.00
C VAL Y 187 -1.94 -14.71 -51.84
N SER Y 188 -2.46 -14.72 -50.62
CA SER Y 188 -3.74 -15.33 -50.33
C SER Y 188 -4.31 -14.74 -49.04
N SER Y 189 -5.58 -15.05 -48.80
CA SER Y 189 -6.27 -14.71 -47.56
C SER Y 189 -7.19 -15.85 -47.21
N ASP Y 190 -6.89 -16.56 -46.12
CA ASP Y 190 -7.51 -17.85 -45.86
C ASP Y 190 -8.01 -17.93 -44.43
N ASN Y 191 -9.23 -18.44 -44.25
CA ASN Y 191 -9.77 -18.68 -42.92
C ASN Y 191 -9.04 -19.85 -42.27
N VAL Y 192 -8.99 -19.82 -40.93
CA VAL Y 192 -8.40 -20.92 -40.16
C VAL Y 192 -9.24 -22.19 -40.30
N ALA Y 193 -10.57 -22.03 -40.28
CA ALA Y 193 -11.47 -23.18 -40.28
C ALA Y 193 -11.44 -23.96 -41.59
N ASP Y 194 -11.12 -23.28 -42.69
CA ASP Y 194 -10.91 -23.99 -43.96
C ASP Y 194 -9.61 -24.76 -43.94
N LEU Y 195 -8.57 -24.20 -43.31
CA LEU Y 195 -7.28 -24.88 -43.28
C LEU Y 195 -7.27 -26.04 -42.30
N HIS Y 196 -8.17 -26.02 -41.31
CA HIS Y 196 -8.34 -27.21 -40.47
C HIS Y 196 -8.89 -28.36 -41.28
N GLU Y 197 -9.76 -28.06 -42.25
CA GLU Y 197 -10.22 -29.09 -43.18
C GLU Y 197 -9.10 -29.50 -44.13
N LYS Y 198 -8.25 -28.55 -44.53
CA LYS Y 198 -7.17 -28.89 -45.46
C LYS Y 198 -6.08 -29.71 -44.77
N TYR Y 199 -5.78 -29.39 -43.51
CA TYR Y 199 -4.70 -30.05 -42.78
C TYR Y 199 -5.22 -31.24 -41.99
N ARG Z 1 -7.63 11.92 -5.81
CA ARG Z 1 -7.48 12.71 -7.02
C ARG Z 1 -8.44 12.18 -8.10
N PHE Z 2 -9.70 12.60 -8.00
CA PHE Z 2 -10.57 12.93 -9.14
C PHE Z 2 -10.67 11.84 -10.20
N SER Z 3 -11.46 10.80 -9.96
CA SER Z 3 -11.51 9.67 -10.88
C SER Z 3 -12.25 10.08 -12.15
N PRO Z 4 -11.53 10.31 -13.25
CA PRO Z 4 -11.99 11.28 -14.26
C PRO Z 4 -12.91 10.71 -15.33
N TYR Z 5 -13.31 9.45 -15.26
CA TYR Z 5 -14.24 8.90 -16.24
C TYR Z 5 -15.46 8.31 -15.53
N VAL Z 6 -16.59 8.36 -16.23
CA VAL Z 6 -17.80 7.66 -15.81
C VAL Z 6 -18.40 7.01 -17.05
N PHE Z 7 -18.68 5.71 -16.95
CA PHE Z 7 -19.20 4.95 -18.07
C PHE Z 7 -20.69 5.22 -18.20
N ASN Z 8 -21.06 6.02 -19.20
CA ASN Z 8 -22.43 6.49 -19.37
C ASN Z 8 -23.21 5.63 -20.35
N GLY Z 9 -22.77 4.40 -20.58
CA GLY Z 9 -23.59 3.37 -21.18
C GLY Z 9 -23.92 3.60 -22.64
N GLY Z 10 -24.95 2.88 -23.09
CA GLY Z 10 -25.43 3.06 -24.44
C GLY Z 10 -24.80 2.09 -25.41
N THR Z 11 -25.57 1.65 -26.41
CA THR Z 11 -25.02 0.89 -27.53
C THR Z 11 -25.42 1.57 -28.82
N ILE Z 12 -24.53 1.49 -29.80
CA ILE Z 12 -24.79 1.98 -31.14
C ILE Z 12 -24.60 0.82 -32.11
N LEU Z 13 -25.19 0.95 -33.29
CA LEU Z 13 -25.24 -0.16 -34.23
C LEU Z 13 -25.21 0.38 -35.64
N ALA Z 14 -24.27 -0.11 -36.44
CA ALA Z 14 -24.18 0.33 -37.83
C ALA Z 14 -24.03 -0.88 -38.74
N ILE Z 15 -24.69 -0.79 -39.90
CA ILE Z 15 -24.69 -1.84 -40.91
C ILE Z 15 -24.45 -1.17 -42.26
N ALA Z 16 -23.43 -1.61 -42.97
CA ALA Z 16 -23.15 -1.11 -44.31
C ALA Z 16 -23.86 -2.02 -45.30
N GLY Z 17 -24.74 -1.44 -46.11
CA GLY Z 17 -25.48 -2.18 -47.10
C GLY Z 17 -24.85 -2.05 -48.49
N GLU Z 18 -25.60 -2.51 -49.48
CA GLU Z 18 -25.14 -2.37 -50.86
C GLU Z 18 -25.16 -0.92 -51.31
N ASP Z 19 -26.24 -0.21 -51.02
CA ASP Z 19 -26.34 1.20 -51.38
C ASP Z 19 -26.94 2.03 -50.26
N PHE Z 20 -26.73 1.62 -49.01
CA PHE Z 20 -27.23 2.37 -47.88
C PHE Z 20 -26.35 2.06 -46.67
N ALA Z 21 -26.52 2.87 -45.63
CA ALA Z 21 -25.95 2.60 -44.33
C ALA Z 21 -26.97 2.95 -43.27
N ILE Z 22 -27.19 2.03 -42.34
CA ILE Z 22 -28.14 2.21 -41.25
C ILE Z 22 -27.34 2.43 -39.98
N VAL Z 23 -27.70 3.45 -39.21
CA VAL Z 23 -27.08 3.71 -37.91
C VAL Z 23 -28.19 3.80 -36.87
N ALA Z 24 -28.05 3.04 -35.79
CA ALA Z 24 -29.05 3.00 -34.74
C ALA Z 24 -28.40 3.21 -33.37
N SER Z 25 -29.20 3.66 -32.42
CA SER Z 25 -28.70 3.90 -31.07
C SER Z 25 -29.88 3.90 -30.10
N ASP Z 26 -29.58 3.60 -28.84
CA ASP Z 26 -30.55 3.85 -27.78
C ASP Z 26 -30.52 5.33 -27.41
N THR Z 27 -31.41 5.72 -26.50
CA THR Z 27 -31.40 7.08 -25.98
C THR Z 27 -31.40 7.13 -24.45
N ARG Z 28 -31.21 6.00 -23.77
CA ARG Z 28 -31.09 6.02 -22.32
C ARG Z 28 -29.68 6.43 -21.92
N LEU Z 29 -29.57 7.32 -20.94
CA LEU Z 29 -28.29 7.79 -20.43
C LEU Z 29 -28.19 7.42 -18.96
N SER Z 30 -27.11 6.76 -18.58
CA SER Z 30 -26.99 6.16 -17.25
C SER Z 30 -25.75 6.64 -16.53
N GLU Z 31 -25.72 6.36 -15.23
CA GLU Z 31 -24.58 6.64 -14.37
C GLU Z 31 -24.62 5.65 -13.22
N GLY Z 32 -23.94 4.52 -13.37
CA GLY Z 32 -24.08 3.48 -12.37
C GLY Z 32 -25.49 2.94 -12.27
N PHE Z 33 -26.21 3.33 -11.22
CA PHE Z 33 -27.53 2.79 -10.92
C PHE Z 33 -28.66 3.78 -11.23
N SER Z 34 -28.40 4.85 -11.96
CA SER Z 34 -29.42 5.86 -12.18
C SER Z 34 -29.70 6.04 -13.66
N ILE Z 35 -30.88 6.56 -13.96
CA ILE Z 35 -31.26 6.94 -15.32
C ILE Z 35 -31.34 8.45 -15.37
N HIS Z 36 -30.44 9.08 -16.13
CA HIS Z 36 -30.48 10.54 -16.22
C HIS Z 36 -31.59 11.01 -17.14
N THR Z 37 -31.62 10.52 -18.37
CA THR Z 37 -32.60 10.99 -19.34
C THR Z 37 -32.98 9.85 -20.26
N ARG Z 38 -34.17 9.94 -20.83
CA ARG Z 38 -34.69 8.90 -21.70
C ARG Z 38 -34.78 9.33 -23.15
N ASP Z 39 -34.39 10.56 -23.49
CA ASP Z 39 -34.32 11.03 -24.87
C ASP Z 39 -32.99 11.76 -25.00
N SER Z 40 -31.93 11.02 -25.31
CA SER Z 40 -30.63 11.61 -25.62
C SER Z 40 -30.02 10.82 -26.76
N PRO Z 41 -30.31 11.20 -28.00
CA PRO Z 41 -29.83 10.41 -29.15
C PRO Z 41 -28.33 10.49 -29.32
N LYS Z 42 -27.76 9.39 -29.82
CA LYS Z 42 -26.33 9.26 -30.00
C LYS Z 42 -25.90 9.33 -31.46
N CYS Z 43 -26.84 9.56 -32.38
CA CYS Z 43 -26.55 9.68 -33.79
CA CYS Z 43 -26.53 9.68 -33.79
C CYS Z 43 -26.49 11.15 -34.17
N TYR Z 44 -25.36 11.59 -34.70
CA TYR Z 44 -25.10 13.00 -34.97
C TYR Z 44 -24.79 13.16 -36.45
N LYS Z 45 -25.66 13.87 -37.16
CA LYS Z 45 -25.45 14.10 -38.58
C LYS Z 45 -24.27 15.03 -38.81
N LEU Z 46 -23.28 14.57 -39.57
CA LEU Z 46 -22.10 15.37 -39.87
C LEU Z 46 -22.27 16.12 -41.19
N THR Z 47 -22.36 15.39 -42.29
CA THR Z 47 -22.64 15.97 -43.59
C THR Z 47 -23.80 15.18 -44.19
N ASP Z 48 -24.07 15.44 -45.47
CA ASP Z 48 -25.20 14.82 -46.14
C ASP Z 48 -24.97 13.34 -46.42
N LYS Z 49 -23.74 12.87 -46.30
CA LYS Z 49 -23.38 11.50 -46.64
C LYS Z 49 -22.76 10.74 -45.47
N THR Z 50 -22.81 11.29 -44.26
CA THR Z 50 -22.15 10.67 -43.12
C THR Z 50 -22.87 11.03 -41.83
N VAL Z 51 -23.30 10.01 -41.08
CA VAL Z 51 -23.77 10.19 -39.72
C VAL Z 51 -22.90 9.36 -38.79
N ILE Z 52 -22.62 9.90 -37.61
CA ILE Z 52 -21.65 9.30 -36.71
C ILE Z 52 -22.39 8.75 -35.49
N GLY Z 53 -21.85 7.69 -34.91
CA GLY Z 53 -22.39 7.12 -33.69
C GLY Z 53 -21.41 7.33 -32.55
N CYS Z 54 -21.94 7.59 -31.36
CA CYS Z 54 -21.13 7.84 -30.18
C CYS Z 54 -21.51 6.86 -29.09
N SER Z 55 -20.51 6.35 -28.37
CA SER Z 55 -20.76 5.60 -27.14
C SER Z 55 -19.58 5.80 -26.20
N GLY Z 56 -19.85 5.73 -24.90
CA GLY Z 56 -18.80 5.88 -23.91
C GLY Z 56 -19.07 7.02 -22.95
N PHE Z 57 -18.02 7.73 -22.55
CA PHE Z 57 -18.15 8.87 -21.65
C PHE Z 57 -18.81 10.03 -22.39
N HIS Z 58 -19.84 10.63 -21.78
CA HIS Z 58 -20.68 11.55 -22.53
C HIS Z 58 -20.04 12.92 -22.73
N GLY Z 59 -19.18 13.34 -21.80
CA GLY Z 59 -18.54 14.64 -21.95
C GLY Z 59 -17.59 14.68 -23.12
N ASP Z 60 -16.83 13.60 -23.32
CA ASP Z 60 -16.01 13.50 -24.51
C ASP Z 60 -16.84 13.29 -25.76
N CYS Z 61 -18.02 12.69 -25.63
CA CYS Z 61 -18.91 12.53 -26.78
C CYS Z 61 -19.44 13.88 -27.24
N LEU Z 62 -19.62 14.84 -26.33
CA LEU Z 62 -20.03 16.17 -26.75
C LEU Z 62 -18.85 16.97 -27.28
N THR Z 63 -17.71 16.92 -26.58
CA THR Z 63 -16.54 17.70 -26.94
C THR Z 63 -15.98 17.31 -28.30
N LEU Z 64 -15.97 16.01 -28.59
CA LEU Z 64 -15.41 15.53 -29.84
C LEU Z 64 -16.25 15.97 -31.03
N THR Z 65 -17.58 15.96 -30.90
CA THR Z 65 -18.41 16.42 -32.00
C THR Z 65 -18.36 17.93 -32.17
N LYS Z 66 -18.17 18.67 -31.08
CA LYS Z 66 -17.97 20.11 -31.24
C LYS Z 66 -16.63 20.40 -31.90
N ILE Z 67 -15.67 19.48 -31.81
CA ILE Z 67 -14.44 19.60 -32.59
C ILE Z 67 -14.68 19.23 -34.06
N ILE Z 68 -15.42 18.15 -34.30
CA ILE Z 68 -15.54 17.60 -35.66
C ILE Z 68 -16.33 18.53 -36.58
N GLU Z 69 -17.42 19.14 -36.07
CA GLU Z 69 -18.16 20.07 -36.92
C GLU Z 69 -17.36 21.32 -37.26
N ALA Z 70 -16.51 21.75 -36.34
CA ALA Z 70 -15.59 22.85 -36.61
C ALA Z 70 -14.59 22.47 -37.69
N ARG Z 71 -14.04 21.26 -37.61
CA ARG Z 71 -13.09 20.81 -38.62
C ARG Z 71 -13.75 20.63 -39.98
N LEU Z 72 -15.01 20.21 -40.00
CA LEU Z 72 -15.74 20.10 -41.26
C LEU Z 72 -15.93 21.46 -41.89
N LYS Z 73 -16.25 22.48 -41.09
CA LYS Z 73 -16.47 23.78 -41.70
C LYS Z 73 -15.17 24.48 -42.08
N MET Z 74 -14.07 24.16 -41.38
CA MET Z 74 -12.74 24.56 -41.86
C MET Z 74 -12.40 23.92 -43.20
N TYR Z 75 -12.72 22.62 -43.37
CA TYR Z 75 -12.47 21.96 -44.65
C TYR Z 75 -13.33 22.55 -45.75
N LYS Z 76 -14.61 22.82 -45.46
CA LYS Z 76 -15.48 23.37 -46.48
C LYS Z 76 -15.07 24.79 -46.86
N HIS Z 77 -14.41 25.50 -45.95
CA HIS Z 77 -13.80 26.76 -46.37
C HIS Z 77 -12.57 26.53 -47.24
N SER Z 78 -11.64 25.70 -46.79
CA SER Z 78 -10.33 25.71 -47.43
C SER Z 78 -10.28 24.86 -48.69
N ASN Z 79 -11.23 23.95 -48.87
CA ASN Z 79 -11.20 23.03 -50.00
C ASN Z 79 -12.42 23.11 -50.90
N ASN Z 80 -13.43 23.89 -50.52
CA ASN Z 80 -14.58 24.24 -51.35
C ASN Z 80 -15.43 23.01 -51.71
N LYS Z 81 -15.52 22.04 -50.80
CA LYS Z 81 -16.35 20.86 -50.99
C LYS Z 81 -16.61 20.23 -49.63
N ALA Z 82 -17.64 19.40 -49.57
CA ALA Z 82 -17.88 18.61 -48.36
C ALA Z 82 -16.92 17.43 -48.31
N MET Z 83 -16.64 16.96 -47.09
CA MET Z 83 -15.73 15.84 -46.92
C MET Z 83 -16.39 14.53 -47.32
N THR Z 84 -15.58 13.61 -47.83
CA THR Z 84 -16.02 12.25 -48.06
C THR Z 84 -16.06 11.49 -46.73
N THR Z 85 -16.57 10.27 -46.78
CA THR Z 85 -16.63 9.45 -45.57
C THR Z 85 -15.24 9.00 -45.14
N GLY Z 86 -14.40 8.60 -46.10
CA GLY Z 86 -13.03 8.23 -45.78
C GLY Z 86 -12.20 9.38 -45.29
N ALA Z 87 -12.48 10.59 -45.77
CA ALA Z 87 -11.76 11.76 -45.30
C ALA Z 87 -12.13 12.08 -43.86
N ILE Z 88 -13.40 11.92 -43.51
CA ILE Z 88 -13.83 12.14 -42.12
C ILE Z 88 -13.21 11.11 -41.20
N ALA Z 89 -13.15 9.84 -41.66
CA ALA Z 89 -12.54 8.80 -40.83
C ALA Z 89 -11.04 9.03 -40.65
N ALA Z 90 -10.35 9.42 -41.71
CA ALA Z 90 -8.92 9.66 -41.61
C ALA Z 90 -8.63 10.89 -40.76
N MET Z 91 -9.55 11.87 -40.78
CA MET Z 91 -9.39 13.03 -39.92
C MET Z 91 -9.59 12.66 -38.45
N LEU Z 92 -10.62 11.88 -38.18
CA LEU Z 92 -10.96 11.55 -36.81
C LEU Z 92 -9.96 10.59 -36.20
N SER Z 93 -9.27 9.80 -37.03
CA SER Z 93 -8.19 8.98 -36.50
C SER Z 93 -7.03 9.82 -35.96
N THR Z 94 -6.68 10.90 -36.66
CA THR Z 94 -5.64 11.80 -36.17
C THR Z 94 -6.12 12.58 -34.96
N ILE Z 95 -7.40 12.98 -34.96
CA ILE Z 95 -7.96 13.73 -33.84
C ILE Z 95 -7.99 12.88 -32.57
N LEU Z 96 -8.40 11.61 -32.70
CA LEU Z 96 -8.37 10.71 -31.55
C LEU Z 96 -6.94 10.39 -31.12
N TYR Z 97 -5.99 10.33 -32.06
CA TYR Z 97 -4.64 9.99 -31.62
C TYR Z 97 -3.95 11.15 -30.94
N SER Z 98 -4.25 12.40 -31.33
CA SER Z 98 -3.56 13.56 -30.77
C SER Z 98 -3.82 13.74 -29.28
N ARG Z 99 -4.91 13.19 -28.77
CA ARG Z 99 -5.11 12.92 -27.34
C ARG Z 99 -4.67 11.50 -26.98
N ARG Z 100 -3.41 11.15 -27.22
CA ARG Z 100 -2.97 9.78 -26.95
C ARG Z 100 -2.92 9.50 -25.45
N PHE Z 101 -2.29 10.37 -24.69
CA PHE Z 101 -2.00 10.09 -23.29
C PHE Z 101 -3.03 10.68 -22.34
N PHE Z 102 -4.16 11.16 -22.87
CA PHE Z 102 -5.39 11.31 -22.09
C PHE Z 102 -6.55 11.10 -23.05
N PRO Z 103 -6.89 9.84 -23.34
CA PRO Z 103 -7.74 9.55 -24.50
C PRO Z 103 -9.19 9.95 -24.29
N TYR Z 104 -9.82 10.37 -25.39
CA TYR Z 104 -11.27 10.47 -25.42
C TYR Z 104 -11.84 9.06 -25.25
N TYR Z 105 -12.54 8.81 -24.14
CA TYR Z 105 -13.12 7.50 -23.91
C TYR Z 105 -14.42 7.40 -24.73
N VAL Z 106 -14.23 7.32 -26.04
CA VAL Z 106 -15.31 7.33 -27.02
C VAL Z 106 -15.03 6.22 -28.02
N TYR Z 107 -16.04 5.40 -28.28
CA TYR Z 107 -16.00 4.43 -29.37
C TYR Z 107 -16.81 5.00 -30.52
N ASN Z 108 -16.13 5.44 -31.55
CA ASN Z 108 -16.77 6.09 -32.69
C ASN Z 108 -17.11 5.06 -33.75
N ILE Z 109 -18.30 5.17 -34.31
CA ILE Z 109 -18.69 4.38 -35.45
C ILE Z 109 -19.23 5.33 -36.50
N ILE Z 110 -18.48 5.53 -37.57
CA ILE Z 110 -18.90 6.38 -38.68
C ILE Z 110 -19.64 5.53 -39.69
N GLY Z 111 -20.86 5.91 -40.00
CA GLY Z 111 -21.63 5.27 -41.04
C GLY Z 111 -21.93 6.25 -42.14
N GLY Z 112 -22.08 5.76 -43.36
CA GLY Z 112 -22.50 6.62 -44.44
C GLY Z 112 -22.16 6.01 -45.78
N LEU Z 113 -22.28 6.84 -46.81
CA LEU Z 113 -21.91 6.48 -48.16
C LEU Z 113 -20.50 6.98 -48.48
N ASP Z 114 -19.77 6.19 -49.27
CA ASP Z 114 -18.56 6.69 -49.90
C ASP Z 114 -18.92 7.47 -51.16
N GLU Z 115 -17.94 7.76 -52.02
CA GLU Z 115 -18.26 8.48 -53.23
C GLU Z 115 -18.85 7.58 -54.33
N GLU Z 116 -18.75 6.27 -54.18
CA GLU Z 116 -19.28 5.34 -55.17
C GLU Z 116 -20.68 4.85 -54.83
N GLY Z 117 -21.30 5.41 -53.80
CA GLY Z 117 -22.67 5.04 -53.51
C GLY Z 117 -22.85 3.75 -52.76
N LYS Z 118 -21.80 3.22 -52.13
CA LYS Z 118 -21.93 2.04 -51.31
C LYS Z 118 -21.84 2.38 -49.83
N GLY Z 119 -22.41 1.52 -49.00
CA GLY Z 119 -22.35 1.73 -47.57
C GLY Z 119 -20.96 1.45 -47.03
N ALA Z 120 -20.53 2.27 -46.08
CA ALA Z 120 -19.24 2.09 -45.43
C ALA Z 120 -19.41 2.35 -43.94
N VAL Z 121 -18.98 1.40 -43.12
CA VAL Z 121 -19.01 1.55 -41.67
C VAL Z 121 -17.57 1.52 -41.17
N TYR Z 122 -17.19 2.55 -40.45
CA TYR Z 122 -15.83 2.75 -39.95
C TYR Z 122 -15.89 2.77 -38.42
N SER Z 123 -15.39 1.73 -37.78
CA SER Z 123 -15.51 1.59 -36.33
C SER Z 123 -14.17 1.76 -35.66
N PHE Z 124 -14.11 2.62 -34.65
CA PHE Z 124 -12.84 3.13 -34.15
C PHE Z 124 -12.64 2.67 -32.71
N ASP Z 125 -11.42 2.82 -32.23
CA ASP Z 125 -11.13 2.64 -30.82
C ASP Z 125 -10.93 4.02 -30.20
N PRO Z 126 -10.77 4.15 -28.87
CA PRO Z 126 -10.43 5.48 -28.31
C PRO Z 126 -9.08 6.04 -28.74
N VAL Z 127 -8.15 5.21 -29.20
CA VAL Z 127 -6.81 5.69 -29.49
C VAL Z 127 -6.54 5.77 -31.00
N GLY Z 128 -7.56 5.60 -31.83
CA GLY Z 128 -7.49 6.06 -33.19
C GLY Z 128 -7.26 5.03 -34.27
N SER Z 129 -7.12 3.74 -33.93
CA SER Z 129 -7.08 2.72 -34.97
C SER Z 129 -8.46 2.58 -35.59
N TYR Z 130 -8.48 2.25 -36.88
CA TYR Z 130 -9.76 2.21 -37.56
C TYR Z 130 -9.73 1.16 -38.66
N GLN Z 131 -10.92 0.67 -39.01
CA GLN Z 131 -11.03 -0.35 -40.04
C GLN Z 131 -12.42 -0.27 -40.66
N ARG Z 132 -12.51 -0.71 -41.91
CA ARG Z 132 -13.79 -0.75 -42.59
C ARG Z 132 -14.45 -2.11 -42.38
N ASP Z 133 -15.74 -2.08 -42.06
CA ASP Z 133 -16.51 -3.28 -41.82
C ASP Z 133 -17.80 -3.24 -42.60
N SER Z 134 -18.49 -4.38 -42.63
CA SER Z 134 -19.83 -4.43 -43.19
C SER Z 134 -20.89 -4.13 -42.15
N PHE Z 135 -20.61 -4.44 -40.89
CA PHE Z 135 -21.55 -4.24 -39.79
C PHE Z 135 -20.74 -4.19 -38.51
N LYS Z 136 -21.26 -3.45 -37.53
CA LYS Z 136 -20.52 -3.35 -36.28
C LYS Z 136 -21.48 -2.94 -35.16
N ALA Z 137 -21.33 -3.58 -34.01
CA ALA Z 137 -21.97 -3.13 -32.78
C ALA Z 137 -20.90 -2.61 -31.82
N GLY Z 138 -21.29 -1.61 -31.02
CA GLY Z 138 -20.35 -0.97 -30.13
C GLY Z 138 -21.01 -0.61 -28.81
N GLY Z 139 -20.22 -0.04 -27.92
CA GLY Z 139 -20.76 0.43 -26.67
C GLY Z 139 -20.92 -0.70 -25.65
N SER Z 140 -22.00 -0.60 -24.87
CA SER Z 140 -22.18 -1.47 -23.72
C SER Z 140 -22.59 -2.88 -24.12
N ALA Z 141 -23.65 -3.00 -24.92
CA ALA Z 141 -24.29 -4.28 -25.18
C ALA Z 141 -23.77 -4.97 -26.44
N SER Z 142 -22.50 -4.73 -26.80
CA SER Z 142 -21.96 -5.20 -28.08
C SER Z 142 -21.89 -6.72 -28.14
N ALA Z 143 -21.65 -7.37 -27.00
CA ALA Z 143 -21.51 -8.83 -26.95
C ALA Z 143 -22.83 -9.56 -27.11
N MET Z 144 -23.96 -8.87 -27.05
CA MET Z 144 -25.26 -9.50 -27.28
C MET Z 144 -25.74 -9.32 -28.71
N LEU Z 145 -25.31 -8.25 -29.37
CA LEU Z 145 -25.67 -8.00 -30.76
C LEU Z 145 -24.72 -8.64 -31.75
N GLN Z 146 -23.42 -8.59 -31.44
CA GLN Z 146 -22.41 -8.97 -32.42
C GLN Z 146 -22.40 -10.47 -32.79
N PRO Z 147 -22.61 -11.44 -31.88
CA PRO Z 147 -22.80 -12.82 -32.38
C PRO Z 147 -24.06 -13.02 -33.20
N LEU Z 148 -25.14 -12.32 -32.92
CA LEU Z 148 -26.35 -12.49 -33.73
C LEU Z 148 -26.16 -11.90 -35.12
N LEU Z 149 -25.46 -10.78 -35.23
CA LEU Z 149 -25.15 -10.25 -36.54
C LEU Z 149 -24.11 -11.10 -37.25
N ASP Z 150 -23.21 -11.74 -36.49
CA ASP Z 150 -22.30 -12.73 -37.04
C ASP Z 150 -23.07 -13.90 -37.64
N ASN Z 151 -24.18 -14.27 -37.01
CA ASN Z 151 -25.04 -15.30 -37.59
C ASN Z 151 -25.76 -14.80 -38.84
N GLN Z 152 -26.34 -13.60 -38.78
CA GLN Z 152 -27.32 -13.22 -39.78
C GLN Z 152 -26.76 -12.43 -40.95
N VAL Z 153 -25.63 -11.74 -40.79
CA VAL Z 153 -25.05 -10.95 -41.86
C VAL Z 153 -23.88 -11.66 -42.52
N GLY Z 154 -22.94 -12.15 -41.72
CA GLY Z 154 -21.83 -12.90 -42.28
C GLY Z 154 -22.16 -14.34 -42.64
N PHE Z 155 -23.31 -14.84 -42.17
CA PHE Z 155 -23.81 -16.19 -42.43
C PHE Z 155 -22.84 -17.28 -41.96
N LYS Z 156 -22.17 -17.04 -40.84
CA LYS Z 156 -21.27 -18.05 -40.27
C LYS Z 156 -22.04 -19.10 -39.50
N ASN Z 157 -21.44 -20.30 -39.43
CA ASN Z 157 -21.97 -21.50 -38.76
C ASN Z 157 -23.31 -21.97 -39.32
N MET Z 158 -23.63 -21.59 -40.56
CA MET Z 158 -24.82 -22.08 -41.25
C MET Z 158 -24.42 -22.88 -42.48
N GLN Z 159 -25.00 -24.07 -42.62
CA GLN Z 159 -24.87 -24.85 -43.84
C GLN Z 159 -26.18 -24.80 -44.61
N ASN Z 160 -26.07 -24.90 -45.95
CA ASN Z 160 -27.19 -24.85 -46.90
C ASN Z 160 -27.98 -23.54 -46.78
N VAL Z 161 -27.26 -22.43 -46.95
CA VAL Z 161 -27.87 -21.10 -46.93
C VAL Z 161 -27.36 -20.32 -48.15
N GLU Z 162 -28.28 -19.63 -48.83
CA GLU Z 162 -27.93 -18.77 -49.96
C GLU Z 162 -27.54 -17.41 -49.41
N HIS Z 163 -26.29 -17.00 -49.66
CA HIS Z 163 -25.78 -15.74 -49.15
C HIS Z 163 -26.37 -14.56 -49.92
N VAL Z 164 -27.61 -14.21 -49.60
CA VAL Z 164 -28.35 -13.16 -50.28
C VAL Z 164 -27.73 -11.81 -49.90
N PRO Z 165 -27.69 -10.83 -50.79
CA PRO Z 165 -27.19 -9.51 -50.40
C PRO Z 165 -28.10 -8.80 -49.40
N LEU Z 166 -27.56 -7.72 -48.85
CA LEU Z 166 -28.20 -7.00 -47.74
C LEU Z 166 -29.31 -6.13 -48.31
N SER Z 167 -30.55 -6.58 -48.14
CA SER Z 167 -31.70 -5.76 -48.50
C SER Z 167 -32.12 -4.90 -47.31
N LEU Z 168 -32.86 -3.83 -47.61
CA LEU Z 168 -33.21 -2.86 -46.57
C LEU Z 168 -34.28 -3.41 -45.63
N ASP Z 169 -35.27 -4.11 -46.18
CA ASP Z 169 -36.45 -4.51 -45.40
C ASP Z 169 -36.12 -5.61 -44.40
N ARG Z 170 -35.13 -6.44 -44.70
CA ARG Z 170 -34.68 -7.44 -43.74
C ARG Z 170 -33.70 -6.85 -42.73
N ALA Z 171 -32.90 -5.87 -43.16
CA ALA Z 171 -31.92 -5.27 -42.26
C ALA Z 171 -32.60 -4.43 -41.19
N MET Z 172 -33.68 -3.72 -41.54
CA MET Z 172 -34.39 -2.91 -40.56
C MET Z 172 -35.02 -3.77 -39.46
N ARG Z 173 -35.64 -4.89 -39.85
CA ARG Z 173 -36.18 -5.83 -38.88
C ARG Z 173 -35.07 -6.47 -38.05
N LEU Z 174 -33.90 -6.68 -38.66
CA LEU Z 174 -32.75 -7.17 -37.90
C LEU Z 174 -32.34 -6.18 -36.81
N VAL Z 175 -32.30 -4.89 -37.14
CA VAL Z 175 -31.93 -3.86 -36.16
C VAL Z 175 -32.96 -3.79 -35.03
N LYS Z 176 -34.24 -3.92 -35.37
CA LYS Z 176 -35.25 -3.87 -34.30
C LYS Z 176 -35.19 -5.09 -33.41
N ASP Z 177 -34.94 -6.27 -33.99
CA ASP Z 177 -34.88 -7.50 -33.21
C ASP Z 177 -33.66 -7.55 -32.30
N VAL Z 178 -32.49 -7.10 -32.78
CA VAL Z 178 -31.30 -7.15 -31.94
C VAL Z 178 -31.39 -6.14 -30.80
N PHE Z 179 -32.08 -5.01 -31.01
CA PHE Z 179 -32.24 -4.07 -29.91
C PHE Z 179 -33.29 -4.52 -28.91
N ILE Z 180 -34.31 -5.26 -29.36
CA ILE Z 180 -35.22 -5.89 -28.40
C ILE Z 180 -34.48 -6.93 -27.57
N SER Z 181 -33.57 -7.68 -28.22
CA SER Z 181 -32.76 -8.65 -27.49
C SER Z 181 -31.78 -7.98 -26.53
N ALA Z 182 -31.26 -6.81 -26.89
CA ALA Z 182 -30.36 -6.08 -25.99
C ALA Z 182 -31.14 -5.47 -24.83
N ALA Z 183 -32.35 -4.98 -25.08
CA ALA Z 183 -33.12 -4.35 -24.01
C ALA Z 183 -33.67 -5.39 -23.05
N GLU Z 184 -33.88 -6.63 -23.51
CA GLU Z 184 -34.36 -7.66 -22.61
C GLU Z 184 -33.30 -8.11 -21.61
N ARG Z 185 -32.02 -8.00 -21.95
CA ARG Z 185 -30.98 -8.58 -21.12
C ARG Z 185 -29.96 -7.58 -20.59
N ASP Z 186 -29.71 -6.46 -21.26
CA ASP Z 186 -28.80 -5.46 -20.74
C ASP Z 186 -29.57 -4.34 -20.06
N VAL Z 187 -29.09 -3.93 -18.89
CA VAL Z 187 -29.75 -2.87 -18.15
C VAL Z 187 -29.55 -1.51 -18.80
N TYR Z 188 -28.46 -1.32 -19.54
CA TYR Z 188 -28.09 0.01 -20.00
C TYR Z 188 -28.84 0.47 -21.25
N THR Z 189 -29.39 -0.46 -22.02
CA THR Z 189 -30.01 -0.13 -23.30
C THR Z 189 -31.52 -0.13 -23.16
N GLY Z 190 -32.16 0.94 -23.62
CA GLY Z 190 -33.61 0.97 -23.61
C GLY Z 190 -34.15 2.36 -23.90
N ASP Z 191 -35.45 2.48 -23.66
CA ASP Z 191 -36.30 3.67 -23.57
C ASP Z 191 -36.66 4.28 -24.92
N ALA Z 192 -35.99 3.92 -26.01
CA ALA Z 192 -36.28 4.33 -27.39
C ALA Z 192 -35.32 3.59 -28.31
N LEU Z 193 -35.50 3.80 -29.60
CA LEU Z 193 -34.53 3.39 -30.61
C LEU Z 193 -34.58 4.35 -31.78
N ARG Z 194 -33.48 5.05 -32.02
CA ARG Z 194 -33.39 6.07 -33.06
C ARG Z 194 -32.54 5.52 -34.20
N ILE Z 195 -33.13 5.44 -35.39
CA ILE Z 195 -32.53 4.76 -36.54
C ILE Z 195 -32.30 5.78 -37.65
N CYS Z 196 -31.05 5.94 -38.07
CA CYS Z 196 -30.73 6.82 -39.19
C CYS Z 196 -30.34 5.96 -40.39
N ILE Z 197 -31.05 6.14 -41.50
CA ILE Z 197 -30.77 5.43 -42.75
C ILE Z 197 -30.20 6.43 -43.74
N VAL Z 198 -28.98 6.19 -44.18
CA VAL Z 198 -28.31 7.06 -45.14
C VAL Z 198 -28.46 6.47 -46.52
N THR Z 199 -29.21 7.15 -47.37
CA THR Z 199 -29.38 6.77 -48.76
C THR Z 199 -29.04 8.01 -49.60
N LYS Z 200 -29.12 7.88 -50.92
CA LYS Z 200 -28.72 8.99 -51.79
C LYS Z 200 -29.70 10.15 -51.76
N GLU Z 201 -30.95 9.91 -51.35
CA GLU Z 201 -31.93 10.98 -51.29
C GLU Z 201 -31.70 11.88 -50.07
N GLY Z 202 -31.17 11.32 -49.00
CA GLY Z 202 -31.01 12.05 -47.75
C GLY Z 202 -31.11 11.10 -46.58
N ILE Z 203 -31.31 11.67 -45.40
CA ILE Z 203 -31.26 10.94 -44.14
C ILE Z 203 -32.64 11.03 -43.49
N ARG Z 204 -33.20 9.88 -43.14
CA ARG Z 204 -34.49 9.84 -42.46
C ARG Z 204 -34.36 9.12 -41.13
N GLU Z 205 -35.44 9.16 -40.34
CA GLU Z 205 -35.41 8.68 -38.96
C GLU Z 205 -36.63 7.81 -38.71
N GLU Z 206 -36.47 6.80 -37.88
CA GLU Z 206 -37.59 6.02 -37.37
C GLU Z 206 -37.37 5.72 -35.90
N THR Z 207 -38.43 5.86 -35.10
CA THR Z 207 -38.32 5.71 -33.66
C THR Z 207 -39.22 4.57 -33.19
N VAL Z 208 -38.64 3.66 -32.41
CA VAL Z 208 -39.35 2.54 -31.79
C VAL Z 208 -39.01 2.56 -30.31
N SER Z 209 -40.00 2.25 -29.47
CA SER Z 209 -39.77 2.19 -28.04
C SER Z 209 -39.10 0.87 -27.65
N LEU Z 210 -38.50 0.88 -26.46
CA LEU Z 210 -37.95 -0.32 -25.83
C LEU Z 210 -38.51 -0.46 -24.41
N ARG Z 211 -37.94 -1.42 -23.68
CA ARG Z 211 -38.29 -1.67 -22.29
C ARG Z 211 -37.92 -0.48 -21.40
N LYS Z 212 -38.82 -0.16 -20.48
CA LYS Z 212 -38.68 1.01 -19.63
C LYS Z 212 -37.95 0.73 -18.33
N ASP Z 213 -37.75 -0.53 -17.97
CA ASP Z 213 -37.16 -0.85 -16.66
C ASP Z 213 -35.64 -0.76 -16.63
N THR AA 1 -9.69 21.58 -7.72
CA THR AA 1 -9.80 21.35 -6.28
C THR AA 1 -10.04 19.88 -5.94
N GLN AA 2 -9.21 19.35 -5.05
CA GLN AA 2 -9.30 17.94 -4.67
C GLN AA 2 -10.24 17.67 -3.49
N ASN AA 3 -10.50 18.66 -2.65
CA ASN AA 3 -11.30 18.48 -1.44
C ASN AA 3 -12.46 19.47 -1.40
N PRO AA 4 -13.70 19.02 -1.58
CA PRO AA 4 -14.84 19.87 -1.22
C PRO AA 4 -15.03 19.88 0.29
N MET AA 5 -15.16 21.08 0.86
CA MET AA 5 -15.37 21.21 2.29
C MET AA 5 -16.75 21.77 2.59
N VAL AA 6 -17.09 22.95 2.09
CA VAL AA 6 -18.41 23.52 2.33
C VAL AA 6 -19.28 23.16 1.14
N THR AA 7 -20.25 22.29 1.37
CA THR AA 7 -21.00 21.66 0.29
C THR AA 7 -22.47 22.01 0.38
N GLY AA 8 -23.14 21.97 -0.76
CA GLY AA 8 -24.58 22.11 -0.83
C GLY AA 8 -25.22 20.88 -1.45
N THR AA 9 -26.34 20.46 -0.91
CA THR AA 9 -27.04 19.28 -1.38
C THR AA 9 -28.07 19.67 -2.45
N SER AA 10 -29.05 18.79 -2.67
CA SER AA 10 -29.90 18.70 -3.86
C SER AA 10 -30.51 20.01 -4.33
N VAL AA 11 -30.58 20.16 -5.65
CA VAL AA 11 -31.25 21.26 -6.34
C VAL AA 11 -32.21 20.64 -7.34
N LEU AA 12 -33.46 21.09 -7.32
CA LEU AA 12 -34.48 20.51 -8.17
C LEU AA 12 -34.76 21.43 -9.36
N GLY AA 13 -35.58 20.96 -10.27
CA GLY AA 13 -36.04 21.79 -11.36
C GLY AA 13 -37.04 21.06 -12.22
N VAL AA 14 -38.04 21.78 -12.70
CA VAL AA 14 -39.07 21.19 -13.55
C VAL AA 14 -39.63 22.28 -14.46
N LYS AA 15 -39.83 21.94 -15.73
CA LYS AA 15 -40.47 22.84 -16.68
C LYS AA 15 -41.96 22.86 -16.46
N PHE AA 16 -42.56 24.04 -16.65
CA PHE AA 16 -44.01 24.15 -16.64
C PHE AA 16 -44.44 25.00 -17.81
N GLU AA 17 -45.76 25.11 -17.98
CA GLU AA 17 -46.31 25.76 -19.16
C GLU AA 17 -46.10 27.26 -19.05
N GLY AA 18 -44.99 27.74 -19.59
CA GLY AA 18 -44.63 29.15 -19.56
C GLY AA 18 -43.35 29.46 -18.83
N GLY AA 19 -42.64 28.49 -18.26
CA GLY AA 19 -41.40 28.81 -17.59
C GLY AA 19 -40.82 27.62 -16.86
N VAL AA 20 -39.82 27.90 -16.03
CA VAL AA 20 -39.06 26.90 -15.30
C VAL AA 20 -39.02 27.32 -13.83
N VAL AA 21 -39.20 26.37 -12.92
CA VAL AA 21 -39.04 26.59 -11.50
C VAL AA 21 -37.95 25.66 -10.97
N ILE AA 22 -36.99 26.23 -10.24
CA ILE AA 22 -35.96 25.44 -9.56
C ILE AA 22 -36.00 25.79 -8.08
N ALA AA 23 -35.47 24.90 -7.25
CA ALA AA 23 -35.49 25.10 -5.82
C ALA AA 23 -34.26 24.49 -5.18
N ALA AA 24 -33.94 24.96 -3.99
CA ALA AA 24 -32.73 24.56 -3.29
C ALA AA 24 -32.86 25.00 -1.84
N ASP AA 25 -32.26 24.23 -0.94
CA ASP AA 25 -32.23 24.66 0.44
C ASP AA 25 -31.19 25.75 0.65
N MET AA 26 -31.11 26.24 1.88
CA MET AA 26 -30.20 27.33 2.20
C MET AA 26 -29.11 26.92 3.17
N LEU AA 27 -28.62 25.69 3.07
CA LEU AA 27 -27.65 25.16 4.02
C LEU AA 27 -26.30 24.98 3.36
N GLY AA 28 -25.24 25.34 4.08
CA GLY AA 28 -23.91 24.94 3.68
C GLY AA 28 -23.32 24.01 4.70
N SER AA 29 -23.25 22.73 4.39
CA SER AA 29 -22.73 21.79 5.36
C SER AA 29 -21.22 21.79 5.33
N TYR AA 30 -20.62 21.39 6.43
CA TYR AA 30 -19.18 21.25 6.54
C TYR AA 30 -18.98 19.86 7.12
N GLY AA 31 -18.95 18.86 6.24
CA GLY AA 31 -18.95 17.50 6.74
C GLY AA 31 -20.33 17.11 7.19
N SER AA 32 -20.51 16.91 8.48
CA SER AA 32 -21.84 16.69 9.04
C SER AA 32 -22.43 17.93 9.69
N LEU AA 33 -21.61 18.92 9.98
CA LEU AA 33 -22.06 20.11 10.68
C LEU AA 33 -22.94 20.98 9.80
N ALA AA 34 -24.01 21.53 10.37
CA ALA AA 34 -24.80 22.54 9.68
C ALA AA 34 -24.16 23.89 9.98
N ARG AA 35 -23.09 24.18 9.25
CA ARG AA 35 -22.23 25.29 9.62
C ARG AA 35 -22.81 26.63 9.19
N PHE AA 36 -23.28 26.72 7.96
CA PHE AA 36 -23.85 27.94 7.41
C PHE AA 36 -25.30 27.65 7.07
N ARG AA 37 -26.21 28.42 7.64
CA ARG AA 37 -27.62 28.11 7.53
C ARG AA 37 -28.43 29.12 6.72
N ASN AA 38 -27.81 30.19 6.23
CA ASN AA 38 -28.54 31.22 5.52
C ASN AA 38 -27.74 31.68 4.29
N ILE AA 39 -27.27 30.72 3.51
CA ILE AA 39 -26.60 31.01 2.25
C ILE AA 39 -27.59 30.76 1.12
N SER AA 40 -27.43 31.47 0.02
CA SER AA 40 -28.27 31.26 -1.15
C SER AA 40 -27.47 30.51 -2.18
N ARG AA 41 -28.06 29.45 -2.74
CA ARG AA 41 -27.40 28.65 -3.74
C ARG AA 41 -28.02 28.83 -5.12
N ILE AA 42 -28.79 29.90 -5.31
CA ILE AA 42 -29.44 30.20 -6.57
C ILE AA 42 -28.94 31.54 -7.08
N MET AA 43 -28.52 31.58 -8.33
CA MET AA 43 -27.99 32.76 -8.96
C MET AA 43 -28.96 33.23 -10.03
N ARG AA 44 -29.26 34.52 -10.04
CA ARG AA 44 -29.98 35.13 -11.15
C ARG AA 44 -28.96 35.70 -12.12
N VAL AA 45 -28.84 35.09 -13.30
CA VAL AA 45 -27.80 35.48 -14.25
C VAL AA 45 -28.21 36.69 -15.07
N ASN AA 46 -29.37 36.64 -15.69
CA ASN AA 46 -29.98 37.82 -16.30
C ASN AA 46 -31.49 37.68 -16.19
N ASN AA 47 -32.23 38.45 -16.98
CA ASN AA 47 -33.70 38.43 -16.90
C ASN AA 47 -34.32 37.14 -17.42
N SER AA 48 -33.55 36.28 -18.07
CA SER AA 48 -34.12 35.04 -18.59
C SER AA 48 -33.25 33.82 -18.32
N THR AA 49 -32.43 33.84 -17.27
CA THR AA 49 -31.62 32.68 -16.92
C THR AA 49 -31.36 32.70 -15.42
N MET AA 50 -31.67 31.60 -14.75
CA MET AA 50 -31.34 31.42 -13.35
C MET AA 50 -30.53 30.14 -13.21
N LEU AA 51 -29.86 29.98 -12.08
CA LEU AA 51 -28.85 28.95 -11.97
C LEU AA 51 -28.73 28.46 -10.54
N GLY AA 52 -28.84 27.17 -10.34
CA GLY AA 52 -28.69 26.59 -9.01
C GLY AA 52 -27.67 25.48 -9.05
N ALA AA 53 -26.84 25.42 -8.01
CA ALA AA 53 -25.67 24.55 -8.01
C ALA AA 53 -25.57 23.76 -6.73
N SER AA 54 -25.37 22.45 -6.88
CA SER AA 54 -25.06 21.57 -5.77
C SER AA 54 -23.56 21.34 -5.68
N GLY AA 55 -23.14 20.68 -4.61
CA GLY AA 55 -21.74 20.35 -4.45
C GLY AA 55 -20.96 21.45 -3.76
N ASP AA 56 -19.68 21.58 -4.10
CA ASP AA 56 -18.79 22.56 -3.48
C ASP AA 56 -19.29 23.98 -3.72
N TYR AA 57 -19.31 24.77 -2.66
CA TYR AA 57 -19.93 26.09 -2.72
C TYR AA 57 -18.97 27.18 -3.15
N ALA AA 58 -17.67 27.02 -2.90
CA ALA AA 58 -16.70 28.02 -3.32
C ALA AA 58 -16.61 28.08 -4.84
N ASP AA 59 -16.71 26.94 -5.50
CA ASP AA 59 -16.68 26.93 -6.95
C ASP AA 59 -17.95 27.53 -7.53
N PHE AA 60 -19.07 27.39 -6.83
CA PHE AA 60 -20.27 28.10 -7.23
C PHE AA 60 -20.10 29.60 -7.12
N GLN AA 61 -19.40 30.07 -6.09
CA GLN AA 61 -19.20 31.52 -6.04
C GLN AA 61 -18.17 32.00 -7.08
N TYR AA 62 -17.23 31.16 -7.45
CA TYR AA 62 -16.36 31.50 -8.57
C TYR AA 62 -17.12 31.59 -9.88
N LEU AA 63 -18.07 30.68 -10.10
CA LEU AA 63 -18.89 30.77 -11.30
C LEU AA 63 -19.85 31.95 -11.24
N LYS AA 64 -20.31 32.34 -10.04
CA LYS AA 64 -21.10 33.55 -9.93
C LYS AA 64 -20.30 34.77 -10.36
N GLN AA 65 -19.03 34.81 -9.96
CA GLN AA 65 -18.16 35.91 -10.35
C GLN AA 65 -17.92 35.96 -11.85
N VAL AA 66 -17.56 34.83 -12.44
CA VAL AA 66 -17.19 34.82 -13.86
C VAL AA 66 -18.42 35.03 -14.74
N LEU AA 67 -19.51 34.33 -14.43
CA LEU AA 67 -20.70 34.43 -15.24
C LEU AA 67 -21.49 35.71 -14.99
N GLY AA 68 -21.27 36.39 -13.86
CA GLY AA 68 -21.79 37.73 -13.73
C GLY AA 68 -20.98 38.74 -14.50
N GLN AA 69 -19.66 38.60 -14.50
CA GLN AA 69 -18.83 39.55 -15.26
C GLN AA 69 -19.03 39.38 -16.77
N MET AA 70 -19.35 38.16 -17.22
CA MET AA 70 -19.69 37.95 -18.63
C MET AA 70 -20.96 38.69 -19.03
N VAL AA 71 -22.02 38.60 -18.22
CA VAL AA 71 -23.24 39.27 -18.67
C VAL AA 71 -23.14 40.77 -18.47
N ILE AA 72 -22.31 41.24 -17.53
CA ILE AA 72 -22.09 42.68 -17.44
C ILE AA 72 -21.31 43.19 -18.64
N ASP AA 73 -20.26 42.48 -19.04
CA ASP AA 73 -19.52 42.87 -20.23
C ASP AA 73 -20.32 42.69 -21.51
N GLU AA 74 -21.37 41.85 -21.49
CA GLU AA 74 -22.27 41.86 -22.63
C GLU AA 74 -23.16 43.09 -22.61
N GLU AA 75 -23.69 43.44 -21.44
CA GLU AA 75 -24.62 44.56 -21.36
C GLU AA 75 -23.93 45.91 -21.56
N LEU AA 76 -22.60 45.97 -21.42
CA LEU AA 76 -21.87 47.19 -21.72
C LEU AA 76 -21.93 47.56 -23.19
N LEU AA 77 -22.05 46.58 -24.07
CA LEU AA 77 -22.12 46.89 -25.49
C LEU AA 77 -23.46 47.52 -25.84
N GLY AA 78 -24.54 47.03 -25.25
CA GLY AA 78 -25.86 47.57 -25.44
C GLY AA 78 -26.36 47.49 -26.86
N ASP AA 79 -26.15 46.36 -27.53
CA ASP AA 79 -26.57 46.19 -28.92
C ASP AA 79 -27.91 45.50 -29.06
N GLY AA 80 -28.51 45.05 -27.95
CA GLY AA 80 -29.77 44.35 -28.00
C GLY AA 80 -29.68 42.84 -27.98
N HIS AA 81 -28.49 42.26 -27.87
CA HIS AA 81 -28.37 40.83 -27.68
C HIS AA 81 -28.22 40.50 -26.21
N SER AA 82 -28.81 39.38 -25.83
CA SER AA 82 -28.69 38.82 -24.50
C SER AA 82 -28.41 37.35 -24.66
N TYR AA 83 -27.66 36.79 -23.71
CA TYR AA 83 -27.36 35.36 -23.77
C TYR AA 83 -28.61 34.55 -23.51
N SER AA 84 -29.05 33.81 -24.51
CA SER AA 84 -30.07 32.80 -24.34
C SER AA 84 -29.55 31.74 -23.39
N PRO AA 85 -30.43 31.07 -22.65
CA PRO AA 85 -29.96 30.09 -21.66
C PRO AA 85 -29.24 28.91 -22.26
N ARG AA 86 -29.47 28.61 -23.53
CA ARG AA 86 -28.69 27.58 -24.20
C ARG AA 86 -27.25 28.02 -24.38
N ALA AA 87 -27.01 29.32 -24.54
CA ALA AA 87 -25.65 29.81 -24.66
C ALA AA 87 -24.91 29.72 -23.33
N ILE AA 88 -25.59 30.04 -22.22
CA ILE AA 88 -24.96 29.95 -20.92
C ILE AA 88 -24.71 28.49 -20.57
N HIS AA 89 -25.62 27.60 -20.97
CA HIS AA 89 -25.45 26.18 -20.72
C HIS AA 89 -24.26 25.61 -21.50
N SER AA 90 -24.11 26.03 -22.76
CA SER AA 90 -22.94 25.59 -23.52
C SER AA 90 -21.65 26.16 -22.96
N TRP AA 91 -21.69 27.41 -22.47
CA TRP AA 91 -20.51 28.00 -21.86
C TRP AA 91 -20.12 27.26 -20.59
N LEU AA 92 -21.10 26.87 -19.78
CA LEU AA 92 -20.77 26.14 -18.57
C LEU AA 92 -20.27 24.74 -18.87
N THR AA 93 -20.82 24.09 -19.90
CA THR AA 93 -20.29 22.79 -20.30
C THR AA 93 -18.82 22.89 -20.69
N ARG AA 94 -18.47 23.94 -21.44
CA ARG AA 94 -17.08 24.11 -21.85
C ARG AA 94 -16.18 24.52 -20.70
N ALA AA 95 -16.68 25.31 -19.75
CA ALA AA 95 -15.83 25.71 -18.63
C ALA AA 95 -15.61 24.57 -17.66
N MET AA 96 -16.66 23.80 -17.34
CA MET AA 96 -16.51 22.67 -16.42
C MET AA 96 -15.66 21.58 -17.04
N TYR AA 97 -15.82 21.33 -18.35
CA TYR AA 97 -14.98 20.32 -19.00
C TYR AA 97 -13.54 20.79 -19.14
N SER AA 98 -13.32 22.08 -19.39
CA SER AA 98 -11.97 22.59 -19.49
C SER AA 98 -11.26 22.57 -18.14
N ARG AA 99 -12.01 22.77 -17.05
CA ARG AA 99 -11.42 22.57 -15.73
C ARG AA 99 -11.18 21.09 -15.45
N ARG AA 100 -12.03 20.22 -15.98
CA ARG AA 100 -11.82 18.77 -15.82
C ARG AA 100 -10.56 18.31 -16.54
N SER AA 101 -10.27 18.90 -17.71
CA SER AA 101 -9.15 18.45 -18.53
C SER AA 101 -7.80 18.80 -17.92
N LYS AA 102 -7.76 19.77 -17.02
CA LYS AA 102 -6.53 20.15 -16.34
C LYS AA 102 -6.29 19.32 -15.09
N MET AA 103 -7.11 18.29 -14.87
CA MET AA 103 -7.15 17.49 -13.62
C MET AA 103 -7.38 18.38 -12.41
N ASN AA 104 -8.24 19.38 -12.59
CA ASN AA 104 -8.47 20.39 -11.55
C ASN AA 104 -9.93 20.83 -11.64
N PRO AA 105 -10.86 19.99 -11.19
CA PRO AA 105 -12.27 20.22 -11.49
C PRO AA 105 -12.91 21.30 -10.63
N LEU AA 106 -14.07 21.75 -11.09
CA LEU AA 106 -14.97 22.56 -10.28
C LEU AA 106 -16.03 21.62 -9.74
N TRP AA 107 -15.98 21.34 -8.43
CA TRP AA 107 -16.73 20.22 -7.87
C TRP AA 107 -18.20 20.59 -7.67
N ASN AA 108 -18.90 20.80 -8.78
CA ASN AA 108 -20.29 21.19 -8.77
C ASN AA 108 -21.12 20.27 -9.65
N THR AA 109 -22.44 20.46 -9.55
CA THR AA 109 -23.42 19.74 -10.34
C THR AA 109 -24.60 20.70 -10.53
N MET AA 110 -24.65 21.38 -11.66
CA MET AA 110 -25.43 22.61 -11.77
C MET AA 110 -26.65 22.43 -12.66
N VAL AA 111 -27.66 23.25 -12.39
CA VAL AA 111 -28.92 23.24 -13.12
C VAL AA 111 -29.19 24.65 -13.62
N ILE AA 112 -29.20 24.82 -14.94
CA ILE AA 112 -29.49 26.11 -15.57
C ILE AA 112 -30.93 26.09 -16.02
N GLY AA 113 -31.71 27.06 -15.59
CA GLY AA 113 -33.07 27.21 -16.05
C GLY AA 113 -33.25 28.58 -16.67
N GLY AA 114 -34.10 28.63 -17.69
CA GLY AA 114 -34.34 29.89 -18.35
C GLY AA 114 -35.59 29.83 -19.19
N TYR AA 115 -35.94 30.97 -19.76
CA TYR AA 115 -37.15 31.07 -20.58
C TYR AA 115 -36.91 32.12 -21.65
N ALA AA 116 -36.63 31.68 -22.86
CA ALA AA 116 -36.35 32.59 -23.96
C ALA AA 116 -37.07 32.12 -25.21
N ASP AA 117 -37.53 33.10 -26.00
CA ASP AA 117 -38.34 32.89 -27.20
C ASP AA 117 -39.61 32.10 -26.91
N GLY AA 118 -40.16 32.29 -25.71
CA GLY AA 118 -41.33 31.56 -25.29
C GLY AA 118 -41.10 30.09 -24.97
N GLU AA 119 -39.88 29.60 -25.03
CA GLU AA 119 -39.57 28.20 -24.81
C GLU AA 119 -38.74 28.01 -23.55
N SER AA 120 -39.18 27.09 -22.69
CA SER AA 120 -38.51 26.84 -21.43
C SER AA 120 -37.25 26.01 -21.66
N PHE AA 121 -36.18 26.35 -20.95
CA PHE AA 121 -34.93 25.61 -21.02
C PHE AA 121 -34.55 25.11 -19.64
N LEU AA 122 -34.09 23.88 -19.56
CA LEU AA 122 -33.70 23.28 -18.27
C LEU AA 122 -32.56 22.32 -18.51
N GLY AA 123 -31.37 22.68 -18.07
CA GLY AA 123 -30.17 21.99 -18.48
C GLY AA 123 -29.26 21.69 -17.31
N TYR AA 124 -28.59 20.55 -17.40
CA TYR AA 124 -27.80 19.97 -16.34
C TYR AA 124 -26.34 20.00 -16.74
N VAL AA 125 -25.46 20.39 -15.83
CA VAL AA 125 -24.02 20.29 -16.03
C VAL AA 125 -23.44 19.74 -14.73
N ASP AA 126 -22.60 18.72 -14.82
CA ASP AA 126 -21.88 18.26 -13.65
C ASP AA 126 -20.39 18.57 -13.78
N MET AA 127 -19.60 18.09 -12.81
CA MET AA 127 -18.18 18.46 -12.74
C MET AA 127 -17.34 17.79 -13.81
N LEU AA 128 -17.89 16.82 -14.54
CA LEU AA 128 -17.20 16.16 -15.63
C LEU AA 128 -17.51 16.76 -16.98
N GLY AA 129 -18.62 17.47 -17.11
CA GLY AA 129 -19.07 17.91 -18.41
C GLY AA 129 -20.18 17.09 -19.02
N VAL AA 130 -20.74 16.14 -18.28
CA VAL AA 130 -21.92 15.41 -18.74
C VAL AA 130 -23.09 16.40 -18.76
N ALA AA 131 -23.57 16.73 -19.94
CA ALA AA 131 -24.56 17.79 -20.06
C ALA AA 131 -25.70 17.34 -20.94
N TYR AA 132 -26.92 17.64 -20.50
CA TYR AA 132 -28.11 17.29 -21.26
C TYR AA 132 -29.24 18.21 -20.82
N GLU AA 133 -30.38 18.07 -21.48
CA GLU AA 133 -31.61 18.72 -21.06
C GLU AA 133 -32.60 17.66 -20.61
N ALA AA 134 -33.60 18.07 -19.85
CA ALA AA 134 -34.63 17.15 -19.41
C ALA AA 134 -35.88 17.96 -19.11
N PRO AA 135 -37.05 17.32 -19.07
CA PRO AA 135 -38.24 18.01 -18.54
C PRO AA 135 -38.19 18.22 -17.05
N SER AA 136 -37.36 17.47 -16.32
CA SER AA 136 -37.16 17.70 -14.90
C SER AA 136 -35.77 17.23 -14.52
N LEU AA 137 -35.14 17.96 -13.60
CA LEU AA 137 -33.77 17.66 -13.19
C LEU AA 137 -33.69 17.63 -11.68
N ALA AA 138 -32.69 16.89 -11.19
CA ALA AA 138 -32.46 16.75 -9.75
C ALA AA 138 -31.04 16.29 -9.53
N THR AA 139 -30.29 17.00 -8.71
CA THR AA 139 -28.90 16.67 -8.43
C THR AA 139 -28.76 16.08 -7.04
N GLY AA 140 -27.70 15.29 -6.84
CA GLY AA 140 -27.44 14.70 -5.53
C GLY AA 140 -28.43 13.61 -5.18
N TYR AA 141 -28.87 13.61 -3.92
CA TYR AA 141 -29.92 12.69 -3.47
C TYR AA 141 -31.30 13.04 -3.99
N GLY AA 142 -31.49 14.21 -4.58
CA GLY AA 142 -32.71 14.46 -5.31
C GLY AA 142 -32.87 13.57 -6.52
N ALA AA 143 -31.75 13.09 -7.06
CA ALA AA 143 -31.79 12.21 -8.22
C ALA AA 143 -32.36 10.85 -7.89
N TYR AA 144 -32.35 10.46 -6.62
CA TYR AA 144 -32.96 9.21 -6.21
C TYR AA 144 -34.26 9.40 -5.46
N LEU AA 145 -34.41 10.50 -4.73
CA LEU AA 145 -35.57 10.73 -3.88
C LEU AA 145 -36.59 11.69 -4.47
N ALA AA 146 -36.16 12.68 -5.23
CA ALA AA 146 -37.14 13.63 -5.77
C ALA AA 146 -37.35 13.49 -7.26
N GLN AA 147 -36.34 13.03 -7.99
CA GLN AA 147 -36.50 12.68 -9.40
C GLN AA 147 -37.60 11.65 -9.71
N PRO AA 148 -37.81 10.56 -8.93
CA PRO AA 148 -38.93 9.66 -9.27
C PRO AA 148 -40.29 10.28 -9.17
N LEU AA 149 -40.53 11.18 -8.21
CA LEU AA 149 -41.81 11.86 -8.14
C LEU AA 149 -42.02 12.79 -9.32
N LEU AA 150 -40.95 13.47 -9.75
CA LEU AA 150 -41.04 14.38 -10.88
C LEU AA 150 -41.34 13.61 -12.16
N ARG AA 151 -40.66 12.49 -12.39
CA ARG AA 151 -40.96 11.77 -13.61
C ARG AA 151 -42.26 10.99 -13.53
N GLU AA 152 -42.69 10.59 -12.33
CA GLU AA 152 -43.98 9.92 -12.20
C GLU AA 152 -45.14 10.88 -12.47
N VAL AA 153 -45.00 12.15 -12.07
CA VAL AA 153 -46.03 13.11 -12.42
C VAL AA 153 -45.94 13.48 -13.89
N LEU AA 154 -44.73 13.64 -14.42
CA LEU AA 154 -44.56 14.04 -15.80
C LEU AA 154 -45.00 12.96 -16.81
N GLU AA 155 -45.02 11.68 -16.42
CA GLU AA 155 -45.50 10.67 -17.36
C GLU AA 155 -47.00 10.79 -17.60
N LYS AA 156 -47.78 11.05 -16.55
CA LYS AA 156 -49.23 11.19 -16.73
C LYS AA 156 -49.60 12.48 -17.44
N GLN AA 157 -48.82 13.54 -17.24
CA GLN AA 157 -49.23 14.89 -17.61
C GLN AA 157 -47.97 15.66 -17.99
N PRO AA 158 -47.62 15.68 -19.28
CA PRO AA 158 -46.36 16.33 -19.69
C PRO AA 158 -46.39 17.84 -19.61
N VAL AA 159 -47.56 18.46 -19.56
CA VAL AA 159 -47.69 19.92 -19.50
C VAL AA 159 -48.23 20.27 -18.12
N LEU AA 160 -47.47 21.08 -17.39
CA LEU AA 160 -47.81 21.47 -16.04
C LEU AA 160 -48.18 22.94 -15.96
N SER AA 161 -49.23 23.24 -15.21
CA SER AA 161 -49.49 24.62 -14.86
C SER AA 161 -48.50 25.08 -13.79
N GLN AA 162 -48.47 26.40 -13.56
CA GLN AA 162 -47.46 26.99 -12.68
C GLN AA 162 -47.64 26.56 -11.23
N THR AA 163 -48.87 26.57 -10.74
CA THR AA 163 -49.11 26.21 -9.35
C THR AA 163 -48.95 24.71 -9.15
N GLU AA 164 -49.27 23.91 -10.17
CA GLU AA 164 -49.03 22.47 -10.10
C GLU AA 164 -47.55 22.16 -9.99
N ALA AA 165 -46.72 22.85 -10.78
CA ALA AA 165 -45.28 22.62 -10.72
C ALA AA 165 -44.70 23.12 -9.41
N ARG AA 166 -45.23 24.22 -8.88
CA ARG AA 166 -44.72 24.72 -7.61
C ARG AA 166 -45.06 23.78 -6.46
N ASP AA 167 -46.27 23.23 -6.45
CA ASP AA 167 -46.61 22.30 -5.38
CA ASP AA 167 -46.64 22.29 -5.40
C ASP AA 167 -45.89 20.97 -5.55
N LEU AA 168 -45.64 20.54 -6.79
CA LEU AA 168 -44.84 19.34 -7.00
C LEU AA 168 -43.42 19.51 -6.49
N VAL AA 169 -42.85 20.71 -6.66
CA VAL AA 169 -41.52 21.00 -6.13
C VAL AA 169 -41.55 21.02 -4.61
N GLU AA 170 -42.56 21.65 -4.01
CA GLU AA 170 -42.67 21.68 -2.55
C GLU AA 170 -42.86 20.29 -1.97
N ARG AA 171 -43.60 19.43 -2.68
CA ARG AA 171 -43.86 18.10 -2.19
C ARG AA 171 -42.66 17.19 -2.38
N CYS AA 172 -41.78 17.51 -3.32
CA CYS AA 172 -40.51 16.79 -3.40
C CYS AA 172 -39.51 17.27 -2.36
N MET AA 173 -39.53 18.57 -2.04
CA MET AA 173 -38.63 19.09 -1.01
C MET AA 173 -38.99 18.58 0.36
N ARG AA 174 -40.28 18.32 0.60
CA ARG AA 174 -40.69 17.65 1.83
C ARG AA 174 -40.11 16.25 1.93
N VAL AA 175 -40.03 15.54 0.79
CA VAL AA 175 -39.47 14.19 0.77
C VAL AA 175 -37.98 14.22 1.07
N LEU AA 176 -37.26 15.15 0.45
CA LEU AA 176 -35.84 15.29 0.72
C LEU AA 176 -35.57 15.68 2.17
N TYR AA 177 -36.41 16.53 2.76
CA TYR AA 177 -36.22 16.85 4.16
C TYR AA 177 -36.49 15.65 5.06
N TYR AA 178 -37.43 14.81 4.67
CA TYR AA 178 -37.66 13.59 5.46
C TYR AA 178 -36.54 12.57 5.30
N ARG AA 179 -35.87 12.53 4.14
CA ARG AA 179 -34.99 11.40 3.86
C ARG AA 179 -33.58 11.73 3.39
N ASP AA 180 -33.12 12.97 3.52
CA ASP AA 180 -31.72 13.31 3.27
C ASP AA 180 -31.13 13.81 4.57
N ALA AA 181 -29.95 13.32 4.91
CA ALA AA 181 -29.33 13.72 6.16
C ALA AA 181 -28.67 15.08 6.10
N ARG AA 182 -28.36 15.58 4.91
CA ARG AA 182 -27.66 16.86 4.78
C ARG AA 182 -28.57 17.98 4.36
N SER AA 183 -29.87 17.80 4.43
CA SER AA 183 -30.79 18.85 4.02
C SER AA 183 -31.24 19.66 5.22
N TYR AA 184 -32.00 20.71 4.95
CA TYR AA 184 -32.35 21.68 5.98
C TYR AA 184 -33.69 22.29 5.64
N ASN AA 185 -34.52 22.54 6.64
CA ASN AA 185 -35.90 22.99 6.41
C ASN AA 185 -35.97 24.49 6.24
N ARG AA 186 -35.23 24.99 5.26
CA ARG AA 186 -35.21 26.43 4.97
C ARG AA 186 -34.76 26.54 3.51
N PHE AA 187 -35.71 26.71 2.59
CA PHE AA 187 -35.39 26.54 1.19
C PHE AA 187 -35.93 27.69 0.37
N GLN AA 188 -35.33 27.87 -0.81
CA GLN AA 188 -35.69 28.92 -1.75
C GLN AA 188 -36.36 28.31 -2.97
N ILE AA 189 -37.17 29.13 -3.65
CA ILE AA 189 -37.77 28.76 -4.92
C ILE AA 189 -37.54 29.92 -5.89
N ALA AA 190 -36.98 29.61 -7.06
CA ALA AA 190 -36.72 30.62 -8.08
C ALA AA 190 -37.46 30.24 -9.35
N THR AA 191 -38.24 31.16 -9.88
CA THR AA 191 -39.10 30.89 -11.02
C THR AA 191 -38.86 31.93 -12.10
N VAL AA 192 -38.52 31.49 -13.30
CA VAL AA 192 -38.37 32.39 -14.44
C VAL AA 192 -39.55 32.17 -15.38
N THR AA 193 -40.18 33.27 -15.78
CA THR AA 193 -41.29 33.25 -16.71
C THR AA 193 -41.07 34.39 -17.70
N GLU AA 194 -42.13 34.76 -18.41
CA GLU AA 194 -42.10 35.90 -19.32
C GLU AA 194 -41.68 37.20 -18.64
N LYS AA 195 -42.10 37.40 -17.39
CA LYS AA 195 -41.82 38.63 -16.67
C LYS AA 195 -40.41 38.71 -16.11
N GLY AA 196 -39.68 37.61 -16.02
CA GLY AA 196 -38.33 37.63 -15.50
C GLY AA 196 -38.18 36.72 -14.29
N VAL AA 197 -37.05 36.87 -13.60
CA VAL AA 197 -36.64 35.97 -12.53
C VAL AA 197 -37.10 36.55 -11.20
N GLU AA 198 -37.85 35.74 -10.43
CA GLU AA 198 -38.11 36.00 -9.03
C GLU AA 198 -37.42 34.94 -8.20
N ILE AA 199 -37.09 35.30 -6.96
CA ILE AA 199 -36.67 34.35 -5.94
C ILE AA 199 -37.55 34.55 -4.73
N GLU AA 200 -38.24 33.48 -4.31
CA GLU AA 200 -39.06 33.51 -3.11
C GLU AA 200 -38.36 32.68 -2.05
N GLY AA 201 -38.23 33.23 -0.85
CA GLY AA 201 -37.55 32.53 0.20
C GLY AA 201 -37.02 33.44 1.27
N PRO AA 202 -36.72 32.89 2.45
CA PRO AA 202 -36.78 31.49 2.88
C PRO AA 202 -38.17 30.97 3.17
N LEU AA 203 -38.43 29.76 2.69
CA LEU AA 203 -39.66 29.03 2.95
C LEU AA 203 -39.38 27.92 3.93
N SER AA 204 -40.44 27.25 4.35
CA SER AA 204 -40.31 26.11 5.23
C SER AA 204 -41.36 25.08 4.89
N THR AA 205 -41.04 23.82 5.17
CA THR AA 205 -41.96 22.71 4.96
C THR AA 205 -42.60 22.33 6.28
N GLU AA 206 -43.84 21.90 6.22
CA GLU AA 206 -44.58 21.55 7.42
C GLU AA 206 -44.62 20.04 7.56
N THR AA 207 -44.18 19.54 8.70
CA THR AA 207 -43.86 18.14 8.88
C THR AA 207 -45.07 17.37 9.38
N ASN AA 208 -45.00 16.05 9.22
CA ASN AA 208 -46.00 15.13 9.74
C ASN AA 208 -45.30 13.97 10.41
N TRP AA 209 -45.37 13.89 11.73
CA TRP AA 209 -44.68 12.88 12.51
C TRP AA 209 -45.66 11.98 13.20
N ASP AA 210 -46.77 11.65 12.54
CA ASP AA 210 -47.75 10.74 13.13
C ASP AA 210 -47.27 9.29 13.12
N ILE AA 211 -46.27 8.97 12.31
CA ILE AA 211 -45.69 7.63 12.37
C ILE AA 211 -44.83 7.43 13.62
N ALA AA 212 -44.48 8.52 14.32
CA ALA AA 212 -43.72 8.40 15.56
C ALA AA 212 -44.53 7.74 16.66
N HIS AA 213 -45.86 7.83 16.60
CA HIS AA 213 -46.74 7.08 17.47
C HIS AA 213 -47.05 5.69 16.95
N MET AA 214 -46.35 5.23 15.91
CA MET AA 214 -46.62 3.93 15.31
C MET AA 214 -45.45 2.98 15.55
N ILE AA 215 -44.90 3.00 16.77
CA ILE AA 215 -43.85 2.05 17.12
C ILE AA 215 -44.46 0.76 17.65
N SER AA 216 -45.30 0.86 18.67
CA SER AA 216 -45.92 -0.33 19.25
C SER AA 216 -47.43 -0.14 19.42
N THR BA 1 -6.89 26.12 20.15
CA THR BA 1 -7.22 26.97 19.02
C THR BA 1 -8.69 27.26 19.05
N THR BA 2 -9.08 28.43 19.55
CA THR BA 2 -10.48 28.82 19.56
C THR BA 2 -10.57 30.33 19.39
N ILE BA 3 -11.12 30.75 18.27
CA ILE BA 3 -11.26 32.15 17.95
C ILE BA 3 -12.73 32.45 17.79
N MET BA 4 -13.12 33.68 18.05
CA MET BA 4 -14.53 34.01 18.05
C MET BA 4 -14.69 35.50 17.83
N ALA BA 5 -15.64 35.87 16.99
CA ALA BA 5 -15.95 37.27 16.77
C ALA BA 5 -17.45 37.45 16.83
N VAL BA 6 -17.90 38.53 17.45
CA VAL BA 6 -19.32 38.78 17.66
C VAL BA 6 -19.63 40.20 17.23
N GLN BA 7 -20.56 40.35 16.30
CA GLN BA 7 -21.00 41.64 15.82
C GLN BA 7 -22.01 42.25 16.78
N PHE BA 8 -21.82 43.52 17.13
CA PHE BA 8 -22.80 44.28 17.90
C PHE BA 8 -23.03 45.63 17.23
N ASP BA 9 -23.93 46.43 17.79
CA ASP BA 9 -24.25 47.73 17.20
C ASP BA 9 -23.09 48.68 17.46
N GLY BA 10 -22.37 49.04 16.40
CA GLY BA 10 -21.27 49.97 16.50
C GLY BA 10 -19.90 49.34 16.40
N GLY BA 11 -19.81 48.02 16.32
CA GLY BA 11 -18.51 47.40 16.13
C GLY BA 11 -18.57 45.90 16.37
N VAL BA 12 -17.40 45.30 16.51
CA VAL BA 12 -17.30 43.87 16.74
C VAL BA 12 -16.42 43.61 17.96
N VAL BA 13 -16.64 42.46 18.59
CA VAL BA 13 -15.85 41.98 19.70
C VAL BA 13 -15.16 40.70 19.26
N LEU BA 14 -13.85 40.64 19.37
CA LEU BA 14 -13.13 39.43 19.01
C LEU BA 14 -12.62 38.73 20.25
N GLY BA 15 -12.34 37.46 20.11
CA GLY BA 15 -11.75 36.71 21.22
C GLY BA 15 -10.91 35.58 20.68
N ALA BA 16 -9.89 35.22 21.44
CA ALA BA 16 -9.02 34.12 21.03
C ALA BA 16 -8.36 33.53 22.26
N ASP BA 17 -8.00 32.26 22.18
CA ASP BA 17 -7.19 31.66 23.23
C ASP BA 17 -5.72 31.99 23.00
N SER BA 18 -4.83 31.32 23.73
CA SER BA 18 -3.42 31.63 23.58
C SER BA 18 -2.53 30.40 23.64
N ARG BA 19 -3.00 29.25 23.16
CA ARG BA 19 -2.23 28.02 23.27
C ARG BA 19 -1.94 27.44 21.90
N THR BA 20 -0.67 27.35 21.56
CA THR BA 20 -0.22 26.82 20.27
C THR BA 20 0.55 25.54 20.51
N THR BA 21 -0.02 24.42 20.12
CA THR BA 21 0.56 23.12 20.40
C THR BA 21 1.15 22.49 19.14
N THR BA 22 2.23 21.75 19.34
CA THR BA 22 2.83 20.91 18.31
C THR BA 22 2.78 19.48 18.86
N GLY BA 23 1.89 18.67 18.31
CA GLY BA 23 1.60 17.41 18.97
C GLY BA 23 0.75 17.69 20.19
N SER BA 24 1.21 17.22 21.35
CA SER BA 24 0.53 17.47 22.61
C SER BA 24 1.41 18.24 23.57
N TYR BA 25 2.47 18.86 23.08
CA TYR BA 25 3.30 19.76 23.87
C TYR BA 25 2.99 21.19 23.50
N ILE BA 26 2.77 22.03 24.51
CA ILE BA 26 2.41 23.42 24.31
C ILE BA 26 3.66 24.17 23.86
N ALA BA 27 3.69 24.59 22.60
CA ALA BA 27 4.88 25.25 22.10
C ALA BA 27 4.94 26.71 22.53
N ASN BA 28 3.80 27.36 22.65
CA ASN BA 28 3.72 28.74 23.10
C ASN BA 28 2.41 28.90 23.83
N ARG BA 29 2.46 29.43 25.04
CA ARG BA 29 1.27 29.60 25.85
C ARG BA 29 0.90 31.07 26.04
N VAL BA 30 1.53 31.99 25.30
CA VAL BA 30 1.09 33.39 25.29
C VAL BA 30 0.94 33.91 23.86
N THR BA 31 0.58 33.04 22.93
CA THR BA 31 0.42 33.40 21.52
C THR BA 31 -0.64 34.47 21.33
N ASP BA 32 -0.32 35.47 20.50
CA ASP BA 32 -1.24 36.55 20.17
C ASP BA 32 -1.86 36.20 18.82
N LYS BA 33 -3.16 35.96 18.82
CA LYS BA 33 -3.85 35.41 17.64
C LYS BA 33 -4.69 36.43 16.89
N LEU BA 34 -4.58 37.71 17.22
CA LEU BA 34 -5.33 38.76 16.53
C LEU BA 34 -4.35 39.63 15.77
N THR BA 35 -4.41 39.59 14.44
CA THR BA 35 -3.45 40.27 13.60
C THR BA 35 -4.09 41.51 13.00
N PRO BA 36 -3.56 42.72 13.23
CA PRO BA 36 -4.13 43.90 12.59
C PRO BA 36 -3.76 43.98 11.11
N ILE BA 37 -4.78 43.84 10.26
CA ILE BA 37 -4.59 43.98 8.82
C ILE BA 37 -4.61 45.46 8.43
N HIS BA 38 -5.46 46.24 9.07
CA HIS BA 38 -5.39 47.69 8.97
C HIS BA 38 -5.68 48.18 10.39
N ASP BA 39 -6.01 49.46 10.52
CA ASP BA 39 -6.22 50.07 11.83
C ASP BA 39 -7.36 49.39 12.58
N ARG BA 40 -8.51 49.24 11.93
CA ARG BA 40 -9.69 48.71 12.57
C ARG BA 40 -10.19 47.45 11.90
N ILE BA 41 -9.28 46.65 11.34
CA ILE BA 41 -9.64 45.38 10.71
C ILE BA 41 -8.70 44.31 11.24
N PHE BA 42 -9.25 43.30 11.90
CA PHE BA 42 -8.46 42.23 12.47
C PHE BA 42 -8.80 40.91 11.80
N CYS BA 43 -7.80 40.09 11.51
CA CYS BA 43 -8.03 38.75 11.01
C CYS BA 43 -7.59 37.75 12.06
N CYS BA 44 -8.21 36.60 12.07
CA CYS BA 44 -7.94 35.57 13.05
C CYS BA 44 -7.41 34.32 12.36
N ARG BA 45 -6.49 33.64 13.04
CA ARG BA 45 -5.62 32.66 12.43
C ARG BA 45 -5.86 31.29 13.07
N SER BA 46 -6.57 30.42 12.36
CA SER BA 46 -6.80 29.06 12.79
C SER BA 46 -6.48 28.11 11.66
N GLY BA 47 -5.81 27.00 11.97
CA GLY BA 47 -5.35 26.09 10.96
C GLY BA 47 -3.83 26.05 10.83
N SER BA 48 -3.33 26.04 9.60
CA SER BA 48 -1.89 26.01 9.36
C SER BA 48 -1.24 27.33 9.80
N ALA BA 49 -0.19 27.21 10.60
CA ALA BA 49 0.40 28.38 11.25
C ALA BA 49 1.19 29.25 10.27
N ALA BA 50 1.76 28.67 9.23
CA ALA BA 50 2.55 29.45 8.28
C ALA BA 50 1.66 30.28 7.36
N ASP BA 51 0.61 29.65 6.83
CA ASP BA 51 -0.20 30.24 5.77
C ASP BA 51 -0.95 31.47 6.25
N THR BA 52 -1.50 31.40 7.46
CA THR BA 52 -2.31 32.50 7.97
C THR BA 52 -1.50 33.73 8.34
N GLN BA 53 -0.17 33.62 8.40
CA GLN BA 53 0.69 34.80 8.42
C GLN BA 53 1.18 35.20 7.04
N ALA BA 54 1.44 34.23 6.16
CA ALA BA 54 2.06 34.53 4.88
C ALA BA 54 1.07 35.15 3.90
N VAL BA 55 -0.18 34.70 3.92
CA VAL BA 55 -1.21 35.35 3.12
C VAL BA 55 -1.56 36.70 3.72
N ALA BA 56 -1.56 36.80 5.05
CA ALA BA 56 -1.95 38.03 5.72
C ALA BA 56 -0.95 39.15 5.48
N ASP BA 57 0.32 38.82 5.28
CA ASP BA 57 1.29 39.84 4.90
C ASP BA 57 1.01 40.39 3.50
N ALA BA 58 0.61 39.53 2.58
CA ALA BA 58 0.29 39.98 1.24
C ALA BA 58 -0.99 40.82 1.22
N VAL BA 59 -1.96 40.45 2.05
CA VAL BA 59 -3.21 41.19 2.09
C VAL BA 59 -3.02 42.54 2.77
N THR BA 60 -2.20 42.59 3.82
CA THR BA 60 -1.84 43.87 4.44
C THR BA 60 -1.10 44.77 3.45
N TYR BA 61 -0.21 44.18 2.65
CA TYR BA 61 0.51 44.92 1.61
C TYR BA 61 -0.43 45.50 0.58
N GLN BA 62 -1.38 44.70 0.09
CA GLN BA 62 -2.29 45.21 -0.93
C GLN BA 62 -3.25 46.23 -0.35
N LEU BA 63 -3.71 46.01 0.87
CA LEU BA 63 -4.78 46.82 1.43
C LEU BA 63 -4.28 48.18 1.89
N GLY BA 64 -3.05 48.26 2.40
CA GLY BA 64 -2.51 49.56 2.78
C GLY BA 64 -2.26 50.46 1.58
N PHE BA 65 -1.68 49.89 0.52
CA PHE BA 65 -1.43 50.66 -0.70
C PHE BA 65 -2.72 51.03 -1.42
N HIS BA 66 -3.72 50.14 -1.38
CA HIS BA 66 -5.05 50.47 -1.88
C HIS BA 66 -5.70 51.59 -1.08
N SER BA 67 -5.54 51.58 0.24
CA SER BA 67 -6.10 52.63 1.08
C SER BA 67 -5.40 53.96 0.87
N ILE BA 68 -4.10 53.94 0.60
CA ILE BA 68 -3.38 55.19 0.33
C ILE BA 68 -3.80 55.77 -1.01
N GLU BA 69 -3.99 54.90 -2.01
CA GLU BA 69 -4.45 55.40 -3.32
C GLU BA 69 -5.86 55.94 -3.26
N LEU BA 70 -6.76 55.28 -2.54
CA LEU BA 70 -8.14 55.74 -2.56
C LEU BA 70 -8.42 56.87 -1.60
N ASN BA 71 -7.46 57.23 -0.75
CA ASN BA 71 -7.59 58.30 0.26
C ASN BA 71 -8.79 58.05 1.18
N GLU BA 72 -8.94 56.81 1.59
CA GLU BA 72 -10.12 56.35 2.31
C GLU BA 72 -9.68 55.27 3.28
N PRO BA 73 -10.29 55.20 4.46
CA PRO BA 73 -10.10 54.02 5.29
C PRO BA 73 -10.75 52.81 4.65
N PRO BA 74 -10.04 51.70 4.54
CA PRO BA 74 -10.49 50.60 3.68
C PRO BA 74 -11.63 49.82 4.30
N LEU BA 75 -12.40 49.20 3.44
CA LEU BA 75 -13.60 48.52 3.88
C LEU BA 75 -13.23 47.17 4.48
N VAL BA 76 -14.13 46.63 5.28
CA VAL BA 76 -13.95 45.28 5.78
C VAL BA 76 -14.29 44.27 4.71
N HIS BA 77 -15.25 44.59 3.85
CA HIS BA 77 -15.59 43.68 2.77
C HIS BA 77 -14.47 43.60 1.76
N THR BA 78 -13.72 44.67 1.56
CA THR BA 78 -12.54 44.64 0.72
C THR BA 78 -11.47 43.72 1.30
N ALA BA 79 -11.26 43.82 2.61
CA ALA BA 79 -10.30 42.96 3.28
C ALA BA 79 -10.75 41.51 3.29
N ALA BA 80 -12.05 41.27 3.22
CA ALA BA 80 -12.51 39.89 3.11
C ALA BA 80 -12.37 39.37 1.69
N SER BA 81 -12.60 40.22 0.69
CA SER BA 81 -12.49 39.76 -0.69
C SER BA 81 -11.06 39.53 -1.10
N LEU BA 82 -10.11 40.27 -0.53
CA LEU BA 82 -8.71 39.99 -0.82
C LEU BA 82 -8.24 38.67 -0.23
N PHE BA 83 -8.91 38.18 0.82
CA PHE BA 83 -8.65 36.83 1.32
C PHE BA 83 -9.42 35.79 0.52
N LYS BA 84 -10.66 36.10 0.15
CA LYS BA 84 -11.50 35.17 -0.60
C LYS BA 84 -10.90 34.87 -1.96
N GLU BA 85 -10.23 35.84 -2.56
CA GLU BA 85 -9.57 35.61 -3.84
C GLU BA 85 -8.34 34.74 -3.66
N MET BA 86 -7.46 35.13 -2.73
CA MET BA 86 -6.11 34.60 -2.63
C MET BA 86 -6.08 33.24 -1.93
N CYS BA 87 -6.85 33.05 -0.87
CA CYS BA 87 -6.95 31.74 -0.26
C CYS BA 87 -7.66 30.74 -1.14
N TYR BA 88 -8.47 31.19 -2.11
CA TYR BA 88 -9.04 30.29 -3.10
C TYR BA 88 -8.03 29.93 -4.18
N ARG BA 89 -7.19 30.89 -4.54
CA ARG BA 89 -6.23 30.67 -5.61
C ARG BA 89 -5.17 29.64 -5.23
N TYR BA 90 -4.88 29.50 -3.93
CA TYR BA 90 -3.90 28.54 -3.44
C TYR BA 90 -4.50 27.56 -2.45
N ARG BA 91 -5.78 27.22 -2.59
CA ARG BA 91 -6.49 26.46 -1.57
C ARG BA 91 -6.01 25.02 -1.45
N GLU BA 92 -5.35 24.49 -2.49
CA GLU BA 92 -4.80 23.15 -2.41
C GLU BA 92 -3.55 23.11 -1.53
N ASP BA 93 -2.84 24.23 -1.40
CA ASP BA 93 -1.62 24.29 -0.60
C ASP BA 93 -1.80 25.11 0.67
N LEU BA 94 -2.99 25.64 0.92
CA LEU BA 94 -3.30 26.30 2.17
C LEU BA 94 -4.33 25.49 2.92
N MET BA 95 -4.22 25.50 4.24
CA MET BA 95 -5.26 25.01 5.14
C MET BA 95 -5.63 26.18 6.04
N ALA BA 96 -6.53 27.03 5.57
CA ALA BA 96 -6.75 28.34 6.18
C ALA BA 96 -8.23 28.66 6.22
N GLY BA 97 -8.80 28.68 7.42
CA GLY BA 97 -10.13 29.22 7.61
C GLY BA 97 -10.02 30.47 8.45
N ILE BA 98 -10.30 31.62 7.85
CA ILE BA 98 -10.02 32.90 8.46
C ILE BA 98 -11.34 33.49 8.92
N ILE BA 99 -11.32 34.21 10.03
CA ILE BA 99 -12.47 34.96 10.49
C ILE BA 99 -12.05 36.42 10.52
N ILE BA 100 -12.49 37.19 9.55
CA ILE BA 100 -12.13 38.59 9.44
C ILE BA 100 -13.20 39.40 10.14
N ALA BA 101 -12.80 40.29 11.04
CA ALA BA 101 -13.75 41.16 11.68
C ALA BA 101 -13.19 42.56 11.68
N GLY BA 102 -14.08 43.53 11.73
CA GLY BA 102 -13.60 44.90 11.75
C GLY BA 102 -14.74 45.89 11.65
N TRP BA 103 -14.35 47.13 11.40
CA TRP BA 103 -15.28 48.23 11.32
C TRP BA 103 -14.91 49.11 10.14
N ASP BA 104 -15.92 49.71 9.52
CA ASP BA 104 -15.72 50.75 8.54
C ASP BA 104 -16.86 51.75 8.68
N PRO BA 105 -16.64 53.03 8.34
CA PRO BA 105 -17.71 54.02 8.49
C PRO BA 105 -18.88 53.79 7.57
N GLN BA 106 -18.71 53.01 6.51
CA GLN BA 106 -19.72 52.90 5.49
C GLN BA 106 -20.79 51.87 5.84
N GLU BA 107 -20.40 50.74 6.44
CA GLU BA 107 -21.38 49.70 6.78
C GLU BA 107 -21.27 49.19 8.21
N GLY BA 108 -20.44 49.81 9.05
CA GLY BA 108 -20.46 49.48 10.47
C GLY BA 108 -19.64 48.26 10.84
N GLY BA 109 -20.10 47.55 11.87
CA GLY BA 109 -19.39 46.38 12.34
C GLY BA 109 -19.70 45.17 11.49
N GLN BA 110 -18.67 44.42 11.13
CA GLN BA 110 -18.77 43.37 10.13
C GLN BA 110 -17.90 42.18 10.50
N VAL BA 111 -18.46 40.99 10.40
CA VAL BA 111 -17.74 39.74 10.66
C VAL BA 111 -17.91 38.83 9.46
N TYR BA 112 -16.81 38.49 8.80
CA TYR BA 112 -16.84 37.63 7.64
C TYR BA 112 -16.14 36.32 7.93
N SER BA 113 -16.86 35.22 7.81
CA SER BA 113 -16.27 33.90 7.92
C SER BA 113 -15.77 33.50 6.55
N VAL BA 114 -14.46 33.29 6.44
CA VAL BA 114 -13.92 32.74 5.21
C VAL BA 114 -13.51 31.33 5.59
N PRO BA 115 -14.33 30.33 5.33
CA PRO BA 115 -13.96 28.96 5.69
C PRO BA 115 -12.93 28.45 4.70
N MET BA 116 -12.42 27.26 5.02
CA MET BA 116 -11.37 26.65 4.21
C MET BA 116 -11.91 26.34 2.83
N GLY BA 117 -11.57 27.18 1.87
CA GLY BA 117 -12.19 27.09 0.57
C GLY BA 117 -12.09 28.34 -0.28
N GLY BA 118 -11.96 29.51 0.34
CA GLY BA 118 -11.92 30.72 -0.45
C GLY BA 118 -13.28 31.19 -0.92
N MET BA 119 -14.30 31.06 -0.08
CA MET BA 119 -15.59 31.73 -0.21
C MET BA 119 -15.67 32.85 0.83
N MET BA 120 -16.84 33.44 0.99
CA MET BA 120 -16.99 34.58 1.88
C MET BA 120 -18.45 34.69 2.30
N VAL BA 121 -18.70 34.85 3.59
CA VAL BA 121 -20.06 34.95 4.10
C VAL BA 121 -20.07 35.76 5.37
N ARG BA 122 -20.94 36.76 5.42
CA ARG BA 122 -21.07 37.61 6.60
C ARG BA 122 -21.98 36.95 7.61
N GLN BA 123 -21.58 36.95 8.87
CA GLN BA 123 -22.41 36.36 9.91
C GLN BA 123 -22.53 37.29 11.10
N SER BA 124 -23.58 37.06 11.89
CA SER BA 124 -23.78 37.82 13.12
C SER BA 124 -22.76 37.45 14.17
N PHE BA 125 -22.33 36.21 14.20
CA PHE BA 125 -21.22 35.79 15.04
C PHE BA 125 -20.50 34.68 14.30
N ALA BA 126 -19.22 34.56 14.57
CA ALA BA 126 -18.44 33.52 13.92
C ALA BA 126 -17.53 32.90 14.94
N ILE BA 127 -17.48 31.58 14.95
CA ILE BA 127 -16.56 30.85 15.80
C ILE BA 127 -15.70 29.96 14.91
N GLY BA 128 -14.47 29.74 15.32
CA GLY BA 128 -13.53 29.00 14.52
C GLY BA 128 -12.57 28.25 15.41
N GLY BA 129 -11.58 27.63 14.78
CA GLY BA 129 -10.59 26.87 15.50
C GLY BA 129 -11.03 25.45 15.74
N SER BA 130 -10.16 24.70 16.43
CA SER BA 130 -10.49 23.32 16.77
C SER BA 130 -11.53 23.24 17.87
N GLY BA 131 -11.60 24.23 18.74
CA GLY BA 131 -12.48 24.17 19.88
C GLY BA 131 -13.90 24.62 19.64
N SER BA 132 -14.22 25.11 18.44
CA SER BA 132 -15.51 25.74 18.21
C SER BA 132 -16.65 24.74 18.24
N SER BA 133 -16.35 23.46 17.98
CA SER BA 133 -17.37 22.44 18.01
C SER BA 133 -18.00 22.32 19.39
N TYR BA 134 -17.24 22.57 20.44
CA TYR BA 134 -17.78 22.45 21.78
C TYR BA 134 -18.60 23.66 22.19
N ILE BA 135 -18.56 24.75 21.44
CA ILE BA 135 -19.35 25.92 21.82
C ILE BA 135 -20.25 26.39 20.70
N TYR BA 136 -20.56 25.53 19.73
CA TYR BA 136 -21.67 25.86 18.85
C TYR BA 136 -23.00 25.97 19.60
N GLY BA 137 -23.29 25.00 20.47
CA GLY BA 137 -24.58 24.95 21.12
C GLY BA 137 -24.79 26.03 22.16
N TYR BA 138 -23.69 26.53 22.74
CA TYR BA 138 -23.81 27.64 23.66
C TYR BA 138 -24.23 28.91 22.93
N VAL BA 139 -23.55 29.21 21.82
CA VAL BA 139 -23.76 30.49 21.17
C VAL BA 139 -25.02 30.47 20.31
N ASP BA 140 -25.51 29.30 19.89
CA ASP BA 140 -26.84 29.28 19.30
C ASP BA 140 -27.92 29.58 20.34
N ALA BA 141 -27.65 29.30 21.61
CA ALA BA 141 -28.66 29.49 22.64
C ALA BA 141 -28.58 30.83 23.32
N THR BA 142 -27.39 31.43 23.38
CA THR BA 142 -27.18 32.62 24.18
C THR BA 142 -27.31 33.92 23.38
N TYR BA 143 -27.00 33.87 22.09
CA TYR BA 143 -26.96 35.06 21.26
C TYR BA 143 -28.32 35.70 21.11
N ARG BA 144 -28.37 37.01 21.32
CA ARG BA 144 -29.59 37.80 21.20
C ARG BA 144 -29.36 38.88 20.17
N GLU BA 145 -30.40 39.25 19.46
CA GLU BA 145 -30.29 40.27 18.41
C GLU BA 145 -30.03 41.63 19.06
N GLY BA 146 -28.79 42.08 19.03
CA GLY BA 146 -28.49 43.44 19.44
C GLY BA 146 -27.91 43.64 20.82
N MET BA 147 -26.89 42.86 21.18
CA MET BA 147 -26.25 43.01 22.47
CA MET BA 147 -26.25 43.01 22.47
C MET BA 147 -25.37 44.26 22.50
N THR BA 148 -25.17 44.78 23.70
CA THR BA 148 -24.31 45.93 23.93
C THR BA 148 -22.85 45.51 23.89
N LYS BA 149 -21.96 46.45 24.21
CA LYS BA 149 -20.53 46.14 24.20
C LYS BA 149 -20.13 45.24 25.36
N GLU BA 150 -20.60 45.56 26.58
CA GLU BA 150 -20.16 44.79 27.73
C GLU BA 150 -20.83 43.42 27.79
N GLU BA 151 -22.07 43.33 27.31
CA GLU BA 151 -22.72 42.04 27.20
C GLU BA 151 -22.04 41.16 26.16
N CYS BA 152 -21.54 41.76 25.08
CA CYS BA 152 -20.77 41.01 24.11
C CYS BA 152 -19.43 40.57 24.66
N LEU BA 153 -18.79 41.41 25.47
CA LEU BA 153 -17.50 41.02 26.05
C LEU BA 153 -17.67 39.88 27.06
N GLN BA 154 -18.75 39.89 27.84
CA GLN BA 154 -19.02 38.79 28.73
C GLN BA 154 -19.46 37.54 27.97
N PHE BA 155 -20.17 37.71 26.86
CA PHE BA 155 -20.59 36.57 26.05
C PHE BA 155 -19.41 35.91 25.36
N THR BA 156 -18.48 36.71 24.84
CA THR BA 156 -17.28 36.16 24.22
C THR BA 156 -16.38 35.50 25.25
N ALA BA 157 -16.25 36.09 26.45
CA ALA BA 157 -15.43 35.48 27.49
C ALA BA 157 -16.03 34.18 28.01
N ASN BA 158 -17.36 34.10 28.14
CA ASN BA 158 -17.98 32.85 28.57
C ASN BA 158 -17.86 31.76 27.51
N ALA BA 159 -18.11 32.11 26.26
CA ALA BA 159 -18.06 31.12 25.20
C ALA BA 159 -16.63 30.63 24.97
N LEU BA 160 -15.65 31.51 25.14
CA LEU BA 160 -14.27 31.03 25.04
C LEU BA 160 -13.88 30.19 26.24
N ALA BA 161 -14.36 30.53 27.44
CA ALA BA 161 -13.95 29.79 28.62
C ALA BA 161 -14.50 28.38 28.62
N LEU BA 162 -15.68 28.19 28.04
CA LEU BA 162 -16.23 26.84 27.91
C LEU BA 162 -15.38 25.97 26.99
N ALA BA 163 -14.93 26.53 25.86
CA ALA BA 163 -14.12 25.76 24.92
C ALA BA 163 -12.72 25.54 25.46
N MET BA 164 -12.21 26.47 26.25
CA MET BA 164 -10.91 26.25 26.86
C MET BA 164 -10.98 25.21 27.96
N GLU BA 165 -12.14 25.08 28.60
CA GLU BA 165 -12.31 24.04 29.60
C GLU BA 165 -12.41 22.67 28.95
N ARG BA 166 -13.16 22.55 27.85
CA ARG BA 166 -13.38 21.23 27.28
C ARG BA 166 -12.30 20.79 26.30
N ASP BA 167 -11.78 21.67 25.46
CA ASP BA 167 -10.83 21.24 24.45
C ASP BA 167 -9.43 21.25 25.02
N GLY BA 168 -8.70 20.14 24.83
CA GLY BA 168 -7.35 20.06 25.32
C GLY BA 168 -6.37 20.86 24.49
N SER BA 169 -6.70 21.13 23.24
CA SER BA 169 -5.83 21.91 22.36
C SER BA 169 -6.07 23.41 22.47
N SER BA 170 -6.75 23.86 23.51
CA SER BA 170 -7.02 25.27 23.73
C SER BA 170 -6.82 25.59 25.20
N GLY BA 171 -6.44 26.82 25.48
CA GLY BA 171 -6.22 27.23 26.86
C GLY BA 171 -5.44 28.52 26.91
N GLY BA 172 -4.98 28.85 28.11
CA GLY BA 172 -4.13 30.01 28.31
C GLY BA 172 -4.92 31.21 28.79
N VAL BA 173 -4.65 32.37 28.18
CA VAL BA 173 -5.37 33.58 28.52
C VAL BA 173 -6.34 33.88 27.40
N ILE BA 174 -7.36 34.65 27.73
CA ILE BA 174 -8.34 35.11 26.75
C ILE BA 174 -7.93 36.51 26.33
N ARG BA 175 -7.60 36.69 25.07
CA ARG BA 175 -7.27 37.99 24.53
C ARG BA 175 -8.47 38.51 23.77
N LEU BA 176 -9.07 39.58 24.25
CA LEU BA 176 -10.23 40.17 23.62
C LEU BA 176 -9.82 41.39 22.85
N ALA BA 177 -10.73 41.87 22.01
CA ALA BA 177 -10.53 43.10 21.27
C ALA BA 177 -11.89 43.63 20.89
N ALA BA 178 -12.16 44.90 21.12
CA ALA BA 178 -13.42 45.50 20.72
C ALA BA 178 -13.15 46.63 19.74
N ILE BA 179 -13.51 46.42 18.49
CA ILE BA 179 -13.16 47.33 17.40
C ILE BA 179 -14.37 48.18 17.12
N ALA BA 180 -14.20 49.50 17.15
CA ALA BA 180 -15.31 50.41 16.90
C ALA BA 180 -14.75 51.69 16.31
N GLU BA 181 -15.64 52.68 16.15
CA GLU BA 181 -15.26 53.98 15.60
C GLU BA 181 -14.27 54.70 16.48
N SER BA 182 -14.40 54.56 17.80
CA SER BA 182 -13.49 55.21 18.72
C SER BA 182 -12.10 54.60 18.69
N GLY BA 183 -11.97 53.36 18.24
CA GLY BA 183 -10.69 52.71 18.12
C GLY BA 183 -10.80 51.28 18.58
N VAL BA 184 -9.66 50.69 18.87
CA VAL BA 184 -9.59 49.30 19.32
C VAL BA 184 -9.17 49.30 20.78
N GLU BA 185 -9.97 48.64 21.62
CA GLU BA 185 -9.66 48.46 23.03
C GLU BA 185 -9.39 46.99 23.24
N ARG BA 186 -8.14 46.64 23.51
CA ARG BA 186 -7.77 45.25 23.75
C ARG BA 186 -7.66 45.02 25.25
N GLN BA 187 -7.92 43.78 25.66
CA GLN BA 187 -7.79 43.42 27.06
C GLN BA 187 -7.51 41.93 27.15
N VAL BA 188 -6.86 41.53 28.24
CA VAL BA 188 -6.41 40.17 28.46
C VAL BA 188 -7.03 39.66 29.75
N LEU BA 189 -7.66 38.50 29.69
CA LEU BA 189 -8.29 37.89 30.87
C LEU BA 189 -7.43 36.71 31.31
N LEU BA 190 -6.84 36.82 32.50
CA LEU BA 190 -5.89 35.82 32.98
C LEU BA 190 -6.28 35.35 34.38
N GLY BA 191 -6.10 34.05 34.62
CA GLY BA 191 -6.31 33.46 35.92
C GLY BA 191 -7.72 33.51 36.47
N ASP BA 192 -7.93 34.36 37.47
CA ASP BA 192 -9.24 34.52 38.09
C ASP BA 192 -10.20 35.31 37.22
N GLN BA 193 -9.67 36.15 36.32
CA GLN BA 193 -10.53 36.98 35.49
C GLN BA 193 -11.24 36.21 34.40
N ILE BA 194 -10.73 35.02 34.07
CA ILE BA 194 -11.43 34.10 33.15
C ILE BA 194 -12.69 33.61 33.83
N PRO BA 195 -13.85 33.65 33.17
CA PRO BA 195 -15.10 33.26 33.82
C PRO BA 195 -15.15 31.78 34.16
N LYS BA 196 -15.42 31.48 35.42
CA LYS BA 196 -15.25 30.15 35.96
C LYS BA 196 -16.59 29.45 36.05
N PHE BA 197 -16.61 28.20 35.60
CA PHE BA 197 -17.77 27.32 35.66
C PHE BA 197 -17.38 26.12 36.52
N ALA BA 198 -18.09 25.94 37.63
CA ALA BA 198 -17.82 24.84 38.54
C ALA BA 198 -18.04 23.50 37.86
N VAL BA 199 -17.21 22.53 38.25
CA VAL BA 199 -17.28 21.17 37.71
C VAL BA 199 -18.61 20.54 38.14
N ALA BA 200 -19.13 19.63 37.31
CA ALA BA 200 -20.32 18.88 37.66
C ALA BA 200 -20.03 17.83 38.73
N THR BA 201 -19.80 18.28 39.96
CA THR BA 201 -19.41 17.39 41.04
C THR BA 201 -20.59 16.56 41.51
N LEU BA 202 -20.28 15.44 42.15
CA LEU BA 202 -21.30 14.58 42.71
C LEU BA 202 -21.86 15.21 44.00
N PRO BA 203 -23.18 15.12 44.23
CA PRO BA 203 -23.79 15.74 45.42
C PRO BA 203 -23.59 14.93 46.70
#